data_7E1W
#
_entry.id   7E1W
#
_cell.length_a   1.00
_cell.length_b   1.00
_cell.length_c   1.00
_cell.angle_alpha   90.00
_cell.angle_beta   90.00
_cell.angle_gamma   90.00
#
_symmetry.space_group_name_H-M   'P 1'
#
loop_
_entity.id
_entity.type
_entity.pdbx_description
1 polymer 'Cytochrome c oxidase subunit 2'
2 polymer 'Cytochrome c oxidase subunit 1'
3 polymer 'Cytochrome c oxidase subunit 3'
4 polymer 'Cytochrome c oxidase polypeptide 4'
5 polymer 'Cytochrome c oxidase subunit CtaJ'
6 polymer 'Uncharacterized protein MSMEG_4692/MSMEI_4575'
7 polymer 'Prokaryotic respiratory supercomplex associate factor 1 PRSAF1'
8 polymer 'Cytochrome bc1 complex cytochrome b subunit'
9 polymer 'Cytochrome bc1 complex Rieske iron-sulfur subunit'
10 polymer 'Cytochrome bc1 complex cytochrome c subunit'
11 non-polymer 'COPPER (II) ION'
12 non-polymer CARDIOLIPIN
13 non-polymer 'PALMITIC ACID'
14 non-polymer HEME-A
15 non-polymer '(2R)-3-(((2-aminoethoxy)(hydroxy)phosphoryl)oxy)-2-(palmitoyloxy)propyl (E)-octadec-9-enoate'
16 non-polymer 'PROTOPORPHYRIN IX CONTAINING FE'
17 non-polymer MENAQUINONE-9
18 non-polymer 6-chloranyl-2-ethyl-N-[[4-[4-[4-(trifluoromethyloxy)phenyl]piperidin-1-yl]phenyl]methyl]imidazo[1,2-a]pyridine-3-carboxamide
19 non-polymer 'FE2/S2 (INORGANIC) CLUSTER'
20 non-polymer '(2R)-2-(hexadecanoyloxy)-3-{[(S)-hydroxy{[(1R,2R,3R,4R,5R,6S)-2,3,4,5,6-pentahydroxycyclohexyl]oxy}phosphoryl]oxy}propyl (9S)-9-methyloctadecanoate'
21 non-polymer 'HEME C'
22 water water
#
loop_
_entity_poly.entity_id
_entity_poly.type
_entity_poly.pdbx_seq_one_letter_code
_entity_poly.pdbx_strand_id
1 'polypeptide(L)'
;MTPRGFRVVALSIVLGGSALLLSGCSWSDALALGWPTGITPEAKLNRELWIGSVIASFAVGAIVWGLIFWTSAFHRKKAT
DTELPRQFGYNMPLELTLTVIPFLIISVLFYFTVVVQERMMHKDPNPEVVIDVTAFQWNWKFGYQKIAFADGSFDYDGAD
PERKEAMTSRPEGKDEHGIEKVGPIRGMTPEDRTYLNFDKIETLGTSSEIPVLVLPAGKRIEFVLNSADVIHGFWVPEFL
FKRDVLPEPKANNSDNVFQVSEIQQTGAFVGRCTEMCGTFHAMMNFEVRVVEPNDFKAYIDQRNAGKTNAEALAAINQPP
LAITTEPFESRRGELVPQASK
;
E,Q
2 'polypeptide(L)'
;MVAEAPPIGELEARRPFPERMGPKGNLIYKLITTTDHKLIGIMYCVVCFAFFLVGGLMALFMRTELAMPGLQFLSNEQFN
QLFTMHGTVMLLFYATPIVFGFANLVLPLQIGAPDVAFPRLNALSFWLFLFGALIAIAGFITPGGAADFGWTAYSPLTDA
IHSPGAGGDLWIMGLAVGGLGTILGGVNMITTVVCMRAPGMTMFRMPIFTWNILVTSILVLIAFPILTAALFGLAADRHL
GAHIYDPANGGVLLWQHLFWFFGHPEVYIIALPFFGIVSEIFPVFSRKPIFGYTTLIYATLAIAALSVAVWAHHMYATGA
VLLPFFSFMTFLIAVPTGIKFFNWIGTMWKGQLTFETPMLFSVGFLITFLLGGLSGVLLASPPLDFHVTDSYFVIAHFHY
VLFGTIVFATYAGIYFWFPKMTGRLLDERLGKLHFWLTFIGFHTTFLVQHWLGDEGMPRRYADYLPTDGFTTLNVISTVG
AFILGVSMLPFVWNVFKSWRYGEPVTVDDPWGYGNSLEWATSCPPPRHNFTELPRIRSERPAFELHYPHMVERMRAEAHV
GRAHHPELETADKSS
;
F,R
3 'polypeptide(L)'
;MTSAVGTSGTAITSRVHSLNRPNMVSVGTIVWLSSELMFFAGLFAMYFTARAQAGGAWPPEPTELNLALAVPVTLVLIAS
SFTCQMGVFAAERGDVFGLRRWYVITFLMGLFFVLGQGYEYIHLVEHGTTIPGSAYGSVFYLATGFHGLHVIGGLVAFVL
LLARTKMSKFTPAQATAAIVVSYYWHFVDIVWIALFATIYFVR
;
G,S
4 'polypeptide(L)'
;MHIEARLFEILTAFFALAAVVYAVLTAMFATGGVEWAGTTALVLTTGLTLITGTFFRFVARRLDTRPEDYEDAEISDGAG
ELGFFAPHSWWPILISLSFSTAAVGAALWLPWLIAAGVAFVITSVCGLVFEYYWGPEKH
;
H,T
5 'polypeptide(L)' MSTALTHGLIGGVPLVLFAVLALIFLTRKGPHPDTYKMSDPWTHAPILWAAEEPREHGHGGHGHDSHGVVIGGGASGKW I,U
6 'polypeptide(L)'
;MASGDIATVANAELDLPYGSALTSSGRISAVTEPGELSVHYPFPTMDLVVLDDALKYGSRAAKARFAVYIGPLGADTAAT
AREILANVPTPENAVLLAVSPDQRAIEVVYGADVKGRGIESAAPLGVSAAAASFKEGNLIDGLISAVRVMSAGVSPA
;
J,V
7 'polypeptide(L)'
;MSSTQDRSQLDPEEQPVANTEVERHTGVDVEDVPSAEWGWSHMPIGVMHIGGLLSAAFLLVMMRGNHVGHVEDWFLIGFA
AVIVALVGRNWWLRRRGWIR
;
D,P
8 'polypeptide(L)'
;MSPKLSPPNIGEVLARQAEDIDTRYHPSAALRRQLNKVFPTHWSFLLGEIALYSFVVLLITGVYLTLFFDPSMVDVTYNG
VYQPLRGVEMSRAYQSALDISFEVRGGLFVRQIHHWAALMFAAAIMVHLARIFFTGAFRRPRETNWVIGSLLLILAMFEG
YFGYSLPDDLLSGLGLRAALSSITLGMPVIGTWLHWALFGGDFPGTILIPRLYALHILLLPGIILALIGLHLALVWFQKH
TQFPGPGRTEHNVVGVRVMPVFAFKSGAFFAAIVGVLGLMGGLLQINPIWNLGPYKPSQVSAGSQPDFYMMWTEGLARIW
PPWEFYFWHHTIPAPVWVAVIMGLVFVLLPAYPFLEKRFTGDYAHHNLLQRPRDVPVRTAIGAMAIAFYMVLTLAAMNDI
IALKFHISLNATTWIGRIGMVILPPFVYFITYRWCIGLQRSDRSVLEHGVETGIIKRLPHGAYIELHQPLGPVDEHGHPI
PLQYQGAPLPKRMNKLGSAGSPGSGSFLFADSAAEDAALREAGHAAEQRALAALREHQDSIMGSPDGEH
;
N,B
9 'polypeptide(L)'
;MSRADDDAVGVPPTCGGRSDEEERRIVPGPNPQDGAKDGAKATAVPREPDEAALAAMSNQELLALGGKLDGVRIAYKEPR
WPVEGTKAEKRAERSVAVWLLLGGVFGLALLLIFLFWPWEFKAADGESDFIYSLTTPLYGLTFGLSILSIAIGAVLYQKR
FIPEEISIQERHDGASREIDRKTVVANLTDAFEGSTIRRRKLIGLSFGVGMGAFGLGTLVAFAGGLIKNPWKPVVPTAEG
KKAVLWTSGWTPRYQGETIYLARATGTEDGPPFIKMRPEDMDAGGMETVFPWRESDGDGTTVESHHKLQEIAMGIRNPVM
LIRIKPSDLGRVVKRKGQESFNFGEFFAFTKVCSHLGCPSSLYEQQSYRILCPCHQSQFDALHFAKPIFGPAARALAQLP
ITIDTDGYLVANGDFVEPVGPAFWERTTT
;
M,A
10 'polypeptide(L)'
;LTKLGFTRSGGSKSGRTRRRLRRRLSGGVLLLIALTIAGGLAAVLTPTPQVAVADESSSALLRTGKQLFDTSCVSCHGAN
LQGVPDHGPSLIGVGEAAVYFQVSTGRMPAMRGEAQAPRKDPIFDEAQIDAIGAYVQANGGGPTVVRNPDGSIATQSLRG
NDLGRGGDLFRLNCASCHNFTGKGGALSSGKYAPDLAPANEQQILTAMLTGPQNMPKFSNRQLSFEAKKDIIAYVKVATE
ARQPGGYLLGGFGPAPEGMAMWIIGMVAAIGLALWIGARS
;
O,C
#
# COMPACT_ATOMS: atom_id res chain seq x y z
N TRP A 27 34.14 91.90 -42.01
CA TRP A 27 32.74 91.75 -42.41
C TRP A 27 32.45 90.32 -42.86
N SER A 28 33.46 89.68 -43.45
CA SER A 28 33.27 88.35 -44.02
C SER A 28 33.37 87.22 -43.00
N ASP A 29 33.85 87.49 -41.78
CA ASP A 29 33.86 86.47 -40.75
C ASP A 29 32.45 86.14 -40.29
N ALA A 30 31.53 87.08 -40.48
CA ALA A 30 30.13 86.84 -40.13
C ALA A 30 29.41 86.06 -41.22
N LEU A 31 29.56 86.46 -42.48
CA LEU A 31 28.88 85.78 -43.58
C LEU A 31 29.46 84.41 -43.87
N ALA A 32 30.59 84.05 -43.27
CA ALA A 32 31.10 82.69 -43.36
C ALA A 32 30.48 81.76 -42.35
N LEU A 33 29.69 82.30 -41.42
CA LEU A 33 28.99 81.51 -40.40
C LEU A 33 29.95 80.63 -39.60
N GLY A 34 31.17 81.11 -39.40
CA GLY A 34 32.14 80.41 -38.59
C GLY A 34 33.04 79.44 -39.33
N TRP A 35 33.12 79.54 -40.64
CA TRP A 35 34.04 78.69 -41.38
C TRP A 35 35.47 79.13 -41.11
N PRO A 36 36.36 78.24 -40.70
CA PRO A 36 37.76 78.63 -40.55
C PRO A 36 38.39 78.91 -41.89
N THR A 37 39.19 79.97 -41.95
CA THR A 37 39.88 80.30 -43.18
C THR A 37 40.85 79.21 -43.56
N GLY A 38 41.03 79.01 -44.86
CA GLY A 38 41.78 77.87 -45.33
C GLY A 38 43.29 78.01 -45.19
N ILE A 39 43.96 76.87 -45.33
CA ILE A 39 45.43 76.85 -45.37
C ILE A 39 45.85 76.11 -46.63
N THR A 40 45.00 76.17 -47.66
CA THR A 40 45.17 75.44 -48.91
C THR A 40 44.39 76.20 -49.97
N PRO A 41 44.88 76.28 -51.21
CA PRO A 41 44.13 77.03 -52.23
C PRO A 41 42.71 76.53 -52.45
N GLU A 42 42.54 75.21 -52.53
CA GLU A 42 41.20 74.67 -52.75
C GLU A 42 40.27 75.01 -51.60
N ALA A 43 40.82 75.07 -50.37
CA ALA A 43 40.02 75.52 -49.24
C ALA A 43 39.50 76.94 -49.44
N LYS A 44 40.34 77.81 -50.02
CA LYS A 44 39.92 79.19 -50.23
C LYS A 44 38.89 79.28 -51.34
N LEU A 45 39.02 78.48 -52.39
CA LEU A 45 37.97 78.41 -53.40
C LEU A 45 36.65 77.94 -52.79
N ASN A 46 36.72 76.89 -51.97
CA ASN A 46 35.52 76.38 -51.31
C ASN A 46 34.88 77.47 -50.45
N ARG A 47 35.70 78.24 -49.73
CA ARG A 47 35.15 79.30 -48.89
C ARG A 47 34.50 80.39 -49.72
N GLU A 48 35.09 80.74 -50.87
CA GLU A 48 34.48 81.74 -51.73
C GLU A 48 33.11 81.29 -52.20
N LEU A 49 33.03 80.04 -52.67
CA LEU A 49 31.74 79.50 -53.11
C LEU A 49 30.73 79.48 -51.97
N TRP A 50 31.16 79.10 -50.78
CA TRP A 50 30.27 79.07 -49.62
C TRP A 50 29.69 80.43 -49.33
N ILE A 51 30.54 81.47 -49.33
CA ILE A 51 30.06 82.81 -49.04
C ILE A 51 29.04 83.27 -50.08
N GLY A 52 29.35 83.04 -51.36
CA GLY A 52 28.41 83.43 -52.39
C GLY A 52 27.06 82.76 -52.24
N SER A 53 27.06 81.44 -52.02
CA SER A 53 25.80 80.72 -51.88
C SER A 53 25.04 81.16 -50.63
N VAL A 54 25.75 81.45 -49.54
CA VAL A 54 25.09 81.92 -48.33
C VAL A 54 24.36 83.23 -48.60
N ILE A 55 25.03 84.15 -49.30
CA ILE A 55 24.38 85.44 -49.58
C ILE A 55 23.15 85.23 -50.46
N ALA A 56 23.25 84.36 -51.45
CA ALA A 56 22.09 84.12 -52.33
C ALA A 56 20.89 83.57 -51.54
N SER A 57 21.14 82.55 -50.71
CA SER A 57 20.04 81.97 -49.94
C SER A 57 19.46 82.98 -48.97
N PHE A 58 20.31 83.81 -48.35
CA PHE A 58 19.80 84.84 -47.44
C PHE A 58 18.90 85.82 -48.18
N ALA A 59 19.28 86.20 -49.40
CA ALA A 59 18.43 87.11 -50.17
C ALA A 59 17.06 86.50 -50.43
N VAL A 60 17.04 85.23 -50.86
CA VAL A 60 15.76 84.56 -51.13
C VAL A 60 14.91 84.53 -49.85
N GLY A 61 15.52 84.14 -48.73
CA GLY A 61 14.78 84.06 -47.49
C GLY A 61 14.24 85.40 -47.05
N ALA A 62 15.01 86.46 -47.22
CA ALA A 62 14.56 87.79 -46.84
C ALA A 62 13.35 88.20 -47.68
N ILE A 63 13.43 87.96 -49.01
CA ILE A 63 12.29 88.27 -49.87
C ILE A 63 11.03 87.56 -49.38
N VAL A 64 11.13 86.25 -49.17
CA VAL A 64 9.91 85.49 -48.88
C VAL A 64 9.37 85.82 -47.48
N TRP A 65 10.27 86.01 -46.51
CA TRP A 65 9.82 86.43 -45.19
C TRP A 65 9.15 87.80 -45.23
N GLY A 66 9.65 88.70 -46.06
CA GLY A 66 8.95 89.97 -46.24
C GLY A 66 7.55 89.78 -46.78
N LEU A 67 7.41 88.89 -47.78
CA LEU A 67 6.08 88.59 -48.31
C LEU A 67 5.15 88.08 -47.22
N ILE A 68 5.63 87.16 -46.39
CA ILE A 68 4.79 86.57 -45.35
C ILE A 68 4.39 87.61 -44.32
N PHE A 69 5.37 88.36 -43.81
CA PHE A 69 5.08 89.38 -42.81
C PHE A 69 4.12 90.43 -43.35
N TRP A 70 4.26 90.78 -44.64
CA TRP A 70 3.35 91.73 -45.25
C TRP A 70 1.93 91.18 -45.27
N THR A 71 1.74 89.99 -45.86
CA THR A 71 0.40 89.46 -45.98
C THR A 71 -0.25 89.16 -44.63
N SER A 72 0.55 88.99 -43.58
CA SER A 72 -0.03 88.76 -42.26
C SER A 72 -0.17 90.04 -41.43
N ALA A 73 0.44 91.14 -41.85
CA ALA A 73 0.37 92.38 -41.09
C ALA A 73 -0.69 93.35 -41.59
N PHE A 74 -1.01 93.33 -42.88
CA PHE A 74 -1.99 94.25 -43.47
C PHE A 74 -3.27 93.55 -43.89
N HIS A 75 -3.18 92.43 -44.60
CA HIS A 75 -4.37 91.69 -44.97
C HIS A 75 -5.04 91.03 -43.78
N ARG A 76 -4.39 91.02 -42.61
CA ARG A 76 -5.01 90.52 -41.39
C ARG A 76 -6.28 91.27 -41.03
N LYS A 77 -6.49 92.45 -41.62
CA LYS A 77 -7.56 93.34 -41.20
C LYS A 77 -8.89 92.74 -41.65
N LYS A 78 -9.39 91.81 -40.85
CA LYS A 78 -10.82 91.50 -40.86
C LYS A 78 -11.48 92.67 -40.13
N ALA A 79 -11.65 93.76 -40.85
CA ALA A 79 -11.95 95.05 -40.25
C ALA A 79 -13.41 95.09 -39.84
N THR A 80 -13.89 96.30 -39.51
CA THR A 80 -15.28 96.47 -39.07
C THR A 80 -16.26 95.98 -40.13
N ASP A 81 -15.95 96.21 -41.41
CA ASP A 81 -16.84 95.85 -42.50
C ASP A 81 -16.29 94.65 -43.27
N THR A 82 -17.18 93.78 -43.72
CA THR A 82 -16.81 92.60 -44.51
C THR A 82 -18.03 91.93 -45.12
N GLU A 83 -17.97 91.61 -46.42
CA GLU A 83 -18.95 90.72 -47.03
C GLU A 83 -18.37 89.31 -47.23
N LEU A 84 -17.34 89.20 -48.09
CA LEU A 84 -16.41 88.10 -48.29
C LEU A 84 -15.39 88.58 -49.31
N PRO A 85 -14.10 88.28 -49.17
CA PRO A 85 -13.09 89.04 -49.91
C PRO A 85 -13.16 88.89 -51.43
N ARG A 86 -12.81 87.70 -51.93
CA ARG A 86 -12.90 87.39 -53.36
C ARG A 86 -12.50 85.93 -53.58
N GLN A 87 -13.18 85.24 -54.48
CA GLN A 87 -12.88 83.83 -54.74
C GLN A 87 -12.12 83.69 -56.07
N PHE A 88 -10.83 84.03 -56.03
CA PHE A 88 -9.96 83.84 -57.19
C PHE A 88 -8.93 82.77 -56.90
N GLY A 89 -8.66 81.93 -57.89
CA GLY A 89 -7.81 80.77 -57.66
C GLY A 89 -6.79 80.40 -58.71
N TYR A 90 -6.75 81.08 -59.86
CA TYR A 90 -5.87 80.69 -60.94
C TYR A 90 -5.22 81.93 -61.57
N ASN A 91 -3.89 81.92 -61.68
CA ASN A 91 -3.10 83.04 -62.20
C ASN A 91 -2.00 82.54 -63.14
N MET A 92 -2.38 81.73 -64.14
CA MET A 92 -1.49 80.98 -65.03
C MET A 92 -0.15 81.65 -65.36
N PRO A 93 -0.11 82.90 -65.84
CA PRO A 93 1.19 83.49 -66.17
C PRO A 93 2.11 83.63 -64.96
N LEU A 94 1.56 84.00 -63.80
CA LEU A 94 2.38 84.12 -62.61
C LEU A 94 3.00 82.79 -62.22
N GLU A 95 2.23 81.71 -62.28
CA GLU A 95 2.78 80.40 -61.96
C GLU A 95 3.83 79.98 -62.95
N LEU A 96 3.64 80.28 -64.25
CA LEU A 96 4.68 79.94 -65.22
C LEU A 96 5.97 80.71 -64.94
N THR A 97 5.85 81.99 -64.59
CA THR A 97 7.03 82.78 -64.27
C THR A 97 7.76 82.25 -63.05
N LEU A 98 7.02 81.98 -61.98
CA LEU A 98 7.64 81.52 -60.75
C LEU A 98 8.01 80.05 -60.78
N THR A 99 7.67 79.31 -61.85
CA THR A 99 8.27 78.00 -62.05
C THR A 99 9.43 78.03 -63.03
N VAL A 100 9.58 79.09 -63.82
CA VAL A 100 10.73 79.14 -64.72
C VAL A 100 11.93 79.79 -64.06
N ILE A 101 11.75 80.72 -63.13
CA ILE A 101 12.92 81.40 -62.56
C ILE A 101 13.78 80.50 -61.66
N PRO A 102 13.22 79.62 -60.81
CA PRO A 102 14.10 78.84 -59.94
C PRO A 102 14.98 77.88 -60.70
N PHE A 103 14.55 77.44 -61.89
CA PHE A 103 15.38 76.56 -62.69
C PHE A 103 16.70 77.24 -63.07
N LEU A 104 16.63 78.49 -63.52
CA LEU A 104 17.85 79.23 -63.81
C LEU A 104 18.66 79.47 -62.54
N ILE A 105 17.97 79.82 -61.45
CA ILE A 105 18.70 80.13 -60.21
C ILE A 105 19.48 78.91 -59.73
N ILE A 106 18.94 77.70 -59.95
CA ILE A 106 19.70 76.52 -59.55
C ILE A 106 20.73 76.14 -60.62
N SER A 107 20.48 76.44 -61.89
CA SER A 107 21.43 76.08 -62.93
C SER A 107 22.75 76.80 -62.76
N VAL A 108 22.71 78.09 -62.39
CA VAL A 108 23.94 78.84 -62.17
C VAL A 108 24.81 78.14 -61.14
N LEU A 109 24.24 77.87 -59.96
CA LEU A 109 25.04 77.30 -58.89
C LEU A 109 25.41 75.85 -59.18
N PHE A 110 24.60 75.12 -59.94
CA PHE A 110 25.00 73.78 -60.35
C PHE A 110 26.26 73.83 -61.19
N TYR A 111 26.32 74.74 -62.16
CA TYR A 111 27.52 74.91 -62.96
C TYR A 111 28.72 75.26 -62.09
N PHE A 112 28.56 76.23 -61.19
CA PHE A 112 29.69 76.66 -60.37
C PHE A 112 30.19 75.52 -59.46
N THR A 113 29.26 74.78 -58.85
CA THR A 113 29.68 73.70 -57.97
C THR A 113 30.35 72.58 -58.75
N VAL A 114 29.88 72.28 -59.97
CA VAL A 114 30.56 71.30 -60.79
C VAL A 114 32.00 71.72 -61.03
N VAL A 115 32.20 72.99 -61.40
CA VAL A 115 33.55 73.50 -61.63
C VAL A 115 34.42 73.30 -60.40
N VAL A 116 33.93 73.73 -59.23
CA VAL A 116 34.77 73.73 -58.04
C VAL A 116 35.06 72.30 -57.58
N GLN A 117 34.07 71.41 -57.62
CA GLN A 117 34.30 70.04 -57.18
C GLN A 117 35.17 69.28 -58.17
N GLU A 118 35.16 69.65 -59.44
CA GLU A 118 36.13 69.08 -60.36
C GLU A 118 37.54 69.56 -60.02
N ARG A 119 37.69 70.85 -59.69
CA ARG A 119 39.01 71.38 -59.37
C ARG A 119 39.58 70.72 -58.11
N MET A 120 38.76 70.52 -57.09
CA MET A 120 39.28 70.07 -55.79
C MET A 120 39.69 68.61 -55.77
N MET A 121 39.54 67.87 -56.86
CA MET A 121 39.88 66.44 -56.88
C MET A 121 40.78 66.13 -58.08
N HIS A 122 41.84 66.92 -58.25
CA HIS A 122 42.66 66.82 -59.45
C HIS A 122 43.52 65.57 -59.46
N LYS A 123 44.30 65.35 -58.40
CA LYS A 123 45.20 64.20 -58.28
C LYS A 123 46.23 64.17 -59.41
N ASP A 124 47.13 65.17 -59.37
CA ASP A 124 48.24 65.21 -60.30
C ASP A 124 49.14 63.99 -60.10
N PRO A 125 49.68 63.42 -61.18
CA PRO A 125 50.42 62.15 -61.06
C PRO A 125 51.58 62.15 -60.08
N ASN A 126 52.43 63.17 -60.10
CA ASN A 126 53.67 63.13 -59.35
C ASN A 126 53.58 63.97 -58.08
N PRO A 127 53.39 63.36 -56.91
CA PRO A 127 53.42 64.11 -55.66
C PRO A 127 54.83 64.26 -55.12
N GLU A 128 54.98 64.89 -53.96
CA GLU A 128 56.29 65.04 -53.34
C GLU A 128 56.41 64.41 -51.97
N VAL A 129 55.32 64.28 -51.23
CA VAL A 129 55.26 63.52 -50.00
C VAL A 129 54.04 62.63 -50.05
N VAL A 130 54.18 61.38 -49.62
CA VAL A 130 53.09 60.41 -49.65
C VAL A 130 52.96 59.80 -48.27
N ILE A 131 51.86 60.08 -47.59
CA ILE A 131 51.59 59.58 -46.25
C ILE A 131 50.60 58.43 -46.35
N ASP A 132 50.79 57.41 -45.52
CA ASP A 132 49.88 56.28 -45.43
C ASP A 132 49.16 56.34 -44.10
N VAL A 133 47.90 56.76 -44.13
CA VAL A 133 47.10 56.94 -42.93
C VAL A 133 46.31 55.66 -42.69
N THR A 134 46.58 54.99 -41.57
CA THR A 134 45.82 53.82 -41.15
C THR A 134 45.03 54.17 -39.90
N ALA A 135 43.74 53.85 -39.91
CA ALA A 135 42.87 54.10 -38.78
C ALA A 135 42.38 52.75 -38.25
N PHE A 136 42.71 52.47 -37.00
CA PHE A 136 42.26 51.26 -36.33
C PHE A 136 41.35 51.66 -35.18
N GLN A 137 41.04 50.69 -34.32
CA GLN A 137 40.00 50.94 -33.33
C GLN A 137 40.46 51.97 -32.31
N TRP A 138 40.10 53.22 -32.57
CA TRP A 138 40.26 54.35 -31.66
C TRP A 138 41.73 54.80 -31.52
N ASN A 139 42.43 54.85 -32.65
CA ASN A 139 43.61 55.70 -32.83
C ASN A 139 44.15 55.63 -34.25
N TRP A 140 45.21 56.38 -34.54
CA TRP A 140 45.75 56.52 -35.89
C TRP A 140 47.19 55.99 -35.96
N LYS A 141 47.71 55.95 -37.19
CA LYS A 141 49.09 55.51 -37.44
C LYS A 141 49.50 55.98 -38.82
N PHE A 142 50.55 56.82 -38.89
CA PHE A 142 50.97 57.46 -40.12
C PHE A 142 52.26 56.84 -40.64
N GLY A 143 52.46 56.90 -41.97
CA GLY A 143 53.45 56.05 -42.62
C GLY A 143 54.71 56.65 -43.21
N TYR A 144 54.64 57.82 -43.84
CA TYR A 144 55.78 58.41 -44.56
C TYR A 144 56.28 57.45 -45.65
N GLN A 145 55.43 57.23 -46.65
CA GLN A 145 55.71 56.21 -47.65
C GLN A 145 56.82 56.64 -48.60
N LYS A 146 56.87 57.91 -48.96
CA LYS A 146 57.85 58.34 -49.95
C LYS A 146 58.06 59.84 -49.86
N ILE A 147 59.33 60.26 -49.93
CA ILE A 147 59.70 61.66 -49.96
C ILE A 147 60.55 61.88 -51.20
N ALA A 148 60.08 62.74 -52.10
CA ALA A 148 60.81 63.02 -53.33
C ALA A 148 60.52 64.47 -53.72
N PHE A 149 61.40 65.37 -53.29
CA PHE A 149 61.24 66.78 -53.63
C PHE A 149 61.49 67.00 -55.11
N ALA A 150 60.72 67.92 -55.70
CA ALA A 150 61.01 68.37 -57.05
C ALA A 150 62.31 69.15 -57.13
N ASP A 151 62.87 69.53 -55.99
CA ASP A 151 64.13 70.23 -55.91
C ASP A 151 65.34 69.33 -56.17
N GLY A 152 65.17 68.01 -56.10
CA GLY A 152 66.31 67.13 -56.07
C GLY A 152 67.09 67.22 -54.78
N SER A 153 66.52 67.85 -53.76
CA SER A 153 67.20 68.09 -52.50
C SER A 153 67.08 66.92 -51.53
N PHE A 154 66.04 66.10 -51.68
CA PHE A 154 65.78 65.04 -50.70
C PHE A 154 64.95 63.95 -51.37
N ASP A 155 65.53 62.76 -51.50
CA ASP A 155 64.81 61.60 -52.00
C ASP A 155 64.93 60.47 -50.98
N TYR A 156 63.80 59.80 -50.74
CA TYR A 156 63.71 58.80 -49.69
C TYR A 156 62.58 57.85 -50.03
N ASP A 157 62.72 56.60 -49.61
CA ASP A 157 61.70 55.59 -49.85
C ASP A 157 61.54 54.73 -48.61
N GLY A 158 60.34 54.71 -48.05
CA GLY A 158 60.07 54.00 -46.82
C GLY A 158 59.16 52.80 -46.93
N ALA A 159 58.85 52.33 -48.14
CA ALA A 159 58.03 51.14 -48.29
C ALA A 159 58.71 49.95 -47.65
N ASP A 160 57.92 48.91 -47.38
CA ASP A 160 58.46 47.78 -46.63
C ASP A 160 57.75 46.49 -47.00
N PRO A 161 58.49 45.44 -47.35
CA PRO A 161 57.86 44.13 -47.52
C PRO A 161 57.62 43.42 -46.21
N GLU A 162 57.64 44.18 -45.10
CA GLU A 162 57.20 43.66 -43.81
C GLU A 162 55.84 43.02 -43.91
N ARG A 163 55.02 43.45 -44.88
CA ARG A 163 53.81 42.73 -45.21
C ARG A 163 54.21 41.36 -45.74
N LYS A 164 54.00 40.32 -44.94
CA LYS A 164 54.45 38.97 -45.27
C LYS A 164 53.81 38.46 -46.56
N THR A 194 45.80 42.16 -46.25
CA THR A 194 46.92 42.31 -47.17
C THR A 194 46.77 43.58 -48.00
N TYR A 195 45.70 44.32 -47.74
CA TYR A 195 45.51 45.62 -48.38
C TYR A 195 46.19 46.75 -47.63
N LEU A 196 46.51 46.54 -46.36
CA LEU A 196 47.15 47.58 -45.55
C LEU A 196 48.55 47.85 -46.04
N ASN A 197 49.09 49.01 -45.66
CA ASN A 197 50.43 49.42 -46.01
C ASN A 197 51.30 49.51 -44.77
N PHE A 198 52.50 48.96 -44.85
CA PHE A 198 53.46 48.98 -43.75
C PHE A 198 54.72 49.72 -44.18
N ASP A 199 55.31 50.47 -43.25
CA ASP A 199 56.38 51.39 -43.57
C ASP A 199 57.50 51.24 -42.55
N LYS A 200 58.52 52.08 -42.69
CA LYS A 200 59.67 52.09 -41.79
C LYS A 200 59.55 53.15 -40.71
N ILE A 201 59.18 54.38 -41.07
CA ILE A 201 59.01 55.47 -40.14
C ILE A 201 57.53 55.60 -39.85
N GLU A 202 57.09 55.03 -38.72
CA GLU A 202 55.68 55.00 -38.36
C GLU A 202 55.48 55.70 -37.02
N THR A 203 54.79 56.83 -37.04
CA THR A 203 54.36 57.49 -35.81
C THR A 203 53.01 56.90 -35.40
N LEU A 204 53.01 56.16 -34.29
CA LEU A 204 51.82 55.45 -33.83
C LEU A 204 51.31 56.12 -32.56
N GLY A 205 50.02 56.44 -32.54
CA GLY A 205 49.43 57.04 -31.39
C GLY A 205 48.89 56.03 -30.41
N THR A 206 48.86 56.40 -29.14
CA THR A 206 48.32 55.56 -28.08
C THR A 206 47.40 56.39 -27.21
N SER A 207 46.74 55.74 -26.27
CA SER A 207 45.76 56.41 -25.42
C SER A 207 46.36 57.44 -24.49
N SER A 208 47.68 57.58 -24.46
CA SER A 208 48.34 58.52 -23.58
C SER A 208 49.13 59.59 -24.32
N GLU A 209 49.19 59.53 -25.65
CA GLU A 209 49.93 60.52 -26.41
C GLU A 209 49.23 60.72 -27.75
N ILE A 210 48.92 61.98 -28.06
CA ILE A 210 48.23 62.33 -29.30
C ILE A 210 49.20 62.19 -30.46
N PRO A 211 48.91 61.34 -31.45
CA PRO A 211 49.84 61.17 -32.56
C PRO A 211 49.96 62.45 -33.38
N VAL A 212 51.19 62.91 -33.54
CA VAL A 212 51.48 64.16 -34.24
C VAL A 212 52.08 63.82 -35.61
N LEU A 213 51.50 64.39 -36.66
CA LEU A 213 51.99 64.22 -38.02
C LEU A 213 52.74 65.48 -38.42
N VAL A 214 53.94 65.31 -38.97
CA VAL A 214 54.80 66.40 -39.36
C VAL A 214 54.90 66.44 -40.87
N LEU A 215 54.76 67.62 -41.45
CA LEU A 215 54.78 67.82 -42.90
C LEU A 215 55.50 69.10 -43.24
N PRO A 216 56.08 69.19 -44.43
CA PRO A 216 56.68 70.45 -44.87
C PRO A 216 55.62 71.42 -45.37
N ALA A 217 56.05 72.65 -45.60
CA ALA A 217 55.18 73.72 -46.05
C ALA A 217 55.52 74.09 -47.49
N GLY A 218 54.53 74.04 -48.36
CA GLY A 218 54.72 74.43 -49.75
C GLY A 218 55.10 73.29 -50.67
N LYS A 219 54.55 72.10 -50.43
CA LYS A 219 54.83 70.93 -51.23
C LYS A 219 53.55 70.16 -51.48
N ARG A 220 53.52 69.39 -52.56
CA ARG A 220 52.39 68.51 -52.84
C ARG A 220 52.38 67.36 -51.83
N ILE A 221 51.25 67.18 -51.16
CA ILE A 221 51.09 66.08 -50.22
C ILE A 221 50.00 65.15 -50.76
N GLU A 222 50.18 63.86 -50.50
CA GLU A 222 49.20 62.85 -50.90
C GLU A 222 48.90 61.95 -49.70
N PHE A 223 47.62 61.69 -49.49
CA PHE A 223 47.15 60.87 -48.38
C PHE A 223 46.53 59.60 -48.95
N VAL A 224 46.93 58.45 -48.40
CA VAL A 224 46.38 57.16 -48.79
C VAL A 224 45.67 56.59 -47.56
N LEU A 225 44.37 56.40 -47.66
CA LEU A 225 43.52 56.13 -46.52
C LEU A 225 43.13 54.66 -46.49
N ASN A 226 43.40 54.00 -45.37
CA ASN A 226 43.01 52.62 -45.17
C ASN A 226 42.61 52.43 -43.72
N SER A 227 41.67 51.52 -43.49
CA SER A 227 41.18 51.21 -42.16
C SER A 227 41.35 49.72 -41.89
N ALA A 228 41.47 49.37 -40.62
CA ALA A 228 41.71 47.98 -40.27
C ALA A 228 40.43 47.24 -39.93
N ASP A 229 39.50 47.87 -39.22
CA ASP A 229 38.29 47.19 -38.76
C ASP A 229 37.01 47.76 -39.36
N VAL A 230 36.73 49.04 -39.14
CA VAL A 230 35.43 49.63 -39.49
C VAL A 230 35.66 50.95 -40.20
N ILE A 231 34.56 51.67 -40.48
CA ILE A 231 34.65 52.96 -41.15
C ILE A 231 34.99 54.03 -40.12
N HIS A 232 36.00 54.83 -40.41
CA HIS A 232 36.36 56.02 -39.63
C HIS A 232 36.25 57.25 -40.52
N GLY A 233 36.58 58.39 -39.95
CA GLY A 233 36.54 59.65 -40.69
C GLY A 233 37.81 60.45 -40.49
N PHE A 234 38.25 61.09 -41.56
CA PHE A 234 39.50 61.85 -41.58
C PHE A 234 39.16 63.31 -41.85
N TRP A 235 38.99 64.09 -40.79
CA TRP A 235 38.61 65.50 -40.91
C TRP A 235 39.67 66.36 -40.24
N VAL A 236 40.26 67.26 -41.01
CA VAL A 236 41.07 68.36 -40.50
C VAL A 236 40.31 69.65 -40.79
N PRO A 237 39.66 70.26 -39.80
CA PRO A 237 38.75 71.40 -40.08
C PRO A 237 39.41 72.55 -40.83
N GLU A 238 40.74 72.60 -40.90
CA GLU A 238 41.40 73.68 -41.62
C GLU A 238 41.57 73.40 -43.11
N PHE A 239 41.57 72.13 -43.52
CA PHE A 239 41.58 71.82 -44.93
C PHE A 239 40.24 72.08 -45.59
N LEU A 240 39.18 72.30 -44.81
CA LEU A 240 37.82 72.42 -45.32
C LEU A 240 37.47 71.24 -46.21
N PHE A 241 37.79 70.04 -45.73
CA PHE A 241 37.66 68.83 -46.51
C PHE A 241 37.69 67.64 -45.58
N LYS A 242 37.03 66.56 -45.99
CA LYS A 242 37.03 65.32 -45.22
C LYS A 242 36.73 64.17 -46.15
N ARG A 243 37.11 62.97 -45.70
CA ARG A 243 36.95 61.77 -46.51
C ARG A 243 36.85 60.59 -45.56
N ASP A 244 36.09 59.57 -45.96
CA ASP A 244 35.86 58.40 -45.13
C ASP A 244 36.96 57.37 -45.33
N VAL A 245 37.34 56.71 -44.25
CA VAL A 245 38.40 55.72 -44.24
C VAL A 245 37.74 54.35 -44.21
N LEU A 246 37.66 53.71 -45.37
CA LEU A 246 36.94 52.45 -45.52
C LEU A 246 37.86 51.27 -45.24
N PRO A 247 37.29 50.13 -44.83
CA PRO A 247 38.13 48.95 -44.61
C PRO A 247 38.88 48.49 -45.85
N GLU A 248 38.16 48.13 -46.92
CA GLU A 248 38.77 47.65 -48.16
C GLU A 248 38.32 48.56 -49.29
N PRO A 249 39.01 49.69 -49.50
CA PRO A 249 38.48 50.69 -50.43
C PRO A 249 38.44 50.25 -51.88
N LYS A 250 39.19 49.22 -52.28
CA LYS A 250 39.19 48.83 -53.68
C LYS A 250 38.07 47.85 -54.01
N ALA A 251 37.75 46.94 -53.09
CA ALA A 251 36.63 46.03 -53.31
C ALA A 251 35.29 46.74 -53.24
N ASN A 252 35.25 47.93 -52.65
CA ASN A 252 34.02 48.71 -52.54
C ASN A 252 33.95 49.85 -53.55
N ASN A 253 34.91 49.91 -54.47
CA ASN A 253 34.88 50.87 -55.58
C ASN A 253 34.94 52.32 -55.09
N SER A 254 35.73 52.57 -54.08
CA SER A 254 35.99 53.91 -53.59
C SER A 254 37.48 54.23 -53.76
N ASP A 255 37.79 55.45 -54.15
CA ASP A 255 39.16 55.91 -54.32
C ASP A 255 39.61 56.57 -53.03
N ASN A 256 40.58 55.95 -52.35
CA ASN A 256 41.02 56.40 -51.04
C ASN A 256 42.23 57.32 -51.11
N VAL A 257 42.35 58.13 -52.14
CA VAL A 257 43.53 58.96 -52.37
C VAL A 257 43.09 60.35 -52.74
N PHE A 258 43.57 61.35 -51.99
CA PHE A 258 43.34 62.74 -52.32
C PHE A 258 44.60 63.53 -52.01
N GLN A 259 44.80 64.62 -52.75
CA GLN A 259 46.03 65.39 -52.67
C GLN A 259 45.75 66.81 -52.20
N VAL A 260 46.78 67.44 -51.66
CA VAL A 260 46.76 68.83 -51.23
C VAL A 260 47.82 69.57 -52.00
N SER A 261 47.42 70.67 -52.66
CA SER A 261 48.35 71.39 -53.53
C SER A 261 49.53 71.95 -52.76
N GLU A 262 49.25 72.68 -51.67
CA GLU A 262 50.30 73.25 -50.85
C GLU A 262 49.69 73.72 -49.54
N ILE A 263 50.54 73.85 -48.53
CA ILE A 263 50.14 74.35 -47.23
C ILE A 263 50.91 75.64 -46.99
N GLN A 264 50.22 76.78 -47.01
CA GLN A 264 50.89 78.07 -46.92
C GLN A 264 51.39 78.32 -45.50
N GLN A 265 50.49 78.29 -44.54
CA GLN A 265 50.81 78.67 -43.17
C GLN A 265 51.41 77.50 -42.41
N THR A 266 52.24 77.82 -41.42
CA THR A 266 52.81 76.84 -40.52
C THR A 266 52.20 76.97 -39.14
N GLY A 267 52.20 75.86 -38.41
CA GLY A 267 51.64 75.82 -37.08
C GLY A 267 51.15 74.44 -36.75
N ALA A 268 50.21 74.38 -35.80
CA ALA A 268 49.61 73.12 -35.36
C ALA A 268 48.11 73.16 -35.58
N PHE A 269 47.56 72.05 -36.06
CA PHE A 269 46.14 71.95 -36.35
C PHE A 269 45.61 70.61 -35.86
N VAL A 270 44.34 70.60 -35.45
CA VAL A 270 43.72 69.44 -34.85
C VAL A 270 42.92 68.70 -35.90
N GLY A 271 42.75 67.39 -35.70
CA GLY A 271 41.92 66.58 -36.56
C GLY A 271 41.00 65.67 -35.75
N ARG A 272 39.82 65.38 -36.27
CA ARG A 272 38.83 64.58 -35.59
C ARG A 272 38.45 63.37 -36.43
N CYS A 273 37.72 62.45 -35.81
CA CYS A 273 37.03 61.39 -36.54
C CYS A 273 35.58 61.80 -36.71
N THR A 274 35.02 61.51 -37.89
CA THR A 274 33.71 61.98 -38.28
C THR A 274 32.85 60.84 -38.79
N GLU A 275 32.81 59.75 -38.03
CA GLU A 275 32.06 58.56 -38.40
C GLU A 275 31.44 58.01 -37.12
N MET A 276 31.01 56.76 -37.14
CA MET A 276 30.64 56.05 -35.94
C MET A 276 31.58 54.85 -35.83
N CYS A 277 32.57 54.96 -34.94
CA CYS A 277 33.54 53.91 -34.70
C CYS A 277 33.17 52.99 -33.55
N GLY A 278 32.29 53.44 -32.66
CA GLY A 278 31.97 52.69 -31.48
C GLY A 278 32.08 53.51 -30.21
N THR A 279 32.63 52.91 -29.16
CA THR A 279 32.63 53.55 -27.85
C THR A 279 33.45 54.85 -27.86
N PHE A 280 34.74 54.74 -28.13
CA PHE A 280 35.64 55.89 -28.06
C PHE A 280 35.79 56.56 -29.41
N HIS A 281 34.67 56.96 -29.99
CA HIS A 281 34.69 57.71 -31.24
C HIS A 281 35.12 59.15 -31.00
N ALA A 282 34.73 59.74 -29.88
CA ALA A 282 35.06 61.12 -29.57
C ALA A 282 36.46 61.28 -29.01
N MET A 283 37.31 60.27 -29.11
CA MET A 283 38.63 60.27 -28.50
C MET A 283 39.66 59.69 -29.46
N MET A 284 39.60 60.12 -30.73
CA MET A 284 40.53 59.67 -31.75
C MET A 284 41.29 60.84 -32.38
N ASN A 285 41.44 61.94 -31.65
CA ASN A 285 42.03 63.13 -32.23
C ASN A 285 43.50 62.93 -32.53
N PHE A 286 44.01 63.72 -33.48
CA PHE A 286 45.43 63.75 -33.81
C PHE A 286 45.82 65.20 -34.04
N GLU A 287 47.04 65.42 -34.49
CA GLU A 287 47.54 66.76 -34.74
C GLU A 287 48.39 66.76 -36.01
N VAL A 288 48.53 67.94 -36.60
CA VAL A 288 49.31 68.14 -37.82
C VAL A 288 50.25 69.31 -37.59
N ARG A 289 51.55 69.05 -37.68
CA ARG A 289 52.58 70.08 -37.55
C ARG A 289 53.19 70.34 -38.93
N VAL A 290 53.02 71.56 -39.42
CA VAL A 290 53.58 71.96 -40.70
C VAL A 290 54.80 72.82 -40.44
N VAL A 291 55.96 72.35 -40.87
CA VAL A 291 57.22 73.04 -40.61
C VAL A 291 57.90 73.36 -41.92
N GLU A 292 59.08 73.98 -41.85
CA GLU A 292 59.82 74.36 -43.03
C GLU A 292 60.47 73.14 -43.68
N PRO A 293 60.76 73.21 -44.99
CA PRO A 293 61.34 72.05 -45.67
C PRO A 293 62.64 71.56 -45.06
N ASN A 294 63.54 72.47 -44.68
CA ASN A 294 64.81 72.05 -44.11
C ASN A 294 64.62 71.49 -42.70
N ASP A 295 63.74 72.11 -41.91
CA ASP A 295 63.40 71.53 -40.62
C ASP A 295 62.77 70.15 -40.79
N PHE A 296 61.96 69.97 -41.82
CA PHE A 296 61.39 68.66 -42.09
C PHE A 296 62.46 67.65 -42.45
N LYS A 297 63.45 68.06 -43.24
CA LYS A 297 64.54 67.16 -43.60
C LYS A 297 65.35 66.76 -42.37
N ALA A 298 65.62 67.73 -41.49
CA ALA A 298 66.31 67.41 -40.25
C ALA A 298 65.49 66.45 -39.39
N TYR A 299 64.18 66.69 -39.29
CA TYR A 299 63.32 65.78 -38.53
C TYR A 299 63.40 64.37 -39.10
N ILE A 300 63.32 64.25 -40.42
CA ILE A 300 63.30 62.93 -41.04
C ILE A 300 64.63 62.21 -40.82
N ASP A 301 65.76 62.91 -41.01
CA ASP A 301 67.03 62.20 -40.90
C ASP A 301 67.38 61.92 -39.44
N GLN A 302 66.88 62.72 -38.51
CA GLN A 302 67.06 62.37 -37.10
C GLN A 302 66.13 61.26 -36.67
N ARG A 303 64.98 61.11 -37.32
CA ARG A 303 64.10 59.99 -37.04
C ARG A 303 64.63 58.70 -37.63
N ASN A 304 65.33 58.79 -38.76
CA ASN A 304 65.91 57.59 -39.37
C ASN A 304 66.83 56.88 -38.39
N ALA A 305 67.67 57.63 -37.68
CA ALA A 305 68.33 57.09 -36.50
C ALA A 305 67.29 56.86 -35.42
N GLY A 306 67.28 55.66 -34.85
CA GLY A 306 66.20 55.23 -33.99
C GLY A 306 65.87 56.19 -32.86
N LYS A 307 64.73 56.85 -32.97
CA LYS A 307 64.33 57.86 -32.01
C LYS A 307 62.81 57.99 -32.05
N THR A 308 62.24 58.34 -30.89
CA THR A 308 60.79 58.53 -30.81
C THR A 308 60.39 59.81 -31.54
N ASN A 309 59.08 60.05 -31.57
CA ASN A 309 58.59 61.30 -32.15
C ASN A 309 58.83 62.48 -31.22
N ALA A 310 58.77 62.25 -29.91
CA ALA A 310 58.93 63.35 -28.96
C ALA A 310 60.34 63.92 -29.03
N GLU A 311 61.35 63.05 -29.01
CA GLU A 311 62.73 63.54 -29.05
C GLU A 311 63.08 64.11 -30.42
N ALA A 312 62.58 63.49 -31.49
CA ALA A 312 62.83 64.02 -32.82
C ALA A 312 62.16 65.38 -33.00
N LEU A 313 61.07 65.64 -32.29
CA LEU A 313 60.45 66.96 -32.33
C LEU A 313 61.20 67.95 -31.44
N ALA A 314 61.71 67.48 -30.30
CA ALA A 314 62.43 68.36 -29.40
C ALA A 314 63.78 68.78 -29.98
N ALA A 315 64.39 67.93 -30.81
CA ALA A 315 65.69 68.23 -31.38
C ALA A 315 65.65 69.31 -32.45
N ILE A 316 64.47 69.79 -32.83
CA ILE A 316 64.34 70.89 -33.78
C ILE A 316 63.60 72.03 -33.11
N ASN A 317 63.83 72.20 -31.80
CA ASN A 317 63.32 73.29 -30.97
C ASN A 317 61.82 73.51 -31.17
N GLN A 318 61.06 72.45 -30.94
CA GLN A 318 59.61 72.51 -31.00
C GLN A 318 59.03 71.71 -29.85
N PRO A 319 57.89 72.12 -29.31
CA PRO A 319 57.28 71.37 -28.20
C PRO A 319 57.00 69.94 -28.60
N PRO A 320 57.35 68.98 -27.74
CA PRO A 320 57.26 67.56 -28.15
C PRO A 320 55.85 67.04 -28.24
N LEU A 321 54.93 67.54 -27.42
CA LEU A 321 53.57 67.03 -27.36
C LEU A 321 52.64 67.93 -28.16
N ALA A 322 51.43 67.43 -28.40
CA ALA A 322 50.42 68.19 -29.12
C ALA A 322 49.97 69.38 -28.29
N ILE A 323 49.87 70.54 -28.94
CA ILE A 323 49.50 71.78 -28.27
C ILE A 323 48.05 72.17 -28.51
N THR A 324 47.37 71.54 -29.47
CA THR A 324 45.96 71.79 -29.70
C THR A 324 45.05 70.76 -29.04
N THR A 325 45.62 69.65 -28.56
CA THR A 325 44.81 68.59 -27.99
C THR A 325 45.58 67.94 -26.85
N GLU A 326 44.86 67.47 -25.85
CA GLU A 326 45.43 66.75 -24.74
C GLU A 326 44.77 65.39 -24.63
N PRO A 327 45.48 64.39 -24.11
CA PRO A 327 44.86 63.08 -23.92
C PRO A 327 43.68 63.17 -22.97
N PHE A 328 42.76 62.22 -23.12
CA PHE A 328 41.50 62.27 -22.38
C PHE A 328 41.65 61.56 -21.04
N GLU A 329 41.40 62.28 -19.96
CA GLU A 329 41.34 61.65 -18.65
C GLU A 329 40.14 60.73 -18.53
N SER A 330 39.00 61.13 -19.10
CA SER A 330 37.75 60.40 -18.97
C SER A 330 37.66 59.36 -20.09
N ARG A 331 38.61 58.43 -20.06
CA ARG A 331 38.58 57.30 -20.99
C ARG A 331 38.56 56.00 -20.21
N GLU B 10 -41.13 77.40 -30.72
CA GLU B 10 -41.35 76.21 -29.93
C GLU B 10 -40.11 75.83 -29.13
N LEU B 11 -40.27 75.67 -27.82
CA LEU B 11 -39.20 75.23 -26.95
C LEU B 11 -38.78 73.81 -27.30
N GLU B 12 -37.62 73.37 -26.81
CA GLU B 12 -37.14 72.03 -27.13
C GLU B 12 -36.13 71.64 -26.05
N ALA B 13 -36.33 70.47 -25.46
CA ALA B 13 -35.62 70.09 -24.25
C ALA B 13 -34.16 69.78 -24.54
N ARG B 14 -33.29 70.18 -23.62
CA ARG B 14 -31.86 69.94 -23.73
C ARG B 14 -31.28 69.53 -22.38
N ARG B 15 -29.97 69.55 -22.26
CA ARG B 15 -29.29 69.30 -21.00
C ARG B 15 -28.54 70.54 -20.55
N PRO B 16 -28.36 70.73 -19.24
CA PRO B 16 -27.56 71.88 -18.79
C PRO B 16 -26.13 71.81 -19.27
N PHE B 17 -25.59 70.60 -19.46
CA PHE B 17 -24.22 70.39 -19.89
C PHE B 17 -24.11 68.96 -20.38
N PRO B 18 -23.41 68.71 -21.49
CA PRO B 18 -23.26 67.33 -21.96
C PRO B 18 -22.55 66.47 -20.92
N GLU B 19 -22.63 65.16 -21.10
CA GLU B 19 -22.04 64.26 -20.13
C GLU B 19 -20.53 64.29 -20.23
N ARG B 20 -19.87 64.18 -19.07
CA ARG B 20 -18.43 64.39 -19.02
C ARG B 20 -17.67 63.18 -19.55
N MET B 21 -17.83 62.02 -18.91
CA MET B 21 -16.96 60.89 -19.17
C MET B 21 -17.67 59.76 -19.91
N GLY B 22 -18.75 59.23 -19.36
CA GLY B 22 -19.38 58.06 -19.91
C GLY B 22 -19.50 56.96 -18.89
N PRO B 23 -20.31 55.95 -19.18
CA PRO B 23 -20.60 54.92 -18.18
C PRO B 23 -19.37 54.08 -17.86
N LYS B 24 -19.48 53.34 -16.76
CA LYS B 24 -18.41 52.44 -16.35
C LYS B 24 -18.40 51.21 -17.25
N GLY B 25 -17.22 50.84 -17.74
CA GLY B 25 -17.12 49.73 -18.65
C GLY B 25 -17.45 50.06 -20.09
N ASN B 26 -17.33 51.33 -20.48
CA ASN B 26 -17.75 51.79 -21.79
C ASN B 26 -16.65 51.71 -22.84
N LEU B 27 -15.42 51.48 -22.45
CA LEU B 27 -14.33 51.64 -23.40
C LEU B 27 -13.42 50.43 -23.52
N ILE B 28 -13.16 49.72 -22.43
CA ILE B 28 -12.05 48.78 -22.41
C ILE B 28 -12.32 47.60 -23.33
N TYR B 29 -13.56 47.13 -23.40
CA TYR B 29 -13.85 46.02 -24.30
C TYR B 29 -14.08 46.50 -25.73
N LYS B 30 -14.64 47.69 -25.89
CA LYS B 30 -14.75 48.30 -27.20
C LYS B 30 -13.38 48.62 -27.78
N LEU B 31 -12.35 48.69 -26.95
CA LEU B 31 -11.01 49.01 -27.42
C LEU B 31 -10.33 47.81 -28.06
N ILE B 32 -10.68 46.61 -27.62
CA ILE B 32 -10.01 45.40 -28.10
C ILE B 32 -10.65 44.87 -29.38
N THR B 33 -11.97 44.98 -29.53
CA THR B 33 -12.68 44.41 -30.66
C THR B 33 -13.15 45.44 -31.66
N THR B 34 -12.61 46.65 -31.62
CA THR B 34 -13.13 47.70 -32.49
C THR B 34 -12.69 47.50 -33.93
N THR B 35 -13.46 48.06 -34.85
CA THR B 35 -13.10 48.08 -36.26
C THR B 35 -13.38 49.40 -36.95
N ASP B 36 -13.86 50.41 -36.24
CA ASP B 36 -14.14 51.71 -36.87
C ASP B 36 -12.91 52.59 -36.81
N HIS B 37 -12.71 53.35 -37.89
CA HIS B 37 -11.46 54.08 -38.07
C HIS B 37 -11.27 55.21 -37.08
N LYS B 38 -12.35 55.77 -36.53
CA LYS B 38 -12.21 56.93 -35.65
C LYS B 38 -11.53 56.55 -34.34
N LEU B 39 -11.98 55.46 -33.72
CA LEU B 39 -11.36 55.00 -32.48
C LEU B 39 -9.90 54.62 -32.71
N ILE B 40 -9.61 53.99 -33.86
CA ILE B 40 -8.25 53.58 -34.15
C ILE B 40 -7.36 54.80 -34.37
N GLY B 41 -7.89 55.85 -34.98
CA GLY B 41 -7.11 57.07 -35.10
C GLY B 41 -6.81 57.71 -33.77
N ILE B 42 -7.80 57.71 -32.86
CA ILE B 42 -7.55 58.24 -31.52
C ILE B 42 -6.46 57.44 -30.82
N MET B 43 -6.50 56.11 -30.94
CA MET B 43 -5.51 55.26 -30.31
C MET B 43 -4.11 55.55 -30.87
N TYR B 44 -4.00 55.57 -32.21
CA TYR B 44 -2.79 56.04 -32.87
C TYR B 44 -2.24 57.31 -32.21
N CYS B 45 -3.06 58.35 -32.14
CA CYS B 45 -2.56 59.63 -31.66
C CYS B 45 -2.05 59.54 -30.23
N VAL B 46 -2.79 58.86 -29.35
CA VAL B 46 -2.41 58.81 -27.95
C VAL B 46 -1.08 58.08 -27.78
N VAL B 47 -0.95 56.90 -28.39
CA VAL B 47 0.28 56.14 -28.20
C VAL B 47 1.47 56.84 -28.86
N CYS B 48 1.26 57.50 -30.00
CA CYS B 48 2.36 58.21 -30.64
C CYS B 48 2.84 59.36 -29.76
N PHE B 49 1.92 60.02 -29.05
CA PHE B 49 2.38 61.09 -28.16
C PHE B 49 3.11 60.54 -26.94
N ALA B 50 2.71 59.38 -26.44
CA ALA B 50 3.50 58.74 -25.39
C ALA B 50 4.94 58.49 -25.85
N PHE B 51 5.09 57.94 -27.06
CA PHE B 51 6.42 57.68 -27.57
C PHE B 51 7.21 58.97 -27.82
N PHE B 52 6.51 60.04 -28.22
CA PHE B 52 7.15 61.34 -28.35
C PHE B 52 7.73 61.80 -27.02
N LEU B 53 6.98 61.62 -25.93
CA LEU B 53 7.49 62.01 -24.62
C LEU B 53 8.74 61.22 -24.26
N VAL B 54 8.74 59.91 -24.55
CA VAL B 54 9.92 59.10 -24.24
C VAL B 54 11.14 59.60 -25.01
N GLY B 55 11.01 59.79 -26.32
CA GLY B 55 12.12 60.29 -27.10
C GLY B 55 12.62 61.65 -26.61
N GLY B 56 11.70 62.53 -26.24
CA GLY B 56 12.11 63.82 -25.73
C GLY B 56 12.89 63.71 -24.44
N LEU B 57 12.51 62.77 -23.56
CA LEU B 57 13.27 62.57 -22.34
C LEU B 57 14.71 62.14 -22.66
N MET B 58 14.87 61.23 -23.62
CA MET B 58 16.22 60.86 -24.04
C MET B 58 17.00 62.07 -24.53
N ALA B 59 16.36 62.94 -25.32
CA ALA B 59 17.05 64.12 -25.83
C ALA B 59 17.47 65.06 -24.70
N LEU B 60 16.64 65.17 -23.66
CA LEU B 60 17.01 66.03 -22.54
C LEU B 60 18.22 65.49 -21.79
N PHE B 61 18.28 64.17 -21.61
CA PHE B 61 19.48 63.58 -21.02
C PHE B 61 20.71 63.91 -21.85
N MET B 62 20.60 63.76 -23.18
CA MET B 62 21.71 64.09 -24.06
C MET B 62 22.17 65.53 -23.87
N ARG B 63 21.21 66.46 -23.86
CA ARG B 63 21.59 67.88 -23.74
C ARG B 63 22.27 68.17 -22.42
N THR B 64 21.66 67.72 -21.31
CA THR B 64 22.23 68.03 -20.02
C THR B 64 23.59 67.38 -19.83
N GLU B 65 23.92 66.34 -20.59
CA GLU B 65 25.30 65.88 -20.57
C GLU B 65 26.19 66.73 -21.47
N LEU B 66 25.68 67.17 -22.61
CA LEU B 66 26.54 67.88 -23.57
C LEU B 66 26.97 69.24 -23.07
N ALA B 67 26.22 69.87 -22.18
CA ALA B 67 26.74 71.07 -21.56
C ALA B 67 27.88 70.70 -20.60
N MET B 68 28.69 71.71 -20.23
CA MET B 68 29.68 71.54 -19.16
C MET B 68 30.69 70.43 -19.46
N PRO B 69 31.72 70.72 -20.28
CA PRO B 69 32.71 69.70 -20.66
C PRO B 69 33.13 68.76 -19.54
N GLY B 70 33.32 67.50 -19.87
CA GLY B 70 33.55 66.45 -18.90
C GLY B 70 32.36 65.53 -18.77
N LEU B 71 32.63 64.27 -18.44
CA LEU B 71 31.57 63.26 -18.29
C LEU B 71 31.06 63.33 -16.85
N GLN B 72 29.99 64.09 -16.64
CA GLN B 72 29.50 64.32 -15.28
C GLN B 72 28.76 63.11 -14.73
N PHE B 73 27.76 62.61 -15.47
CA PHE B 73 26.97 61.50 -14.97
C PHE B 73 26.72 60.38 -15.97
N LEU B 74 27.00 60.57 -17.25
CA LEU B 74 26.79 59.52 -18.23
C LEU B 74 28.11 58.83 -18.55
N SER B 75 28.06 57.90 -19.50
CA SER B 75 29.23 57.21 -20.01
C SER B 75 29.28 57.39 -21.52
N ASN B 76 30.20 56.69 -22.18
CA ASN B 76 30.21 56.71 -23.63
C ASN B 76 29.17 55.75 -24.20
N GLU B 77 29.10 54.54 -23.64
CA GLU B 77 28.11 53.57 -24.09
C GLU B 77 26.70 54.10 -23.90
N GLN B 78 26.42 54.69 -22.74
CA GLN B 78 25.07 55.16 -22.48
C GLN B 78 24.70 56.32 -23.38
N PHE B 79 25.67 57.19 -23.69
CA PHE B 79 25.39 58.28 -24.61
C PHE B 79 25.08 57.75 -26.01
N ASN B 80 25.85 56.76 -26.47
CA ASN B 80 25.60 56.19 -27.79
C ASN B 80 24.22 55.56 -27.86
N GLN B 81 23.88 54.77 -26.84
CA GLN B 81 22.54 54.19 -26.78
C GLN B 81 21.47 55.27 -26.77
N LEU B 82 21.72 56.37 -26.07
CA LEU B 82 20.74 57.44 -25.98
C LEU B 82 20.45 58.04 -27.34
N PHE B 83 21.49 58.41 -28.09
CA PHE B 83 21.18 59.06 -29.37
C PHE B 83 20.63 58.05 -30.38
N THR B 84 21.08 56.79 -30.31
CA THR B 84 20.50 55.77 -31.18
C THR B 84 19.00 55.63 -30.94
N MET B 85 18.61 55.39 -29.70
CA MET B 85 17.20 55.17 -29.39
C MET B 85 16.38 56.43 -29.61
N HIS B 86 16.96 57.61 -29.35
CA HIS B 86 16.23 58.84 -29.63
C HIS B 86 15.88 58.95 -31.10
N GLY B 87 16.89 58.81 -31.98
CA GLY B 87 16.62 58.88 -33.40
C GLY B 87 15.61 57.83 -33.84
N THR B 88 15.80 56.59 -33.40
CA THR B 88 14.91 55.50 -33.82
C THR B 88 13.47 55.77 -33.39
N VAL B 89 13.26 56.07 -32.12
CA VAL B 89 11.91 56.31 -31.62
C VAL B 89 11.27 57.48 -32.35
N MET B 90 11.96 58.63 -32.37
CA MET B 90 11.36 59.83 -32.94
C MET B 90 11.03 59.66 -34.42
N LEU B 91 11.81 58.88 -35.15
CA LEU B 91 11.50 58.77 -36.58
C LEU B 91 10.52 57.65 -36.90
N LEU B 92 10.61 56.50 -36.25
CA LEU B 92 9.83 55.35 -36.69
C LEU B 92 8.66 55.01 -35.79
N PHE B 93 8.66 55.45 -34.53
CA PHE B 93 7.56 55.13 -33.62
C PHE B 93 6.72 56.35 -33.29
N TYR B 94 6.96 57.47 -33.93
CA TYR B 94 6.11 58.63 -33.69
C TYR B 94 5.57 59.27 -34.96
N ALA B 95 6.36 59.33 -36.03
CA ALA B 95 5.96 60.05 -37.22
C ALA B 95 5.21 59.16 -38.21
N THR B 96 5.82 58.06 -38.61
CA THR B 96 5.15 57.13 -39.53
C THR B 96 3.80 56.65 -39.03
N PRO B 97 3.60 56.35 -37.75
CA PRO B 97 2.23 56.02 -37.31
C PRO B 97 1.30 57.22 -37.16
N ILE B 98 1.82 58.41 -36.85
CA ILE B 98 0.92 59.56 -36.76
C ILE B 98 0.36 59.90 -38.13
N VAL B 99 1.10 59.60 -39.20
CA VAL B 99 0.57 59.78 -40.54
C VAL B 99 -0.71 58.97 -40.71
N PHE B 100 -0.64 57.67 -40.40
CA PHE B 100 -1.82 56.83 -40.53
C PHE B 100 -2.87 57.15 -39.48
N GLY B 101 -2.48 57.74 -38.35
CA GLY B 101 -3.49 58.22 -37.42
C GLY B 101 -4.37 59.28 -38.03
N PHE B 102 -3.76 60.30 -38.62
CA PHE B 102 -4.56 61.34 -39.27
C PHE B 102 -5.33 60.78 -40.47
N ALA B 103 -4.73 59.85 -41.20
CA ALA B 103 -5.43 59.22 -42.31
C ALA B 103 -6.70 58.51 -41.84
N ASN B 104 -6.55 57.58 -40.89
CA ASN B 104 -7.72 56.89 -40.36
C ASN B 104 -8.73 57.84 -39.75
N LEU B 105 -8.28 58.97 -39.21
CA LEU B 105 -9.22 59.93 -38.67
C LEU B 105 -10.10 60.53 -39.76
N VAL B 106 -9.50 61.12 -40.79
CA VAL B 106 -10.29 62.00 -41.65
C VAL B 106 -10.23 61.71 -43.14
N LEU B 107 -9.80 60.52 -43.54
CA LEU B 107 -9.86 60.25 -44.98
C LEU B 107 -11.26 59.76 -45.41
N PRO B 108 -11.86 58.78 -44.73
CA PRO B 108 -13.19 58.35 -45.14
C PRO B 108 -14.24 59.44 -45.03
N LEU B 109 -14.10 60.34 -44.06
CA LEU B 109 -15.00 61.48 -43.98
C LEU B 109 -14.83 62.38 -45.18
N GLN B 110 -13.60 62.60 -45.63
CA GLN B 110 -13.33 63.53 -46.70
C GLN B 110 -13.77 62.98 -48.06
N ILE B 111 -13.71 61.67 -48.27
CA ILE B 111 -14.18 61.12 -49.53
C ILE B 111 -15.65 60.71 -49.49
N GLY B 112 -16.31 60.82 -48.35
CA GLY B 112 -17.72 60.49 -48.25
C GLY B 112 -18.03 59.01 -48.21
N ALA B 113 -17.25 58.24 -47.49
CA ALA B 113 -17.41 56.79 -47.40
C ALA B 113 -17.83 56.38 -46.00
N PRO B 114 -18.44 55.20 -45.86
CA PRO B 114 -18.84 54.75 -44.52
C PRO B 114 -17.73 54.13 -43.70
N ASP B 115 -16.67 53.63 -44.33
CA ASP B 115 -15.63 52.90 -43.63
C ASP B 115 -14.44 52.75 -44.56
N VAL B 116 -13.38 52.15 -44.06
CA VAL B 116 -12.20 51.84 -44.87
C VAL B 116 -12.47 50.55 -45.63
N ALA B 117 -11.61 50.23 -46.59
CA ALA B 117 -11.83 49.05 -47.42
C ALA B 117 -11.81 47.78 -46.61
N PHE B 118 -10.71 47.53 -45.90
CA PHE B 118 -10.57 46.32 -45.08
C PHE B 118 -10.51 46.71 -43.62
N PRO B 119 -11.61 46.55 -42.87
CA PRO B 119 -11.66 47.10 -41.51
C PRO B 119 -10.89 46.31 -40.46
N ARG B 120 -10.60 45.03 -40.69
CA ARG B 120 -9.84 44.27 -39.70
C ARG B 120 -8.33 44.39 -39.93
N LEU B 121 -7.91 44.55 -41.18
CA LEU B 121 -6.51 44.86 -41.46
C LEU B 121 -6.07 46.14 -40.77
N ASN B 122 -7.01 47.07 -40.57
CA ASN B 122 -6.72 48.31 -39.85
C ASN B 122 -6.25 48.03 -38.43
N ALA B 123 -7.06 47.30 -37.67
CA ALA B 123 -6.70 46.97 -36.29
C ALA B 123 -5.44 46.12 -36.26
N LEU B 124 -5.27 45.22 -37.23
CA LEU B 124 -4.05 44.44 -37.29
C LEU B 124 -2.83 45.34 -37.42
N SER B 125 -2.92 46.36 -38.28
CA SER B 125 -1.82 47.29 -38.45
C SER B 125 -1.51 48.02 -37.15
N PHE B 126 -2.54 48.50 -36.46
CA PHE B 126 -2.29 49.24 -35.22
C PHE B 126 -1.59 48.35 -34.18
N TRP B 127 -2.07 47.12 -34.01
CA TRP B 127 -1.49 46.27 -32.98
C TRP B 127 -0.08 45.85 -33.35
N LEU B 128 0.18 45.60 -34.65
CA LEU B 128 1.53 45.29 -35.08
C LEU B 128 2.48 46.44 -34.76
N PHE B 129 2.06 47.67 -35.07
CA PHE B 129 2.87 48.84 -34.72
C PHE B 129 3.18 48.87 -33.24
N LEU B 130 2.15 48.75 -32.40
CA LEU B 130 2.36 48.88 -30.96
C LEU B 130 3.33 47.82 -30.44
N PHE B 131 3.13 46.57 -30.83
CA PHE B 131 3.97 45.51 -30.27
C PHE B 131 5.38 45.53 -30.84
N GLY B 132 5.55 45.92 -32.10
CA GLY B 132 6.90 46.10 -32.62
C GLY B 132 7.65 47.20 -31.90
N ALA B 133 6.98 48.32 -31.62
CA ALA B 133 7.62 49.38 -30.87
C ALA B 133 8.02 48.90 -29.47
N LEU B 134 7.12 48.20 -28.80
CA LEU B 134 7.44 47.71 -27.46
C LEU B 134 8.60 46.72 -27.48
N ILE B 135 8.68 45.89 -28.52
CA ILE B 135 9.79 44.96 -28.63
C ILE B 135 11.10 45.70 -28.82
N ALA B 136 11.11 46.69 -29.72
CA ALA B 136 12.36 47.41 -30.00
C ALA B 136 12.83 48.22 -28.79
N ILE B 137 11.89 48.79 -28.02
CA ILE B 137 12.28 49.61 -26.88
C ILE B 137 12.81 48.75 -25.74
N ALA B 138 12.36 47.50 -25.64
CA ALA B 138 12.72 46.68 -24.49
C ALA B 138 14.12 46.10 -24.62
N GLY B 139 15.09 46.96 -24.89
CA GLY B 139 16.49 46.57 -24.88
C GLY B 139 17.19 47.25 -23.73
N PHE B 140 16.52 48.21 -23.12
CA PHE B 140 17.09 48.92 -21.98
C PHE B 140 17.10 48.07 -20.72
N ILE B 141 16.21 47.08 -20.61
CA ILE B 141 16.22 46.18 -19.46
C ILE B 141 17.27 45.09 -19.59
N THR B 142 17.88 44.95 -20.76
CA THR B 142 19.04 44.09 -20.90
C THR B 142 20.23 44.71 -20.17
N PRO B 143 21.03 43.91 -19.46
CA PRO B 143 22.16 44.49 -18.72
C PRO B 143 23.16 45.19 -19.62
N GLY B 144 23.28 44.78 -20.88
CA GLY B 144 24.18 45.46 -21.79
C GLY B 144 23.65 46.74 -22.38
N GLY B 145 22.34 46.93 -22.39
CA GLY B 145 21.74 48.14 -22.92
C GLY B 145 21.11 47.92 -24.28
N ALA B 146 20.62 49.03 -24.84
CA ALA B 146 19.94 49.01 -26.13
C ALA B 146 20.98 49.02 -27.25
N ALA B 147 20.53 49.27 -28.47
CA ALA B 147 21.45 49.35 -29.60
C ALA B 147 22.33 50.59 -29.47
N ASP B 148 23.60 50.44 -29.84
CA ASP B 148 24.59 51.46 -29.60
C ASP B 148 25.21 52.03 -30.87
N PHE B 149 24.98 51.41 -32.03
CA PHE B 149 25.35 52.01 -33.30
C PHE B 149 24.45 53.21 -33.58
N GLY B 150 24.63 53.84 -34.73
CA GLY B 150 23.83 55.00 -35.08
C GLY B 150 22.39 54.63 -35.31
N TRP B 151 21.59 55.65 -35.68
CA TRP B 151 20.27 55.35 -36.19
C TRP B 151 20.34 54.63 -37.53
N THR B 152 21.39 54.89 -38.30
CA THR B 152 21.51 54.40 -39.66
C THR B 152 22.14 53.01 -39.75
N ALA B 153 22.82 52.54 -38.71
CA ALA B 153 23.36 51.18 -38.66
C ALA B 153 24.33 50.91 -39.83
N TYR B 154 25.46 51.61 -39.78
CA TYR B 154 26.45 51.54 -40.85
C TYR B 154 27.02 50.14 -40.99
N SER B 155 27.89 49.97 -42.00
CA SER B 155 28.01 48.67 -42.67
C SER B 155 28.67 47.61 -41.82
N PRO B 156 29.92 47.77 -41.36
CA PRO B 156 30.55 46.71 -40.57
C PRO B 156 30.42 46.89 -39.07
N LEU B 157 29.94 48.05 -38.60
CA LEU B 157 29.82 48.29 -37.18
C LEU B 157 28.68 47.50 -36.55
N THR B 158 27.65 47.16 -37.32
CA THR B 158 26.52 46.38 -36.83
C THR B 158 26.71 44.90 -37.07
N ASP B 159 27.96 44.45 -37.17
CA ASP B 159 28.22 43.05 -37.48
C ASP B 159 28.04 42.20 -36.24
N ALA B 160 28.54 40.97 -36.26
CA ALA B 160 28.55 40.16 -35.04
C ALA B 160 29.79 40.39 -34.20
N ILE B 161 30.93 40.68 -34.85
CA ILE B 161 32.16 40.95 -34.11
C ILE B 161 32.04 42.26 -33.35
N HIS B 162 31.81 43.34 -34.08
CA HIS B 162 31.49 44.61 -33.45
C HIS B 162 30.00 44.65 -33.12
N SER B 163 29.67 45.30 -32.01
CA SER B 163 28.29 45.33 -31.53
C SER B 163 27.76 43.91 -31.30
N PRO B 164 28.24 43.21 -30.27
CA PRO B 164 27.80 41.83 -30.01
C PRO B 164 26.63 41.69 -29.05
N GLY B 165 26.07 42.77 -28.55
CA GLY B 165 25.04 42.67 -27.53
C GLY B 165 23.75 42.05 -28.04
N ALA B 166 22.76 42.04 -27.15
CA ALA B 166 21.42 41.53 -27.45
C ALA B 166 20.40 42.63 -27.67
N GLY B 167 20.85 43.89 -27.77
CA GLY B 167 19.94 44.96 -28.10
C GLY B 167 19.78 45.17 -29.59
N GLY B 168 20.80 44.88 -30.38
CA GLY B 168 20.68 45.01 -31.82
C GLY B 168 19.67 44.03 -32.41
N ASP B 169 19.60 42.82 -31.84
CA ASP B 169 18.63 41.85 -32.32
C ASP B 169 17.20 42.36 -32.12
N LEU B 170 16.91 42.86 -30.93
CA LEU B 170 15.58 43.40 -30.65
C LEU B 170 15.29 44.60 -31.53
N TRP B 171 16.30 45.45 -31.74
CA TRP B 171 16.16 46.57 -32.67
C TRP B 171 15.69 46.08 -34.04
N ILE B 172 16.42 45.12 -34.61
CA ILE B 172 16.11 44.64 -35.96
C ILE B 172 14.71 44.06 -36.02
N MET B 173 14.36 43.21 -35.05
CA MET B 173 13.06 42.53 -35.14
C MET B 173 11.90 43.49 -34.92
N GLY B 174 12.05 44.44 -33.98
CA GLY B 174 11.01 45.44 -33.83
C GLY B 174 10.81 46.26 -35.08
N LEU B 175 11.90 46.64 -35.75
CA LEU B 175 11.75 47.38 -37.00
C LEU B 175 11.04 46.54 -38.06
N ALA B 176 11.35 45.25 -38.13
CA ALA B 176 10.68 44.40 -39.12
C ALA B 176 9.17 44.34 -38.88
N VAL B 177 8.77 44.15 -37.63
CA VAL B 177 7.34 44.05 -37.32
C VAL B 177 6.64 45.37 -37.64
N GLY B 178 7.23 46.49 -37.21
CA GLY B 178 6.63 47.78 -37.53
C GLY B 178 6.50 48.02 -39.02
N GLY B 179 7.50 47.61 -39.79
CA GLY B 179 7.43 47.78 -41.23
C GLY B 179 6.32 46.98 -41.86
N LEU B 180 6.10 45.75 -41.38
CA LEU B 180 4.97 44.97 -41.87
C LEU B 180 3.65 45.71 -41.60
N GLY B 181 3.49 46.23 -40.39
CA GLY B 181 2.29 46.99 -40.08
C GLY B 181 2.09 48.18 -41.02
N THR B 182 3.18 48.91 -41.29
CA THR B 182 3.08 50.08 -42.16
C THR B 182 2.68 49.69 -43.58
N ILE B 183 3.24 48.59 -44.10
CA ILE B 183 2.88 48.15 -45.44
C ILE B 183 1.40 47.82 -45.51
N LEU B 184 0.88 47.12 -44.50
CA LEU B 184 -0.56 46.81 -44.50
C LEU B 184 -1.40 48.07 -44.48
N GLY B 185 -1.02 49.05 -43.67
CA GLY B 185 -1.75 50.30 -43.64
C GLY B 185 -1.77 51.00 -45.00
N GLY B 186 -0.62 51.01 -45.69
CA GLY B 186 -0.58 51.63 -46.99
C GLY B 186 -1.48 50.96 -48.00
N VAL B 187 -1.48 49.62 -48.01
CA VAL B 187 -2.37 48.88 -48.90
C VAL B 187 -3.82 49.29 -48.64
N ASN B 188 -4.21 49.32 -47.37
CA ASN B 188 -5.58 49.67 -47.02
C ASN B 188 -5.94 51.06 -47.51
N MET B 189 -5.04 52.02 -47.32
CA MET B 189 -5.35 53.40 -47.72
C MET B 189 -5.51 53.54 -49.22
N ILE B 190 -4.62 52.91 -49.99
CA ILE B 190 -4.74 52.98 -51.45
C ILE B 190 -6.07 52.39 -51.89
N THR B 191 -6.40 51.20 -51.39
CA THR B 191 -7.65 50.56 -51.81
C THR B 191 -8.86 51.39 -51.43
N THR B 192 -8.84 52.01 -50.25
CA THR B 192 -9.98 52.82 -49.84
C THR B 192 -10.15 54.04 -50.72
N VAL B 193 -9.06 54.74 -51.04
CA VAL B 193 -9.19 55.93 -51.87
C VAL B 193 -9.64 55.56 -53.28
N VAL B 194 -9.25 54.38 -53.78
CA VAL B 194 -9.58 54.03 -55.15
C VAL B 194 -11.01 53.53 -55.28
N CYS B 195 -11.43 52.62 -54.40
CA CYS B 195 -12.73 51.97 -54.61
C CYS B 195 -13.87 52.73 -53.93
N MET B 196 -13.84 52.84 -52.61
CA MET B 196 -14.95 53.43 -51.84
C MET B 196 -14.93 54.93 -52.02
N ARG B 197 -15.92 55.48 -52.72
CA ARG B 197 -15.98 56.91 -52.94
C ARG B 197 -17.41 57.33 -53.25
N ALA B 198 -17.71 58.60 -52.99
CA ALA B 198 -19.07 59.09 -53.08
C ALA B 198 -19.55 59.09 -54.53
N PRO B 199 -20.87 58.99 -54.76
CA PRO B 199 -21.37 58.82 -56.12
C PRO B 199 -21.34 60.09 -56.96
N GLY B 200 -20.75 61.16 -56.47
CA GLY B 200 -20.73 62.38 -57.24
C GLY B 200 -19.36 62.95 -57.51
N MET B 201 -18.38 62.64 -56.66
CA MET B 201 -17.09 63.29 -56.71
C MET B 201 -16.09 62.47 -57.53
N THR B 202 -15.54 63.10 -58.57
CA THR B 202 -14.47 62.50 -59.34
C THR B 202 -13.15 62.75 -58.63
N MET B 203 -12.06 62.20 -59.17
CA MET B 203 -10.79 62.29 -58.48
C MET B 203 -10.18 63.68 -58.56
N PHE B 204 -10.68 64.56 -59.43
CA PHE B 204 -10.24 65.95 -59.47
C PHE B 204 -11.19 66.87 -58.71
N ARG B 205 -11.94 66.32 -57.77
CA ARG B 205 -12.71 67.11 -56.82
C ARG B 205 -12.40 66.76 -55.38
N MET B 206 -11.61 65.72 -55.14
CA MET B 206 -11.27 65.34 -53.78
C MET B 206 -10.26 66.31 -53.20
N PRO B 207 -10.22 66.44 -51.88
CA PRO B 207 -9.31 67.40 -51.25
C PRO B 207 -7.85 66.99 -51.43
N ILE B 208 -6.96 67.93 -51.12
CA ILE B 208 -5.54 67.71 -51.37
C ILE B 208 -4.95 66.76 -50.33
N PHE B 209 -5.49 66.77 -49.11
CA PHE B 209 -5.03 65.84 -48.09
C PHE B 209 -5.14 64.40 -48.58
N THR B 210 -6.25 64.07 -49.25
CA THR B 210 -6.44 62.71 -49.75
C THR B 210 -5.43 62.36 -50.83
N TRP B 211 -5.13 63.32 -51.72
CA TRP B 211 -4.15 63.06 -52.76
C TRP B 211 -2.77 62.83 -52.17
N ASN B 212 -2.39 63.65 -51.19
CA ASN B 212 -1.11 63.45 -50.52
C ASN B 212 -1.04 62.08 -49.85
N ILE B 213 -2.15 61.65 -49.24
CA ILE B 213 -2.16 60.35 -48.58
C ILE B 213 -1.99 59.23 -49.60
N LEU B 214 -2.66 59.34 -50.75
CA LEU B 214 -2.53 58.32 -51.79
C LEU B 214 -1.07 58.22 -52.26
N VAL B 215 -0.46 59.36 -52.56
CA VAL B 215 0.92 59.36 -53.02
C VAL B 215 1.86 58.80 -51.96
N THR B 216 1.64 59.19 -50.70
CA THR B 216 2.47 58.68 -49.62
C THR B 216 2.35 57.18 -49.48
N SER B 217 1.15 56.64 -49.68
CA SER B 217 0.97 55.19 -49.60
C SER B 217 1.73 54.49 -50.72
N ILE B 218 1.72 55.06 -51.93
CA ILE B 218 2.53 54.49 -53.01
C ILE B 218 4.00 54.47 -52.62
N LEU B 219 4.50 55.58 -52.05
CA LEU B 219 5.89 55.61 -51.62
C LEU B 219 6.18 54.57 -50.55
N VAL B 220 5.25 54.37 -49.63
CA VAL B 220 5.44 53.37 -48.57
C VAL B 220 5.61 52.00 -49.19
N LEU B 221 4.71 51.66 -50.13
CA LEU B 221 4.80 50.35 -50.79
C LEU B 221 6.11 50.19 -51.54
N ILE B 222 6.66 51.28 -52.07
CA ILE B 222 7.92 51.17 -52.78
C ILE B 222 9.09 51.00 -51.80
N ALA B 223 9.02 51.67 -50.66
CA ALA B 223 10.20 51.82 -49.80
C ALA B 223 10.36 50.70 -48.77
N PHE B 224 9.31 50.36 -48.04
CA PHE B 224 9.51 49.52 -46.85
C PHE B 224 9.93 48.07 -47.11
N PRO B 225 9.43 47.40 -48.16
CA PRO B 225 9.87 46.03 -48.41
C PRO B 225 11.38 45.88 -48.54
N ILE B 226 12.04 46.87 -49.15
CA ILE B 226 13.49 46.75 -49.32
C ILE B 226 14.19 46.87 -47.97
N LEU B 227 13.61 47.63 -47.04
CA LEU B 227 14.18 47.67 -45.69
C LEU B 227 14.01 46.34 -44.99
N THR B 228 12.86 45.68 -45.17
CA THR B 228 12.70 44.36 -44.56
C THR B 228 13.69 43.36 -45.15
N ALA B 229 13.95 43.47 -46.46
CA ALA B 229 14.94 42.58 -47.08
C ALA B 229 16.33 42.81 -46.50
N ALA B 230 16.74 44.08 -46.40
CA ALA B 230 18.04 44.40 -45.82
C ALA B 230 18.15 43.89 -44.39
N LEU B 231 17.07 44.05 -43.61
CA LEU B 231 17.13 43.64 -42.21
C LEU B 231 17.19 42.13 -42.07
N PHE B 232 16.52 41.39 -42.96
CA PHE B 232 16.63 39.94 -42.91
C PHE B 232 18.04 39.49 -43.30
N GLY B 233 18.64 40.14 -44.29
CA GLY B 233 20.03 39.85 -44.59
C GLY B 233 20.94 40.11 -43.40
N LEU B 234 20.69 41.21 -42.69
CA LEU B 234 21.53 41.54 -41.54
C LEU B 234 21.36 40.52 -40.41
N ALA B 235 20.13 40.10 -40.16
CA ALA B 235 19.91 39.10 -39.12
C ALA B 235 20.51 37.75 -39.50
N ALA B 236 20.45 37.38 -40.77
CA ALA B 236 21.13 36.18 -41.23
C ALA B 236 22.63 36.29 -41.00
N ASP B 237 23.20 37.45 -41.30
CA ASP B 237 24.62 37.66 -41.09
C ASP B 237 25.00 37.63 -39.61
N ARG B 238 24.09 38.04 -38.73
CA ARG B 238 24.42 38.08 -37.32
C ARG B 238 24.22 36.73 -36.63
N HIS B 239 23.28 35.92 -37.10
CA HIS B 239 22.96 34.67 -36.43
C HIS B 239 23.46 33.43 -37.14
N LEU B 240 23.97 33.54 -38.37
CA LEU B 240 24.47 32.39 -39.10
C LEU B 240 25.83 32.63 -39.72
N GLY B 241 26.41 33.82 -39.57
CA GLY B 241 27.67 34.12 -40.22
C GLY B 241 27.57 34.02 -41.72
N ALA B 242 26.82 34.92 -42.35
CA ALA B 242 26.35 34.72 -43.71
C ALA B 242 27.13 35.49 -44.76
N HIS B 243 28.25 36.11 -44.38
CA HIS B 243 29.18 36.70 -45.36
C HIS B 243 28.47 37.59 -46.38
N ILE B 244 27.41 38.27 -45.98
CA ILE B 244 26.67 39.09 -46.93
C ILE B 244 27.26 40.49 -47.03
N TYR B 245 27.62 41.07 -45.88
CA TYR B 245 28.13 42.44 -45.82
C TYR B 245 29.60 42.50 -45.41
N ASP B 246 30.42 41.57 -45.88
CA ASP B 246 31.83 41.75 -45.52
C ASP B 246 32.45 42.82 -46.41
N PRO B 247 33.35 43.64 -45.88
CA PRO B 247 34.08 44.57 -46.75
C PRO B 247 34.89 43.86 -47.82
N ALA B 248 35.16 42.57 -47.66
CA ALA B 248 35.87 41.84 -48.70
C ALA B 248 35.09 41.82 -50.01
N ASN B 249 33.79 41.58 -49.93
CA ASN B 249 32.90 41.80 -51.07
C ASN B 249 32.57 43.29 -51.12
N GLY B 250 31.59 43.67 -51.94
CA GLY B 250 31.14 45.04 -51.92
C GLY B 250 30.19 45.30 -50.78
N GLY B 251 30.51 44.75 -49.60
CA GLY B 251 29.57 44.72 -48.51
C GLY B 251 29.42 46.02 -47.76
N VAL B 252 30.36 46.94 -47.88
CA VAL B 252 30.26 48.18 -47.13
C VAL B 252 29.38 49.19 -47.86
N LEU B 253 29.50 49.28 -49.18
CA LEU B 253 28.66 50.19 -49.95
C LEU B 253 27.30 49.60 -50.29
N LEU B 254 27.18 48.27 -50.34
CA LEU B 254 25.89 47.65 -50.59
C LEU B 254 24.88 48.04 -49.53
N TRP B 255 25.25 47.92 -48.26
CA TRP B 255 24.35 48.29 -47.19
C TRP B 255 23.95 49.76 -47.29
N GLN B 256 24.90 50.64 -47.60
CA GLN B 256 24.58 52.06 -47.66
C GLN B 256 23.62 52.35 -48.80
N HIS B 257 23.84 51.73 -49.96
CA HIS B 257 22.93 51.93 -51.08
C HIS B 257 21.52 51.48 -50.72
N LEU B 258 21.39 50.26 -50.19
CA LEU B 258 20.06 49.76 -49.82
C LEU B 258 19.41 50.66 -48.78
N PHE B 259 20.14 50.98 -47.71
CA PHE B 259 19.54 51.74 -46.62
C PHE B 259 19.10 53.10 -47.08
N TRP B 260 19.88 53.78 -47.92
CA TRP B 260 19.47 55.13 -48.27
C TRP B 260 18.40 55.15 -49.35
N PHE B 261 18.39 54.14 -50.23
CA PHE B 261 17.25 53.96 -51.11
C PHE B 261 15.97 53.78 -50.31
N PHE B 262 16.05 53.14 -49.14
CA PHE B 262 14.89 53.16 -48.26
C PHE B 262 14.68 54.52 -47.62
N GLY B 263 15.75 55.13 -47.12
CA GLY B 263 15.64 56.18 -46.11
C GLY B 263 15.32 57.56 -46.64
N HIS B 264 15.53 57.83 -47.92
CA HIS B 264 15.07 59.15 -48.35
C HIS B 264 13.56 59.18 -48.62
N PRO B 265 13.01 58.20 -49.34
CA PRO B 265 11.55 58.11 -49.43
C PRO B 265 10.87 58.14 -48.07
N GLU B 266 11.55 57.73 -47.00
CA GLU B 266 10.95 57.78 -45.68
C GLU B 266 10.71 59.22 -45.22
N VAL B 267 11.71 60.09 -45.41
CA VAL B 267 11.52 61.47 -45.00
C VAL B 267 10.46 62.14 -45.86
N TYR B 268 10.38 61.77 -47.15
CA TYR B 268 9.31 62.39 -47.93
C TYR B 268 7.94 61.83 -47.56
N ILE B 269 7.89 60.56 -47.15
CA ILE B 269 6.65 59.96 -46.66
C ILE B 269 6.15 60.74 -45.46
N ILE B 270 7.03 61.02 -44.49
CA ILE B 270 6.59 61.78 -43.32
C ILE B 270 6.53 63.27 -43.57
N ALA B 271 6.87 63.74 -44.77
CA ALA B 271 6.73 65.16 -45.06
C ALA B 271 5.45 65.51 -45.80
N LEU B 272 4.99 64.68 -46.75
CA LEU B 272 3.92 65.13 -47.65
C LEU B 272 2.57 65.35 -46.96
N PRO B 273 2.02 64.39 -46.22
CA PRO B 273 0.67 64.59 -45.65
C PRO B 273 0.55 65.84 -44.79
N PHE B 274 1.63 66.33 -44.22
CA PHE B 274 1.53 67.53 -43.41
C PHE B 274 1.50 68.80 -44.27
N PHE B 275 2.17 68.77 -45.42
CA PHE B 275 1.89 69.74 -46.46
C PHE B 275 0.39 69.76 -46.76
N GLY B 276 -0.21 68.58 -46.90
CA GLY B 276 -1.64 68.52 -47.12
C GLY B 276 -2.44 69.18 -46.01
N ILE B 277 -2.10 68.84 -44.76
CA ILE B 277 -2.81 69.40 -43.61
C ILE B 277 -2.79 70.92 -43.65
N VAL B 278 -1.61 71.52 -43.83
CA VAL B 278 -1.56 72.98 -43.78
C VAL B 278 -2.25 73.58 -45.00
N SER B 279 -2.15 72.94 -46.16
CA SER B 279 -2.86 73.43 -47.34
C SER B 279 -4.35 73.33 -47.17
N GLU B 280 -4.80 72.52 -46.23
CA GLU B 280 -6.21 72.34 -45.97
C GLU B 280 -6.72 73.27 -44.88
N ILE B 281 -5.81 73.72 -44.01
CA ILE B 281 -6.16 74.67 -42.96
C ILE B 281 -6.15 76.11 -43.49
N PHE B 282 -5.27 76.44 -44.43
CA PHE B 282 -5.13 77.83 -44.86
C PHE B 282 -6.41 78.44 -45.41
N PRO B 283 -7.13 77.82 -46.34
CA PRO B 283 -8.30 78.51 -46.92
C PRO B 283 -9.43 78.71 -45.93
N VAL B 284 -9.53 77.87 -44.90
CA VAL B 284 -10.62 78.03 -43.93
C VAL B 284 -10.48 79.34 -43.17
N PHE B 285 -9.26 79.70 -42.80
CA PHE B 285 -9.03 80.93 -42.04
C PHE B 285 -8.62 82.10 -42.91
N SER B 286 -8.39 81.90 -44.20
CA SER B 286 -8.16 83.01 -45.10
C SER B 286 -9.42 83.47 -45.83
N ARG B 287 -10.50 82.69 -45.77
CA ARG B 287 -11.75 83.00 -46.45
C ARG B 287 -11.54 83.13 -47.96
N LYS B 288 -10.85 82.16 -48.54
CA LYS B 288 -10.51 82.16 -49.95
C LYS B 288 -10.40 80.73 -50.42
N PRO B 289 -10.42 80.50 -51.73
CA PRO B 289 -10.14 79.15 -52.24
C PRO B 289 -8.64 78.86 -52.20
N ILE B 290 -8.32 77.58 -52.35
CA ILE B 290 -6.92 77.17 -52.41
C ILE B 290 -6.34 77.58 -53.75
N PHE B 291 -5.21 78.28 -53.72
CA PHE B 291 -4.61 78.84 -54.93
C PHE B 291 -3.90 77.75 -55.70
N GLY B 292 -4.31 77.52 -56.95
CA GLY B 292 -3.64 76.56 -57.79
C GLY B 292 -3.85 75.12 -57.37
N TYR B 293 -5.07 74.62 -57.52
CA TYR B 293 -5.39 73.25 -57.15
C TYR B 293 -4.56 72.25 -57.96
N THR B 294 -4.73 72.28 -59.29
CA THR B 294 -4.05 71.33 -60.15
C THR B 294 -2.54 71.53 -60.09
N THR B 295 -2.09 72.77 -59.88
CA THR B 295 -0.67 73.02 -59.71
C THR B 295 -0.12 72.29 -58.49
N LEU B 296 -0.85 72.33 -57.38
CA LEU B 296 -0.43 71.63 -56.18
C LEU B 296 -0.42 70.12 -56.41
N ILE B 297 -1.42 69.61 -57.12
CA ILE B 297 -1.45 68.17 -57.41
C ILE B 297 -0.22 67.76 -58.23
N TYR B 298 0.11 68.55 -59.25
CA TYR B 298 1.25 68.23 -60.09
C TYR B 298 2.56 68.34 -59.31
N ALA B 299 2.67 69.34 -58.44
CA ALA B 299 3.86 69.46 -57.60
C ALA B 299 4.03 68.25 -56.70
N THR B 300 2.93 67.76 -56.12
CA THR B 300 3.00 66.57 -55.29
C THR B 300 3.47 65.37 -56.09
N LEU B 301 2.89 65.17 -57.29
CA LEU B 301 3.32 64.06 -58.12
C LEU B 301 4.79 64.16 -58.49
N ALA B 302 5.26 65.37 -58.78
CA ALA B 302 6.66 65.56 -59.16
C ALA B 302 7.59 65.24 -58.01
N ILE B 303 7.28 65.73 -56.80
CA ILE B 303 8.10 65.40 -55.63
C ILE B 303 8.12 63.90 -55.41
N ALA B 304 6.96 63.24 -55.56
CA ALA B 304 6.91 61.80 -55.39
C ALA B 304 7.82 61.08 -56.38
N ALA B 305 7.72 61.45 -57.66
CA ALA B 305 8.53 60.78 -58.67
C ALA B 305 10.02 61.02 -58.44
N LEU B 306 10.39 62.24 -58.04
CA LEU B 306 11.80 62.57 -57.88
C LEU B 306 12.41 62.04 -56.60
N SER B 307 11.60 61.72 -55.58
CA SER B 307 12.15 61.36 -54.29
C SER B 307 12.91 60.03 -54.29
N VAL B 308 12.74 59.20 -55.31
CA VAL B 308 13.40 57.90 -55.28
C VAL B 308 14.71 57.86 -56.05
N ALA B 309 15.05 58.93 -56.78
CA ALA B 309 16.26 58.95 -57.59
C ALA B 309 17.29 59.95 -57.08
N VAL B 310 17.30 60.22 -55.77
CA VAL B 310 18.26 61.14 -55.19
C VAL B 310 18.89 60.53 -53.96
N TRP B 311 18.71 59.21 -53.78
CA TRP B 311 19.05 58.59 -52.50
C TRP B 311 20.52 58.73 -52.13
N ALA B 312 21.40 59.00 -53.09
CA ALA B 312 22.83 58.94 -52.85
C ALA B 312 23.45 60.29 -52.53
N HIS B 313 22.66 61.32 -52.29
CA HIS B 313 23.25 62.56 -51.78
C HIS B 313 23.58 62.48 -50.30
N HIS B 314 23.40 61.32 -49.69
CA HIS B 314 23.83 61.09 -48.32
C HIS B 314 25.20 60.42 -48.25
N MET B 315 25.80 60.11 -49.40
CA MET B 315 27.05 59.37 -49.48
C MET B 315 28.08 60.11 -50.32
N TYR B 316 28.24 61.41 -50.08
CA TYR B 316 29.25 62.18 -50.82
C TYR B 316 30.66 61.88 -50.33
N ALA B 317 30.84 61.74 -49.01
CA ALA B 317 32.18 61.65 -48.46
C ALA B 317 32.80 60.27 -48.59
N THR B 318 32.09 59.29 -49.16
CA THR B 318 32.70 57.99 -49.38
C THR B 318 33.56 57.94 -50.64
N GLY B 319 33.37 58.90 -51.55
CA GLY B 319 34.14 58.90 -52.78
C GLY B 319 33.85 57.73 -53.70
N ALA B 320 32.62 57.21 -53.67
CA ALA B 320 32.29 56.04 -54.46
C ALA B 320 31.00 56.20 -55.26
N VAL B 321 30.50 57.41 -55.44
CA VAL B 321 29.27 57.64 -56.18
C VAL B 321 29.51 58.63 -57.30
N LEU B 322 28.56 58.69 -58.23
CA LEU B 322 28.60 59.63 -59.35
C LEU B 322 27.96 60.92 -58.88
N LEU B 323 28.81 61.91 -58.54
CA LEU B 323 28.31 63.11 -57.86
C LEU B 323 27.41 63.98 -58.74
N PRO B 324 27.73 64.27 -60.00
CA PRO B 324 26.89 65.21 -60.75
C PRO B 324 25.45 64.76 -60.89
N PHE B 325 25.22 63.47 -61.10
CA PHE B 325 23.85 62.95 -61.24
C PHE B 325 22.99 63.32 -60.04
N PHE B 326 23.40 62.87 -58.85
CA PHE B 326 22.57 63.08 -57.67
C PHE B 326 22.52 64.54 -57.27
N SER B 327 23.64 65.27 -57.41
CA SER B 327 23.62 66.69 -57.09
C SER B 327 22.61 67.45 -57.96
N PHE B 328 22.67 67.21 -59.27
CA PHE B 328 21.74 67.86 -60.17
C PHE B 328 20.29 67.47 -59.86
N MET B 329 20.05 66.21 -59.53
CA MET B 329 18.66 65.81 -59.36
C MET B 329 18.09 66.30 -58.03
N THR B 330 18.92 66.48 -57.01
CA THR B 330 18.42 67.16 -55.81
C THR B 330 18.14 68.63 -56.08
N PHE B 331 19.04 69.29 -56.81
CA PHE B 331 18.73 70.65 -57.25
C PHE B 331 17.40 70.69 -57.97
N LEU B 332 17.09 69.64 -58.73
CA LEU B 332 15.82 69.58 -59.45
C LEU B 332 14.64 69.41 -58.49
N ILE B 333 14.76 68.52 -57.51
CA ILE B 333 13.66 68.30 -56.58
C ILE B 333 13.41 69.53 -55.73
N ALA B 334 14.35 70.47 -55.71
CA ALA B 334 14.14 71.70 -54.95
C ALA B 334 13.02 72.59 -55.51
N VAL B 335 12.60 72.38 -56.76
CA VAL B 335 11.66 73.29 -57.43
C VAL B 335 10.21 73.10 -57.02
N PRO B 336 9.64 71.88 -57.10
CA PRO B 336 8.22 71.73 -56.78
C PRO B 336 7.86 72.19 -55.39
N THR B 337 8.75 72.02 -54.43
CA THR B 337 8.52 72.57 -53.10
C THR B 337 8.39 74.09 -53.15
N GLY B 338 9.17 74.73 -54.03
CA GLY B 338 9.03 76.16 -54.20
C GLY B 338 7.69 76.57 -54.75
N ILE B 339 7.20 75.85 -55.77
CA ILE B 339 5.88 76.19 -56.30
C ILE B 339 4.79 75.95 -55.24
N LYS B 340 4.95 74.90 -54.43
CA LYS B 340 4.00 74.65 -53.36
C LYS B 340 3.97 75.81 -52.36
N PHE B 341 5.16 76.26 -51.96
CA PHE B 341 5.28 77.39 -51.04
C PHE B 341 4.61 78.63 -51.62
N PHE B 342 4.84 78.90 -52.90
CA PHE B 342 4.27 80.08 -53.52
C PHE B 342 2.76 79.97 -53.60
N ASN B 343 2.23 78.77 -53.83
CA ASN B 343 0.78 78.60 -53.84
C ASN B 343 0.18 78.87 -52.47
N TRP B 344 0.85 78.42 -51.41
CA TRP B 344 0.36 78.74 -50.07
C TRP B 344 0.32 80.25 -49.82
N ILE B 345 1.44 80.92 -50.11
CA ILE B 345 1.50 82.36 -49.91
C ILE B 345 0.43 83.07 -50.74
N GLY B 346 0.18 82.58 -51.96
CA GLY B 346 -0.87 83.15 -52.77
C GLY B 346 -2.26 82.94 -52.18
N THR B 347 -2.50 81.77 -51.57
CA THR B 347 -3.79 81.53 -50.94
C THR B 347 -4.01 82.48 -49.77
N MET B 348 -2.94 82.82 -49.04
CA MET B 348 -3.08 83.81 -47.97
C MET B 348 -3.17 85.25 -48.48
N TRP B 349 -2.96 85.49 -49.77
CA TRP B 349 -2.82 86.85 -50.28
C TRP B 349 -4.18 87.53 -50.43
N LYS B 350 -4.33 88.69 -49.80
CA LYS B 350 -5.53 89.52 -49.90
C LYS B 350 -6.79 88.74 -49.52
N GLY B 351 -6.76 88.20 -48.31
CA GLY B 351 -7.94 87.58 -47.74
C GLY B 351 -8.42 88.35 -46.53
N GLN B 352 -9.05 87.66 -45.58
CA GLN B 352 -9.47 88.26 -44.32
C GLN B 352 -8.95 87.34 -43.21
N LEU B 353 -7.72 87.61 -42.78
CA LEU B 353 -7.01 86.70 -41.88
C LEU B 353 -7.49 86.84 -40.45
N THR B 354 -7.68 85.70 -39.80
CA THR B 354 -7.90 85.64 -38.35
C THR B 354 -6.99 84.55 -37.80
N PHE B 355 -6.25 84.88 -36.75
CA PHE B 355 -5.19 84.00 -36.24
C PHE B 355 -5.68 83.27 -34.99
N GLU B 356 -6.40 82.19 -35.21
CA GLU B 356 -6.64 81.21 -34.17
C GLU B 356 -5.50 80.20 -34.20
N THR B 357 -5.50 79.29 -33.22
CA THR B 357 -4.32 78.45 -33.00
C THR B 357 -3.90 77.64 -34.22
N PRO B 358 -4.82 77.03 -35.00
CA PRO B 358 -4.34 76.32 -36.21
C PRO B 358 -3.63 77.22 -37.20
N MET B 359 -4.16 78.42 -37.44
CA MET B 359 -3.49 79.33 -38.37
C MET B 359 -2.13 79.76 -37.85
N LEU B 360 -2.04 79.99 -36.54
CA LEU B 360 -0.78 80.39 -35.93
C LEU B 360 0.28 79.30 -36.11
N PHE B 361 -0.10 78.06 -35.80
CA PHE B 361 0.83 76.95 -35.98
C PHE B 361 1.21 76.76 -37.45
N SER B 362 0.28 77.01 -38.37
CA SER B 362 0.61 76.88 -39.78
C SER B 362 1.62 77.93 -40.23
N VAL B 363 1.48 79.16 -39.73
CA VAL B 363 2.45 80.20 -40.09
C VAL B 363 3.83 79.86 -39.52
N GLY B 364 3.87 79.36 -38.28
CA GLY B 364 5.13 78.90 -37.73
C GLY B 364 5.77 77.81 -38.58
N PHE B 365 4.96 76.85 -39.03
CA PHE B 365 5.44 75.83 -39.96
C PHE B 365 6.08 76.47 -41.18
N LEU B 366 5.39 77.45 -41.78
CA LEU B 366 5.93 78.11 -42.97
C LEU B 366 7.32 78.65 -42.73
N ILE B 367 7.48 79.45 -41.67
CA ILE B 367 8.76 80.08 -41.40
C ILE B 367 9.85 79.03 -41.21
N THR B 368 9.60 78.08 -40.29
CA THR B 368 10.62 77.11 -39.93
C THR B 368 11.03 76.25 -41.11
N PHE B 369 10.04 75.78 -41.88
CA PHE B 369 10.36 74.94 -43.03
C PHE B 369 11.12 75.71 -44.09
N LEU B 370 10.83 77.01 -44.27
CA LEU B 370 11.61 77.78 -45.24
C LEU B 370 13.07 77.82 -44.84
N LEU B 371 13.35 78.12 -43.57
CA LEU B 371 14.75 78.17 -43.15
C LEU B 371 15.44 76.82 -43.30
N GLY B 372 14.75 75.74 -42.92
CA GLY B 372 15.33 74.42 -43.04
C GLY B 372 15.62 74.03 -44.49
N GLY B 373 14.70 74.35 -45.39
CA GLY B 373 14.91 74.02 -46.79
C GLY B 373 16.03 74.83 -47.41
N LEU B 374 16.17 76.09 -47.00
CA LEU B 374 17.30 76.87 -47.45
C LEU B 374 18.62 76.22 -47.05
N SER B 375 18.75 75.86 -45.77
CA SER B 375 19.96 75.18 -45.32
C SER B 375 20.18 73.86 -46.07
N GLY B 376 19.10 73.16 -46.41
CA GLY B 376 19.25 71.89 -47.12
C GLY B 376 19.76 72.07 -48.53
N VAL B 377 19.17 73.02 -49.27
CA VAL B 377 19.64 73.25 -50.63
C VAL B 377 21.06 73.78 -50.61
N LEU B 378 21.45 74.47 -49.54
CA LEU B 378 22.86 74.80 -49.36
C LEU B 378 23.70 73.56 -49.17
N LEU B 379 23.18 72.58 -48.41
CA LEU B 379 23.87 71.34 -48.14
C LEU B 379 23.99 70.46 -49.38
N ALA B 380 23.17 70.69 -50.41
CA ALA B 380 23.09 69.76 -51.53
C ALA B 380 24.28 69.85 -52.49
N SER B 381 25.19 70.80 -52.32
CA SER B 381 26.32 70.89 -53.25
C SER B 381 27.51 70.12 -52.69
N PRO B 382 28.18 69.30 -53.50
CA PRO B 382 29.22 68.40 -52.97
C PRO B 382 30.39 69.13 -52.36
N PRO B 383 30.94 70.19 -52.97
CA PRO B 383 32.12 70.83 -52.36
C PRO B 383 31.85 71.47 -51.02
N LEU B 384 30.59 71.75 -50.66
CA LEU B 384 30.26 72.27 -49.35
C LEU B 384 29.97 71.16 -48.35
N ASP B 385 29.27 70.13 -48.81
CA ASP B 385 29.11 68.92 -48.02
C ASP B 385 30.45 68.28 -47.70
N PHE B 386 31.50 68.60 -48.46
CA PHE B 386 32.82 68.09 -48.13
C PHE B 386 33.34 68.66 -46.82
N HIS B 387 32.76 69.74 -46.33
CA HIS B 387 33.13 70.28 -45.02
C HIS B 387 32.03 70.10 -43.99
N VAL B 388 30.77 70.40 -44.31
CA VAL B 388 29.75 70.46 -43.28
C VAL B 388 29.06 69.12 -43.02
N THR B 389 29.41 68.07 -43.76
CA THR B 389 28.77 66.79 -43.50
C THR B 389 29.27 66.19 -42.19
N ASP B 390 28.39 65.41 -41.56
CA ASP B 390 28.69 64.74 -40.29
C ASP B 390 29.02 65.75 -39.18
N SER B 391 28.51 66.95 -39.29
CA SER B 391 28.68 67.99 -38.26
C SER B 391 27.31 68.38 -37.72
N TYR B 392 27.28 69.40 -36.87
CA TYR B 392 26.02 69.87 -36.34
C TYR B 392 25.23 70.73 -37.31
N PHE B 393 25.84 71.15 -38.41
CA PHE B 393 25.06 71.84 -39.45
C PHE B 393 23.96 70.94 -39.98
N VAL B 394 24.29 69.67 -40.23
CA VAL B 394 23.30 68.71 -40.70
C VAL B 394 22.20 68.52 -39.65
N ILE B 395 22.59 68.48 -38.38
CA ILE B 395 21.61 68.28 -37.31
C ILE B 395 20.64 69.46 -37.27
N ALA B 396 21.17 70.67 -37.31
CA ALA B 396 20.31 71.84 -37.35
C ALA B 396 19.38 71.80 -38.56
N HIS B 397 19.89 71.42 -39.72
CA HIS B 397 19.06 71.36 -40.92
C HIS B 397 17.90 70.40 -40.76
N PHE B 398 18.18 69.13 -40.48
CA PHE B 398 17.06 68.21 -40.47
C PHE B 398 16.18 68.41 -39.25
N HIS B 399 16.69 69.04 -38.20
CA HIS B 399 15.78 69.35 -37.10
C HIS B 399 14.84 70.49 -37.48
N TYR B 400 15.33 71.48 -38.22
CA TYR B 400 14.41 72.49 -38.74
C TYR B 400 13.31 71.87 -39.57
N VAL B 401 13.67 71.06 -40.57
CA VAL B 401 12.63 70.54 -41.45
C VAL B 401 11.70 69.60 -40.68
N LEU B 402 12.25 68.65 -39.92
CA LEU B 402 11.43 67.71 -39.16
C LEU B 402 10.51 68.43 -38.19
N PHE B 403 11.07 69.29 -37.33
CA PHE B 403 10.24 70.00 -36.37
C PHE B 403 9.16 70.79 -37.09
N GLY B 404 9.56 71.73 -37.95
CA GLY B 404 8.59 72.58 -38.63
C GLY B 404 7.48 71.81 -39.31
N THR B 405 7.79 70.63 -39.84
CA THR B 405 6.76 69.84 -40.50
C THR B 405 5.91 69.08 -39.48
N ILE B 406 6.49 68.05 -38.86
CA ILE B 406 5.67 67.15 -38.04
C ILE B 406 5.10 67.89 -36.84
N VAL B 407 5.95 68.55 -36.05
CA VAL B 407 5.47 69.09 -34.78
C VAL B 407 4.42 70.18 -35.01
N PHE B 408 4.75 71.15 -35.86
CA PHE B 408 3.84 72.29 -36.04
C PHE B 408 2.58 71.87 -36.79
N ALA B 409 2.71 71.13 -37.89
CA ALA B 409 1.52 70.72 -38.62
C ALA B 409 0.67 69.74 -37.81
N THR B 410 1.28 68.94 -36.95
CA THR B 410 0.51 68.03 -36.10
C THR B 410 -0.28 68.79 -35.05
N TYR B 411 0.35 69.78 -34.41
CA TYR B 411 -0.40 70.59 -33.46
C TYR B 411 -1.52 71.34 -34.17
N ALA B 412 -1.26 71.83 -35.38
CA ALA B 412 -2.31 72.48 -36.16
C ALA B 412 -3.47 71.52 -36.41
N GLY B 413 -3.16 70.30 -36.86
CA GLY B 413 -4.21 69.33 -37.13
C GLY B 413 -5.01 68.97 -35.90
N ILE B 414 -4.33 68.87 -34.75
CA ILE B 414 -5.03 68.55 -33.50
C ILE B 414 -5.99 69.67 -33.14
N TYR B 415 -5.49 70.91 -33.09
CA TYR B 415 -6.35 72.04 -32.78
C TYR B 415 -7.46 72.23 -33.80
N PHE B 416 -7.28 71.72 -35.03
CA PHE B 416 -8.27 71.89 -36.07
C PHE B 416 -9.38 70.85 -35.97
N TRP B 417 -9.00 69.58 -35.82
CA TRP B 417 -9.95 68.48 -35.88
C TRP B 417 -10.33 67.94 -34.51
N PHE B 418 -9.98 68.62 -33.43
CA PHE B 418 -10.46 68.18 -32.12
C PHE B 418 -11.98 68.22 -32.00
N PRO B 419 -12.68 69.29 -32.41
CA PRO B 419 -14.14 69.24 -32.31
C PRO B 419 -14.78 68.17 -33.19
N LYS B 420 -14.30 68.01 -34.42
CA LYS B 420 -14.92 67.05 -35.33
C LYS B 420 -14.81 65.62 -34.82
N MET B 421 -13.93 65.35 -33.86
CA MET B 421 -13.82 64.02 -33.30
C MET B 421 -14.31 63.92 -31.87
N THR B 422 -14.54 65.04 -31.20
CA THR B 422 -14.92 65.01 -29.79
C THR B 422 -16.23 65.72 -29.50
N GLY B 423 -16.48 66.85 -30.12
CA GLY B 423 -17.62 67.68 -29.77
C GLY B 423 -17.32 68.75 -28.76
N ARG B 424 -16.06 68.94 -28.40
CA ARG B 424 -15.62 69.98 -27.50
C ARG B 424 -14.65 70.90 -28.23
N LEU B 425 -14.26 71.97 -27.54
CA LEU B 425 -13.34 72.96 -28.08
C LEU B 425 -12.16 73.11 -27.13
N LEU B 426 -10.95 73.05 -27.67
CA LEU B 426 -9.77 73.31 -26.88
C LEU B 426 -9.68 74.79 -26.52
N ASP B 427 -9.09 75.06 -25.36
CA ASP B 427 -8.92 76.44 -24.92
C ASP B 427 -7.96 77.17 -25.85
N GLU B 428 -8.15 78.48 -25.96
CA GLU B 428 -7.35 79.28 -26.89
C GLU B 428 -6.22 80.03 -26.21
N ARG B 429 -6.42 80.49 -24.98
CA ARG B 429 -5.33 81.16 -24.27
C ARG B 429 -4.20 80.18 -23.98
N LEU B 430 -4.54 78.97 -23.53
CA LEU B 430 -3.54 77.93 -23.36
C LEU B 430 -2.89 77.58 -24.69
N GLY B 431 -3.65 77.59 -25.78
CA GLY B 431 -3.06 77.32 -27.08
C GLY B 431 -2.04 78.36 -27.50
N LYS B 432 -2.33 79.63 -27.26
CA LYS B 432 -1.39 80.68 -27.60
C LYS B 432 -0.15 80.61 -26.74
N LEU B 433 -0.32 80.37 -25.44
CA LEU B 433 0.83 80.19 -24.56
C LEU B 433 1.70 79.03 -25.03
N HIS B 434 1.07 77.91 -25.37
CA HIS B 434 1.79 76.75 -25.88
C HIS B 434 2.57 77.09 -27.13
N PHE B 435 1.93 77.76 -28.09
CA PHE B 435 2.61 78.09 -29.34
C PHE B 435 3.83 78.97 -29.08
N TRP B 436 3.68 80.00 -28.24
CA TRP B 436 4.79 80.93 -28.07
C TRP B 436 5.94 80.27 -27.32
N LEU B 437 5.64 79.47 -26.30
CA LEU B 437 6.69 78.72 -25.63
C LEU B 437 7.43 77.83 -26.61
N THR B 438 6.70 77.05 -27.41
CA THR B 438 7.32 76.15 -28.37
C THR B 438 8.21 76.92 -29.34
N PHE B 439 7.68 77.99 -29.93
CA PHE B 439 8.41 78.76 -30.92
C PHE B 439 9.72 79.29 -30.34
N ILE B 440 9.64 79.96 -29.19
CA ILE B 440 10.84 80.58 -28.60
C ILE B 440 11.87 79.52 -28.25
N GLY B 441 11.44 78.49 -27.51
CA GLY B 441 12.38 77.45 -27.11
C GLY B 441 13.04 76.77 -28.29
N PHE B 442 12.26 76.48 -29.34
CA PHE B 442 12.84 75.82 -30.51
C PHE B 442 13.84 76.71 -31.20
N HIS B 443 13.48 77.95 -31.47
CA HIS B 443 14.43 78.79 -32.20
C HIS B 443 15.63 79.17 -31.36
N THR B 444 15.58 78.99 -30.04
CA THR B 444 16.75 79.25 -29.21
C THR B 444 17.60 78.01 -28.97
N THR B 445 17.06 76.81 -29.16
CA THR B 445 17.84 75.60 -28.96
C THR B 445 18.58 75.13 -30.20
N PHE B 446 18.13 75.46 -31.40
CA PHE B 446 18.70 74.90 -32.63
C PHE B 446 19.34 75.91 -33.55
N LEU B 447 19.34 77.19 -33.21
CA LEU B 447 19.86 78.20 -34.14
C LEU B 447 21.38 78.27 -34.11
N VAL B 448 21.97 78.21 -32.92
CA VAL B 448 23.42 78.34 -32.78
C VAL B 448 24.18 77.12 -33.26
N GLN B 449 23.49 76.02 -33.55
CA GLN B 449 24.19 74.81 -33.95
C GLN B 449 24.80 74.90 -35.34
N HIS B 450 24.29 75.80 -36.19
CA HIS B 450 24.95 76.06 -37.47
C HIS B 450 26.38 76.53 -37.25
N TRP B 451 26.55 77.59 -36.44
CA TRP B 451 27.87 78.07 -36.10
C TRP B 451 28.65 77.02 -35.33
N LEU B 452 27.96 76.28 -34.46
CA LEU B 452 28.62 75.27 -33.63
C LEU B 452 29.21 74.15 -34.47
N GLY B 453 28.63 73.88 -35.64
CA GLY B 453 29.12 72.81 -36.48
C GLY B 453 29.98 73.26 -37.64
N ASP B 454 29.88 74.54 -38.01
CA ASP B 454 30.73 75.06 -39.07
C ASP B 454 32.20 75.04 -38.66
N GLU B 455 32.52 75.66 -37.52
CA GLU B 455 33.76 75.32 -36.85
C GLU B 455 33.68 73.88 -36.37
N GLY B 456 34.82 73.18 -36.39
CA GLY B 456 34.82 71.75 -36.20
C GLY B 456 34.22 71.23 -34.91
N MET B 457 33.01 70.66 -34.99
CA MET B 457 32.42 69.85 -33.93
C MET B 457 31.49 68.82 -34.54
N PRO B 458 31.93 67.59 -34.73
CA PRO B 458 31.12 66.61 -35.46
C PRO B 458 30.02 66.06 -34.59
N ARG B 459 29.06 65.41 -35.24
CA ARG B 459 27.94 64.84 -34.54
C ARG B 459 28.37 63.58 -33.81
N ARG B 460 27.56 63.18 -32.82
CA ARG B 460 27.70 61.94 -32.08
C ARG B 460 28.94 61.91 -31.18
N TYR B 461 29.36 63.06 -30.67
CA TYR B 461 30.38 63.13 -29.62
C TYR B 461 29.73 63.24 -28.25
N ALA B 462 30.21 62.42 -27.31
CA ALA B 462 29.75 62.51 -25.93
C ALA B 462 30.55 63.49 -25.09
N ASP B 463 31.80 63.78 -25.47
CA ASP B 463 32.63 64.68 -24.70
C ASP B 463 33.49 65.53 -25.62
N TYR B 464 34.02 66.61 -25.05
CA TYR B 464 34.97 67.49 -25.71
C TYR B 464 35.84 68.13 -24.65
N LEU B 465 36.86 68.85 -25.09
CA LEU B 465 37.82 69.41 -24.17
C LEU B 465 37.55 70.88 -23.91
N PRO B 466 37.94 71.42 -22.75
CA PRO B 466 37.77 72.86 -22.52
C PRO B 466 38.67 73.71 -23.39
N THR B 467 39.81 73.18 -23.83
CA THR B 467 40.70 73.95 -24.71
C THR B 467 40.04 74.25 -26.04
N ASP B 468 39.16 73.37 -26.51
CA ASP B 468 38.34 73.66 -27.68
C ASP B 468 37.44 74.86 -27.39
N GLY B 469 36.88 75.42 -28.44
CA GLY B 469 35.89 76.46 -28.31
C GLY B 469 34.55 75.88 -27.90
N PHE B 470 33.49 76.54 -28.36
CA PHE B 470 32.11 76.06 -28.29
C PHE B 470 31.77 75.38 -26.96
N THR B 471 31.88 76.16 -25.88
CA THR B 471 31.30 75.75 -24.62
C THR B 471 30.16 76.64 -24.15
N THR B 472 29.99 77.81 -24.76
CA THR B 472 28.84 78.66 -24.44
C THR B 472 27.65 78.31 -25.33
N LEU B 473 27.91 77.93 -26.58
CA LEU B 473 26.85 77.57 -27.49
C LEU B 473 26.12 76.32 -27.02
N ASN B 474 26.85 75.38 -26.43
CA ASN B 474 26.21 74.20 -25.88
C ASN B 474 25.31 74.57 -24.70
N VAL B 475 25.71 75.55 -23.91
CA VAL B 475 24.89 75.99 -22.79
C VAL B 475 23.62 76.66 -23.29
N ILE B 476 23.73 77.50 -24.33
CA ILE B 476 22.54 78.11 -24.91
C ILE B 476 21.62 77.04 -25.48
N SER B 477 22.17 76.03 -26.14
CA SER B 477 21.36 74.98 -26.72
C SER B 477 20.65 74.17 -25.64
N THR B 478 21.31 73.90 -24.51
CA THR B 478 20.64 73.11 -23.48
C THR B 478 19.58 73.94 -22.73
N VAL B 479 19.80 75.24 -22.59
CA VAL B 479 18.74 76.10 -22.07
C VAL B 479 17.51 76.04 -22.98
N GLY B 480 17.74 76.14 -24.29
CA GLY B 480 16.63 76.04 -25.22
C GLY B 480 15.93 74.70 -25.16
N ALA B 481 16.71 73.62 -25.00
CA ALA B 481 16.10 72.30 -24.92
C ALA B 481 15.22 72.18 -23.68
N PHE B 482 15.64 72.78 -22.57
CA PHE B 482 14.79 72.72 -21.38
C PHE B 482 13.55 73.59 -21.52
N ILE B 483 13.64 74.71 -22.24
CA ILE B 483 12.44 75.48 -22.53
C ILE B 483 11.46 74.65 -23.36
N LEU B 484 11.98 73.98 -24.39
CA LEU B 484 11.14 73.12 -25.22
C LEU B 484 10.51 72.01 -24.39
N GLY B 485 11.25 71.47 -23.42
CA GLY B 485 10.70 70.43 -22.57
C GLY B 485 9.59 70.92 -21.67
N VAL B 486 9.75 72.12 -21.10
CA VAL B 486 8.69 72.68 -20.28
C VAL B 486 7.49 73.11 -21.12
N SER B 487 7.68 73.34 -22.41
CA SER B 487 6.56 73.83 -23.22
C SER B 487 5.44 72.80 -23.43
N MET B 488 5.60 71.56 -22.97
CA MET B 488 4.59 70.53 -23.23
C MET B 488 3.53 70.45 -22.15
N LEU B 489 3.72 71.08 -21.00
CA LEU B 489 2.71 71.02 -19.94
C LEU B 489 1.41 71.71 -20.33
N PRO B 490 1.40 72.92 -20.91
CA PRO B 490 0.11 73.51 -21.29
C PRO B 490 -0.70 72.65 -22.25
N PHE B 491 -0.05 71.96 -23.18
CA PHE B 491 -0.79 71.17 -24.15
C PHE B 491 -1.49 69.99 -23.49
N VAL B 492 -0.76 69.23 -22.67
CA VAL B 492 -1.38 68.07 -22.05
C VAL B 492 -2.41 68.49 -21.01
N TRP B 493 -2.19 69.62 -20.33
CA TRP B 493 -3.21 70.11 -19.42
C TRP B 493 -4.48 70.53 -20.17
N ASN B 494 -4.30 71.19 -21.32
CA ASN B 494 -5.44 71.61 -22.13
C ASN B 494 -6.22 70.42 -22.64
N VAL B 495 -5.51 69.37 -23.07
CA VAL B 495 -6.21 68.20 -23.59
C VAL B 495 -6.89 67.43 -22.46
N PHE B 496 -6.26 67.38 -21.29
CA PHE B 496 -6.86 66.67 -20.17
C PHE B 496 -8.11 67.36 -19.65
N LYS B 497 -8.11 68.70 -19.63
CA LYS B 497 -9.28 69.41 -19.15
C LYS B 497 -10.37 69.51 -20.21
N SER B 498 -10.01 69.81 -21.45
CA SER B 498 -10.97 70.12 -22.49
C SER B 498 -11.65 68.89 -23.08
N TRP B 499 -11.19 67.68 -22.76
CA TRP B 499 -11.87 66.51 -23.29
C TRP B 499 -13.18 66.25 -22.55
N ARG B 500 -13.23 66.52 -21.25
CA ARG B 500 -14.40 66.29 -20.42
C ARG B 500 -15.22 67.55 -20.19
N TYR B 501 -14.59 68.61 -19.73
CA TYR B 501 -15.20 69.93 -19.69
C TYR B 501 -14.84 70.67 -20.96
N GLY B 502 -15.12 71.96 -21.00
CA GLY B 502 -14.79 72.69 -22.20
C GLY B 502 -16.04 72.94 -23.02
N GLU B 503 -16.09 74.11 -23.65
CA GLU B 503 -17.25 74.56 -24.40
C GLU B 503 -17.72 73.54 -25.42
N PRO B 504 -18.93 73.00 -25.28
CA PRO B 504 -19.41 72.01 -26.24
C PRO B 504 -19.73 72.65 -27.60
N VAL B 505 -19.78 71.79 -28.61
CA VAL B 505 -20.09 72.19 -29.97
C VAL B 505 -21.40 71.52 -30.36
N THR B 506 -22.43 72.34 -30.59
CA THR B 506 -23.75 71.84 -30.95
C THR B 506 -24.10 72.09 -32.40
N VAL B 507 -23.10 72.41 -33.23
CA VAL B 507 -23.33 72.74 -34.63
C VAL B 507 -22.31 72.00 -35.47
N ASP B 508 -22.53 72.01 -36.78
CA ASP B 508 -21.51 71.63 -37.73
C ASP B 508 -20.54 72.79 -37.91
N ASP B 509 -19.33 72.47 -38.34
CA ASP B 509 -18.39 73.50 -38.79
C ASP B 509 -18.16 74.57 -37.72
N PRO B 510 -17.50 74.26 -36.61
CA PRO B 510 -17.22 75.30 -35.62
C PRO B 510 -16.29 76.38 -36.14
N TRP B 511 -15.42 76.05 -37.08
CA TRP B 511 -14.64 77.05 -37.82
C TRP B 511 -15.41 77.33 -39.10
N GLY B 512 -16.20 78.40 -39.09
CA GLY B 512 -17.01 78.75 -40.24
C GLY B 512 -16.22 78.81 -41.54
N TYR B 513 -16.90 78.73 -42.67
CA TYR B 513 -16.25 78.76 -43.99
C TYR B 513 -15.34 77.54 -44.18
N GLY B 514 -15.88 76.36 -43.84
CA GLY B 514 -15.15 75.13 -44.02
C GLY B 514 -15.43 74.45 -45.36
N ASN B 515 -14.61 73.47 -45.67
CA ASN B 515 -14.71 72.73 -46.93
C ASN B 515 -14.68 71.23 -46.67
N SER B 516 -14.46 70.44 -47.71
CA SER B 516 -13.95 69.08 -47.63
C SER B 516 -14.94 68.03 -47.14
N LEU B 517 -16.24 68.32 -47.10
CA LEU B 517 -17.30 67.35 -46.89
C LEU B 517 -17.29 66.73 -45.50
N GLU B 518 -16.29 67.01 -44.67
CA GLU B 518 -16.30 66.55 -43.30
C GLU B 518 -16.99 67.52 -42.37
N TRP B 519 -17.08 68.79 -42.75
CA TRP B 519 -17.83 69.79 -42.02
C TRP B 519 -19.27 69.87 -42.47
N ALA B 520 -19.80 68.78 -43.03
CA ALA B 520 -21.20 68.67 -43.40
C ALA B 520 -21.88 67.53 -42.68
N THR B 521 -21.30 67.04 -41.59
CA THR B 521 -21.89 65.99 -40.80
C THR B 521 -21.75 66.37 -39.33
N SER B 522 -22.60 65.79 -38.49
CA SER B 522 -22.67 66.19 -37.08
C SER B 522 -21.29 66.19 -36.45
N CYS B 523 -21.10 67.06 -35.44
CA CYS B 523 -19.74 67.36 -34.99
C CYS B 523 -19.04 66.12 -34.44
N PRO B 524 -19.60 65.36 -33.50
CA PRO B 524 -19.19 63.96 -33.38
C PRO B 524 -19.94 63.12 -34.39
N PRO B 525 -19.27 62.63 -35.43
CA PRO B 525 -19.98 61.95 -36.49
C PRO B 525 -20.61 60.66 -35.97
N PRO B 526 -21.74 60.26 -36.52
CA PRO B 526 -22.34 58.97 -36.12
C PRO B 526 -21.54 57.81 -36.65
N ARG B 527 -21.87 56.63 -36.17
CA ARG B 527 -21.35 55.42 -36.78
C ARG B 527 -21.80 55.38 -38.24
N HIS B 528 -20.86 55.16 -39.15
CA HIS B 528 -21.01 55.20 -40.61
C HIS B 528 -21.02 56.63 -41.13
N ASN B 529 -20.77 57.62 -40.29
CA ASN B 529 -20.27 58.94 -40.66
C ASN B 529 -21.26 59.87 -41.35
N PHE B 530 -22.43 59.39 -41.76
CA PHE B 530 -23.27 60.22 -42.59
C PHE B 530 -24.74 59.85 -42.42
N THR B 531 -25.58 60.87 -42.34
CA THR B 531 -27.02 60.71 -42.40
C THR B 531 -27.62 61.27 -43.68
N GLU B 532 -26.86 62.07 -44.43
CA GLU B 532 -27.26 62.54 -45.76
C GLU B 532 -26.06 63.19 -46.39
N LEU B 533 -26.03 63.18 -47.73
CA LEU B 533 -24.94 63.76 -48.47
C LEU B 533 -25.43 64.95 -49.28
N PRO B 534 -24.59 65.95 -49.49
CA PRO B 534 -24.94 67.05 -50.40
C PRO B 534 -24.53 66.75 -51.83
N ARG B 535 -25.09 67.52 -52.74
CA ARG B 535 -24.73 67.41 -54.14
C ARG B 535 -23.35 68.00 -54.37
N ILE B 536 -22.47 67.24 -55.01
CA ILE B 536 -21.06 67.59 -55.14
C ILE B 536 -20.82 68.13 -56.54
N ARG B 537 -20.34 69.37 -56.62
CA ARG B 537 -20.03 70.01 -57.88
C ARG B 537 -18.62 70.58 -57.98
N SER B 538 -17.96 70.84 -56.87
CA SER B 538 -16.61 71.39 -56.86
C SER B 538 -15.83 70.72 -55.74
N GLU B 539 -14.69 71.29 -55.38
CA GLU B 539 -13.89 70.78 -54.28
C GLU B 539 -14.18 71.50 -52.97
N ARG B 540 -15.21 72.34 -52.92
CA ARG B 540 -15.67 72.97 -51.68
C ARG B 540 -17.16 72.70 -51.49
N PRO B 541 -17.54 71.44 -51.26
CA PRO B 541 -18.98 71.14 -51.20
C PRO B 541 -19.66 71.68 -49.97
N ALA B 542 -19.02 71.63 -48.80
CA ALA B 542 -19.64 72.14 -47.59
C ALA B 542 -19.81 73.65 -47.66
N PHE B 543 -18.85 74.35 -48.27
CA PHE B 543 -18.96 75.80 -48.41
C PHE B 543 -20.15 76.17 -49.27
N GLU B 544 -20.35 75.46 -50.38
CA GLU B 544 -21.51 75.71 -51.23
C GLU B 544 -22.80 75.23 -50.60
N LEU B 545 -22.72 74.32 -49.63
CA LEU B 545 -23.93 73.89 -48.93
C LEU B 545 -24.37 74.92 -47.91
N HIS B 546 -23.43 75.51 -47.17
CA HIS B 546 -23.79 76.46 -46.12
C HIS B 546 -23.99 77.87 -46.64
N TYR B 547 -23.48 78.19 -47.83
CA TYR B 547 -23.62 79.52 -48.42
C TYR B 547 -24.07 79.36 -49.87
N PRO B 548 -25.35 79.05 -50.09
CA PRO B 548 -25.81 78.82 -51.47
C PRO B 548 -25.83 80.07 -52.32
N HIS B 549 -25.78 81.26 -51.73
CA HIS B 549 -25.77 82.52 -52.48
C HIS B 549 -24.38 82.90 -52.95
N MET B 550 -23.47 81.93 -53.02
CA MET B 550 -22.08 82.21 -53.33
C MET B 550 -21.56 81.50 -54.56
N VAL B 551 -22.32 80.56 -55.13
CA VAL B 551 -21.81 79.78 -56.25
C VAL B 551 -21.64 80.66 -57.49
N GLU B 552 -22.53 81.63 -57.68
CA GLU B 552 -22.40 82.49 -58.85
C GLU B 552 -21.11 83.30 -58.77
N ARG B 553 -20.76 83.77 -57.57
CA ARG B 553 -19.56 84.57 -57.39
C ARG B 553 -18.32 83.69 -57.34
N MET B 554 -18.46 82.42 -56.97
CA MET B 554 -17.31 81.51 -56.99
C MET B 554 -16.99 81.07 -58.40
N ARG B 555 -18.00 80.96 -59.27
CA ARG B 555 -17.76 80.57 -60.65
C ARG B 555 -17.41 81.77 -61.54
N ALA B 556 -17.87 82.97 -61.16
CA ALA B 556 -17.64 84.14 -62.00
C ALA B 556 -16.19 84.60 -61.95
N GLU B 557 -15.67 84.83 -60.75
CA GLU B 557 -14.37 85.46 -60.56
C GLU B 557 -13.30 84.47 -60.12
N ALA B 558 -13.33 83.26 -60.66
CA ALA B 558 -12.38 82.23 -60.29
C ALA B 558 -11.11 82.23 -61.14
N HIS B 559 -10.91 83.24 -61.99
CA HIS B 559 -9.78 83.23 -62.91
C HIS B 559 -9.09 84.58 -63.04
N VAL B 560 -9.30 85.51 -62.10
CA VAL B 560 -8.65 86.80 -62.19
C VAL B 560 -7.17 86.67 -61.89
N GLY B 561 -6.84 86.23 -60.67
CA GLY B 561 -5.45 86.05 -60.29
C GLY B 561 -4.70 87.35 -60.16
N SER C 18 -23.34 51.48 -56.78
CA SER C 18 -23.37 50.93 -55.43
C SER C 18 -22.19 49.99 -55.20
N LEU C 19 -22.29 48.78 -55.74
CA LEU C 19 -21.27 47.77 -55.53
C LEU C 19 -20.01 48.01 -56.36
N ASN C 20 -20.02 49.00 -57.25
CA ASN C 20 -18.85 49.51 -57.99
C ASN C 20 -17.96 48.38 -58.50
N ARG C 21 -18.46 47.68 -59.53
CA ARG C 21 -18.06 46.38 -60.06
C ARG C 21 -16.58 46.01 -59.91
N PRO C 22 -15.63 46.90 -60.18
CA PRO C 22 -14.22 46.57 -59.88
C PRO C 22 -14.06 46.08 -58.45
N ASN C 23 -13.66 44.83 -58.32
CA ASN C 23 -13.63 44.17 -57.02
C ASN C 23 -12.57 44.81 -56.11
N MET C 24 -12.77 44.65 -54.80
CA MET C 24 -11.92 45.28 -53.81
C MET C 24 -10.76 44.38 -53.43
N VAL C 25 -11.05 43.09 -53.20
CA VAL C 25 -10.01 42.12 -52.84
C VAL C 25 -8.96 42.04 -53.95
N SER C 26 -9.39 42.19 -55.20
CA SER C 26 -8.45 42.12 -56.32
C SER C 26 -7.43 43.25 -56.25
N VAL C 27 -7.91 44.47 -56.02
CA VAL C 27 -7.02 45.62 -55.93
C VAL C 27 -6.06 45.44 -54.76
N GLY C 28 -6.57 45.02 -53.60
CA GLY C 28 -5.70 44.80 -52.46
C GLY C 28 -4.60 43.81 -52.77
N THR C 29 -4.97 42.66 -53.34
CA THR C 29 -3.98 41.63 -53.61
C THR C 29 -2.95 42.11 -54.63
N ILE C 30 -3.38 42.87 -55.63
CA ILE C 30 -2.46 43.35 -56.65
C ILE C 30 -1.41 44.28 -56.04
N VAL C 31 -1.85 45.25 -55.24
CA VAL C 31 -0.89 46.20 -54.68
C VAL C 31 0.08 45.48 -53.72
N TRP C 32 -0.44 44.52 -52.95
CA TRP C 32 0.46 43.80 -52.06
C TRP C 32 1.47 42.96 -52.85
N LEU C 33 1.05 42.38 -53.98
CA LEU C 33 1.98 41.61 -54.79
C LEU C 33 3.10 42.50 -55.33
N SER C 34 2.76 43.73 -55.69
CA SER C 34 3.81 44.66 -56.11
C SER C 34 4.82 44.91 -54.99
N SER C 35 4.34 45.12 -53.77
CA SER C 35 5.28 45.32 -52.66
C SER C 35 6.20 44.09 -52.48
N GLU C 36 5.64 42.89 -52.58
CA GLU C 36 6.48 41.69 -52.46
C GLU C 36 7.52 41.61 -53.57
N LEU C 37 7.16 42.06 -54.77
CA LEU C 37 8.15 42.16 -55.84
C LEU C 37 9.30 43.06 -55.42
N MET C 38 9.02 44.16 -54.72
CA MET C 38 10.11 45.02 -54.25
C MET C 38 11.01 44.30 -53.24
N PHE C 39 10.41 43.48 -52.37
CA PHE C 39 11.20 42.65 -51.47
C PHE C 39 12.20 41.78 -52.25
N PHE C 40 11.69 41.08 -53.26
CA PHE C 40 12.59 40.24 -54.06
C PHE C 40 13.61 41.08 -54.81
N ALA C 41 13.28 42.34 -55.12
CA ALA C 41 14.27 43.24 -55.70
C ALA C 41 15.46 43.42 -54.77
N GLY C 42 15.17 43.65 -53.49
CA GLY C 42 16.25 43.74 -52.52
C GLY C 42 17.13 42.51 -52.50
N LEU C 43 16.50 41.33 -52.52
CA LEU C 43 17.29 40.09 -52.53
C LEU C 43 18.15 39.97 -53.78
N PHE C 44 17.59 40.29 -54.95
CA PHE C 44 18.36 40.24 -56.19
C PHE C 44 19.55 41.18 -56.13
N ALA C 45 19.36 42.39 -55.61
CA ALA C 45 20.48 43.34 -55.50
C ALA C 45 21.55 42.79 -54.58
N MET C 46 21.16 42.09 -53.52
CA MET C 46 22.17 41.40 -52.71
C MET C 46 22.95 40.40 -53.56
N TYR C 47 22.27 39.65 -54.42
CA TYR C 47 22.95 38.60 -55.17
C TYR C 47 23.92 39.16 -56.21
N PHE C 48 23.52 40.23 -56.92
CA PHE C 48 24.31 40.67 -58.06
C PHE C 48 25.65 41.26 -57.62
N THR C 49 25.64 42.14 -56.63
CA THR C 49 26.86 42.45 -55.92
C THR C 49 27.40 41.18 -55.28
N ALA C 50 28.71 41.13 -55.10
CA ALA C 50 29.47 39.96 -54.67
C ALA C 50 29.59 38.93 -55.78
N ARG C 51 28.94 39.14 -56.91
CA ARG C 51 29.26 38.42 -58.13
C ARG C 51 30.19 39.19 -59.04
N ALA C 52 30.11 40.52 -59.02
CA ALA C 52 31.09 41.35 -59.71
C ALA C 52 32.42 41.42 -58.96
N GLN C 53 32.47 40.91 -57.73
CA GLN C 53 33.71 40.89 -56.96
C GLN C 53 34.52 39.63 -57.24
N ALA C 54 33.92 38.45 -57.02
CA ALA C 54 34.60 37.20 -57.30
C ALA C 54 34.92 37.09 -58.77
N GLY C 55 36.20 37.14 -59.12
CA GLY C 55 36.63 37.10 -60.50
C GLY C 55 36.96 35.69 -60.97
N GLY C 56 36.70 35.44 -62.24
CA GLY C 56 37.00 34.12 -62.79
C GLY C 56 35.89 33.14 -62.47
N ALA C 57 36.28 31.95 -62.01
CA ALA C 57 35.30 30.93 -61.66
C ALA C 57 34.61 31.33 -60.37
N TRP C 58 33.68 32.28 -60.46
CA TRP C 58 33.05 32.86 -59.29
C TRP C 58 32.20 31.86 -58.50
N PRO C 59 31.64 30.80 -59.10
CA PRO C 59 31.22 29.68 -58.28
C PRO C 59 32.42 28.85 -57.87
N PRO C 60 32.81 28.88 -56.61
CA PRO C 60 34.05 28.20 -56.19
C PRO C 60 34.01 26.72 -56.53
N GLU C 61 35.19 26.11 -56.53
CA GLU C 61 35.32 24.75 -57.05
C GLU C 61 34.44 23.72 -56.33
N PRO C 62 34.26 23.74 -55.01
CA PRO C 62 33.45 22.69 -54.37
C PRO C 62 31.97 22.71 -54.74
N THR C 63 31.49 23.65 -55.56
CA THR C 63 30.07 23.67 -55.93
C THR C 63 29.90 23.28 -57.39
N GLU C 64 28.93 22.40 -57.64
CA GLU C 64 28.53 22.04 -58.99
C GLU C 64 27.01 21.93 -59.00
N LEU C 65 26.35 22.75 -59.81
CA LEU C 65 24.90 22.80 -59.84
C LEU C 65 24.37 21.67 -60.72
N ASN C 66 23.77 20.67 -60.09
CA ASN C 66 23.20 19.55 -60.83
C ASN C 66 21.99 20.03 -61.61
N LEU C 67 22.14 20.13 -62.93
CA LEU C 67 21.05 20.60 -63.77
C LEU C 67 20.01 19.52 -64.05
N ALA C 68 20.36 18.25 -63.85
CA ALA C 68 19.44 17.16 -64.16
C ALA C 68 18.24 17.13 -63.22
N LEU C 69 18.24 17.92 -62.16
CA LEU C 69 17.15 17.97 -61.22
C LEU C 69 16.54 19.36 -61.06
N ALA C 70 17.23 20.40 -61.53
CA ALA C 70 16.65 21.74 -61.49
C ALA C 70 15.58 21.96 -62.55
N VAL C 71 15.65 21.23 -63.67
CA VAL C 71 14.70 21.40 -64.76
C VAL C 71 13.36 20.71 -64.45
N PRO C 72 13.35 19.47 -63.96
CA PRO C 72 12.05 18.84 -63.66
C PRO C 72 11.19 19.64 -62.69
N VAL C 73 11.78 20.18 -61.63
CA VAL C 73 10.97 20.94 -60.67
C VAL C 73 10.43 22.22 -61.29
N THR C 74 11.23 22.86 -62.14
CA THR C 74 10.73 24.04 -62.85
C THR C 74 9.54 23.67 -63.72
N LEU C 75 9.60 22.53 -64.40
CA LEU C 75 8.50 22.14 -65.27
C LEU C 75 7.26 21.76 -64.48
N VAL C 76 7.42 21.13 -63.31
CA VAL C 76 6.23 20.80 -62.52
C VAL C 76 5.60 22.07 -61.97
N LEU C 77 6.40 23.08 -61.63
CA LEU C 77 5.81 24.34 -61.20
C LEU C 77 5.04 25.00 -62.35
N ILE C 78 5.64 25.00 -63.54
CA ILE C 78 4.98 25.60 -64.70
C ILE C 78 3.65 24.89 -64.98
N ALA C 79 3.63 23.56 -64.83
CA ALA C 79 2.39 22.83 -65.05
C ALA C 79 1.36 23.13 -63.95
N SER C 80 1.84 23.31 -62.72
CA SER C 80 0.93 23.66 -61.63
C SER C 80 0.25 24.99 -61.91
N SER C 81 0.93 25.90 -62.61
CA SER C 81 0.28 27.15 -63.00
C SER C 81 -0.97 26.88 -63.84
N PHE C 82 -0.84 26.03 -64.87
CA PHE C 82 -1.99 25.71 -65.71
C PHE C 82 -3.08 25.01 -64.90
N THR C 83 -2.69 24.14 -63.96
CA THR C 83 -3.67 23.49 -63.12
C THR C 83 -4.48 24.50 -62.31
N CYS C 84 -3.79 25.48 -61.72
CA CYS C 84 -4.48 26.50 -60.95
C CYS C 84 -5.41 27.33 -61.83
N GLN C 85 -4.99 27.59 -63.07
CA GLN C 85 -5.85 28.35 -63.97
C GLN C 85 -7.11 27.56 -64.33
N MET C 86 -6.97 26.25 -64.56
CA MET C 86 -8.15 25.43 -64.80
C MET C 86 -9.07 25.44 -63.59
N GLY C 87 -8.48 25.43 -62.39
CA GLY C 87 -9.30 25.51 -61.19
C GLY C 87 -10.12 26.78 -61.12
N VAL C 88 -9.49 27.93 -61.37
CA VAL C 88 -10.24 29.18 -61.29
C VAL C 88 -11.28 29.26 -62.42
N PHE C 89 -10.97 28.70 -63.58
CA PHE C 89 -11.99 28.59 -64.64
C PHE C 89 -13.22 27.84 -64.15
N ALA C 90 -13.02 26.67 -63.56
CA ALA C 90 -14.14 25.92 -63.00
C ALA C 90 -14.80 26.65 -61.84
N ALA C 91 -14.07 27.58 -61.20
CA ALA C 91 -14.64 28.30 -60.08
C ALA C 91 -15.61 29.39 -60.54
N GLU C 92 -15.25 30.13 -61.59
CA GLU C 92 -16.04 31.28 -61.97
C GLU C 92 -17.48 30.90 -62.37
N ARG C 93 -17.69 29.66 -62.77
CA ARG C 93 -19.03 29.11 -62.85
C ARG C 93 -19.27 28.28 -61.58
N GLY C 94 -20.48 28.37 -61.05
CA GLY C 94 -20.72 27.91 -59.70
C GLY C 94 -20.75 26.41 -59.47
N ASP C 95 -19.60 25.74 -59.60
CA ASP C 95 -19.49 24.35 -59.16
C ASP C 95 -18.20 24.18 -58.37
N VAL C 96 -18.31 23.56 -57.19
CA VAL C 96 -17.17 23.50 -56.28
C VAL C 96 -16.29 22.27 -56.48
N PHE C 97 -16.84 21.18 -57.00
CA PHE C 97 -16.07 19.94 -57.03
C PHE C 97 -14.93 20.00 -58.03
N GLY C 98 -15.14 20.67 -59.16
CA GLY C 98 -14.04 20.90 -60.09
C GLY C 98 -12.94 21.73 -59.46
N LEU C 99 -13.33 22.82 -58.77
CA LEU C 99 -12.38 23.62 -58.03
C LEU C 99 -11.57 22.77 -57.06
N ARG C 100 -12.25 21.90 -56.31
CA ARG C 100 -11.57 21.08 -55.31
C ARG C 100 -10.60 20.13 -55.98
N ARG C 101 -11.00 19.48 -57.06
CA ARG C 101 -10.11 18.54 -57.74
C ARG C 101 -8.86 19.25 -58.26
N TRP C 102 -9.06 20.37 -58.98
CA TRP C 102 -7.91 21.06 -59.56
C TRP C 102 -6.98 21.61 -58.48
N TYR C 103 -7.54 22.12 -57.38
CA TYR C 103 -6.69 22.67 -56.35
C TYR C 103 -5.97 21.59 -55.57
N VAL C 104 -6.57 20.41 -55.42
CA VAL C 104 -5.86 19.30 -54.81
C VAL C 104 -4.68 18.89 -55.67
N ILE C 105 -4.89 18.84 -56.99
CA ILE C 105 -3.78 18.53 -57.90
C ILE C 105 -2.66 19.56 -57.74
N THR C 106 -3.03 20.84 -57.74
CA THR C 106 -2.03 21.90 -57.62
C THR C 106 -1.25 21.78 -56.32
N PHE C 107 -1.96 21.52 -55.21
CA PHE C 107 -1.30 21.35 -53.92
C PHE C 107 -0.30 20.20 -53.97
N LEU C 108 -0.70 19.07 -54.55
CA LEU C 108 0.19 17.92 -54.61
C LEU C 108 1.47 18.25 -55.36
N MET C 109 1.36 18.86 -56.54
CA MET C 109 2.57 19.08 -57.31
C MET C 109 3.43 20.23 -56.74
N GLY C 110 2.82 21.20 -56.07
CA GLY C 110 3.64 22.19 -55.36
C GLY C 110 4.42 21.57 -54.22
N LEU C 111 3.78 20.66 -53.48
CA LEU C 111 4.48 19.91 -52.45
C LEU C 111 5.65 19.12 -53.03
N PHE C 112 5.43 18.51 -54.19
CA PHE C 112 6.52 17.77 -54.84
C PHE C 112 7.66 18.69 -55.21
N PHE C 113 7.35 19.87 -55.73
CA PHE C 113 8.40 20.84 -56.06
C PHE C 113 9.24 21.18 -54.83
N VAL C 114 8.58 21.51 -53.72
CA VAL C 114 9.37 21.94 -52.57
C VAL C 114 10.16 20.77 -51.97
N LEU C 115 9.63 19.54 -52.08
CA LEU C 115 10.39 18.39 -51.63
C LEU C 115 11.65 18.19 -52.46
N GLY C 116 11.53 18.33 -53.79
CA GLY C 116 12.71 18.24 -54.63
C GLY C 116 13.73 19.32 -54.29
N GLN C 117 13.25 20.52 -53.99
CA GLN C 117 14.17 21.60 -53.60
C GLN C 117 14.92 21.25 -52.32
N GLY C 118 14.21 20.70 -51.34
CA GLY C 118 14.88 20.28 -50.11
C GLY C 118 15.91 19.20 -50.38
N TYR C 119 15.60 18.27 -51.28
CA TYR C 119 16.55 17.23 -51.63
C TYR C 119 17.82 17.82 -52.23
N GLU C 120 17.68 18.79 -53.13
CA GLU C 120 18.86 19.46 -53.67
C GLU C 120 19.66 20.17 -52.60
N TYR C 121 19.00 20.85 -51.65
CA TYR C 121 19.72 21.49 -50.57
C TYR C 121 20.55 20.47 -49.80
N ILE C 122 19.95 19.33 -49.48
CA ILE C 122 20.66 18.30 -48.71
C ILE C 122 21.87 17.81 -49.49
N HIS C 123 21.68 17.46 -50.77
CA HIS C 123 22.80 16.92 -51.52
C HIS C 123 23.85 17.98 -51.84
N LEU C 124 23.50 19.26 -51.78
CA LEU C 124 24.47 20.31 -52.03
C LEU C 124 25.31 20.60 -50.79
N VAL C 125 24.66 20.71 -49.62
CA VAL C 125 25.41 20.89 -48.39
C VAL C 125 26.20 19.65 -48.01
N GLU C 126 25.81 18.49 -48.54
CA GLU C 126 26.47 17.24 -48.18
C GLU C 126 27.97 17.29 -48.44
N HIS C 127 28.38 17.80 -49.60
CA HIS C 127 29.78 17.80 -50.00
C HIS C 127 30.17 19.14 -50.59
N GLY C 128 29.84 20.23 -49.89
CA GLY C 128 30.10 21.53 -50.48
C GLY C 128 29.54 22.73 -49.75
N THR C 129 28.82 23.57 -50.49
CA THR C 129 28.42 24.89 -50.03
C THR C 129 27.69 24.84 -48.70
N THR C 130 27.96 25.84 -47.87
CA THR C 130 27.20 26.11 -46.66
C THR C 130 26.98 27.60 -46.57
N ILE C 131 26.09 28.02 -45.67
CA ILE C 131 25.85 29.44 -45.47
C ILE C 131 27.08 30.10 -44.86
N PRO C 132 27.69 29.57 -43.79
CA PRO C 132 28.89 30.19 -43.26
C PRO C 132 30.18 29.82 -43.97
N GLY C 133 30.11 29.00 -45.01
CA GLY C 133 31.32 28.53 -45.67
C GLY C 133 31.83 29.42 -46.77
N SER C 134 30.93 30.07 -47.49
CA SER C 134 31.29 30.87 -48.66
C SER C 134 30.37 32.08 -48.75
N ALA C 135 30.66 32.95 -49.71
CA ALA C 135 29.76 34.04 -50.04
C ALA C 135 28.73 33.63 -51.09
N TYR C 136 29.16 32.87 -52.10
CA TYR C 136 28.21 32.33 -53.06
C TYR C 136 27.19 31.44 -52.38
N GLY C 137 27.64 30.58 -51.46
CA GLY C 137 26.70 29.76 -50.73
C GLY C 137 25.66 30.59 -50.00
N SER C 138 26.10 31.67 -49.38
CA SER C 138 25.18 32.55 -48.66
C SER C 138 24.15 33.15 -49.60
N VAL C 139 24.60 33.77 -50.70
CA VAL C 139 23.64 34.44 -51.57
C VAL C 139 22.71 33.43 -52.22
N PHE C 140 23.22 32.24 -52.55
CA PHE C 140 22.38 31.21 -53.16
C PHE C 140 21.31 30.74 -52.20
N TYR C 141 21.71 30.34 -50.99
CA TYR C 141 20.74 29.82 -50.03
C TYR C 141 19.74 30.90 -49.63
N LEU C 142 20.18 32.14 -49.48
CA LEU C 142 19.27 33.20 -49.06
C LEU C 142 18.36 33.65 -50.19
N ALA C 143 18.75 33.46 -51.44
CA ALA C 143 17.86 33.78 -52.54
C ALA C 143 16.84 32.69 -52.82
N THR C 144 17.18 31.43 -52.54
CA THR C 144 16.22 30.36 -52.81
C THR C 144 15.35 29.99 -51.61
N GLY C 145 15.85 30.16 -50.39
CA GLY C 145 15.06 29.79 -49.22
C GLY C 145 13.86 30.69 -49.00
N PHE C 146 13.99 31.97 -49.30
CA PHE C 146 12.84 32.87 -49.15
C PHE C 146 11.76 32.55 -50.16
N HIS C 147 12.15 32.19 -51.38
CA HIS C 147 11.16 31.73 -52.34
C HIS C 147 10.49 30.44 -51.87
N GLY C 148 11.26 29.53 -51.28
CA GLY C 148 10.66 28.34 -50.69
C GLY C 148 9.64 28.67 -49.62
N LEU C 149 9.95 29.66 -48.78
CA LEU C 149 9.00 30.08 -47.75
C LEU C 149 7.73 30.63 -48.37
N HIS C 150 7.86 31.41 -49.45
CA HIS C 150 6.67 31.92 -50.12
C HIS C 150 5.84 30.78 -50.70
N VAL C 151 6.50 29.76 -51.25
CA VAL C 151 5.77 28.60 -51.78
C VAL C 151 5.01 27.90 -50.65
N ILE C 152 5.64 27.75 -49.49
CA ILE C 152 4.97 27.09 -48.37
C ILE C 152 3.77 27.89 -47.90
N GLY C 153 3.90 29.22 -47.84
CA GLY C 153 2.75 30.04 -47.54
C GLY C 153 1.61 29.85 -48.54
N GLY C 154 1.95 29.73 -49.81
CA GLY C 154 0.93 29.48 -50.82
C GLY C 154 0.21 28.15 -50.60
N LEU C 155 0.96 27.11 -50.24
CA LEU C 155 0.32 25.83 -49.93
C LEU C 155 -0.64 25.96 -48.75
N VAL C 156 -0.23 26.66 -47.70
CA VAL C 156 -1.12 26.83 -46.56
C VAL C 156 -2.39 27.58 -46.98
N ALA C 157 -2.24 28.56 -47.87
CA ALA C 157 -3.41 29.27 -48.39
C ALA C 157 -4.35 28.33 -49.14
N PHE C 158 -3.79 27.44 -49.95
CA PHE C 158 -4.61 26.45 -50.64
C PHE C 158 -5.43 25.62 -49.67
N VAL C 159 -4.78 25.12 -48.62
CA VAL C 159 -5.47 24.28 -47.65
C VAL C 159 -6.61 25.05 -47.00
N LEU C 160 -6.34 26.28 -46.57
CA LEU C 160 -7.36 27.08 -45.89
C LEU C 160 -8.54 27.35 -46.81
N LEU C 161 -8.26 27.66 -48.08
CA LEU C 161 -9.35 27.94 -49.02
C LEU C 161 -10.21 26.70 -49.24
N LEU C 162 -9.59 25.53 -49.36
CA LEU C 162 -10.39 24.32 -49.55
C LEU C 162 -11.28 24.05 -48.35
N ALA C 163 -10.75 24.22 -47.13
CA ALA C 163 -11.57 24.00 -45.94
C ALA C 163 -12.75 24.98 -45.91
N ARG C 164 -12.49 26.25 -46.27
CA ARG C 164 -13.57 27.22 -46.25
C ARG C 164 -14.64 26.90 -47.28
N THR C 165 -14.24 26.38 -48.44
CA THR C 165 -15.25 25.93 -49.40
C THR C 165 -16.04 24.75 -48.86
N LYS C 166 -15.40 23.93 -48.02
CA LYS C 166 -16.09 22.78 -47.45
C LYS C 166 -17.15 23.20 -46.44
N MET C 167 -16.89 24.26 -45.67
CA MET C 167 -17.70 24.48 -44.47
C MET C 167 -19.00 25.25 -44.68
N SER C 168 -19.29 25.77 -45.87
CA SER C 168 -20.55 26.48 -46.05
C SER C 168 -20.92 26.51 -47.53
N LYS C 169 -21.90 27.35 -47.87
CA LYS C 169 -22.46 27.40 -49.22
C LYS C 169 -21.59 28.23 -50.15
N PHE C 170 -21.60 27.87 -51.43
CA PHE C 170 -20.77 28.54 -52.42
C PHE C 170 -21.46 29.80 -52.91
N THR C 171 -20.82 30.94 -52.69
CA THR C 171 -21.31 32.26 -53.08
C THR C 171 -20.19 33.00 -53.79
N PRO C 172 -20.49 34.15 -54.40
CA PRO C 172 -19.43 34.89 -55.12
C PRO C 172 -18.19 35.20 -54.29
N ALA C 173 -18.31 35.38 -52.98
CA ALA C 173 -17.14 35.68 -52.16
C ALA C 173 -16.10 34.57 -52.24
N GLN C 174 -16.57 33.32 -52.26
CA GLN C 174 -15.66 32.19 -52.41
C GLN C 174 -14.94 32.23 -53.76
N ALA C 175 -15.67 32.61 -54.82
CA ALA C 175 -15.05 32.74 -56.13
C ALA C 175 -13.96 33.81 -56.11
N THR C 176 -14.21 34.93 -55.45
CA THR C 176 -13.21 35.99 -55.37
C THR C 176 -11.97 35.51 -54.62
N ALA C 177 -12.17 34.81 -53.50
CA ALA C 177 -11.03 34.26 -52.77
C ALA C 177 -10.21 33.33 -53.65
N ALA C 178 -10.90 32.43 -54.38
CA ALA C 178 -10.19 31.51 -55.26
C ALA C 178 -9.38 32.26 -56.30
N ILE C 179 -9.95 33.29 -56.90
CA ILE C 179 -9.26 34.03 -57.95
C ILE C 179 -7.98 34.69 -57.40
N VAL C 180 -8.10 35.35 -56.24
CA VAL C 180 -6.94 36.08 -55.74
C VAL C 180 -5.83 35.12 -55.31
N VAL C 181 -6.19 33.99 -54.69
CA VAL C 181 -5.17 33.00 -54.38
C VAL C 181 -4.51 32.49 -55.64
N SER C 182 -5.30 32.27 -56.69
CA SER C 182 -4.77 31.78 -57.95
C SER C 182 -3.69 32.70 -58.49
N TYR C 183 -3.97 34.00 -58.59
CA TYR C 183 -2.93 34.78 -59.25
C TYR C 183 -1.82 35.20 -58.29
N TYR C 184 -2.00 35.11 -56.97
CA TYR C 184 -0.82 35.14 -56.10
C TYR C 184 0.12 33.99 -56.45
N TRP C 185 -0.45 32.80 -56.63
CA TRP C 185 0.38 31.66 -57.00
C TRP C 185 1.05 31.85 -58.36
N HIS C 186 0.35 32.47 -59.30
CA HIS C 186 0.97 32.79 -60.59
C HIS C 186 2.17 33.73 -60.40
N PHE C 187 2.03 34.71 -59.52
CA PHE C 187 3.16 35.61 -59.24
C PHE C 187 4.36 34.83 -58.73
N VAL C 188 4.15 33.96 -57.73
CA VAL C 188 5.28 33.23 -57.16
C VAL C 188 5.93 32.37 -58.25
N ASP C 189 5.11 31.81 -59.13
CA ASP C 189 5.64 30.98 -60.22
C ASP C 189 6.57 31.77 -61.13
N ILE C 190 6.11 32.94 -61.58
CA ILE C 190 6.94 33.68 -62.54
C ILE C 190 8.19 34.24 -61.87
N VAL C 191 8.11 34.61 -60.59
CA VAL C 191 9.32 35.09 -59.95
C VAL C 191 10.32 33.93 -59.79
N TRP C 192 9.83 32.70 -59.62
CA TRP C 192 10.76 31.58 -59.63
C TRP C 192 11.40 31.40 -60.99
N ILE C 193 10.62 31.59 -62.06
CA ILE C 193 11.20 31.50 -63.40
C ILE C 193 12.37 32.46 -63.52
N ALA C 194 12.19 33.69 -63.04
CA ALA C 194 13.26 34.68 -63.11
C ALA C 194 14.47 34.25 -62.29
N LEU C 195 14.24 33.82 -61.04
CA LEU C 195 15.34 33.36 -60.19
C LEU C 195 16.14 32.24 -60.85
N PHE C 196 15.44 31.27 -61.41
CA PHE C 196 16.09 30.11 -62.01
C PHE C 196 16.91 30.51 -63.22
N ALA C 197 16.32 31.31 -64.10
CA ALA C 197 17.05 31.74 -65.30
C ALA C 197 18.26 32.59 -64.93
N THR C 198 18.22 33.29 -63.80
CA THR C 198 19.38 34.07 -63.40
C THR C 198 20.47 33.21 -62.78
N ILE C 199 20.09 32.25 -61.94
CA ILE C 199 21.08 31.50 -61.18
C ILE C 199 21.73 30.42 -62.04
N TYR C 200 20.92 29.64 -62.76
CA TYR C 200 21.45 28.43 -63.37
C TYR C 200 22.02 28.63 -64.76
N PHE C 201 21.48 29.55 -65.55
CA PHE C 201 21.89 29.70 -66.94
C PHE C 201 22.88 30.83 -67.17
N VAL C 202 22.63 31.99 -66.58
CA VAL C 202 23.56 33.11 -66.75
C VAL C 202 24.85 32.86 -65.98
N ARG C 203 24.73 32.47 -64.72
CA ARG C 203 25.88 32.21 -63.85
C ARG C 203 26.80 33.42 -63.77
N MET D 1 -11.89 52.71 -64.30
CA MET D 1 -11.16 53.85 -63.76
C MET D 1 -10.06 54.32 -64.71
N HIS D 2 -10.15 55.57 -65.15
CA HIS D 2 -9.27 56.08 -66.18
C HIS D 2 -8.11 56.93 -65.67
N ILE D 3 -8.28 57.60 -64.53
CA ILE D 3 -7.24 58.51 -64.07
C ILE D 3 -6.16 57.79 -63.27
N GLU D 4 -6.53 56.75 -62.53
CA GLU D 4 -5.54 55.97 -61.79
C GLU D 4 -4.56 55.30 -62.74
N ALA D 5 -5.07 54.73 -63.82
CA ALA D 5 -4.20 54.11 -64.81
C ALA D 5 -3.23 55.11 -65.40
N ARG D 6 -3.71 56.32 -65.68
CA ARG D 6 -2.84 57.34 -66.26
C ARG D 6 -1.76 57.77 -65.27
N LEU D 7 -2.12 57.88 -63.99
CA LEU D 7 -1.12 58.19 -62.97
C LEU D 7 -0.03 57.13 -62.95
N PHE D 8 -0.42 55.86 -62.92
CA PHE D 8 0.59 54.81 -62.85
C PHE D 8 1.42 54.73 -64.11
N GLU D 9 0.83 55.02 -65.28
CA GLU D 9 1.61 55.06 -66.51
C GLU D 9 2.65 56.17 -66.48
N ILE D 10 2.27 57.35 -65.98
CA ILE D 10 3.26 58.44 -65.86
C ILE D 10 4.41 58.01 -64.97
N LEU D 11 4.09 57.44 -63.81
CA LEU D 11 5.14 57.03 -62.88
C LEU D 11 6.04 55.97 -63.51
N THR D 12 5.46 54.99 -64.21
CA THR D 12 6.26 53.93 -64.81
C THR D 12 7.18 54.49 -65.90
N ALA D 13 6.68 55.44 -66.68
CA ALA D 13 7.52 56.03 -67.73
C ALA D 13 8.74 56.72 -67.11
N PHE D 14 8.49 57.56 -66.09
CA PHE D 14 9.61 58.28 -65.49
C PHE D 14 10.60 57.32 -64.85
N PHE D 15 10.12 56.27 -64.17
CA PHE D 15 11.02 55.36 -63.50
C PHE D 15 11.88 54.59 -64.50
N ALA D 16 11.29 54.15 -65.61
CA ALA D 16 12.06 53.45 -66.62
C ALA D 16 13.13 54.36 -67.22
N LEU D 17 12.77 55.61 -67.50
CA LEU D 17 13.75 56.56 -68.02
C LEU D 17 14.92 56.72 -67.06
N ALA D 18 14.62 56.93 -65.78
CA ALA D 18 15.69 57.14 -64.80
C ALA D 18 16.57 55.90 -64.67
N ALA D 19 15.96 54.71 -64.67
CA ALA D 19 16.74 53.48 -64.55
C ALA D 19 17.71 53.33 -65.71
N VAL D 20 17.23 53.51 -66.94
CA VAL D 20 18.11 53.36 -68.09
C VAL D 20 19.22 54.41 -68.07
N VAL D 21 18.88 55.65 -67.72
CA VAL D 21 19.89 56.71 -67.71
C VAL D 21 20.96 56.41 -66.67
N TYR D 22 20.56 55.99 -65.47
CA TYR D 22 21.54 55.68 -64.44
C TYR D 22 22.43 54.51 -64.86
N ALA D 23 21.84 53.47 -65.44
CA ALA D 23 22.63 52.31 -65.86
C ALA D 23 23.68 52.72 -66.89
N VAL D 24 23.28 53.47 -67.92
CA VAL D 24 24.24 53.80 -68.97
C VAL D 24 25.21 54.90 -68.55
N LEU D 25 24.88 55.69 -67.51
CA LEU D 25 25.81 56.69 -67.05
C LEU D 25 26.81 56.13 -66.04
N THR D 26 26.47 55.04 -65.37
CA THR D 26 27.44 54.37 -64.51
C THR D 26 28.21 53.28 -65.23
N ALA D 27 27.74 52.83 -66.40
CA ALA D 27 28.56 51.92 -67.19
C ALA D 27 29.88 52.58 -67.58
N MET D 28 29.83 53.86 -67.93
CA MET D 28 31.01 54.69 -68.10
C MET D 28 31.12 55.64 -66.91
N PHE D 29 32.19 56.43 -66.89
CA PHE D 29 32.34 57.53 -65.95
C PHE D 29 32.33 57.09 -64.48
N ALA D 30 32.29 55.79 -64.21
CA ALA D 30 32.22 55.29 -62.85
C ALA D 30 33.51 54.56 -62.49
N THR D 31 33.72 54.36 -61.19
CA THR D 31 34.97 53.78 -60.72
C THR D 31 35.09 52.32 -61.13
N GLY D 32 34.07 51.51 -60.81
CA GLY D 32 34.11 50.09 -61.10
C GLY D 32 33.11 49.57 -62.11
N GLY D 33 32.55 50.43 -62.95
CA GLY D 33 31.58 49.97 -63.92
C GLY D 33 30.16 50.15 -63.43
N VAL D 34 29.25 49.28 -63.89
CA VAL D 34 27.86 49.40 -63.49
C VAL D 34 27.73 49.19 -61.99
N GLU D 35 26.85 49.97 -61.37
CA GLU D 35 26.80 50.07 -59.92
C GLU D 35 26.08 48.88 -59.27
N TRP D 36 25.09 48.31 -59.96
CA TRP D 36 24.52 46.99 -59.68
C TRP D 36 23.60 46.93 -58.47
N ALA D 37 23.52 47.98 -57.68
CA ALA D 37 22.63 47.99 -56.51
C ALA D 37 21.52 49.01 -56.62
N GLY D 38 21.76 50.17 -57.22
CA GLY D 38 20.67 51.09 -57.52
C GLY D 38 19.97 50.72 -58.81
N THR D 39 20.70 50.17 -59.77
CA THR D 39 20.11 49.73 -61.03
C THR D 39 18.97 48.75 -60.80
N THR D 40 19.21 47.74 -59.96
CA THR D 40 18.23 46.70 -59.71
C THR D 40 16.96 47.28 -59.06
N ALA D 41 17.14 48.06 -58.00
CA ALA D 41 16.02 48.70 -57.34
C ALA D 41 15.21 49.52 -58.34
N LEU D 42 15.88 50.20 -59.26
CA LEU D 42 15.14 51.05 -60.19
C LEU D 42 14.36 50.24 -61.21
N VAL D 43 14.95 49.17 -61.76
CA VAL D 43 14.17 48.38 -62.73
C VAL D 43 12.98 47.75 -62.03
N LEU D 44 13.15 47.33 -60.78
CA LEU D 44 12.03 46.62 -60.17
C LEU D 44 10.98 47.55 -59.59
N THR D 45 11.31 48.80 -59.26
CA THR D 45 10.24 49.75 -58.97
C THR D 45 9.49 50.11 -60.25
N THR D 46 10.20 50.19 -61.38
CA THR D 46 9.52 50.31 -62.67
C THR D 46 8.55 49.16 -62.88
N GLY D 47 8.98 47.94 -62.58
CA GLY D 47 8.10 46.78 -62.74
C GLY D 47 6.90 46.82 -61.81
N LEU D 48 7.09 47.30 -60.58
CA LEU D 48 5.98 47.49 -59.66
C LEU D 48 4.90 48.39 -60.27
N THR D 49 5.30 49.62 -60.63
CA THR D 49 4.33 50.54 -61.18
C THR D 49 3.73 50.01 -62.48
N LEU D 50 4.51 49.25 -63.25
CA LEU D 50 4.00 48.69 -64.51
C LEU D 50 2.91 47.66 -64.25
N ILE D 51 3.13 46.77 -63.29
CA ILE D 51 2.13 45.77 -62.94
C ILE D 51 0.83 46.46 -62.53
N THR D 52 0.93 47.39 -61.58
CA THR D 52 -0.29 48.06 -61.12
C THR D 52 -1.00 48.80 -62.24
N GLY D 53 -0.25 49.54 -63.05
CA GLY D 53 -0.88 50.31 -64.13
C GLY D 53 -1.53 49.43 -65.16
N THR D 54 -0.91 48.29 -65.48
CA THR D 54 -1.49 47.40 -66.48
C THR D 54 -2.78 46.77 -65.97
N PHE D 55 -2.81 46.39 -64.69
CA PHE D 55 -4.06 45.87 -64.12
C PHE D 55 -5.16 46.91 -64.17
N PHE D 56 -4.86 48.14 -63.75
CA PHE D 56 -5.87 49.19 -63.81
C PHE D 56 -6.33 49.45 -65.22
N ARG D 57 -5.42 49.38 -66.19
CA ARG D 57 -5.79 49.62 -67.59
C ARG D 57 -6.75 48.56 -68.09
N PHE D 58 -6.46 47.28 -67.81
CA PHE D 58 -7.39 46.22 -68.23
C PHE D 58 -8.75 46.39 -67.58
N VAL D 59 -8.78 46.65 -66.27
CA VAL D 59 -10.07 46.81 -65.60
C VAL D 59 -10.83 48.01 -66.16
N ALA D 60 -10.12 49.07 -66.58
CA ALA D 60 -10.81 50.21 -67.15
C ALA D 60 -11.37 49.90 -68.52
N ARG D 61 -10.61 49.19 -69.35
CA ARG D 61 -11.11 48.83 -70.67
C ARG D 61 -12.25 47.83 -70.61
N ARG D 62 -12.39 47.08 -69.52
CA ARG D 62 -13.45 46.08 -69.40
C ARG D 62 -14.64 46.57 -68.60
N LEU D 63 -14.84 47.87 -68.48
CA LEU D 63 -15.82 48.43 -67.56
C LEU D 63 -16.62 49.55 -68.23
N ASP D 64 -17.88 49.67 -67.83
CA ASP D 64 -18.71 50.79 -68.23
C ASP D 64 -18.64 51.88 -67.18
N THR D 65 -19.08 53.09 -67.56
CA THR D 65 -18.93 54.24 -66.67
C THR D 65 -19.57 53.97 -65.32
N ARG D 66 -18.98 54.58 -64.29
CA ARG D 66 -19.27 54.43 -62.87
C ARG D 66 -19.63 55.78 -62.27
N PRO D 67 -20.58 55.83 -61.34
CA PRO D 67 -21.00 57.11 -60.77
C PRO D 67 -19.87 57.91 -60.17
N GLU D 68 -18.82 57.23 -59.70
CA GLU D 68 -17.65 57.94 -59.21
C GLU D 68 -16.85 58.54 -60.36
N ASP D 69 -16.56 57.75 -61.41
CA ASP D 69 -15.82 58.26 -62.54
C ASP D 69 -16.60 59.28 -63.34
N TYR D 70 -17.91 59.32 -63.15
CA TYR D 70 -18.80 60.12 -63.98
C TYR D 70 -19.10 61.43 -63.27
N GLU D 71 -18.91 62.53 -63.98
CA GLU D 71 -19.44 63.81 -63.52
C GLU D 71 -20.93 63.78 -63.75
N ASP D 72 -21.57 64.95 -63.66
CA ASP D 72 -22.91 65.12 -64.18
C ASP D 72 -23.94 64.32 -63.38
N ALA D 73 -23.50 63.59 -62.36
CA ALA D 73 -24.30 62.57 -61.69
C ALA D 73 -24.88 63.08 -60.38
N GLU D 74 -25.85 62.32 -59.86
CA GLU D 74 -26.59 62.68 -58.67
C GLU D 74 -26.55 61.51 -57.69
N ILE D 75 -26.94 61.79 -56.45
CA ILE D 75 -26.83 60.79 -55.39
C ILE D 75 -27.85 59.66 -55.55
N SER D 76 -28.90 59.86 -56.34
CA SER D 76 -29.83 58.77 -56.59
C SER D 76 -29.26 57.70 -57.51
N ASP D 77 -28.09 57.96 -58.10
CA ASP D 77 -27.48 56.97 -58.98
C ASP D 77 -26.83 55.84 -58.20
N GLY D 78 -26.14 56.17 -57.11
CA GLY D 78 -25.48 55.19 -56.28
C GLY D 78 -26.37 54.52 -55.26
N ALA D 79 -27.66 54.81 -55.28
CA ALA D 79 -28.59 54.17 -54.34
C ALA D 79 -28.60 52.67 -54.56
N GLY D 80 -28.21 51.92 -53.53
CA GLY D 80 -28.18 50.49 -53.63
C GLY D 80 -27.69 49.82 -52.36
N GLU D 81 -26.98 48.71 -52.52
CA GLU D 81 -26.49 47.92 -51.40
C GLU D 81 -25.01 47.68 -51.59
N LEU D 82 -24.21 48.17 -50.65
CA LEU D 82 -22.76 48.02 -50.73
C LEU D 82 -22.38 46.61 -50.30
N GLY D 83 -21.08 46.37 -50.16
CA GLY D 83 -20.58 45.06 -49.81
C GLY D 83 -20.80 44.72 -48.35
N PHE D 84 -19.97 43.82 -47.86
CA PHE D 84 -20.01 43.36 -46.47
C PHE D 84 -18.80 43.90 -45.74
N PHE D 85 -19.04 44.74 -44.73
CA PHE D 85 -17.98 45.33 -43.92
C PHE D 85 -18.03 44.72 -42.53
N ALA D 86 -16.95 44.09 -42.12
CA ALA D 86 -16.93 43.31 -40.90
C ALA D 86 -17.14 44.20 -39.68
N PRO D 87 -18.15 43.93 -38.86
CA PRO D 87 -18.22 44.57 -37.54
C PRO D 87 -17.20 43.97 -36.60
N HIS D 88 -17.33 44.26 -35.31
CA HIS D 88 -16.38 43.88 -34.27
C HIS D 88 -15.72 42.52 -34.45
N SER D 89 -14.41 42.46 -34.21
CA SER D 89 -13.65 41.21 -34.21
C SER D 89 -12.42 41.38 -33.33
N TRP D 90 -12.01 40.30 -32.68
CA TRP D 90 -10.89 40.34 -31.74
C TRP D 90 -9.69 39.53 -32.21
N TRP D 91 -9.71 39.00 -33.41
CA TRP D 91 -8.60 38.17 -33.89
C TRP D 91 -7.34 38.96 -34.24
N PRO D 92 -7.43 40.20 -34.76
CA PRO D 92 -6.20 40.95 -35.05
C PRO D 92 -5.22 41.06 -33.90
N ILE D 93 -5.68 41.30 -32.67
CA ILE D 93 -4.75 41.44 -31.57
C ILE D 93 -4.05 40.12 -31.28
N LEU D 94 -4.74 38.99 -31.45
CA LEU D 94 -4.10 37.71 -31.26
C LEU D 94 -3.07 37.41 -32.35
N ILE D 95 -3.39 37.78 -33.59
CA ILE D 95 -2.41 37.64 -34.66
C ILE D 95 -1.15 38.45 -34.35
N SER D 96 -1.33 39.68 -33.88
CA SER D 96 -0.19 40.52 -33.58
C SER D 96 0.63 39.96 -32.43
N LEU D 97 -0.04 39.43 -31.40
CA LEU D 97 0.68 38.81 -30.29
C LEU D 97 1.50 37.61 -30.75
N SER D 98 0.92 36.78 -31.61
CA SER D 98 1.64 35.61 -32.11
C SER D 98 2.85 36.02 -32.94
N PHE D 99 2.68 37.00 -33.83
CA PHE D 99 3.79 37.44 -34.64
C PHE D 99 4.88 38.08 -33.79
N SER D 100 4.50 38.80 -32.73
CA SER D 100 5.50 39.39 -31.85
C SER D 100 6.25 38.32 -31.07
N THR D 101 5.55 37.25 -30.67
CA THR D 101 6.24 36.13 -30.03
C THR D 101 7.27 35.51 -30.96
N ALA D 102 6.90 35.27 -32.21
CA ALA D 102 7.85 34.71 -33.17
C ALA D 102 9.03 35.66 -33.39
N ALA D 103 8.76 36.97 -33.44
CA ALA D 103 9.83 37.92 -33.69
C ALA D 103 10.82 37.99 -32.52
N VAL D 104 10.31 38.01 -31.29
CA VAL D 104 11.21 38.04 -30.14
C VAL D 104 11.93 36.71 -30.00
N GLY D 105 11.32 35.61 -30.44
CA GLY D 105 12.04 34.35 -30.46
C GLY D 105 13.09 34.27 -31.55
N ALA D 106 12.98 35.10 -32.58
CA ALA D 106 14.04 35.17 -33.58
C ALA D 106 15.13 36.14 -33.18
N ALA D 107 14.80 37.18 -32.41
CA ALA D 107 15.82 38.12 -31.93
C ALA D 107 16.83 37.41 -31.03
N LEU D 108 16.37 36.94 -29.88
CA LEU D 108 17.16 36.03 -29.06
C LEU D 108 17.05 34.65 -29.67
N TRP D 109 18.17 34.05 -30.04
CA TRP D 109 18.11 32.84 -30.84
C TRP D 109 17.55 31.68 -30.00
N LEU D 110 16.24 31.49 -30.06
CA LEU D 110 15.54 30.46 -29.30
C LEU D 110 14.62 29.70 -30.25
N PRO D 111 15.02 28.51 -30.70
CA PRO D 111 14.21 27.82 -31.73
C PRO D 111 12.83 27.40 -31.24
N TRP D 112 12.70 27.01 -29.98
CA TRP D 112 11.39 26.59 -29.47
C TRP D 112 10.41 27.75 -29.49
N LEU D 113 10.87 28.96 -29.18
CA LEU D 113 9.99 30.12 -29.24
C LEU D 113 9.57 30.42 -30.67
N ILE D 114 10.47 30.23 -31.62
CA ILE D 114 10.11 30.43 -33.03
C ILE D 114 9.06 29.43 -33.46
N ALA D 115 9.22 28.17 -33.07
CA ALA D 115 8.24 27.15 -33.42
C ALA D 115 6.88 27.46 -32.81
N ALA D 116 6.86 27.85 -31.54
CA ALA D 116 5.60 28.20 -30.89
C ALA D 116 4.95 29.41 -31.57
N GLY D 117 5.76 30.41 -31.93
CA GLY D 117 5.21 31.57 -32.61
C GLY D 117 4.62 31.23 -33.96
N VAL D 118 5.28 30.36 -34.72
CA VAL D 118 4.75 29.98 -36.03
C VAL D 118 3.44 29.21 -35.86
N ALA D 119 3.38 28.29 -34.90
CA ALA D 119 2.15 27.56 -34.65
C ALA D 119 1.02 28.51 -34.27
N PHE D 120 1.31 29.48 -33.40
CA PHE D 120 0.28 30.43 -32.98
C PHE D 120 -0.16 31.32 -34.14
N VAL D 121 0.76 31.69 -35.04
CA VAL D 121 0.38 32.49 -36.19
C VAL D 121 -0.55 31.71 -37.10
N ILE D 122 -0.23 30.44 -37.35
CA ILE D 122 -1.12 29.61 -38.18
C ILE D 122 -2.49 29.51 -37.54
N THR D 123 -2.54 29.29 -36.23
CA THR D 123 -3.83 29.16 -35.55
C THR D 123 -4.64 30.44 -35.62
N SER D 124 -4.01 31.59 -35.35
CA SER D 124 -4.74 32.86 -35.34
C SER D 124 -5.20 33.24 -36.75
N VAL D 125 -4.38 32.99 -37.76
CA VAL D 125 -4.80 33.31 -39.12
C VAL D 125 -5.95 32.42 -39.55
N CYS D 126 -5.90 31.14 -39.18
CA CYS D 126 -7.04 30.26 -39.45
C CYS D 126 -8.30 30.77 -38.78
N GLY D 127 -8.19 31.23 -37.53
CA GLY D 127 -9.34 31.79 -36.86
C GLY D 127 -9.89 33.02 -37.55
N LEU D 128 -9.00 33.87 -38.05
CA LEU D 128 -9.46 35.08 -38.73
C LEU D 128 -10.15 34.77 -40.05
N VAL D 129 -9.63 33.78 -40.79
CA VAL D 129 -10.18 33.50 -42.11
C VAL D 129 -11.55 32.82 -42.02
N PHE D 130 -11.75 31.98 -41.02
CA PHE D 130 -12.97 31.19 -40.89
C PHE D 130 -14.05 31.88 -40.06
N GLU D 131 -13.84 33.13 -39.65
CA GLU D 131 -14.68 33.69 -38.60
C GLU D 131 -16.14 33.80 -39.03
N TYR D 132 -16.39 34.22 -40.27
CA TYR D 132 -17.75 34.41 -40.75
C TYR D 132 -18.20 33.28 -41.68
N TYR D 133 -17.66 32.08 -41.50
CA TYR D 133 -18.04 30.94 -42.31
C TYR D 133 -18.36 29.69 -41.51
N TRP D 134 -17.97 29.62 -40.23
CA TRP D 134 -18.39 28.50 -39.40
C TRP D 134 -19.91 28.45 -39.31
N GLY D 135 -20.46 27.25 -39.47
CA GLY D 135 -21.89 27.07 -39.37
C GLY D 135 -22.33 26.84 -37.94
N PRO D 136 -23.64 26.65 -37.74
CA PRO D 136 -24.12 26.31 -36.40
C PRO D 136 -23.65 24.94 -35.97
N GLU D 137 -23.61 24.75 -34.65
CA GLU D 137 -23.07 23.51 -34.09
C GLU D 137 -24.04 22.36 -34.33
N LYS D 138 -23.47 21.17 -34.53
CA LYS D 138 -24.26 20.03 -34.98
C LYS D 138 -24.97 19.31 -33.83
N HIS D 139 -24.51 19.49 -32.60
CA HIS D 139 -25.01 18.70 -31.47
C HIS D 139 -24.92 17.21 -31.76
N MET E 1 32.32 76.75 -17.50
CA MET E 1 32.15 78.16 -17.16
C MET E 1 31.33 78.34 -15.89
N SER E 2 32.00 78.35 -14.75
CA SER E 2 31.37 78.62 -13.45
C SER E 2 30.13 77.76 -13.25
N THR E 3 30.38 76.47 -12.98
CA THR E 3 29.34 75.45 -12.96
C THR E 3 28.06 75.89 -12.25
N ALA E 4 28.20 76.69 -11.20
CA ALA E 4 27.04 77.15 -10.45
C ALA E 4 26.11 77.98 -11.33
N LEU E 5 26.68 78.89 -12.13
CA LEU E 5 25.83 79.76 -12.92
C LEU E 5 25.26 79.04 -14.14
N THR E 6 25.98 78.05 -14.66
CA THR E 6 25.42 77.20 -15.72
C THR E 6 24.17 76.49 -15.21
N HIS E 7 24.28 75.79 -14.07
CA HIS E 7 23.09 75.15 -13.50
C HIS E 7 22.01 76.17 -13.19
N GLY E 8 22.41 77.36 -12.71
CA GLY E 8 21.44 78.37 -12.36
C GLY E 8 20.62 78.83 -13.53
N LEU E 9 21.28 79.16 -14.65
CA LEU E 9 20.56 79.55 -15.85
C LEU E 9 19.67 78.42 -16.34
N ILE E 10 20.25 77.22 -16.47
CA ILE E 10 19.49 76.07 -16.98
C ILE E 10 18.25 75.81 -16.15
N GLY E 11 18.31 76.08 -14.85
CA GLY E 11 17.15 75.85 -14.00
C GLY E 11 16.21 77.03 -13.86
N GLY E 12 16.68 78.23 -14.16
CA GLY E 12 15.89 79.41 -13.89
C GLY E 12 15.26 80.10 -15.08
N VAL E 13 15.94 80.11 -16.23
CA VAL E 13 15.39 80.80 -17.40
C VAL E 13 14.06 80.21 -17.86
N PRO E 14 13.91 78.88 -18.02
CA PRO E 14 12.62 78.38 -18.52
C PRO E 14 11.45 78.71 -17.62
N LEU E 15 11.62 78.60 -16.31
CA LEU E 15 10.48 78.82 -15.41
C LEU E 15 10.12 80.30 -15.35
N VAL E 16 11.12 81.17 -15.39
CA VAL E 16 10.84 82.60 -15.44
C VAL E 16 10.06 82.96 -16.70
N LEU E 17 10.53 82.45 -17.85
CA LEU E 17 9.84 82.73 -19.10
C LEU E 17 8.41 82.21 -19.07
N PHE E 18 8.22 81.01 -18.51
CA PHE E 18 6.87 80.48 -18.31
C PHE E 18 6.02 81.45 -17.49
N ALA E 19 6.62 82.02 -16.45
CA ALA E 19 5.85 82.93 -15.59
C ALA E 19 5.39 84.16 -16.37
N VAL E 20 6.30 84.80 -17.11
CA VAL E 20 5.89 86.02 -17.82
C VAL E 20 4.85 85.69 -18.89
N LEU E 21 5.05 84.59 -19.62
CA LEU E 21 4.09 84.27 -20.67
C LEU E 21 2.73 83.91 -20.08
N ALA E 22 2.71 83.24 -18.94
CA ALA E 22 1.44 82.89 -18.31
C ALA E 22 0.72 84.14 -17.81
N LEU E 23 1.46 85.07 -17.18
CA LEU E 23 0.81 86.30 -16.74
C LEU E 23 0.36 87.15 -17.91
N ILE E 24 0.98 87.00 -19.07
CA ILE E 24 0.55 87.76 -20.24
C ILE E 24 -0.73 87.16 -20.82
N PHE E 25 -0.78 85.84 -20.98
CA PHE E 25 -1.85 85.21 -21.72
C PHE E 25 -2.98 84.66 -20.86
N LEU E 26 -2.68 84.14 -19.67
CA LEU E 26 -3.71 83.47 -18.88
C LEU E 26 -4.54 84.43 -18.03
N THR E 27 -4.34 85.73 -18.16
CA THR E 27 -5.11 86.71 -17.40
C THR E 27 -6.10 87.47 -18.25
N ARG E 28 -6.34 87.03 -19.49
CA ARG E 28 -7.27 87.70 -20.37
C ARG E 28 -8.69 87.20 -20.12
N LYS E 29 -9.61 87.63 -20.99
CA LYS E 29 -11.01 87.25 -20.92
C LYS E 29 -11.32 86.15 -21.92
N GLY E 30 -11.97 85.09 -21.44
CA GLY E 30 -12.42 84.02 -22.31
C GLY E 30 -13.71 84.37 -23.02
N PRO E 31 -14.08 83.54 -23.98
CA PRO E 31 -15.31 83.78 -24.74
C PRO E 31 -16.59 83.44 -23.98
N HIS E 32 -16.48 82.94 -22.76
CA HIS E 32 -17.67 82.58 -22.01
C HIS E 32 -18.44 83.83 -21.62
N PRO E 33 -19.77 83.82 -21.72
CA PRO E 33 -20.56 84.98 -21.30
C PRO E 33 -20.50 85.14 -19.79
N ASP E 34 -20.44 86.40 -19.36
CA ASP E 34 -20.21 86.65 -17.95
C ASP E 34 -21.53 86.44 -17.19
N THR E 35 -21.41 86.07 -15.92
CA THR E 35 -22.54 85.51 -15.20
C THR E 35 -23.71 86.48 -15.15
N TYR E 36 -24.93 85.93 -15.13
CA TYR E 36 -26.13 86.74 -14.99
C TYR E 36 -26.42 87.01 -13.52
N LYS E 37 -26.65 88.28 -13.21
CA LYS E 37 -26.89 88.74 -11.84
C LYS E 37 -28.32 89.26 -11.73
N MET E 38 -29.07 88.67 -10.78
CA MET E 38 -30.53 88.79 -10.81
C MET E 38 -31.04 90.19 -10.52
N SER E 39 -30.19 91.11 -10.07
CA SER E 39 -30.64 92.47 -9.85
C SER E 39 -31.17 93.10 -11.14
N ASP E 40 -30.61 92.70 -12.27
CA ASP E 40 -30.95 93.29 -13.56
C ASP E 40 -31.91 92.39 -14.33
N PRO E 41 -32.60 92.92 -15.35
CA PRO E 41 -33.60 92.13 -16.06
C PRO E 41 -33.00 90.92 -16.76
N TRP E 42 -33.89 90.08 -17.27
CA TRP E 42 -33.53 88.84 -17.95
C TRP E 42 -33.85 89.01 -19.44
N THR E 43 -32.81 89.03 -20.26
CA THR E 43 -32.97 89.23 -21.70
C THR E 43 -32.67 87.99 -22.52
N HIS E 44 -32.02 86.98 -21.95
CA HIS E 44 -31.71 85.77 -22.71
C HIS E 44 -32.99 85.05 -23.13
N ALA E 45 -32.87 84.25 -24.18
CA ALA E 45 -33.99 83.47 -24.67
C ALA E 45 -34.47 82.50 -23.60
N PRO E 46 -35.71 82.03 -23.70
CA PRO E 46 -36.21 81.06 -22.71
C PRO E 46 -35.38 79.79 -22.68
N ILE E 47 -35.31 79.17 -21.51
CA ILE E 47 -34.45 78.02 -21.26
C ILE E 47 -35.32 76.88 -20.74
N LEU E 48 -35.18 75.71 -21.34
CA LEU E 48 -35.87 74.51 -20.88
C LEU E 48 -34.87 73.37 -20.82
N TRP E 49 -34.68 72.82 -19.63
CA TRP E 49 -33.69 71.77 -19.39
C TRP E 49 -34.41 70.53 -18.87
N ALA E 50 -34.24 69.41 -19.55
CA ALA E 50 -34.83 68.16 -19.11
C ALA E 50 -33.80 67.32 -18.38
N ALA E 51 -34.20 66.11 -17.97
CA ALA E 51 -33.33 65.23 -17.21
C ALA E 51 -32.72 64.12 -18.04
N GLU E 52 -33.43 63.60 -19.03
CA GLU E 52 -32.99 62.58 -19.99
C GLU E 52 -32.83 61.20 -19.38
N GLU E 53 -33.09 61.03 -18.09
CA GLU E 53 -32.61 59.82 -17.42
C GLU E 53 -33.40 58.58 -17.81
N PRO E 54 -34.73 58.50 -17.58
CA PRO E 54 -35.44 57.25 -17.92
C PRO E 54 -35.64 57.16 -19.43
N ARG E 55 -35.01 56.16 -20.06
CA ARG E 55 -35.25 56.01 -21.48
C ARG E 55 -36.66 55.47 -21.71
N GLU E 56 -36.94 55.12 -22.96
CA GLU E 56 -38.31 54.89 -23.38
C GLU E 56 -38.54 53.48 -23.91
N VAL E 69 -50.90 65.09 -20.97
CA VAL E 69 -51.05 66.52 -20.76
C VAL E 69 -52.07 66.79 -19.66
N VAL E 70 -52.45 65.73 -18.95
CA VAL E 70 -53.35 65.87 -17.81
C VAL E 70 -52.51 66.19 -16.58
N ILE E 71 -52.81 67.31 -15.94
CA ILE E 71 -52.02 67.79 -14.81
C ILE E 71 -52.51 67.14 -13.53
N GLY E 72 -51.58 66.87 -12.62
CA GLY E 72 -51.91 66.20 -11.37
C GLY E 72 -51.90 67.11 -10.16
N GLY E 73 -51.15 68.21 -10.25
CA GLY E 73 -51.06 69.09 -9.11
C GLY E 73 -50.35 70.38 -9.45
N GLY E 74 -49.98 71.11 -8.41
CA GLY E 74 -49.29 72.36 -8.61
C GLY E 74 -48.98 73.02 -7.28
N ALA E 75 -48.20 74.08 -7.36
CA ALA E 75 -47.86 74.90 -6.21
C ALA E 75 -47.38 76.25 -6.73
N SER E 76 -47.17 77.18 -5.82
CA SER E 76 -46.78 78.52 -6.21
C SER E 76 -46.09 79.22 -5.05
N GLY E 77 -45.64 80.43 -5.33
CA GLY E 77 -44.89 81.26 -4.40
C GLY E 77 -44.26 82.38 -5.20
N LYS E 78 -44.09 83.56 -4.63
CA LYS E 78 -43.59 84.72 -5.36
C LYS E 78 -42.45 85.37 -4.57
N TRP E 79 -41.53 84.55 -4.10
CA TRP E 79 -40.37 85.02 -3.33
C TRP E 79 -40.83 85.67 -2.03
N GLU F 13 -38.78 77.49 -46.05
CA GLU F 13 -39.31 78.82 -46.34
C GLU F 13 -39.16 79.77 -45.16
N LEU F 14 -38.31 79.34 -44.24
CA LEU F 14 -37.94 80.03 -43.02
C LEU F 14 -36.72 80.90 -43.32
N ASP F 15 -36.19 81.57 -42.30
CA ASP F 15 -35.10 82.51 -42.55
C ASP F 15 -33.74 81.83 -42.58
N LEU F 16 -33.49 80.87 -41.68
CA LEU F 16 -32.20 80.18 -41.59
C LEU F 16 -31.06 81.18 -41.45
N PRO F 17 -30.83 81.69 -40.23
CA PRO F 17 -30.04 82.92 -40.06
C PRO F 17 -28.57 82.81 -40.43
N TYR F 18 -28.27 82.91 -41.72
CA TYR F 18 -26.92 83.13 -42.23
C TYR F 18 -25.95 82.03 -41.80
N GLY F 19 -26.17 80.85 -42.37
CA GLY F 19 -25.26 79.74 -42.17
C GLY F 19 -26.00 78.44 -42.07
N SER F 20 -27.23 78.51 -41.57
CA SER F 20 -28.07 77.32 -41.53
C SER F 20 -28.59 77.00 -42.93
N ALA F 21 -28.78 75.71 -43.18
CA ALA F 21 -29.31 75.25 -44.45
C ALA F 21 -30.01 73.92 -44.22
N LEU F 22 -31.19 73.77 -44.79
CA LEU F 22 -31.98 72.55 -44.64
C LEU F 22 -31.46 71.50 -45.60
N THR F 23 -31.12 70.33 -45.08
CA THR F 23 -30.48 69.27 -45.85
C THR F 23 -31.53 68.44 -46.57
N SER F 24 -31.08 67.34 -47.18
CA SER F 24 -32.01 66.42 -47.84
C SER F 24 -32.94 65.75 -46.83
N SER F 25 -32.53 65.64 -45.58
CA SER F 25 -33.40 65.22 -44.50
C SER F 25 -34.01 66.46 -43.86
N GLY F 26 -34.65 66.30 -42.71
CA GLY F 26 -35.14 67.46 -42.00
C GLY F 26 -34.12 68.19 -41.16
N ARG F 27 -32.86 67.76 -41.22
CA ARG F 27 -31.85 68.29 -40.31
C ARG F 27 -31.37 69.66 -40.78
N ILE F 28 -31.06 70.52 -39.81
CA ILE F 28 -30.51 71.84 -40.05
C ILE F 28 -28.99 71.77 -39.84
N SER F 29 -28.24 72.43 -40.71
CA SER F 29 -26.78 72.44 -40.68
C SER F 29 -26.29 73.86 -40.41
N ALA F 30 -26.07 74.18 -39.15
CA ALA F 30 -25.66 75.52 -38.76
C ALA F 30 -24.13 75.61 -38.67
N VAL F 31 -23.64 76.85 -38.61
CA VAL F 31 -22.22 77.16 -38.54
C VAL F 31 -22.02 78.25 -37.48
N THR F 32 -20.76 78.50 -37.16
CA THR F 32 -20.39 79.54 -36.20
C THR F 32 -19.09 80.17 -36.66
N GLU F 33 -18.95 81.47 -36.43
CA GLU F 33 -17.72 82.15 -36.80
C GLU F 33 -16.59 81.68 -35.88
N PRO F 34 -15.34 81.74 -36.34
CA PRO F 34 -14.24 81.14 -35.56
C PRO F 34 -14.15 81.55 -34.10
N GLY F 35 -14.64 82.74 -33.74
CA GLY F 35 -14.41 83.24 -32.40
C GLY F 35 -15.60 83.34 -31.47
N GLU F 36 -16.62 82.51 -31.64
CA GLU F 36 -17.73 82.51 -30.70
C GLU F 36 -18.07 81.10 -30.26
N LEU F 37 -19.10 81.01 -29.43
CA LEU F 37 -19.60 79.74 -28.90
C LEU F 37 -20.96 79.43 -29.49
N SER F 38 -21.59 78.36 -29.01
CA SER F 38 -22.90 77.96 -29.50
C SER F 38 -23.84 77.59 -28.36
N VAL F 39 -23.64 78.16 -27.17
CA VAL F 39 -24.53 77.91 -26.04
C VAL F 39 -25.09 79.20 -25.46
N HIS F 40 -24.21 80.13 -25.07
CA HIS F 40 -24.61 81.42 -24.51
C HIS F 40 -25.54 81.24 -23.31
N TYR F 41 -25.03 80.57 -22.28
CA TYR F 41 -25.73 80.46 -21.01
C TYR F 41 -25.06 81.38 -20.00
N PRO F 42 -25.75 82.33 -19.42
CA PRO F 42 -25.11 83.30 -18.51
C PRO F 42 -24.85 82.77 -17.11
N PHE F 43 -24.26 81.57 -17.04
CA PHE F 43 -23.92 80.94 -15.80
C PHE F 43 -22.54 80.30 -15.93
N PRO F 44 -21.84 80.09 -14.82
CA PRO F 44 -20.54 79.40 -14.90
C PRO F 44 -20.72 77.92 -15.20
N THR F 45 -19.67 77.32 -15.75
CA THR F 45 -19.72 75.91 -16.13
C THR F 45 -19.81 75.01 -14.90
N MET F 46 -19.10 75.37 -13.83
CA MET F 46 -19.05 74.51 -12.66
C MET F 46 -20.33 74.54 -11.84
N ASP F 47 -21.28 75.42 -12.17
CA ASP F 47 -22.64 75.30 -11.62
C ASP F 47 -23.58 74.57 -12.55
N LEU F 48 -23.42 74.72 -13.86
CA LEU F 48 -24.18 73.90 -14.80
C LEU F 48 -23.93 72.43 -14.53
N VAL F 49 -22.67 72.05 -14.27
CA VAL F 49 -22.40 70.64 -14.00
C VAL F 49 -23.15 70.17 -12.76
N VAL F 50 -23.16 71.00 -11.69
CA VAL F 50 -23.80 70.60 -10.44
C VAL F 50 -25.31 70.49 -10.63
N LEU F 51 -25.92 71.46 -11.31
CA LEU F 51 -27.34 71.36 -11.61
C LEU F 51 -27.63 70.10 -12.42
N ASP F 52 -26.69 69.70 -13.28
CA ASP F 52 -26.92 68.55 -14.13
C ASP F 52 -26.89 67.25 -13.33
N ASP F 53 -25.89 67.07 -12.46
CA ASP F 53 -25.91 65.79 -11.74
C ASP F 53 -27.02 65.78 -10.72
N ALA F 54 -27.43 66.93 -10.19
CA ALA F 54 -28.63 66.98 -9.38
C ALA F 54 -29.83 66.48 -10.18
N LEU F 55 -30.06 67.08 -11.35
CA LEU F 55 -31.21 66.75 -12.18
C LEU F 55 -31.19 65.30 -12.65
N LYS F 56 -30.02 64.68 -12.75
CA LYS F 56 -29.93 63.30 -13.20
C LYS F 56 -30.08 62.31 -12.06
N TYR F 57 -29.29 62.47 -10.99
CA TYR F 57 -29.31 61.50 -9.91
C TYR F 57 -30.58 61.62 -9.08
N GLY F 58 -31.17 62.81 -8.97
CA GLY F 58 -32.48 62.88 -8.34
C GLY F 58 -33.60 62.28 -9.16
N SER F 59 -33.46 62.29 -10.48
CA SER F 59 -34.42 61.63 -11.35
C SER F 59 -34.23 60.12 -11.39
N ARG F 60 -33.02 59.63 -11.12
CA ARG F 60 -32.84 58.18 -10.98
C ARG F 60 -33.58 57.66 -9.75
N ALA F 61 -33.41 58.30 -8.62
CA ALA F 61 -33.96 57.83 -7.35
C ALA F 61 -35.46 58.07 -7.22
N ALA F 62 -36.10 58.65 -8.22
CA ALA F 62 -37.53 58.93 -8.14
C ALA F 62 -38.33 58.42 -9.32
N LYS F 63 -37.68 57.98 -10.40
CA LYS F 63 -38.36 57.46 -11.58
C LYS F 63 -39.34 58.47 -12.15
N ALA F 64 -38.85 59.70 -12.33
CA ALA F 64 -39.68 60.78 -12.85
C ALA F 64 -38.77 61.88 -13.38
N ARG F 65 -38.99 62.28 -14.63
CA ARG F 65 -38.20 63.36 -15.21
C ARG F 65 -38.40 64.64 -14.42
N PHE F 66 -37.31 65.32 -14.12
CA PHE F 66 -37.34 66.64 -13.52
C PHE F 66 -36.90 67.66 -14.55
N ALA F 67 -37.67 68.74 -14.68
CA ALA F 67 -37.35 69.78 -15.64
C ALA F 67 -37.24 71.12 -14.92
N VAL F 68 -36.65 72.08 -15.61
CA VAL F 68 -36.45 73.43 -15.07
C VAL F 68 -36.67 74.42 -16.19
N TYR F 69 -37.47 75.46 -15.92
CA TYR F 69 -37.75 76.50 -16.90
C TYR F 69 -37.44 77.86 -16.27
N ILE F 70 -36.92 78.78 -17.09
CA ILE F 70 -36.48 80.07 -16.58
C ILE F 70 -37.08 81.26 -17.33
N GLY F 71 -37.66 81.07 -18.51
CA GLY F 71 -38.23 82.18 -19.26
C GLY F 71 -39.40 82.84 -18.57
N PRO F 72 -40.07 83.75 -19.27
CA PRO F 72 -41.17 84.52 -18.67
C PRO F 72 -42.50 83.77 -18.71
N LEU F 73 -43.40 84.19 -17.83
CA LEU F 73 -44.73 83.64 -17.69
C LEU F 73 -45.78 84.75 -17.75
N GLY F 74 -45.69 85.59 -18.79
CA GLY F 74 -46.51 86.78 -18.86
C GLY F 74 -47.98 86.54 -19.14
N ALA F 75 -48.62 85.75 -18.29
CA ALA F 75 -50.05 85.43 -18.37
C ALA F 75 -50.46 84.87 -17.03
N ASP F 76 -51.63 84.24 -16.97
CA ASP F 76 -51.95 83.39 -15.83
C ASP F 76 -50.82 82.37 -15.68
N THR F 77 -50.05 82.51 -14.59
CA THR F 77 -48.79 81.80 -14.48
C THR F 77 -48.97 80.28 -14.48
N ALA F 78 -49.96 79.78 -13.75
CA ALA F 78 -50.18 78.34 -13.71
C ALA F 78 -50.65 77.81 -15.06
N ALA F 79 -51.54 78.56 -15.73
CA ALA F 79 -51.92 78.19 -17.09
C ALA F 79 -50.68 78.02 -17.97
N THR F 80 -49.85 79.05 -18.04
CA THR F 80 -48.68 78.99 -18.91
C THR F 80 -47.73 77.87 -18.50
N ALA F 81 -47.59 77.61 -17.21
CA ALA F 81 -46.71 76.53 -16.76
C ALA F 81 -47.21 75.17 -17.26
N ARG F 82 -48.51 74.91 -17.13
CA ARG F 82 -49.04 73.66 -17.66
C ARG F 82 -49.12 73.67 -19.19
N GLU F 83 -49.05 74.84 -19.83
CA GLU F 83 -48.86 74.89 -21.27
C GLU F 83 -47.47 74.41 -21.62
N ILE F 84 -46.47 74.83 -20.84
CA ILE F 84 -45.06 74.49 -21.11
C ILE F 84 -44.79 73.02 -20.84
N LEU F 85 -45.41 72.47 -19.79
CA LEU F 85 -45.13 71.08 -19.40
C LEU F 85 -45.37 70.09 -20.53
N ALA F 86 -46.11 70.46 -21.57
CA ALA F 86 -46.35 69.57 -22.70
C ALA F 86 -45.15 69.46 -23.64
N ASN F 87 -43.99 69.96 -23.23
CA ASN F 87 -42.77 69.89 -24.05
C ASN F 87 -41.76 68.88 -23.52
N VAL F 88 -41.91 68.41 -22.29
CA VAL F 88 -41.10 67.32 -21.75
C VAL F 88 -41.43 66.08 -22.58
N PRO F 89 -40.47 65.17 -22.82
CA PRO F 89 -40.79 64.01 -23.67
C PRO F 89 -41.96 63.17 -23.18
N THR F 90 -42.00 62.80 -21.90
CA THR F 90 -43.13 62.10 -21.31
C THR F 90 -43.75 63.00 -20.23
N PRO F 91 -44.58 63.96 -20.62
CA PRO F 91 -45.05 64.96 -19.66
C PRO F 91 -45.89 64.39 -18.55
N GLU F 92 -46.63 63.32 -18.85
CA GLU F 92 -47.53 62.71 -17.88
C GLU F 92 -46.77 62.15 -16.68
N ASN F 93 -45.55 61.68 -16.88
CA ASN F 93 -44.68 61.26 -15.79
C ASN F 93 -43.47 62.19 -15.79
N ALA F 94 -43.62 63.33 -15.13
CA ALA F 94 -42.61 64.38 -15.15
C ALA F 94 -42.97 65.40 -14.09
N VAL F 95 -41.96 66.15 -13.66
CA VAL F 95 -42.14 67.23 -12.70
C VAL F 95 -41.39 68.44 -13.22
N LEU F 96 -42.09 69.55 -13.38
CA LEU F 96 -41.50 70.77 -13.93
C LEU F 96 -41.44 71.84 -12.85
N LEU F 97 -40.41 72.67 -12.92
CA LEU F 97 -40.25 73.81 -12.03
C LEU F 97 -40.00 75.04 -12.88
N ALA F 98 -40.96 75.97 -12.87
CA ALA F 98 -40.88 77.18 -13.67
C ALA F 98 -40.52 78.36 -12.78
N VAL F 99 -39.73 79.29 -13.32
CA VAL F 99 -39.29 80.47 -12.60
C VAL F 99 -39.24 81.63 -13.58
N SER F 100 -39.78 82.77 -13.18
CA SER F 100 -39.73 83.99 -14.00
C SER F 100 -39.07 85.09 -13.19
N PRO F 101 -37.77 85.37 -13.41
CA PRO F 101 -37.06 86.31 -12.53
C PRO F 101 -37.56 87.74 -12.61
N ASP F 102 -38.28 88.11 -13.67
CA ASP F 102 -38.86 89.45 -13.72
C ASP F 102 -40.13 89.53 -12.89
N GLN F 103 -41.08 88.63 -13.14
CA GLN F 103 -42.30 88.57 -12.35
C GLN F 103 -42.08 87.94 -10.98
N ARG F 104 -40.90 87.41 -10.72
CA ARG F 104 -40.51 86.88 -9.42
C ARG F 104 -41.47 85.79 -8.95
N ALA F 105 -41.90 84.96 -9.88
CA ALA F 105 -42.94 83.97 -9.63
C ALA F 105 -42.38 82.56 -9.75
N ILE F 106 -42.78 81.69 -8.84
CA ILE F 106 -42.41 80.29 -8.85
C ILE F 106 -43.64 79.46 -9.16
N GLU F 107 -43.47 78.43 -9.99
CA GLU F 107 -44.56 77.54 -10.35
C GLU F 107 -44.03 76.13 -10.49
N VAL F 108 -44.71 75.19 -9.83
CA VAL F 108 -44.37 73.77 -9.91
C VAL F 108 -45.58 73.03 -10.47
N VAL F 109 -45.35 72.22 -11.50
CA VAL F 109 -46.42 71.48 -12.16
C VAL F 109 -46.08 70.00 -12.09
N TYR F 110 -47.12 69.17 -12.04
CA TYR F 110 -46.98 67.73 -11.98
C TYR F 110 -47.49 67.08 -13.25
N GLY F 111 -47.48 65.76 -13.25
CA GLY F 111 -48.15 64.98 -14.26
C GLY F 111 -49.18 64.07 -13.60
N ALA F 112 -50.15 63.63 -14.39
CA ALA F 112 -51.18 62.73 -13.86
C ALA F 112 -50.57 61.41 -13.42
N ASP F 113 -49.52 60.95 -14.10
CA ASP F 113 -48.97 59.64 -13.81
C ASP F 113 -48.13 59.67 -12.54
N VAL F 114 -47.51 60.81 -12.23
CA VAL F 114 -46.76 60.96 -11.00
C VAL F 114 -47.63 61.63 -9.94
N LYS F 115 -48.33 60.80 -9.15
CA LYS F 115 -49.18 61.30 -8.08
C LYS F 115 -49.57 60.14 -7.19
N GLY F 116 -49.68 60.44 -5.89
CA GLY F 116 -49.84 59.39 -4.90
C GLY F 116 -48.49 58.89 -4.43
N ARG F 117 -47.44 59.60 -4.84
CA ARG F 117 -46.07 59.22 -4.51
C ARG F 117 -45.40 60.22 -3.58
N GLY F 118 -46.17 61.07 -2.92
CA GLY F 118 -45.61 62.01 -1.96
C GLY F 118 -45.14 63.29 -2.61
N ILE F 119 -45.96 63.85 -3.49
CA ILE F 119 -45.56 64.98 -4.31
C ILE F 119 -46.03 66.30 -3.74
N GLU F 120 -47.32 66.42 -3.41
CA GLU F 120 -47.80 67.70 -2.89
C GLU F 120 -47.34 67.96 -1.47
N SER F 121 -46.90 66.94 -0.75
CA SER F 121 -46.22 67.17 0.52
C SER F 121 -44.80 67.68 0.31
N ALA F 122 -44.32 67.75 -0.93
CA ALA F 122 -42.96 68.17 -1.23
C ALA F 122 -42.89 69.39 -2.12
N ALA F 123 -43.92 69.68 -2.92
CA ALA F 123 -43.90 70.86 -3.78
C ALA F 123 -43.80 72.17 -2.99
N PRO F 124 -44.59 72.42 -1.95
CA PRO F 124 -44.40 73.67 -1.20
C PRO F 124 -43.05 73.76 -0.52
N LEU F 125 -42.49 72.64 -0.08
CA LEU F 125 -41.14 72.64 0.48
C LEU F 125 -40.14 73.12 -0.55
N GLY F 126 -40.21 72.57 -1.76
CA GLY F 126 -39.31 73.01 -2.81
C GLY F 126 -39.49 74.47 -3.16
N VAL F 127 -40.73 74.92 -3.23
CA VAL F 127 -41.00 76.32 -3.56
C VAL F 127 -40.42 77.24 -2.49
N SER F 128 -40.61 76.87 -1.22
CA SER F 128 -40.09 77.70 -0.13
C SER F 128 -38.56 77.73 -0.14
N ALA F 129 -37.92 76.58 -0.40
CA ALA F 129 -36.46 76.57 -0.45
C ALA F 129 -35.95 77.40 -1.62
N ALA F 130 -36.58 77.27 -2.79
CA ALA F 130 -36.18 78.05 -3.95
C ALA F 130 -36.34 79.55 -3.68
N ALA F 131 -37.44 79.95 -3.05
CA ALA F 131 -37.64 81.36 -2.73
C ALA F 131 -36.61 81.85 -1.72
N ALA F 132 -36.38 81.06 -0.67
CA ALA F 132 -35.44 81.48 0.37
C ALA F 132 -34.02 81.59 -0.18
N SER F 133 -33.68 80.79 -1.18
CA SER F 133 -32.38 80.92 -1.82
C SER F 133 -32.34 82.02 -2.87
N PHE F 134 -33.48 82.34 -3.48
CA PHE F 134 -33.51 83.41 -4.49
C PHE F 134 -33.47 84.79 -3.86
N LYS F 135 -33.91 84.92 -2.61
CA LYS F 135 -34.05 86.23 -1.99
C LYS F 135 -32.70 86.93 -1.81
N GLU F 136 -31.60 86.21 -2.03
CA GLU F 136 -30.27 86.80 -2.02
C GLU F 136 -29.68 86.98 -3.40
N GLY F 137 -30.23 86.32 -4.42
CA GLY F 137 -29.70 86.49 -5.76
C GLY F 137 -28.87 85.31 -6.21
N ASN F 138 -29.33 84.10 -5.91
CA ASN F 138 -28.69 82.87 -6.35
C ASN F 138 -29.72 82.08 -7.15
N LEU F 139 -29.64 82.18 -8.47
CA LEU F 139 -30.61 81.51 -9.33
C LEU F 139 -30.32 80.02 -9.44
N ILE F 140 -29.18 79.66 -10.02
CA ILE F 140 -28.79 78.26 -10.17
C ILE F 140 -28.76 77.57 -8.82
N ASP F 141 -28.35 78.30 -7.78
CA ASP F 141 -28.18 77.71 -6.46
C ASP F 141 -29.53 77.31 -5.87
N GLY F 142 -30.51 78.21 -5.99
CA GLY F 142 -31.85 77.87 -5.53
C GLY F 142 -32.51 76.80 -6.36
N LEU F 143 -32.28 76.82 -7.68
CA LEU F 143 -32.77 75.73 -8.52
C LEU F 143 -32.22 74.39 -8.04
N ILE F 144 -30.93 74.34 -7.73
CA ILE F 144 -30.32 73.11 -7.23
C ILE F 144 -30.99 72.67 -5.94
N SER F 145 -31.15 73.60 -5.00
CA SER F 145 -31.74 73.24 -3.71
C SER F 145 -33.16 72.70 -3.89
N ALA F 146 -33.97 73.37 -4.71
CA ALA F 146 -35.34 72.92 -4.92
C ALA F 146 -35.39 71.56 -5.57
N VAL F 147 -34.56 71.33 -6.59
CA VAL F 147 -34.54 70.03 -7.24
C VAL F 147 -34.12 68.95 -6.25
N ARG F 148 -33.13 69.25 -5.42
CA ARG F 148 -32.68 68.28 -4.42
C ARG F 148 -33.82 67.88 -3.49
N VAL F 149 -34.52 68.87 -2.92
CA VAL F 149 -35.53 68.55 -1.93
C VAL F 149 -36.73 67.84 -2.58
N MET F 150 -37.15 68.28 -3.76
CA MET F 150 -38.28 67.61 -4.40
C MET F 150 -37.94 66.19 -4.81
N SER F 151 -36.71 65.97 -5.30
CA SER F 151 -36.31 64.61 -5.69
C SER F 151 -36.18 63.71 -4.47
N ALA F 152 -35.70 64.26 -3.35
CA ALA F 152 -35.63 63.47 -2.12
C ALA F 152 -37.01 63.18 -1.57
N GLY F 153 -38.00 64.01 -1.88
CA GLY F 153 -39.35 63.78 -1.41
C GLY F 153 -40.11 62.70 -2.18
N VAL F 154 -40.09 62.80 -3.51
CA VAL F 154 -40.89 61.90 -4.33
C VAL F 154 -40.38 60.47 -4.20
N SER F 155 -41.31 59.51 -4.17
CA SER F 155 -40.93 58.11 -4.04
C SER F 155 -41.09 57.39 -5.38
N PRO F 156 -40.28 56.37 -5.61
CA PRO F 156 -40.39 55.62 -6.87
C PRO F 156 -41.60 54.71 -6.87
N ALA F 157 -42.20 54.56 -8.04
CA ALA F 157 -43.37 53.71 -8.21
C ALA F 157 -43.55 53.31 -9.67
N HIS G 25 -29.21 42.55 -2.38
CA HIS G 25 -27.79 42.88 -2.25
C HIS G 25 -27.60 44.23 -1.55
N THR G 26 -26.35 44.55 -1.23
CA THR G 26 -26.06 45.82 -0.57
C THR G 26 -26.49 47.00 -1.43
N GLY G 27 -26.07 47.03 -2.69
CA GLY G 27 -26.69 47.92 -3.65
C GLY G 27 -25.81 48.73 -4.58
N VAL G 28 -26.03 48.54 -5.88
CA VAL G 28 -25.65 49.47 -6.93
C VAL G 28 -26.84 49.62 -7.86
N ASP G 29 -26.73 50.53 -8.81
CA ASP G 29 -27.85 50.82 -9.70
C ASP G 29 -27.63 50.16 -11.04
N VAL G 30 -28.74 49.79 -11.68
CA VAL G 30 -28.69 48.99 -12.90
C VAL G 30 -28.10 49.75 -14.08
N GLU G 31 -28.28 51.07 -14.16
CA GLU G 31 -27.66 51.80 -15.26
C GLU G 31 -26.14 51.84 -15.17
N ASP G 32 -25.57 51.61 -13.98
CA ASP G 32 -24.12 51.47 -13.84
C ASP G 32 -23.67 50.04 -14.15
N VAL G 33 -24.27 49.06 -13.50
CA VAL G 33 -24.01 47.65 -13.75
C VAL G 33 -25.32 47.01 -14.21
N PRO G 34 -25.44 46.69 -15.49
CA PRO G 34 -26.72 46.15 -16.00
C PRO G 34 -27.17 44.88 -15.30
N SER G 35 -26.27 43.96 -15.00
CA SER G 35 -26.60 42.72 -14.30
C SER G 35 -26.26 42.91 -12.82
N ALA G 36 -27.09 43.68 -12.13
CA ALA G 36 -26.86 43.96 -10.72
C ALA G 36 -27.67 43.06 -9.80
N GLU G 37 -28.70 42.40 -10.31
CA GLU G 37 -29.52 41.48 -9.53
C GLU G 37 -29.23 40.02 -9.86
N TRP G 38 -28.19 39.76 -10.64
CA TRP G 38 -27.79 38.40 -10.96
C TRP G 38 -26.55 37.94 -10.22
N GLY G 39 -25.81 38.86 -9.59
CA GLY G 39 -24.62 38.47 -8.88
C GLY G 39 -24.01 39.64 -8.14
N TRP G 40 -23.13 39.31 -7.21
CA TRP G 40 -22.35 40.27 -6.43
C TRP G 40 -21.68 41.29 -7.34
N SER G 41 -22.03 42.57 -7.17
CA SER G 41 -21.52 43.59 -8.07
C SER G 41 -21.08 44.87 -7.37
N HIS G 42 -20.79 44.80 -6.07
CA HIS G 42 -20.44 46.01 -5.32
C HIS G 42 -19.45 45.66 -4.22
N MET G 43 -18.37 46.44 -4.14
CA MET G 43 -17.42 46.35 -3.07
C MET G 43 -17.21 47.73 -2.46
N PRO G 44 -17.28 47.87 -1.14
CA PRO G 44 -17.16 49.21 -0.53
C PRO G 44 -15.84 49.87 -0.88
N ILE G 45 -15.85 51.19 -0.87
CA ILE G 45 -14.70 51.96 -1.35
C ILE G 45 -13.63 52.11 -0.28
N GLY G 46 -14.01 52.09 0.99
CA GLY G 46 -13.02 52.16 2.05
C GLY G 46 -12.04 51.00 2.00
N VAL G 47 -12.54 49.82 1.62
CA VAL G 47 -11.66 48.67 1.43
C VAL G 47 -10.55 49.00 0.45
N MET G 48 -10.92 49.53 -0.72
CA MET G 48 -9.93 49.83 -1.74
C MET G 48 -8.98 50.93 -1.30
N HIS G 49 -9.51 51.99 -0.68
CA HIS G 49 -8.64 53.08 -0.22
C HIS G 49 -7.61 52.59 0.78
N ILE G 50 -8.05 51.92 1.84
CA ILE G 50 -7.13 51.50 2.88
C ILE G 50 -6.22 50.38 2.37
N GLY G 51 -6.69 49.56 1.42
CA GLY G 51 -5.81 48.58 0.82
C GLY G 51 -4.69 49.21 0.04
N GLY G 52 -4.99 50.26 -0.74
CA GLY G 52 -3.94 50.99 -1.43
C GLY G 52 -2.94 51.60 -0.47
N LEU G 53 -3.44 52.17 0.63
CA LEU G 53 -2.52 52.75 1.62
C LEU G 53 -1.63 51.68 2.24
N LEU G 54 -2.19 50.50 2.55
CA LEU G 54 -1.40 49.43 3.14
C LEU G 54 -0.37 48.90 2.16
N SER G 55 -0.72 48.79 0.88
CA SER G 55 0.26 48.33 -0.10
C SER G 55 1.38 49.34 -0.27
N ALA G 56 1.05 50.63 -0.24
CA ALA G 56 2.09 51.65 -0.28
C ALA G 56 3.02 51.54 0.92
N ALA G 57 2.46 51.32 2.11
CA ALA G 57 3.29 51.16 3.30
C ALA G 57 4.18 49.92 3.20
N PHE G 58 3.66 48.85 2.62
CA PHE G 58 4.47 47.65 2.43
C PHE G 58 5.64 47.92 1.48
N LEU G 59 5.36 48.59 0.36
CA LEU G 59 6.44 48.96 -0.55
C LEU G 59 7.48 49.83 0.14
N LEU G 60 7.03 50.74 1.00
CA LEU G 60 7.97 51.63 1.67
C LEU G 60 8.84 50.88 2.67
N VAL G 61 8.24 49.98 3.46
CA VAL G 61 9.02 49.24 4.45
C VAL G 61 9.87 48.15 3.82
N MET G 62 9.58 47.75 2.59
CA MET G 62 10.34 46.69 1.95
C MET G 62 11.81 47.04 1.71
N MET G 63 12.22 48.28 1.97
CA MET G 63 13.61 48.68 1.80
C MET G 63 14.38 48.67 3.12
N ARG G 64 13.87 47.98 4.13
CA ARG G 64 14.63 47.72 5.34
C ARG G 64 15.67 46.65 5.08
N GLY G 65 16.84 46.81 5.66
CA GLY G 65 17.93 45.89 5.39
C GLY G 65 18.61 46.21 4.08
N ASN G 66 19.02 47.47 3.93
CA ASN G 66 19.58 47.98 2.67
C ASN G 66 20.78 47.17 2.25
N HIS G 67 20.66 46.43 1.14
CA HIS G 67 21.70 45.52 0.70
C HIS G 67 22.50 46.16 -0.42
N VAL G 68 23.33 47.13 -0.05
CA VAL G 68 24.40 47.66 -0.90
C VAL G 68 23.87 48.10 -2.27
N GLY G 69 23.01 49.11 -2.23
CA GLY G 69 22.48 49.67 -3.46
C GLY G 69 21.31 50.61 -3.26
N HIS G 70 21.11 51.52 -4.21
CA HIS G 70 20.03 52.47 -4.14
C HIS G 70 19.28 52.66 -5.46
N VAL G 71 19.58 51.85 -6.48
CA VAL G 71 18.79 51.89 -7.70
C VAL G 71 17.38 51.40 -7.43
N GLU G 72 17.21 50.56 -6.41
CA GLU G 72 15.93 49.91 -6.15
C GLU G 72 14.99 50.78 -5.35
N ASP G 73 15.53 51.58 -4.43
CA ASP G 73 14.66 52.38 -3.58
C ASP G 73 14.07 53.55 -4.34
N TRP G 74 14.74 54.02 -5.39
CA TRP G 74 14.12 55.00 -6.28
C TRP G 74 12.82 54.46 -6.86
N PHE G 75 12.86 53.23 -7.38
CA PHE G 75 11.66 52.61 -7.91
C PHE G 75 10.62 52.41 -6.82
N LEU G 76 11.04 51.96 -5.64
CA LEU G 76 10.11 51.76 -4.53
C LEU G 76 9.36 53.05 -4.21
N ILE G 77 10.10 54.14 -4.04
CA ILE G 77 9.50 55.41 -3.66
C ILE G 77 8.63 55.95 -4.79
N GLY G 78 9.04 55.74 -6.05
CA GLY G 78 8.23 56.19 -7.16
C GLY G 78 6.87 55.51 -7.19
N PHE G 79 6.88 54.18 -7.08
CA PHE G 79 5.61 53.45 -7.11
C PHE G 79 4.74 53.79 -5.90
N ALA G 80 5.35 53.95 -4.72
CA ALA G 80 4.57 54.31 -3.55
C ALA G 80 3.93 55.69 -3.71
N ALA G 81 4.69 56.65 -4.24
CA ALA G 81 4.14 57.98 -4.44
C ALA G 81 3.00 57.97 -5.45
N VAL G 82 3.14 57.17 -6.51
CA VAL G 82 2.07 57.11 -7.51
C VAL G 82 0.80 56.51 -6.91
N ILE G 83 0.95 55.45 -6.10
CA ILE G 83 -0.21 54.84 -5.48
C ILE G 83 -0.90 55.83 -4.53
N VAL G 84 -0.11 56.51 -3.72
CA VAL G 84 -0.69 57.48 -2.77
C VAL G 84 -1.39 58.61 -3.52
N ALA G 85 -0.81 59.04 -4.64
CA ALA G 85 -1.44 60.11 -5.42
C ALA G 85 -2.78 59.66 -5.99
N LEU G 86 -2.85 58.44 -6.51
CA LEU G 86 -4.12 57.94 -7.03
C LEU G 86 -5.18 57.87 -5.94
N VAL G 87 -4.81 57.30 -4.78
CA VAL G 87 -5.78 57.18 -3.69
C VAL G 87 -6.25 58.56 -3.24
N GLY G 88 -5.32 59.51 -3.13
CA GLY G 88 -5.69 60.84 -2.70
C GLY G 88 -6.60 61.54 -3.68
N ARG G 89 -6.32 61.40 -4.98
CA ARG G 89 -7.19 62.02 -5.98
C ARG G 89 -8.60 61.45 -5.90
N ASN G 90 -8.71 60.13 -5.79
CA ASN G 90 -10.04 59.52 -5.74
C ASN G 90 -10.80 59.98 -4.48
N TRP G 91 -10.13 59.96 -3.33
CA TRP G 91 -10.77 60.38 -2.09
C TRP G 91 -11.23 61.83 -2.17
N TRP G 92 -10.37 62.71 -2.68
CA TRP G 92 -10.71 64.13 -2.74
C TRP G 92 -11.86 64.38 -3.71
N LEU G 93 -11.86 63.70 -4.85
CA LEU G 93 -12.93 63.93 -5.82
C LEU G 93 -14.26 63.38 -5.33
N ARG G 94 -14.23 62.25 -4.61
CA ARG G 94 -15.47 61.74 -4.04
C ARG G 94 -15.98 62.62 -2.91
N ARG G 95 -15.07 63.25 -2.15
CA ARG G 95 -15.51 64.07 -1.02
C ARG G 95 -16.22 65.34 -1.48
N ARG G 96 -15.90 65.84 -2.66
CA ARG G 96 -16.48 67.07 -3.17
C ARG G 96 -17.66 66.84 -4.11
N GLY G 97 -18.11 65.60 -4.27
CA GLY G 97 -19.27 65.33 -5.09
C GLY G 97 -19.04 65.29 -6.58
N TRP G 98 -17.79 65.26 -7.02
CA TRP G 98 -17.52 65.15 -8.45
C TRP G 98 -17.67 63.72 -8.97
N ILE G 99 -17.78 62.74 -8.09
CA ILE G 99 -18.03 61.35 -8.48
C ILE G 99 -19.25 60.86 -7.73
N ARG G 100 -20.31 60.54 -8.49
CA ARG G 100 -21.63 60.26 -7.94
C ARG G 100 -22.09 61.40 -7.04
N TRP H 27 9.66 -95.65 45.64
CA TRP H 27 8.24 -95.38 45.81
C TRP H 27 8.01 -93.96 46.33
N SER H 28 8.86 -93.54 47.27
CA SER H 28 8.74 -92.20 47.83
C SER H 28 9.27 -91.12 46.89
N ASP H 29 10.08 -91.51 45.91
CA ASP H 29 10.53 -90.54 44.91
C ASP H 29 9.34 -90.01 44.10
N ALA H 30 8.38 -90.88 43.81
CA ALA H 30 7.19 -90.43 43.08
C ALA H 30 6.30 -89.57 43.95
N LEU H 31 6.21 -89.85 45.25
CA LEU H 31 5.39 -89.07 46.15
C LEU H 31 6.06 -87.79 46.63
N ALA H 32 7.31 -87.57 46.27
CA ALA H 32 7.97 -86.30 46.56
C ALA H 32 7.74 -85.28 45.46
N LEU H 33 7.02 -85.66 44.39
CA LEU H 33 6.69 -84.77 43.29
C LEU H 33 7.93 -84.12 42.68
N GLY H 34 9.03 -84.85 42.64
CA GLY H 34 10.22 -84.38 41.96
C GLY H 34 11.18 -83.58 42.81
N TRP H 35 11.08 -83.65 44.12
CA TRP H 35 12.05 -82.98 44.96
C TRP H 35 13.40 -83.70 44.86
N PRO H 36 14.50 -82.98 44.74
CA PRO H 36 15.80 -83.63 44.84
C PRO H 36 16.08 -84.02 46.29
N THR H 37 16.66 -85.20 46.47
CA THR H 37 17.03 -85.63 47.81
C THR H 37 18.11 -84.71 48.37
N GLY H 38 18.10 -84.52 49.67
CA GLY H 38 18.97 -83.54 50.28
C GLY H 38 20.40 -84.00 50.37
N ILE H 39 21.28 -83.03 50.66
CA ILE H 39 22.69 -83.29 50.92
C ILE H 39 23.04 -82.67 52.26
N THR H 40 22.02 -82.52 53.12
CA THR H 40 22.15 -81.81 54.39
C THR H 40 21.08 -82.36 55.32
N PRO H 41 21.36 -82.51 56.61
CA PRO H 41 20.32 -83.05 57.51
C PRO H 41 19.01 -82.25 57.50
N GLU H 42 19.10 -80.92 57.54
CA GLU H 42 17.90 -80.10 57.47
C GLU H 42 17.10 -80.39 56.21
N ALA H 43 17.79 -80.67 55.11
CA ALA H 43 17.09 -81.01 53.87
C ALA H 43 16.32 -82.32 54.03
N LYS H 44 16.88 -83.28 54.75
CA LYS H 44 16.18 -84.54 54.98
C LYS H 44 14.93 -84.33 55.82
N LEU H 45 15.05 -83.52 56.88
CA LEU H 45 13.86 -83.20 57.68
C LEU H 45 12.79 -82.53 56.83
N ASN H 46 13.20 -81.56 56.01
CA ASN H 46 12.25 -80.85 55.17
C ASN H 46 11.56 -81.79 54.20
N ARG H 47 12.30 -82.73 53.62
CA ARG H 47 11.71 -83.65 52.66
C ARG H 47 10.73 -84.61 53.33
N GLU H 48 11.05 -85.06 54.54
CA GLU H 48 10.11 -85.93 55.25
C GLU H 48 8.81 -85.19 55.55
N LEU H 49 8.92 -83.95 56.05
CA LEU H 49 7.71 -83.17 56.30
C LEU H 49 6.90 -82.98 55.03
N TRP H 50 7.57 -82.69 53.92
CA TRP H 50 6.90 -82.53 52.63
C TRP H 50 6.10 -83.78 52.27
N ILE H 51 6.74 -84.95 52.34
CA ILE H 51 6.06 -86.17 51.94
C ILE H 51 4.84 -86.42 52.81
N GLY H 52 4.99 -86.25 54.12
CA GLY H 52 3.85 -86.46 55.00
C GLY H 52 2.69 -85.54 54.67
N SER H 53 2.98 -84.26 54.48
CA SER H 53 1.93 -83.30 54.15
C SER H 53 1.27 -83.62 52.81
N VAL H 54 2.07 -84.08 51.84
CA VAL H 54 1.52 -84.39 50.53
C VAL H 54 0.54 -85.54 50.62
N ILE H 55 0.91 -86.60 51.36
CA ILE H 55 -0.01 -87.73 51.47
C ILE H 55 -1.29 -87.32 52.20
N ALA H 56 -1.17 -86.48 53.23
CA ALA H 56 -2.37 -86.01 53.92
C ALA H 56 -3.32 -85.27 52.98
N SER H 57 -2.76 -84.33 52.21
CA SER H 57 -3.60 -83.57 51.28
C SER H 57 -4.21 -84.47 50.21
N PHE H 58 -3.46 -85.46 49.74
CA PHE H 58 -4.02 -86.40 48.77
C PHE H 58 -5.18 -87.17 49.35
N ALA H 59 -5.08 -87.57 50.62
CA ALA H 59 -6.20 -88.27 51.27
C ALA H 59 -7.44 -87.40 51.27
N VAL H 60 -7.30 -86.15 51.73
CA VAL H 60 -8.46 -85.25 51.80
C VAL H 60 -9.07 -85.06 50.41
N GLY H 61 -8.22 -84.81 49.42
CA GLY H 61 -8.72 -84.58 48.08
C GLY H 61 -9.41 -85.79 47.48
N ALA H 62 -8.87 -86.99 47.74
CA ALA H 62 -9.51 -88.20 47.24
C ALA H 62 -10.88 -88.38 47.88
N ILE H 63 -10.99 -88.13 49.19
CA ILE H 63 -12.28 -88.22 49.86
C ILE H 63 -13.29 -87.29 49.18
N VAL H 64 -12.91 -86.03 49.00
CA VAL H 64 -13.87 -85.05 48.49
C VAL H 64 -14.23 -85.34 47.03
N TRP H 65 -13.26 -85.76 46.23
CA TRP H 65 -13.55 -86.07 44.82
C TRP H 65 -14.47 -87.29 44.72
N GLY H 66 -14.27 -88.29 45.58
CA GLY H 66 -15.21 -89.39 45.62
C GLY H 66 -16.60 -88.94 45.98
N LEU H 67 -16.71 -88.02 46.95
CA LEU H 67 -18.02 -87.48 47.30
C LEU H 67 -18.70 -86.81 46.12
N ILE H 68 -17.96 -86.01 45.36
CA ILE H 68 -18.55 -85.30 44.22
C ILE H 68 -18.97 -86.29 43.14
N PHE H 69 -18.07 -87.22 42.78
CA PHE H 69 -18.41 -88.18 41.74
C PHE H 69 -19.49 -89.15 42.17
N TRP H 70 -19.74 -89.28 43.47
CA TRP H 70 -20.88 -90.06 43.94
C TRP H 70 -22.16 -89.28 43.82
N THR H 71 -22.17 -88.04 44.34
CA THR H 71 -23.39 -87.25 44.30
C THR H 71 -23.81 -86.89 42.88
N SER H 72 -22.88 -86.90 41.92
CA SER H 72 -23.26 -86.70 40.53
C SER H 72 -23.76 -87.99 39.88
N ALA H 73 -24.13 -88.99 40.68
CA ALA H 73 -24.87 -90.15 40.21
C ALA H 73 -26.30 -90.18 40.76
N PHE H 74 -26.75 -89.05 41.29
CA PHE H 74 -28.16 -88.82 41.63
C PHE H 74 -28.88 -88.12 40.48
N HIS H 75 -28.81 -88.70 39.28
CA HIS H 75 -29.44 -88.10 38.12
C HIS H 75 -30.95 -88.01 38.31
N ARG H 76 -31.59 -87.24 37.44
CA ARG H 76 -33.04 -87.15 37.42
C ARG H 76 -33.60 -88.31 36.62
N LYS H 77 -34.14 -89.30 37.32
CA LYS H 77 -34.69 -90.47 36.65
C LYS H 77 -35.92 -90.09 35.84
N LYS H 78 -36.18 -90.87 34.79
CA LYS H 78 -37.36 -90.62 33.96
C LYS H 78 -38.65 -90.94 34.69
N ALA H 79 -38.61 -91.79 35.71
CA ALA H 79 -39.79 -92.11 36.51
C ALA H 79 -40.05 -91.09 37.60
N THR H 80 -39.21 -90.06 37.72
CA THR H 80 -39.40 -89.04 38.76
C THR H 80 -40.64 -88.23 38.42
N ASP H 81 -41.72 -88.46 39.17
CA ASP H 81 -42.99 -87.79 38.91
C ASP H 81 -42.91 -86.35 39.43
N THR H 82 -44.06 -85.69 39.52
CA THR H 82 -44.06 -84.30 39.96
C THR H 82 -43.88 -84.23 41.47
N GLU H 83 -42.80 -84.82 41.96
CA GLU H 83 -42.47 -84.81 43.39
C GLU H 83 -41.01 -84.35 43.50
N LEU H 84 -40.82 -83.06 43.78
CA LEU H 84 -39.50 -82.53 43.99
C LEU H 84 -38.83 -83.22 45.19
N PRO H 85 -37.51 -83.08 45.33
CA PRO H 85 -36.81 -83.82 46.39
C PRO H 85 -37.17 -83.39 47.81
N ARG H 86 -36.45 -83.95 48.79
CA ARG H 86 -36.78 -83.76 50.19
C ARG H 86 -36.81 -82.28 50.59
N GLN H 87 -36.06 -81.42 49.90
CA GLN H 87 -36.07 -79.99 50.17
C GLN H 87 -35.63 -79.66 51.59
N PHE H 88 -34.59 -80.35 52.09
CA PHE H 88 -34.35 -80.25 53.53
C PHE H 88 -33.58 -78.99 53.92
N GLY H 89 -32.31 -78.89 53.54
CA GLY H 89 -31.47 -77.82 54.06
C GLY H 89 -31.29 -77.89 55.58
N TYR H 90 -30.33 -77.14 56.10
CA TYR H 90 -30.23 -76.85 57.53
C TYR H 90 -30.12 -78.13 58.38
N ASN H 91 -28.99 -78.82 58.22
CA ASN H 91 -28.61 -79.87 59.16
C ASN H 91 -27.74 -79.27 60.26
N MET H 92 -28.16 -79.51 61.51
CA MET H 92 -27.61 -78.83 62.70
C MET H 92 -26.31 -79.39 63.25
N PRO H 93 -26.15 -80.69 63.49
CA PRO H 93 -24.91 -81.15 64.16
C PRO H 93 -23.70 -81.21 63.24
N LEU H 94 -23.94 -81.47 61.96
CA LEU H 94 -22.82 -81.60 61.04
C LEU H 94 -22.09 -80.29 60.82
N GLU H 95 -22.74 -79.14 61.02
CA GLU H 95 -22.01 -77.89 60.94
C GLU H 95 -20.93 -77.82 62.02
N LEU H 96 -21.27 -78.26 63.24
CA LEU H 96 -20.29 -78.32 64.30
C LEU H 96 -19.18 -79.32 63.98
N THR H 97 -19.56 -80.51 63.50
CA THR H 97 -18.57 -81.52 63.17
C THR H 97 -17.56 -80.99 62.15
N LEU H 98 -18.07 -80.49 61.03
CA LEU H 98 -17.24 -80.02 59.92
C LEU H 98 -16.55 -78.70 60.21
N THR H 99 -16.95 -77.97 61.24
CA THR H 99 -16.18 -76.80 61.62
C THR H 99 -15.13 -77.11 62.68
N VAL H 100 -15.24 -78.24 63.36
CA VAL H 100 -14.25 -78.54 64.41
C VAL H 100 -13.16 -79.50 63.90
N ILE H 101 -13.44 -80.30 62.87
CA ILE H 101 -12.42 -81.25 62.40
C ILE H 101 -11.23 -80.58 61.73
N PRO H 102 -11.42 -79.72 60.72
CA PRO H 102 -10.23 -79.10 60.09
C PRO H 102 -9.39 -78.31 61.06
N PHE H 103 -9.99 -77.81 62.15
CA PHE H 103 -9.19 -77.12 63.15
C PHE H 103 -8.14 -78.03 63.76
N LEU H 104 -8.51 -79.26 64.11
CA LEU H 104 -7.53 -80.18 64.67
C LEU H 104 -6.48 -80.57 63.63
N ILE H 105 -6.91 -80.79 62.38
CA ILE H 105 -5.91 -81.10 61.35
C ILE H 105 -4.87 -79.98 61.25
N ILE H 106 -5.34 -78.74 61.10
CA ILE H 106 -4.40 -77.64 60.89
C ILE H 106 -3.57 -77.38 62.14
N SER H 107 -4.11 -77.66 63.33
CA SER H 107 -3.30 -77.48 64.53
C SER H 107 -2.16 -78.49 64.57
N VAL H 108 -2.43 -79.74 64.22
CA VAL H 108 -1.35 -80.74 64.18
C VAL H 108 -0.28 -80.32 63.18
N LEU H 109 -0.72 -79.97 61.97
CA LEU H 109 0.23 -79.56 60.94
C LEU H 109 1.04 -78.35 61.37
N PHE H 110 0.39 -77.38 62.05
CA PHE H 110 1.08 -76.19 62.49
C PHE H 110 2.12 -76.50 63.56
N TYR H 111 1.80 -77.45 64.45
CA TYR H 111 2.79 -77.85 65.45
C TYR H 111 4.04 -78.42 64.79
N PHE H 112 3.87 -79.38 63.88
CA PHE H 112 5.03 -79.98 63.25
C PHE H 112 5.80 -78.96 62.40
N THR H 113 5.07 -78.06 61.74
CA THR H 113 5.71 -77.00 60.96
C THR H 113 6.57 -76.11 61.85
N VAL H 114 6.05 -75.70 63.01
CA VAL H 114 6.83 -74.86 63.91
C VAL H 114 8.08 -75.60 64.36
N VAL H 115 7.95 -76.89 64.69
CA VAL H 115 9.11 -77.65 65.15
C VAL H 115 10.21 -77.63 64.10
N VAL H 116 9.87 -78.01 62.86
CA VAL H 116 10.90 -78.09 61.83
C VAL H 116 11.45 -76.70 61.52
N GLN H 117 10.58 -75.70 61.38
CA GLN H 117 11.01 -74.37 61.01
C GLN H 117 11.99 -73.80 62.04
N GLU H 118 11.73 -74.03 63.32
CA GLU H 118 12.66 -73.52 64.32
C GLU H 118 13.94 -74.35 64.35
N ARG H 119 13.84 -75.65 64.05
CA ARG H 119 15.08 -76.40 63.82
C ARG H 119 15.44 -76.41 62.34
N MET H 120 15.37 -75.24 61.72
CA MET H 120 15.99 -74.97 60.43
C MET H 120 16.83 -73.70 60.41
N MET H 121 16.75 -72.86 61.44
CA MET H 121 17.51 -71.63 61.56
C MET H 121 18.15 -71.64 62.95
N HIS H 122 19.32 -72.26 63.07
CA HIS H 122 19.93 -72.53 64.36
C HIS H 122 21.03 -71.53 64.74
N LYS H 123 22.03 -71.37 63.87
CA LYS H 123 23.10 -70.40 64.04
C LYS H 123 23.88 -70.64 65.34
N ASP H 124 24.59 -71.76 65.36
CA ASP H 124 25.55 -72.02 66.43
C ASP H 124 26.69 -70.99 66.35
N PRO H 125 27.16 -70.48 67.49
CA PRO H 125 28.00 -69.27 67.47
C PRO H 125 29.36 -69.42 66.81
N ASN H 126 29.93 -70.62 66.70
CA ASN H 126 31.27 -70.78 66.14
C ASN H 126 31.27 -71.79 64.99
N PRO H 127 30.98 -71.34 63.78
CA PRO H 127 31.07 -72.24 62.62
C PRO H 127 32.52 -72.50 62.23
N GLU H 128 32.74 -73.27 61.18
CA GLU H 128 34.08 -73.62 60.74
C GLU H 128 34.54 -72.87 59.51
N VAL H 129 33.65 -72.64 58.54
CA VAL H 129 33.96 -71.86 57.35
C VAL H 129 32.91 -70.77 57.21
N VAL H 130 33.35 -69.56 56.89
CA VAL H 130 32.46 -68.41 56.73
C VAL H 130 32.67 -67.84 55.34
N ILE H 131 31.65 -67.97 54.50
CA ILE H 131 31.66 -67.44 53.15
C ILE H 131 30.88 -66.14 53.12
N ASP H 132 31.33 -65.21 52.28
CA ASP H 132 30.67 -63.92 52.10
C ASP H 132 30.15 -63.82 50.66
N VAL H 133 28.85 -63.99 50.50
CA VAL H 133 28.22 -63.96 49.18
C VAL H 133 27.81 -62.54 48.86
N THR H 134 28.27 -62.01 47.74
CA THR H 134 27.87 -60.70 47.24
C THR H 134 27.29 -60.85 45.85
N ALA H 135 26.17 -60.19 45.60
CA ALA H 135 25.48 -60.25 44.31
C ALA H 135 25.32 -58.85 43.76
N PHE H 136 25.67 -58.67 42.50
CA PHE H 136 25.53 -57.38 41.84
C PHE H 136 24.74 -57.58 40.55
N GLN H 137 24.77 -56.62 39.63
CA GLN H 137 23.92 -56.76 38.46
C GLN H 137 24.43 -57.92 37.62
N TRP H 138 23.82 -59.07 37.86
CA TRP H 138 23.95 -60.26 37.04
C TRP H 138 25.34 -60.90 37.13
N ASN H 139 25.83 -61.07 38.37
CA ASN H 139 26.80 -62.13 38.68
C ASN H 139 27.10 -62.16 40.17
N TRP H 140 27.94 -63.09 40.61
CA TRP H 140 28.20 -63.36 42.02
C TRP H 140 29.66 -63.06 42.37
N LYS H 141 29.97 -63.15 43.66
CA LYS H 141 31.34 -62.96 44.14
C LYS H 141 31.45 -63.53 45.54
N PHE H 142 32.36 -64.49 45.74
CA PHE H 142 32.49 -65.23 46.99
C PHE H 142 33.79 -64.88 47.69
N GLY H 143 33.79 -64.99 49.02
CA GLY H 143 34.80 -64.31 49.82
C GLY H 143 35.79 -65.08 50.68
N TYR H 144 35.41 -66.23 51.22
CA TYR H 144 36.29 -66.99 52.12
C TYR H 144 36.81 -66.13 53.26
N GLN H 145 35.88 -65.70 54.12
CA GLN H 145 36.22 -64.75 55.17
C GLN H 145 37.11 -65.37 56.23
N LYS H 146 36.66 -66.47 56.84
CA LYS H 146 37.39 -67.06 57.95
C LYS H 146 37.22 -68.57 57.91
N ILE H 147 38.31 -69.28 58.15
CA ILE H 147 38.30 -70.72 58.32
C ILE H 147 38.81 -71.02 59.72
N ALA H 148 38.21 -72.01 60.38
CA ALA H 148 38.67 -72.46 61.68
C ALA H 148 38.19 -73.89 61.88
N PHE H 149 39.09 -74.85 61.66
CA PHE H 149 38.72 -76.25 61.78
C PHE H 149 38.62 -76.64 63.25
N ALA H 150 37.77 -77.64 63.52
CA ALA H 150 37.50 -78.02 64.91
C ALA H 150 38.68 -78.75 65.54
N ASP H 151 39.30 -79.68 64.80
CA ASP H 151 40.43 -80.42 65.34
C ASP H 151 41.64 -79.52 65.60
N GLY H 152 41.71 -78.38 64.93
CA GLY H 152 42.78 -77.41 65.11
C GLY H 152 43.67 -77.34 63.90
N SER H 153 43.36 -76.41 63.01
CA SER H 153 44.06 -76.19 61.75
C SER H 153 43.33 -75.07 61.02
N PHE H 154 43.87 -74.62 59.88
CA PHE H 154 43.11 -73.79 58.93
C PHE H 154 42.59 -72.51 59.61
N ASP H 155 43.50 -71.64 59.99
CA ASP H 155 43.09 -70.37 60.60
C ASP H 155 43.47 -69.23 59.66
N TYR H 156 42.52 -68.84 58.81
CA TYR H 156 42.67 -67.79 57.81
C TYR H 156 41.82 -66.59 58.20
N ASP H 157 42.05 -65.45 57.53
CA ASP H 157 41.42 -64.20 57.92
C ASP H 157 40.87 -63.47 56.69
N GLY H 158 40.10 -62.41 56.96
CA GLY H 158 39.61 -61.51 55.94
C GLY H 158 40.40 -60.21 55.91
N ALA H 159 40.14 -59.42 54.87
CA ALA H 159 41.07 -58.33 54.53
C ALA H 159 40.82 -57.05 55.32
N ASP H 160 39.69 -56.41 55.08
CA ASP H 160 39.25 -55.10 55.60
C ASP H 160 40.28 -53.96 55.64
N PRO H 161 41.10 -53.74 54.60
CA PRO H 161 41.76 -52.44 54.49
C PRO H 161 41.00 -51.52 53.56
N GLU H 162 39.97 -52.10 52.92
CA GLU H 162 39.30 -51.49 51.79
C GLU H 162 37.88 -51.02 52.09
N ARG H 163 37.31 -51.38 53.25
CA ARG H 163 35.94 -51.01 53.56
C ARG H 163 35.89 -49.52 53.85
N LYS H 164 35.56 -48.74 52.83
CA LYS H 164 35.44 -47.29 52.96
C LYS H 164 34.32 -46.76 52.08
N THR H 194 29.32 -49.17 52.12
CA THR H 194 30.24 -49.46 53.20
C THR H 194 29.71 -50.56 54.10
N TYR H 195 28.60 -51.17 53.69
CA TYR H 195 28.06 -52.34 54.38
C TYR H 195 28.56 -53.64 53.77
N LEU H 196 29.23 -53.59 52.63
CA LEU H 196 29.71 -54.78 51.96
C LEU H 196 30.98 -55.30 52.63
N ASN H 197 31.39 -56.50 52.23
CA ASN H 197 32.58 -57.15 52.78
C ASN H 197 33.59 -57.38 51.67
N PHE H 198 34.83 -56.99 51.92
CA PHE H 198 35.93 -57.17 50.97
C PHE H 198 36.98 -58.06 51.61
N ASP H 199 37.36 -59.13 50.92
CA ASP H 199 38.25 -60.16 51.45
C ASP H 199 39.46 -60.31 50.54
N LYS H 200 40.31 -61.29 50.87
CA LYS H 200 41.57 -61.49 50.16
C LYS H 200 41.44 -62.49 49.02
N ILE H 201 40.91 -63.67 49.29
CA ILE H 201 40.67 -64.69 48.28
C ILE H 201 39.24 -64.55 47.80
N GLU H 202 39.05 -64.21 46.53
CA GLU H 202 37.71 -63.96 46.01
C GLU H 202 37.55 -64.58 44.64
N THR H 203 36.42 -65.27 44.45
CA THR H 203 36.08 -65.88 43.17
C THR H 203 35.05 -65.00 42.48
N LEU H 204 35.52 -64.03 41.72
CA LEU H 204 34.65 -63.16 40.95
C LEU H 204 34.36 -63.83 39.61
N GLY H 205 33.09 -63.95 39.28
CA GLY H 205 32.67 -64.52 38.01
C GLY H 205 32.43 -63.44 36.98
N THR H 206 32.55 -63.81 35.71
CA THR H 206 32.30 -62.91 34.60
C THR H 206 31.29 -63.55 33.66
N SER H 207 30.95 -62.81 32.60
CA SER H 207 29.96 -63.28 31.63
C SER H 207 30.45 -64.46 30.80
N SER H 208 31.72 -64.85 30.91
CA SER H 208 32.25 -65.97 30.16
C SER H 208 32.76 -67.10 31.05
N GLU H 209 32.86 -66.89 32.35
CA GLU H 209 33.32 -67.91 33.28
C GLU H 209 32.38 -67.94 34.48
N ILE H 210 31.86 -69.12 34.78
CA ILE H 210 30.89 -69.30 35.85
C ILE H 210 31.60 -69.36 37.19
N PRO H 211 31.21 -68.56 38.17
CA PRO H 211 31.91 -68.59 39.47
C PRO H 211 31.69 -69.93 40.16
N VAL H 212 32.79 -70.53 40.62
CA VAL H 212 32.77 -71.84 41.26
C VAL H 212 33.14 -71.64 42.72
N LEU H 213 32.27 -72.10 43.61
CA LEU H 213 32.51 -72.04 45.04
C LEU H 213 32.98 -73.40 45.53
N VAL H 214 34.08 -73.43 46.27
CA VAL H 214 34.70 -74.66 46.75
C VAL H 214 34.53 -74.72 48.26
N LEU H 215 33.99 -75.83 48.74
CA LEU H 215 33.74 -76.04 50.16
C LEU H 215 34.17 -77.44 50.57
N PRO H 216 34.52 -77.63 51.83
CA PRO H 216 34.87 -78.97 52.32
C PRO H 216 33.64 -79.75 52.75
N ALA H 217 33.78 -81.08 52.74
CA ALA H 217 32.70 -81.97 53.09
C ALA H 217 32.72 -82.28 54.59
N GLY H 218 31.55 -82.20 55.21
CA GLY H 218 31.43 -82.53 56.61
C GLY H 218 31.88 -81.45 57.56
N LYS H 219 31.57 -80.19 57.26
CA LYS H 219 31.97 -79.06 58.09
C LYS H 219 30.81 -78.10 58.23
N ARG H 220 30.91 -77.22 59.22
CA ARG H 220 29.88 -76.23 59.51
C ARG H 220 30.14 -75.00 58.66
N ILE H 221 29.22 -74.69 57.75
CA ILE H 221 29.37 -73.58 56.82
C ILE H 221 28.38 -72.48 57.19
N GLU H 222 28.81 -71.23 57.01
CA GLU H 222 27.96 -70.07 57.24
C GLU H 222 28.07 -69.11 56.06
N PHE H 223 26.93 -68.62 55.59
CA PHE H 223 26.86 -67.71 54.46
C PHE H 223 26.37 -66.35 54.92
N VAL H 224 27.01 -65.29 54.46
CA VAL H 224 26.65 -63.92 54.79
C VAL H 224 26.26 -63.22 53.50
N LEU H 225 24.99 -62.89 53.35
CA LEU H 225 24.41 -62.47 52.08
C LEU H 225 24.29 -60.95 52.03
N ASN H 226 24.91 -60.34 51.02
CA ASN H 226 24.81 -58.90 50.81
C ASN H 226 24.62 -58.65 49.33
N SER H 227 23.91 -57.57 49.01
CA SER H 227 23.70 -57.16 47.63
C SER H 227 24.21 -55.73 47.45
N ALA H 228 24.60 -55.41 46.23
CA ALA H 228 25.11 -54.08 45.95
C ALA H 228 24.01 -53.10 45.59
N ASP H 229 23.08 -53.51 44.72
CA ASP H 229 22.08 -52.61 44.16
C ASP H 229 20.63 -53.03 44.44
N VAL H 230 20.24 -54.25 44.05
CA VAL H 230 18.84 -54.65 44.08
C VAL H 230 18.71 -56.01 44.78
N ILE H 231 17.52 -56.56 44.78
CA ILE H 231 17.25 -57.84 45.43
C ILE H 231 17.53 -58.97 44.45
N HIS H 232 18.32 -59.93 44.87
CA HIS H 232 18.57 -61.17 44.14
C HIS H 232 18.13 -62.33 45.01
N GLY H 233 18.33 -63.54 44.51
CA GLY H 233 17.96 -64.74 45.22
C GLY H 233 19.07 -65.76 45.21
N PHE H 234 19.20 -66.48 46.31
CA PHE H 234 20.29 -67.43 46.53
C PHE H 234 19.67 -68.82 46.72
N TRP H 235 19.52 -69.57 45.63
CA TRP H 235 18.88 -70.87 45.66
C TRP H 235 19.86 -71.93 45.19
N VAL H 236 20.17 -72.88 46.06
CA VAL H 236 20.85 -74.11 45.67
C VAL H 236 19.83 -75.23 45.81
N PRO H 237 19.27 -75.74 44.71
CA PRO H 237 18.13 -76.66 44.82
C PRO H 237 18.42 -77.92 45.61
N GLU H 238 19.68 -78.21 45.95
CA GLU H 238 20.00 -79.40 46.72
C GLU H 238 20.04 -79.14 48.22
N PHE H 239 20.06 -77.88 48.65
CA PHE H 239 19.88 -77.58 50.06
C PHE H 239 18.42 -77.56 50.46
N LEU H 240 17.51 -77.52 49.49
CA LEU H 240 16.07 -77.38 49.73
C LEU H 240 15.80 -76.15 50.59
N PHE H 241 16.43 -75.04 50.22
CA PHE H 241 16.37 -73.83 51.02
C PHE H 241 16.83 -72.67 50.16
N LYS H 242 16.27 -71.49 50.42
CA LYS H 242 16.62 -70.30 49.67
C LYS H 242 16.36 -69.07 50.53
N ARG H 243 17.04 -67.99 50.20
CA ARG H 243 16.97 -66.75 50.95
C ARG H 243 17.25 -65.59 50.02
N ASP H 244 16.63 -64.44 50.29
CA ASP H 244 16.79 -63.28 49.44
C ASP H 244 18.00 -62.47 49.86
N VAL H 245 18.61 -61.81 48.88
CA VAL H 245 19.84 -61.05 49.06
C VAL H 245 19.48 -59.57 48.98
N LEU H 246 19.42 -58.91 50.12
CA LEU H 246 18.91 -57.55 50.19
C LEU H 246 20.05 -56.53 50.10
N PRO H 247 19.77 -55.34 49.58
CA PRO H 247 20.78 -54.28 49.56
C PRO H 247 21.28 -53.90 50.95
N GLU H 248 20.40 -53.45 51.82
CA GLU H 248 20.81 -53.07 53.16
C GLU H 248 20.17 -54.01 54.17
N PRO H 249 20.75 -55.19 54.39
CA PRO H 249 20.04 -56.20 55.22
C PRO H 249 19.84 -55.79 56.66
N LYS H 250 20.64 -54.89 57.20
CA LYS H 250 20.45 -54.48 58.58
C LYS H 250 19.45 -53.35 58.73
N ALA H 251 19.51 -52.34 57.87
CA ALA H 251 18.57 -51.23 57.94
C ALA H 251 17.15 -51.67 57.65
N ASN H 252 16.97 -52.76 56.92
CA ASN H 252 15.65 -53.28 56.59
C ASN H 252 15.20 -54.38 57.54
N ASN H 253 15.88 -54.56 58.66
CA ASN H 253 15.52 -55.54 59.69
C ASN H 253 15.49 -56.96 59.11
N SER H 254 16.47 -57.29 58.30
CA SER H 254 16.59 -58.62 57.71
C SER H 254 17.66 -59.43 58.43
N ASP H 255 17.67 -60.72 58.14
CA ASP H 255 18.62 -61.67 58.72
C ASP H 255 19.39 -62.30 57.58
N ASN H 256 20.55 -61.74 57.25
CA ASN H 256 21.30 -62.12 56.07
C ASN H 256 22.31 -63.22 56.35
N VAL H 257 22.11 -64.03 57.38
CA VAL H 257 23.06 -65.06 57.77
C VAL H 257 22.29 -66.36 58.00
N PHE H 258 22.79 -67.45 57.42
CA PHE H 258 22.21 -68.76 57.67
C PHE H 258 23.30 -69.81 57.54
N GLN H 259 23.18 -70.88 58.32
CA GLN H 259 24.20 -71.92 58.42
C GLN H 259 23.62 -73.26 58.04
N VAL H 260 24.50 -74.13 57.53
CA VAL H 260 24.19 -75.54 57.32
C VAL H 260 25.11 -76.35 58.22
N SER H 261 24.59 -77.44 58.78
CA SER H 261 25.34 -78.17 59.78
C SER H 261 26.49 -78.96 59.18
N GLU H 262 26.29 -79.52 57.98
CA GLU H 262 27.32 -80.27 57.28
C GLU H 262 26.83 -80.54 55.87
N ILE H 263 27.73 -81.07 55.04
CA ILE H 263 27.41 -81.48 53.68
C ILE H 263 27.94 -82.89 53.50
N GLN H 264 27.05 -83.87 53.50
CA GLN H 264 27.48 -85.27 53.44
C GLN H 264 28.10 -85.59 52.10
N GLN H 265 27.35 -85.39 51.01
CA GLN H 265 27.79 -85.81 49.70
C GLN H 265 28.75 -84.80 49.09
N THR H 266 29.58 -85.28 48.17
CA THR H 266 30.50 -84.44 47.41
C THR H 266 30.16 -84.51 45.93
N GLY H 267 30.48 -83.44 45.22
CA GLY H 267 30.20 -83.34 43.81
C GLY H 267 30.00 -81.90 43.42
N ALA H 268 29.32 -81.69 42.30
CA ALA H 268 29.04 -80.36 41.77
C ALA H 268 27.54 -80.11 41.75
N PHE H 269 27.14 -78.91 42.16
CA PHE H 269 25.73 -78.56 42.28
C PHE H 269 25.50 -77.17 41.72
N VAL H 270 24.31 -76.95 41.19
CA VAL H 270 23.97 -75.73 40.47
C VAL H 270 23.31 -74.75 41.42
N GLY H 271 23.45 -73.47 41.11
CA GLY H 271 22.78 -72.42 41.86
C GLY H 271 22.10 -71.44 40.92
N ARG H 272 20.94 -70.96 41.34
CA ARG H 272 20.10 -70.09 40.54
C ARG H 272 19.87 -68.78 41.29
N CYS H 273 19.47 -67.76 40.53
CA CYS H 273 18.90 -66.56 41.12
C CYS H 273 17.39 -66.64 41.04
N THR H 274 16.71 -66.33 42.13
CA THR H 274 15.28 -66.54 42.28
C THR H 274 14.57 -65.27 42.70
N GLU H 275 14.86 -64.18 42.00
CA GLU H 275 14.25 -62.89 42.25
C GLU H 275 13.98 -62.25 40.90
N MET H 276 13.77 -60.95 40.87
CA MET H 276 13.74 -60.21 39.62
C MET H 276 14.83 -59.15 39.69
N CYS H 277 15.89 -59.34 38.92
CA CYS H 277 17.00 -58.41 38.86
C CYS H 277 16.95 -57.50 37.65
N GLY H 278 16.23 -57.87 36.61
CA GLY H 278 16.26 -57.10 35.39
C GLY H 278 16.48 -57.96 34.17
N THR H 279 17.27 -57.47 33.22
CA THR H 279 17.36 -58.09 31.90
C THR H 279 17.91 -59.51 32.00
N PHE H 280 19.13 -59.66 32.47
CA PHE H 280 19.80 -60.96 32.48
C PHE H 280 19.59 -61.69 33.79
N HIS H 281 18.32 -61.81 34.21
CA HIS H 281 18.02 -62.51 35.45
C HIS H 281 18.22 -64.01 35.31
N ALA H 282 17.92 -64.57 34.14
CA ALA H 282 18.04 -65.99 33.91
C ALA H 282 19.47 -66.42 33.61
N MET H 283 20.45 -65.55 33.85
CA MET H 283 21.84 -65.81 33.49
C MET H 283 22.77 -65.44 34.63
N MET H 284 22.40 -65.81 35.86
CA MET H 284 23.21 -65.55 37.04
C MET H 284 23.60 -66.85 37.74
N ASN H 285 23.70 -67.94 37.00
CA ASN H 285 23.94 -69.23 37.64
C ASN H 285 25.36 -69.31 38.16
N PHE H 286 25.55 -70.12 39.20
CA PHE H 286 26.87 -70.39 39.76
C PHE H 286 26.94 -71.89 40.04
N GLU H 287 27.99 -72.30 40.77
CA GLU H 287 28.17 -73.71 41.05
C GLU H 287 28.89 -73.87 42.39
N VAL H 288 28.55 -74.93 43.12
CA VAL H 288 29.16 -75.26 44.39
C VAL H 288 29.93 -76.57 44.22
N ARG H 289 31.19 -76.57 44.64
CA ARG H 289 32.04 -77.76 44.59
C ARG H 289 32.35 -78.20 46.00
N VAL H 290 32.03 -79.45 46.32
CA VAL H 290 32.32 -80.03 47.61
C VAL H 290 33.47 -81.02 47.45
N VAL H 291 34.55 -80.81 48.18
CA VAL H 291 35.74 -81.63 48.11
C VAL H 291 36.10 -82.10 49.51
N GLU H 292 37.19 -82.85 49.61
CA GLU H 292 37.65 -83.35 50.89
C GLU H 292 38.42 -82.26 51.65
N PRO H 293 38.47 -82.36 52.97
CA PRO H 293 39.14 -81.30 53.75
C PRO H 293 40.60 -81.08 53.39
N ASN H 294 41.38 -82.14 53.19
CA ASN H 294 42.78 -81.96 52.83
C ASN H 294 42.92 -81.39 51.42
N ASP H 295 42.05 -81.80 50.51
CA ASP H 295 42.03 -81.16 49.19
C ASP H 295 41.61 -79.71 49.30
N PHE H 296 40.74 -79.39 50.26
CA PHE H 296 40.40 -78.00 50.52
C PHE H 296 41.62 -77.22 51.00
N LYS H 297 42.46 -77.85 51.83
CA LYS H 297 43.73 -77.23 52.21
C LYS H 297 44.58 -76.95 50.99
N ALA H 298 44.77 -77.98 50.15
CA ALA H 298 45.58 -77.81 48.95
C ALA H 298 45.07 -76.66 48.11
N TYR H 299 43.75 -76.57 47.94
CA TYR H 299 43.16 -75.50 47.13
C TYR H 299 43.40 -74.13 47.77
N ILE H 300 43.19 -74.02 49.08
CA ILE H 300 43.30 -72.72 49.73
C ILE H 300 44.74 -72.23 49.69
N ASP H 301 45.71 -73.11 49.96
CA ASP H 301 47.10 -72.66 49.91
C ASP H 301 47.58 -72.47 48.48
N GLN H 302 46.98 -73.14 47.51
CA GLN H 302 47.29 -72.84 46.12
C GLN H 302 46.74 -71.49 45.70
N ARG H 303 45.62 -71.08 46.31
CA ARG H 303 45.03 -69.79 46.00
C ARG H 303 45.72 -68.65 46.74
N ASN H 304 46.32 -68.94 47.90
CA ASN H 304 47.04 -67.91 48.64
C ASN H 304 48.19 -67.36 47.81
N ALA H 305 49.01 -68.24 47.26
CA ALA H 305 49.91 -67.84 46.18
C ALA H 305 49.06 -67.45 44.97
N GLY H 306 49.33 -66.29 44.40
CA GLY H 306 48.45 -65.70 43.41
C GLY H 306 48.12 -66.64 42.26
N LYS H 307 46.88 -67.12 42.23
CA LYS H 307 46.45 -68.07 41.21
C LYS H 307 44.95 -67.94 41.02
N THR H 308 44.51 -68.00 39.77
CA THR H 308 43.09 -67.95 39.46
C THR H 308 42.40 -69.21 39.99
N ASN H 309 41.07 -69.22 39.85
CA ASN H 309 40.30 -70.36 40.36
C ASN H 309 40.52 -71.60 39.51
N ALA H 310 40.64 -71.44 38.19
CA ALA H 310 40.82 -72.58 37.32
C ALA H 310 42.16 -73.27 37.55
N GLU H 311 43.21 -72.50 37.79
CA GLU H 311 44.52 -73.08 38.03
C GLU H 311 44.54 -73.85 39.35
N ALA H 312 44.00 -73.25 40.41
CA ALA H 312 43.96 -73.94 41.69
C ALA H 312 43.06 -75.16 41.63
N LEU H 313 42.01 -75.12 40.82
CA LEU H 313 41.13 -76.28 40.70
C LEU H 313 41.80 -77.40 39.92
N ALA H 314 42.59 -77.05 38.91
CA ALA H 314 43.34 -78.08 38.19
C ALA H 314 44.47 -78.63 39.05
N ALA H 315 44.98 -77.84 39.99
CA ALA H 315 46.09 -78.28 40.84
C ALA H 315 45.68 -79.31 41.88
N ILE H 316 44.41 -79.68 41.97
CA ILE H 316 43.97 -80.74 42.89
C ILE H 316 43.20 -81.79 42.09
N ASN H 317 43.48 -81.87 40.80
CA ASN H 317 42.88 -82.87 39.90
C ASN H 317 41.35 -82.77 39.92
N GLN H 318 40.86 -81.60 39.54
CA GLN H 318 39.45 -81.35 39.34
C GLN H 318 39.28 -80.64 38.01
N PRO H 319 38.20 -80.90 37.28
CA PRO H 319 37.92 -80.15 36.06
C PRO H 319 37.83 -78.67 36.36
N PRO H 320 38.56 -77.83 35.62
CA PRO H 320 38.63 -76.41 35.99
C PRO H 320 37.35 -75.64 35.76
N LEU H 321 36.49 -76.10 34.87
CA LEU H 321 35.27 -75.38 34.51
C LEU H 321 34.07 -75.99 35.21
N ALA H 322 33.01 -75.19 35.30
CA ALA H 322 31.76 -75.67 35.87
C ALA H 322 31.15 -76.73 34.95
N ILE H 323 30.77 -77.87 35.54
CA ILE H 323 30.33 -79.00 34.76
C ILE H 323 28.80 -79.08 34.71
N THR H 324 28.14 -78.60 35.76
CA THR H 324 26.69 -78.62 35.77
C THR H 324 26.09 -77.55 34.88
N THR H 325 26.66 -76.35 34.90
CA THR H 325 26.15 -75.22 34.13
C THR H 325 27.21 -74.78 33.12
N GLU H 326 26.76 -74.33 31.97
CA GLU H 326 27.63 -73.83 30.93
C GLU H 326 27.47 -72.32 30.80
N PRO H 327 28.54 -71.58 30.54
CA PRO H 327 28.41 -70.12 30.41
C PRO H 327 27.83 -69.73 29.07
N PHE H 328 26.53 -69.97 28.91
CA PHE H 328 25.90 -69.67 27.63
C PHE H 328 25.89 -68.17 27.39
N GLU H 329 25.97 -67.81 26.11
CA GLU H 329 26.03 -66.41 25.72
C GLU H 329 24.84 -65.65 26.29
N SER H 330 25.05 -64.36 26.53
CA SER H 330 23.95 -63.47 26.91
C SER H 330 23.08 -63.23 25.67
N ARG H 331 22.43 -64.31 25.26
CA ARG H 331 21.88 -64.48 23.93
C ARG H 331 20.96 -63.33 23.53
N ARG H 332 21.22 -62.77 22.35
CA ARG H 332 20.29 -61.84 21.73
C ARG H 332 19.29 -62.54 20.84
N GLY H 333 19.55 -63.77 20.44
CA GLY H 333 18.61 -64.54 19.66
C GLY H 333 19.34 -65.36 18.60
N GLU H 334 18.63 -66.39 18.12
CA GLU H 334 19.17 -67.23 17.06
C GLU H 334 18.91 -66.66 15.68
N LEU H 335 18.15 -65.58 15.56
CA LEU H 335 17.91 -64.93 14.28
C LEU H 335 18.74 -63.68 14.08
N VAL H 336 19.60 -63.35 15.03
CA VAL H 336 20.55 -62.24 14.81
C VAL H 336 21.56 -62.66 13.75
N PRO H 337 22.04 -61.76 12.90
CA PRO H 337 23.02 -62.18 11.89
C PRO H 337 24.37 -62.52 12.49
N GLN H 338 24.48 -63.74 13.01
CA GLN H 338 25.69 -64.24 13.66
C GLN H 338 26.11 -63.34 14.82
N GLU I 10 -59.00 -68.12 22.40
CA GLU I 10 -58.86 -66.91 21.61
C GLU I 10 -57.45 -66.79 21.03
N LEU I 11 -57.38 -66.60 19.71
CA LEU I 11 -56.11 -66.39 19.04
C LEU I 11 -55.51 -65.06 19.47
N GLU I 12 -54.22 -64.84 19.20
CA GLU I 12 -53.56 -63.61 19.60
C GLU I 12 -52.34 -63.43 18.71
N ALA I 13 -52.22 -62.23 18.12
CA ALA I 13 -51.26 -62.00 17.04
C ALA I 13 -49.85 -61.97 17.58
N ARG I 14 -48.92 -62.53 16.79
CA ARG I 14 -47.50 -62.56 17.14
C ARG I 14 -46.65 -62.28 15.91
N ARG I 15 -45.36 -62.54 16.01
CA ARG I 15 -44.46 -62.43 14.88
C ARG I 15 -43.88 -63.79 14.53
N PRO I 16 -43.53 -64.02 13.27
CA PRO I 16 -42.88 -65.30 12.93
C PRO I 16 -41.56 -65.49 13.65
N PHE I 17 -40.85 -64.40 13.95
CA PHE I 17 -39.55 -64.44 14.59
C PHE I 17 -39.27 -63.05 15.13
N PRO I 18 -38.73 -62.91 16.33
CA PRO I 18 -38.41 -61.58 16.85
C PRO I 18 -37.39 -60.88 15.95
N GLU I 19 -37.26 -59.57 16.14
CA GLU I 19 -36.37 -58.80 15.29
C GLU I 19 -34.92 -59.10 15.64
N ARG I 20 -34.07 -59.13 14.60
CA ARG I 20 -32.71 -59.61 14.79
C ARG I 20 -31.84 -58.55 15.45
N MET I 21 -31.68 -57.39 14.81
CA MET I 21 -30.67 -56.43 15.23
C MET I 21 -31.27 -55.18 15.87
N GLY I 22 -32.14 -54.47 15.15
CA GLY I 22 -32.62 -53.19 15.62
C GLY I 22 -32.37 -52.10 14.60
N PRO I 23 -33.02 -50.96 14.79
CA PRO I 23 -32.95 -49.90 13.77
C PRO I 23 -31.56 -49.31 13.66
N LYS I 24 -31.35 -48.58 12.58
CA LYS I 24 -30.08 -47.90 12.37
C LYS I 24 -29.99 -46.68 13.27
N GLY I 25 -28.86 -46.52 13.95
CA GLY I 25 -28.70 -45.43 14.90
C GLY I 25 -29.33 -45.68 16.25
N ASN I 26 -29.50 -46.94 16.63
CA ASN I 26 -30.21 -47.30 17.84
C ASN I 26 -29.31 -47.41 19.06
N LEU I 27 -28.00 -47.43 18.88
CA LEU I 27 -27.13 -47.77 19.99
C LEU I 27 -26.05 -46.74 20.29
N ILE I 28 -25.48 -46.11 19.25
CA ILE I 28 -24.23 -45.37 19.44
C ILE I 28 -24.43 -44.16 20.32
N TYR I 29 -25.56 -43.47 20.20
CA TYR I 29 -25.79 -42.31 21.06
C TYR I 29 -26.33 -42.72 22.42
N LYS I 30 -27.12 -43.80 22.47
CA LYS I 30 -27.54 -44.35 23.74
C LYS I 30 -26.37 -44.91 24.53
N LEU I 31 -25.24 -45.17 23.86
CA LEU I 31 -24.08 -45.73 24.54
C LEU I 31 -23.32 -44.66 25.31
N ILE I 32 -23.37 -43.42 24.84
CA ILE I 32 -22.58 -42.35 25.45
C ILE I 32 -23.30 -41.69 26.62
N THR I 33 -24.62 -41.57 26.53
CA THR I 33 -25.39 -40.85 27.55
C THR I 33 -26.21 -41.77 28.44
N THR I 34 -25.90 -43.07 28.48
CA THR I 34 -26.74 -43.99 29.22
C THR I 34 -26.50 -43.85 30.72
N THR I 35 -27.51 -44.26 31.49
CA THR I 35 -27.38 -44.32 32.94
C THR I 35 -28.02 -45.56 33.55
N ASP I 36 -28.55 -46.48 32.76
CA ASP I 36 -29.16 -47.68 33.31
C ASP I 36 -28.11 -48.78 33.45
N HIS I 37 -28.23 -49.56 34.52
CA HIS I 37 -27.19 -50.49 34.89
C HIS I 37 -27.04 -51.65 33.93
N LYS I 38 -28.10 -52.01 33.20
CA LYS I 38 -28.03 -53.18 32.33
C LYS I 38 -27.10 -52.95 31.16
N LEU I 39 -27.22 -51.81 30.49
CA LEU I 39 -26.34 -51.49 29.38
C LEU I 39 -24.90 -51.37 29.85
N ILE I 40 -24.70 -50.79 31.03
CA ILE I 40 -23.35 -50.64 31.56
C ILE I 40 -22.73 -51.99 31.89
N GLY I 41 -23.54 -52.93 32.39
CA GLY I 41 -23.03 -54.27 32.63
C GLY I 41 -22.63 -54.97 31.33
N ILE I 42 -23.44 -54.80 30.29
CA ILE I 42 -23.08 -55.38 28.99
C ILE I 42 -21.76 -54.79 28.50
N MET I 43 -21.59 -53.49 28.63
CA MET I 43 -20.36 -52.84 28.19
C MET I 43 -19.15 -53.36 28.96
N TYR I 44 -19.26 -53.39 30.30
CA TYR I 44 -18.28 -54.07 31.14
C TYR I 44 -17.87 -55.42 30.56
N CYS I 45 -18.85 -56.30 30.33
CA CYS I 45 -18.52 -57.66 29.93
C CYS I 45 -17.77 -57.68 28.59
N VAL I 46 -18.23 -56.89 27.63
CA VAL I 46 -17.61 -56.93 26.30
C VAL I 46 -16.16 -56.44 26.36
N VAL I 47 -15.92 -55.30 27.01
CA VAL I 47 -14.56 -54.79 27.04
C VAL I 47 -13.64 -55.68 27.86
N CYS I 48 -14.15 -56.27 28.95
CA CYS I 48 -13.32 -57.16 29.74
C CYS I 48 -12.93 -58.40 28.93
N PHE I 49 -13.81 -58.89 28.07
CA PHE I 49 -13.42 -60.03 27.25
C PHE I 49 -12.41 -59.65 26.18
N ALA I 50 -12.51 -58.43 25.64
CA ALA I 50 -11.45 -57.98 24.73
C ALA I 50 -10.09 -57.98 25.44
N PHE I 51 -10.04 -57.44 26.66
CA PHE I 51 -8.77 -57.43 27.38
C PHE I 51 -8.30 -58.83 27.73
N PHE I 52 -9.23 -59.75 28.01
CA PHE I 52 -8.86 -61.15 28.21
C PHE I 52 -8.18 -61.72 26.98
N LEU I 53 -8.70 -61.42 25.79
CA LEU I 53 -8.05 -61.92 24.57
C LEU I 53 -6.64 -61.37 24.43
N VAL I 54 -6.44 -60.08 24.74
CA VAL I 54 -5.11 -59.49 24.65
C VAL I 54 -4.14 -60.20 25.59
N GLY I 55 -4.53 -60.35 26.86
CA GLY I 55 -3.66 -61.05 27.81
C GLY I 55 -3.34 -62.47 27.38
N GLY I 56 -4.33 -63.17 26.85
CA GLY I 56 -4.08 -64.53 26.39
C GLY I 56 -3.09 -64.58 25.24
N LEU I 57 -3.16 -63.60 24.34
CA LEU I 57 -2.17 -63.54 23.26
C LEU I 57 -0.76 -63.38 23.81
N MET I 58 -0.60 -62.51 24.81
CA MET I 58 0.71 -62.38 25.45
C MET I 58 1.17 -63.71 26.04
N ALA I 59 0.26 -64.43 26.70
CA ALA I 59 0.63 -65.71 27.29
C ALA I 59 1.06 -66.72 26.23
N LEU I 60 0.40 -66.71 25.07
CA LEU I 60 0.79 -67.63 24.00
C LEU I 60 2.17 -67.33 23.47
N PHE I 61 2.51 -66.03 23.32
CA PHE I 61 3.88 -65.69 22.95
C PHE I 61 4.87 -66.23 23.97
N MET I 62 4.58 -66.04 25.26
CA MET I 62 5.45 -66.55 26.30
C MET I 62 5.66 -68.06 26.17
N ARG I 63 4.57 -68.81 25.98
CA ARG I 63 4.69 -70.27 25.91
C ARG I 63 5.52 -70.69 24.70
N THR I 64 5.19 -70.15 23.53
CA THR I 64 5.90 -70.58 22.33
C THR I 64 7.37 -70.19 22.37
N GLU I 65 7.74 -69.21 23.20
CA GLU I 65 9.17 -69.01 23.42
C GLU I 65 9.74 -70.00 24.43
N LEU I 66 8.97 -70.33 25.47
CA LEU I 66 9.52 -71.16 26.54
C LEU I 66 9.78 -72.59 26.09
N ALA I 67 9.08 -73.08 25.09
CA ALA I 67 9.47 -74.37 24.53
C ALA I 67 10.80 -74.22 23.78
N MET I 68 11.46 -75.37 23.52
CA MET I 68 12.61 -75.39 22.64
C MET I 68 13.76 -74.49 23.12
N PRO I 69 14.57 -74.94 24.09
CA PRO I 69 15.65 -74.11 24.64
C PRO I 69 16.41 -73.29 23.62
N GLY I 70 16.77 -72.08 24.00
CA GLY I 70 17.35 -71.10 23.10
C GLY I 70 16.37 -69.97 22.80
N LEU I 71 16.92 -68.79 22.54
CA LEU I 71 16.10 -67.62 22.23
C LEU I 71 15.84 -67.61 20.73
N GLN I 72 14.69 -68.15 20.33
CA GLN I 72 14.39 -68.32 18.91
C GLN I 72 13.98 -66.99 18.27
N PHE I 73 13.00 -66.31 18.84
CA PHE I 73 12.51 -65.08 18.24
C PHE I 73 12.30 -63.92 19.20
N LEU I 74 12.32 -64.14 20.52
CA LEU I 74 12.16 -63.06 21.46
C LEU I 74 13.52 -62.63 22.00
N SER I 75 13.48 -61.69 22.94
CA SER I 75 14.65 -61.20 23.65
C SER I 75 14.41 -61.38 25.15
N ASN I 76 15.33 -60.85 25.96
CA ASN I 76 15.10 -60.86 27.40
C ASN I 76 14.18 -59.72 27.81
N GLU I 77 14.42 -58.52 27.26
CA GLU I 77 13.57 -57.38 27.55
C GLU I 77 12.13 -57.65 27.14
N GLN I 78 11.94 -58.18 25.94
CA GLN I 78 10.60 -58.40 25.44
C GLN I 78 9.88 -59.47 26.26
N PHE I 79 10.59 -60.50 26.70
CA PHE I 79 9.98 -61.50 27.55
C PHE I 79 9.56 -60.91 28.89
N ASN I 80 10.41 -60.07 29.48
CA ASN I 80 10.05 -59.46 30.75
C ASN I 80 8.82 -58.57 30.61
N GLN I 81 8.79 -57.75 29.56
CA GLN I 81 7.60 -56.93 29.29
C GLN I 81 6.38 -57.80 29.09
N LEU I 82 6.54 -58.94 28.42
CA LEU I 82 5.41 -59.81 28.16
C LEU I 82 4.80 -60.33 29.44
N PHE I 83 5.61 -60.88 30.34
CA PHE I 83 4.98 -61.44 31.53
C PHE I 83 4.47 -60.34 32.46
N THR I 84 5.14 -59.19 32.49
CA THR I 84 4.62 -58.06 33.28
C THR I 84 3.24 -57.66 32.80
N MET I 85 3.10 -57.36 31.51
CA MET I 85 1.83 -56.90 30.99
C MET I 85 0.77 -57.98 31.04
N HIS I 86 1.15 -59.24 30.86
CA HIS I 86 0.18 -60.33 31.00
C HIS I 86 -0.41 -60.35 32.39
N GLY I 87 0.44 -60.38 33.42
CA GLY I 87 -0.07 -60.38 34.78
C GLY I 87 -0.93 -59.17 35.07
N THR I 88 -0.45 -57.97 34.68
CA THR I 88 -1.18 -56.75 34.97
C THR I 88 -2.55 -56.76 34.32
N VAL I 89 -2.61 -57.02 33.01
CA VAL I 89 -3.88 -57.02 32.29
C VAL I 89 -4.83 -58.05 32.90
N MET I 90 -4.38 -59.30 33.01
CA MET I 90 -5.27 -60.36 33.45
C MET I 90 -5.79 -60.13 34.86
N LEU I 91 -5.01 -59.48 35.72
CA LEU I 91 -5.52 -59.31 37.08
C LEU I 91 -6.34 -58.03 37.26
N LEU I 92 -5.93 -56.92 36.65
CA LEU I 92 -6.54 -55.64 36.97
C LEU I 92 -7.47 -55.10 35.90
N PHE I 93 -7.35 -55.55 34.65
CA PHE I 93 -8.21 -55.05 33.58
C PHE I 93 -9.18 -56.10 33.09
N TYR I 94 -9.27 -57.24 33.75
CA TYR I 94 -10.26 -58.22 33.35
C TYR I 94 -11.11 -58.73 34.50
N ALA I 95 -10.52 -58.93 35.69
CA ALA I 95 -11.25 -59.55 36.79
C ALA I 95 -11.98 -58.53 37.66
N THR I 96 -11.24 -57.55 38.18
CA THR I 96 -11.86 -56.50 38.98
C THR I 96 -13.01 -55.79 38.28
N PRO I 97 -12.95 -55.48 37.00
CA PRO I 97 -14.14 -54.90 36.34
C PRO I 97 -15.22 -55.91 36.03
N ILE I 98 -14.90 -57.18 35.77
CA ILE I 98 -15.97 -58.15 35.52
C ILE I 98 -16.80 -58.36 36.78
N VAL I 99 -16.19 -58.20 37.96
CA VAL I 99 -16.96 -58.26 39.20
C VAL I 99 -18.08 -57.22 39.17
N PHE I 100 -17.73 -55.96 38.90
CA PHE I 100 -18.74 -54.92 38.84
C PHE I 100 -19.65 -55.06 37.63
N GLY I 101 -19.20 -55.73 36.57
CA GLY I 101 -20.10 -56.03 35.47
C GLY I 101 -21.25 -56.90 35.92
N PHE I 102 -20.94 -58.01 36.58
CA PHE I 102 -22.01 -58.87 37.07
C PHE I 102 -22.85 -58.17 38.13
N ALA I 103 -22.22 -57.35 38.97
CA ALA I 103 -22.96 -56.58 39.97
C ALA I 103 -23.98 -55.67 39.31
N ASN I 104 -23.53 -54.80 38.41
CA ASN I 104 -24.44 -53.90 37.71
C ASN I 104 -25.50 -54.66 36.93
N LEU I 105 -25.18 -55.86 36.46
CA LEU I 105 -26.18 -56.64 35.74
C LEU I 105 -27.32 -57.07 36.67
N VAL I 106 -27.00 -57.74 37.78
CA VAL I 106 -28.07 -58.45 38.47
C VAL I 106 -28.20 -58.15 39.96
N LEU I 107 -27.64 -57.06 40.45
CA LEU I 107 -27.90 -56.76 41.85
C LEU I 107 -29.22 -56.03 42.07
N PRO I 108 -29.52 -54.96 41.32
CA PRO I 108 -30.80 -54.28 41.52
C PRO I 108 -31.99 -55.18 41.21
N LEU I 109 -31.86 -56.09 40.25
CA LEU I 109 -32.92 -57.04 40.02
C LEU I 109 -33.13 -57.95 41.22
N GLN I 110 -32.04 -58.38 41.85
CA GLN I 110 -32.13 -59.32 42.95
C GLN I 110 -32.68 -58.70 44.22
N ILE I 111 -32.41 -57.42 44.46
CA ILE I 111 -32.99 -56.77 45.64
C ILE I 111 -34.33 -56.11 45.36
N GLY I 112 -34.79 -56.09 44.12
CA GLY I 112 -36.08 -55.53 43.81
C GLY I 112 -36.11 -54.02 43.75
N ALA I 113 -35.09 -53.40 43.17
CA ALA I 113 -34.96 -51.96 43.08
C ALA I 113 -35.07 -51.49 41.64
N PRO I 114 -35.42 -50.22 41.41
CA PRO I 114 -35.52 -49.73 40.03
C PRO I 114 -34.19 -49.33 39.42
N ASP I 115 -33.18 -49.01 40.22
CA ASP I 115 -31.92 -48.50 39.71
C ASP I 115 -30.90 -48.56 40.84
N VAL I 116 -29.67 -48.18 40.52
CA VAL I 116 -28.60 -48.07 41.51
C VAL I 116 -28.76 -46.74 42.25
N ALA I 117 -28.02 -46.57 43.35
CA ALA I 117 -28.16 -45.36 44.15
C ALA I 117 -27.78 -44.12 43.36
N PHE I 118 -26.55 -44.09 42.85
CA PHE I 118 -26.05 -42.94 42.10
C PHE I 118 -25.84 -43.35 40.64
N PRO I 119 -26.75 -43.00 39.73
CA PRO I 119 -26.67 -43.55 38.37
C PRO I 119 -25.61 -42.92 37.48
N ARG I 120 -25.14 -41.71 37.77
CA ARG I 120 -24.09 -41.12 36.94
C ARG I 120 -22.70 -41.51 37.40
N LEU I 121 -22.53 -41.74 38.70
CA LEU I 121 -21.26 -42.28 39.20
C LEU I 121 -20.96 -43.63 38.58
N ASN I 122 -22.00 -44.38 38.21
CA ASN I 122 -21.83 -45.66 37.52
C ASN I 122 -21.09 -45.49 36.20
N ALA I 123 -21.62 -44.63 35.33
CA ALA I 123 -20.98 -44.39 34.05
C ALA I 123 -19.59 -43.79 34.23
N LEU I 124 -19.44 -42.92 35.23
CA LEU I 124 -18.12 -42.37 35.51
C LEU I 124 -17.13 -43.48 35.81
N SER I 125 -17.54 -44.46 36.62
CA SER I 125 -16.66 -45.57 36.96
C SER I 125 -16.28 -46.35 35.71
N PHE I 126 -17.26 -46.65 34.86
CA PHE I 126 -16.95 -47.43 33.66
C PHE I 126 -15.94 -46.71 32.77
N TRP I 127 -16.16 -45.42 32.54
CA TRP I 127 -15.27 -44.70 31.63
C TRP I 127 -13.88 -44.53 32.24
N LEU I 128 -13.80 -44.32 33.56
CA LEU I 128 -12.50 -44.26 34.22
C LEU I 128 -11.74 -45.56 34.03
N PHE I 129 -12.42 -46.69 34.24
CA PHE I 129 -11.80 -47.99 34.02
C PHE I 129 -11.25 -48.10 32.60
N LEU I 130 -12.09 -47.80 31.61
CA LEU I 130 -11.68 -47.99 30.22
C LEU I 130 -10.46 -47.14 29.88
N PHE I 131 -10.48 -45.85 30.26
CA PHE I 131 -9.40 -44.98 29.85
C PHE I 131 -8.12 -45.25 30.65
N GLY I 132 -8.24 -45.64 31.91
CA GLY I 132 -7.04 -46.06 32.64
C GLY I 132 -6.39 -47.28 32.04
N ALA I 133 -7.21 -48.27 31.64
CA ALA I 133 -6.65 -49.44 30.98
C ALA I 133 -5.96 -49.06 29.68
N LEU I 134 -6.59 -48.21 28.88
CA LEU I 134 -5.97 -47.82 27.62
C LEU I 134 -4.67 -47.06 27.84
N ILE I 135 -4.61 -46.24 28.90
CA ILE I 135 -3.37 -45.52 29.21
C ILE I 135 -2.28 -46.49 29.59
N ALA I 136 -2.58 -47.45 30.46
CA ALA I 136 -1.55 -48.37 30.92
C ALA I 136 -1.06 -49.27 29.80
N ILE I 137 -1.94 -49.67 28.87
CA ILE I 137 -1.52 -50.57 27.80
C ILE I 137 -0.67 -49.83 26.78
N ALA I 138 -0.86 -48.52 26.63
CA ALA I 138 -0.18 -47.78 25.56
C ALA I 138 1.26 -47.48 25.93
N GLY I 139 2.00 -48.50 26.34
CA GLY I 139 3.43 -48.37 26.56
C GLY I 139 4.18 -49.17 25.53
N PHE I 140 3.45 -50.01 24.80
CA PHE I 140 4.06 -50.83 23.76
C PHE I 140 4.43 -50.00 22.53
N ILE I 141 3.77 -48.88 22.30
CA ILE I 141 4.13 -48.01 21.19
C ILE I 141 5.32 -47.12 21.50
N THR I 142 5.75 -47.08 22.75
CA THR I 142 7.01 -46.44 23.09
C THR I 142 8.17 -47.28 22.56
N PRO I 143 9.21 -46.65 21.99
CA PRO I 143 10.33 -47.44 21.45
C PRO I 143 11.02 -48.30 22.49
N GLY I 144 11.00 -47.90 23.76
CA GLY I 144 11.61 -48.72 24.80
C GLY I 144 10.77 -49.87 25.27
N GLY I 145 9.45 -49.83 25.06
CA GLY I 145 8.57 -50.90 25.46
C GLY I 145 7.77 -50.56 26.70
N ALA I 146 7.00 -51.54 27.16
CA ALA I 146 6.14 -51.39 28.31
C ALA I 146 6.96 -51.57 29.59
N ALA I 147 6.28 -51.72 30.72
CA ALA I 147 6.96 -51.95 31.98
C ALA I 147 7.62 -53.33 31.97
N ASP I 148 8.82 -53.40 32.55
CA ASP I 148 9.64 -54.59 32.47
C ASP I 148 9.92 -55.25 33.80
N PHE I 149 9.62 -54.59 34.92
CA PHE I 149 9.66 -55.23 36.22
C PHE I 149 8.53 -56.24 36.33
N GLY I 150 8.40 -56.88 37.48
CA GLY I 150 7.36 -57.86 37.67
C GLY I 150 5.98 -57.24 37.67
N TRP I 151 4.97 -58.08 37.90
CA TRP I 151 3.66 -57.54 38.18
C TRP I 151 3.64 -56.83 39.53
N THR I 152 4.49 -57.27 40.45
CA THR I 152 4.46 -56.78 41.83
C THR I 152 5.31 -55.53 42.04
N ALA I 153 6.23 -55.21 41.14
CA ALA I 153 7.01 -53.97 41.21
C ALA I 153 7.80 -53.87 42.51
N TYR I 154 8.78 -54.76 42.64
CA TYR I 154 9.59 -54.86 43.86
C TYR I 154 10.37 -53.58 44.11
N SER I 155 11.07 -53.57 45.26
CA SER I 155 11.31 -52.30 45.96
C SER I 155 12.30 -51.39 45.24
N PRO I 156 13.55 -51.78 44.99
CA PRO I 156 14.47 -50.87 44.33
C PRO I 156 14.57 -51.04 42.82
N LEU I 157 13.97 -52.10 42.27
CA LEU I 157 14.04 -52.33 40.83
C LEU I 157 13.19 -51.35 40.05
N THR I 158 12.11 -50.82 40.65
CA THR I 158 11.24 -49.86 39.99
C THR I 158 11.67 -48.42 40.28
N ASP I 159 12.93 -48.21 40.60
CA ASP I 159 13.39 -46.88 40.97
C ASP I 159 13.57 -46.02 39.72
N ALA I 160 14.28 -44.91 39.84
CA ALA I 160 14.63 -44.14 38.67
C ALA I 160 15.94 -44.59 38.04
N ILE I 161 16.89 -45.07 38.86
CA ILE I 161 18.15 -45.57 38.33
C ILE I 161 17.92 -46.85 37.54
N HIS I 162 17.37 -47.86 38.19
CA HIS I 162 16.94 -49.06 37.50
C HIS I 162 15.55 -48.83 36.93
N SER I 163 15.28 -49.43 35.77
CA SER I 163 14.02 -49.20 35.07
C SER I 163 13.80 -47.73 34.78
N PRO I 164 14.56 -47.14 33.86
CA PRO I 164 14.43 -45.71 33.55
C PRO I 164 13.48 -45.36 32.42
N GLY I 165 12.82 -46.33 31.81
CA GLY I 165 12.00 -46.06 30.65
C GLY I 165 10.79 -45.20 30.94
N ALA I 166 9.97 -45.03 29.91
CA ALA I 166 8.71 -44.28 29.99
C ALA I 166 7.49 -45.18 30.01
N GLY I 167 7.68 -46.49 30.18
CA GLY I 167 6.55 -47.38 30.33
C GLY I 167 6.10 -47.53 31.77
N GLY I 168 7.03 -47.42 32.72
CA GLY I 168 6.65 -47.50 34.11
C GLY I 168 5.76 -46.35 34.56
N ASP I 169 5.99 -45.16 34.01
CA ASP I 169 5.15 -44.02 34.33
C ASP I 169 3.71 -44.27 33.90
N LEU I 170 3.53 -44.72 32.66
CA LEU I 170 2.19 -45.01 32.16
C LEU I 170 1.55 -46.14 32.96
N TRP I 171 2.34 -47.15 33.33
CA TRP I 171 1.85 -48.20 34.19
C TRP I 171 1.26 -47.63 35.49
N ILE I 172 2.04 -46.80 36.18
CA ILE I 172 1.62 -46.26 37.47
C ILE I 172 0.35 -45.43 37.31
N MET I 173 0.31 -44.55 36.30
CA MET I 173 -0.82 -43.64 36.19
C MET I 173 -2.09 -44.38 35.77
N GLY I 174 -1.98 -45.35 34.86
CA GLY I 174 -3.13 -46.15 34.52
C GLY I 174 -3.69 -46.89 35.71
N LEU I 175 -2.80 -47.46 36.54
CA LEU I 175 -3.29 -48.15 37.73
C LEU I 175 -4.00 -47.19 38.67
N ALA I 176 -3.48 -45.97 38.83
CA ALA I 176 -4.12 -45.00 39.70
C ALA I 176 -5.54 -44.67 39.23
N VAL I 177 -5.69 -44.41 37.92
CA VAL I 177 -7.01 -44.07 37.39
C VAL I 177 -7.99 -45.23 37.57
N GLY I 178 -7.54 -46.45 37.23
CA GLY I 178 -8.41 -47.60 37.42
C GLY I 178 -8.82 -47.80 38.86
N GLY I 179 -7.90 -47.56 39.79
CA GLY I 179 -8.24 -47.70 41.20
C GLY I 179 -9.28 -46.70 41.64
N LEU I 180 -9.18 -45.46 41.16
CA LEU I 180 -10.22 -44.48 41.47
C LEU I 180 -11.59 -44.97 40.98
N GLY I 181 -11.63 -45.47 39.75
CA GLY I 181 -12.90 -46.00 39.24
C GLY I 181 -13.45 -47.11 40.11
N THR I 182 -12.58 -48.03 40.55
CA THR I 182 -13.04 -49.15 41.36
C THR I 182 -13.57 -48.68 42.71
N ILE I 183 -12.92 -47.70 43.32
CA ILE I 183 -13.41 -47.18 44.60
C ILE I 183 -14.80 -46.59 44.44
N LEU I 184 -15.01 -45.81 43.37
CA LEU I 184 -16.34 -45.24 43.14
C LEU I 184 -17.39 -46.34 42.96
N GLY I 185 -17.06 -47.38 42.20
CA GLY I 185 -18.00 -48.49 42.03
C GLY I 185 -18.36 -49.14 43.35
N GLY I 186 -17.37 -49.35 44.22
CA GLY I 186 -17.65 -49.96 45.51
C GLY I 186 -18.56 -49.11 46.37
N VAL I 187 -18.31 -47.80 46.40
CA VAL I 187 -19.20 -46.89 47.14
C VAL I 187 -20.63 -47.03 46.65
N ASN I 188 -20.81 -47.02 45.33
CA ASN I 188 -22.15 -47.11 44.75
C ASN I 188 -22.83 -48.41 45.15
N MET I 189 -22.09 -49.53 45.11
CA MET I 189 -22.72 -50.81 45.41
C MET I 189 -23.14 -50.90 46.87
N ILE I 190 -22.28 -50.43 47.79
CA ILE I 190 -22.66 -50.47 49.21
C ILE I 190 -23.91 -49.64 49.44
N THR I 191 -23.94 -48.41 48.90
CA THR I 191 -25.10 -47.55 49.13
C THR I 191 -26.36 -48.16 48.54
N THR I 192 -26.26 -48.78 47.37
CA THR I 192 -27.44 -49.38 46.75
C THR I 192 -27.98 -50.53 47.59
N VAL I 193 -27.10 -51.41 48.07
CA VAL I 193 -27.58 -52.55 48.84
C VAL I 193 -28.17 -52.09 50.17
N VAL I 194 -27.66 -50.99 50.74
CA VAL I 194 -28.14 -50.56 52.05
C VAL I 194 -29.46 -49.82 51.95
N CYS I 195 -29.56 -48.85 51.04
CA CYS I 195 -30.74 -47.98 51.03
C CYS I 195 -31.87 -48.52 50.18
N MET I 196 -31.65 -48.66 48.87
CA MET I 196 -32.70 -49.04 47.92
C MET I 196 -32.98 -50.52 48.07
N ARG I 197 -34.16 -50.87 48.58
CA ARG I 197 -34.51 -52.26 48.78
C ARG I 197 -36.02 -52.41 48.84
N ALA I 198 -36.50 -53.61 48.51
CA ALA I 198 -37.93 -53.84 48.37
C ALA I 198 -38.62 -53.73 49.73
N PRO I 199 -39.93 -53.40 49.73
CA PRO I 199 -40.60 -53.12 51.00
C PRO I 199 -40.95 -54.36 51.82
N GLY I 200 -40.49 -55.53 51.41
CA GLY I 200 -40.82 -56.72 52.14
C GLY I 200 -39.63 -57.54 52.63
N MET I 201 -38.50 -57.41 51.95
CA MET I 201 -37.36 -58.29 52.20
C MET I 201 -36.39 -57.65 53.19
N THR I 202 -36.13 -58.35 54.29
CA THR I 202 -35.11 -57.95 55.23
C THR I 202 -33.76 -58.46 54.74
N MET I 203 -32.70 -58.10 55.47
CA MET I 203 -31.36 -58.43 54.99
C MET I 203 -31.03 -59.91 55.15
N PHE I 204 -31.83 -60.66 55.91
CA PHE I 204 -31.66 -62.11 55.99
C PHE I 204 -32.62 -62.86 55.08
N ARG I 205 -33.09 -62.19 54.04
CA ARG I 205 -33.83 -62.82 52.96
C ARG I 205 -33.22 -62.57 51.60
N MET I 206 -32.24 -61.69 51.50
CA MET I 206 -31.62 -61.39 50.23
C MET I 206 -30.71 -62.54 49.80
N PRO I 207 -30.48 -62.70 48.50
CA PRO I 207 -29.68 -63.81 48.02
C PRO I 207 -28.22 -63.68 48.43
N ILE I 208 -27.48 -64.76 48.26
CA ILE I 208 -26.10 -64.80 48.74
C ILE I 208 -25.18 -64.00 47.83
N PHE I 209 -25.50 -63.91 46.54
CA PHE I 209 -24.72 -63.09 45.63
C PHE I 209 -24.65 -61.65 46.11
N THR I 210 -25.78 -61.12 46.60
CA THR I 210 -25.80 -59.74 47.08
C THR I 210 -24.93 -59.58 48.33
N TRP I 211 -24.96 -60.55 49.22
CA TRP I 211 -24.13 -60.47 50.42
C TRP I 211 -22.65 -60.49 50.07
N ASN I 212 -22.27 -61.38 49.15
CA ASN I 212 -20.88 -61.42 48.70
C ASN I 212 -20.46 -60.11 48.06
N ILE I 213 -21.36 -59.49 47.30
CA ILE I 213 -21.02 -58.21 46.67
C ILE I 213 -20.82 -57.12 47.72
N LEU I 214 -21.69 -57.10 48.74
CA LEU I 214 -21.53 -56.12 49.82
C LEU I 214 -20.19 -56.27 50.51
N VAL I 215 -19.84 -57.50 50.88
CA VAL I 215 -18.58 -57.75 51.58
C VAL I 215 -17.40 -57.38 50.68
N THR I 216 -17.47 -57.74 49.40
CA THR I 216 -16.39 -57.41 48.48
C THR I 216 -16.23 -55.90 48.34
N SER I 217 -17.32 -55.16 48.35
CA SER I 217 -17.22 -53.70 48.28
C SER I 217 -16.54 -53.13 49.51
N ILE I 218 -16.84 -53.68 50.69
CA ILE I 218 -16.14 -53.25 51.90
C ILE I 218 -14.64 -53.50 51.75
N LEU I 219 -14.27 -54.69 51.26
CA LEU I 219 -12.85 -54.99 51.06
C LEU I 219 -12.20 -54.03 50.08
N VAL I 220 -12.92 -53.68 49.01
CA VAL I 220 -12.39 -52.74 48.02
C VAL I 220 -12.07 -51.40 48.68
N LEU I 221 -13.04 -50.90 49.46
CA LEU I 221 -12.82 -49.63 50.16
C LEU I 221 -11.64 -49.70 51.11
N ILE I 222 -11.40 -50.86 51.71
CA ILE I 222 -10.27 -50.97 52.62
C ILE I 222 -8.95 -51.02 51.84
N ALA I 223 -8.94 -51.70 50.69
CA ALA I 223 -7.70 -52.07 50.03
C ALA I 223 -7.16 -51.01 49.07
N PHE I 224 -8.00 -50.49 48.18
CA PHE I 224 -7.46 -49.72 47.05
C PHE I 224 -6.83 -48.37 47.40
N PRO I 225 -7.37 -47.62 48.36
CA PRO I 225 -6.73 -46.33 48.70
C PRO I 225 -5.26 -46.46 49.09
N ILE I 226 -4.89 -47.53 49.78
CA ILE I 226 -3.49 -47.69 50.18
C ILE I 226 -2.62 -47.95 48.96
N LEU I 227 -3.16 -48.60 47.94
CA LEU I 227 -2.41 -48.76 46.70
C LEU I 227 -2.22 -47.43 46.00
N THR I 228 -3.24 -46.57 46.00
CA THR I 228 -3.06 -45.26 45.40
C THR I 228 -2.01 -44.45 46.16
N ALA I 229 -1.99 -44.57 47.49
CA ALA I 229 -0.97 -43.89 48.28
C ALA I 229 0.43 -44.37 47.93
N ALA I 230 0.62 -45.69 47.88
CA ALA I 230 1.91 -46.25 47.52
C ALA I 230 2.34 -45.79 46.13
N LEU I 231 1.41 -45.76 45.17
CA LEU I 231 1.76 -45.38 43.82
C LEU I 231 2.11 -43.90 43.72
N PHE I 232 1.46 -43.05 44.50
CA PHE I 232 1.83 -41.64 44.49
C PHE I 232 3.21 -41.45 45.11
N GLY I 233 3.51 -42.19 46.18
CA GLY I 233 4.87 -42.15 46.70
C GLY I 233 5.90 -42.58 45.67
N LEU I 234 5.58 -43.63 44.91
CA LEU I 234 6.52 -44.12 43.90
C LEU I 234 6.71 -43.11 42.79
N ALA I 235 5.64 -42.47 42.33
CA ALA I 235 5.77 -41.46 41.30
C ALA I 235 6.56 -40.25 41.79
N ALA I 236 6.35 -39.85 43.05
CA ALA I 236 7.15 -38.79 43.63
C ALA I 236 8.62 -39.17 43.63
N ASP I 237 8.91 -40.41 44.01
CA ASP I 237 10.29 -40.88 44.04
C ASP I 237 10.91 -40.94 42.65
N ARG I 238 10.10 -41.18 41.62
CA ARG I 238 10.63 -41.31 40.27
C ARG I 238 10.79 -39.95 39.59
N HIS I 239 9.96 -38.98 39.92
CA HIS I 239 9.99 -37.70 39.21
C HIS I 239 10.59 -36.55 40.02
N LEU I 240 10.84 -36.75 41.31
CA LEU I 240 11.42 -35.70 42.13
C LEU I 240 12.61 -36.17 42.97
N GLY I 241 12.98 -37.45 42.90
CA GLY I 241 14.04 -37.98 43.74
C GLY I 241 13.71 -37.83 45.21
N ALA I 242 12.72 -38.57 45.69
CA ALA I 242 12.06 -38.27 46.95
C ALA I 242 12.53 -39.16 48.09
N HIS I 243 13.55 -39.98 47.90
CA HIS I 243 14.20 -40.71 49.00
C HIS I 243 13.18 -41.44 49.89
N ILE I 244 12.09 -41.92 49.31
CA ILE I 244 11.06 -42.58 50.12
C ILE I 244 11.37 -44.07 50.27
N TYR I 245 11.80 -44.71 49.19
CA TYR I 245 12.05 -46.16 49.19
C TYR I 245 13.54 -46.48 49.02
N ASP I 246 14.43 -45.71 49.64
CA ASP I 246 15.81 -46.16 49.51
C ASP I 246 16.07 -47.30 50.47
N PRO I 247 16.88 -48.28 50.09
CA PRO I 247 17.28 -49.32 51.04
C PRO I 247 18.03 -48.77 52.24
N ALA I 248 18.54 -47.54 52.16
CA ALA I 248 19.19 -46.93 53.31
C ALA I 248 18.23 -46.76 54.46
N ASN I 249 17.02 -46.29 54.19
CA ASN I 249 15.93 -46.33 55.15
C ASN I 249 15.34 -47.74 55.13
N GLY I 250 14.19 -47.92 55.77
CA GLY I 250 13.51 -49.18 55.66
C GLY I 250 12.72 -49.28 54.37
N GLY I 251 13.32 -48.82 53.27
CA GLY I 251 12.59 -48.63 52.04
C GLY I 251 12.33 -49.88 51.24
N VAL I 252 13.07 -50.96 51.51
CA VAL I 252 12.86 -52.18 50.73
C VAL I 252 11.70 -52.99 51.29
N LEU I 253 11.59 -53.08 52.61
CA LEU I 253 10.48 -53.82 53.21
C LEU I 253 9.22 -52.99 53.34
N LEU I 254 9.34 -51.66 53.39
CA LEU I 254 8.15 -50.81 53.44
C LEU I 254 7.27 -51.03 52.23
N TRP I 255 7.87 -51.00 51.04
CA TRP I 255 7.10 -51.22 49.82
C TRP I 255 6.43 -52.57 49.84
N GLN I 256 7.14 -53.61 50.28
CA GLN I 256 6.56 -54.94 50.27
C GLN I 256 5.39 -55.04 51.22
N HIS I 257 5.53 -54.47 52.42
CA HIS I 257 4.42 -54.47 53.36
C HIS I 257 3.19 -53.78 52.79
N LEU I 258 3.38 -52.56 52.27
CA LEU I 258 2.26 -51.83 51.69
C LEU I 258 1.62 -52.61 50.55
N PHE I 259 2.44 -53.08 49.61
CA PHE I 259 1.91 -53.72 48.42
C PHE I 259 1.15 -54.98 48.78
N TRP I 260 1.65 -55.78 49.72
CA TRP I 260 0.95 -57.03 49.98
C TRP I 260 -0.27 -56.83 50.86
N PHE I 261 -0.23 -55.83 51.75
CA PHE I 261 -1.46 -55.43 52.44
C PHE I 261 -2.54 -55.03 51.45
N PHE I 262 -2.15 -54.44 50.32
CA PHE I 262 -3.13 -54.26 49.25
C PHE I 262 -3.48 -55.57 48.57
N GLY I 263 -2.47 -56.37 48.23
CA GLY I 263 -2.60 -57.39 47.21
C GLY I 263 -3.25 -58.68 47.65
N HIS I 264 -3.32 -59.01 48.92
CA HIS I 264 -4.08 -60.20 49.30
C HIS I 264 -5.58 -59.89 49.25
N PRO I 265 -6.05 -58.86 49.93
CA PRO I 265 -7.47 -58.51 49.77
C PRO I 265 -7.90 -58.43 48.33
N GLU I 266 -6.99 -58.16 47.39
CA GLU I 266 -7.36 -58.11 45.99
C GLU I 266 -7.78 -59.50 45.48
N VAL I 267 -7.01 -60.53 45.81
CA VAL I 267 -7.38 -61.86 45.34
C VAL I 267 -8.66 -62.30 46.02
N TYR I 268 -8.88 -61.88 47.26
CA TYR I 268 -10.10 -62.22 47.97
C TYR I 268 -11.29 -61.53 47.29
N ILE I 269 -11.08 -60.28 46.89
CA ILE I 269 -12.09 -59.46 46.21
C ILE I 269 -12.53 -60.14 44.93
N ILE I 270 -11.57 -60.60 44.13
CA ILE I 270 -11.94 -61.28 42.88
C ILE I 270 -12.31 -62.74 43.09
N ALA I 271 -12.25 -63.24 44.32
CA ALA I 271 -12.70 -64.61 44.56
C ALA I 271 -14.13 -64.71 45.07
N LEU I 272 -14.58 -63.80 45.94
CA LEU I 272 -15.84 -64.05 46.65
C LEU I 272 -17.08 -64.01 45.76
N PRO I 273 -17.33 -62.98 44.94
CA PRO I 273 -18.57 -62.94 44.17
C PRO I 273 -18.79 -64.15 43.27
N PHE I 274 -17.72 -64.85 42.87
CA PHE I 274 -17.91 -66.03 42.04
C PHE I 274 -18.32 -67.24 42.87
N PHE I 275 -17.84 -67.33 44.11
CA PHE I 275 -18.47 -68.22 45.08
C PHE I 275 -19.96 -67.96 45.13
N GLY I 276 -20.35 -66.68 45.18
CA GLY I 276 -21.77 -66.37 45.18
C GLY I 276 -22.48 -66.87 43.93
N ILE I 277 -21.88 -66.63 42.76
CA ILE I 277 -22.48 -67.06 41.50
C ILE I 277 -22.75 -68.56 41.52
N VAL I 278 -21.74 -69.36 41.87
CA VAL I 278 -21.95 -70.80 41.82
C VAL I 278 -22.94 -71.26 42.89
N SER I 279 -22.90 -70.63 44.08
CA SER I 279 -23.88 -70.97 45.11
C SER I 279 -25.28 -70.60 44.69
N GLU I 280 -25.41 -69.73 43.70
CA GLU I 280 -26.71 -69.30 43.22
C GLU I 280 -27.18 -70.14 42.05
N ILE I 281 -26.24 -70.75 41.33
CA ILE I 281 -26.59 -71.65 40.23
C ILE I 281 -26.93 -73.05 40.72
N PHE I 282 -26.28 -73.52 41.78
CA PHE I 282 -26.47 -74.90 42.21
C PHE I 282 -27.92 -75.27 42.54
N PRO I 283 -28.65 -74.52 43.35
CA PRO I 283 -30.00 -74.97 43.71
C PRO I 283 -30.98 -74.98 42.54
N VAL I 284 -30.76 -74.15 41.53
CA VAL I 284 -31.68 -74.12 40.40
C VAL I 284 -31.67 -75.44 39.65
N PHE I 285 -30.48 -76.02 39.47
CA PHE I 285 -30.36 -77.28 38.74
C PHE I 285 -30.32 -78.49 39.64
N SER I 286 -30.28 -78.32 40.96
CA SER I 286 -30.38 -79.45 41.86
C SER I 286 -31.81 -79.67 42.36
N ARG I 287 -32.70 -78.70 42.15
CA ARG I 287 -34.10 -78.77 42.60
C ARG I 287 -34.17 -78.91 44.13
N LYS I 288 -33.40 -78.08 44.83
CA LYS I 288 -33.31 -78.13 46.27
C LYS I 288 -33.01 -76.74 46.79
N PRO I 289 -33.21 -76.48 48.07
CA PRO I 289 -32.77 -75.21 48.65
C PRO I 289 -31.26 -75.19 48.86
N ILE I 290 -30.75 -73.98 49.08
CA ILE I 290 -29.32 -73.83 49.38
C ILE I 290 -29.06 -74.33 50.79
N PHE I 291 -28.09 -75.22 50.93
CA PHE I 291 -27.81 -75.87 52.21
C PHE I 291 -27.03 -74.91 53.11
N GLY I 292 -27.60 -74.60 54.28
CA GLY I 292 -26.91 -73.76 55.24
C GLY I 292 -26.78 -72.32 54.81
N TYR I 293 -27.91 -71.60 54.75
CA TYR I 293 -27.90 -70.19 54.37
C TYR I 293 -27.06 -69.36 55.33
N THR I 294 -27.45 -69.34 56.60
CA THR I 294 -26.74 -68.52 57.58
C THR I 294 -25.31 -68.99 57.76
N THR I 295 -25.06 -70.30 57.61
CA THR I 295 -23.70 -70.79 57.67
C THR I 295 -22.84 -70.19 56.57
N LEU I 296 -23.37 -70.12 55.35
CA LEU I 296 -22.64 -69.52 54.26
C LEU I 296 -22.39 -68.05 54.50
N ILE I 297 -23.38 -67.35 55.06
CA ILE I 297 -23.20 -65.93 55.36
C ILE I 297 -22.07 -65.73 56.37
N TYR I 298 -22.06 -66.55 57.42
CA TYR I 298 -21.03 -66.44 58.44
C TYR I 298 -19.65 -66.79 57.88
N ALA I 299 -19.59 -67.81 57.01
CA ALA I 299 -18.31 -68.16 56.40
C ALA I 299 -17.78 -67.01 55.55
N THR I 300 -18.67 -66.34 54.80
CA THR I 300 -18.25 -65.18 54.02
C THR I 300 -17.71 -64.08 54.91
N LEU I 301 -18.42 -63.77 56.00
CA LEU I 301 -17.94 -62.73 56.91
C LEU I 301 -16.60 -63.10 57.52
N ALA I 302 -16.41 -64.38 57.85
CA ALA I 302 -15.15 -64.80 58.45
C ALA I 302 -13.99 -64.67 57.47
N ILE I 303 -14.19 -65.11 56.22
CA ILE I 303 -13.15 -64.96 55.21
C ILE I 303 -12.81 -63.49 55.02
N ALA I 304 -13.83 -62.63 54.99
CA ALA I 304 -13.61 -61.20 54.84
C ALA I 304 -12.75 -60.66 55.97
N ALA I 305 -13.12 -60.99 57.21
CA ALA I 305 -12.38 -60.46 58.36
C ALA I 305 -10.94 -60.97 58.37
N LEU I 306 -10.74 -62.24 58.01
CA LEU I 306 -9.41 -62.82 58.08
C LEU I 306 -8.52 -62.42 56.92
N SER I 307 -9.08 -61.99 55.79
CA SER I 307 -8.26 -61.74 54.61
C SER I 307 -7.28 -60.59 54.76
N VAL I 308 -7.46 -59.71 55.75
CA VAL I 308 -6.58 -58.55 55.85
C VAL I 308 -5.43 -58.75 56.83
N ALA I 309 -5.41 -59.85 57.59
CA ALA I 309 -4.38 -60.07 58.58
C ALA I 309 -3.48 -61.26 58.22
N VAL I 310 -3.31 -61.54 56.94
CA VAL I 310 -2.45 -62.63 56.50
C VAL I 310 -1.52 -62.15 55.40
N TRP I 311 -1.43 -60.83 55.21
CA TRP I 311 -0.78 -60.30 54.03
C TRP I 311 0.68 -60.71 53.90
N ALA I 312 1.32 -61.13 54.98
CA ALA I 312 2.77 -61.32 54.97
C ALA I 312 3.19 -62.76 54.73
N HIS I 313 2.26 -63.64 54.35
CA HIS I 313 2.69 -64.98 53.94
C HIS I 313 3.26 -64.98 52.53
N HIS I 314 3.41 -63.81 51.91
CA HIS I 314 4.09 -63.67 50.63
C HIS I 314 5.55 -63.26 50.80
N MET I 315 6.00 -63.06 52.03
CA MET I 315 7.33 -62.56 52.32
C MET I 315 8.04 -63.46 53.32
N TYR I 316 8.02 -64.77 53.08
CA TYR I 316 8.73 -65.70 53.96
C TYR I 316 10.23 -65.67 53.71
N ALA I 317 10.65 -65.58 52.46
CA ALA I 317 12.06 -65.75 52.11
C ALA I 317 12.89 -64.51 52.38
N THR I 318 12.29 -63.40 52.84
CA THR I 318 13.08 -62.23 53.18
C THR I 318 13.71 -62.32 54.55
N GLY I 319 13.21 -63.22 55.41
CA GLY I 319 13.75 -63.35 56.75
C GLY I 319 13.54 -62.14 57.63
N ALA I 320 12.44 -61.40 57.42
CA ALA I 320 12.20 -60.17 58.15
C ALA I 320 10.79 -60.09 58.74
N VAL I 321 10.06 -61.19 58.81
CA VAL I 321 8.69 -61.17 59.32
C VAL I 321 8.58 -62.18 60.46
N LEU I 322 7.49 -62.05 61.22
CA LEU I 322 7.17 -62.97 62.31
C LEU I 322 6.39 -64.13 61.72
N LEU I 323 7.09 -65.26 61.51
CA LEU I 323 6.51 -66.36 60.75
C LEU I 323 5.33 -67.03 61.44
N PRO I 324 5.39 -67.37 62.74
CA PRO I 324 4.27 -68.13 63.33
C PRO I 324 2.93 -67.42 63.23
N PHE I 325 2.90 -66.11 63.43
CA PHE I 325 1.66 -65.35 63.35
C PHE I 325 0.95 -65.57 62.02
N PHE I 326 1.63 -65.23 60.92
CA PHE I 326 0.98 -65.29 59.61
C PHE I 326 0.73 -66.73 59.19
N SER I 327 1.66 -67.64 59.51
CA SER I 327 1.44 -69.04 59.15
C SER I 327 0.18 -69.58 59.82
N PHE I 328 0.05 -69.36 61.13
CA PHE I 328 -1.12 -69.81 61.87
C PHE I 328 -2.38 -69.16 61.33
N MET I 329 -2.34 -67.88 60.98
CA MET I 329 -3.59 -67.24 60.60
C MET I 329 -4.02 -67.63 59.19
N THR I 330 -3.08 -67.98 58.31
CA THR I 330 -3.49 -68.57 57.03
C THR I 330 -4.07 -69.96 57.23
N PHE I 331 -3.44 -70.77 58.09
CA PHE I 331 -4.05 -72.04 58.45
C PHE I 331 -5.47 -71.82 58.95
N LEU I 332 -5.71 -70.72 59.66
CA LEU I 332 -7.05 -70.42 60.15
C LEU I 332 -8.00 -70.06 59.03
N ILE I 333 -7.56 -69.21 58.09
CA ILE I 333 -8.43 -68.80 56.99
C ILE I 333 -8.77 -69.98 56.09
N ALA I 334 -8.01 -71.08 56.22
CA ALA I 334 -8.32 -72.27 55.41
C ALA I 334 -9.66 -72.92 55.77
N VAL I 335 -10.24 -72.62 56.93
CA VAL I 335 -11.42 -73.35 57.42
C VAL I 335 -12.73 -72.89 56.78
N PRO I 336 -13.07 -71.59 56.80
CA PRO I 336 -14.37 -71.19 56.25
C PRO I 336 -14.58 -71.59 54.81
N THR I 337 -13.52 -71.60 54.00
CA THR I 337 -13.63 -72.12 52.65
C THR I 337 -14.04 -73.59 52.66
N GLY I 338 -13.54 -74.34 53.64
CA GLY I 338 -13.96 -75.73 53.77
C GLY I 338 -15.43 -75.88 54.08
N ILE I 339 -15.94 -75.07 55.01
CA ILE I 339 -17.37 -75.15 55.32
C ILE I 339 -18.20 -74.73 54.10
N LYS I 340 -17.73 -73.74 53.35
CA LYS I 340 -18.44 -73.34 52.14
C LYS I 340 -18.50 -74.48 51.13
N PHE I 341 -17.36 -75.16 50.92
CA PHE I 341 -17.31 -76.30 50.01
C PHE I 341 -18.27 -77.39 50.44
N PHE I 342 -18.31 -77.67 51.74
CA PHE I 342 -19.19 -78.72 52.25
C PHE I 342 -20.65 -78.34 52.08
N ASN I 343 -20.98 -77.06 52.24
CA ASN I 343 -22.35 -76.63 52.02
C ASN I 343 -22.76 -76.80 50.57
N TRP I 344 -21.86 -76.50 49.62
CA TRP I 344 -22.18 -76.73 48.22
C TRP I 344 -22.44 -78.21 47.95
N ILE I 345 -21.52 -79.07 48.41
CA ILE I 345 -21.69 -80.52 48.20
C ILE I 345 -22.99 -81.00 48.83
N GLY I 346 -23.35 -80.45 49.99
CA GLY I 346 -24.61 -80.82 50.61
C GLY I 346 -25.81 -80.36 49.81
N THR I 347 -25.73 -79.18 49.19
CA THR I 347 -26.84 -78.72 48.36
C THR I 347 -27.03 -79.62 47.15
N MET I 348 -25.94 -80.16 46.60
CA MET I 348 -26.09 -81.12 45.51
C MET I 348 -26.52 -82.51 45.97
N TRP I 349 -26.57 -82.77 47.28
CA TRP I 349 -26.76 -84.13 47.78
C TRP I 349 -28.23 -84.54 47.69
N LYS I 350 -28.48 -85.67 47.03
CA LYS I 350 -29.81 -86.28 46.91
C LYS I 350 -30.82 -85.28 46.35
N GLY I 351 -30.51 -84.77 45.17
CA GLY I 351 -31.44 -83.95 44.42
C GLY I 351 -31.84 -84.63 43.14
N GLN I 352 -32.18 -83.85 42.11
CA GLN I 352 -32.49 -84.38 40.79
C GLN I 352 -31.63 -83.58 39.80
N LEU I 353 -30.42 -84.08 39.57
CA LEU I 353 -29.42 -83.33 38.82
C LEU I 353 -29.69 -83.40 37.32
N THR I 354 -29.55 -82.25 36.66
CA THR I 354 -29.51 -82.16 35.21
C THR I 354 -28.34 -81.28 34.82
N PHE I 355 -27.51 -81.75 33.90
CA PHE I 355 -26.25 -81.08 33.59
C PHE I 355 -26.39 -80.29 32.29
N GLU I 356 -26.92 -79.08 32.41
CA GLU I 356 -26.81 -78.09 31.36
C GLU I 356 -25.52 -77.31 31.59
N THR I 357 -25.20 -76.43 30.64
CA THR I 357 -23.87 -75.83 30.63
C THR I 357 -23.52 -75.08 31.92
N PRO I 358 -24.41 -74.31 32.56
CA PRO I 358 -24.03 -73.68 33.82
C PRO I 358 -23.67 -74.68 34.91
N MET I 359 -24.43 -75.77 35.04
CA MET I 359 -24.11 -76.77 36.05
C MET I 359 -22.77 -77.45 35.75
N LEU I 360 -22.51 -77.70 34.47
CA LEU I 360 -21.26 -78.34 34.07
C LEU I 360 -20.07 -77.45 34.43
N PHE I 361 -20.16 -76.17 34.10
CA PHE I 361 -19.08 -75.25 34.44
C PHE I 361 -18.93 -75.11 35.95
N SER I 362 -20.02 -75.18 36.70
CA SER I 362 -19.90 -75.08 38.16
C SER I 362 -19.18 -76.30 38.74
N VAL I 363 -19.47 -77.48 38.21
CA VAL I 363 -18.77 -78.68 38.70
C VAL I 363 -17.28 -78.60 38.36
N GLY I 364 -16.95 -78.14 37.16
CA GLY I 364 -15.55 -77.92 36.82
C GLY I 364 -14.87 -76.96 37.79
N PHE I 365 -15.56 -75.87 38.12
CA PHE I 365 -15.06 -74.94 39.13
C PHE I 365 -14.76 -75.66 40.43
N LEU I 366 -15.70 -76.49 40.89
CA LEU I 366 -15.49 -77.22 42.14
C LEU I 366 -14.19 -78.00 42.12
N ILE I 367 -14.03 -78.84 41.10
CA ILE I 367 -12.84 -79.70 41.03
C ILE I 367 -11.57 -78.86 41.02
N THR I 368 -11.49 -77.89 40.10
CA THR I 368 -10.25 -77.14 39.92
C THR I 368 -9.90 -76.34 41.17
N PHE I 369 -10.90 -75.69 41.78
CA PHE I 369 -10.63 -74.92 42.98
C PHE I 369 -10.20 -75.81 44.14
N LEU I 370 -10.75 -77.02 44.24
CA LEU I 370 -10.30 -77.90 45.31
C LEU I 370 -8.82 -78.22 45.16
N LEU I 371 -8.39 -78.58 43.94
CA LEU I 371 -6.97 -78.90 43.76
C LEU I 371 -6.09 -77.67 44.05
N GLY I 372 -6.50 -76.50 43.56
CA GLY I 372 -5.71 -75.30 43.81
C GLY I 372 -5.60 -74.96 45.28
N GLY I 373 -6.70 -75.09 46.02
CA GLY I 373 -6.67 -74.78 47.44
C GLY I 373 -5.84 -75.78 48.23
N LEU I 374 -5.85 -77.05 47.82
CA LEU I 374 -4.96 -78.03 48.44
C LEU I 374 -3.50 -77.62 48.27
N SER I 375 -3.11 -77.31 47.02
CA SER I 375 -1.74 -76.87 46.80
C SER I 375 -1.42 -75.60 47.59
N GLY I 376 -2.39 -74.70 47.76
CA GLY I 376 -2.13 -73.49 48.51
C GLY I 376 -1.89 -73.73 49.98
N VAL I 377 -2.75 -74.55 50.60
CA VAL I 377 -2.57 -74.85 52.02
C VAL I 377 -1.27 -75.63 52.22
N LEU I 378 -0.85 -76.39 51.21
CA LEU I 378 0.48 -76.98 51.26
C LEU I 378 1.56 -75.90 51.22
N LEU I 379 1.34 -74.86 50.42
CA LEU I 379 2.28 -73.77 50.29
C LEU I 379 2.36 -72.91 51.54
N ALA I 380 1.36 -72.97 52.42
CA ALA I 380 1.27 -72.04 53.53
C ALA I 380 2.25 -72.32 54.67
N SER I 381 2.98 -73.43 54.63
CA SER I 381 3.92 -73.71 55.73
C SER I 381 5.30 -73.17 55.39
N PRO I 382 5.96 -72.47 56.31
CA PRO I 382 7.21 -71.78 55.97
C PRO I 382 8.32 -72.73 55.54
N PRO I 383 8.57 -73.86 56.22
CA PRO I 383 9.70 -74.71 55.80
C PRO I 383 9.53 -75.31 54.42
N LEU I 384 8.33 -75.35 53.86
CA LEU I 384 8.12 -75.84 52.50
C LEU I 384 8.19 -74.70 51.50
N ASP I 385 7.64 -73.55 51.85
CA ASP I 385 7.84 -72.35 51.07
C ASP I 385 9.31 -71.96 50.98
N PHE I 386 10.14 -72.46 51.89
CA PHE I 386 11.57 -72.21 51.80
C PHE I 386 12.18 -72.87 50.57
N HIS I 387 11.50 -73.84 49.97
CA HIS I 387 11.96 -74.45 48.74
C HIS I 387 11.11 -74.08 47.54
N VAL I 388 9.78 -74.16 47.66
CA VAL I 388 8.95 -74.04 46.46
C VAL I 388 8.56 -72.60 46.13
N THR I 389 8.98 -71.61 46.91
CA THR I 389 8.62 -70.24 46.59
C THR I 389 9.43 -69.76 45.39
N ASP I 390 8.83 -68.84 44.63
CA ASP I 390 9.43 -68.26 43.44
C ASP I 390 9.77 -69.32 42.39
N SER I 391 9.03 -70.42 42.38
CA SER I 391 9.18 -71.47 41.39
C SER I 391 7.86 -71.61 40.63
N TYR I 392 7.80 -72.62 39.75
CA TYR I 392 6.56 -72.86 39.01
C TYR I 392 5.49 -73.55 39.83
N PHE I 393 5.82 -74.07 41.02
CA PHE I 393 4.78 -74.59 41.89
C PHE I 393 3.78 -73.50 42.25
N VAL I 394 4.29 -72.30 42.58
CA VAL I 394 3.42 -71.18 42.90
C VAL I 394 2.58 -70.80 41.69
N ILE I 395 3.16 -70.84 40.50
CA ILE I 395 2.43 -70.49 39.29
C ILE I 395 1.29 -71.46 39.07
N ALA I 396 1.57 -72.77 39.18
CA ALA I 396 0.51 -73.75 39.06
C ALA I 396 -0.59 -73.54 40.09
N HIS I 397 -0.21 -73.24 41.33
CA HIS I 397 -1.20 -73.01 42.38
C HIS I 397 -2.13 -71.85 42.04
N PHE I 398 -1.57 -70.66 41.83
CA PHE I 398 -2.49 -69.55 41.67
C PHE I 398 -3.18 -69.60 40.32
N HIS I 399 -2.63 -70.32 39.34
CA HIS I 399 -3.38 -70.49 38.10
C HIS I 399 -4.56 -71.42 38.30
N TYR I 400 -4.40 -72.47 39.10
CA TYR I 400 -5.55 -73.30 39.44
C TYR I 400 -6.65 -72.48 40.10
N VAL I 401 -6.31 -71.74 41.16
CA VAL I 401 -7.38 -71.01 41.86
C VAL I 401 -7.98 -69.93 40.97
N LEU I 402 -7.15 -69.11 40.33
CA LEU I 402 -7.64 -68.05 39.47
C LEU I 402 -8.51 -68.61 38.35
N PHE I 403 -7.98 -69.56 37.57
CA PHE I 403 -8.76 -70.12 36.48
C PHE I 403 -10.07 -70.69 37.00
N GLY I 404 -9.99 -71.68 37.90
CA GLY I 404 -11.19 -72.33 38.38
C GLY I 404 -12.24 -71.36 38.90
N THR I 405 -11.81 -70.24 39.49
CA THR I 405 -12.79 -69.28 39.98
C THR I 405 -13.29 -68.39 38.85
N ILE I 406 -12.45 -67.48 38.35
CA ILE I 406 -12.94 -66.47 37.43
C ILE I 406 -13.43 -67.10 36.14
N VAL I 407 -12.60 -67.92 35.49
CA VAL I 407 -12.96 -68.38 34.15
C VAL I 407 -14.21 -69.26 34.20
N PHE I 408 -14.21 -70.26 35.06
CA PHE I 408 -15.32 -71.21 35.07
C PHE I 408 -16.59 -70.56 35.61
N ALA I 409 -16.51 -69.84 36.73
CA ALA I 409 -17.72 -69.21 37.26
C ALA I 409 -18.23 -68.10 36.34
N THR I 410 -17.35 -67.44 35.60
CA THR I 410 -17.79 -66.41 34.66
C THR I 410 -18.53 -67.04 33.48
N TYR I 411 -17.99 -68.12 32.93
CA TYR I 411 -18.71 -68.80 31.86
C TYR I 411 -20.05 -69.32 32.36
N ALA I 412 -20.09 -69.83 33.59
CA ALA I 412 -21.35 -70.27 34.18
C ALA I 412 -22.34 -69.12 34.26
N GLY I 413 -21.89 -67.97 34.77
CA GLY I 413 -22.78 -66.82 34.88
C GLY I 413 -23.28 -66.33 33.54
N ILE I 414 -22.41 -66.37 32.53
CA ILE I 414 -22.83 -65.95 31.19
C ILE I 414 -23.90 -66.88 30.65
N TYR I 415 -23.64 -68.19 30.67
CA TYR I 415 -24.63 -69.15 30.20
C TYR I 415 -25.91 -69.12 31.02
N PHE I 416 -25.84 -68.65 32.26
CA PHE I 416 -27.01 -68.62 33.13
C PHE I 416 -27.86 -67.39 32.88
N TRP I 417 -27.25 -66.21 32.80
CA TRP I 417 -27.99 -64.96 32.73
C TRP I 417 -28.03 -64.37 31.33
N PHE I 418 -27.64 -65.11 30.30
CA PHE I 418 -27.81 -64.61 28.95
C PHE I 418 -29.26 -64.38 28.57
N PRO I 419 -30.21 -65.29 28.84
CA PRO I 419 -31.61 -64.99 28.51
C PRO I 419 -32.16 -63.81 29.29
N LYS I 420 -31.87 -63.72 30.58
CA LYS I 420 -32.45 -62.65 31.40
C LYS I 420 -32.00 -61.27 30.94
N MET I 421 -30.94 -61.18 30.14
CA MET I 421 -30.50 -59.89 29.63
C MET I 421 -30.73 -59.73 28.14
N THR I 422 -31.04 -60.80 27.42
CA THR I 422 -31.18 -60.72 25.97
C THR I 422 -32.53 -61.17 25.46
N GLY I 423 -33.08 -62.25 26.01
CA GLY I 423 -34.27 -62.84 25.47
C GLY I 423 -34.01 -63.97 24.50
N ARG I 424 -32.76 -64.39 24.34
CA ARG I 424 -32.38 -65.51 23.51
C ARG I 424 -31.72 -66.57 24.36
N LEU I 425 -31.43 -67.71 23.75
CA LEU I 425 -30.81 -68.84 24.41
C LEU I 425 -29.54 -69.23 23.66
N LEU I 426 -28.44 -69.37 24.40
CA LEU I 426 -27.20 -69.85 23.80
C LEU I 426 -27.34 -71.32 23.43
N ASP I 427 -26.63 -71.72 22.38
CA ASP I 427 -26.64 -73.10 21.94
C ASP I 427 -25.99 -73.99 23.01
N GLU I 428 -26.44 -75.24 23.06
CA GLU I 428 -25.95 -76.16 24.10
C GLU I 428 -24.88 -77.11 23.60
N ARG I 429 -24.95 -77.56 22.34
CA ARG I 429 -23.91 -78.41 21.80
C ARG I 429 -22.58 -77.66 21.73
N LEU I 430 -22.63 -76.42 21.25
CA LEU I 430 -21.44 -75.58 21.26
C LEU I 430 -20.95 -75.33 22.68
N GLY I 431 -21.88 -75.20 23.64
CA GLY I 431 -21.47 -75.02 25.01
C GLY I 431 -20.74 -76.21 25.58
N LYS I 432 -21.22 -77.41 25.27
CA LYS I 432 -20.55 -78.62 25.75
C LYS I 432 -19.18 -78.78 25.09
N LEU I 433 -19.10 -78.53 23.79
CA LEU I 433 -17.80 -78.57 23.12
C LEU I 433 -16.83 -77.59 23.74
N HIS I 434 -17.29 -76.37 23.99
CA HIS I 434 -16.47 -75.35 24.63
C HIS I 434 -15.97 -75.81 25.99
N PHE I 435 -16.87 -76.34 26.82
CA PHE I 435 -16.48 -76.78 28.15
C PHE I 435 -15.42 -77.87 28.08
N TRP I 436 -15.61 -78.86 27.21
CA TRP I 436 -14.67 -79.97 27.21
C TRP I 436 -13.32 -79.56 26.67
N LEU I 437 -13.29 -78.73 25.62
CA LEU I 437 -12.03 -78.18 25.14
C LEU I 437 -11.30 -77.43 26.25
N THR I 438 -12.01 -76.52 26.93
CA THR I 438 -11.40 -75.73 28.00
C THR I 438 -10.83 -76.63 29.09
N PHE I 439 -11.64 -77.59 29.56
CA PHE I 439 -11.23 -78.46 30.64
C PHE I 439 -9.96 -79.24 30.28
N ILE I 440 -9.97 -79.90 29.12
CA ILE I 440 -8.83 -80.73 28.73
C ILE I 440 -7.58 -79.88 28.56
N GLY I 441 -7.69 -78.79 27.79
CA GLY I 441 -6.52 -77.96 27.56
C GLY I 441 -5.96 -77.39 28.85
N PHE I 442 -6.82 -76.95 29.76
CA PHE I 442 -6.35 -76.38 31.01
C PHE I 442 -5.63 -77.43 31.85
N HIS I 443 -6.26 -78.59 32.03
CA HIS I 443 -5.62 -79.58 32.89
C HIS I 443 -4.38 -80.18 32.24
N THR I 444 -4.18 -80.01 30.94
CA THR I 444 -2.96 -80.49 30.33
C THR I 444 -1.87 -79.44 30.24
N THR I 445 -2.20 -78.15 30.35
CA THR I 445 -1.20 -77.10 30.31
C THR I 445 -0.59 -76.76 31.66
N PHE I 446 -1.29 -76.99 32.76
CA PHE I 446 -0.84 -76.53 34.07
C PHE I 446 -0.55 -77.62 35.08
N LEU I 447 -0.73 -78.90 34.72
CA LEU I 447 -0.56 -79.95 35.71
C LEU I 447 0.90 -80.31 35.92
N VAL I 448 1.69 -80.37 34.84
CA VAL I 448 3.08 -80.77 34.94
C VAL I 448 3.97 -79.70 35.55
N GLN I 449 3.45 -78.49 35.75
CA GLN I 449 4.30 -77.42 36.28
C GLN I 449 4.63 -77.60 37.75
N HIS I 450 3.84 -78.39 38.49
CA HIS I 450 4.23 -78.74 39.85
C HIS I 450 5.56 -79.47 39.86
N TRP I 451 5.66 -80.54 39.07
CA TRP I 451 6.92 -81.27 38.94
C TRP I 451 8.00 -80.38 38.32
N LEU I 452 7.60 -79.55 37.37
CA LEU I 452 8.55 -78.68 36.68
C LEU I 452 9.19 -77.68 37.62
N GLY I 453 8.49 -77.29 38.68
CA GLY I 453 9.02 -76.31 39.61
C GLY I 453 9.58 -76.91 40.89
N ASP I 454 9.20 -78.14 41.21
CA ASP I 454 9.75 -78.79 42.40
C ASP I 454 11.24 -79.05 42.22
N GLU I 455 11.63 -79.73 41.15
CA GLU I 455 13.01 -79.63 40.69
C GLU I 455 13.26 -78.20 40.22
N GLY I 456 14.49 -77.73 40.44
CA GLY I 456 14.78 -76.31 40.29
C GLY I 456 14.50 -75.71 38.92
N MET I 457 13.43 -74.93 38.81
CA MET I 457 13.18 -74.04 37.69
C MET I 457 12.36 -72.85 38.16
N PRO I 458 12.98 -71.72 38.44
CA PRO I 458 12.25 -70.60 39.03
C PRO I 458 11.42 -69.86 38.00
N ARG I 459 10.52 -69.05 38.52
CA ARG I 459 9.64 -68.29 37.64
C ARG I 459 10.41 -67.14 37.01
N ARG I 460 9.86 -66.62 35.92
CA ARG I 460 10.34 -65.42 35.23
C ARG I 460 11.70 -65.63 34.55
N TYR I 461 11.98 -66.85 34.09
CA TYR I 461 13.13 -67.11 33.23
C TYR I 461 12.69 -67.12 31.76
N ALA I 462 13.46 -66.43 30.92
CA ALA I 462 13.23 -66.44 29.48
C ALA I 462 13.97 -67.57 28.77
N ASP I 463 15.06 -68.08 29.35
CA ASP I 463 15.83 -69.12 28.71
C ASP I 463 16.36 -70.10 29.75
N TYR I 464 16.77 -71.26 29.24
CA TYR I 464 17.41 -72.29 30.03
C TYR I 464 18.31 -73.11 29.11
N LEU I 465 19.10 -73.97 29.70
CA LEU I 465 20.09 -74.72 28.93
C LEU I 465 19.60 -76.12 28.62
N PRO I 466 20.07 -76.73 27.54
CA PRO I 466 19.68 -78.12 27.25
C PRO I 466 20.26 -79.12 28.24
N THR I 467 21.39 -78.80 28.88
CA THR I 467 21.96 -79.70 29.87
C THR I 467 21.04 -79.86 31.07
N ASP I 468 20.28 -78.82 31.41
CA ASP I 468 19.24 -78.95 32.41
C ASP I 468 18.20 -79.96 31.96
N GLY I 469 17.38 -80.41 32.90
CA GLY I 469 16.25 -81.24 32.59
C GLY I 469 15.12 -80.44 31.98
N PHE I 470 13.91 -80.89 32.24
CA PHE I 470 12.67 -80.17 31.96
C PHE I 470 12.68 -79.45 30.61
N THR I 471 12.81 -80.25 29.55
CA THR I 471 12.54 -79.76 28.21
C THR I 471 11.35 -80.43 27.56
N THR I 472 10.86 -81.55 28.11
CA THR I 472 9.65 -82.16 27.60
C THR I 472 8.42 -81.60 28.28
N LEU I 473 8.54 -81.27 29.56
CA LEU I 473 7.42 -80.71 30.30
C LEU I 473 7.02 -79.34 29.74
N ASN I 474 8.00 -78.56 29.29
CA ASN I 474 7.67 -77.28 28.65
C ASN I 474 6.93 -77.50 27.34
N VAL I 475 7.27 -78.56 26.61
CA VAL I 475 6.57 -78.86 25.37
C VAL I 475 5.14 -79.27 25.64
N ILE I 476 4.93 -80.10 26.68
CA ILE I 476 3.56 -80.48 27.04
C ILE I 476 2.77 -79.26 27.46
N SER I 477 3.39 -78.36 28.22
CA SER I 477 2.70 -77.16 28.68
C SER I 477 2.32 -76.24 27.51
N THR I 478 3.19 -76.12 26.51
CA THR I 478 2.86 -75.24 25.40
C THR I 478 1.81 -75.86 24.48
N VAL I 479 1.80 -77.19 24.35
CA VAL I 479 0.71 -77.85 23.65
C VAL I 479 -0.62 -77.55 24.35
N GLY I 480 -0.63 -77.68 25.68
CA GLY I 480 -1.84 -77.36 26.41
C GLY I 480 -2.26 -75.92 26.26
N ALA I 481 -1.29 -75.00 26.26
CA ALA I 481 -1.62 -73.59 26.09
C ALA I 481 -2.26 -73.33 24.73
N PHE I 482 -1.77 -74.02 23.69
CA PHE I 482 -2.39 -73.81 22.38
C PHE I 482 -3.77 -74.44 22.30
N ILE I 483 -4.00 -75.54 23.00
CA ILE I 483 -5.37 -76.09 23.08
C ILE I 483 -6.29 -75.09 23.76
N LEU I 484 -5.84 -74.51 24.88
CA LEU I 484 -6.63 -73.49 25.57
C LEU I 484 -6.91 -72.30 24.66
N GLY I 485 -5.93 -71.92 23.84
CA GLY I 485 -6.14 -70.80 22.93
C GLY I 485 -7.16 -71.09 21.86
N VAL I 486 -7.12 -72.31 21.30
CA VAL I 486 -8.12 -72.68 20.30
C VAL I 486 -9.50 -72.86 20.93
N SER I 487 -9.58 -73.11 22.23
CA SER I 487 -10.88 -73.38 22.84
C SER I 487 -11.80 -72.17 22.89
N MET I 488 -11.35 -70.98 22.47
CA MET I 488 -12.18 -69.80 22.58
C MET I 488 -13.03 -69.52 21.35
N LEU I 489 -12.76 -70.19 20.22
CA LEU I 489 -13.56 -69.97 19.03
C LEU I 489 -15.01 -70.40 19.17
N PRO I 490 -15.34 -71.57 19.73
CA PRO I 490 -16.76 -71.92 19.89
C PRO I 490 -17.54 -70.92 20.71
N PHE I 491 -16.94 -70.35 21.75
CA PHE I 491 -17.67 -69.42 22.61
C PHE I 491 -18.02 -68.14 21.86
N VAL I 492 -17.05 -67.53 21.18
CA VAL I 492 -17.35 -66.29 20.49
C VAL I 492 -18.25 -66.53 19.29
N TRP I 493 -18.13 -67.69 18.64
CA TRP I 493 -19.06 -68.00 17.56
C TRP I 493 -20.48 -68.17 18.09
N ASN I 494 -20.62 -68.84 19.24
CA ASN I 494 -21.92 -69.04 19.84
C ASN I 494 -22.55 -67.71 20.24
N VAL I 495 -21.76 -66.80 20.81
CA VAL I 495 -22.30 -65.51 21.21
C VAL I 495 -22.64 -64.65 20.00
N PHE I 496 -21.82 -64.72 18.95
CA PHE I 496 -22.08 -63.93 17.76
C PHE I 496 -23.34 -64.40 17.04
N LYS I 497 -23.58 -65.71 17.00
CA LYS I 497 -24.77 -66.21 16.32
C LYS I 497 -26.02 -66.08 17.18
N SER I 498 -25.92 -66.43 18.47
CA SER I 498 -27.09 -66.55 19.32
C SER I 498 -27.62 -65.20 19.81
N TRP I 499 -26.90 -64.12 19.60
CA TRP I 499 -27.43 -62.83 20.02
C TRP I 499 -28.54 -62.35 19.09
N ARG I 500 -28.42 -62.62 17.79
CA ARG I 500 -29.37 -62.18 16.79
C ARG I 500 -30.36 -63.28 16.42
N TYR I 501 -29.86 -64.45 16.04
CA TYR I 501 -30.69 -65.63 15.87
C TYR I 501 -30.68 -66.42 17.18
N GLY I 502 -31.20 -67.62 17.14
CA GLY I 502 -31.20 -68.39 18.37
C GLY I 502 -32.60 -68.39 18.97
N GLU I 503 -32.95 -69.53 19.57
CA GLU I 503 -34.28 -69.76 20.11
C GLU I 503 -34.74 -68.66 21.06
N PRO I 504 -35.78 -67.90 20.73
CA PRO I 504 -36.23 -66.83 21.62
C PRO I 504 -36.86 -67.38 22.89
N VAL I 505 -36.92 -66.51 23.90
CA VAL I 505 -37.52 -66.83 25.18
C VAL I 505 -38.74 -65.94 25.36
N THR I 506 -39.92 -66.54 25.41
CA THR I 506 -41.17 -65.81 25.55
C THR I 506 -41.79 -65.98 26.93
N VAL I 507 -41.02 -66.46 27.90
CA VAL I 507 -41.52 -66.72 29.24
C VAL I 507 -40.53 -66.16 30.25
N ASP I 508 -40.97 -66.13 31.51
CA ASP I 508 -40.06 -65.92 32.61
C ASP I 508 -39.37 -67.24 32.92
N ASP I 509 -38.20 -67.14 33.56
CA ASP I 509 -37.55 -68.31 34.13
C ASP I 509 -37.36 -69.42 33.11
N PRO I 510 -36.48 -69.25 32.11
CA PRO I 510 -36.22 -70.34 31.16
C PRO I 510 -35.60 -71.57 31.81
N TRP I 511 -34.86 -71.39 32.90
CA TRP I 511 -34.40 -72.49 33.73
C TRP I 511 -35.42 -72.62 34.86
N GLY I 512 -36.37 -73.52 34.71
CA GLY I 512 -37.41 -73.71 35.70
C GLY I 512 -36.85 -73.91 37.11
N TYR I 513 -37.69 -73.68 38.12
CA TYR I 513 -37.28 -73.81 39.53
C TYR I 513 -36.22 -72.77 39.88
N GLY I 514 -36.46 -71.52 39.48
CA GLY I 514 -35.56 -70.44 39.80
C GLY I 514 -35.94 -69.71 41.08
N ASN I 515 -35.00 -68.88 41.54
CA ASN I 515 -35.18 -68.12 42.77
C ASN I 515 -34.83 -66.66 42.55
N SER I 516 -34.65 -65.91 43.63
CA SER I 516 -33.88 -64.67 43.66
C SER I 516 -34.58 -63.46 43.04
N LEU I 517 -35.88 -63.51 42.77
CA LEU I 517 -36.70 -62.36 42.41
C LEU I 517 -36.35 -61.77 41.06
N GLU I 518 -35.30 -62.24 40.39
CA GLU I 518 -34.99 -61.81 39.04
C GLU I 518 -35.70 -62.64 37.99
N TRP I 519 -36.08 -63.87 38.34
CA TRP I 519 -36.86 -64.73 37.48
C TRP I 519 -38.35 -64.54 37.68
N ALA I 520 -38.75 -63.37 38.17
CA ALA I 520 -40.16 -63.00 38.31
C ALA I 520 -40.50 -61.76 37.50
N THR I 521 -39.66 -61.40 36.54
CA THR I 521 -39.92 -60.26 35.68
C THR I 521 -39.59 -60.69 34.24
N SER I 522 -40.19 -59.97 33.28
CA SER I 522 -40.09 -60.37 31.88
C SER I 522 -38.65 -60.63 31.48
N CYS I 523 -38.46 -61.54 30.51
CA CYS I 523 -37.13 -62.08 30.28
C CYS I 523 -36.13 -61.00 29.87
N PRO I 524 -36.38 -60.15 28.86
CA PRO I 524 -35.71 -58.86 28.83
C PRO I 524 -36.45 -57.88 29.72
N PRO I 525 -35.88 -57.52 30.87
CA PRO I 525 -36.62 -56.69 31.81
C PRO I 525 -36.92 -55.33 31.21
N PRO I 526 -38.03 -54.71 31.58
CA PRO I 526 -38.30 -53.36 31.11
C PRO I 526 -37.40 -52.34 31.78
N ARG I 527 -37.43 -51.12 31.27
CA ARG I 527 -36.81 -50.02 31.99
C ARG I 527 -37.48 -49.89 33.35
N HIS I 528 -36.67 -49.84 34.40
CA HIS I 528 -37.06 -49.82 35.82
C HIS I 528 -37.42 -51.22 36.32
N ASN I 529 -37.22 -52.25 35.50
CA ASN I 529 -37.03 -53.63 35.93
C ASN I 529 -38.27 -54.36 36.44
N PHE I 530 -39.38 -53.67 36.65
CA PHE I 530 -40.49 -54.32 37.32
C PHE I 530 -41.82 -53.69 36.92
N THR I 531 -42.81 -54.55 36.69
CA THR I 531 -44.18 -54.12 36.52
C THR I 531 -45.08 -54.55 37.66
N GLU I 532 -44.62 -55.46 38.53
CA GLU I 532 -45.30 -55.84 39.75
C GLU I 532 -44.35 -56.68 40.57
N LEU I 533 -44.55 -56.65 41.89
CA LEU I 533 -43.71 -57.42 42.78
C LEU I 533 -44.54 -58.49 43.49
N PRO I 534 -43.94 -59.63 43.81
CA PRO I 534 -44.62 -60.63 44.63
C PRO I 534 -44.40 -60.40 46.12
N ARG I 535 -45.26 -61.04 46.91
CA ARG I 535 -45.11 -60.98 48.36
C ARG I 535 -43.90 -61.81 48.79
N ILE I 536 -43.02 -61.21 49.58
CA ILE I 536 -41.74 -61.80 49.94
C ILE I 536 -41.84 -62.37 51.34
N ARG I 537 -41.60 -63.68 51.47
CA ARG I 537 -41.64 -64.34 52.77
C ARG I 537 -40.39 -65.15 53.08
N SER I 538 -39.60 -65.54 52.08
CA SER I 538 -38.40 -66.33 52.30
C SER I 538 -37.34 -65.82 51.32
N GLU I 539 -36.27 -66.60 51.15
CA GLU I 539 -35.23 -66.26 50.20
C GLU I 539 -35.42 -66.93 48.84
N ARG I 540 -36.57 -67.57 48.62
CA ARG I 540 -36.93 -68.12 47.31
C ARG I 540 -38.29 -67.59 46.88
N PRO I 541 -38.39 -66.28 46.62
CA PRO I 541 -39.72 -65.72 46.32
C PRO I 541 -40.28 -66.16 44.98
N ALA I 542 -39.46 -66.23 43.95
CA ALA I 542 -39.96 -66.64 42.64
C ALA I 542 -40.41 -68.09 42.65
N PHE I 543 -39.70 -68.94 43.39
CA PHE I 543 -40.09 -70.34 43.49
C PHE I 543 -41.46 -70.48 44.15
N GLU I 544 -41.70 -69.73 45.22
CA GLU I 544 -43.00 -69.77 45.87
C GLU I 544 -44.07 -69.06 45.04
N LEU I 545 -43.68 -68.19 44.11
CA LEU I 545 -44.66 -67.56 43.24
C LEU I 545 -45.10 -68.51 42.13
N HIS I 546 -44.18 -69.26 41.55
CA HIS I 546 -44.53 -70.14 40.45
C HIS I 546 -45.06 -71.49 40.89
N TYR I 547 -44.82 -71.88 42.14
CA TYR I 547 -45.29 -73.16 42.68
C TYR I 547 -45.93 -72.90 44.03
N PRO I 548 -47.16 -72.36 44.05
CA PRO I 548 -47.78 -72.04 45.34
C PRO I 548 -48.17 -73.25 46.16
N HIS I 549 -48.25 -74.44 45.56
CA HIS I 549 -48.59 -75.66 46.28
C HIS I 549 -47.38 -76.28 46.97
N MET I 550 -46.34 -75.50 47.20
CA MET I 550 -45.09 -76.02 47.73
C MET I 550 -44.66 -75.39 49.04
N VAL I 551 -45.32 -74.33 49.50
CA VAL I 551 -44.87 -73.64 50.70
C VAL I 551 -45.06 -74.52 51.93
N GLU I 552 -46.13 -75.31 51.96
CA GLU I 552 -46.35 -76.18 53.11
C GLU I 552 -45.24 -77.21 53.23
N ARG I 553 -44.79 -77.75 52.11
CA ARG I 553 -43.73 -78.74 52.09
C ARG I 553 -42.36 -78.11 52.28
N MET I 554 -42.21 -76.84 51.91
CA MET I 554 -40.94 -76.16 52.12
C MET I 554 -40.77 -75.75 53.59
N ARG I 555 -41.87 -75.46 54.27
CA ARG I 555 -41.79 -75.10 55.68
C ARG I 555 -41.83 -76.33 56.58
N ALA I 556 -42.43 -77.43 56.12
CA ALA I 556 -42.56 -78.61 56.98
C ALA I 556 -41.23 -79.32 57.14
N GLU I 557 -40.57 -79.67 56.04
CA GLU I 557 -39.39 -80.53 56.07
C GLU I 557 -38.10 -79.76 55.82
N ALA I 558 -38.00 -78.55 56.35
CA ALA I 558 -36.82 -77.71 56.17
C ALA I 558 -35.74 -77.94 57.22
N HIS I 559 -35.87 -78.95 58.07
CA HIS I 559 -34.92 -79.14 59.17
C HIS I 559 -34.51 -80.59 59.38
N VAL I 560 -34.74 -81.47 58.41
CA VAL I 560 -34.35 -82.87 58.58
C VAL I 560 -32.84 -83.01 58.52
N GLY I 561 -32.24 -82.66 57.39
CA GLY I 561 -30.80 -82.73 57.23
C GLY I 561 -30.28 -84.15 57.21
N LEU J 19 -40.72 -41.02 51.90
CA LEU J 19 -39.91 -42.11 51.39
C LEU J 19 -38.43 -41.84 51.62
N ASN J 20 -37.65 -42.92 51.73
CA ASN J 20 -36.20 -42.84 51.93
C ASN J 20 -35.87 -42.06 53.20
N ARG J 21 -36.27 -42.65 54.33
CA ARG J 21 -36.07 -41.99 55.63
C ARG J 21 -34.61 -41.72 55.94
N PRO J 22 -33.66 -42.64 55.78
CA PRO J 22 -32.26 -42.26 55.86
C PRO J 22 -31.78 -41.67 54.53
N ASN J 23 -30.93 -40.65 54.64
CA ASN J 23 -30.46 -39.92 53.48
C ASN J 23 -29.42 -40.76 52.72
N MET J 24 -29.40 -40.58 51.40
CA MET J 24 -28.54 -41.40 50.56
C MET J 24 -27.17 -40.75 50.34
N VAL J 25 -27.18 -39.46 50.02
CA VAL J 25 -25.93 -38.70 49.87
C VAL J 25 -25.10 -38.78 51.14
N SER J 26 -25.76 -38.85 52.30
CA SER J 26 -25.03 -38.94 53.56
C SER J 26 -24.25 -40.25 53.64
N VAL J 27 -24.90 -41.36 53.33
CA VAL J 27 -24.22 -42.67 53.38
C VAL J 27 -23.06 -42.70 52.39
N GLY J 28 -23.29 -42.20 51.18
CA GLY J 28 -22.22 -42.16 50.20
C GLY J 28 -21.01 -41.38 50.68
N THR J 29 -21.26 -40.16 51.17
CA THR J 29 -20.15 -39.33 51.65
C THR J 29 -19.43 -40.00 52.81
N ILE J 30 -20.16 -40.68 53.70
CA ILE J 30 -19.51 -41.29 54.86
C ILE J 30 -18.57 -42.41 54.43
N VAL J 31 -19.03 -43.30 53.55
CA VAL J 31 -18.17 -44.41 53.15
C VAL J 31 -16.96 -43.88 52.36
N TRP J 32 -17.17 -42.83 51.56
CA TRP J 32 -16.03 -42.28 50.84
C TRP J 32 -15.00 -41.68 51.79
N LEU J 33 -15.46 -40.99 52.84
CA LEU J 33 -14.53 -40.44 53.82
C LEU J 33 -13.74 -41.52 54.51
N SER J 34 -14.36 -42.67 54.75
CA SER J 34 -13.61 -43.80 55.31
C SER J 34 -12.47 -44.22 54.39
N SER J 35 -12.77 -44.37 53.09
CA SER J 35 -11.69 -44.72 52.16
C SER J 35 -10.56 -43.68 52.17
N GLU J 36 -10.92 -42.40 52.26
CA GLU J 36 -9.89 -41.36 52.32
C GLU J 36 -9.02 -41.51 53.56
N LEU J 37 -9.63 -41.90 54.69
CA LEU J 37 -8.86 -42.18 55.89
C LEU J 37 -7.83 -43.27 55.62
N MET J 38 -8.20 -44.30 54.86
CA MET J 38 -7.21 -45.35 54.56
C MET J 38 -6.05 -44.80 53.72
N PHE J 39 -6.35 -43.90 52.78
CA PHE J 39 -5.28 -43.24 52.03
C PHE J 39 -4.27 -42.56 52.96
N PHE J 40 -4.79 -41.76 53.89
CA PHE J 40 -3.89 -41.10 54.82
C PHE J 40 -3.16 -42.09 55.72
N ALA J 41 -3.76 -43.26 55.96
CA ALA J 41 -3.06 -44.32 56.68
C ALA J 41 -1.81 -44.73 55.94
N GLY J 42 -1.93 -44.92 54.63
CA GLY J 42 -0.75 -45.24 53.83
C GLY J 42 0.34 -44.20 53.99
N LEU J 43 -0.03 -42.92 53.93
CA LEU J 43 0.97 -41.87 54.10
C LEU J 43 1.63 -41.90 55.48
N PHE J 44 0.83 -42.10 56.53
CA PHE J 44 1.39 -42.20 57.88
C PHE J 44 2.38 -43.35 57.99
N ALA J 45 2.05 -44.49 57.40
CA ALA J 45 2.96 -45.62 57.41
C ALA J 45 4.26 -45.29 56.73
N MET J 46 4.21 -44.52 55.63
CA MET J 46 5.44 -44.03 55.03
C MET J 46 6.23 -43.18 56.02
N TYR J 47 5.54 -42.35 56.81
CA TYR J 47 6.26 -41.41 57.67
C TYR J 47 6.94 -42.11 58.84
N PHE J 48 6.27 -43.07 59.48
CA PHE J 48 6.81 -43.62 60.72
C PHE J 48 8.08 -44.42 60.49
N THR J 49 8.09 -45.27 59.47
CA THR J 49 9.36 -45.77 58.95
C THR J 49 10.17 -44.60 58.43
N ALA J 50 11.48 -44.72 58.48
CA ALA J 50 12.49 -43.69 58.24
C ALA J 50 12.58 -42.71 59.39
N ARG J 51 11.70 -42.81 60.40
CA ARG J 51 11.95 -42.18 61.69
C ARG J 51 12.55 -43.15 62.68
N ALA J 52 12.31 -44.44 62.51
CA ALA J 52 12.98 -45.44 63.31
C ALA J 52 14.41 -45.67 62.88
N GLN J 53 14.72 -45.40 61.60
CA GLN J 53 16.09 -45.60 61.13
C GLN J 53 16.99 -44.44 61.50
N ALA J 54 16.52 -43.21 61.38
CA ALA J 54 17.32 -42.04 61.71
C ALA J 54 17.52 -41.99 63.21
N GLY J 55 18.73 -42.34 63.67
CA GLY J 55 19.06 -42.32 65.08
C GLY J 55 19.62 -40.97 65.50
N GLY J 56 19.22 -40.53 66.70
CA GLY J 56 19.68 -39.27 67.23
C GLY J 56 18.80 -38.11 66.84
N ALA J 57 19.42 -37.00 66.46
CA ALA J 57 18.65 -35.83 66.05
C ALA J 57 18.03 -36.10 64.69
N TRP J 58 16.97 -36.88 64.68
CA TRP J 58 16.42 -37.38 63.43
C TRP J 58 15.83 -36.29 62.54
N PRO J 59 15.39 -35.14 63.07
CA PRO J 59 15.30 -33.96 62.21
C PRO J 59 16.69 -33.38 62.00
N PRO J 60 17.23 -33.48 60.80
CA PRO J 60 18.64 -33.12 60.58
C PRO J 60 18.93 -31.67 60.94
N GLU J 61 20.23 -31.37 61.04
CA GLU J 61 20.65 -30.09 61.59
C GLU J 61 20.11 -28.88 60.84
N PRO J 62 20.10 -28.82 59.49
CA PRO J 62 19.55 -27.63 58.84
C PRO J 62 18.07 -27.43 59.08
N THR J 63 17.36 -28.44 59.59
CA THR J 63 15.92 -28.37 59.77
C THR J 63 15.58 -28.15 61.24
N GLU J 64 14.77 -27.12 61.51
CA GLU J 64 14.12 -26.97 62.80
C GLU J 64 12.81 -26.23 62.58
N LEU J 65 11.74 -26.71 63.20
CA LEU J 65 10.40 -26.26 62.88
C LEU J 65 10.04 -25.02 63.70
N ASN J 66 9.52 -24.00 63.02
CA ASN J 66 9.14 -22.75 63.66
C ASN J 66 7.73 -22.89 64.21
N LEU J 67 7.62 -23.13 65.51
CA LEU J 67 6.32 -23.29 66.15
C LEU J 67 5.59 -21.97 66.35
N ALA J 68 6.23 -20.83 66.09
CA ALA J 68 5.57 -19.55 66.25
C ALA J 68 4.55 -19.29 65.16
N LEU J 69 4.51 -20.14 64.12
CA LEU J 69 3.58 -19.96 63.01
C LEU J 69 2.58 -21.08 62.88
N ALA J 70 2.88 -22.27 63.41
CA ALA J 70 2.01 -23.43 63.20
C ALA J 70 0.84 -23.49 64.16
N VAL J 71 0.85 -22.71 65.24
CA VAL J 71 -0.25 -22.67 66.20
C VAL J 71 -1.40 -21.81 65.67
N PRO J 72 -1.14 -20.57 65.22
CA PRO J 72 -2.26 -19.75 64.74
C PRO J 72 -3.04 -20.38 63.59
N VAL J 73 -2.35 -21.05 62.66
CA VAL J 73 -3.06 -21.64 61.53
C VAL J 73 -3.94 -22.79 61.99
N THR J 74 -3.50 -23.55 62.98
CA THR J 74 -4.34 -24.62 63.50
C THR J 74 -5.57 -24.07 64.20
N LEU J 75 -5.40 -23.02 65.00
CA LEU J 75 -6.57 -22.40 65.62
C LEU J 75 -7.51 -21.81 64.58
N VAL J 76 -6.96 -21.28 63.48
CA VAL J 76 -7.80 -20.77 62.41
C VAL J 76 -8.63 -21.90 61.79
N LEU J 77 -8.01 -23.05 61.56
CA LEU J 77 -8.75 -24.18 61.00
C LEU J 77 -9.86 -24.64 61.94
N ILE J 78 -9.60 -24.66 63.25
CA ILE J 78 -10.63 -25.07 64.20
C ILE J 78 -11.79 -24.08 64.20
N ALA J 79 -11.47 -22.78 64.16
CA ALA J 79 -12.52 -21.78 64.04
C ALA J 79 -13.32 -21.98 62.76
N SER J 80 -12.65 -22.40 61.68
CA SER J 80 -13.36 -22.70 60.44
C SER J 80 -14.37 -23.82 60.64
N SER J 81 -13.98 -24.85 61.38
CA SER J 81 -14.92 -25.94 61.66
C SER J 81 -16.15 -25.42 62.40
N PHE J 82 -15.93 -24.57 63.41
CA PHE J 82 -17.06 -24.00 64.13
C PHE J 82 -17.98 -23.20 63.20
N THR J 83 -17.38 -22.38 62.34
CA THR J 83 -18.18 -21.56 61.43
C THR J 83 -18.99 -22.42 60.47
N CYS J 84 -18.40 -23.53 59.99
CA CYS J 84 -19.14 -24.41 59.10
C CYS J 84 -20.32 -25.06 59.81
N GLN J 85 -20.14 -25.45 61.08
CA GLN J 85 -21.27 -26.02 61.82
C GLN J 85 -22.37 -25.00 62.00
N MET J 86 -22.01 -23.74 62.28
CA MET J 86 -23.01 -22.69 62.39
C MET J 86 -23.77 -22.51 61.08
N GLY J 87 -23.05 -22.57 59.96
CA GLY J 87 -23.71 -22.46 58.67
C GLY J 87 -24.70 -23.59 58.43
N VAL J 88 -24.35 -24.80 58.86
CA VAL J 88 -25.30 -25.90 58.70
C VAL J 88 -26.52 -25.72 59.58
N PHE J 89 -26.32 -25.27 60.82
CA PHE J 89 -27.46 -24.92 61.67
C PHE J 89 -28.39 -23.95 60.95
N ALA J 90 -27.80 -22.92 60.33
CA ALA J 90 -28.62 -21.96 59.59
C ALA J 90 -29.28 -22.58 58.37
N ALA J 91 -28.64 -23.59 57.78
CA ALA J 91 -29.21 -24.19 56.57
C ALA J 91 -30.39 -25.09 56.88
N GLU J 92 -30.39 -25.74 58.05
CA GLU J 92 -31.46 -26.69 58.35
C GLU J 92 -32.82 -26.02 58.43
N ARG J 93 -32.86 -24.74 58.79
CA ARG J 93 -34.04 -23.91 58.62
C ARG J 93 -33.88 -23.13 57.31
N GLY J 94 -34.92 -23.11 56.49
CA GLY J 94 -34.75 -22.76 55.10
C GLY J 94 -34.50 -21.30 54.76
N ASP J 95 -33.34 -20.76 55.14
CA ASP J 95 -32.92 -19.43 54.71
C ASP J 95 -31.53 -19.52 54.10
N VAL J 96 -31.36 -18.91 52.92
CA VAL J 96 -30.12 -19.05 52.18
C VAL J 96 -29.06 -18.07 52.63
N PHE J 97 -29.44 -16.95 53.24
CA PHE J 97 -28.47 -15.88 53.45
C PHE J 97 -27.57 -16.15 54.64
N GLY J 98 -28.10 -16.72 55.72
CA GLY J 98 -27.23 -17.16 56.81
C GLY J 98 -26.23 -18.20 56.36
N LEU J 99 -26.70 -19.17 55.58
CA LEU J 99 -25.81 -20.15 54.95
C LEU J 99 -24.70 -19.45 54.17
N ARG J 100 -25.07 -18.51 53.31
CA ARG J 100 -24.07 -17.84 52.48
C ARG J 100 -23.06 -17.09 53.32
N ARG J 101 -23.52 -16.40 54.37
CA ARG J 101 -22.61 -15.65 55.21
C ARG J 101 -21.60 -16.56 55.90
N TRP J 102 -22.10 -17.61 56.56
CA TRP J 102 -21.19 -18.48 57.29
C TRP J 102 -20.24 -19.21 56.35
N TYR J 103 -20.70 -19.56 55.14
CA TYR J 103 -19.81 -20.27 54.23
C TYR J 103 -18.77 -19.33 53.62
N VAL J 104 -19.11 -18.06 53.40
CA VAL J 104 -18.09 -17.10 52.97
C VAL J 104 -17.03 -16.94 54.04
N ILE J 105 -17.44 -16.88 55.31
CA ILE J 105 -16.46 -16.78 56.39
C ILE J 105 -15.55 -18.01 56.40
N THR J 106 -16.14 -19.20 56.26
CA THR J 106 -15.34 -20.42 56.25
C THR J 106 -14.35 -20.43 55.10
N PHE J 107 -14.80 -20.00 53.91
CA PHE J 107 -13.90 -19.92 52.76
C PHE J 107 -12.73 -19.00 53.04
N LEU J 108 -12.99 -17.83 53.64
CA LEU J 108 -11.90 -16.89 53.92
C LEU J 108 -10.91 -17.49 54.89
N MET J 109 -11.39 -18.16 55.94
CA MET J 109 -10.46 -18.71 56.93
C MET J 109 -9.64 -19.86 56.35
N GLY J 110 -10.25 -20.69 55.50
CA GLY J 110 -9.48 -21.74 54.85
C GLY J 110 -8.42 -21.18 53.91
N LEU J 111 -8.76 -20.10 53.20
CA LEU J 111 -7.78 -19.45 52.33
C LEU J 111 -6.62 -18.92 53.15
N PHE J 112 -6.90 -18.33 54.31
CA PHE J 112 -5.82 -17.85 55.17
C PHE J 112 -4.93 -18.99 55.63
N PHE J 113 -5.53 -20.13 55.99
CA PHE J 113 -4.73 -21.29 56.39
C PHE J 113 -3.79 -21.73 55.27
N VAL J 114 -4.32 -21.82 54.05
CA VAL J 114 -3.49 -22.26 52.93
C VAL J 114 -2.35 -21.28 52.67
N LEU J 115 -2.63 -19.98 52.75
CA LEU J 115 -1.58 -18.99 52.54
C LEU J 115 -0.50 -19.10 53.60
N GLY J 116 -0.89 -19.31 54.86
CA GLY J 116 0.10 -19.48 55.91
C GLY J 116 0.97 -20.71 55.69
N GLN J 117 0.36 -21.82 55.29
CA GLN J 117 1.13 -23.03 55.01
C GLN J 117 2.12 -22.80 53.88
N GLY J 118 1.68 -22.13 52.81
CA GLY J 118 2.60 -21.85 51.72
C GLY J 118 3.74 -20.95 52.14
N TYR J 119 3.46 -19.96 52.98
CA TYR J 119 4.51 -19.09 53.49
C TYR J 119 5.54 -19.88 54.28
N GLU J 120 5.08 -20.83 55.10
CA GLU J 120 6.04 -21.62 55.86
C GLU J 120 6.86 -22.52 54.93
N TYR J 121 6.23 -23.07 53.89
CA TYR J 121 6.99 -23.83 52.90
C TYR J 121 8.11 -22.99 52.30
N ILE J 122 7.80 -21.76 51.92
CA ILE J 122 8.81 -20.89 51.32
C ILE J 122 9.94 -20.62 52.31
N HIS J 123 9.58 -20.16 53.51
CA HIS J 123 10.60 -19.79 54.50
C HIS J 123 11.38 -20.99 54.99
N LEU J 124 10.88 -22.21 54.78
CA LEU J 124 11.59 -23.39 55.23
C LEU J 124 12.46 -23.99 54.12
N VAL J 125 12.03 -23.89 52.86
CA VAL J 125 12.89 -24.29 51.75
C VAL J 125 13.97 -23.25 51.48
N GLU J 126 13.83 -22.05 52.03
CA GLU J 126 14.78 -20.97 51.76
C GLU J 126 16.20 -21.36 52.14
N HIS J 127 16.38 -21.99 53.28
CA HIS J 127 17.71 -22.19 53.86
C HIS J 127 17.87 -23.62 54.37
N GLY J 128 17.57 -24.61 53.53
CA GLY J 128 17.68 -25.97 53.99
C GLY J 128 16.77 -26.97 53.32
N THR J 129 15.96 -27.64 54.14
CA THR J 129 15.12 -28.77 53.79
C THR J 129 14.49 -28.65 52.40
N THR J 130 14.73 -29.66 51.58
CA THR J 130 14.09 -29.81 50.28
C THR J 130 13.57 -31.23 50.15
N ILE J 131 12.81 -31.49 49.09
CA ILE J 131 12.31 -32.83 48.85
C ILE J 131 13.46 -33.74 48.42
N PRO J 132 14.27 -33.38 47.42
CA PRO J 132 15.35 -34.29 47.01
C PRO J 132 16.60 -34.20 47.88
N GLY J 133 16.59 -33.45 48.96
CA GLY J 133 17.80 -33.23 49.73
C GLY J 133 17.89 -34.03 51.00
N SER J 134 16.81 -34.70 51.39
CA SER J 134 16.79 -35.41 52.66
C SER J 134 15.68 -36.45 52.64
N ALA J 135 15.65 -37.28 53.68
CA ALA J 135 14.54 -38.19 53.89
C ALA J 135 13.45 -37.56 54.75
N TYR J 136 13.85 -36.86 55.82
CA TYR J 136 12.87 -36.15 56.63
C TYR J 136 12.11 -35.12 55.80
N GLY J 137 12.82 -34.35 54.99
CA GLY J 137 12.15 -33.38 54.15
C GLY J 137 11.19 -34.03 53.18
N SER J 138 11.58 -35.16 52.62
CA SER J 138 10.72 -35.90 51.72
C SER J 138 9.41 -36.28 52.41
N VAL J 139 9.50 -36.98 53.54
CA VAL J 139 8.29 -37.45 54.20
C VAL J 139 7.45 -36.29 54.71
N PHE J 140 8.11 -35.22 55.19
CA PHE J 140 7.38 -34.06 55.69
C PHE J 140 6.57 -33.39 54.59
N TYR J 141 7.23 -33.06 53.47
CA TYR J 141 6.52 -32.42 52.38
C TYR J 141 5.45 -33.32 51.80
N LEU J 142 5.72 -34.62 51.70
CA LEU J 142 4.72 -35.53 51.14
C LEU J 142 3.51 -35.63 52.05
N ALA J 143 3.72 -35.63 53.37
CA ALA J 143 2.59 -35.78 54.28
C ALA J 143 1.75 -34.51 54.32
N THR J 144 2.38 -33.34 54.25
CA THR J 144 1.59 -32.12 54.41
C THR J 144 1.04 -31.57 53.09
N GLY J 145 1.68 -31.84 51.96
CA GLY J 145 1.19 -31.33 50.70
C GLY J 145 -0.10 -31.98 50.26
N PHE J 146 -0.28 -33.27 50.54
CA PHE J 146 -1.54 -33.92 50.19
C PHE J 146 -2.68 -33.38 51.02
N HIS J 147 -2.44 -33.09 52.30
CA HIS J 147 -3.46 -32.43 53.10
C HIS J 147 -3.78 -31.06 52.54
N GLY J 148 -2.77 -30.31 52.11
CA GLY J 148 -3.04 -29.04 51.46
C GLY J 148 -3.92 -29.18 50.23
N LEU J 149 -3.67 -30.23 49.44
CA LEU J 149 -4.49 -30.48 48.26
C LEU J 149 -5.93 -30.77 48.66
N HIS J 150 -6.13 -31.53 49.73
CA HIS J 150 -7.48 -31.80 50.21
C HIS J 150 -8.18 -30.53 50.65
N VAL J 151 -7.45 -29.63 51.31
CA VAL J 151 -8.05 -28.36 51.72
C VAL J 151 -8.47 -27.54 50.51
N ILE J 152 -7.63 -27.53 49.47
CA ILE J 152 -7.96 -26.77 48.26
C ILE J 152 -9.20 -27.35 47.60
N GLY J 153 -9.32 -28.68 47.58
CA GLY J 153 -10.53 -29.31 47.06
C GLY J 153 -11.76 -28.90 47.84
N GLY J 154 -11.65 -28.84 49.16
CA GLY J 154 -12.77 -28.37 49.96
C GLY J 154 -13.17 -26.94 49.63
N LEU J 155 -12.18 -26.08 49.41
CA LEU J 155 -12.48 -24.70 49.00
C LEU J 155 -13.25 -24.66 47.69
N VAL J 156 -12.82 -25.47 46.72
CA VAL J 156 -13.54 -25.54 45.44
C VAL J 156 -14.98 -25.99 45.67
N ALA J 157 -15.18 -26.96 46.56
CA ALA J 157 -16.53 -27.44 46.85
C ALA J 157 -17.39 -26.33 47.46
N PHE J 158 -16.81 -25.53 48.36
CA PHE J 158 -17.54 -24.40 48.93
C PHE J 158 -18.01 -23.44 47.84
N VAL J 159 -17.10 -23.09 46.93
CA VAL J 159 -17.46 -22.13 45.88
C VAL J 159 -18.57 -22.68 45.01
N LEU J 160 -18.46 -23.96 44.62
CA LEU J 160 -19.49 -24.55 43.78
C LEU J 160 -20.84 -24.59 44.48
N LEU J 161 -20.86 -24.91 45.77
CA LEU J 161 -22.12 -24.96 46.50
C LEU J 161 -22.77 -23.59 46.58
N LEU J 162 -21.99 -22.55 46.85
CA LEU J 162 -22.57 -21.20 46.89
C LEU J 162 -23.13 -20.81 45.53
N ALA J 163 -22.38 -21.06 44.46
CA ALA J 163 -22.87 -20.74 43.14
C ALA J 163 -24.14 -21.50 42.81
N ARG J 164 -24.29 -22.71 43.34
CA ARG J 164 -25.50 -23.48 43.06
C ARG J 164 -26.69 -22.96 43.86
N THR J 165 -26.48 -22.52 45.10
CA THR J 165 -27.57 -21.90 45.83
C THR J 165 -28.00 -20.58 45.19
N LYS J 166 -27.11 -19.95 44.42
CA LYS J 166 -27.46 -18.69 43.78
C LYS J 166 -28.50 -18.85 42.67
N MET J 167 -28.65 -20.03 42.07
CA MET J 167 -29.34 -20.14 40.79
C MET J 167 -30.70 -20.82 40.85
N SER J 168 -31.25 -21.10 42.03
CA SER J 168 -32.61 -21.62 42.11
C SER J 168 -33.10 -21.48 43.54
N LYS J 169 -34.37 -21.82 43.74
CA LYS J 169 -34.95 -21.70 45.07
C LYS J 169 -34.42 -22.78 45.99
N PHE J 170 -34.50 -22.52 47.30
CA PHE J 170 -33.93 -23.40 48.30
C PHE J 170 -34.85 -24.59 48.52
N THR J 171 -34.34 -25.79 48.25
CA THR J 171 -35.07 -27.03 48.43
C THR J 171 -34.27 -27.92 49.37
N PRO J 172 -34.87 -28.99 49.90
CA PRO J 172 -34.10 -29.86 50.82
C PRO J 172 -32.84 -30.46 50.21
N ALA J 173 -32.79 -30.61 48.88
CA ALA J 173 -31.58 -31.14 48.25
C ALA J 173 -30.38 -30.22 48.50
N GLN J 174 -30.61 -28.91 48.43
CA GLN J 174 -29.54 -27.96 48.75
C GLN J 174 -29.08 -28.11 50.19
N ALA J 175 -30.02 -28.35 51.11
CA ALA J 175 -29.65 -28.56 52.50
C ALA J 175 -28.78 -29.80 52.65
N THR J 176 -29.14 -30.88 51.96
CA THR J 176 -28.34 -32.10 52.03
C THR J 176 -26.94 -31.86 51.50
N ALA J 177 -26.82 -31.15 50.38
CA ALA J 177 -25.51 -30.83 49.84
C ALA J 177 -24.67 -30.04 50.83
N ALA J 178 -25.28 -29.02 51.45
CA ALA J 178 -24.56 -28.24 52.45
C ALA J 178 -24.06 -29.12 53.59
N ILE J 179 -24.91 -30.03 54.07
CA ILE J 179 -24.54 -30.87 55.21
C ILE J 179 -23.35 -31.76 54.86
N VAL J 180 -23.37 -32.36 53.66
CA VAL J 180 -22.30 -33.30 53.33
C VAL J 180 -20.99 -32.55 53.12
N VAL J 181 -21.03 -31.38 52.47
CA VAL J 181 -19.81 -30.57 52.35
C VAL J 181 -19.28 -30.22 53.73
N SER J 182 -20.19 -29.90 54.65
CA SER J 182 -19.78 -29.55 56.01
C SER J 182 -18.97 -30.66 56.65
N TYR J 183 -19.50 -31.87 56.68
CA TYR J 183 -18.71 -32.82 57.44
C TYR J 183 -17.53 -33.39 56.66
N TYR J 184 -17.47 -33.20 55.34
CA TYR J 184 -16.18 -33.36 54.66
C TYR J 184 -15.14 -32.41 55.23
N TRP J 185 -15.52 -31.13 55.38
CA TRP J 185 -14.61 -30.16 55.98
C TRP J 185 -14.19 -30.57 57.39
N HIS J 186 -15.12 -31.13 58.15
CA HIS J 186 -14.79 -31.59 59.50
C HIS J 186 -13.76 -32.69 59.48
N PHE J 187 -13.95 -33.69 58.61
CA PHE J 187 -12.95 -34.75 58.47
C PHE J 187 -11.58 -34.18 58.14
N VAL J 188 -11.53 -33.20 57.23
CA VAL J 188 -10.26 -32.59 56.85
C VAL J 188 -9.58 -31.97 58.07
N ASP J 189 -10.29 -31.13 58.80
CA ASP J 189 -9.61 -30.46 59.92
C ASP J 189 -9.43 -31.34 61.13
N ILE J 190 -9.92 -32.58 61.12
CA ILE J 190 -9.53 -33.53 62.16
C ILE J 190 -8.26 -34.27 61.79
N VAL J 191 -8.14 -34.72 60.53
CA VAL J 191 -6.89 -35.35 60.15
C VAL J 191 -5.74 -34.35 60.22
N TRP J 192 -6.03 -33.06 60.07
CA TRP J 192 -4.96 -32.08 60.27
C TRP J 192 -4.49 -32.07 61.71
N ILE J 193 -5.41 -32.16 62.66
CA ILE J 193 -5.01 -32.19 64.07
C ILE J 193 -4.12 -33.40 64.32
N ALA J 194 -4.47 -34.54 63.74
CA ALA J 194 -3.64 -35.73 63.89
C ALA J 194 -2.23 -35.48 63.35
N LEU J 195 -2.13 -34.95 62.12
CA LEU J 195 -0.82 -34.69 61.53
C LEU J 195 -0.01 -33.70 62.35
N PHE J 196 -0.67 -32.66 62.86
CA PHE J 196 0.04 -31.63 63.63
C PHE J 196 0.61 -32.21 64.92
N ALA J 197 -0.23 -32.93 65.67
CA ALA J 197 0.24 -33.53 66.92
C ALA J 197 1.34 -34.56 66.67
N THR J 198 1.32 -35.22 65.51
CA THR J 198 2.36 -36.21 65.24
C THR J 198 3.68 -35.54 64.84
N ILE J 199 3.63 -34.51 64.02
CA ILE J 199 4.85 -33.95 63.45
C ILE J 199 5.49 -32.92 64.35
N TYR J 200 4.72 -31.97 64.89
CA TYR J 200 5.34 -30.83 65.55
C TYR J 200 5.66 -31.07 67.01
N PHE J 201 4.93 -31.95 67.69
CA PHE J 201 5.11 -32.16 69.13
C PHE J 201 5.79 -33.47 69.45
N VAL J 202 5.30 -34.58 68.90
CA VAL J 202 5.88 -35.89 69.21
C VAL J 202 7.31 -35.96 68.67
N ARG J 203 7.49 -35.55 67.42
CA ARG J 203 8.79 -35.60 66.75
C ARG J 203 9.41 -37.01 66.80
N MET K 1 -31.65 -48.76 60.45
CA MET K 1 -31.05 -50.03 60.02
C MET K 1 -30.24 -50.67 61.13
N HIS K 2 -30.61 -51.89 61.52
CA HIS K 2 -30.02 -52.53 62.68
C HIS K 2 -28.97 -53.58 62.34
N ILE K 3 -29.05 -54.22 61.18
CA ILE K 3 -28.13 -55.31 60.90
C ILE K 3 -26.82 -54.79 60.30
N GLU K 4 -26.86 -53.71 59.54
CA GLU K 4 -25.64 -53.13 58.99
C GLU K 4 -24.73 -52.64 60.11
N ALA K 5 -25.31 -51.97 61.10
CA ALA K 5 -24.54 -51.50 62.24
C ALA K 5 -23.87 -52.66 62.96
N ARG K 6 -24.60 -53.77 63.13
CA ARG K 6 -24.03 -54.91 63.82
C ARG K 6 -22.89 -55.53 63.02
N LEU K 7 -23.04 -55.59 61.70
CA LEU K 7 -21.95 -56.08 60.85
C LEU K 7 -20.70 -55.23 61.03
N PHE K 8 -20.85 -53.92 60.97
CA PHE K 8 -19.68 -53.06 61.10
C PHE K 8 -19.07 -53.12 62.50
N GLU K 9 -19.89 -53.29 63.53
CA GLU K 9 -19.35 -53.45 64.87
C GLU K 9 -18.54 -54.74 65.00
N ILE K 10 -19.03 -55.85 64.42
CA ILE K 10 -18.25 -57.08 64.43
C ILE K 10 -16.89 -56.87 63.77
N LEU K 11 -16.91 -56.26 62.58
CA LEU K 11 -15.65 -56.04 61.86
C LEU K 11 -14.70 -55.16 62.66
N THR K 12 -15.22 -54.10 63.27
CA THR K 12 -14.35 -53.19 64.02
C THR K 12 -13.75 -53.88 65.23
N ALA K 13 -14.53 -54.74 65.90
CA ALA K 13 -14.00 -55.45 67.06
C ALA K 13 -12.85 -56.36 66.64
N PHE K 14 -13.06 -57.14 65.58
CA PHE K 14 -11.99 -58.05 65.16
C PHE K 14 -10.75 -57.29 64.72
N PHE K 15 -10.93 -56.18 63.99
CA PHE K 15 -9.77 -55.44 63.51
C PHE K 15 -8.98 -54.83 64.66
N ALA K 16 -9.67 -54.28 65.66
CA ALA K 16 -8.96 -53.72 66.81
C ALA K 16 -8.19 -54.80 67.55
N LEU K 17 -8.81 -55.97 67.74
CA LEU K 17 -8.11 -57.08 68.40
C LEU K 17 -6.84 -57.44 67.64
N ALA K 18 -6.95 -57.62 66.32
CA ALA K 18 -5.79 -58.01 65.54
C ALA K 18 -4.70 -56.95 65.59
N ALA K 19 -5.07 -55.67 65.51
CA ALA K 19 -4.08 -54.60 65.56
C ALA K 19 -3.31 -54.62 66.86
N VAL K 20 -4.02 -54.71 67.99
CA VAL K 20 -3.34 -54.69 69.28
C VAL K 20 -2.45 -55.92 69.42
N VAL K 21 -2.93 -57.09 68.99
CA VAL K 21 -2.14 -58.31 69.12
C VAL K 21 -0.86 -58.21 68.30
N TYR K 22 -0.98 -57.74 67.06
CA TYR K 22 0.20 -57.61 66.22
C TYR K 22 1.20 -56.62 66.80
N ALA K 23 0.72 -55.48 67.30
CA ALA K 23 1.61 -54.49 67.89
C ALA K 23 2.39 -55.06 69.06
N VAL K 24 1.69 -55.72 69.99
CA VAL K 24 2.38 -56.21 71.18
C VAL K 24 3.19 -57.47 70.90
N LEU K 25 2.91 -58.19 69.82
CA LEU K 25 3.73 -59.35 69.49
C LEU K 25 4.96 -58.98 68.69
N THR K 26 4.94 -57.84 67.99
CA THR K 26 6.15 -57.37 67.33
C THR K 26 6.95 -56.42 68.19
N ALA K 27 6.39 -55.89 69.27
CA ALA K 27 7.19 -55.13 70.20
C ALA K 27 8.29 -56.01 70.80
N MET K 28 7.96 -57.27 71.10
CA MET K 28 8.93 -58.28 71.46
C MET K 28 9.08 -59.25 70.28
N PHE K 29 9.98 -60.21 70.42
CA PHE K 29 10.09 -61.33 69.50
C PHE K 29 10.41 -60.91 68.07
N ALA K 30 10.64 -59.63 67.82
CA ALA K 30 10.91 -59.14 66.48
C ALA K 30 12.34 -58.64 66.38
N THR K 31 12.80 -58.50 65.12
CA THR K 31 14.20 -58.15 64.88
C THR K 31 14.50 -56.73 65.34
N GLY K 32 13.71 -55.76 64.88
CA GLY K 32 13.95 -54.36 65.20
C GLY K 32 12.90 -53.67 66.03
N GLY K 33 12.06 -54.41 66.75
CA GLY K 33 11.03 -53.78 67.55
C GLY K 33 9.71 -53.70 66.81
N VAL K 34 8.90 -52.69 67.13
CA VAL K 34 7.60 -52.56 66.50
C VAL K 34 7.78 -52.35 65.00
N GLU K 35 6.88 -52.96 64.22
CA GLU K 35 7.06 -53.06 62.78
C GLU K 35 6.70 -51.76 62.06
N TRP K 36 5.71 -51.03 62.58
CA TRP K 36 5.43 -49.63 62.25
C TRP K 36 4.77 -49.41 60.89
N ALA K 37 4.64 -50.44 60.07
CA ALA K 37 3.98 -50.30 58.78
C ALA K 37 2.70 -51.11 58.65
N GLY K 38 2.63 -52.29 59.27
CA GLY K 38 1.37 -52.99 59.36
C GLY K 38 0.52 -52.50 60.51
N THR K 39 1.16 -52.07 61.60
CA THR K 39 0.45 -51.53 62.75
C THR K 39 -0.44 -50.36 62.35
N THR K 40 0.11 -49.41 61.59
CA THR K 40 -0.62 -48.23 61.19
C THR K 40 -1.83 -48.58 60.34
N ALA K 41 -1.60 -49.39 59.30
CA ALA K 41 -2.70 -49.83 58.45
C ALA K 41 -3.80 -50.48 59.26
N LEU K 42 -3.43 -51.27 60.28
CA LEU K 42 -4.45 -51.97 61.05
C LEU K 42 -5.25 -51.01 61.93
N VAL K 43 -4.57 -50.06 62.61
CA VAL K 43 -5.36 -49.15 63.44
C VAL K 43 -6.28 -48.31 62.57
N LEU K 44 -5.84 -47.95 61.37
CA LEU K 44 -6.68 -47.05 60.61
C LEU K 44 -7.77 -47.78 59.82
N THR K 45 -7.61 -49.08 59.52
CA THR K 45 -8.76 -49.82 59.05
C THR K 45 -9.78 -50.04 60.17
N THR K 46 -9.29 -50.22 61.41
CA THR K 46 -10.20 -50.22 62.55
C THR K 46 -10.98 -48.92 62.62
N GLY K 47 -10.28 -47.79 62.43
CA GLY K 47 -10.96 -46.50 62.45
C GLY K 47 -11.97 -46.33 61.34
N LEU K 48 -11.66 -46.84 60.15
CA LEU K 48 -12.62 -46.84 59.05
C LEU K 48 -13.92 -47.52 59.44
N THR K 49 -13.82 -48.80 59.83
CA THR K 49 -15.02 -49.54 60.19
C THR K 49 -15.72 -48.89 61.38
N LEU K 50 -14.97 -48.28 62.30
CA LEU K 50 -15.57 -47.64 63.45
C LEU K 50 -16.40 -46.43 63.05
N ILE K 51 -15.87 -45.59 62.15
CA ILE K 51 -16.62 -44.44 61.66
C ILE K 51 -17.92 -44.89 61.02
N THR K 52 -17.82 -45.83 60.09
CA THR K 52 -19.04 -46.27 59.40
C THR K 52 -20.05 -46.87 60.37
N GLY K 53 -19.60 -47.73 61.29
CA GLY K 53 -20.53 -48.36 62.22
C GLY K 53 -21.19 -47.37 63.14
N THR K 54 -20.44 -46.36 63.59
CA THR K 54 -21.01 -45.37 64.50
C THR K 54 -22.07 -44.53 63.78
N PHE K 55 -21.80 -44.15 62.53
CA PHE K 55 -22.82 -43.43 61.77
C PHE K 55 -24.09 -44.26 61.61
N PHE K 56 -23.94 -45.54 61.22
CA PHE K 56 -25.12 -46.38 61.07
C PHE K 56 -25.85 -46.55 62.39
N ARG K 57 -25.13 -46.62 63.50
CA ARG K 57 -25.76 -46.77 64.81
C ARG K 57 -26.59 -45.56 65.16
N PHE K 58 -26.04 -44.37 64.96
CA PHE K 58 -26.82 -43.16 65.24
C PHE K 58 -28.06 -43.08 64.37
N VAL K 59 -27.91 -43.35 63.06
CA VAL K 59 -29.07 -43.28 62.18
C VAL K 59 -30.12 -44.32 62.57
N ALA K 60 -29.69 -45.48 63.09
CA ALA K 60 -30.66 -46.49 63.50
C ALA K 60 -31.39 -46.07 64.77
N ARG K 61 -30.66 -45.50 65.73
CA ARG K 61 -31.31 -45.04 66.96
C ARG K 61 -32.23 -43.86 66.72
N ARG K 62 -32.04 -43.11 65.64
CA ARG K 62 -32.87 -41.94 65.37
C ARG K 62 -33.97 -42.21 64.36
N LEU K 63 -34.38 -43.47 64.18
CA LEU K 63 -35.27 -43.85 63.09
C LEU K 63 -36.36 -44.79 63.60
N ASP K 64 -37.53 -44.69 62.98
CA ASP K 64 -38.60 -45.65 63.21
C ASP K 64 -38.54 -46.75 62.16
N THR K 65 -39.25 -47.85 62.43
CA THR K 65 -39.16 -49.01 61.56
C THR K 65 -39.49 -48.64 60.12
N ARG K 66 -38.85 -49.35 59.19
CA ARG K 66 -38.86 -49.17 57.75
C ARG K 66 -39.34 -50.44 57.07
N PRO K 67 -40.11 -50.33 55.98
CA PRO K 67 -40.65 -51.52 55.33
C PRO K 67 -39.58 -52.52 54.92
N GLU K 68 -38.37 -52.03 54.64
CA GLU K 68 -37.28 -52.95 54.34
C GLU K 68 -36.81 -53.67 55.60
N ASP K 69 -36.57 -52.93 56.69
CA ASP K 69 -36.13 -53.55 57.92
C ASP K 69 -37.21 -54.41 58.55
N TYR K 70 -38.45 -54.22 58.15
CA TYR K 70 -39.60 -54.84 58.80
C TYR K 70 -39.99 -56.08 58.01
N GLU K 71 -40.13 -57.20 58.71
CA GLU K 71 -40.78 -58.36 58.15
C GLU K 71 -42.27 -58.08 58.12
N ASP K 72 -43.08 -59.11 57.88
CA ASP K 72 -44.50 -59.05 58.18
C ASP K 72 -45.21 -58.08 57.23
N ALA K 73 -44.49 -57.44 56.32
CA ALA K 73 -44.96 -56.30 55.55
C ALA K 73 -45.38 -56.71 54.14
N GLU K 74 -46.10 -55.80 53.49
CA GLU K 74 -46.69 -56.02 52.17
C GLU K 74 -46.28 -54.89 51.24
N ILE K 75 -46.49 -55.11 49.94
CA ILE K 75 -46.04 -54.15 48.93
C ILE K 75 -46.84 -52.86 48.95
N SER K 76 -48.03 -52.85 49.55
CA SER K 76 -48.79 -51.62 49.67
C SER K 76 -48.20 -50.67 50.69
N ASP K 77 -47.22 -51.11 51.47
CA ASP K 77 -46.59 -50.25 52.46
C ASP K 77 -45.64 -49.25 51.83
N GLY K 78 -44.84 -49.71 50.86
CA GLY K 78 -43.89 -48.87 50.19
C GLY K 78 -44.45 -48.06 49.04
N ALA K 79 -45.77 -48.11 48.83
CA ALA K 79 -46.39 -47.34 47.77
C ALA K 79 -46.17 -45.84 48.01
N GLY K 80 -45.49 -45.19 47.08
CA GLY K 80 -45.22 -43.79 47.22
C GLY K 80 -44.42 -43.22 46.07
N GLU K 81 -43.55 -42.25 46.37
CA GLU K 81 -42.75 -41.57 45.36
C GLU K 81 -41.31 -41.60 45.80
N LEU K 82 -40.45 -42.24 45.01
CA LEU K 82 -39.04 -42.34 45.34
C LEU K 82 -38.35 -41.02 45.02
N GLY K 83 -37.02 -41.02 45.10
CA GLY K 83 -36.25 -39.82 44.87
C GLY K 83 -36.16 -39.46 43.40
N PHE K 84 -35.10 -38.72 43.08
CA PHE K 84 -34.82 -38.27 41.72
C PHE K 84 -33.62 -39.03 41.19
N PHE K 85 -33.83 -39.81 40.14
CA PHE K 85 -32.76 -40.58 39.51
C PHE K 85 -32.47 -39.99 38.15
N ALA K 86 -31.24 -39.57 37.94
CA ALA K 86 -30.87 -38.82 36.76
C ALA K 86 -31.02 -39.66 35.50
N PRO K 87 -31.81 -39.23 34.53
CA PRO K 87 -31.76 -39.85 33.21
C PRO K 87 -30.51 -39.44 32.46
N HIS K 88 -30.46 -39.72 31.16
CA HIS K 88 -29.30 -39.53 30.30
C HIS K 88 -28.44 -38.30 30.63
N SER K 89 -27.12 -38.47 30.61
CA SER K 89 -26.18 -37.38 30.77
C SER K 89 -24.87 -37.77 30.11
N TRP K 90 -24.16 -36.78 29.57
CA TRP K 90 -22.92 -37.03 28.84
C TRP K 90 -21.69 -36.45 29.52
N TRP K 91 -21.82 -35.90 30.70
CA TRP K 91 -20.69 -35.29 31.39
C TRP K 91 -19.66 -36.28 31.93
N PRO K 92 -20.06 -37.48 32.39
CA PRO K 92 -19.05 -38.44 32.87
C PRO K 92 -17.92 -38.73 31.91
N ILE K 93 -18.21 -38.88 30.61
CA ILE K 93 -17.13 -39.20 29.68
C ILE K 93 -16.17 -38.03 29.54
N LEU K 94 -16.67 -36.79 29.63
CA LEU K 94 -15.79 -35.65 29.57
C LEU K 94 -14.94 -35.53 30.82
N ILE K 95 -15.51 -35.84 31.99
CA ILE K 95 -14.73 -35.86 33.22
C ILE K 95 -13.61 -36.87 33.10
N SER K 96 -13.91 -38.05 32.58
CA SER K 96 -12.89 -39.09 32.46
C SER K 96 -11.80 -38.68 31.48
N LEU K 97 -12.18 -38.06 30.36
CA LEU K 97 -11.18 -37.58 29.41
C LEU K 97 -10.26 -36.55 30.03
N SER K 98 -10.84 -35.61 30.79
CA SER K 98 -10.01 -34.59 31.43
C SER K 98 -9.05 -35.20 32.45
N PHE K 99 -9.54 -36.12 33.28
CA PHE K 99 -8.68 -36.75 34.25
C PHE K 99 -7.58 -37.58 33.59
N SER K 100 -7.91 -38.23 32.47
CA SER K 100 -6.90 -38.99 31.75
C SER K 100 -5.84 -38.08 31.14
N THR K 101 -6.26 -36.91 30.65
CA THR K 101 -5.28 -35.93 30.16
C THR K 101 -4.33 -35.50 31.27
N ALA K 102 -4.87 -35.18 32.44
CA ALA K 102 -4.00 -34.80 33.56
C ALA K 102 -3.08 -35.94 33.96
N ALA K 103 -3.58 -37.18 33.93
CA ALA K 103 -2.74 -38.31 34.34
C ALA K 103 -1.60 -38.55 33.35
N VAL K 104 -1.89 -38.49 32.05
CA VAL K 104 -0.82 -38.69 31.07
C VAL K 104 0.14 -37.51 31.08
N GLY K 105 -0.34 -36.32 31.44
CA GLY K 105 0.57 -35.20 31.61
C GLY K 105 1.42 -35.30 32.86
N ALA K 106 0.98 -36.09 33.84
CA ALA K 106 1.83 -36.34 35.00
C ALA K 106 2.80 -37.49 34.78
N ALA K 107 2.42 -38.47 33.95
CA ALA K 107 3.33 -39.58 33.62
C ALA K 107 4.58 -39.06 32.92
N LEU K 108 4.42 -38.53 31.73
CA LEU K 108 5.48 -37.78 31.06
C LEU K 108 5.51 -36.39 31.68
N TRP K 109 6.65 -36.01 32.24
CA TRP K 109 6.66 -34.79 33.05
C TRP K 109 6.46 -33.56 32.16
N LEU K 110 5.22 -33.14 32.00
CA LEU K 110 4.86 -32.00 31.16
C LEU K 110 3.94 -31.09 31.95
N PRO K 111 4.46 -29.99 32.49
CA PRO K 111 3.61 -29.15 33.37
C PRO K 111 2.44 -28.50 32.68
N TRP K 112 2.59 -28.10 31.42
CA TRP K 112 1.49 -27.46 30.71
C TRP K 112 0.33 -28.42 30.53
N LEU K 113 0.61 -29.70 30.27
CA LEU K 113 -0.45 -30.69 30.15
C LEU K 113 -1.16 -30.90 31.49
N ILE K 114 -0.41 -30.86 32.59
CA ILE K 114 -1.05 -31.00 33.90
C ILE K 114 -1.96 -29.81 34.18
N ALA K 115 -1.51 -28.60 33.84
CA ALA K 115 -2.35 -27.42 34.05
C ALA K 115 -3.62 -27.50 33.21
N ALA K 116 -3.48 -27.88 31.93
CA ALA K 116 -4.66 -28.01 31.08
C ALA K 116 -5.61 -29.08 31.61
N GLY K 117 -5.07 -30.20 32.08
CA GLY K 117 -5.92 -31.24 32.63
C GLY K 117 -6.67 -30.80 33.87
N VAL K 118 -6.01 -30.05 34.75
CA VAL K 118 -6.67 -29.57 35.96
C VAL K 118 -7.78 -28.58 35.59
N ALA K 119 -7.51 -27.68 34.64
CA ALA K 119 -8.54 -26.74 34.22
C ALA K 119 -9.74 -27.48 33.62
N PHE K 120 -9.47 -28.50 32.79
CA PHE K 120 -10.56 -29.25 32.19
C PHE K 120 -11.34 -30.04 33.23
N VAL K 121 -10.67 -30.55 34.26
CA VAL K 121 -11.39 -31.27 35.31
C VAL K 121 -12.30 -30.32 36.07
N ILE K 122 -11.81 -29.12 36.40
CA ILE K 122 -12.66 -28.15 37.08
C ILE K 122 -13.88 -27.81 36.22
N THR K 123 -13.66 -27.61 34.92
CA THR K 123 -14.76 -27.24 34.04
C THR K 123 -15.79 -28.37 33.94
N SER K 124 -15.34 -29.61 33.76
CA SER K 124 -16.26 -30.72 33.60
C SER K 124 -17.02 -31.01 34.89
N VAL K 125 -16.35 -30.91 36.04
CA VAL K 125 -17.05 -31.14 37.31
C VAL K 125 -18.08 -30.04 37.55
N CYS K 126 -17.74 -28.79 37.21
CA CYS K 126 -18.74 -27.73 37.32
C CYS K 126 -19.93 -28.02 36.43
N GLY K 127 -19.70 -28.50 35.21
CA GLY K 127 -20.79 -28.85 34.34
C GLY K 127 -21.67 -29.96 34.89
N LEU K 128 -21.04 -30.95 35.53
CA LEU K 128 -21.81 -32.05 36.08
C LEU K 128 -22.65 -31.61 37.28
N VAL K 129 -22.10 -30.72 38.11
CA VAL K 129 -22.81 -30.34 39.33
C VAL K 129 -24.00 -29.44 39.02
N PHE K 130 -23.88 -28.57 38.02
CA PHE K 130 -24.90 -27.59 37.70
C PHE K 130 -25.92 -28.08 36.69
N GLU K 131 -25.87 -29.34 36.29
CA GLU K 131 -26.60 -29.76 35.09
C GLU K 131 -28.11 -29.61 35.27
N TYR K 132 -28.64 -29.97 36.44
CA TYR K 132 -30.07 -29.91 36.69
C TYR K 132 -30.46 -28.72 37.55
N TYR K 133 -29.70 -27.63 37.48
CA TYR K 133 -30.01 -26.43 38.24
C TYR K 133 -29.96 -25.14 37.42
N TRP K 134 -29.35 -25.16 36.24
CA TRP K 134 -29.43 -24.00 35.37
C TRP K 134 -30.87 -23.67 35.04
N GLY K 135 -31.23 -22.39 35.11
CA GLY K 135 -32.56 -21.95 34.78
C GLY K 135 -32.71 -21.66 33.30
N PRO K 136 -33.90 -21.24 32.88
CA PRO K 136 -34.08 -20.85 31.49
C PRO K 136 -33.30 -19.58 31.17
N GLU K 137 -33.00 -19.41 29.89
CA GLU K 137 -32.18 -18.29 29.45
C GLU K 137 -32.95 -16.99 29.54
N LYS K 138 -32.23 -15.91 29.87
CA LYS K 138 -32.87 -14.65 30.20
C LYS K 138 -33.23 -13.82 28.98
N HIS K 139 -32.61 -14.09 27.84
CA HIS K 139 -32.75 -13.24 26.65
C HIS K 139 -32.46 -11.78 26.98
N MET L 1 14.50 -81.23 21.25
CA MET L 1 14.14 -82.59 20.86
C MET L 1 13.52 -82.63 19.48
N SER L 2 14.35 -82.78 18.45
CA SER L 2 13.90 -82.96 17.07
C SER L 2 12.89 -81.87 16.68
N THR L 3 13.42 -80.66 16.48
CA THR L 3 12.60 -79.45 16.32
C THR L 3 11.40 -79.66 15.40
N ALA L 4 11.55 -80.48 14.36
CA ALA L 4 10.46 -80.73 13.43
C ALA L 4 9.27 -81.36 14.13
N LEU L 5 9.53 -82.34 15.00
CA LEU L 5 8.40 -83.04 15.63
C LEU L 5 7.79 -82.20 16.75
N THR L 6 8.60 -81.35 17.41
CA THR L 6 8.03 -80.40 18.36
C THR L 6 7.04 -79.48 17.68
N HIS L 7 7.45 -78.82 16.59
CA HIS L 7 6.53 -77.99 15.83
C HIS L 7 5.34 -78.79 15.34
N GLY L 8 5.58 -80.04 14.91
CA GLY L 8 4.50 -80.84 14.38
C GLY L 8 3.43 -81.13 15.42
N LEU L 9 3.83 -81.57 16.61
CA LEU L 9 2.86 -81.80 17.67
C LEU L 9 2.14 -80.51 18.03
N ILE L 10 2.90 -79.44 18.27
CA ILE L 10 2.29 -78.17 18.68
C ILE L 10 1.27 -77.69 17.66
N GLY L 11 1.49 -77.98 16.38
CA GLY L 11 0.55 -77.55 15.37
C GLY L 11 -0.55 -78.53 15.04
N GLY L 12 -0.37 -79.80 15.40
CA GLY L 12 -1.32 -80.82 14.98
C GLY L 12 -2.25 -81.36 16.05
N VAL L 13 -1.78 -81.48 17.28
CA VAL L 13 -2.63 -82.04 18.35
C VAL L 13 -3.88 -81.20 18.59
N PRO L 14 -3.81 -79.87 18.75
CA PRO L 14 -5.04 -79.12 19.04
C PRO L 14 -6.09 -79.24 17.96
N LEU L 15 -5.70 -79.18 16.69
CA LEU L 15 -6.69 -79.20 15.62
C LEU L 15 -7.31 -80.57 15.47
N VAL L 16 -6.52 -81.62 15.66
CA VAL L 16 -7.06 -82.98 15.64
C VAL L 16 -8.08 -83.16 16.76
N LEU L 17 -7.73 -82.74 17.97
CA LEU L 17 -8.65 -82.86 19.09
C LEU L 17 -9.93 -82.09 18.84
N PHE L 18 -9.80 -80.88 18.28
CA PHE L 18 -10.97 -80.11 17.87
C PHE L 18 -11.84 -80.91 16.90
N ALA L 19 -11.22 -81.61 15.97
CA ALA L 19 -11.98 -82.37 14.98
C ALA L 19 -12.78 -83.48 15.64
N VAL L 20 -12.14 -84.27 16.52
CA VAL L 20 -12.87 -85.37 17.13
C VAL L 20 -13.99 -84.84 18.02
N LEU L 21 -13.72 -83.80 18.80
CA LEU L 21 -14.76 -83.27 19.68
C LEU L 21 -15.91 -82.68 18.89
N ALA L 22 -15.63 -82.02 17.76
CA ALA L 22 -16.69 -81.47 16.94
C ALA L 22 -17.53 -82.56 16.31
N LEU L 23 -16.90 -83.62 15.80
CA LEU L 23 -17.67 -84.71 15.23
C LEU L 23 -18.47 -85.45 16.30
N ILE L 24 -18.02 -85.40 17.56
CA ILE L 24 -18.78 -86.05 18.63
C ILE L 24 -19.99 -85.21 19.01
N PHE L 25 -19.82 -83.91 19.17
CA PHE L 25 -20.86 -83.06 19.74
C PHE L 25 -21.72 -82.34 18.71
N LEU L 26 -21.14 -81.88 17.61
CA LEU L 26 -21.88 -81.05 16.67
C LEU L 26 -22.72 -81.85 15.68
N THR L 27 -22.79 -83.16 15.82
CA THR L 27 -23.59 -83.99 14.93
C THR L 27 -24.84 -84.54 15.60
N ARG L 28 -25.19 -84.05 16.77
CA ARG L 28 -26.36 -84.52 17.49
C ARG L 28 -27.60 -83.77 17.03
N LYS L 29 -28.72 -84.00 17.72
CA LYS L 29 -29.99 -83.38 17.43
C LYS L 29 -30.25 -82.21 18.39
N GLY L 30 -30.60 -81.06 17.83
CA GLY L 30 -30.98 -79.91 18.62
C GLY L 30 -32.40 -80.02 19.11
N PRO L 31 -32.77 -79.09 20.01
CA PRO L 31 -34.13 -79.10 20.56
C PRO L 31 -35.17 -78.54 19.61
N HIS L 32 -34.78 -78.08 18.43
CA HIS L 32 -35.74 -77.52 17.50
C HIS L 32 -36.67 -78.61 16.97
N PRO L 33 -37.96 -78.35 16.86
CA PRO L 33 -38.87 -79.35 16.29
C PRO L 33 -38.61 -79.54 14.82
N ASP L 34 -38.70 -80.79 14.38
CA ASP L 34 -38.31 -81.10 13.01
C ASP L 34 -39.43 -80.67 12.06
N THR L 35 -39.04 -80.33 10.84
CA THR L 35 -39.91 -79.57 9.95
C THR L 35 -41.22 -80.31 9.69
N TYR L 36 -42.28 -79.55 9.48
CA TYR L 36 -43.58 -80.11 9.15
C TYR L 36 -43.67 -80.35 7.64
N LYS L 37 -44.09 -81.56 7.28
CA LYS L 37 -44.18 -81.99 5.88
C LYS L 37 -45.64 -82.22 5.52
N MET L 38 -46.12 -81.52 4.49
CA MET L 38 -47.55 -81.36 4.27
C MET L 38 -48.26 -82.65 3.87
N SER L 39 -47.53 -83.71 3.56
CA SER L 39 -48.19 -84.97 3.24
C SER L 39 -49.02 -85.47 4.41
N ASP L 40 -48.59 -85.17 5.63
CA ASP L 40 -49.25 -85.66 6.83
C ASP L 40 -50.13 -84.59 7.46
N PRO L 41 -51.06 -84.97 8.34
CA PRO L 41 -52.00 -83.99 8.89
C PRO L 41 -51.30 -82.91 9.71
N TRP L 42 -52.09 -81.90 10.07
CA TRP L 42 -51.62 -80.75 10.83
C TRP L 42 -52.20 -80.84 12.23
N THR L 43 -51.33 -81.03 13.22
CA THR L 43 -51.75 -81.18 14.61
C THR L 43 -51.36 -80.00 15.50
N HIS L 44 -50.46 -79.15 15.05
CA HIS L 44 -50.05 -78.00 15.86
C HIS L 44 -51.22 -77.06 16.09
N ALA L 45 -51.13 -76.27 17.16
CA ALA L 45 -52.15 -75.29 17.47
C ALA L 45 -52.26 -74.26 16.35
N PRO L 46 -53.39 -73.56 16.26
CA PRO L 46 -53.53 -72.54 15.21
C PRO L 46 -52.48 -71.45 15.35
N ILE L 47 -52.11 -70.87 14.21
CA ILE L 47 -51.03 -69.90 14.12
C ILE L 47 -51.56 -68.64 13.49
N LEU L 48 -51.30 -67.49 14.13
CA LEU L 48 -51.68 -66.19 13.58
C LEU L 48 -50.49 -65.26 13.70
N TRP L 49 -49.99 -64.77 12.57
CA TRP L 49 -48.81 -63.93 12.50
C TRP L 49 -49.19 -62.59 11.90
N ALA L 50 -48.92 -61.50 12.61
CA ALA L 50 -49.20 -60.18 12.11
C ALA L 50 -47.92 -59.55 11.56
N ALA L 51 -48.02 -58.30 11.13
CA ALA L 51 -46.89 -57.60 10.52
C ALA L 51 -46.21 -56.61 11.46
N GLU L 52 -46.98 -55.96 12.34
CA GLU L 52 -46.51 -55.03 13.37
C GLU L 52 -46.00 -53.72 12.82
N GLU L 53 -46.00 -53.51 11.50
CA GLU L 53 -45.21 -52.43 10.94
C GLU L 53 -45.81 -51.04 11.22
N PRO L 54 -47.04 -50.72 10.79
CA PRO L 54 -47.55 -49.36 11.03
C PRO L 54 -47.97 -49.21 12.48
N ARG L 55 -47.28 -48.34 13.22
CA ARG L 55 -47.71 -48.13 14.59
C ARG L 55 -49.02 -47.33 14.60
N GLU L 56 -49.42 -46.91 15.78
CA GLU L 56 -50.78 -46.44 15.99
C GLU L 56 -50.82 -45.00 16.49
N VAL L 69 -64.48 -54.12 11.40
CA VAL L 69 -64.88 -55.50 11.14
C VAL L 69 -65.74 -55.59 9.88
N VAL L 70 -65.79 -54.49 9.14
CA VAL L 70 -66.49 -54.47 7.86
C VAL L 70 -65.54 -54.96 6.78
N ILE L 71 -65.94 -56.02 6.08
CA ILE L 71 -65.08 -56.65 5.09
C ILE L 71 -65.23 -55.93 3.76
N GLY L 72 -64.12 -55.85 3.02
CA GLY L 72 -64.13 -55.16 1.75
C GLY L 72 -64.08 -56.08 0.54
N GLY L 73 -63.58 -57.29 0.72
CA GLY L 73 -63.47 -58.19 -0.41
C GLY L 73 -63.07 -59.57 0.03
N GLY L 74 -62.69 -60.38 -0.95
CA GLY L 74 -62.28 -61.74 -0.66
C GLY L 74 -61.90 -62.45 -1.93
N ALA L 75 -61.34 -63.65 -1.74
CA ALA L 75 -60.98 -64.53 -2.84
C ALA L 75 -60.87 -65.94 -2.27
N SER L 76 -60.69 -66.90 -3.15
CA SER L 76 -60.63 -68.29 -2.73
C SER L 76 -59.89 -69.12 -3.77
N GLY L 77 -59.73 -70.40 -3.44
CA GLY L 77 -59.01 -71.36 -4.25
C GLY L 77 -58.74 -72.56 -3.37
N LYS L 78 -58.69 -73.77 -3.94
CA LYS L 78 -58.54 -74.98 -3.15
C LYS L 78 -57.45 -75.86 -3.76
N TRP L 79 -56.31 -75.23 -4.06
CA TRP L 79 -55.16 -75.91 -4.65
C TRP L 79 -55.52 -76.49 -6.01
N GLU M 13 -59.12 -68.19 38.09
CA GLU M 13 -59.92 -69.39 38.27
C GLU M 13 -59.76 -70.38 37.11
N LEU M 14 -58.71 -70.11 36.35
CA LEU M 14 -58.27 -70.89 35.20
C LEU M 14 -57.31 -71.96 35.69
N ASP M 15 -56.75 -72.73 34.75
CA ASP M 15 -55.90 -73.84 35.17
C ASP M 15 -54.45 -73.43 35.43
N LEU M 16 -53.89 -72.54 34.59
CA LEU M 16 -52.51 -72.09 34.72
C LEU M 16 -51.56 -73.29 34.76
N PRO M 17 -51.24 -73.85 33.59
CA PRO M 17 -50.66 -75.21 33.54
C PRO M 17 -49.27 -75.36 34.14
N TYR M 18 -49.21 -75.49 35.46
CA TYR M 18 -48.02 -75.94 36.19
C TYR M 18 -46.81 -75.05 35.94
N GLY M 19 -46.91 -73.84 36.48
CA GLY M 19 -45.79 -72.92 36.45
C GLY M 19 -46.26 -71.50 36.24
N SER M 20 -47.37 -71.35 35.54
CA SER M 20 -47.97 -70.04 35.38
C SER M 20 -48.64 -69.61 36.69
N ALA M 21 -48.63 -68.29 36.92
CA ALA M 21 -49.28 -67.73 38.09
C ALA M 21 -49.67 -66.30 37.77
N LEU M 22 -50.89 -65.93 38.14
CA LEU M 22 -51.39 -64.58 37.88
C LEU M 22 -50.87 -63.63 38.93
N THR M 23 -50.24 -62.55 38.48
CA THR M 23 -49.56 -61.62 39.37
C THR M 23 -50.53 -60.59 39.92
N SER M 24 -50.00 -59.58 40.60
CA SER M 24 -50.84 -58.50 41.11
C SER M 24 -51.46 -57.69 39.98
N SER M 25 -50.83 -57.67 38.82
CA SER M 25 -51.42 -57.12 37.61
C SER M 25 -52.13 -58.25 36.87
N GLY M 26 -52.54 -57.99 35.63
CA GLY M 26 -53.11 -59.06 34.83
C GLY M 26 -52.12 -59.97 34.17
N ARG M 27 -50.83 -59.78 34.43
CA ARG M 27 -49.79 -60.49 33.70
C ARG M 27 -49.65 -61.92 34.21
N ILE M 28 -49.36 -62.83 33.29
CA ILE M 28 -49.09 -64.23 33.62
C ILE M 28 -47.58 -64.44 33.65
N SER M 29 -47.11 -65.22 34.62
CA SER M 29 -45.69 -65.49 34.83
C SER M 29 -45.43 -66.98 34.63
N ALA M 30 -45.07 -67.36 33.41
CA ALA M 30 -44.85 -68.76 33.07
C ALA M 30 -43.38 -69.12 33.24
N VAL M 31 -43.11 -70.43 33.25
CA VAL M 31 -41.78 -70.98 33.39
C VAL M 31 -41.61 -72.11 32.37
N THR M 32 -40.38 -72.60 32.25
CA THR M 32 -40.05 -73.70 31.35
C THR M 32 -38.97 -74.55 32.01
N GLU M 33 -39.05 -75.86 31.80
CA GLU M 33 -38.04 -76.74 32.35
C GLU M 33 -36.71 -76.49 31.63
N PRO M 34 -35.58 -76.78 32.29
CA PRO M 34 -34.27 -76.39 31.70
C PRO M 34 -34.02 -76.84 30.28
N GLY M 35 -34.65 -77.93 29.83
CA GLY M 35 -34.30 -78.48 28.54
C GLY M 35 -35.33 -78.39 27.42
N GLU M 36 -36.19 -77.38 27.43
CA GLU M 36 -37.12 -77.19 26.32
C GLU M 36 -37.11 -75.75 25.86
N LEU M 37 -37.96 -75.49 24.87
CA LEU M 37 -38.12 -74.16 24.28
C LEU M 37 -39.49 -73.60 24.65
N SER M 38 -39.82 -72.44 24.08
CA SER M 38 -41.10 -71.80 24.35
C SER M 38 -41.77 -71.28 23.09
N VAL M 39 -41.48 -71.90 21.94
CA VAL M 39 -42.11 -71.50 20.68
C VAL M 39 -42.79 -72.69 19.99
N HIS M 40 -42.04 -73.76 19.75
CA HIS M 40 -42.57 -74.97 19.10
C HIS M 40 -43.25 -74.63 17.77
N TYR M 41 -42.46 -74.10 16.84
CA TYR M 41 -42.92 -73.88 15.48
C TYR M 41 -42.26 -74.91 14.59
N PRO M 42 -43.01 -75.74 13.89
CA PRO M 42 -42.43 -76.82 13.09
C PRO M 42 -41.84 -76.36 11.76
N PHE M 43 -41.05 -75.30 11.80
CA PHE M 43 -40.39 -74.76 10.63
C PHE M 43 -38.96 -74.38 11.00
N PRO M 44 -38.05 -74.32 10.02
CA PRO M 44 -36.69 -73.87 10.32
C PRO M 44 -36.65 -72.38 10.61
N THR M 45 -35.61 -71.98 11.34
CA THR M 45 -35.46 -70.57 11.72
C THR M 45 -35.18 -69.69 10.50
N MET M 46 -34.39 -70.19 9.56
CA MET M 46 -33.98 -69.38 8.42
C MET M 46 -35.11 -69.18 7.41
N ASP M 47 -36.24 -69.86 7.56
CA ASP M 47 -37.44 -69.52 6.80
C ASP M 47 -38.38 -68.60 7.57
N LEU M 48 -38.46 -68.77 8.89
CA LEU M 48 -39.20 -67.80 9.70
C LEU M 48 -38.65 -66.41 9.49
N VAL M 49 -37.32 -66.27 9.45
CA VAL M 49 -36.76 -64.94 9.25
C VAL M 49 -37.19 -64.36 7.91
N VAL M 50 -37.18 -65.18 6.85
CA VAL M 50 -37.53 -64.70 5.52
C VAL M 50 -39.00 -64.32 5.45
N LEU M 51 -39.88 -65.14 6.01
CA LEU M 51 -41.28 -64.79 6.08
C LEU M 51 -41.47 -63.48 6.85
N ASP M 52 -40.63 -63.25 7.86
CA ASP M 52 -40.78 -62.05 8.67
C ASP M 52 -40.38 -60.79 7.92
N ASP M 53 -39.24 -60.81 7.22
CA ASP M 53 -38.90 -59.57 6.52
C ASP M 53 -39.81 -59.37 5.32
N ALA M 54 -40.32 -60.45 4.73
CA ALA M 54 -41.38 -60.29 3.73
C ALA M 54 -42.57 -59.57 4.33
N LEU M 55 -43.10 -60.09 5.44
CA LEU M 55 -44.29 -59.54 6.07
C LEU M 55 -44.09 -58.12 6.56
N LYS M 56 -42.85 -57.72 6.86
CA LYS M 56 -42.59 -56.36 7.34
C LYS M 56 -42.36 -55.38 6.20
N TYR M 57 -41.45 -55.70 5.28
CA TYR M 57 -41.13 -54.76 4.22
C TYR M 57 -42.24 -54.66 3.19
N GLY M 58 -43.01 -55.72 2.97
CA GLY M 58 -44.19 -55.56 2.14
C GLY M 58 -45.29 -54.76 2.77
N SER M 59 -45.39 -54.78 4.09
CA SER M 59 -46.33 -53.94 4.80
C SER M 59 -45.89 -52.49 4.90
N ARG M 60 -44.58 -52.23 4.83
CA ARG M 60 -44.11 -50.84 4.74
C ARG M 60 -44.53 -50.20 3.43
N ALA M 61 -44.31 -50.90 2.31
CA ALA M 61 -44.55 -50.35 0.99
C ALA M 61 -46.01 -50.31 0.61
N ALA M 62 -46.92 -50.75 1.49
CA ALA M 62 -48.33 -50.76 1.16
C ALA M 62 -49.21 -50.10 2.21
N LYS M 63 -48.68 -49.77 3.38
CA LYS M 63 -49.44 -49.11 4.45
C LYS M 63 -50.67 -49.93 4.83
N ALA M 64 -50.44 -51.22 5.07
CA ALA M 64 -51.53 -52.13 5.43
C ALA M 64 -50.93 -53.35 6.09
N ARG M 65 -51.42 -53.69 7.29
CA ARG M 65 -50.95 -54.89 7.96
C ARG M 65 -51.25 -56.13 7.14
N PHE M 66 -50.26 -57.00 7.01
CA PHE M 66 -50.44 -58.30 6.38
C PHE M 66 -50.36 -59.36 7.46
N ALA M 67 -51.32 -60.28 7.45
CA ALA M 67 -51.37 -61.36 8.44
C ALA M 67 -51.39 -62.70 7.73
N VAL M 68 -51.09 -63.75 8.50
CA VAL M 68 -51.06 -65.11 7.97
C VAL M 68 -51.64 -66.03 9.03
N TYR M 69 -52.54 -66.91 8.62
CA TYR M 69 -53.18 -67.87 9.51
C TYR M 69 -53.02 -69.26 8.93
N ILE M 70 -52.81 -70.25 9.80
CA ILE M 70 -52.54 -71.62 9.36
C ILE M 70 -53.46 -72.66 9.98
N GLY M 71 -54.19 -72.35 11.06
CA GLY M 71 -55.06 -73.32 11.69
C GLY M 71 -56.21 -73.77 10.80
N PRO M 72 -57.13 -74.53 11.38
CA PRO M 72 -58.23 -75.10 10.59
C PRO M 72 -59.39 -74.12 10.43
N LEU M 73 -60.20 -74.39 9.40
CA LEU M 73 -61.38 -73.60 9.05
C LEU M 73 -62.60 -74.50 8.93
N GLY M 74 -62.84 -75.33 9.94
CA GLY M 74 -63.86 -76.35 9.87
C GLY M 74 -65.29 -75.84 9.91
N ALA M 75 -65.62 -74.96 8.98
CA ALA M 75 -66.96 -74.40 8.83
C ALA M 75 -67.04 -73.78 7.44
N ASP M 76 -68.06 -72.95 7.20
CA ASP M 76 -68.03 -72.07 6.04
C ASP M 76 -66.72 -71.29 6.09
N THR M 77 -65.82 -71.57 5.14
CA THR M 77 -64.44 -71.11 5.26
C THR M 77 -64.34 -69.59 5.24
N ALA M 78 -65.10 -68.93 4.36
CA ALA M 78 -65.04 -67.47 4.31
C ALA M 78 -65.63 -66.84 5.57
N ALA M 79 -66.73 -67.40 6.07
CA ALA M 79 -67.25 -66.95 7.36
C ALA M 79 -66.17 -66.99 8.43
N THR M 80 -65.54 -68.16 8.62
CA THR M 80 -64.55 -68.30 9.67
C THR M 80 -63.36 -67.37 9.45
N ALA M 81 -62.96 -67.17 8.19
CA ALA M 81 -61.85 -66.26 7.92
C ALA M 81 -62.16 -64.84 8.35
N ARG M 82 -63.36 -64.35 8.00
CA ARG M 82 -63.74 -63.02 8.47
C ARG M 82 -64.06 -62.98 9.96
N GLU M 83 -64.31 -64.14 10.58
CA GLU M 83 -64.37 -64.20 12.02
C GLU M 83 -62.99 -63.98 12.62
N ILE M 84 -61.96 -64.58 12.00
CA ILE M 84 -60.59 -64.49 12.50
C ILE M 84 -60.01 -63.10 12.30
N LEU M 85 -60.34 -62.46 11.17
CA LEU M 85 -59.76 -61.17 10.85
C LEU M 85 -60.00 -60.12 11.94
N ALA M 86 -60.95 -60.34 12.84
CA ALA M 86 -61.20 -59.40 13.93
C ALA M 86 -60.17 -59.50 15.05
N ASN M 87 -59.06 -60.21 14.83
CA ASN M 87 -58.01 -60.34 15.83
C ASN M 87 -56.77 -59.54 15.50
N VAL M 88 -56.61 -59.07 14.26
CA VAL M 88 -55.54 -58.15 13.88
C VAL M 88 -55.77 -56.87 14.66
N PRO M 89 -54.73 -56.14 15.07
CA PRO M 89 -54.96 -54.93 15.87
C PRO M 89 -55.86 -53.89 15.22
N THR M 90 -55.62 -53.55 13.95
CA THR M 90 -56.51 -52.65 13.19
C THR M 90 -57.08 -53.44 12.02
N PRO M 91 -58.13 -54.24 12.25
CA PRO M 91 -58.60 -55.16 11.21
C PRO M 91 -59.13 -54.45 9.99
N GLU M 92 -59.72 -53.27 10.18
CA GLU M 92 -60.31 -52.53 9.08
C GLU M 92 -59.28 -52.12 8.03
N ASN M 93 -58.04 -51.86 8.43
CA ASN M 93 -56.94 -51.63 7.50
C ASN M 93 -55.94 -52.77 7.69
N ALA M 94 -56.19 -53.88 7.00
CA ALA M 94 -55.40 -55.09 7.17
C ALA M 94 -55.76 -56.05 6.05
N VAL M 95 -54.86 -56.97 5.78
CA VAL M 95 -55.06 -58.02 4.78
C VAL M 95 -54.63 -59.34 5.41
N LEU M 96 -55.55 -60.30 5.45
CA LEU M 96 -55.28 -61.60 6.05
C LEU M 96 -55.24 -62.68 4.98
N LEU M 97 -54.40 -63.67 5.21
CA LEU M 97 -54.31 -64.85 4.34
C LEU M 97 -54.44 -66.08 5.21
N ALA M 98 -55.53 -66.83 5.03
CA ALA M 98 -55.80 -68.02 5.81
C ALA M 98 -55.53 -69.26 4.97
N VAL M 99 -55.02 -70.30 5.62
CA VAL M 99 -54.68 -71.56 4.96
C VAL M 99 -55.01 -72.69 5.92
N SER M 100 -55.68 -73.73 5.43
CA SER M 100 -55.98 -74.92 6.22
C SER M 100 -55.41 -76.13 5.52
N PRO M 101 -54.24 -76.63 5.94
CA PRO M 101 -53.58 -77.69 5.17
C PRO M 101 -54.34 -79.02 5.16
N ASP M 102 -55.27 -79.24 6.08
CA ASP M 102 -56.09 -80.44 6.02
C ASP M 102 -57.19 -80.31 4.98
N GLN M 103 -58.00 -79.24 5.09
CA GLN M 103 -59.04 -78.99 4.11
C GLN M 103 -58.49 -78.42 2.81
N ARG M 104 -57.20 -78.12 2.76
CA ARG M 104 -56.52 -77.69 1.53
C ARG M 104 -57.17 -76.45 0.93
N ALA M 105 -57.59 -75.54 1.80
CA ALA M 105 -58.37 -74.39 1.39
C ALA M 105 -57.60 -73.10 1.63
N ILE M 106 -57.68 -72.18 0.67
CA ILE M 106 -57.06 -70.87 0.75
C ILE M 106 -58.16 -69.82 0.87
N GLU M 107 -57.94 -68.84 1.74
CA GLU M 107 -58.90 -67.75 1.92
C GLU M 107 -58.15 -66.46 2.17
N VAL M 108 -58.53 -65.41 1.43
CA VAL M 108 -57.96 -64.08 1.57
C VAL M 108 -59.09 -63.14 1.95
N VAL M 109 -58.89 -62.36 3.01
CA VAL M 109 -59.90 -61.43 3.49
C VAL M 109 -59.29 -60.03 3.51
N TYR M 110 -60.13 -59.04 3.30
CA TYR M 110 -59.72 -57.65 3.27
C TYR M 110 -60.31 -56.90 4.46
N GLY M 111 -60.06 -55.58 4.48
CA GLY M 111 -60.74 -54.69 5.37
C GLY M 111 -61.46 -53.62 4.56
N ALA M 112 -62.44 -52.99 5.20
CA ALA M 112 -63.19 -51.94 4.51
C ALA M 112 -62.30 -50.75 4.20
N ASP M 113 -61.30 -50.48 5.05
CA ASP M 113 -60.49 -49.30 4.87
C ASP M 113 -59.46 -49.49 3.75
N VAL M 114 -59.02 -50.73 3.55
CA VAL M 114 -58.12 -51.05 2.44
C VAL M 114 -58.91 -51.55 1.24
N LYS M 115 -59.32 -50.62 0.37
CA LYS M 115 -60.05 -50.99 -0.83
C LYS M 115 -60.07 -49.79 -1.77
N GLY M 116 -60.02 -50.08 -3.07
CA GLY M 116 -59.83 -49.04 -4.05
C GLY M 116 -58.36 -48.80 -4.29
N ARG M 117 -57.52 -49.67 -3.73
CA ARG M 117 -56.07 -49.56 -3.81
C ARG M 117 -55.45 -50.68 -4.64
N GLY M 118 -56.25 -51.38 -5.43
CA GLY M 118 -55.72 -52.42 -6.29
C GLY M 118 -55.60 -53.76 -5.60
N ILE M 119 -56.65 -54.15 -4.88
CA ILE M 119 -56.60 -55.32 -4.01
C ILE M 119 -57.19 -56.55 -4.67
N GLU M 120 -58.41 -56.44 -5.22
CA GLU M 120 -59.03 -57.61 -5.82
C GLU M 120 -58.39 -57.98 -7.16
N SER M 121 -57.66 -57.05 -7.77
CA SER M 121 -56.84 -57.43 -8.91
C SER M 121 -55.59 -58.18 -8.49
N ALA M 122 -55.35 -58.31 -7.18
CA ALA M 122 -54.15 -58.98 -6.68
C ALA M 122 -54.44 -60.18 -5.79
N ALA M 123 -55.64 -60.26 -5.19
CA ALA M 123 -55.96 -61.41 -4.36
C ALA M 123 -55.98 -62.73 -5.12
N PRO M 124 -56.63 -62.85 -6.29
CA PRO M 124 -56.54 -64.13 -7.02
C PRO M 124 -55.14 -64.47 -7.47
N LEU M 125 -54.32 -63.47 -7.79
CA LEU M 125 -52.92 -63.74 -8.13
C LEU M 125 -52.20 -64.37 -6.95
N GLY M 126 -52.37 -63.80 -5.77
CA GLY M 126 -51.74 -64.37 -4.59
C GLY M 126 -52.24 -65.77 -4.29
N VAL M 127 -53.55 -65.99 -4.43
CA VAL M 127 -54.12 -67.31 -4.17
C VAL M 127 -53.54 -68.33 -5.15
N SER M 128 -53.44 -67.97 -6.42
CA SER M 128 -52.91 -68.88 -7.42
C SER M 128 -51.44 -69.19 -7.17
N ALA M 129 -50.66 -68.18 -6.78
CA ALA M 129 -49.25 -68.43 -6.50
C ALA M 129 -49.09 -69.32 -5.27
N ALA M 130 -49.87 -69.05 -4.22
CA ALA M 130 -49.81 -69.88 -3.02
C ALA M 130 -50.20 -71.32 -3.34
N ALA M 131 -51.23 -71.53 -4.15
CA ALA M 131 -51.63 -72.89 -4.51
C ALA M 131 -50.56 -73.58 -5.34
N ALA M 132 -50.01 -72.86 -6.34
CA ALA M 132 -49.01 -73.45 -7.21
C ALA M 132 -47.75 -73.81 -6.44
N SER M 133 -47.43 -73.07 -5.38
CA SER M 133 -46.30 -73.42 -4.54
C SER M 133 -46.64 -74.49 -3.51
N PHE M 134 -47.90 -74.60 -3.10
CA PHE M 134 -48.29 -75.63 -2.13
C PHE M 134 -48.40 -77.00 -2.76
N LYS M 135 -48.65 -77.07 -4.07
CA LYS M 135 -48.91 -78.34 -4.73
C LYS M 135 -47.71 -79.28 -4.69
N GLU M 136 -46.55 -78.76 -4.28
CA GLU M 136 -45.36 -79.59 -4.09
C GLU M 136 -45.05 -79.85 -2.62
N GLY M 137 -45.63 -79.09 -1.70
CA GLY M 137 -45.36 -79.33 -0.30
C GLY M 137 -44.41 -78.31 0.30
N ASN M 138 -44.59 -77.04 -0.06
CA ASN M 138 -43.82 -75.93 0.50
C ASN M 138 -44.81 -74.97 1.13
N LEU M 139 -44.96 -75.05 2.45
CA LEU M 139 -45.92 -74.21 3.15
C LEU M 139 -45.39 -72.79 3.32
N ILE M 140 -44.31 -72.64 4.09
CA ILE M 140 -43.71 -71.33 4.32
C ILE M 140 -43.32 -70.68 3.01
N ASP M 141 -42.90 -71.49 2.04
CA ASP M 141 -42.40 -70.95 0.78
C ASP M 141 -43.55 -70.33 -0.02
N GLY M 142 -44.68 -71.03 -0.08
CA GLY M 142 -45.84 -70.48 -0.75
C GLY M 142 -46.42 -69.27 -0.02
N LEU M 143 -46.42 -69.32 1.32
CA LEU M 143 -46.84 -68.14 2.08
C LEU M 143 -45.99 -66.93 1.71
N ILE M 144 -44.67 -67.13 1.62
CA ILE M 144 -43.77 -66.03 1.24
C ILE M 144 -44.13 -65.50 -0.14
N SER M 145 -44.30 -66.40 -1.10
CA SER M 145 -44.61 -65.96 -2.46
C SER M 145 -45.90 -65.17 -2.52
N ALA M 146 -46.95 -65.67 -1.85
CA ALA M 146 -48.23 -64.98 -1.85
C ALA M 146 -48.13 -63.61 -1.20
N VAL M 147 -47.45 -63.53 -0.05
CA VAL M 147 -47.31 -62.23 0.61
C VAL M 147 -46.54 -61.27 -0.29
N ARG M 148 -45.50 -61.76 -0.95
CA ARG M 148 -44.73 -60.90 -1.85
C ARG M 148 -45.61 -60.31 -2.94
N VAL M 149 -46.36 -61.17 -3.62
CA VAL M 149 -47.13 -60.68 -4.77
C VAL M 149 -48.26 -59.77 -4.32
N MET M 150 -48.95 -60.10 -3.22
CA MET M 150 -50.03 -59.22 -2.77
C MET M 150 -49.50 -57.88 -2.29
N SER M 151 -48.35 -57.88 -1.61
CA SER M 151 -47.78 -56.62 -1.14
C SER M 151 -47.29 -55.77 -2.30
N ALA M 152 -46.74 -56.42 -3.34
CA ALA M 152 -46.34 -55.67 -4.52
C ALA M 152 -47.54 -55.14 -5.30
N GLY M 153 -48.69 -55.78 -5.16
CA GLY M 153 -49.88 -55.30 -5.84
C GLY M 153 -50.54 -54.11 -5.19
N VAL M 154 -50.76 -54.18 -3.88
CA VAL M 154 -51.51 -53.13 -3.18
C VAL M 154 -50.74 -51.82 -3.22
N SER M 155 -51.45 -50.72 -3.38
CA SER M 155 -50.82 -49.41 -3.42
C SER M 155 -51.06 -48.65 -2.13
N PRO M 156 -50.11 -47.79 -1.73
CA PRO M 156 -50.30 -47.02 -0.50
C PRO M 156 -51.31 -45.90 -0.70
N ALA M 157 -52.05 -45.62 0.36
CA ALA M 157 -53.06 -44.57 0.35
C ALA M 157 -53.39 -44.13 1.77
N THR N 26 -33.42 -38.49 -3.62
CA THR N 26 -33.32 -39.87 -4.07
C THR N 26 -34.41 -40.72 -3.40
N GLY N 27 -34.25 -40.98 -2.10
CA GLY N 27 -35.31 -41.66 -1.36
C GLY N 27 -34.87 -42.67 -0.32
N VAL N 28 -35.39 -42.51 0.90
CA VAL N 28 -35.22 -43.44 2.01
C VAL N 28 -36.53 -43.46 2.77
N ASP N 29 -36.91 -44.63 3.27
CA ASP N 29 -38.13 -44.73 4.06
C ASP N 29 -37.93 -44.04 5.41
N VAL N 30 -39.03 -43.52 5.97
CA VAL N 30 -38.94 -42.69 7.16
C VAL N 30 -38.65 -43.53 8.40
N GLU N 31 -39.06 -44.79 8.41
CA GLU N 31 -38.85 -45.61 9.60
C GLU N 31 -37.38 -45.93 9.85
N ASP N 32 -36.50 -45.74 8.87
CA ASP N 32 -35.07 -45.87 9.11
C ASP N 32 -34.43 -44.53 9.47
N VAL N 33 -34.74 -43.48 8.71
CA VAL N 33 -34.26 -42.14 8.99
C VAL N 33 -35.49 -41.25 9.23
N PRO N 34 -35.79 -40.91 10.47
CA PRO N 34 -37.00 -40.12 10.75
C PRO N 34 -37.08 -38.81 9.99
N SER N 35 -35.99 -38.04 9.94
CA SER N 35 -35.99 -36.75 9.24
C SER N 35 -35.49 -36.93 7.80
N ALA N 36 -36.18 -37.80 7.06
CA ALA N 36 -35.78 -38.09 5.70
C ALA N 36 -36.30 -37.06 4.70
N GLU N 37 -37.24 -36.22 5.10
CA GLU N 37 -37.79 -35.19 4.22
C GLU N 37 -37.25 -33.81 4.52
N TRP N 38 -36.37 -33.68 5.50
CA TRP N 38 -35.80 -32.38 5.85
C TRP N 38 -34.41 -32.17 5.28
N GLY N 39 -33.78 -33.20 4.73
CA GLY N 39 -32.45 -33.03 4.18
C GLY N 39 -31.95 -34.30 3.54
N TRP N 40 -30.79 -34.17 2.90
CA TRP N 40 -30.12 -35.28 2.23
C TRP N 40 -29.79 -36.38 3.22
N SER N 41 -30.28 -37.59 2.96
CA SER N 41 -30.04 -38.70 3.89
C SER N 41 -29.77 -40.03 3.19
N HIS N 42 -29.38 -40.03 1.92
CA HIS N 42 -29.13 -41.28 1.20
C HIS N 42 -27.83 -41.17 0.41
N MET N 43 -27.00 -42.20 0.52
CA MET N 43 -25.78 -42.31 -0.27
C MET N 43 -25.78 -43.70 -0.89
N PRO N 44 -25.70 -43.81 -2.22
CA PRO N 44 -25.80 -45.14 -2.85
C PRO N 44 -24.64 -46.05 -2.42
N ILE N 45 -24.97 -47.33 -2.26
CA ILE N 45 -24.02 -48.29 -1.70
C ILE N 45 -22.86 -48.57 -2.63
N GLY N 46 -23.04 -48.41 -3.94
CA GLY N 46 -21.95 -48.63 -4.86
C GLY N 46 -20.78 -47.71 -4.59
N VAL N 47 -21.06 -46.47 -4.22
CA VAL N 47 -20.01 -45.53 -3.85
C VAL N 47 -19.17 -46.10 -2.72
N MET N 48 -19.82 -46.62 -1.68
CA MET N 48 -19.10 -47.13 -0.52
C MET N 48 -18.28 -48.37 -0.87
N HIS N 49 -18.85 -49.29 -1.64
CA HIS N 49 -18.12 -50.50 -2.01
C HIS N 49 -16.89 -50.18 -2.86
N ILE N 50 -17.08 -49.35 -3.89
CA ILE N 50 -15.97 -49.00 -4.76
C ILE N 50 -14.91 -48.21 -3.98
N GLY N 51 -15.34 -47.35 -3.06
CA GLY N 51 -14.38 -46.60 -2.26
C GLY N 51 -13.56 -47.49 -1.37
N GLY N 52 -14.20 -48.49 -0.76
CA GLY N 52 -13.44 -49.44 0.05
C GLY N 52 -12.41 -50.19 -0.78
N LEU N 53 -12.82 -50.67 -1.96
CA LEU N 53 -11.88 -51.39 -2.80
C LEU N 53 -10.72 -50.49 -3.25
N LEU N 54 -11.02 -49.24 -3.58
CA LEU N 54 -9.97 -48.32 -4.02
C LEU N 54 -9.01 -48.00 -2.89
N SER N 55 -9.53 -47.81 -1.67
CA SER N 55 -8.66 -47.53 -0.55
C SER N 55 -7.76 -48.72 -0.23
N ALA N 56 -8.31 -49.94 -0.33
CA ALA N 56 -7.46 -51.12 -0.16
C ALA N 56 -6.36 -51.16 -1.21
N ALA N 57 -6.69 -50.91 -2.47
CA ALA N 57 -5.69 -50.90 -3.52
C ALA N 57 -4.62 -49.83 -3.26
N PHE N 58 -5.04 -48.67 -2.76
CA PHE N 58 -4.07 -47.61 -2.48
C PHE N 58 -3.16 -47.98 -1.31
N LEU N 59 -3.71 -48.65 -0.30
CA LEU N 59 -2.86 -49.15 0.79
C LEU N 59 -1.85 -50.17 0.27
N LEU N 60 -2.28 -51.01 -0.67
CA LEU N 60 -1.38 -52.03 -1.20
C LEU N 60 -0.27 -51.43 -2.03
N VAL N 61 -0.59 -50.47 -2.92
CA VAL N 61 0.40 -49.91 -3.82
C VAL N 61 1.45 -49.10 -3.07
N MET N 62 1.28 -48.88 -1.78
CA MET N 62 2.24 -48.13 -1.00
C MET N 62 3.40 -48.98 -0.49
N MET N 63 3.57 -50.21 -0.99
CA MET N 63 4.81 -50.93 -0.74
C MET N 63 5.92 -50.56 -1.71
N ARG N 64 5.72 -49.57 -2.57
CA ARG N 64 6.74 -49.09 -3.48
C ARG N 64 7.45 -47.90 -2.83
N GLY N 65 8.72 -48.08 -2.50
CA GLY N 65 9.48 -46.98 -1.92
C GLY N 65 10.85 -47.36 -1.41
N ASN N 66 11.22 -46.81 -0.26
CA ASN N 66 12.54 -46.97 0.33
C ASN N 66 12.42 -47.58 1.72
N HIS N 67 11.65 -48.62 1.84
CA HIS N 67 11.17 -49.11 3.13
C HIS N 67 12.13 -49.98 3.86
N VAL N 68 13.45 -50.04 3.71
CA VAL N 68 14.26 -51.16 4.20
C VAL N 68 13.78 -51.60 5.58
N GLY N 69 13.49 -52.88 5.71
CA GLY N 69 12.65 -53.31 6.81
C GLY N 69 11.26 -53.63 6.31
N HIS N 70 10.62 -54.62 6.93
CA HIS N 70 9.30 -55.04 6.49
C HIS N 70 8.26 -55.04 7.60
N VAL N 71 8.53 -54.40 8.74
CA VAL N 71 7.52 -54.29 9.79
C VAL N 71 6.33 -53.48 9.31
N GLU N 72 6.56 -52.49 8.45
CA GLU N 72 5.50 -51.62 7.97
C GLU N 72 4.64 -52.27 6.91
N ASP N 73 5.20 -53.21 6.14
CA ASP N 73 4.43 -53.84 5.08
C ASP N 73 3.36 -54.76 5.65
N TRP N 74 3.61 -55.34 6.81
CA TRP N 74 2.64 -56.25 7.40
C TRP N 74 1.42 -55.50 7.92
N PHE N 75 1.59 -54.28 8.42
CA PHE N 75 0.43 -53.47 8.77
C PHE N 75 -0.38 -53.08 7.54
N LEU N 76 0.30 -52.77 6.43
CA LEU N 76 -0.40 -52.46 5.19
C LEU N 76 -1.20 -53.66 4.70
N ILE N 77 -0.62 -54.86 4.77
CA ILE N 77 -1.34 -56.05 4.34
C ILE N 77 -2.45 -56.42 5.31
N GLY N 78 -2.27 -56.15 6.61
CA GLY N 78 -3.31 -56.47 7.57
C GLY N 78 -4.49 -55.53 7.54
N PHE N 79 -4.25 -54.26 7.24
CA PHE N 79 -5.36 -53.31 7.14
C PHE N 79 -6.08 -53.40 5.81
N ALA N 80 -5.42 -53.90 4.76
CA ALA N 80 -6.07 -54.09 3.48
C ALA N 80 -6.91 -55.36 3.43
N ALA N 81 -6.65 -56.32 4.33
CA ALA N 81 -7.47 -57.52 4.37
C ALA N 81 -8.76 -57.30 5.14
N VAL N 82 -8.74 -56.45 6.16
CA VAL N 82 -9.96 -56.18 6.93
C VAL N 82 -10.96 -55.39 6.10
N ILE N 83 -10.48 -54.41 5.33
CA ILE N 83 -11.37 -53.63 4.48
C ILE N 83 -12.04 -54.52 3.45
N VAL N 84 -11.26 -55.38 2.80
CA VAL N 84 -11.81 -56.30 1.81
C VAL N 84 -12.78 -57.26 2.46
N ALA N 85 -12.48 -57.73 3.67
CA ALA N 85 -13.38 -58.64 4.37
C ALA N 85 -14.71 -57.96 4.64
N LEU N 86 -14.69 -56.72 5.14
CA LEU N 86 -15.93 -56.02 5.44
C LEU N 86 -16.74 -55.77 4.16
N VAL N 87 -16.08 -55.33 3.09
CA VAL N 87 -16.79 -55.05 1.85
C VAL N 87 -17.41 -56.32 1.29
N GLY N 88 -16.67 -57.43 1.31
CA GLY N 88 -17.20 -58.69 0.82
C GLY N 88 -18.36 -59.19 1.65
N ARG N 89 -18.27 -59.05 2.98
CA ARG N 89 -19.37 -59.46 3.84
C ARG N 89 -20.63 -58.66 3.53
N ASN N 90 -20.49 -57.33 3.43
CA ASN N 90 -21.65 -56.50 3.14
C ASN N 90 -22.25 -56.84 1.79
N TRP N 91 -21.41 -57.03 0.77
CA TRP N 91 -21.91 -57.35 -0.55
C TRP N 91 -22.63 -58.70 -0.56
N TRP N 92 -22.05 -59.70 0.11
CA TRP N 92 -22.67 -61.02 0.11
C TRP N 92 -23.98 -61.03 0.87
N LEU N 93 -24.05 -60.33 2.00
CA LEU N 93 -25.31 -60.28 2.74
C LEU N 93 -26.38 -59.50 1.98
N ARG N 94 -26.00 -58.43 1.30
CA ARG N 94 -26.99 -57.71 0.51
C ARG N 94 -27.45 -58.52 -0.68
N ARG N 95 -26.59 -59.38 -1.23
CA ARG N 95 -26.97 -60.18 -2.39
C ARG N 95 -27.99 -61.26 -2.05
N ARG N 96 -28.05 -61.71 -0.80
CA ARG N 96 -28.95 -62.78 -0.41
C ARG N 96 -30.13 -62.29 0.42
N GLY N 97 -30.34 -60.97 0.49
CA GLY N 97 -31.53 -60.44 1.12
C GLY N 97 -31.51 -60.34 2.62
N TRP N 98 -30.41 -60.73 3.27
CA TRP N 98 -30.35 -60.58 4.72
C TRP N 98 -30.25 -59.13 5.16
N ILE N 99 -29.92 -58.23 4.23
CA ILE N 99 -29.84 -56.81 4.52
C ILE N 99 -30.65 -56.05 3.48
N ARG N 100 -31.42 -55.08 3.93
CA ARG N 100 -32.31 -54.30 3.09
C ARG N 100 -33.33 -55.19 2.38
N LEU O 14 -28.86 -13.32 -23.17
CA LEU O 14 -28.57 -14.44 -22.29
C LEU O 14 -29.69 -14.60 -21.27
N ALA O 15 -30.84 -15.04 -21.76
CA ALA O 15 -32.09 -15.07 -21.00
C ALA O 15 -32.01 -15.91 -19.72
N ARG O 16 -31.46 -17.11 -19.80
CA ARG O 16 -31.39 -17.98 -18.63
C ARG O 16 -30.56 -17.33 -17.52
N GLN O 17 -29.37 -16.82 -17.87
CA GLN O 17 -28.49 -16.23 -16.87
C GLN O 17 -29.10 -14.94 -16.30
N ALA O 18 -29.69 -14.11 -17.16
CA ALA O 18 -30.32 -12.88 -16.68
C ALA O 18 -31.47 -13.18 -15.73
N GLU O 19 -32.32 -14.15 -16.09
CA GLU O 19 -33.45 -14.45 -15.20
C GLU O 19 -32.96 -15.03 -13.89
N ASP O 20 -31.96 -15.91 -13.91
CA ASP O 20 -31.52 -16.49 -12.65
C ASP O 20 -30.86 -15.43 -11.76
N ILE O 21 -30.15 -14.47 -12.36
CA ILE O 21 -29.70 -13.32 -11.59
C ILE O 21 -30.90 -12.55 -11.02
N ASP O 22 -32.01 -12.49 -11.77
CA ASP O 22 -33.13 -11.69 -11.29
C ASP O 22 -33.89 -12.37 -10.16
N THR O 23 -34.01 -13.69 -10.17
CA THR O 23 -34.64 -14.33 -9.02
C THR O 23 -33.70 -14.44 -7.83
N ARG O 24 -32.39 -14.32 -8.02
CA ARG O 24 -31.51 -14.33 -6.87
C ARG O 24 -31.27 -12.95 -6.27
N TYR O 25 -31.38 -11.89 -7.07
CA TYR O 25 -31.10 -10.54 -6.59
C TYR O 25 -32.20 -9.53 -6.83
N HIS O 26 -33.02 -9.73 -7.85
CA HIS O 26 -34.16 -8.87 -8.20
C HIS O 26 -33.84 -7.37 -8.15
N PRO O 27 -32.73 -6.91 -8.72
CA PRO O 27 -32.50 -5.46 -8.68
C PRO O 27 -33.56 -4.73 -9.47
N SER O 28 -33.50 -4.85 -10.80
CA SER O 28 -34.59 -4.61 -11.74
C SER O 28 -35.31 -3.27 -11.55
N ALA O 29 -34.99 -2.56 -10.49
CA ALA O 29 -35.59 -1.28 -10.14
C ALA O 29 -34.55 -0.24 -9.81
N ALA O 30 -33.47 -0.64 -9.13
CA ALA O 30 -32.32 0.23 -8.98
C ALA O 30 -31.55 0.33 -10.28
N LEU O 31 -31.47 -0.75 -11.04
CA LEU O 31 -30.86 -0.67 -12.36
C LEU O 31 -31.66 0.25 -13.27
N ARG O 32 -32.98 0.17 -13.22
CA ARG O 32 -33.79 1.10 -13.99
C ARG O 32 -33.65 2.52 -13.47
N ARG O 33 -33.44 2.69 -12.17
CA ARG O 33 -33.30 4.02 -11.61
C ARG O 33 -31.96 4.65 -11.97
N GLN O 34 -30.95 3.83 -12.19
CA GLN O 34 -29.64 4.33 -12.58
C GLN O 34 -29.44 4.42 -14.09
N LEU O 35 -30.22 3.68 -14.87
CA LEU O 35 -30.12 3.76 -16.32
C LEU O 35 -30.89 4.94 -16.90
N ASN O 36 -31.74 5.60 -16.10
CA ASN O 36 -32.52 6.72 -16.56
C ASN O 36 -32.03 8.05 -16.01
N LYS O 37 -30.93 8.08 -15.27
CA LYS O 37 -30.44 9.32 -14.71
C LYS O 37 -29.96 10.24 -15.82
N VAL O 38 -30.28 11.52 -15.69
CA VAL O 38 -30.00 12.52 -16.72
C VAL O 38 -28.79 13.34 -16.31
N PHE O 39 -27.88 13.56 -17.25
CA PHE O 39 -26.67 14.32 -17.03
C PHE O 39 -26.59 15.48 -18.01
N PRO O 40 -26.29 16.70 -17.56
CA PRO O 40 -26.14 17.81 -18.50
C PRO O 40 -24.92 17.61 -19.37
N THR O 41 -24.98 18.19 -20.57
CA THR O 41 -23.93 18.02 -21.58
C THR O 41 -23.33 19.38 -21.89
N HIS O 42 -22.34 19.79 -21.11
CA HIS O 42 -21.55 20.97 -21.40
C HIS O 42 -20.10 20.58 -21.41
N TRP O 43 -19.34 21.12 -22.37
CA TRP O 43 -17.93 20.75 -22.50
C TRP O 43 -17.17 21.01 -21.21
N SER O 44 -17.64 21.93 -20.40
CA SER O 44 -16.97 22.31 -19.16
C SER O 44 -17.16 21.29 -18.04
N PHE O 45 -17.99 20.27 -18.24
CA PHE O 45 -18.28 19.31 -17.20
C PHE O 45 -17.46 18.02 -17.35
N LEU O 46 -16.34 18.07 -18.05
CA LEU O 46 -15.44 16.93 -18.21
C LEU O 46 -14.08 17.16 -17.57
N LEU O 47 -13.86 18.35 -17.03
CA LEU O 47 -12.59 18.66 -16.40
C LEU O 47 -12.34 17.87 -15.13
N GLY O 48 -13.38 17.27 -14.54
CA GLY O 48 -13.18 16.36 -13.44
C GLY O 48 -12.92 14.95 -13.91
N GLU O 49 -13.55 14.55 -15.01
CA GLU O 49 -13.25 13.25 -15.61
C GLU O 49 -11.79 13.16 -15.99
N ILE O 50 -11.19 14.27 -16.45
CA ILE O 50 -9.77 14.26 -16.79
C ILE O 50 -8.94 13.85 -15.59
N ALA O 51 -9.20 14.47 -14.43
CA ALA O 51 -8.43 14.16 -13.23
C ALA O 51 -8.69 12.73 -12.77
N LEU O 52 -9.93 12.27 -12.86
CA LEU O 52 -10.24 10.89 -12.46
C LEU O 52 -9.46 9.88 -13.29
N TYR O 53 -9.43 10.08 -14.60
CA TYR O 53 -8.72 9.14 -15.47
C TYR O 53 -7.21 9.20 -15.25
N SER O 54 -6.68 10.41 -15.01
CA SER O 54 -5.27 10.51 -14.66
C SER O 54 -4.96 9.73 -13.40
N PHE O 55 -5.84 9.80 -12.40
CA PHE O 55 -5.62 9.05 -11.16
C PHE O 55 -5.64 7.55 -11.41
N VAL O 56 -6.54 7.08 -12.27
CA VAL O 56 -6.58 5.65 -12.57
C VAL O 56 -5.28 5.19 -13.21
N VAL O 57 -4.78 5.97 -14.19
CA VAL O 57 -3.53 5.62 -14.85
C VAL O 57 -2.38 5.63 -13.84
N LEU O 58 -2.39 6.59 -12.92
CA LEU O 58 -1.37 6.63 -11.88
C LEU O 58 -1.39 5.36 -11.04
N LEU O 59 -2.57 4.92 -10.62
CA LEU O 59 -2.68 3.68 -9.85
C LEU O 59 -2.07 2.51 -10.60
N ILE O 60 -2.44 2.34 -11.87
CA ILE O 60 -1.97 1.18 -12.62
C ILE O 60 -0.45 1.21 -12.76
N THR O 61 0.11 2.33 -13.21
CA THR O 61 1.54 2.38 -13.43
C THR O 61 2.33 2.29 -12.12
N GLY O 62 1.79 2.80 -11.02
CA GLY O 62 2.48 2.67 -9.76
C GLY O 62 2.49 1.24 -9.25
N VAL O 63 1.39 0.53 -9.44
CA VAL O 63 1.37 -0.89 -9.07
C VAL O 63 2.40 -1.66 -9.89
N TYR O 64 2.55 -1.31 -11.17
CA TYR O 64 3.61 -1.92 -11.96
C TYR O 64 4.99 -1.59 -11.40
N LEU O 65 5.20 -0.32 -11.03
CA LEU O 65 6.53 0.11 -10.61
C LEU O 65 6.95 -0.51 -9.28
N THR O 66 6.00 -0.81 -8.39
CA THR O 66 6.39 -1.33 -7.08
C THR O 66 7.08 -2.69 -7.15
N LEU O 67 7.03 -3.39 -8.28
CA LEU O 67 7.64 -4.70 -8.37
C LEU O 67 9.15 -4.65 -8.58
N PHE O 68 9.74 -3.47 -8.77
CA PHE O 68 11.16 -3.36 -9.07
C PHE O 68 11.91 -2.40 -8.19
N PHE O 69 11.24 -1.63 -7.35
CA PHE O 69 11.86 -0.59 -6.55
C PHE O 69 12.28 -1.14 -5.19
N ASP O 70 13.47 -0.74 -4.75
CA ASP O 70 14.01 -1.12 -3.44
C ASP O 70 14.33 0.15 -2.66
N PRO O 71 13.55 0.51 -1.65
CA PRO O 71 13.73 1.78 -0.94
C PRO O 71 14.68 1.74 0.26
N SER O 72 15.97 1.58 0.00
CA SER O 72 16.96 1.59 1.05
C SER O 72 17.89 2.79 0.87
N MET O 73 18.62 3.11 1.93
CA MET O 73 19.60 4.19 1.89
C MET O 73 21.01 3.70 2.18
N VAL O 74 21.23 2.40 2.07
CA VAL O 74 22.56 1.84 2.23
C VAL O 74 23.38 2.11 0.97
N ASP O 75 24.70 2.17 1.15
CA ASP O 75 25.59 2.51 0.06
C ASP O 75 26.10 1.27 -0.65
N VAL O 76 26.17 1.35 -1.98
CA VAL O 76 26.71 0.30 -2.82
C VAL O 76 27.53 0.96 -3.92
N THR O 77 28.30 0.14 -4.63
CA THR O 77 28.98 0.56 -5.84
C THR O 77 28.18 0.05 -7.04
N TYR O 78 28.07 0.88 -8.08
CA TYR O 78 27.07 0.63 -9.11
C TYR O 78 27.29 -0.71 -9.81
N ASN O 79 28.38 -0.83 -10.56
CA ASN O 79 28.68 -2.07 -11.31
C ASN O 79 27.47 -2.55 -12.11
N GLY O 80 27.04 -1.70 -13.05
CA GLY O 80 25.89 -1.98 -13.89
C GLY O 80 26.24 -1.83 -15.36
N VAL O 81 25.24 -1.45 -16.14
CA VAL O 81 25.41 -1.36 -17.60
C VAL O 81 25.71 0.08 -18.02
N TYR O 82 25.17 1.05 -17.28
CA TYR O 82 25.45 2.45 -17.58
C TYR O 82 26.89 2.75 -17.22
N GLN O 83 27.73 2.96 -18.24
CA GLN O 83 29.17 3.03 -18.05
C GLN O 83 29.65 4.31 -17.37
N PRO O 84 29.14 5.51 -17.72
CA PRO O 84 29.68 6.72 -17.08
C PRO O 84 29.40 6.82 -15.58
N LEU O 85 28.78 5.81 -14.99
CA LEU O 85 28.54 5.80 -13.55
C LEU O 85 29.14 4.59 -12.87
N ARG O 86 29.92 3.76 -13.57
CA ARG O 86 30.48 2.57 -12.98
C ARG O 86 31.56 2.92 -11.95
N GLY O 87 31.50 2.26 -10.80
CA GLY O 87 32.43 2.53 -9.73
C GLY O 87 32.01 3.63 -8.79
N VAL O 88 30.94 4.35 -9.08
CA VAL O 88 30.45 5.42 -8.21
C VAL O 88 29.63 4.80 -7.10
N GLU O 89 29.78 5.34 -5.89
CA GLU O 89 29.07 4.84 -4.72
C GLU O 89 27.75 5.56 -4.56
N MET O 90 26.67 4.79 -4.47
CA MET O 90 25.32 5.33 -4.48
C MET O 90 24.47 4.56 -3.50
N SER O 91 23.28 5.09 -3.22
CA SER O 91 22.33 4.39 -2.38
C SER O 91 21.67 3.26 -3.16
N ARG O 92 20.84 2.49 -2.46
CA ARG O 92 20.17 1.36 -3.10
C ARG O 92 18.94 1.80 -3.88
N ALA O 93 18.28 2.87 -3.46
CA ALA O 93 17.14 3.39 -4.20
C ALA O 93 17.56 3.94 -5.55
N TYR O 94 18.65 4.71 -5.58
CA TYR O 94 19.13 5.24 -6.85
C TYR O 94 19.53 4.13 -7.80
N GLN O 95 20.16 3.08 -7.28
CA GLN O 95 20.53 1.96 -8.13
C GLN O 95 19.31 1.23 -8.65
N SER O 96 18.28 1.08 -7.81
CA SER O 96 17.05 0.43 -8.26
C SER O 96 16.37 1.24 -9.35
N ALA O 97 16.38 2.57 -9.23
CA ALA O 97 15.80 3.40 -10.27
C ALA O 97 16.60 3.31 -11.57
N LEU O 98 17.93 3.28 -11.48
CA LEU O 98 18.74 3.08 -12.68
C LEU O 98 18.47 1.72 -13.30
N ASP O 99 18.22 0.71 -12.48
CA ASP O 99 17.95 -0.63 -13.01
C ASP O 99 16.60 -0.67 -13.69
N ILE O 100 15.62 0.03 -13.14
CA ILE O 100 14.33 0.18 -13.84
C ILE O 100 14.53 0.87 -15.17
N SER O 101 15.39 1.90 -15.21
CA SER O 101 15.53 2.68 -16.43
C SER O 101 16.25 1.91 -17.53
N PHE O 102 17.30 1.15 -17.17
CA PHE O 102 18.19 0.60 -18.19
C PHE O 102 18.15 -0.92 -18.34
N GLU O 103 17.55 -1.66 -17.41
CA GLU O 103 17.65 -3.11 -17.46
C GLU O 103 16.33 -3.85 -17.44
N VAL O 104 15.19 -3.16 -17.45
CA VAL O 104 13.89 -3.79 -17.60
C VAL O 104 13.29 -3.34 -18.93
N ARG O 105 12.84 -4.30 -19.73
CA ARG O 105 12.31 -4.00 -21.06
C ARG O 105 11.00 -3.23 -20.91
N GLY O 106 11.05 -1.93 -21.16
CA GLY O 106 9.88 -1.08 -21.06
C GLY O 106 9.70 -0.39 -19.73
N GLY O 107 10.74 -0.24 -18.93
CA GLY O 107 10.60 0.39 -17.63
C GLY O 107 10.70 1.90 -17.69
N LEU O 108 11.61 2.40 -18.53
CA LEU O 108 11.72 3.84 -18.72
C LEU O 108 10.41 4.42 -19.24
N PHE O 109 9.79 3.74 -20.21
CA PHE O 109 8.50 4.15 -20.72
C PHE O 109 7.47 4.25 -19.61
N VAL O 110 7.45 3.28 -18.70
CA VAL O 110 6.42 3.25 -17.66
C VAL O 110 6.64 4.35 -16.64
N ARG O 111 7.89 4.59 -16.23
CA ARG O 111 8.08 5.67 -15.27
C ARG O 111 7.88 7.04 -15.90
N GLN O 112 8.14 7.18 -17.19
CA GLN O 112 7.82 8.44 -17.85
C GLN O 112 6.31 8.66 -17.93
N ILE O 113 5.55 7.60 -18.22
CA ILE O 113 4.10 7.71 -18.17
C ILE O 113 3.63 8.11 -16.78
N HIS O 114 4.23 7.50 -15.75
CA HIS O 114 3.87 7.83 -14.37
C HIS O 114 4.06 9.32 -14.09
N HIS O 115 5.21 9.86 -14.47
CA HIS O 115 5.48 11.26 -14.16
C HIS O 115 4.59 12.19 -14.96
N TRP O 116 4.37 11.90 -16.26
CA TRP O 116 3.49 12.74 -17.05
C TRP O 116 2.07 12.70 -16.52
N ALA O 117 1.63 11.53 -16.04
CA ALA O 117 0.29 11.42 -15.50
C ALA O 117 0.15 12.21 -14.21
N ALA O 118 1.20 12.24 -13.38
CA ALA O 118 1.16 13.07 -12.19
C ALA O 118 1.00 14.54 -12.56
N LEU O 119 1.76 14.99 -13.55
CA LEU O 119 1.64 16.39 -13.99
C LEU O 119 0.24 16.70 -14.48
N MET O 120 -0.33 15.80 -15.30
CA MET O 120 -1.68 16.04 -15.82
C MET O 120 -2.72 16.01 -14.72
N PHE O 121 -2.54 15.14 -13.73
CA PHE O 121 -3.40 15.12 -12.56
C PHE O 121 -3.47 16.50 -11.91
N ALA O 122 -2.29 17.07 -11.61
CA ALA O 122 -2.26 18.37 -10.95
C ALA O 122 -2.91 19.45 -11.81
N ALA O 123 -2.56 19.48 -13.10
CA ALA O 123 -3.08 20.53 -13.97
C ALA O 123 -4.60 20.44 -14.10
N ALA O 124 -5.12 19.23 -14.26
CA ALA O 124 -6.57 19.06 -14.39
C ALA O 124 -7.28 19.45 -13.11
N ILE O 125 -6.71 19.12 -11.95
CA ILE O 125 -7.32 19.55 -10.70
C ILE O 125 -7.42 21.07 -10.65
N MET O 126 -6.35 21.76 -11.05
CA MET O 126 -6.38 23.22 -10.97
C MET O 126 -7.41 23.83 -11.93
N VAL O 127 -7.50 23.29 -13.14
CA VAL O 127 -8.50 23.83 -14.09
C VAL O 127 -9.92 23.55 -13.59
N HIS O 128 -10.15 22.38 -13.01
CA HIS O 128 -11.46 22.07 -12.45
C HIS O 128 -11.83 23.01 -11.32
N LEU O 129 -10.87 23.30 -10.43
CA LEU O 129 -11.12 24.27 -9.36
C LEU O 129 -11.47 25.63 -9.93
N ALA O 130 -10.77 26.05 -10.98
CA ALA O 130 -11.08 27.34 -11.60
C ALA O 130 -12.52 27.37 -12.10
N ARG O 131 -12.95 26.32 -12.79
CA ARG O 131 -14.33 26.24 -13.25
C ARG O 131 -15.30 26.36 -12.08
N ILE O 132 -15.12 25.51 -11.06
CA ILE O 132 -16.04 25.50 -9.93
C ILE O 132 -16.13 26.87 -9.29
N PHE O 133 -15.00 27.57 -9.18
CA PHE O 133 -15.02 28.88 -8.53
C PHE O 133 -15.74 29.91 -9.39
N PHE O 134 -15.43 29.95 -10.68
CA PHE O 134 -15.95 31.05 -11.49
C PHE O 134 -17.43 30.88 -11.81
N THR O 135 -17.92 29.65 -11.99
CA THR O 135 -19.33 29.49 -12.29
C THR O 135 -20.23 29.57 -11.05
N GLY O 136 -19.65 29.56 -9.86
CA GLY O 136 -20.46 29.66 -8.66
C GLY O 136 -21.12 28.37 -8.22
N ALA O 137 -20.51 27.23 -8.53
CA ALA O 137 -21.09 25.93 -8.24
C ALA O 137 -20.81 25.45 -6.82
N PHE O 138 -20.43 26.35 -5.92
CA PHE O 138 -20.12 25.99 -4.54
C PHE O 138 -21.16 26.51 -3.56
N ARG O 139 -22.28 27.03 -4.03
CA ARG O 139 -23.23 27.70 -3.17
C ARG O 139 -24.05 26.68 -2.38
N ARG O 140 -25.14 27.13 -1.77
CA ARG O 140 -25.68 26.51 -0.54
C ARG O 140 -25.61 25.00 -0.46
N PRO O 141 -26.08 24.21 -1.43
CA PRO O 141 -26.09 22.75 -1.22
C PRO O 141 -24.72 22.08 -1.30
N ARG O 142 -23.64 22.80 -1.63
CA ARG O 142 -22.41 22.13 -2.06
C ARG O 142 -21.14 22.67 -1.39
N GLU O 143 -21.24 23.37 -0.25
CA GLU O 143 -20.02 23.85 0.40
C GLU O 143 -19.15 22.69 0.87
N THR O 144 -19.76 21.64 1.41
CA THR O 144 -18.98 20.50 1.86
C THR O 144 -18.27 19.80 0.72
N ASN O 145 -18.87 19.77 -0.46
CA ASN O 145 -18.20 19.17 -1.60
C ASN O 145 -17.01 20.02 -2.01
N TRP O 146 -17.15 21.35 -1.92
CA TRP O 146 -16.00 22.23 -2.11
C TRP O 146 -14.89 21.92 -1.11
N VAL O 147 -15.24 21.69 0.16
CA VAL O 147 -14.23 21.42 1.19
C VAL O 147 -13.48 20.13 0.88
N ILE O 148 -14.23 19.09 0.51
CA ILE O 148 -13.60 17.81 0.15
C ILE O 148 -12.65 18.01 -1.02
N GLY O 149 -13.06 18.81 -2.01
CA GLY O 149 -12.17 19.08 -3.14
C GLY O 149 -10.89 19.77 -2.72
N SER O 150 -10.99 20.73 -1.81
CA SER O 150 -9.79 21.42 -1.33
C SER O 150 -8.83 20.45 -0.65
N LEU O 151 -9.36 19.58 0.21
CA LEU O 151 -8.51 18.59 0.85
C LEU O 151 -7.83 17.70 -0.19
N LEU O 152 -8.58 17.29 -1.22
CA LEU O 152 -7.99 16.48 -2.28
C LEU O 152 -6.85 17.21 -2.97
N LEU O 153 -6.99 18.51 -3.18
CA LEU O 153 -5.92 19.28 -3.82
C LEU O 153 -4.65 19.28 -2.98
N ILE O 154 -4.79 19.55 -1.68
CA ILE O 154 -3.62 19.57 -0.80
C ILE O 154 -2.93 18.22 -0.81
N LEU O 155 -3.72 17.15 -0.68
CA LEU O 155 -3.15 15.81 -0.64
C LEU O 155 -2.43 15.47 -1.94
N ALA O 156 -3.00 15.87 -3.07
CA ALA O 156 -2.34 15.60 -4.36
C ALA O 156 -1.00 16.30 -4.45
N MET O 157 -0.93 17.56 -4.02
CA MET O 157 0.34 18.28 -4.01
C MET O 157 1.39 17.50 -3.23
N PHE O 158 1.08 17.18 -1.97
CA PHE O 158 2.10 16.55 -1.14
C PHE O 158 2.43 15.14 -1.61
N GLU O 159 1.48 14.44 -2.21
CA GLU O 159 1.75 13.10 -2.72
C GLU O 159 2.72 13.16 -3.90
N GLY O 160 2.51 14.10 -4.82
CA GLY O 160 3.46 14.25 -5.91
C GLY O 160 4.85 14.60 -5.42
N TYR O 161 4.93 15.47 -4.41
CA TYR O 161 6.23 15.82 -3.83
C TYR O 161 6.94 14.59 -3.28
N PHE O 162 6.28 13.86 -2.37
CA PHE O 162 6.87 12.65 -1.83
C PHE O 162 7.22 11.65 -2.92
N GLY O 163 6.48 11.67 -4.02
CA GLY O 163 6.74 10.72 -5.09
C GLY O 163 8.04 11.01 -5.82
N TYR O 164 8.20 12.24 -6.29
CA TYR O 164 9.41 12.51 -7.05
C TYR O 164 10.64 12.66 -6.16
N SER O 165 10.49 12.63 -4.84
CA SER O 165 11.65 12.61 -3.96
C SER O 165 12.15 11.20 -3.65
N LEU O 166 11.61 10.17 -4.30
CA LEU O 166 11.93 8.79 -3.92
C LEU O 166 13.28 8.32 -4.47
N PRO O 167 13.56 8.39 -5.79
CA PRO O 167 14.86 7.91 -6.26
C PRO O 167 15.94 8.92 -5.98
N ASP O 168 16.51 8.89 -4.77
CA ASP O 168 17.25 10.04 -4.28
C ASP O 168 18.47 10.34 -5.14
N ASP O 169 18.38 11.40 -5.94
CA ASP O 169 19.48 11.92 -6.72
C ASP O 169 19.76 13.34 -6.26
N LEU O 170 20.62 14.05 -6.97
CA LEU O 170 21.11 15.34 -6.47
C LEU O 170 19.97 16.35 -6.33
N LEU O 171 19.09 16.43 -7.34
CA LEU O 171 18.03 17.43 -7.32
C LEU O 171 17.00 17.13 -6.23
N SER O 172 16.51 15.89 -6.19
CA SER O 172 15.58 15.49 -5.15
C SER O 172 16.17 15.68 -3.77
N GLY O 173 17.45 15.38 -3.61
CA GLY O 173 18.10 15.58 -2.32
C GLY O 173 18.14 17.03 -1.90
N LEU O 174 18.49 17.91 -2.83
CA LEU O 174 18.48 19.34 -2.51
C LEU O 174 17.09 19.81 -2.11
N GLY O 175 16.08 19.37 -2.86
CA GLY O 175 14.71 19.77 -2.53
C GLY O 175 14.30 19.31 -1.14
N LEU O 176 14.48 18.02 -0.86
CA LEU O 176 14.22 17.49 0.48
C LEU O 176 14.93 18.32 1.54
N ARG O 177 16.26 18.37 1.46
CA ARG O 177 17.07 19.08 2.44
C ARG O 177 16.48 20.45 2.70
N ALA O 178 16.51 21.31 1.69
CA ALA O 178 16.08 22.69 1.89
C ALA O 178 14.68 22.73 2.46
N ALA O 179 13.68 22.36 1.65
CA ALA O 179 12.31 22.57 2.05
C ALA O 179 12.01 21.84 3.36
N LEU O 180 11.99 20.51 3.31
CA LEU O 180 11.53 19.76 4.46
C LEU O 180 12.41 20.02 5.67
N SER O 181 13.70 19.68 5.57
CA SER O 181 14.55 19.71 6.75
C SER O 181 14.64 21.11 7.32
N SER O 182 15.00 22.09 6.51
CA SER O 182 15.35 23.38 7.06
C SER O 182 14.16 24.34 7.15
N ILE O 183 12.96 23.94 6.77
CA ILE O 183 11.81 24.72 7.18
C ILE O 183 11.15 24.11 8.40
N THR O 184 11.15 22.78 8.52
CA THR O 184 10.65 22.17 9.75
C THR O 184 11.59 22.48 10.92
N LEU O 185 12.88 22.64 10.65
CA LEU O 185 13.86 22.92 11.69
C LEU O 185 13.70 24.31 12.30
N GLY O 186 13.06 25.23 11.59
CA GLY O 186 13.00 26.61 12.02
C GLY O 186 11.74 27.06 12.71
N MET O 187 10.76 26.18 12.89
CA MET O 187 9.51 26.58 13.53
C MET O 187 9.79 27.04 14.96
N PRO O 188 8.98 27.97 15.47
CA PRO O 188 9.35 28.69 16.71
C PRO O 188 9.67 27.81 17.90
N VAL O 189 8.77 27.00 18.41
CA VAL O 189 8.99 26.27 19.65
C VAL O 189 9.19 24.77 19.41
N ILE O 190 8.27 24.16 18.66
CA ILE O 190 8.37 22.71 18.43
C ILE O 190 9.58 22.39 17.56
N GLY O 191 9.55 22.82 16.30
CA GLY O 191 10.75 22.88 15.49
C GLY O 191 11.57 21.62 15.41
N THR O 192 12.73 21.65 16.08
CA THR O 192 13.65 20.52 16.08
C THR O 192 13.01 19.24 16.57
N TRP O 193 11.99 19.34 17.44
CA TRP O 193 11.30 18.14 17.87
C TRP O 193 10.57 17.47 16.71
N LEU O 194 9.88 18.26 15.88
CA LEU O 194 9.27 17.72 14.67
C LEU O 194 10.34 17.15 13.75
N HIS O 195 11.45 17.85 13.59
CA HIS O 195 12.51 17.38 12.69
C HIS O 195 13.03 16.02 13.13
N TRP O 196 13.24 15.84 14.43
CA TRP O 196 13.80 14.58 14.91
C TRP O 196 12.75 13.47 14.96
N ALA O 197 11.48 13.83 15.14
CA ALA O 197 10.43 12.81 15.04
C ALA O 197 10.27 12.33 13.61
N LEU O 198 10.47 13.20 12.63
CA LEU O 198 10.26 12.83 11.24
C LEU O 198 11.46 12.14 10.62
N PHE O 199 12.66 12.66 10.83
CA PHE O 199 13.86 12.10 10.22
C PHE O 199 14.53 11.04 11.08
N GLY O 200 14.12 10.89 12.34
CA GLY O 200 14.80 9.99 13.24
C GLY O 200 16.13 10.49 13.76
N GLY O 201 16.49 11.75 13.46
CA GLY O 201 17.77 12.29 13.84
C GLY O 201 18.07 13.53 13.04
N ASP O 202 19.34 13.72 12.66
CA ASP O 202 19.69 14.86 11.82
C ASP O 202 19.41 14.49 10.37
N PHE O 203 19.59 15.44 9.46
CA PHE O 203 18.96 15.37 8.14
C PHE O 203 19.24 14.06 7.41
N PRO O 204 20.48 13.76 7.01
CA PRO O 204 20.67 12.51 6.25
C PRO O 204 20.66 11.34 7.20
N GLY O 205 19.56 10.61 7.25
CA GLY O 205 19.38 9.54 8.19
C GLY O 205 19.49 8.18 7.52
N THR O 206 18.73 7.23 8.04
CA THR O 206 18.64 5.91 7.44
C THR O 206 17.20 5.43 7.32
N ILE O 207 16.22 6.21 7.79
CA ILE O 207 14.83 5.81 7.81
C ILE O 207 13.95 6.75 7.00
N LEU O 208 14.54 7.70 6.30
CA LEU O 208 13.74 8.68 5.57
C LEU O 208 13.09 8.08 4.34
N ILE O 209 13.86 7.41 3.49
CA ILE O 209 13.35 6.92 2.21
C ILE O 209 12.33 5.79 2.42
N PRO O 210 12.56 4.82 3.31
CA PRO O 210 11.50 3.83 3.55
C PRO O 210 10.21 4.45 4.09
N ARG O 211 10.33 5.45 4.95
CA ARG O 211 9.15 6.11 5.47
C ARG O 211 8.38 6.85 4.38
N LEU O 212 9.11 7.55 3.50
CA LEU O 212 8.46 8.22 2.38
C LEU O 212 7.82 7.20 1.44
N TYR O 213 8.47 6.06 1.23
CA TYR O 213 7.92 5.03 0.38
C TYR O 213 6.60 4.50 0.94
N ALA O 214 6.57 4.21 2.23
CA ALA O 214 5.34 3.76 2.87
C ALA O 214 4.25 4.81 2.79
N LEU O 215 4.60 6.08 3.02
CA LEU O 215 3.62 7.14 2.93
C LEU O 215 3.10 7.29 1.49
N HIS O 216 3.94 7.02 0.50
CA HIS O 216 3.61 7.36 -0.86
C HIS O 216 2.82 6.27 -1.56
N ILE O 217 3.09 5.00 -1.26
CA ILE O 217 2.37 3.94 -1.97
C ILE O 217 1.14 3.45 -1.22
N LEU O 218 1.02 3.71 0.08
CA LEU O 218 -0.05 3.11 0.86
C LEU O 218 -1.00 4.11 1.48
N LEU O 219 -0.50 5.09 2.25
CA LEU O 219 -1.37 5.92 3.06
C LEU O 219 -2.10 6.98 2.23
N LEU O 220 -1.33 7.86 1.61
CA LEU O 220 -1.95 8.94 0.85
C LEU O 220 -2.81 8.46 -0.31
N PRO O 221 -2.43 7.43 -1.08
CA PRO O 221 -3.37 6.90 -2.07
C PRO O 221 -4.65 6.37 -1.45
N GLY O 222 -4.58 5.76 -0.27
CA GLY O 222 -5.80 5.29 0.38
C GLY O 222 -6.71 6.42 0.78
N ILE O 223 -6.15 7.47 1.39
CA ILE O 223 -6.95 8.62 1.78
C ILE O 223 -7.55 9.29 0.55
N ILE O 224 -6.76 9.42 -0.52
CA ILE O 224 -7.23 10.05 -1.73
C ILE O 224 -8.36 9.23 -2.35
N LEU O 225 -8.24 7.90 -2.31
CA LEU O 225 -9.27 7.05 -2.87
C LEU O 225 -10.57 7.18 -2.09
N ALA O 226 -10.49 7.19 -0.77
CA ALA O 226 -11.69 7.37 0.05
C ALA O 226 -12.35 8.72 -0.23
N LEU O 227 -11.55 9.78 -0.29
CA LEU O 227 -12.11 11.10 -0.54
C LEU O 227 -12.70 11.22 -1.94
N ILE O 228 -12.10 10.56 -2.93
CA ILE O 228 -12.67 10.60 -4.28
C ILE O 228 -13.98 9.85 -4.34
N GLY O 229 -14.05 8.71 -3.65
CA GLY O 229 -15.32 8.01 -3.56
C GLY O 229 -16.41 8.86 -2.95
N LEU O 230 -16.10 9.52 -1.83
CA LEU O 230 -17.08 10.40 -1.19
C LEU O 230 -17.49 11.55 -2.09
N HIS O 231 -16.51 12.15 -2.79
CA HIS O 231 -16.78 13.24 -3.72
C HIS O 231 -17.76 12.82 -4.81
N LEU O 232 -17.49 11.68 -5.45
CA LEU O 232 -18.35 11.23 -6.54
C LEU O 232 -19.72 10.81 -6.02
N ALA O 233 -19.79 10.24 -4.82
CA ALA O 233 -21.10 9.91 -4.25
C ALA O 233 -21.94 11.16 -4.03
N LEU O 234 -21.33 12.20 -3.44
CA LEU O 234 -22.05 13.45 -3.21
C LEU O 234 -22.49 14.07 -4.52
N VAL O 235 -21.67 13.97 -5.57
CA VAL O 235 -22.08 14.52 -6.85
C VAL O 235 -23.20 13.69 -7.47
N TRP O 236 -23.21 12.38 -7.21
CA TRP O 236 -24.24 11.53 -7.80
C TRP O 236 -25.59 11.74 -7.15
N PHE O 237 -25.62 11.93 -5.83
CA PHE O 237 -26.91 12.00 -5.15
C PHE O 237 -27.46 13.42 -5.04
N GLN O 238 -26.61 14.43 -5.02
CA GLN O 238 -27.02 15.80 -5.30
C GLN O 238 -26.81 16.02 -6.79
N LYS O 239 -27.90 16.02 -7.56
CA LYS O 239 -27.77 16.04 -9.01
C LYS O 239 -26.98 17.26 -9.48
N HIS O 240 -26.45 17.16 -10.69
CA HIS O 240 -25.55 18.17 -11.23
C HIS O 240 -26.26 19.51 -11.42
N THR O 241 -25.48 20.57 -11.43
CA THR O 241 -26.00 21.90 -11.74
C THR O 241 -26.10 22.08 -13.26
N GLN O 242 -26.56 23.23 -13.70
CA GLN O 242 -26.69 23.50 -15.12
C GLN O 242 -26.74 25.00 -15.34
N PHE O 243 -26.50 25.39 -16.57
CA PHE O 243 -26.55 26.77 -17.01
C PHE O 243 -27.97 27.16 -17.38
N PRO O 244 -28.35 28.41 -17.17
CA PRO O 244 -29.68 28.86 -17.61
C PRO O 244 -29.80 28.77 -19.12
N GLY O 245 -31.01 28.47 -19.59
CA GLY O 245 -31.25 28.29 -20.99
C GLY O 245 -32.71 28.23 -21.35
N PRO O 246 -33.03 27.65 -22.50
CA PRO O 246 -34.42 27.60 -22.97
C PRO O 246 -35.38 26.90 -22.04
N GLY O 247 -35.12 25.63 -21.72
CA GLY O 247 -36.07 24.87 -20.93
C GLY O 247 -35.57 24.51 -19.54
N ARG O 248 -34.59 25.24 -19.05
CA ARG O 248 -33.94 24.89 -17.79
C ARG O 248 -34.54 25.68 -16.64
N THR O 249 -34.81 24.97 -15.55
CA THR O 249 -35.37 25.56 -14.34
C THR O 249 -34.56 25.11 -13.14
N GLU O 250 -34.88 25.67 -11.98
CA GLU O 250 -34.25 25.22 -10.76
C GLU O 250 -34.79 23.90 -10.25
N HIS O 251 -35.70 23.27 -11.00
CA HIS O 251 -36.38 22.06 -10.55
C HIS O 251 -36.22 20.88 -11.47
N ASN O 252 -35.42 21.00 -12.54
CA ASN O 252 -35.27 19.89 -13.47
C ASN O 252 -33.85 19.87 -14.00
N VAL O 253 -33.48 18.73 -14.58
CA VAL O 253 -32.17 18.54 -15.21
C VAL O 253 -32.41 18.18 -16.66
N VAL O 254 -31.87 18.99 -17.57
CA VAL O 254 -32.02 18.79 -19.00
C VAL O 254 -30.69 18.30 -19.55
N GLY O 255 -30.72 17.16 -20.22
CA GLY O 255 -29.50 16.59 -20.78
C GLY O 255 -29.76 15.30 -21.53
N VAL O 256 -28.91 14.31 -21.33
CA VAL O 256 -29.08 13.00 -21.93
C VAL O 256 -29.06 11.95 -20.84
N ARG O 257 -29.78 10.86 -21.06
CA ARG O 257 -29.77 9.77 -20.11
C ARG O 257 -28.44 9.04 -20.17
N VAL O 258 -28.10 8.36 -19.08
CA VAL O 258 -26.88 7.55 -19.05
C VAL O 258 -26.92 6.50 -20.14
N MET O 259 -28.06 5.83 -20.27
CA MET O 259 -28.23 4.50 -20.83
C MET O 259 -27.48 4.27 -22.15
N PRO O 260 -27.81 4.95 -23.27
CA PRO O 260 -27.01 4.71 -24.47
C PRO O 260 -25.79 5.61 -24.59
N VAL O 261 -25.90 6.86 -24.13
CA VAL O 261 -25.07 7.95 -24.61
C VAL O 261 -23.96 8.29 -23.62
N PHE O 262 -24.31 8.49 -22.35
CA PHE O 262 -23.34 9.13 -21.46
C PHE O 262 -22.18 8.22 -21.14
N ALA O 263 -22.46 6.94 -20.90
CA ALA O 263 -21.38 5.98 -20.68
C ALA O 263 -20.47 5.90 -21.90
N PHE O 264 -21.05 5.98 -23.09
CA PHE O 264 -20.27 5.93 -24.32
C PHE O 264 -19.31 7.10 -24.41
N LYS O 265 -19.82 8.30 -24.19
CA LYS O 265 -18.97 9.50 -24.26
C LYS O 265 -17.89 9.46 -23.19
N SER O 266 -18.23 9.00 -21.99
CA SER O 266 -17.24 8.93 -20.92
C SER O 266 -16.13 7.94 -21.25
N GLY O 267 -16.49 6.77 -21.76
CA GLY O 267 -15.47 5.80 -22.12
C GLY O 267 -14.58 6.26 -23.25
N ALA O 268 -15.16 6.91 -24.25
CA ALA O 268 -14.36 7.42 -25.35
C ALA O 268 -13.39 8.49 -24.86
N PHE O 269 -13.85 9.35 -23.94
CA PHE O 269 -12.95 10.36 -23.38
C PHE O 269 -11.82 9.71 -22.60
N PHE O 270 -12.13 8.66 -21.83
CA PHE O 270 -11.08 7.92 -21.11
C PHE O 270 -10.03 7.40 -22.06
N ALA O 271 -10.46 6.77 -23.16
CA ALA O 271 -9.50 6.22 -24.11
C ALA O 271 -8.65 7.31 -24.74
N ALA O 272 -9.26 8.46 -25.05
CA ALA O 272 -8.49 9.53 -25.67
C ALA O 272 -7.45 10.11 -24.71
N ILE O 273 -7.80 10.24 -23.43
CA ILE O 273 -6.84 10.75 -22.46
C ILE O 273 -5.68 9.77 -22.29
N VAL O 274 -5.99 8.46 -22.21
CA VAL O 274 -4.93 7.47 -22.12
C VAL O 274 -4.03 7.55 -23.35
N GLY O 275 -4.62 7.79 -24.52
CA GLY O 275 -3.81 7.90 -25.73
C GLY O 275 -2.87 9.09 -25.68
N VAL O 276 -3.37 10.24 -25.25
CA VAL O 276 -2.52 11.42 -25.15
C VAL O 276 -1.38 11.19 -24.17
N LEU O 277 -1.69 10.58 -23.01
CA LEU O 277 -0.65 10.34 -22.02
C LEU O 277 0.41 9.37 -22.54
N GLY O 278 -0.02 8.31 -23.23
CA GLY O 278 0.96 7.40 -23.80
C GLY O 278 1.84 8.06 -24.84
N LEU O 279 1.24 8.85 -25.72
CA LEU O 279 2.02 9.56 -26.73
C LEU O 279 3.08 10.45 -26.10
N MET O 280 2.67 11.31 -25.16
CA MET O 280 3.64 12.25 -24.61
C MET O 280 4.54 11.62 -23.57
N GLY O 281 4.27 10.38 -23.15
CA GLY O 281 5.20 9.67 -22.32
C GLY O 281 6.21 8.89 -23.14
N GLY O 282 5.87 8.68 -24.40
CA GLY O 282 6.82 8.04 -25.30
C GLY O 282 7.71 9.02 -26.04
N LEU O 283 7.21 10.22 -26.33
CA LEU O 283 7.94 11.13 -27.21
C LEU O 283 8.71 12.23 -26.48
N LEU O 284 8.34 12.57 -25.25
CA LEU O 284 9.01 13.62 -24.49
C LEU O 284 9.68 13.01 -23.27
N GLN O 285 10.84 13.55 -22.91
CA GLN O 285 11.64 13.01 -21.82
C GLN O 285 11.44 13.85 -20.55
N ILE O 286 11.29 13.16 -19.43
CA ILE O 286 11.02 13.80 -18.15
C ILE O 286 11.85 13.12 -17.07
N ASN O 287 12.53 13.93 -16.26
CA ASN O 287 13.36 13.48 -15.14
C ASN O 287 14.40 12.45 -15.55
N PRO O 288 15.44 12.84 -16.29
CA PRO O 288 16.52 11.90 -16.60
C PRO O 288 17.52 11.78 -15.47
N ILE O 289 17.24 10.90 -14.50
CA ILE O 289 18.03 10.85 -13.28
C ILE O 289 19.48 10.45 -13.50
N TRP O 290 19.79 9.81 -14.63
CA TRP O 290 21.16 9.38 -14.86
C TRP O 290 22.09 10.52 -15.24
N ASN O 291 21.56 11.59 -15.84
CA ASN O 291 22.38 12.76 -16.12
C ASN O 291 22.81 13.43 -14.82
N LEU O 292 21.97 13.35 -13.81
CA LEU O 292 22.32 13.77 -12.46
C LEU O 292 23.25 12.72 -11.85
N GLY O 293 23.52 12.86 -10.56
CA GLY O 293 24.24 11.84 -9.85
C GLY O 293 23.51 11.48 -8.58
N PRO O 294 24.05 10.52 -7.82
CA PRO O 294 23.50 10.24 -6.50
C PRO O 294 23.67 11.44 -5.59
N TYR O 295 22.80 11.54 -4.60
CA TYR O 295 22.82 12.70 -3.72
C TYR O 295 24.07 12.66 -2.84
N LYS O 296 24.76 13.80 -2.75
CA LYS O 296 25.91 13.96 -1.89
C LYS O 296 25.83 15.38 -1.32
N PRO O 297 26.03 15.55 -0.01
CA PRO O 297 25.81 16.87 0.60
C PRO O 297 26.83 17.93 0.22
N SER O 298 27.82 17.62 -0.62
CA SER O 298 28.89 18.56 -0.90
C SER O 298 28.81 19.20 -2.29
N GLN O 299 28.00 18.67 -3.19
CA GLN O 299 27.92 19.16 -4.56
C GLN O 299 26.49 19.59 -4.89
N VAL O 300 26.38 20.49 -5.86
CA VAL O 300 25.11 21.15 -6.18
C VAL O 300 25.13 21.51 -7.66
N SER O 301 23.96 21.83 -8.21
CA SER O 301 23.87 22.34 -9.58
C SER O 301 23.11 23.65 -9.61
N ALA O 302 22.78 24.13 -10.81
CA ALA O 302 22.26 25.48 -10.98
C ALA O 302 20.74 25.57 -11.08
N GLY O 303 20.07 24.55 -11.60
CA GLY O 303 18.64 24.65 -11.81
C GLY O 303 18.34 23.72 -10.64
N SER O 304 17.60 24.22 -9.66
CA SER O 304 17.14 23.45 -8.51
C SER O 304 15.69 23.89 -8.35
N GLN O 305 14.82 23.46 -9.25
CA GLN O 305 13.40 23.76 -9.11
C GLN O 305 12.62 22.50 -8.81
N PRO O 306 11.48 22.61 -8.13
CA PRO O 306 10.56 21.49 -8.02
C PRO O 306 9.54 21.48 -9.14
N ASP O 307 8.68 20.46 -9.19
CA ASP O 307 7.64 20.40 -10.21
C ASP O 307 6.68 21.58 -10.05
N PHE O 308 5.93 21.85 -11.12
CA PHE O 308 5.29 23.15 -11.24
C PHE O 308 4.21 23.41 -10.20
N TYR O 309 3.85 22.44 -9.38
CA TYR O 309 2.85 22.67 -8.34
C TYR O 309 3.46 23.02 -6.99
N MET O 310 4.79 23.05 -6.87
CA MET O 310 5.47 23.58 -5.71
C MET O 310 6.29 24.82 -6.04
N MET O 311 6.30 25.22 -7.31
CA MET O 311 7.08 26.37 -7.71
C MET O 311 6.62 27.64 -7.02
N TRP O 312 5.35 27.72 -6.64
CA TRP O 312 4.90 28.93 -5.96
C TRP O 312 5.47 29.00 -4.54
N THR O 313 5.66 27.85 -3.92
CA THR O 313 6.25 27.78 -2.59
C THR O 313 7.72 28.23 -2.67
N GLU O 314 8.41 27.78 -3.71
CA GLU O 314 9.81 28.12 -3.90
C GLU O 314 9.96 29.60 -4.21
N GLY O 315 9.10 30.12 -5.08
CA GLY O 315 9.15 31.53 -5.44
C GLY O 315 8.84 32.44 -4.25
N LEU O 316 7.88 32.04 -3.42
CA LEU O 316 7.60 32.79 -2.21
C LEU O 316 8.80 32.81 -1.28
N ALA O 317 9.53 31.69 -1.20
CA ALA O 317 10.74 31.68 -0.40
C ALA O 317 11.84 32.54 -1.01
N ARG O 318 11.85 32.68 -2.33
CA ARG O 318 12.89 33.47 -2.99
C ARG O 318 12.66 34.96 -2.79
N ILE O 319 11.44 35.43 -3.00
CA ILE O 319 11.20 36.88 -3.04
C ILE O 319 10.70 37.39 -1.69
N TRP O 320 10.92 36.63 -0.63
CA TRP O 320 10.51 37.25 0.61
C TRP O 320 11.71 37.88 1.32
N PRO O 321 11.62 39.12 1.76
CA PRO O 321 12.79 39.82 2.29
C PRO O 321 13.31 39.17 3.55
N PRO O 322 14.57 39.40 3.90
CA PRO O 322 15.19 38.79 5.10
C PRO O 322 14.87 39.49 6.41
N TRP O 323 13.71 39.16 6.98
CA TRP O 323 13.26 39.76 8.23
C TRP O 323 13.30 38.69 9.31
N GLU O 324 14.24 38.83 10.24
CA GLU O 324 14.39 37.91 11.35
C GLU O 324 14.29 38.69 12.65
N PHE O 325 13.99 37.97 13.73
CA PHE O 325 13.86 38.58 15.05
C PHE O 325 14.76 37.85 16.02
N TYR O 326 15.62 38.61 16.71
CA TYR O 326 16.51 38.06 17.72
C TYR O 326 16.20 38.74 19.04
N PHE O 327 15.73 37.95 20.01
CA PHE O 327 15.45 38.43 21.35
C PHE O 327 16.21 37.50 22.30
N TRP O 328 15.85 37.53 23.58
CA TRP O 328 16.63 36.86 24.61
C TRP O 328 16.87 35.38 24.31
N HIS O 329 18.12 35.04 24.02
CA HIS O 329 18.58 33.65 23.94
C HIS O 329 17.86 32.84 22.86
N HIS O 330 17.34 33.53 21.85
CA HIS O 330 16.52 32.83 20.87
C HIS O 330 16.64 33.49 19.50
N THR O 331 15.99 32.87 18.51
CA THR O 331 16.08 33.30 17.12
C THR O 331 14.85 32.83 16.36
N ILE O 332 14.23 33.74 15.62
CA ILE O 332 13.13 33.40 14.73
C ILE O 332 13.57 33.68 13.29
N PRO O 333 13.92 32.65 12.52
CA PRO O 333 14.47 32.89 11.18
C PRO O 333 13.42 33.34 10.17
N ALA O 334 13.83 33.47 8.91
CA ALA O 334 13.00 33.98 7.83
C ALA O 334 11.97 32.97 7.32
N PRO O 335 12.31 31.69 7.12
CA PRO O 335 11.33 30.77 6.51
C PRO O 335 10.08 30.54 7.34
N VAL O 336 10.06 30.97 8.60
CA VAL O 336 8.82 30.99 9.36
C VAL O 336 7.75 31.76 8.60
N TRP O 337 8.13 32.86 7.96
CA TRP O 337 7.19 33.65 7.17
C TRP O 337 6.56 32.82 6.07
N VAL O 338 7.38 32.08 5.33
CA VAL O 338 6.88 31.18 4.29
C VAL O 338 5.90 30.19 4.90
N ALA O 339 6.23 29.68 6.09
CA ALA O 339 5.34 28.71 6.74
C ALA O 339 3.98 29.31 7.02
N VAL O 340 3.92 30.49 7.65
CA VAL O 340 2.62 31.05 7.99
C VAL O 340 1.86 31.47 6.74
N ILE O 341 2.56 31.94 5.70
CA ILE O 341 1.84 32.36 4.50
C ILE O 341 1.24 31.15 3.79
N MET O 342 1.99 30.06 3.77
CA MET O 342 1.53 28.82 3.16
C MET O 342 0.29 28.34 3.91
N GLY O 343 0.38 28.28 5.23
CA GLY O 343 -0.75 27.85 6.05
C GLY O 343 -1.96 28.74 5.87
N LEU O 344 -1.74 30.06 5.77
CA LEU O 344 -2.83 30.98 5.56
C LEU O 344 -3.52 30.74 4.23
N VAL O 345 -2.75 30.44 3.18
CA VAL O 345 -3.35 30.11 1.90
C VAL O 345 -4.18 28.83 2.01
N PHE O 346 -3.60 27.80 2.63
CA PHE O 346 -4.29 26.52 2.76
C PHE O 346 -5.50 26.61 3.68
N VAL O 347 -5.63 27.66 4.46
CA VAL O 347 -6.78 27.83 5.34
C VAL O 347 -7.81 28.70 4.66
N LEU O 348 -7.36 29.66 3.86
CA LEU O 348 -8.27 30.54 3.14
C LEU O 348 -8.91 29.86 1.95
N LEU O 349 -8.31 28.79 1.43
CA LEU O 349 -8.95 28.08 0.31
C LEU O 349 -10.23 27.37 0.74
N PRO O 350 -10.25 26.51 1.76
CA PRO O 350 -11.48 25.76 2.07
C PRO O 350 -12.58 26.59 2.70
N ALA O 351 -12.26 27.77 3.25
CA ALA O 351 -13.23 28.55 3.98
C ALA O 351 -13.82 29.69 3.16
N TYR O 352 -13.79 29.59 1.85
CA TYR O 352 -14.27 30.71 1.03
C TYR O 352 -15.79 30.81 0.94
N PRO O 353 -16.53 29.71 0.71
CA PRO O 353 -17.99 29.86 0.59
C PRO O 353 -18.64 30.50 1.80
N PHE O 354 -18.16 30.17 2.99
CA PHE O 354 -18.73 30.75 4.21
C PHE O 354 -18.40 32.23 4.31
N LEU O 355 -17.20 32.63 3.89
CA LEU O 355 -16.87 34.05 3.83
C LEU O 355 -17.79 34.79 2.88
N GLU O 356 -18.01 34.23 1.69
CA GLU O 356 -18.84 34.94 0.71
C GLU O 356 -20.28 35.01 1.17
N LYS O 357 -20.79 33.95 1.81
CA LYS O 357 -22.17 34.02 2.28
C LYS O 357 -22.32 34.93 3.47
N ARG O 358 -21.25 35.11 4.27
CA ARG O 358 -21.31 36.09 5.34
C ARG O 358 -21.26 37.51 4.80
N PHE O 359 -20.54 37.72 3.70
CA PHE O 359 -20.33 39.08 3.23
C PHE O 359 -21.48 39.56 2.35
N THR O 360 -21.99 38.68 1.47
CA THR O 360 -23.09 39.06 0.60
C THR O 360 -24.44 38.85 1.27
N GLY O 361 -24.53 37.96 2.25
CA GLY O 361 -25.78 37.74 2.95
C GLY O 361 -26.83 37.01 2.16
N ASP O 362 -26.44 36.02 1.35
CA ASP O 362 -27.37 35.26 0.53
C ASP O 362 -27.27 33.79 0.92
N TYR O 363 -28.39 33.21 1.37
CA TYR O 363 -28.40 31.87 1.94
C TYR O 363 -29.40 30.94 1.25
N ALA O 364 -29.71 31.17 -0.02
CA ALA O 364 -30.75 30.39 -0.68
C ALA O 364 -30.15 29.21 -1.45
N HIS O 365 -31.01 28.25 -1.77
CA HIS O 365 -30.60 27.13 -2.61
C HIS O 365 -30.39 27.60 -4.04
N HIS O 366 -29.41 27.01 -4.71
CA HIS O 366 -29.09 27.39 -6.08
C HIS O 366 -28.75 26.15 -6.88
N ASN O 367 -29.41 25.99 -8.02
CA ASN O 367 -29.11 24.91 -8.94
C ASN O 367 -28.76 25.38 -10.33
N LEU O 368 -28.91 26.66 -10.63
CA LEU O 368 -28.50 27.23 -11.90
C LEU O 368 -27.23 28.02 -11.73
N LEU O 369 -26.29 27.83 -12.64
CA LEU O 369 -24.98 28.45 -12.54
C LEU O 369 -25.04 29.91 -12.98
N GLN O 370 -23.97 30.64 -12.70
CA GLN O 370 -23.83 32.03 -13.09
C GLN O 370 -22.78 32.14 -14.18
N ARG O 371 -23.01 33.03 -15.13
CA ARG O 371 -21.92 33.33 -16.05
C ARG O 371 -20.91 34.22 -15.36
N PRO O 372 -19.61 33.99 -15.56
CA PRO O 372 -18.60 34.79 -14.87
C PRO O 372 -18.68 36.28 -15.15
N ARG O 373 -19.37 36.69 -16.20
CA ARG O 373 -19.52 38.12 -16.49
C ARG O 373 -20.64 38.77 -15.69
N ASP O 374 -21.52 37.99 -15.10
CA ASP O 374 -22.61 38.54 -14.29
C ASP O 374 -22.21 38.79 -12.85
N VAL O 375 -21.07 38.26 -12.42
CA VAL O 375 -20.58 38.46 -11.05
C VAL O 375 -19.23 39.15 -11.15
N PRO O 376 -19.18 40.47 -11.30
CA PRO O 376 -17.88 41.11 -11.57
C PRO O 376 -16.91 41.05 -10.40
N VAL O 377 -17.40 41.14 -9.17
CA VAL O 377 -16.50 41.21 -8.03
C VAL O 377 -15.79 39.89 -7.81
N ARG O 378 -16.53 38.77 -7.86
CA ARG O 378 -15.89 37.48 -7.68
C ARG O 378 -14.93 37.16 -8.81
N THR O 379 -15.30 37.52 -10.04
CA THR O 379 -14.40 37.30 -11.17
C THR O 379 -13.12 38.10 -11.01
N ALA O 380 -13.23 39.34 -10.52
CA ALA O 380 -12.04 40.14 -10.28
C ALA O 380 -11.18 39.55 -9.18
N ILE O 381 -11.80 39.05 -8.11
CA ILE O 381 -11.04 38.40 -7.03
C ILE O 381 -10.28 37.19 -7.58
N GLY O 382 -10.95 36.36 -8.38
CA GLY O 382 -10.31 35.19 -8.93
C GLY O 382 -9.17 35.54 -9.88
N ALA O 383 -9.36 36.56 -10.70
CA ALA O 383 -8.30 36.98 -11.61
C ALA O 383 -7.10 37.51 -10.82
N MET O 384 -7.36 38.24 -9.74
CA MET O 384 -6.28 38.72 -8.89
C MET O 384 -5.50 37.56 -8.28
N ALA O 385 -6.21 36.54 -7.80
CA ALA O 385 -5.53 35.39 -7.21
C ALA O 385 -4.70 34.64 -8.25
N ILE O 386 -5.24 34.52 -9.47
CA ILE O 386 -4.49 33.82 -10.53
C ILE O 386 -3.25 34.61 -10.91
N ALA O 387 -3.35 35.95 -10.95
CA ALA O 387 -2.18 36.77 -11.25
C ALA O 387 -1.12 36.62 -10.17
N PHE O 388 -1.55 36.61 -8.91
CA PHE O 388 -0.60 36.38 -7.81
C PHE O 388 0.10 35.04 -7.96
N TYR O 389 -0.65 33.99 -8.27
CA TYR O 389 -0.07 32.67 -8.44
C TYR O 389 0.92 32.66 -9.60
N MET O 390 0.59 33.33 -10.71
CA MET O 390 1.50 33.35 -11.86
C MET O 390 2.77 34.10 -11.52
N VAL O 391 2.68 35.19 -10.78
CA VAL O 391 3.88 35.91 -10.37
C VAL O 391 4.76 35.02 -9.50
N LEU O 392 4.15 34.33 -8.54
CA LEU O 392 4.95 33.46 -7.67
C LEU O 392 5.59 32.32 -8.45
N THR O 393 4.89 31.80 -9.46
CA THR O 393 5.44 30.68 -10.23
C THR O 393 6.57 31.15 -11.14
N LEU O 394 6.44 32.33 -11.74
CA LEU O 394 7.50 32.82 -12.61
C LEU O 394 8.71 33.27 -11.82
N ALA O 395 8.52 33.71 -10.58
CA ALA O 395 9.66 34.08 -9.73
C ALA O 395 10.49 32.88 -9.31
N ALA O 396 10.06 31.67 -9.63
CA ALA O 396 10.79 30.46 -9.28
C ALA O 396 11.80 30.04 -10.34
N MET O 397 11.60 30.45 -11.59
CA MET O 397 12.52 30.16 -12.68
C MET O 397 13.39 31.37 -13.00
N ASN O 398 13.82 32.09 -11.96
CA ASN O 398 14.69 33.25 -12.13
C ASN O 398 15.91 32.93 -12.99
N ASP O 399 16.60 31.83 -12.67
CA ASP O 399 17.85 31.53 -13.34
C ASP O 399 17.64 31.28 -14.81
N ILE O 400 16.63 30.48 -15.13
CA ILE O 400 16.34 30.13 -16.53
C ILE O 400 15.94 31.36 -17.31
N ILE O 401 15.10 32.22 -16.72
CA ILE O 401 14.64 33.41 -17.42
C ILE O 401 15.81 34.36 -17.66
N ALA O 402 16.60 34.62 -16.61
CA ALA O 402 17.73 35.54 -16.74
C ALA O 402 18.82 35.01 -17.66
N LEU O 403 18.89 33.69 -17.84
CA LEU O 403 19.91 33.14 -18.73
C LEU O 403 19.45 33.13 -20.18
N LYS O 404 18.25 32.61 -20.45
CA LYS O 404 17.77 32.53 -21.82
C LYS O 404 17.43 33.92 -22.36
N PHE O 405 16.58 34.65 -21.66
CA PHE O 405 16.32 36.06 -21.96
C PHE O 405 17.31 36.89 -21.17
N HIS O 406 18.09 37.71 -21.86
CA HIS O 406 19.22 38.35 -21.21
C HIS O 406 18.76 39.45 -20.26
N ILE O 407 18.49 39.08 -19.01
CA ILE O 407 18.10 40.01 -17.97
C ILE O 407 18.98 39.77 -16.75
N SER O 408 19.20 40.82 -15.97
CA SER O 408 19.95 40.68 -14.73
C SER O 408 19.17 39.82 -13.74
N LEU O 409 19.90 39.18 -12.83
CA LEU O 409 19.28 38.32 -11.83
C LEU O 409 18.66 39.12 -10.70
N ASN O 410 19.41 40.09 -10.17
CA ASN O 410 18.86 41.01 -9.18
C ASN O 410 17.65 41.74 -9.74
N ALA O 411 17.68 42.05 -11.03
CA ALA O 411 16.54 42.70 -11.67
C ALA O 411 15.30 41.82 -11.59
N THR O 412 15.45 40.53 -11.87
CA THR O 412 14.29 39.64 -11.80
C THR O 412 13.79 39.48 -10.37
N THR O 413 14.71 39.43 -9.40
CA THR O 413 14.28 39.35 -8.01
C THR O 413 13.45 40.56 -7.62
N TRP O 414 13.91 41.77 -7.98
CA TRP O 414 13.16 42.96 -7.62
C TRP O 414 11.87 43.08 -8.42
N ILE O 415 11.87 42.64 -9.67
CA ILE O 415 10.65 42.64 -10.47
C ILE O 415 9.59 41.79 -9.80
N GLY O 416 9.97 40.59 -9.37
CA GLY O 416 9.02 39.76 -8.65
C GLY O 416 8.58 40.39 -7.35
N ARG O 417 9.52 40.96 -6.60
CA ARG O 417 9.21 41.52 -5.29
C ARG O 417 8.23 42.68 -5.38
N ILE O 418 8.28 43.44 -6.48
CA ILE O 418 7.37 44.56 -6.65
C ILE O 418 6.07 44.13 -7.33
N GLY O 419 6.16 43.28 -8.35
CA GLY O 419 4.96 42.74 -8.95
C GLY O 419 4.04 42.09 -7.95
N MET O 420 4.61 41.39 -6.97
CA MET O 420 3.81 40.75 -5.92
C MET O 420 2.85 41.72 -5.24
N VAL O 421 3.09 43.03 -5.35
CA VAL O 421 2.22 44.02 -4.74
C VAL O 421 1.43 44.81 -5.78
N ILE O 422 2.01 45.10 -6.94
CA ILE O 422 1.28 45.99 -7.86
C ILE O 422 0.55 45.25 -8.98
N LEU O 423 0.78 43.96 -9.20
CA LEU O 423 0.06 43.32 -10.29
C LEU O 423 -1.37 42.90 -9.92
N PRO O 424 -1.60 42.32 -8.73
CA PRO O 424 -2.96 41.90 -8.37
C PRO O 424 -3.97 43.03 -8.45
N PRO O 425 -3.71 44.23 -7.90
CA PRO O 425 -4.75 45.27 -7.97
C PRO O 425 -5.00 45.76 -9.38
N PHE O 426 -3.95 45.89 -10.19
CA PHE O 426 -4.12 46.24 -11.59
C PHE O 426 -5.01 45.23 -12.31
N VAL O 427 -4.76 43.94 -12.09
CA VAL O 427 -5.58 42.91 -12.71
C VAL O 427 -7.01 43.00 -12.21
N TYR O 428 -7.21 43.27 -10.92
CA TYR O 428 -8.55 43.44 -10.37
C TYR O 428 -9.31 44.53 -11.11
N PHE O 429 -8.69 45.71 -11.21
CA PHE O 429 -9.33 46.84 -11.88
C PHE O 429 -9.72 46.49 -13.31
N ILE O 430 -8.78 45.94 -14.07
CA ILE O 430 -9.04 45.64 -15.47
C ILE O 430 -10.14 44.60 -15.61
N THR O 431 -10.15 43.60 -14.73
CA THR O 431 -11.14 42.53 -14.82
C THR O 431 -12.54 43.05 -14.51
N TYR O 432 -12.66 43.92 -13.50
CA TYR O 432 -13.95 44.52 -13.20
C TYR O 432 -14.49 45.28 -14.40
N ARG O 433 -13.66 46.17 -14.97
CA ARG O 433 -14.13 46.96 -16.10
C ARG O 433 -14.47 46.08 -17.30
N TRP O 434 -13.70 45.01 -17.50
CA TRP O 434 -13.95 44.10 -18.63
C TRP O 434 -15.28 43.37 -18.48
N CYS O 435 -15.58 42.90 -17.27
CA CYS O 435 -16.86 42.24 -17.03
C CYS O 435 -18.02 43.18 -17.33
N ILE O 436 -17.93 44.42 -16.85
CA ILE O 436 -19.05 45.33 -17.12
C ILE O 436 -19.15 45.66 -18.60
N GLY O 437 -18.01 45.73 -19.31
CA GLY O 437 -18.07 45.93 -20.75
C GLY O 437 -18.78 44.80 -21.47
N LEU O 438 -18.51 43.57 -21.06
CA LEU O 438 -19.21 42.43 -21.66
C LEU O 438 -20.71 42.50 -21.41
N GLN O 439 -21.10 42.87 -20.19
CA GLN O 439 -22.52 43.02 -19.89
C GLN O 439 -23.17 44.04 -20.81
N ARG O 440 -22.49 45.17 -21.03
CA ARG O 440 -23.07 46.20 -21.91
C ARG O 440 -23.17 45.71 -23.35
N SER O 441 -22.18 44.95 -23.81
CA SER O 441 -22.25 44.41 -25.16
C SER O 441 -23.42 43.44 -25.31
N ASP O 442 -23.74 42.71 -24.25
CA ASP O 442 -24.92 41.84 -24.30
C ASP O 442 -26.21 42.66 -24.36
N ARG O 443 -26.30 43.71 -23.55
CA ARG O 443 -27.51 44.52 -23.52
C ARG O 443 -27.75 45.23 -24.84
N SER O 444 -26.67 45.60 -25.55
CA SER O 444 -26.87 46.27 -26.84
C SER O 444 -27.49 45.35 -27.88
N VAL O 445 -27.06 44.08 -27.92
CA VAL O 445 -27.65 43.15 -28.88
C VAL O 445 -29.02 42.68 -28.43
N LEU O 446 -29.33 42.81 -27.14
CA LEU O 446 -30.71 42.57 -26.73
C LEU O 446 -31.63 43.70 -27.18
N GLU O 447 -31.20 44.95 -27.04
CA GLU O 447 -32.06 46.08 -27.39
C GLU O 447 -32.31 46.14 -28.90
N HIS O 448 -31.26 46.23 -29.70
CA HIS O 448 -31.34 46.13 -31.15
C HIS O 448 -31.25 44.67 -31.56
N GLY O 449 -31.02 44.40 -32.85
CA GLY O 449 -30.84 43.06 -33.34
C GLY O 449 -29.36 42.71 -33.50
N VAL O 450 -29.12 41.58 -34.14
CA VAL O 450 -27.77 41.12 -34.44
C VAL O 450 -27.25 41.88 -35.66
N GLU O 451 -26.06 42.46 -35.54
CA GLU O 451 -25.47 43.17 -36.67
C GLU O 451 -25.07 42.20 -37.76
N THR O 452 -25.52 42.47 -38.99
CA THR O 452 -25.21 41.60 -40.11
C THR O 452 -23.97 42.03 -40.88
N GLY O 453 -23.56 43.28 -40.78
CA GLY O 453 -22.40 43.76 -41.50
C GLY O 453 -22.66 44.25 -42.90
N ILE O 454 -23.92 44.36 -43.31
CA ILE O 454 -24.27 44.83 -44.64
C ILE O 454 -24.62 46.31 -44.56
N ILE O 455 -24.18 47.08 -45.55
CA ILE O 455 -24.37 48.52 -45.59
C ILE O 455 -25.23 48.88 -46.79
N LYS O 456 -26.13 49.84 -46.61
CA LYS O 456 -26.96 50.37 -47.68
C LYS O 456 -26.76 51.88 -47.77
N ARG O 457 -27.26 52.48 -48.85
CA ARG O 457 -27.02 53.90 -49.08
C ARG O 457 -28.27 54.78 -49.08
N LEU O 458 -29.49 54.21 -49.11
CA LEU O 458 -30.67 55.01 -48.77
C LEU O 458 -30.80 56.31 -49.55
N PRO O 459 -31.41 56.29 -50.74
CA PRO O 459 -31.13 57.29 -51.78
C PRO O 459 -30.81 58.72 -51.35
N HIS O 460 -31.28 59.20 -50.21
CA HIS O 460 -30.80 60.49 -49.73
C HIS O 460 -29.49 60.35 -48.96
N GLY O 461 -28.54 59.61 -49.52
CA GLY O 461 -27.18 59.48 -49.00
C GLY O 461 -26.99 59.15 -47.53
N ALA O 462 -27.71 58.17 -47.00
CA ALA O 462 -27.54 57.76 -45.61
C ALA O 462 -27.10 56.31 -45.55
N TYR O 463 -26.26 56.00 -44.58
CA TYR O 463 -25.71 54.66 -44.43
C TYR O 463 -26.33 53.99 -43.20
N ILE O 464 -26.98 52.84 -43.42
CA ILE O 464 -27.52 52.02 -42.34
C ILE O 464 -26.87 50.65 -42.44
N GLU O 465 -27.12 49.82 -41.43
CA GLU O 465 -26.33 48.60 -41.28
C GLU O 465 -27.14 47.32 -41.13
N LEU O 466 -28.46 47.37 -41.32
CA LEU O 466 -29.28 46.16 -41.53
C LEU O 466 -29.13 45.16 -40.37
N HIS O 467 -29.63 45.57 -39.21
CA HIS O 467 -29.70 44.64 -38.09
C HIS O 467 -30.72 43.55 -38.36
N GLN O 468 -30.73 42.54 -37.49
CA GLN O 468 -31.61 41.38 -37.66
C GLN O 468 -32.25 41.06 -36.31
N PRO O 469 -33.56 41.17 -36.18
CA PRO O 469 -34.19 41.04 -34.86
C PRO O 469 -34.23 39.60 -34.38
N LEU O 470 -34.24 39.46 -33.06
CA LEU O 470 -34.32 38.16 -32.40
C LEU O 470 -35.73 37.81 -31.93
N GLY O 471 -36.69 38.72 -32.05
CA GLY O 471 -38.03 38.47 -31.62
C GLY O 471 -39.06 39.18 -32.46
N PRO O 472 -40.14 39.63 -31.85
CA PRO O 472 -41.19 40.34 -32.58
C PRO O 472 -40.76 41.76 -32.93
N VAL O 473 -41.55 42.40 -33.79
CA VAL O 473 -41.25 43.72 -34.29
C VAL O 473 -42.49 44.60 -34.11
N ASP O 474 -42.28 45.91 -34.07
CA ASP O 474 -43.37 46.85 -33.88
C ASP O 474 -43.95 47.25 -35.24
N GLU O 475 -44.74 48.33 -35.24
CA GLU O 475 -45.41 48.75 -36.47
C GLU O 475 -44.43 49.29 -37.51
N HIS O 476 -43.38 49.99 -37.09
CA HIS O 476 -42.48 50.66 -38.03
C HIS O 476 -41.18 49.89 -38.25
N GLY O 477 -41.15 48.60 -37.94
CA GLY O 477 -40.04 47.75 -38.29
C GLY O 477 -38.97 47.58 -37.23
N HIS O 478 -38.95 48.42 -36.20
CA HIS O 478 -37.94 48.27 -35.16
C HIS O 478 -38.34 47.15 -34.21
N PRO O 479 -37.40 46.32 -33.78
CA PRO O 479 -37.74 45.24 -32.85
C PRO O 479 -38.01 45.78 -31.45
N ILE O 480 -38.91 45.10 -30.75
CA ILE O 480 -39.23 45.42 -29.37
C ILE O 480 -38.15 44.78 -28.49
N PRO O 481 -37.58 45.52 -27.54
CA PRO O 481 -36.45 44.98 -26.77
C PRO O 481 -36.84 43.79 -25.92
N LEU O 482 -35.94 42.82 -25.84
CA LEU O 482 -36.11 41.62 -25.04
C LEU O 482 -35.63 41.87 -23.62
N GLN O 483 -35.82 40.87 -22.76
CA GLN O 483 -35.32 40.91 -21.40
C GLN O 483 -34.21 39.87 -21.24
N TYR O 484 -33.21 40.21 -20.44
CA TYR O 484 -32.10 39.31 -20.22
C TYR O 484 -32.52 38.14 -19.34
N GLN O 485 -32.05 36.94 -19.69
CA GLN O 485 -32.46 35.73 -18.98
C GLN O 485 -31.27 34.87 -18.57
N GLY O 486 -30.08 35.46 -18.45
CA GLY O 486 -28.92 34.71 -18.00
C GLY O 486 -28.35 33.74 -19.01
N ALA O 487 -28.76 33.80 -20.26
CA ALA O 487 -28.28 32.87 -21.26
C ALA O 487 -27.48 33.61 -22.33
N PRO O 488 -26.50 32.95 -22.96
CA PRO O 488 -25.70 33.63 -23.97
C PRO O 488 -26.52 33.97 -25.21
N LEU O 489 -26.10 35.02 -25.90
CA LEU O 489 -26.77 35.55 -27.07
C LEU O 489 -25.86 35.44 -28.30
N PRO O 490 -26.44 35.19 -29.47
CA PRO O 490 -25.61 35.10 -30.68
C PRO O 490 -25.12 36.46 -31.11
N LYS O 491 -23.92 36.48 -31.69
CA LYS O 491 -23.30 37.70 -32.18
C LYS O 491 -22.92 37.66 -33.64
N ARG O 492 -22.80 36.47 -34.24
CA ARG O 492 -22.45 36.33 -35.64
C ARG O 492 -23.65 35.76 -36.39
N MET O 493 -23.89 36.28 -37.59
CA MET O 493 -25.07 35.86 -38.34
C MET O 493 -24.95 34.42 -38.82
N ASN O 494 -23.74 33.92 -39.02
CA ASN O 494 -23.56 32.56 -39.51
C ASN O 494 -23.77 31.50 -38.44
N LYS O 495 -23.72 31.88 -37.16
CA LYS O 495 -24.00 30.92 -36.11
C LYS O 495 -25.47 30.57 -36.07
N LEU O 496 -26.34 31.57 -36.23
CA LEU O 496 -27.70 31.30 -36.70
C LEU O 496 -27.63 30.76 -38.10
N GLY O 497 -28.56 29.87 -38.46
CA GLY O 497 -28.51 29.39 -39.81
C GLY O 497 -28.80 30.51 -40.79
N SER O 498 -27.75 31.03 -41.42
CA SER O 498 -27.87 32.11 -42.39
C SER O 498 -27.26 31.77 -43.73
N ALA O 499 -26.04 31.26 -43.72
CA ALA O 499 -25.36 30.79 -44.93
C ALA O 499 -24.83 29.40 -44.63
N GLY O 500 -25.52 28.39 -45.12
CA GLY O 500 -25.16 27.02 -44.85
C GLY O 500 -25.53 26.17 -46.03
N SER O 501 -25.67 24.87 -45.77
CA SER O 501 -26.09 23.92 -46.77
C SER O 501 -25.09 23.84 -47.93
N PRO O 502 -23.89 23.27 -47.71
CA PRO O 502 -22.99 23.03 -48.85
C PRO O 502 -23.49 21.87 -49.70
N GLY O 503 -22.76 21.52 -50.75
CA GLY O 503 -23.11 20.35 -51.53
C GLY O 503 -23.06 19.08 -50.70
N SER O 504 -23.62 18.02 -51.25
CA SER O 504 -23.70 16.74 -50.55
C SER O 504 -22.92 15.66 -51.28
N GLY O 505 -21.74 16.01 -51.79
CA GLY O 505 -20.86 15.03 -52.40
C GLY O 505 -20.12 14.26 -51.35
N SER O 506 -18.89 13.86 -51.65
CA SER O 506 -18.01 13.27 -50.65
C SER O 506 -16.83 14.19 -50.36
N PHE O 507 -15.93 14.36 -51.32
CA PHE O 507 -15.09 15.56 -51.39
C PHE O 507 -14.82 16.02 -52.81
N LEU O 508 -14.89 15.14 -53.80
CA LEU O 508 -14.54 15.49 -55.17
C LEU O 508 -15.60 15.12 -56.19
N PHE O 509 -16.61 14.34 -55.80
CA PHE O 509 -17.66 13.92 -56.72
C PHE O 509 -19.01 14.18 -56.07
N ALA O 510 -19.92 14.78 -56.82
CA ALA O 510 -21.21 15.17 -56.29
C ALA O 510 -22.16 13.97 -56.23
N ASP O 511 -23.15 14.08 -55.36
CA ASP O 511 -24.23 13.12 -55.28
C ASP O 511 -25.38 13.55 -56.19
N SER O 512 -26.45 12.75 -56.22
CA SER O 512 -27.61 13.11 -56.99
C SER O 512 -28.34 14.29 -56.34
N ALA O 513 -29.23 14.91 -57.12
CA ALA O 513 -29.99 16.04 -56.60
C ALA O 513 -31.10 15.60 -55.66
N ALA O 514 -31.70 14.45 -55.94
CA ALA O 514 -32.77 13.94 -55.08
C ALA O 514 -32.24 13.64 -53.69
N GLU O 515 -31.08 12.98 -53.60
CA GLU O 515 -30.48 12.70 -52.31
C GLU O 515 -30.18 13.97 -51.54
N ASP O 516 -29.62 14.96 -52.23
CA ASP O 516 -29.28 16.23 -51.58
C ASP O 516 -30.52 16.91 -51.03
N ALA O 517 -31.57 17.00 -51.85
CA ALA O 517 -32.81 17.65 -51.42
C ALA O 517 -33.42 16.91 -50.23
N ALA O 518 -33.51 15.59 -50.31
CA ALA O 518 -34.11 14.81 -49.24
C ALA O 518 -33.35 14.98 -47.93
N LEU O 519 -32.02 14.86 -47.98
CA LEU O 519 -31.24 14.97 -46.77
C LEU O 519 -31.35 16.37 -46.17
N ARG O 520 -31.21 17.41 -47.01
CA ARG O 520 -31.35 18.77 -46.50
C ARG O 520 -32.70 18.99 -45.85
N GLU O 521 -33.76 18.46 -46.46
CA GLU O 521 -35.11 18.78 -46.03
C GLU O 521 -35.43 18.06 -44.72
N ALA O 522 -35.02 16.79 -44.61
CA ALA O 522 -35.23 16.06 -43.37
C ALA O 522 -34.39 16.64 -42.24
N GLY O 523 -33.16 17.09 -42.53
CA GLY O 523 -32.36 17.73 -41.51
C GLY O 523 -33.01 18.99 -40.98
N HIS O 524 -33.50 19.83 -41.89
CA HIS O 524 -34.21 21.04 -41.47
C HIS O 524 -35.40 20.70 -40.59
N ALA O 525 -36.19 19.70 -41.00
CA ALA O 525 -37.37 19.33 -40.23
C ALA O 525 -37.00 18.88 -38.83
N ALA O 526 -35.95 18.06 -38.70
CA ALA O 526 -35.57 17.54 -37.38
C ALA O 526 -35.06 18.67 -36.48
N GLU O 527 -34.29 19.59 -37.04
CA GLU O 527 -33.85 20.76 -36.26
C GLU O 527 -35.05 21.54 -35.74
N GLN O 528 -36.00 21.87 -36.62
CA GLN O 528 -37.16 22.63 -36.19
C GLN O 528 -37.94 21.89 -35.11
N ARG O 529 -38.06 20.57 -35.25
CA ARG O 529 -38.82 19.80 -34.25
C ARG O 529 -38.12 19.79 -32.89
N ALA O 530 -36.79 19.64 -32.88
CA ALA O 530 -36.06 19.73 -31.61
C ALA O 530 -36.30 21.07 -30.94
N LEU O 531 -36.14 22.16 -31.69
CA LEU O 531 -36.40 23.48 -31.13
C LEU O 531 -37.81 23.61 -30.56
N ALA O 532 -38.83 23.25 -31.35
CA ALA O 532 -40.21 23.44 -30.92
C ALA O 532 -40.56 22.55 -29.75
N ALA O 533 -39.92 21.39 -29.65
CA ALA O 533 -40.18 20.50 -28.53
C ALA O 533 -39.59 21.05 -27.24
N LEU O 534 -38.35 21.55 -27.29
CA LEU O 534 -37.74 22.00 -26.04
C LEU O 534 -38.31 23.32 -25.55
N ARG O 535 -38.73 24.20 -26.47
CA ARG O 535 -39.43 25.40 -26.02
C ARG O 535 -40.66 25.06 -25.18
N GLU O 536 -41.54 24.22 -25.70
CA GLU O 536 -42.90 24.05 -25.21
C GLU O 536 -42.96 23.49 -23.79
N HIS O 537 -41.99 22.65 -23.42
CA HIS O 537 -42.00 22.06 -22.08
C HIS O 537 -41.86 23.15 -21.01
N ASP P 50 -51.41 -0.91 -12.75
CA ASP P 50 -51.70 -1.63 -13.98
C ASP P 50 -52.53 -2.89 -13.82
N GLU P 51 -52.08 -3.97 -14.46
CA GLU P 51 -52.89 -5.15 -14.65
C GLU P 51 -51.98 -6.32 -15.03
N ALA P 52 -52.60 -7.45 -15.37
CA ALA P 52 -51.88 -8.54 -16.01
C ALA P 52 -51.72 -8.30 -17.50
N ALA P 53 -52.57 -7.45 -18.08
CA ALA P 53 -52.56 -7.18 -19.51
C ALA P 53 -51.45 -6.19 -19.86
N LEU P 54 -50.47 -6.02 -18.97
CA LEU P 54 -49.27 -5.27 -19.31
C LEU P 54 -48.58 -5.81 -20.56
N ALA P 55 -48.78 -7.08 -20.88
CA ALA P 55 -48.31 -7.60 -22.14
C ALA P 55 -49.13 -7.03 -23.29
N ALA P 56 -48.80 -7.48 -24.51
CA ALA P 56 -49.40 -6.96 -25.74
C ALA P 56 -49.16 -5.45 -25.90
N MET P 57 -48.31 -4.88 -25.05
CA MET P 57 -47.92 -3.48 -25.11
C MET P 57 -46.60 -3.37 -25.85
N SER P 58 -46.50 -2.40 -26.74
CA SER P 58 -45.33 -2.29 -27.60
C SER P 58 -44.13 -1.74 -26.82
N ASN P 59 -43.02 -1.58 -27.53
CA ASN P 59 -41.78 -1.18 -26.88
C ASN P 59 -41.84 0.26 -26.36
N GLN P 60 -42.41 1.16 -27.15
CA GLN P 60 -42.35 2.58 -26.83
C GLN P 60 -43.25 2.92 -25.65
N GLU P 61 -44.42 2.27 -25.54
CA GLU P 61 -45.25 2.52 -24.37
C GLU P 61 -44.57 2.02 -23.11
N LEU P 62 -43.88 0.88 -23.19
CA LEU P 62 -43.13 0.40 -22.03
C LEU P 62 -42.02 1.37 -21.65
N LEU P 63 -41.32 1.91 -22.65
CA LEU P 63 -40.23 2.83 -22.36
C LEU P 63 -40.75 4.12 -21.75
N ALA P 64 -41.84 4.67 -22.27
CA ALA P 64 -42.41 5.87 -21.68
C ALA P 64 -42.95 5.60 -20.28
N LEU P 65 -43.49 4.40 -20.06
CA LEU P 65 -43.96 4.04 -18.73
C LEU P 65 -42.82 4.01 -17.72
N GLY P 66 -41.72 3.36 -18.08
CA GLY P 66 -40.55 3.37 -17.22
C GLY P 66 -40.05 4.77 -16.95
N GLY P 67 -39.96 5.59 -18.01
CA GLY P 67 -39.54 6.97 -17.83
C GLY P 67 -40.42 7.73 -16.85
N LYS P 68 -41.74 7.62 -17.01
CA LYS P 68 -42.62 8.33 -16.09
C LYS P 68 -42.55 7.77 -14.68
N LEU P 69 -42.33 6.45 -14.51
CA LEU P 69 -42.03 5.90 -13.20
C LEU P 69 -40.77 6.50 -12.58
N ASP P 70 -39.76 6.83 -13.39
CA ASP P 70 -38.55 7.43 -12.86
C ASP P 70 -38.59 8.96 -12.79
N GLY P 71 -39.55 9.59 -13.45
CA GLY P 71 -39.59 11.03 -13.52
C GLY P 71 -38.92 11.62 -14.74
N VAL P 72 -38.43 10.78 -15.64
CA VAL P 72 -37.78 11.22 -16.86
C VAL P 72 -38.82 11.32 -17.97
N ARG P 73 -38.72 12.36 -18.78
CA ARG P 73 -39.64 12.59 -19.90
C ARG P 73 -38.81 12.91 -21.13
N ILE P 74 -38.45 11.88 -21.89
CA ILE P 74 -37.60 12.06 -23.07
C ILE P 74 -38.43 12.74 -24.16
N ALA P 75 -37.97 13.90 -24.60
CA ALA P 75 -38.58 14.59 -25.73
C ALA P 75 -37.62 14.60 -26.90
N TYR P 76 -38.18 14.54 -28.11
CA TYR P 76 -37.40 14.65 -29.35
C TYR P 76 -36.33 13.56 -29.43
N LYS P 77 -36.79 12.34 -29.68
CA LYS P 77 -35.89 11.28 -30.13
C LYS P 77 -36.02 11.14 -31.65
N GLU P 78 -34.87 11.11 -32.33
CA GLU P 78 -34.79 11.13 -33.80
C GLU P 78 -33.69 10.24 -34.35
N PRO P 79 -34.02 9.28 -35.24
CA PRO P 79 -32.96 8.59 -35.99
C PRO P 79 -32.07 9.55 -36.78
N ARG P 80 -30.93 9.06 -37.25
CA ARG P 80 -29.99 9.90 -37.98
C ARG P 80 -30.17 9.83 -39.49
N TRP P 81 -30.61 8.68 -40.01
CA TRP P 81 -30.76 8.46 -41.44
C TRP P 81 -32.21 8.07 -41.71
N PRO P 82 -33.10 9.04 -41.87
CA PRO P 82 -34.50 8.72 -42.18
C PRO P 82 -34.69 8.06 -43.53
N VAL P 83 -34.02 8.58 -44.55
CA VAL P 83 -34.03 7.92 -45.86
C VAL P 83 -33.28 6.60 -45.76
N GLU P 84 -33.52 5.70 -46.72
CA GLU P 84 -32.90 4.39 -46.66
C GLU P 84 -31.45 4.51 -47.10
N GLY P 85 -30.83 3.38 -47.44
CA GLY P 85 -29.48 3.38 -47.97
C GLY P 85 -29.22 4.49 -48.97
N THR P 86 -28.24 5.32 -48.67
CA THR P 86 -27.76 6.36 -49.57
C THR P 86 -26.25 6.19 -49.65
N LYS P 87 -25.60 7.03 -50.45
CA LYS P 87 -24.14 6.97 -50.48
C LYS P 87 -23.52 7.68 -49.28
N ALA P 88 -24.22 8.69 -48.74
CA ALA P 88 -23.69 9.37 -47.56
C ALA P 88 -23.60 8.43 -46.37
N GLU P 89 -24.59 7.55 -46.20
CA GLU P 89 -24.57 6.61 -45.10
C GLU P 89 -23.43 5.62 -45.24
N LYS P 90 -23.22 5.10 -46.46
CA LYS P 90 -22.11 4.18 -46.69
C LYS P 90 -20.78 4.86 -46.44
N ARG P 91 -20.65 6.12 -46.88
CA ARG P 91 -19.41 6.86 -46.64
C ARG P 91 -19.16 7.06 -45.16
N ALA P 92 -20.18 7.43 -44.40
CA ALA P 92 -19.99 7.63 -42.97
C ALA P 92 -19.61 6.32 -42.29
N GLU P 93 -20.24 5.21 -42.68
CA GLU P 93 -19.88 3.92 -42.11
C GLU P 93 -18.44 3.55 -42.43
N ARG P 94 -18.01 3.76 -43.67
CA ARG P 94 -16.64 3.43 -44.05
C ARG P 94 -15.63 4.28 -43.30
N SER P 95 -15.95 5.57 -43.12
CA SER P 95 -15.06 6.46 -42.38
C SER P 95 -14.97 6.04 -40.91
N VAL P 96 -16.09 5.64 -40.31
CA VAL P 96 -16.02 5.18 -38.93
C VAL P 96 -15.21 3.89 -38.83
N ALA P 97 -15.24 3.05 -39.86
CA ALA P 97 -14.56 1.77 -39.78
C ALA P 97 -13.05 1.88 -39.96
N VAL P 98 -12.59 2.78 -40.84
CA VAL P 98 -11.16 2.84 -41.11
C VAL P 98 -10.36 3.25 -39.88
N TRP P 99 -10.96 4.06 -39.00
CA TRP P 99 -10.25 4.45 -37.78
C TRP P 99 -9.99 3.26 -36.88
N LEU P 100 -11.01 2.42 -36.68
CA LEU P 100 -10.81 1.23 -35.86
C LEU P 100 -9.85 0.25 -36.52
N LEU P 101 -9.87 0.16 -37.85
CA LEU P 101 -8.87 -0.66 -38.53
C LEU P 101 -7.46 -0.15 -38.23
N LEU P 102 -7.26 1.16 -38.30
CA LEU P 102 -5.94 1.72 -37.99
C LEU P 102 -5.54 1.42 -36.56
N GLY P 103 -6.48 1.55 -35.63
CA GLY P 103 -6.17 1.26 -34.23
C GLY P 103 -5.71 -0.17 -34.03
N GLY P 104 -6.42 -1.12 -34.63
CA GLY P 104 -6.01 -2.52 -34.50
C GLY P 104 -4.67 -2.79 -35.16
N VAL P 105 -4.46 -2.24 -36.36
CA VAL P 105 -3.21 -2.45 -37.07
C VAL P 105 -2.03 -1.97 -36.23
N PHE P 106 -2.16 -0.80 -35.61
CA PHE P 106 -1.02 -0.30 -34.85
C PHE P 106 -0.93 -0.87 -33.45
N GLY P 107 -2.00 -1.47 -32.90
CA GLY P 107 -1.82 -2.31 -31.74
C GLY P 107 -0.98 -3.54 -32.06
N LEU P 108 -1.25 -4.18 -33.20
CA LEU P 108 -0.40 -5.27 -33.65
C LEU P 108 1.04 -4.80 -33.85
N ALA P 109 1.20 -3.59 -34.42
CA ALA P 109 2.54 -3.04 -34.58
C ALA P 109 3.23 -2.85 -33.24
N LEU P 110 2.48 -2.41 -32.22
CA LEU P 110 3.03 -2.32 -30.88
C LEU P 110 3.56 -3.66 -30.40
N LEU P 111 2.75 -4.71 -30.56
CA LEU P 111 3.19 -6.04 -30.13
C LEU P 111 4.48 -6.44 -30.83
N LEU P 112 4.52 -6.28 -32.15
CA LEU P 112 5.71 -6.69 -32.90
C LEU P 112 6.94 -5.88 -32.50
N ILE P 113 6.78 -4.56 -32.32
CA ILE P 113 7.90 -3.73 -31.92
C ILE P 113 8.42 -4.13 -30.55
N PHE P 114 7.51 -4.34 -29.60
CA PHE P 114 7.94 -4.76 -28.27
C PHE P 114 8.68 -6.08 -28.31
N LEU P 115 8.28 -6.99 -29.20
CA LEU P 115 8.93 -8.30 -29.21
C LEU P 115 10.28 -8.28 -29.91
N PHE P 116 10.39 -7.60 -31.06
CA PHE P 116 11.55 -7.77 -31.92
C PHE P 116 12.37 -6.50 -32.12
N TRP P 117 12.45 -5.64 -31.14
CA TRP P 117 13.26 -4.46 -31.40
C TRP P 117 14.50 -4.46 -30.51
N PRO P 118 15.66 -4.02 -31.04
CA PRO P 118 16.87 -3.92 -30.20
C PRO P 118 16.71 -2.90 -29.10
N TRP P 119 16.69 -3.35 -27.84
CA TRP P 119 16.35 -2.49 -26.72
C TRP P 119 17.47 -2.27 -25.72
N GLU P 120 18.51 -3.09 -25.73
CA GLU P 120 19.54 -2.99 -24.70
C GLU P 120 20.34 -1.71 -24.83
N PHE P 121 20.88 -1.26 -23.70
CA PHE P 121 21.73 -0.08 -23.68
C PHE P 121 23.00 -0.35 -24.46
N LYS P 122 23.25 0.45 -25.50
CA LYS P 122 24.42 0.28 -26.35
C LYS P 122 25.26 1.54 -26.46
N ALA P 123 24.96 2.56 -25.65
CA ALA P 123 25.53 3.88 -25.90
C ALA P 123 27.05 3.87 -25.75
N ALA P 124 27.71 4.55 -26.67
CA ALA P 124 29.14 4.78 -26.69
C ALA P 124 29.38 5.87 -27.73
N ASP P 125 30.63 6.13 -28.04
CA ASP P 125 30.95 7.03 -29.13
C ASP P 125 31.63 6.32 -30.29
N GLY P 126 31.86 5.01 -30.19
CA GLY P 126 32.40 4.25 -31.31
C GLY P 126 31.31 3.72 -32.22
N GLU P 127 30.40 2.93 -31.65
CA GLU P 127 29.23 2.44 -32.36
C GLU P 127 28.07 3.34 -31.98
N SER P 128 27.85 4.39 -32.79
CA SER P 128 26.69 5.24 -32.60
C SER P 128 25.45 4.45 -32.94
N ASP P 129 24.69 4.07 -31.90
CA ASP P 129 23.61 3.11 -32.05
C ASP P 129 22.42 3.70 -32.81
N PHE P 130 21.77 4.70 -32.22
CA PHE P 130 20.66 5.42 -32.84
C PHE P 130 19.44 4.51 -33.03
N ILE P 131 19.60 3.22 -32.76
CA ILE P 131 18.52 2.26 -32.84
C ILE P 131 18.02 2.08 -31.42
N TYR P 132 18.94 2.15 -30.47
CA TYR P 132 18.55 2.14 -29.06
C TYR P 132 17.89 3.45 -28.66
N SER P 133 18.32 4.56 -29.25
CA SER P 133 17.70 5.84 -28.91
C SER P 133 16.28 5.97 -29.46
N LEU P 134 15.84 5.05 -30.29
CA LEU P 134 14.49 5.05 -30.84
C LEU P 134 13.59 3.98 -30.24
N THR P 135 13.99 3.38 -29.11
CA THR P 135 13.24 2.22 -28.63
C THR P 135 12.02 2.64 -27.81
N THR P 136 12.13 3.69 -27.00
CA THR P 136 11.01 4.16 -26.20
C THR P 136 10.05 5.01 -27.04
N PRO P 137 10.55 5.93 -27.87
CA PRO P 137 9.64 6.64 -28.79
C PRO P 137 8.74 5.73 -29.59
N LEU P 138 9.23 4.57 -30.03
CA LEU P 138 8.39 3.67 -30.80
C LEU P 138 7.30 3.04 -29.94
N TYR P 139 7.64 2.63 -28.72
CA TYR P 139 6.63 2.13 -27.80
C TYR P 139 5.50 3.14 -27.63
N GLY P 140 5.87 4.38 -27.31
CA GLY P 140 4.85 5.41 -27.12
C GLY P 140 4.05 5.66 -28.38
N LEU P 141 4.74 5.81 -29.51
CA LEU P 141 4.09 6.15 -30.76
C LEU P 141 3.09 5.08 -31.20
N THR P 142 3.38 3.81 -30.93
CA THR P 142 2.42 2.78 -31.31
C THR P 142 1.28 2.68 -30.31
N PHE P 143 1.60 2.62 -29.03
CA PHE P 143 0.57 2.44 -28.00
C PHE P 143 -0.44 3.58 -28.02
N GLY P 144 0.05 4.82 -27.85
CA GLY P 144 -0.86 5.95 -27.78
C GLY P 144 -1.67 6.13 -29.04
N LEU P 145 -1.05 5.92 -30.20
CA LEU P 145 -1.77 6.16 -31.44
C LEU P 145 -2.85 5.11 -31.66
N SER P 146 -2.57 3.84 -31.32
CA SER P 146 -3.60 2.83 -31.42
C SER P 146 -4.82 3.18 -30.56
N ILE P 147 -4.58 3.50 -29.29
CA ILE P 147 -5.74 3.74 -28.43
C ILE P 147 -6.44 5.05 -28.81
N LEU P 148 -5.70 6.04 -29.31
CA LEU P 148 -6.33 7.26 -29.81
C LEU P 148 -7.23 6.98 -31.00
N SER P 149 -6.77 6.14 -31.93
CA SER P 149 -7.61 5.81 -33.08
C SER P 149 -8.89 5.12 -32.64
N ILE P 150 -8.79 4.23 -31.66
CA ILE P 150 -10.00 3.58 -31.16
C ILE P 150 -10.96 4.62 -30.57
N ALA P 151 -10.43 5.56 -29.78
CA ALA P 151 -11.29 6.57 -29.17
C ALA P 151 -11.96 7.44 -30.23
N ILE P 152 -11.23 7.82 -31.27
CA ILE P 152 -11.79 8.69 -32.30
C ILE P 152 -12.87 7.96 -33.07
N GLY P 153 -12.65 6.69 -33.38
CA GLY P 153 -13.70 5.91 -34.02
C GLY P 153 -14.96 5.84 -33.18
N ALA P 154 -14.80 5.66 -31.87
CA ALA P 154 -15.97 5.60 -31.00
C ALA P 154 -16.71 6.94 -30.98
N VAL P 155 -15.98 8.05 -30.87
CA VAL P 155 -16.64 9.36 -30.87
C VAL P 155 -17.40 9.58 -32.17
N LEU P 156 -16.79 9.22 -33.31
CA LEU P 156 -17.48 9.40 -34.57
C LEU P 156 -18.75 8.56 -34.64
N TYR P 157 -18.67 7.31 -34.16
CA TYR P 157 -19.84 6.46 -34.16
C TYR P 157 -20.96 7.07 -33.33
N GLN P 158 -20.62 7.60 -32.16
CA GLN P 158 -21.66 8.23 -31.34
C GLN P 158 -22.23 9.47 -32.00
N LYS P 159 -21.40 10.23 -32.71
CA LYS P 159 -21.85 11.48 -33.30
C LYS P 159 -22.67 11.27 -34.56
N ARG P 160 -22.54 10.13 -35.24
CA ARG P 160 -23.19 9.98 -36.54
C ARG P 160 -24.15 8.81 -36.66
N PHE P 161 -24.27 7.95 -35.67
CA PHE P 161 -25.20 6.84 -35.83
C PHE P 161 -26.19 6.71 -34.68
N ILE P 162 -25.78 7.00 -33.46
CA ILE P 162 -26.69 6.89 -32.32
C ILE P 162 -27.69 8.04 -32.36
N PRO P 163 -28.98 7.80 -32.18
CA PRO P 163 -29.98 8.87 -32.32
C PRO P 163 -29.76 10.00 -31.33
N GLU P 164 -30.26 11.17 -31.72
CA GLU P 164 -30.17 12.39 -30.92
C GLU P 164 -31.38 12.50 -30.00
N GLU P 165 -31.14 12.90 -28.75
CA GLU P 165 -32.20 12.90 -27.75
C GLU P 165 -32.06 14.07 -26.80
N ILE P 166 -33.15 14.36 -26.11
CA ILE P 166 -33.21 15.34 -25.03
C ILE P 166 -34.09 14.76 -23.94
N SER P 167 -33.70 14.95 -22.68
CA SER P 167 -34.45 14.38 -21.56
C SER P 167 -34.54 15.40 -20.43
N ILE P 168 -35.47 15.15 -19.51
CA ILE P 168 -35.74 16.04 -18.38
C ILE P 168 -36.00 15.18 -17.16
N GLN P 169 -35.46 15.59 -16.00
CA GLN P 169 -35.16 14.67 -14.91
C GLN P 169 -35.98 14.84 -13.63
N GLU P 170 -36.62 15.98 -13.40
CA GLU P 170 -37.48 16.14 -12.22
C GLU P 170 -36.67 16.03 -10.93
N ARG P 171 -35.85 17.06 -10.69
CA ARG P 171 -34.90 17.09 -9.57
C ARG P 171 -35.43 16.55 -8.25
N HIS P 172 -36.52 17.12 -7.74
CA HIS P 172 -37.07 16.80 -6.42
C HIS P 172 -36.04 17.08 -5.31
N ASP P 173 -35.64 18.35 -5.21
CA ASP P 173 -34.63 18.73 -4.23
C ASP P 173 -35.30 19.26 -2.96
N GLY P 174 -34.51 19.85 -2.07
CA GLY P 174 -35.03 20.50 -0.89
C GLY P 174 -35.12 19.58 0.31
N ALA P 175 -35.86 20.05 1.31
CA ALA P 175 -36.08 19.25 2.51
C ALA P 175 -36.95 18.05 2.20
N SER P 176 -36.93 17.08 3.11
CA SER P 176 -37.75 15.90 2.93
C SER P 176 -39.22 16.22 3.19
N ARG P 177 -40.08 15.30 2.76
CA ARG P 177 -41.48 15.37 3.15
C ARG P 177 -41.57 15.26 4.67
N GLU P 178 -42.51 16.02 5.25
CA GLU P 178 -42.62 16.06 6.70
C GLU P 178 -42.84 14.67 7.29
N ILE P 179 -43.45 13.77 6.51
CA ILE P 179 -43.72 12.42 6.99
C ILE P 179 -42.43 11.77 7.48
N ASP P 180 -41.42 11.76 6.61
CA ASP P 180 -40.18 11.06 6.92
C ASP P 180 -39.42 11.75 8.05
N ARG P 181 -39.39 13.07 8.05
CA ARG P 181 -38.70 13.81 9.10
C ARG P 181 -39.29 13.48 10.46
N LYS P 182 -40.61 13.59 10.58
CA LYS P 182 -41.24 13.32 11.87
C LYS P 182 -41.04 11.88 12.29
N THR P 183 -41.16 10.93 11.36
CA THR P 183 -41.02 9.53 11.76
C THR P 183 -39.60 9.21 12.20
N VAL P 184 -38.59 9.70 11.48
CA VAL P 184 -37.21 9.36 11.84
C VAL P 184 -36.81 10.05 13.14
N VAL P 185 -37.28 11.28 13.35
CA VAL P 185 -36.95 11.95 14.61
C VAL P 185 -37.64 11.27 15.77
N ALA P 186 -38.85 10.75 15.56
CA ALA P 186 -39.51 10.00 16.63
C ALA P 186 -38.77 8.71 16.94
N ASN P 187 -38.30 8.02 15.90
CA ASN P 187 -37.52 6.80 16.11
C ASN P 187 -36.26 7.09 16.94
N LEU P 188 -35.51 8.12 16.55
CA LEU P 188 -34.29 8.47 17.28
C LEU P 188 -34.61 8.85 18.73
N THR P 189 -35.61 9.72 18.92
CA THR P 189 -35.94 10.16 20.27
C THR P 189 -36.43 9.01 21.14
N ASP P 190 -37.19 8.08 20.59
CA ASP P 190 -37.68 6.98 21.41
C ASP P 190 -36.56 6.01 21.74
N ALA P 191 -35.68 5.72 20.78
CA ALA P 191 -34.52 4.88 21.09
C ALA P 191 -33.65 5.51 22.17
N PHE P 192 -33.60 6.85 22.24
CA PHE P 192 -32.79 7.49 23.26
C PHE P 192 -33.49 7.54 24.62
N GLU P 193 -34.77 7.90 24.64
CA GLU P 193 -35.47 8.03 25.93
C GLU P 193 -35.79 6.67 26.54
N GLY P 194 -35.91 5.64 25.72
CA GLY P 194 -36.27 4.33 26.26
C GLY P 194 -35.17 3.69 27.08
N SER P 195 -33.92 3.97 26.72
CA SER P 195 -32.78 3.46 27.47
C SER P 195 -32.64 4.08 28.85
N THR P 196 -33.42 5.13 29.15
CA THR P 196 -33.43 5.79 30.46
C THR P 196 -32.07 6.37 30.83
N ILE P 197 -31.15 6.47 29.86
CA ILE P 197 -29.81 6.94 30.17
C ILE P 197 -29.81 8.39 30.60
N ARG P 198 -30.85 9.15 30.26
CA ARG P 198 -30.87 10.57 30.59
C ARG P 198 -30.92 10.79 32.11
N ARG P 199 -31.68 9.97 32.82
CA ARG P 199 -31.80 10.10 34.27
C ARG P 199 -30.80 9.22 35.02
N ARG P 200 -29.81 8.66 34.32
CA ARG P 200 -28.72 7.89 34.92
C ARG P 200 -27.44 8.71 34.78
N LYS P 201 -27.18 9.59 35.75
CA LYS P 201 -26.02 10.47 35.65
C LYS P 201 -24.71 9.73 35.88
N LEU P 202 -24.69 8.87 36.90
CA LEU P 202 -23.45 8.23 37.31
C LEU P 202 -22.90 7.32 36.21
N ILE P 203 -23.78 6.51 35.62
CA ILE P 203 -23.37 5.62 34.53
C ILE P 203 -22.80 6.44 33.38
N GLY P 204 -23.49 7.50 32.98
CA GLY P 204 -23.03 8.27 31.82
C GLY P 204 -21.68 8.92 32.07
N LEU P 205 -21.49 9.52 33.25
CA LEU P 205 -20.27 10.24 33.52
C LEU P 205 -19.09 9.29 33.69
N SER P 206 -19.30 8.16 34.38
CA SER P 206 -18.25 7.16 34.49
C SER P 206 -17.88 6.60 33.13
N PHE P 207 -18.88 6.38 32.28
CA PHE P 207 -18.62 5.91 30.93
C PHE P 207 -17.77 6.90 30.17
N GLY P 208 -18.11 8.19 30.26
CA GLY P 208 -17.34 9.21 29.59
C GLY P 208 -15.90 9.24 30.05
N VAL P 209 -15.68 9.26 31.36
CA VAL P 209 -14.31 9.34 31.87
C VAL P 209 -13.52 8.09 31.48
N GLY P 210 -14.16 6.92 31.53
CA GLY P 210 -13.47 5.70 31.15
C GLY P 210 -13.04 5.69 29.70
N MET P 211 -13.97 6.02 28.79
CA MET P 211 -13.61 6.06 27.37
C MET P 211 -12.54 7.11 27.10
N GLY P 212 -12.66 8.29 27.73
CA GLY P 212 -11.66 9.31 27.54
C GLY P 212 -10.28 8.88 27.98
N ALA P 213 -10.18 8.25 29.15
CA ALA P 213 -8.89 7.78 29.62
C ALA P 213 -8.32 6.70 28.71
N PHE P 214 -9.16 5.76 28.26
CA PHE P 214 -8.66 4.71 27.37
C PHE P 214 -8.13 5.31 26.08
N GLY P 215 -8.92 6.22 25.48
CA GLY P 215 -8.49 6.83 24.22
C GLY P 215 -7.20 7.61 24.37
N LEU P 216 -7.09 8.40 25.45
CA LEU P 216 -5.86 9.16 25.67
C LEU P 216 -4.66 8.25 25.83
N GLY P 217 -4.76 7.24 26.69
CA GLY P 217 -3.64 6.33 26.88
C GLY P 217 -3.25 5.63 25.58
N THR P 218 -4.26 5.18 24.82
CA THR P 218 -3.97 4.50 23.56
C THR P 218 -3.26 5.41 22.57
N LEU P 219 -3.74 6.64 22.42
CA LEU P 219 -3.11 7.53 21.44
C LEU P 219 -1.69 7.89 21.87
N VAL P 220 -1.48 8.11 23.16
CA VAL P 220 -0.13 8.40 23.64
C VAL P 220 0.80 7.23 23.37
N ALA P 221 0.33 6.00 23.61
CA ALA P 221 1.18 4.85 23.30
C ALA P 221 1.40 4.68 21.81
N PHE P 222 0.44 5.10 20.98
CA PHE P 222 0.62 5.00 19.54
C PHE P 222 1.66 5.97 19.04
N ALA P 223 1.61 7.22 19.48
CA ALA P 223 2.51 8.26 18.99
C ALA P 223 3.73 8.46 19.88
N GLY P 224 4.03 7.53 20.77
CA GLY P 224 5.14 7.70 21.69
C GLY P 224 6.44 7.07 21.27
N GLY P 225 6.41 6.17 20.29
CA GLY P 225 7.64 5.57 19.81
C GLY P 225 8.42 6.42 18.83
N LEU P 226 7.77 7.41 18.23
CA LEU P 226 8.40 8.28 17.26
C LEU P 226 9.15 9.44 17.89
N ILE P 227 8.77 9.87 19.08
CA ILE P 227 9.29 11.09 19.67
C ILE P 227 10.68 10.86 20.21
N LYS P 228 11.62 11.72 19.82
CA LYS P 228 13.00 11.65 20.28
C LYS P 228 13.42 13.02 20.78
N ASN P 229 14.36 13.02 21.73
CA ASN P 229 14.88 14.24 22.30
C ASN P 229 16.04 14.74 21.45
N PRO P 230 15.97 15.95 20.89
CA PRO P 230 17.06 16.43 20.05
C PRO P 230 18.30 16.86 20.81
N TRP P 231 18.22 17.01 22.13
CA TRP P 231 19.31 17.56 22.92
C TRP P 231 19.93 16.53 23.86
N LYS P 232 19.83 15.26 23.52
CA LYS P 232 20.56 14.42 24.46
C LYS P 232 22.02 14.28 24.01
N PRO P 233 22.96 14.41 24.95
CA PRO P 233 24.39 14.33 24.58
C PRO P 233 24.76 12.93 24.13
N VAL P 234 25.15 12.79 22.87
CA VAL P 234 25.49 11.48 22.32
C VAL P 234 26.82 11.51 21.58
N VAL P 235 27.33 12.70 21.29
CA VAL P 235 28.53 12.86 20.48
C VAL P 235 29.71 13.12 21.41
N PRO P 236 30.75 12.29 21.38
CA PRO P 236 31.87 12.48 22.31
C PRO P 236 32.86 13.52 21.78
N THR P 237 33.14 14.52 22.61
CA THR P 237 34.07 15.59 22.25
C THR P 237 35.09 15.80 23.36
N ALA P 238 35.87 16.88 23.27
CA ALA P 238 36.92 17.14 24.24
C ALA P 238 36.41 17.80 25.52
N GLU P 239 35.14 18.17 25.58
CA GLU P 239 34.60 18.68 26.83
C GLU P 239 33.38 17.85 27.24
N GLY P 240 33.47 16.54 27.09
CA GLY P 240 32.37 15.68 27.44
C GLY P 240 31.61 15.20 26.23
N LYS P 241 30.29 15.31 26.28
CA LYS P 241 29.43 14.90 25.19
C LYS P 241 28.43 16.01 24.89
N LYS P 242 28.21 16.25 23.60
CA LYS P 242 27.35 17.33 23.15
C LYS P 242 26.17 16.76 22.37
N ALA P 243 25.24 17.65 22.05
CA ALA P 243 24.14 17.30 21.16
C ALA P 243 24.63 17.31 19.71
N VAL P 244 23.90 16.58 18.86
CA VAL P 244 24.31 16.41 17.48
C VAL P 244 24.33 17.75 16.75
N LEU P 245 23.39 18.64 17.09
CA LEU P 245 23.20 19.86 16.33
C LEU P 245 24.24 20.92 16.64
N TRP P 246 25.25 20.61 17.45
CA TRP P 246 26.31 21.56 17.75
C TRP P 246 27.69 21.03 17.43
N THR P 247 27.84 19.75 17.14
CA THR P 247 29.08 19.18 16.66
C THR P 247 29.09 19.19 15.15
N SER P 248 30.29 19.13 14.58
CA SER P 248 30.44 19.36 13.14
C SER P 248 31.31 18.36 12.42
N GLY P 249 32.11 17.56 13.11
CA GLY P 249 33.16 16.80 12.46
C GLY P 249 34.48 17.53 12.40
N TRP P 250 34.46 18.85 12.44
CA TRP P 250 35.64 19.65 12.70
C TRP P 250 35.90 19.81 14.19
N THR P 251 35.11 19.18 15.03
CA THR P 251 35.23 19.33 16.47
C THR P 251 36.33 18.41 17.00
N PRO P 252 37.27 18.93 17.78
CA PRO P 252 38.35 18.08 18.30
C PRO P 252 37.81 17.06 19.29
N ARG P 253 38.49 15.92 19.38
CA ARG P 253 38.04 14.82 20.21
C ARG P 253 38.89 14.56 21.45
N TYR P 254 40.20 14.80 21.40
CA TYR P 254 41.03 14.53 22.57
C TYR P 254 42.01 15.68 22.82
N GLN P 255 41.53 16.91 22.70
CA GLN P 255 42.25 18.09 23.19
C GLN P 255 43.65 18.20 22.56
N GLY P 256 43.67 18.52 21.27
CA GLY P 256 44.91 18.79 20.59
C GLY P 256 45.21 17.86 19.44
N GLU P 257 44.19 17.24 18.87
CA GLU P 257 44.40 16.37 17.72
C GLU P 257 44.51 17.19 16.45
N THR P 258 45.26 16.66 15.49
CA THR P 258 45.50 17.33 14.22
C THR P 258 44.45 16.90 13.21
N ILE P 259 43.77 17.87 12.60
CA ILE P 259 42.74 17.64 11.60
C ILE P 259 43.18 18.34 10.33
N TYR P 260 43.55 17.57 9.31
CA TYR P 260 44.05 18.14 8.08
C TYR P 260 42.91 18.61 7.20
N LEU P 261 43.24 19.42 6.20
CA LEU P 261 42.29 19.86 5.19
C LEU P 261 42.53 19.00 3.94
N ALA P 262 41.90 17.84 3.92
CA ALA P 262 42.05 16.92 2.80
C ALA P 262 41.13 17.30 1.67
N ARG P 263 41.54 16.95 0.45
CA ARG P 263 40.74 17.21 -0.74
C ARG P 263 40.37 15.91 -1.43
N ALA P 264 39.26 15.93 -2.15
CA ALA P 264 38.76 14.75 -2.82
C ALA P 264 39.42 14.58 -4.19
N THR P 265 39.71 13.33 -4.54
CA THR P 265 40.38 13.02 -5.79
C THR P 265 39.48 12.33 -6.80
N GLY P 266 38.35 11.75 -6.38
CA GLY P 266 37.41 11.12 -7.28
C GLY P 266 37.75 9.72 -7.70
N THR P 267 38.80 9.13 -7.15
CA THR P 267 39.26 7.79 -7.50
C THR P 267 39.33 6.96 -6.23
N GLU P 268 39.32 5.64 -6.42
CA GLU P 268 39.29 4.72 -5.28
C GLU P 268 40.33 3.62 -5.35
N ASP P 269 41.55 3.92 -5.82
CA ASP P 269 42.63 2.94 -5.69
C ASP P 269 43.14 2.90 -4.26
N GLY P 270 43.76 4.00 -3.80
CA GLY P 270 43.95 4.18 -2.38
C GLY P 270 43.44 5.48 -1.78
N PRO P 271 43.70 6.61 -2.42
CA PRO P 271 43.26 7.89 -1.86
C PRO P 271 41.90 8.32 -2.36
N PRO P 272 40.92 8.47 -1.48
CA PRO P 272 39.81 9.39 -1.79
C PRO P 272 40.02 10.75 -1.14
N PHE P 273 41.03 10.85 -0.27
CA PHE P 273 41.35 12.09 0.43
C PHE P 273 42.85 12.18 0.59
N ILE P 274 43.43 13.33 0.24
CA ILE P 274 44.86 13.56 0.35
C ILE P 274 45.11 14.92 0.97
N LYS P 275 46.21 15.04 1.69
CA LYS P 275 46.57 16.30 2.33
C LYS P 275 46.86 17.37 1.29
N MET P 276 47.06 18.60 1.77
CA MET P 276 47.26 19.75 0.90
C MET P 276 48.39 20.61 1.44
N ARG P 277 49.06 21.30 0.53
CA ARG P 277 50.08 22.28 0.87
C ARG P 277 49.65 23.66 0.41
N PRO P 278 50.11 24.73 1.05
CA PRO P 278 49.67 26.07 0.67
C PRO P 278 50.03 26.47 -0.75
N GLU P 279 51.02 25.83 -1.37
CA GLU P 279 51.41 26.19 -2.73
C GLU P 279 50.60 25.49 -3.80
N ASP P 280 49.60 24.69 -3.43
CA ASP P 280 48.81 23.97 -4.42
C ASP P 280 47.57 24.76 -4.82
N MET P 281 47.75 26.03 -5.12
CA MET P 281 46.64 26.92 -5.39
C MET P 281 47.19 28.28 -5.82
N ASP P 282 46.54 28.89 -6.80
CA ASP P 282 46.91 30.23 -7.24
C ASP P 282 45.93 31.26 -6.71
N ALA P 283 46.24 32.53 -7.00
CA ALA P 283 45.57 33.66 -6.34
C ALA P 283 44.11 33.81 -6.76
N GLY P 284 43.64 32.98 -7.68
CA GLY P 284 42.26 33.07 -8.08
C GLY P 284 41.53 31.74 -8.04
N GLY P 285 41.89 30.89 -7.09
CA GLY P 285 41.35 29.55 -7.04
C GLY P 285 40.48 29.28 -5.83
N MET P 286 39.63 28.27 -5.94
CA MET P 286 38.79 27.82 -4.85
C MET P 286 38.83 26.30 -4.79
N GLU P 287 38.66 25.76 -3.58
CA GLU P 287 38.72 24.32 -3.42
C GLU P 287 37.88 23.91 -2.22
N THR P 288 37.21 22.77 -2.34
CA THR P 288 36.46 22.17 -1.26
C THR P 288 37.38 21.23 -0.50
N VAL P 289 37.28 21.24 0.84
CA VAL P 289 38.13 20.43 1.69
C VAL P 289 37.28 19.76 2.77
N PHE P 290 37.83 18.70 3.35
CA PHE P 290 37.15 17.91 4.36
C PHE P 290 38.09 17.62 5.52
N PRO P 291 37.56 17.31 6.70
CA PRO P 291 38.43 16.94 7.82
C PRO P 291 39.01 15.55 7.64
N TRP P 292 40.32 15.42 7.88
CA TRP P 292 41.03 14.19 7.53
C TRP P 292 41.24 13.25 8.70
N ARG P 293 41.92 13.69 9.76
CA ARG P 293 42.16 12.83 10.92
C ARG P 293 42.91 11.56 10.54
N GLU P 294 44.21 11.67 10.29
CA GLU P 294 45.06 10.61 9.74
C GLU P 294 44.81 9.23 10.34
N SER P 295 44.26 9.16 11.54
CA SER P 295 43.86 7.88 12.10
C SER P 295 42.74 7.21 11.32
N ASP P 296 42.23 7.84 10.25
CA ASP P 296 41.22 7.23 9.40
C ASP P 296 41.83 6.41 8.28
N GLY P 297 43.01 6.79 7.79
CA GLY P 297 43.68 6.03 6.77
C GLY P 297 42.98 6.02 5.43
N ASP P 298 43.61 5.42 4.42
CA ASP P 298 43.02 5.33 3.10
C ASP P 298 41.93 4.27 3.09
N GLY P 299 41.23 4.16 1.97
CA GLY P 299 40.05 3.32 1.90
C GLY P 299 40.31 1.89 1.46
N THR P 300 41.18 1.18 2.18
CA THR P 300 41.51 -0.20 1.82
C THR P 300 40.64 -1.20 2.57
N THR P 301 40.76 -1.23 3.89
CA THR P 301 39.95 -2.13 4.69
C THR P 301 38.50 -1.66 4.71
N VAL P 302 37.64 -2.50 5.28
CA VAL P 302 36.23 -2.12 5.41
C VAL P 302 36.05 -1.09 6.52
N GLU P 303 36.88 -1.15 7.57
CA GLU P 303 36.74 -0.20 8.66
C GLU P 303 37.07 1.22 8.20
N SER P 304 38.20 1.38 7.53
CA SER P 304 38.57 2.70 7.02
C SER P 304 37.62 3.15 5.92
N HIS P 305 37.11 2.21 5.13
CA HIS P 305 36.14 2.58 4.10
C HIS P 305 34.85 3.12 4.71
N HIS P 306 34.39 2.52 5.80
CA HIS P 306 33.23 3.06 6.49
C HIS P 306 33.51 4.44 7.06
N LYS P 307 34.66 4.61 7.72
CA LYS P 307 35.02 5.92 8.25
C LYS P 307 35.02 6.98 7.17
N LEU P 308 35.60 6.66 6.01
CA LEU P 308 35.70 7.65 4.94
C LEU P 308 34.34 7.94 4.32
N GLN P 309 33.51 6.91 4.13
CA GLN P 309 32.20 7.16 3.56
C GLN P 309 31.31 7.93 4.53
N GLU P 310 31.61 7.89 5.82
CA GLU P 310 30.86 8.73 6.74
C GLU P 310 31.41 10.14 6.79
N ILE P 311 32.71 10.32 6.54
CA ILE P 311 33.25 11.66 6.41
C ILE P 311 32.65 12.35 5.19
N ALA P 312 32.53 11.62 4.08
CA ALA P 312 32.08 12.24 2.83
C ALA P 312 30.64 12.69 2.90
N MET P 313 29.83 12.07 3.75
CA MET P 313 28.41 12.41 3.88
C MET P 313 28.17 12.95 5.28
N GLY P 314 28.41 14.24 5.45
CA GLY P 314 28.10 14.96 6.67
C GLY P 314 27.69 16.35 6.29
N ILE P 315 26.50 16.79 6.74
CA ILE P 315 25.92 18.02 6.19
C ILE P 315 26.59 19.28 6.69
N ARG P 316 27.58 19.18 7.59
CA ARG P 316 28.31 20.36 8.05
C ARG P 316 29.80 20.24 7.83
N ASN P 317 30.26 19.26 7.08
CA ASN P 317 31.67 19.01 6.84
C ASN P 317 32.31 19.92 5.78
N PRO P 318 31.71 20.11 4.60
CA PRO P 318 32.42 20.80 3.52
C PRO P 318 32.84 22.22 3.90
N VAL P 319 33.96 22.65 3.32
CA VAL P 319 34.55 23.96 3.57
C VAL P 319 35.15 24.47 2.27
N MET P 320 34.97 25.77 1.98
CA MET P 320 35.60 26.39 0.83
C MET P 320 36.92 27.01 1.24
N LEU P 321 37.98 26.72 0.49
CA LEU P 321 39.28 27.33 0.69
C LEU P 321 39.52 28.36 -0.40
N ILE P 322 39.67 29.62 0.00
CA ILE P 322 39.83 30.74 -0.92
C ILE P 322 41.27 31.23 -0.82
N ARG P 323 41.85 31.61 -1.94
CA ARG P 323 43.12 32.33 -1.96
C ARG P 323 42.90 33.70 -2.58
N ILE P 324 43.12 34.73 -1.81
CA ILE P 324 42.88 36.10 -2.23
C ILE P 324 44.14 36.64 -2.89
N LYS P 325 43.96 37.38 -3.98
CA LYS P 325 45.10 37.93 -4.70
C LYS P 325 45.88 38.88 -3.79
N PRO P 326 47.21 38.88 -3.87
CA PRO P 326 47.99 39.80 -3.05
C PRO P 326 47.73 41.25 -3.36
N SER P 327 47.17 41.54 -4.54
CA SER P 327 46.91 42.93 -4.90
C SER P 327 45.91 43.57 -3.94
N ASP P 328 44.84 42.86 -3.60
CA ASP P 328 43.84 43.55 -2.80
C ASP P 328 44.25 43.59 -1.33
N LEU P 329 44.07 42.48 -0.61
CA LEU P 329 44.58 42.27 0.75
C LEU P 329 44.54 43.52 1.62
N GLY P 330 43.70 44.48 1.27
CA GLY P 330 43.64 45.74 1.98
C GLY P 330 42.20 46.17 2.12
N ARG P 331 41.33 45.39 1.48
CA ARG P 331 39.89 45.60 1.54
C ARG P 331 39.21 44.60 2.45
N VAL P 332 39.97 43.83 3.21
CA VAL P 332 39.43 42.86 4.15
C VAL P 332 39.02 43.59 5.43
N VAL P 333 37.98 43.06 6.10
CA VAL P 333 37.39 43.79 7.22
C VAL P 333 37.51 43.01 8.53
N LYS P 334 37.62 41.68 8.45
CA LYS P 334 38.06 40.91 9.60
C LYS P 334 37.16 41.02 10.83
N ARG P 335 36.04 40.30 10.82
CA ARG P 335 35.01 40.30 11.86
C ARG P 335 35.57 40.29 13.27
N LYS P 336 34.78 40.83 14.21
CA LYS P 336 35.30 41.33 15.48
C LYS P 336 36.02 40.25 16.28
N GLY P 337 35.60 39.00 16.18
CA GLY P 337 36.19 37.94 16.98
C GLY P 337 37.15 37.04 16.27
N GLN P 338 37.43 37.26 14.99
CA GLN P 338 38.17 36.34 14.14
C GLN P 338 39.25 37.06 13.36
N GLU P 339 40.03 37.89 14.05
CA GLU P 339 41.04 38.68 13.35
C GLU P 339 42.22 37.83 12.89
N SER P 340 42.46 36.69 13.52
CA SER P 340 43.61 35.85 13.22
C SER P 340 43.21 34.48 12.71
N PHE P 341 42.06 34.37 12.06
CA PHE P 341 41.58 33.10 11.56
C PHE P 341 42.11 32.77 10.17
N ASN P 342 42.82 33.69 9.53
CA ASN P 342 43.35 33.47 8.19
C ASN P 342 44.86 33.28 8.25
N PHE P 343 45.38 32.52 7.31
CA PHE P 343 46.81 32.26 7.20
C PHE P 343 47.29 32.90 5.92
N GLY P 344 47.73 34.15 6.00
CA GLY P 344 48.19 34.84 4.82
C GLY P 344 47.03 35.23 3.91
N GLU P 345 46.89 34.53 2.79
CA GLU P 345 45.85 34.80 1.81
C GLU P 345 44.81 33.68 1.73
N PHE P 346 44.71 32.85 2.76
CA PHE P 346 43.73 31.78 2.82
C PHE P 346 42.68 32.09 3.86
N PHE P 347 41.41 31.79 3.56
CA PHE P 347 40.41 32.25 4.51
C PHE P 347 39.50 31.14 5.03
N ALA P 348 39.10 30.19 4.18
CA ALA P 348 38.43 28.97 4.62
C ALA P 348 37.12 29.26 5.36
N PHE P 349 36.15 29.75 4.60
CA PHE P 349 34.78 29.85 5.10
C PHE P 349 34.06 28.52 4.95
N THR P 350 32.92 28.40 5.61
CA THR P 350 32.11 27.20 5.47
C THR P 350 31.37 27.21 4.14
N LYS P 351 30.80 26.05 3.79
CA LYS P 351 30.15 25.87 2.50
C LYS P 351 28.67 25.56 2.64
N VAL P 352 28.11 25.67 3.83
CA VAL P 352 26.69 25.43 4.06
C VAL P 352 26.02 26.78 4.24
N CYS P 353 25.13 27.11 3.31
CA CYS P 353 24.49 28.42 3.34
C CYS P 353 23.69 28.61 4.62
N SER P 354 23.78 29.81 5.18
CA SER P 354 23.19 30.12 6.48
C SER P 354 21.72 30.45 6.40
N HIS P 355 21.02 30.10 5.33
CA HIS P 355 19.57 30.32 5.17
C HIS P 355 18.81 29.03 5.23
N LEU P 356 19.08 28.07 4.36
CA LEU P 356 18.43 26.77 4.48
C LEU P 356 19.35 25.58 4.24
N GLY P 357 20.64 25.80 3.98
CA GLY P 357 21.59 24.70 4.01
C GLY P 357 22.02 24.12 2.68
N CYS P 358 21.81 24.81 1.57
CA CYS P 358 22.37 24.33 0.31
C CYS P 358 23.86 24.68 0.25
N PRO P 359 24.63 23.97 -0.57
CA PRO P 359 26.05 24.31 -0.74
C PRO P 359 26.21 25.63 -1.50
N SER P 360 26.82 26.62 -0.85
CA SER P 360 27.12 27.90 -1.49
C SER P 360 28.48 27.78 -2.16
N SER P 361 28.46 27.24 -3.37
CA SER P 361 29.70 26.90 -4.05
C SER P 361 30.06 27.81 -5.20
N LEU P 362 29.14 28.64 -5.67
CA LEU P 362 29.42 29.53 -6.79
C LEU P 362 30.28 30.70 -6.30
N TYR P 363 31.55 30.71 -6.69
CA TYR P 363 32.51 31.71 -6.23
C TYR P 363 33.02 32.49 -7.43
N GLU P 364 32.75 33.79 -7.46
CA GLU P 364 33.19 34.66 -8.54
C GLU P 364 34.53 35.28 -8.16
N GLN P 365 35.55 35.06 -8.97
CA GLN P 365 36.91 35.24 -8.47
C GLN P 365 37.31 36.71 -8.35
N GLN P 366 36.73 37.61 -9.14
CA GLN P 366 37.17 39.00 -9.12
C GLN P 366 36.07 39.97 -8.72
N SER P 367 34.90 39.49 -8.34
CA SER P 367 34.01 40.26 -7.50
C SER P 367 34.06 39.83 -6.05
N TYR P 368 34.64 38.66 -5.77
CA TYR P 368 34.75 38.13 -4.41
C TYR P 368 33.38 37.92 -3.80
N ARG P 369 32.47 37.36 -4.57
CA ARG P 369 31.11 37.08 -4.13
C ARG P 369 30.85 35.59 -4.19
N ILE P 370 30.17 35.08 -3.17
CA ILE P 370 29.75 33.70 -3.11
C ILE P 370 28.25 33.67 -3.34
N LEU P 371 27.80 32.80 -4.23
CA LEU P 371 26.41 32.75 -4.64
C LEU P 371 25.82 31.39 -4.30
N CYS P 372 24.72 31.38 -3.56
CA CYS P 372 23.98 30.16 -3.26
C CYS P 372 23.02 29.88 -4.40
N PRO P 373 23.13 28.75 -5.09
CA PRO P 373 22.28 28.54 -6.27
C PRO P 373 20.85 28.14 -5.98
N CYS P 374 20.50 27.86 -4.72
CA CYS P 374 19.16 27.37 -4.43
C CYS P 374 18.14 28.51 -4.46
N HIS P 375 18.42 29.62 -3.76
CA HIS P 375 17.55 30.78 -3.83
C HIS P 375 18.30 32.07 -4.13
N GLN P 376 19.57 32.00 -4.52
CA GLN P 376 20.37 33.16 -4.94
C GLN P 376 20.64 34.18 -3.84
N SER P 377 21.32 33.78 -2.79
CA SER P 377 21.93 34.71 -1.86
C SER P 377 23.33 35.06 -2.32
N GLN P 378 23.87 36.14 -1.78
CA GLN P 378 25.21 36.58 -2.14
C GLN P 378 25.93 37.05 -0.90
N PHE P 379 27.10 36.48 -0.66
CA PHE P 379 27.94 36.82 0.48
C PHE P 379 29.22 37.47 -0.02
N ASP P 380 29.76 38.36 0.79
CA ASP P 380 30.91 39.18 0.41
C ASP P 380 32.17 38.57 1.01
N ALA P 381 32.94 37.87 0.17
CA ALA P 381 34.10 37.13 0.67
C ALA P 381 35.17 38.03 1.27
N LEU P 382 35.15 39.32 0.96
CA LEU P 382 36.11 40.26 1.52
C LEU P 382 35.62 40.91 2.80
N HIS P 383 34.35 40.75 3.15
CA HIS P 383 33.78 41.37 4.35
C HIS P 383 33.16 40.25 5.19
N PHE P 384 34.05 39.46 5.83
CA PHE P 384 33.74 38.28 6.64
C PHE P 384 32.50 37.52 6.18
N ALA P 385 32.34 37.35 4.87
CA ALA P 385 31.20 36.63 4.28
C ALA P 385 29.87 37.20 4.76
N LYS P 386 29.72 38.50 4.65
CA LYS P 386 28.49 39.17 5.01
C LYS P 386 27.49 39.08 3.86
N PRO P 387 26.23 38.75 4.12
CA PRO P 387 25.26 38.65 3.02
C PRO P 387 24.88 40.02 2.49
N ILE P 388 24.82 40.13 1.16
CA ILE P 388 24.57 41.42 0.51
C ILE P 388 23.46 41.30 -0.52
N PHE P 389 22.66 40.24 -0.45
CA PHE P 389 21.49 40.11 -1.30
C PHE P 389 20.67 38.91 -0.86
N GLY P 390 19.35 39.08 -0.90
CA GLY P 390 18.43 37.98 -0.72
C GLY P 390 18.01 37.71 0.72
N PRO P 391 17.08 36.76 0.87
CA PRO P 391 16.66 36.29 2.20
C PRO P 391 17.74 35.83 3.17
N ALA P 392 19.01 35.77 2.76
CA ALA P 392 20.04 35.41 3.71
C ALA P 392 20.30 36.58 4.65
N ALA P 393 20.42 36.29 5.94
CA ALA P 393 20.53 37.33 6.93
C ALA P 393 21.72 37.19 7.87
N ARG P 394 22.38 36.04 7.92
CA ARG P 394 23.53 35.83 8.79
C ARG P 394 24.75 35.45 7.97
N ALA P 395 25.91 35.85 8.47
CA ALA P 395 27.16 35.62 7.75
C ALA P 395 27.56 34.15 7.82
N LEU P 396 28.41 33.75 6.87
CA LEU P 396 28.95 32.41 6.88
C LEU P 396 30.01 32.27 7.97
N ALA P 397 30.10 31.08 8.54
CA ALA P 397 31.06 30.81 9.60
C ALA P 397 32.45 30.62 9.02
N GLN P 398 33.46 31.08 9.75
CA GLN P 398 34.85 31.01 9.33
C GLN P 398 35.60 30.00 10.19
N LEU P 399 36.52 29.28 9.56
CA LEU P 399 37.31 28.26 10.21
C LEU P 399 38.74 28.71 10.36
N PRO P 400 39.38 28.54 11.52
CA PRO P 400 40.78 28.94 11.68
C PRO P 400 41.72 27.89 11.10
N ILE P 401 42.73 28.35 10.38
CA ILE P 401 43.68 27.46 9.73
C ILE P 401 45.11 27.91 10.02
N THR P 402 46.04 26.98 9.80
CA THR P 402 47.47 27.21 9.93
C THR P 402 48.19 26.09 9.19
N ILE P 403 49.50 25.99 9.39
CA ILE P 403 50.27 24.88 8.85
C ILE P 403 50.97 24.17 10.00
N ASP P 404 51.31 22.91 9.77
CA ASP P 404 52.01 22.10 10.75
C ASP P 404 53.51 22.08 10.44
N THR P 405 54.25 21.33 11.26
CA THR P 405 55.71 21.32 11.17
C THR P 405 56.24 20.71 9.88
N ASP P 406 55.36 20.21 9.02
CA ASP P 406 55.78 19.60 7.77
C ASP P 406 55.37 20.39 6.55
N GLY P 407 54.46 21.34 6.70
CA GLY P 407 54.03 22.15 5.59
C GLY P 407 52.65 21.85 5.04
N TYR P 408 51.82 21.12 5.80
CA TYR P 408 50.46 20.81 5.38
C TYR P 408 49.48 21.73 6.09
N LEU P 409 48.35 21.99 5.43
CA LEU P 409 47.32 22.83 6.00
C LEU P 409 46.50 22.03 7.02
N VAL P 410 46.39 22.57 8.24
CA VAL P 410 45.60 21.95 9.29
C VAL P 410 44.66 22.99 9.88
N ALA P 411 43.68 22.50 10.63
CA ALA P 411 42.74 23.37 11.32
C ALA P 411 43.32 23.78 12.66
N ASN P 412 43.14 25.05 13.00
CA ASN P 412 43.69 25.66 14.21
C ASN P 412 42.63 25.78 15.30
N GLY P 413 41.70 24.83 15.34
CA GLY P 413 40.62 24.88 16.32
C GLY P 413 39.30 24.45 15.75
N ASP P 414 38.23 25.18 16.10
CA ASP P 414 36.89 24.85 15.67
C ASP P 414 36.14 26.12 15.30
N PHE P 415 35.00 25.96 14.66
CA PHE P 415 34.11 27.10 14.43
C PHE P 415 33.73 27.73 15.75
N VAL P 416 33.56 29.06 15.73
CA VAL P 416 33.14 29.78 16.94
C VAL P 416 31.64 29.72 17.17
N GLU P 417 30.88 29.15 16.25
CA GLU P 417 29.43 29.19 16.31
C GLU P 417 28.88 28.03 15.50
N PRO P 418 27.61 27.66 15.70
CA PRO P 418 27.02 26.57 14.91
C PRO P 418 26.98 26.92 13.43
N VAL P 419 26.98 25.87 12.60
CA VAL P 419 27.01 26.00 11.15
C VAL P 419 25.65 25.59 10.59
N GLY P 420 25.21 26.27 9.54
CA GLY P 420 24.00 25.89 8.85
C GLY P 420 22.82 26.76 9.22
N PRO P 421 21.61 26.28 8.93
CA PRO P 421 20.40 27.06 9.22
C PRO P 421 20.23 27.29 10.72
N ALA P 422 19.36 28.23 11.04
CA ALA P 422 19.09 28.61 12.42
C ALA P 422 17.87 27.87 12.94
N PHE P 423 17.71 27.90 14.25
CA PHE P 423 16.57 27.27 14.92
C PHE P 423 16.23 28.09 16.16
N TRP P 424 15.33 27.56 16.98
CA TRP P 424 14.82 28.31 18.12
C TRP P 424 15.90 28.62 19.13
N GLU P 425 16.83 27.68 19.33
CA GLU P 425 17.80 27.84 20.41
C GLU P 425 18.81 28.93 20.10
N ARG P 426 19.48 28.84 18.96
CA ARG P 426 20.50 29.81 18.58
C ARG P 426 20.94 29.46 17.16
N THR P 427 21.78 30.32 16.58
CA THR P 427 22.31 30.14 15.24
C THR P 427 22.85 28.74 14.98
N SER Q 58 61.79 29.15 -37.81
CA SER Q 58 61.79 30.60 -37.73
C SER Q 58 61.09 31.11 -36.48
N SER Q 59 61.48 30.57 -35.33
CA SER Q 59 60.90 31.00 -34.08
C SER Q 59 61.43 32.35 -33.64
N ALA Q 60 62.56 32.79 -34.20
CA ALA Q 60 63.08 34.11 -33.88
C ALA Q 60 62.37 35.14 -34.75
N LEU Q 61 61.04 35.08 -34.80
CA LEU Q 61 60.27 36.03 -35.60
C LEU Q 61 58.95 36.26 -34.87
N LEU Q 62 58.94 37.27 -33.99
CA LEU Q 62 57.74 37.80 -33.37
C LEU Q 62 57.54 39.26 -33.78
N ARG Q 63 58.21 39.68 -34.84
CA ARG Q 63 57.96 40.97 -35.48
C ARG Q 63 56.53 41.04 -36.01
N THR Q 64 56.04 39.93 -36.56
CA THR Q 64 54.60 39.72 -36.63
C THR Q 64 54.15 39.13 -35.29
N GLY Q 65 52.95 39.49 -34.85
CA GLY Q 65 52.77 39.49 -33.43
C GLY Q 65 52.83 40.93 -32.99
N LYS Q 66 54.01 41.43 -32.66
CA LYS Q 66 54.14 42.85 -32.40
C LYS Q 66 54.07 43.61 -33.73
N GLN Q 67 53.05 43.30 -34.53
CA GLN Q 67 52.63 44.08 -35.68
C GLN Q 67 51.12 44.20 -35.63
N LEU Q 68 50.48 43.15 -35.10
CA LEU Q 68 49.04 43.10 -34.95
C LEU Q 68 48.59 43.66 -33.61
N PHE Q 69 49.37 43.39 -32.56
CA PHE Q 69 49.08 43.97 -31.25
C PHE Q 69 49.09 45.50 -31.32
N ASP Q 70 50.09 46.06 -32.00
CA ASP Q 70 50.22 47.50 -32.10
C ASP Q 70 49.07 48.15 -32.85
N THR Q 71 48.37 47.40 -33.70
CA THR Q 71 47.28 47.96 -34.48
C THR Q 71 45.91 47.45 -34.06
N SER Q 72 45.82 46.64 -33.00
CA SER Q 72 44.53 46.17 -32.53
C SER Q 72 44.36 46.13 -31.01
N CYS Q 73 45.42 46.39 -30.23
CA CYS Q 73 45.32 46.25 -28.77
C CYS Q 73 45.81 47.45 -27.98
N VAL Q 74 46.75 48.25 -28.50
CA VAL Q 74 47.41 49.26 -27.67
C VAL Q 74 46.46 50.31 -27.12
N SER Q 75 45.25 50.43 -27.68
CA SER Q 75 44.33 51.43 -27.15
C SER Q 75 43.74 51.03 -25.81
N CYS Q 76 43.85 49.77 -25.42
CA CYS Q 76 43.29 49.31 -24.15
C CYS Q 76 44.25 48.56 -23.26
N HIS Q 77 45.45 48.21 -23.73
CA HIS Q 77 46.44 47.53 -22.89
C HIS Q 77 47.77 48.25 -22.82
N GLY Q 78 48.04 49.20 -23.70
CA GLY Q 78 49.29 49.92 -23.67
C GLY Q 78 50.27 49.39 -24.70
N ALA Q 79 51.24 50.24 -25.05
CA ALA Q 79 52.24 49.85 -26.04
C ALA Q 79 53.21 48.82 -25.48
N ASN Q 80 53.44 48.83 -24.16
CA ASN Q 80 54.35 47.91 -23.51
C ASN Q 80 53.62 46.83 -22.73
N LEU Q 81 52.36 46.56 -23.06
CA LEU Q 81 51.53 45.61 -22.33
C LEU Q 81 51.48 45.97 -20.85
N GLN Q 82 51.10 47.21 -20.58
CA GLN Q 82 51.18 47.76 -19.23
C GLN Q 82 49.82 48.03 -18.61
N GLY Q 83 48.73 47.73 -19.29
CA GLY Q 83 47.43 47.91 -18.66
C GLY Q 83 46.99 49.34 -18.49
N VAL Q 84 46.58 49.99 -19.59
CA VAL Q 84 45.98 51.32 -19.56
C VAL Q 84 45.05 51.42 -18.35
N PRO Q 85 45.28 52.36 -17.42
CA PRO Q 85 44.60 52.32 -16.12
C PRO Q 85 43.11 52.57 -16.22
N ASP Q 86 42.61 52.79 -17.42
CA ASP Q 86 41.19 52.98 -17.64
C ASP Q 86 40.45 51.69 -17.95
N HIS Q 87 40.96 50.86 -18.87
CA HIS Q 87 40.19 49.74 -19.38
C HIS Q 87 40.82 48.38 -19.12
N GLY Q 88 42.06 48.16 -19.54
CA GLY Q 88 42.58 46.82 -19.63
C GLY Q 88 43.56 46.44 -18.54
N PRO Q 89 43.67 45.14 -18.30
CA PRO Q 89 44.66 44.65 -17.33
C PRO Q 89 46.08 44.64 -17.90
N SER Q 90 47.03 44.13 -17.11
CA SER Q 90 48.44 44.29 -17.44
C SER Q 90 48.85 43.43 -18.61
N LEU Q 91 48.49 42.15 -18.58
CA LEU Q 91 48.87 41.16 -19.59
C LEU Q 91 50.36 40.82 -19.58
N ILE Q 92 51.02 40.95 -18.44
CA ILE Q 92 52.43 40.56 -18.35
C ILE Q 92 52.59 39.15 -17.82
N GLY Q 93 52.00 38.86 -16.66
CA GLY Q 93 52.10 37.52 -16.10
C GLY Q 93 51.37 36.46 -16.91
N VAL Q 94 50.39 36.88 -17.72
CA VAL Q 94 49.68 35.91 -18.54
C VAL Q 94 50.61 35.35 -19.61
N GLY Q 95 50.19 34.25 -20.22
CA GLY Q 95 51.03 33.58 -21.18
C GLY Q 95 50.37 33.34 -22.53
N GLU Q 96 50.82 32.29 -23.20
CA GLU Q 96 50.25 31.93 -24.50
C GLU Q 96 48.86 31.33 -24.36
N ALA Q 97 48.59 30.62 -23.25
CA ALA Q 97 47.29 29.97 -23.08
C ALA Q 97 46.17 31.00 -22.94
N ALA Q 98 46.43 32.08 -22.20
CA ALA Q 98 45.41 33.11 -22.04
C ALA Q 98 45.08 33.76 -23.37
N VAL Q 99 46.11 34.12 -24.14
CA VAL Q 99 45.88 34.74 -25.45
C VAL Q 99 45.14 33.78 -26.37
N TYR Q 100 45.53 32.51 -26.36
CA TYR Q 100 44.85 31.53 -27.22
C TYR Q 100 43.38 31.43 -26.88
N PHE Q 101 43.05 31.25 -25.59
CA PHE Q 101 41.66 31.11 -25.21
C PHE Q 101 40.87 32.38 -25.49
N GLN Q 102 41.47 33.54 -25.27
CA GLN Q 102 40.72 34.78 -25.40
C GLN Q 102 40.50 35.15 -26.85
N VAL Q 103 41.43 34.80 -27.74
CA VAL Q 103 41.30 35.22 -29.13
C VAL Q 103 40.59 34.16 -29.97
N SER Q 104 40.91 32.88 -29.75
CA SER Q 104 40.33 31.82 -30.58
C SER Q 104 38.83 31.72 -30.37
N THR Q 105 38.35 31.95 -29.14
CA THR Q 105 36.92 31.98 -28.89
C THR Q 105 36.27 33.28 -29.33
N GLY Q 106 37.05 34.32 -29.62
CA GLY Q 106 36.52 35.55 -30.13
C GLY Q 106 36.22 36.61 -29.10
N ARG Q 107 36.38 36.31 -27.81
CA ARG Q 107 36.11 37.30 -26.78
C ARG Q 107 37.04 38.50 -26.90
N MET Q 108 38.17 38.34 -27.56
CA MET Q 108 39.13 39.40 -27.80
C MET Q 108 38.80 40.20 -29.05
N PRO Q 109 39.70 41.06 -29.52
CA PRO Q 109 39.50 42.49 -29.33
C PRO Q 109 38.04 42.86 -29.13
N ALA Q 110 37.82 43.53 -28.00
CA ALA Q 110 36.50 43.73 -27.45
C ALA Q 110 36.06 45.18 -27.64
N MET Q 111 34.78 45.34 -27.92
CA MET Q 111 34.14 46.64 -27.98
C MET Q 111 33.87 47.10 -26.56
N ARG Q 112 32.94 48.02 -26.37
CA ARG Q 112 32.82 48.83 -25.17
C ARG Q 112 33.32 48.18 -23.88
N GLY Q 113 32.97 46.93 -23.64
CA GLY Q 113 33.45 46.25 -22.46
C GLY Q 113 32.57 46.54 -21.26
N GLU Q 114 31.97 45.51 -20.69
CA GLU Q 114 31.03 45.64 -19.58
C GLU Q 114 31.08 44.34 -18.76
N ALA Q 115 30.02 44.11 -18.00
CA ALA Q 115 29.97 43.00 -17.03
C ALA Q 115 30.48 41.67 -17.58
N GLN Q 116 30.14 41.35 -18.83
CA GLN Q 116 30.76 40.21 -19.51
C GLN Q 116 30.96 40.54 -20.98
N ALA Q 117 32.21 40.49 -21.41
CA ALA Q 117 32.52 40.39 -22.83
C ALA Q 117 31.98 39.07 -23.38
N PRO Q 118 31.09 39.10 -24.37
CA PRO Q 118 30.50 37.87 -24.89
C PRO Q 118 31.39 37.20 -25.92
N ARG Q 119 31.05 35.95 -26.23
CA ARG Q 119 31.73 35.23 -27.28
C ARG Q 119 31.24 35.70 -28.64
N LYS Q 120 32.17 35.90 -29.58
CA LYS Q 120 31.85 36.42 -30.90
C LYS Q 120 32.61 35.60 -31.94
N ASP Q 121 32.63 36.11 -33.16
CA ASP Q 121 33.41 35.48 -34.22
C ASP Q 121 34.87 35.91 -34.10
N PRO Q 122 35.82 34.99 -34.28
CA PRO Q 122 37.23 35.38 -34.17
C PRO Q 122 37.68 36.25 -35.34
N ILE Q 123 38.66 37.09 -35.07
CA ILE Q 123 39.24 37.93 -36.12
C ILE Q 123 40.50 37.31 -36.69
N PHE Q 124 41.32 36.68 -35.86
CA PHE Q 124 42.66 36.28 -36.26
C PHE Q 124 42.76 34.77 -36.43
N ASP Q 125 43.25 34.36 -37.59
CA ASP Q 125 43.87 33.05 -37.78
C ASP Q 125 44.80 33.16 -38.99
N GLU Q 126 45.22 32.02 -39.56
CA GLU Q 126 46.37 31.93 -40.43
C GLU Q 126 47.61 32.15 -39.57
N ALA Q 127 47.69 31.41 -38.46
CA ALA Q 127 48.87 31.31 -37.61
C ALA Q 127 49.26 32.64 -36.97
N GLN Q 128 48.34 33.60 -36.89
CA GLN Q 128 48.64 34.83 -36.17
C GLN Q 128 48.20 34.80 -34.72
N ILE Q 129 47.32 33.88 -34.35
CA ILE Q 129 47.12 33.62 -32.93
C ILE Q 129 48.41 33.15 -32.29
N ASP Q 130 49.16 32.28 -33.00
CA ASP Q 130 50.52 31.97 -32.58
C ASP Q 130 51.40 33.21 -32.49
N ALA Q 131 51.28 34.13 -33.44
CA ALA Q 131 52.13 35.32 -33.41
C ALA Q 131 51.88 36.13 -32.16
N ILE Q 132 50.62 36.45 -31.86
CA ILE Q 132 50.32 37.24 -30.67
C ILE Q 132 50.66 36.45 -29.41
N GLY Q 133 50.45 35.14 -29.43
CA GLY Q 133 50.75 34.34 -28.27
C GLY Q 133 52.23 34.32 -27.95
N ALA Q 134 53.06 34.14 -28.96
CA ALA Q 134 54.50 34.15 -28.76
C ALA Q 134 54.97 35.53 -28.32
N TYR Q 135 54.41 36.59 -28.92
CA TYR Q 135 54.81 37.93 -28.53
C TYR Q 135 54.47 38.21 -27.08
N VAL Q 136 53.33 37.72 -26.60
CA VAL Q 136 52.96 37.96 -25.21
C VAL Q 136 53.74 37.06 -24.28
N GLN Q 137 54.04 35.83 -24.69
CA GLN Q 137 54.85 34.93 -23.88
C GLN Q 137 56.26 35.46 -23.73
N ALA Q 138 56.76 36.20 -24.71
CA ALA Q 138 58.10 36.77 -24.63
C ALA Q 138 58.21 37.88 -23.60
N ASN Q 139 57.13 38.25 -22.91
CA ASN Q 139 57.12 39.32 -21.94
C ASN Q 139 56.60 38.84 -20.59
N GLY Q 140 56.83 37.58 -20.28
CA GLY Q 140 56.34 37.00 -19.05
C GLY Q 140 56.47 35.50 -19.07
N GLY Q 141 55.93 34.87 -18.04
CA GLY Q 141 56.10 33.44 -17.87
C GLY Q 141 54.82 32.67 -17.62
N GLY Q 142 53.74 33.06 -18.27
CA GLY Q 142 52.47 32.42 -18.05
C GLY Q 142 52.45 31.02 -18.62
N PRO Q 143 51.30 30.35 -18.46
CA PRO Q 143 51.16 29.00 -19.01
C PRO Q 143 51.17 29.02 -20.53
N THR Q 144 51.45 27.85 -21.10
CA THR Q 144 51.55 27.70 -22.54
C THR Q 144 50.53 26.67 -23.03
N VAL Q 145 50.24 26.73 -24.32
CA VAL Q 145 49.26 25.83 -24.93
C VAL Q 145 49.92 24.48 -25.19
N VAL Q 146 49.15 23.42 -25.00
CA VAL Q 146 49.64 22.07 -25.25
C VAL Q 146 49.84 21.86 -26.75
N ARG Q 147 50.83 21.04 -27.10
CA ARG Q 147 51.19 20.78 -28.48
C ARG Q 147 51.32 19.29 -28.71
N ASN Q 148 51.07 18.88 -29.95
CA ASN Q 148 51.26 17.49 -30.33
C ASN Q 148 52.61 17.32 -31.01
N PRO Q 149 53.06 16.07 -31.23
CA PRO Q 149 54.39 15.87 -31.84
C PRO Q 149 54.60 16.54 -33.19
N ASP Q 150 53.58 17.15 -33.79
CA ASP Q 150 53.74 17.91 -35.02
C ASP Q 150 53.94 19.41 -34.80
N GLY Q 151 53.61 19.93 -33.62
CA GLY Q 151 53.76 21.35 -33.40
C GLY Q 151 52.43 22.07 -33.39
N SER Q 152 51.39 21.38 -33.83
CA SER Q 152 50.04 21.94 -33.82
C SER Q 152 49.43 21.77 -32.43
N ILE Q 153 48.26 22.33 -32.25
CA ILE Q 153 47.61 22.30 -30.93
C ILE Q 153 46.88 20.98 -30.77
N ALA Q 154 47.04 20.36 -29.61
CA ALA Q 154 46.49 19.04 -29.37
C ALA Q 154 44.99 19.11 -29.20
N THR Q 155 44.28 18.18 -29.87
CA THR Q 155 42.84 18.03 -29.75
C THR Q 155 42.48 16.65 -29.22
N GLN Q 156 43.11 15.61 -29.75
CA GLN Q 156 42.76 14.23 -29.51
C GLN Q 156 43.46 13.68 -28.28
N SER Q 157 44.66 14.18 -27.98
CA SER Q 157 45.45 13.75 -26.84
C SER Q 157 44.95 14.31 -25.53
N LEU Q 158 44.01 15.26 -25.58
CA LEU Q 158 43.45 15.89 -24.39
C LEU Q 158 42.15 15.23 -23.97
N ARG Q 159 41.82 14.07 -24.52
CA ARG Q 159 40.66 13.32 -24.10
C ARG Q 159 41.13 12.13 -23.26
N GLY Q 160 40.64 12.06 -22.03
CA GLY Q 160 40.97 10.97 -21.14
C GLY Q 160 40.14 9.74 -21.45
N ASN Q 161 40.28 8.74 -20.58
CA ASN Q 161 39.66 7.44 -20.80
C ASN Q 161 38.71 7.05 -19.68
N ASP Q 162 38.65 7.83 -18.61
CA ASP Q 162 37.83 7.53 -17.45
C ASP Q 162 36.77 8.62 -17.34
N LEU Q 163 35.52 8.24 -17.52
CA LEU Q 163 34.43 9.21 -17.44
C LEU Q 163 33.77 9.26 -16.08
N GLY Q 164 33.87 8.21 -15.28
CA GLY Q 164 33.32 8.27 -13.93
C GLY Q 164 34.03 9.32 -13.08
N ARG Q 165 35.36 9.24 -13.03
CA ARG Q 165 36.13 10.21 -12.26
C ARG Q 165 35.96 11.61 -12.82
N GLY Q 166 35.95 11.73 -14.15
CA GLY Q 166 35.75 13.03 -14.77
C GLY Q 166 34.41 13.63 -14.43
N GLY Q 167 33.36 12.81 -14.41
CA GLY Q 167 32.04 13.32 -14.09
C GLY Q 167 31.90 13.69 -12.63
N ASP Q 168 32.52 12.92 -11.73
CA ASP Q 168 32.50 13.28 -10.32
C ASP Q 168 33.24 14.59 -10.10
N LEU Q 169 34.39 14.76 -10.75
CA LEU Q 169 35.13 16.02 -10.64
C LEU Q 169 34.34 17.18 -11.22
N PHE Q 170 33.64 16.96 -12.34
CA PHE Q 170 32.81 18.01 -12.92
C PHE Q 170 31.68 18.41 -11.98
N ARG Q 171 31.01 17.43 -11.39
CA ARG Q 171 29.91 17.75 -10.48
C ARG Q 171 30.42 18.45 -9.23
N LEU Q 172 31.63 18.15 -8.77
CA LEU Q 172 32.13 18.80 -7.57
C LEU Q 172 32.64 20.20 -7.86
N ASN Q 173 33.35 20.40 -8.97
CA ASN Q 173 34.04 21.65 -9.23
C ASN Q 173 33.35 22.54 -10.26
N CYS Q 174 32.69 21.96 -11.25
CA CYS Q 174 32.24 22.72 -12.41
C CYS Q 174 30.74 22.88 -12.51
N ALA Q 175 29.96 21.89 -12.07
CA ALA Q 175 28.52 21.89 -12.27
C ALA Q 175 27.79 22.95 -11.48
N SER Q 176 28.44 23.57 -10.49
CA SER Q 176 27.76 24.57 -9.67
C SER Q 176 27.37 25.78 -10.51
N CYS Q 177 28.24 26.19 -11.42
CA CYS Q 177 27.98 27.40 -12.19
C CYS Q 177 27.35 27.07 -13.54
N HIS Q 178 27.81 26.01 -14.21
CA HIS Q 178 27.27 25.74 -15.53
C HIS Q 178 25.97 24.94 -15.48
N ASN Q 179 26.04 23.66 -15.13
CA ASN Q 179 24.86 22.81 -15.08
C ASN Q 179 25.23 21.38 -14.73
N PHE Q 180 24.22 20.51 -14.58
CA PHE Q 180 24.47 19.08 -14.50
C PHE Q 180 25.24 18.59 -15.71
N THR Q 181 24.80 19.01 -16.91
CA THR Q 181 25.34 18.49 -18.16
C THR Q 181 25.96 19.58 -19.02
N GLY Q 182 26.32 20.71 -18.42
CA GLY Q 182 27.07 21.73 -19.12
C GLY Q 182 26.25 22.76 -19.85
N LYS Q 183 24.97 22.91 -19.53
CA LYS Q 183 24.20 24.03 -20.03
C LYS Q 183 24.60 25.30 -19.27
N GLY Q 184 23.93 26.39 -19.55
CA GLY Q 184 24.32 27.65 -18.95
C GLY Q 184 23.85 27.79 -17.51
N GLY Q 185 24.36 28.84 -16.88
CA GLY Q 185 23.92 29.20 -15.54
C GLY Q 185 24.09 30.68 -15.35
N ALA Q 186 23.23 31.26 -14.52
CA ALA Q 186 23.20 32.70 -14.31
C ALA Q 186 23.94 33.07 -13.04
N LEU Q 187 24.81 34.07 -13.14
CA LEU Q 187 25.49 34.65 -12.00
C LEU Q 187 24.82 35.97 -11.64
N SER Q 188 25.42 36.71 -10.72
CA SER Q 188 24.80 37.90 -10.18
C SER Q 188 25.07 39.12 -11.05
N SER Q 189 24.05 39.97 -11.19
CA SER Q 189 24.20 41.33 -11.72
C SER Q 189 24.77 41.32 -13.14
N GLY Q 190 23.98 40.78 -14.07
CA GLY Q 190 24.51 40.65 -15.41
C GLY Q 190 25.08 39.28 -15.69
N LYS Q 191 26.37 39.14 -15.35
CA LYS Q 191 27.21 38.00 -15.70
C LYS Q 191 26.49 36.66 -15.63
N TYR Q 192 26.87 35.76 -16.54
CA TYR Q 192 26.35 34.40 -16.60
C TYR Q 192 27.49 33.44 -16.91
N ALA Q 193 27.20 32.14 -16.82
CA ALA Q 193 28.14 31.09 -17.19
C ALA Q 193 27.68 30.42 -18.47
N PRO Q 194 28.46 30.46 -19.55
CA PRO Q 194 27.95 30.05 -20.86
C PRO Q 194 27.78 28.55 -20.98
N ASP Q 195 27.32 28.15 -22.16
CA ASP Q 195 27.14 26.75 -22.53
C ASP Q 195 28.46 26.16 -22.98
N LEU Q 196 28.64 24.87 -22.70
CA LEU Q 196 29.89 24.17 -22.98
C LEU Q 196 29.84 23.32 -24.24
N ALA Q 197 28.87 23.53 -25.09
CA ALA Q 197 28.70 22.69 -26.27
C ALA Q 197 29.68 22.97 -27.40
N PRO Q 198 29.89 24.22 -27.82
CA PRO Q 198 30.71 24.48 -29.01
C PRO Q 198 32.21 24.63 -28.75
N ALA Q 199 32.67 24.50 -27.51
CA ALA Q 199 34.09 24.63 -27.20
C ALA Q 199 34.80 23.32 -27.45
N ASN Q 200 35.94 23.38 -28.14
CA ASN Q 200 36.72 22.18 -28.39
C ASN Q 200 37.61 21.88 -27.18
N GLU Q 201 38.51 20.91 -27.34
CA GLU Q 201 39.22 20.36 -26.19
C GLU Q 201 40.27 21.33 -25.65
N GLN Q 202 41.11 21.87 -26.55
CA GLN Q 202 42.13 22.80 -26.11
C GLN Q 202 41.51 24.04 -25.48
N GLN Q 203 40.34 24.46 -25.96
CA GLN Q 203 39.67 25.60 -25.34
C GLN Q 203 39.21 25.27 -23.93
N ILE Q 204 38.73 24.05 -23.70
CA ILE Q 204 38.34 23.65 -22.34
C ILE Q 204 39.56 23.63 -21.43
N LEU Q 205 40.66 23.04 -21.89
CA LEU Q 205 41.87 22.98 -21.08
C LEU Q 205 42.36 24.39 -20.73
N THR Q 206 42.51 25.25 -21.74
CA THR Q 206 43.01 26.59 -21.48
C THR Q 206 42.02 27.42 -20.68
N ALA Q 207 40.72 27.13 -20.78
CA ALA Q 207 39.74 27.84 -19.98
C ALA Q 207 39.91 27.52 -18.51
N MET Q 208 39.96 26.24 -18.16
CA MET Q 208 40.16 25.94 -16.74
C MET Q 208 41.61 26.11 -16.30
N LEU Q 209 42.52 26.41 -17.22
CA LEU Q 209 43.90 26.65 -16.82
C LEU Q 209 44.19 28.12 -16.58
N THR Q 210 43.55 29.01 -17.34
CA THR Q 210 43.83 30.44 -17.23
C THR Q 210 42.85 31.20 -16.36
N GLY Q 211 41.65 30.65 -16.12
CA GLY Q 211 40.71 31.27 -15.24
C GLY Q 211 40.19 32.60 -15.76
N PRO Q 212 39.38 32.58 -16.82
CA PRO Q 212 38.89 33.83 -17.41
C PRO Q 212 37.98 34.60 -16.45
N GLN Q 213 37.49 35.75 -16.88
CA GLN Q 213 36.77 36.69 -16.03
C GLN Q 213 35.76 35.99 -15.13
N ASN Q 214 35.91 36.19 -13.82
CA ASN Q 214 35.01 35.70 -12.79
C ASN Q 214 34.91 34.18 -12.75
N MET Q 215 35.71 33.48 -13.51
CA MET Q 215 35.80 32.03 -13.38
C MET Q 215 37.06 31.70 -12.59
N PRO Q 216 36.99 30.81 -11.60
CA PRO Q 216 38.18 30.51 -10.80
C PRO Q 216 39.30 29.91 -11.64
N LYS Q 217 40.51 30.00 -11.11
CA LYS Q 217 41.70 29.53 -11.81
C LYS Q 217 42.15 28.21 -11.21
N PHE Q 218 42.16 27.16 -12.03
CA PHE Q 218 42.54 25.81 -11.60
C PHE Q 218 43.96 25.53 -12.08
N SER Q 219 44.93 25.63 -11.18
CA SER Q 219 46.31 25.38 -11.54
C SER Q 219 46.53 23.90 -11.85
N ASN Q 220 47.75 23.60 -12.29
CA ASN Q 220 48.18 22.23 -12.53
C ASN Q 220 48.64 21.53 -11.25
N ARG Q 221 48.56 22.20 -10.11
CA ARG Q 221 48.88 21.55 -8.85
C ARG Q 221 47.64 21.12 -8.07
N GLN Q 222 46.53 21.85 -8.18
CA GLN Q 222 45.30 21.41 -7.55
C GLN Q 222 44.42 20.59 -8.48
N LEU Q 223 44.64 20.70 -9.78
CA LEU Q 223 43.95 19.89 -10.79
C LEU Q 223 45.03 19.40 -11.76
N SER Q 224 45.56 18.20 -11.50
CA SER Q 224 46.64 17.65 -12.30
C SER Q 224 46.19 17.44 -13.74
N PHE Q 225 47.11 16.95 -14.59
CA PHE Q 225 46.81 16.92 -16.01
C PHE Q 225 45.86 15.78 -16.37
N GLU Q 226 45.99 14.63 -15.69
CA GLU Q 226 44.97 13.59 -15.84
C GLU Q 226 43.59 14.08 -15.45
N ALA Q 227 43.48 14.82 -14.34
CA ALA Q 227 42.17 15.32 -13.93
C ALA Q 227 41.57 16.21 -15.01
N LYS Q 228 42.39 17.07 -15.61
CA LYS Q 228 41.91 17.95 -16.66
C LYS Q 228 41.50 17.16 -17.89
N LYS Q 229 42.29 16.16 -18.27
CA LYS Q 229 41.96 15.34 -19.45
C LYS Q 229 40.65 14.60 -19.24
N ASP Q 230 40.43 14.07 -18.04
CA ASP Q 230 39.20 13.34 -17.74
C ASP Q 230 38.00 14.27 -17.72
N ILE Q 231 38.17 15.48 -17.20
CA ILE Q 231 37.08 16.46 -17.24
C ILE Q 231 36.75 16.82 -18.68
N ILE Q 232 37.77 17.02 -19.52
CA ILE Q 232 37.54 17.32 -20.93
C ILE Q 232 36.76 16.19 -21.58
N ALA Q 233 37.17 14.95 -21.32
CA ALA Q 233 36.47 13.81 -21.91
C ALA Q 233 35.02 13.76 -21.48
N TYR Q 234 34.75 14.00 -20.19
CA TYR Q 234 33.36 13.99 -19.73
C TYR Q 234 32.54 15.09 -20.38
N VAL Q 235 33.11 16.30 -20.52
CA VAL Q 235 32.37 17.39 -21.13
C VAL Q 235 32.04 17.07 -22.58
N LYS Q 236 33.04 16.58 -23.33
CA LYS Q 236 32.81 16.30 -24.74
C LYS Q 236 31.86 15.13 -24.95
N VAL Q 237 31.78 14.21 -23.99
CA VAL Q 237 30.82 13.12 -24.12
C VAL Q 237 29.42 13.56 -23.72
N ALA Q 238 29.33 14.38 -22.66
CA ALA Q 238 28.02 14.86 -22.22
C ALA Q 238 27.37 15.79 -23.23
N THR Q 239 28.15 16.46 -24.07
CA THR Q 239 27.54 17.36 -25.06
C THR Q 239 27.18 16.66 -26.36
N GLU Q 240 27.54 15.40 -26.53
CA GLU Q 240 27.38 14.70 -27.81
C GLU Q 240 26.61 13.40 -27.68
N ALA Q 241 26.04 13.12 -26.51
CA ALA Q 241 25.26 11.90 -26.33
C ALA Q 241 23.81 12.15 -26.66
N ARG Q 242 23.14 11.10 -27.14
CA ARG Q 242 21.72 11.13 -27.41
C ARG Q 242 20.91 11.34 -26.13
N GLN Q 243 19.61 11.56 -26.32
CA GLN Q 243 18.68 11.54 -25.21
C GLN Q 243 17.82 10.29 -25.35
N PRO Q 244 18.05 9.25 -24.55
CA PRO Q 244 17.37 7.98 -24.81
C PRO Q 244 15.99 7.91 -24.20
N GLY Q 245 15.24 9.01 -24.26
CA GLY Q 245 13.89 9.00 -23.72
C GLY Q 245 12.95 9.84 -24.54
N GLY Q 246 13.41 10.31 -25.69
CA GLY Q 246 12.64 11.21 -26.50
C GLY Q 246 13.31 12.56 -26.61
N TYR Q 247 12.58 13.58 -27.04
CA TYR Q 247 13.16 14.90 -27.20
C TYR Q 247 13.33 15.55 -25.83
N LEU Q 248 14.58 15.75 -25.42
CA LEU Q 248 14.85 16.52 -24.23
C LEU Q 248 14.53 17.99 -24.46
N LEU Q 249 13.94 18.62 -23.44
CA LEU Q 249 13.34 19.92 -23.57
C LEU Q 249 14.31 21.06 -23.26
N GLY Q 250 15.60 20.85 -23.48
CA GLY Q 250 16.55 21.94 -23.34
C GLY Q 250 17.70 21.65 -22.41
N GLY Q 251 17.57 20.63 -21.57
CA GLY Q 251 18.60 20.28 -20.62
C GLY Q 251 18.33 20.70 -19.19
N PHE Q 252 17.31 21.51 -18.96
CA PHE Q 252 17.02 22.03 -17.65
C PHE Q 252 16.00 21.11 -16.96
N GLY Q 253 15.51 21.53 -15.80
CA GLY Q 253 14.69 20.68 -14.98
C GLY Q 253 13.22 20.72 -15.35
N PRO Q 254 12.39 21.01 -14.36
CA PRO Q 254 10.93 20.91 -14.54
C PRO Q 254 10.26 22.13 -15.15
N ALA Q 255 10.97 23.22 -15.46
CA ALA Q 255 10.31 24.37 -16.07
C ALA Q 255 9.90 24.10 -17.50
N PRO Q 256 10.78 23.62 -18.40
CA PRO Q 256 10.30 23.24 -19.73
C PRO Q 256 9.29 22.13 -19.70
N GLU Q 257 9.37 21.24 -18.72
CA GLU Q 257 8.41 20.15 -18.63
C GLU Q 257 7.02 20.67 -18.27
N GLY Q 258 6.94 21.58 -17.29
CA GLY Q 258 5.66 22.17 -16.98
C GLY Q 258 5.10 22.98 -18.13
N MET Q 259 5.95 23.72 -18.83
CA MET Q 259 5.48 24.48 -19.99
C MET Q 259 4.94 23.56 -21.06
N ALA Q 260 5.66 22.48 -21.37
CA ALA Q 260 5.21 21.55 -22.40
C ALA Q 260 3.91 20.88 -22.00
N MET Q 261 3.76 20.54 -20.72
CA MET Q 261 2.47 20.02 -20.26
C MET Q 261 1.36 21.02 -20.55
N TRP Q 262 1.49 22.23 -20.02
CA TRP Q 262 0.43 23.22 -20.14
C TRP Q 262 0.10 23.57 -21.58
N ILE Q 263 1.08 23.51 -22.48
CA ILE Q 263 0.89 24.00 -23.84
C ILE Q 263 0.74 22.89 -24.85
N ILE Q 264 0.80 21.63 -24.43
CA ILE Q 264 0.55 20.54 -25.37
C ILE Q 264 -0.55 19.64 -24.83
N GLY Q 265 -0.33 19.05 -23.66
CA GLY Q 265 -1.26 18.06 -23.16
C GLY Q 265 -2.60 18.68 -22.78
N MET Q 266 -2.55 19.84 -22.12
CA MET Q 266 -3.78 20.46 -21.67
C MET Q 266 -4.59 21.03 -22.82
N VAL Q 267 -3.92 21.54 -23.85
CA VAL Q 267 -4.65 22.04 -25.00
C VAL Q 267 -5.25 20.89 -25.80
N ALA Q 268 -4.54 19.77 -25.88
CA ALA Q 268 -5.14 18.59 -26.53
C ALA Q 268 -6.36 18.12 -25.77
N ALA Q 269 -6.26 18.03 -24.44
CA ALA Q 269 -7.38 17.56 -23.64
C ALA Q 269 -8.57 18.51 -23.72
N ILE Q 270 -8.32 19.81 -23.65
CA ILE Q 270 -9.41 20.77 -23.68
C ILE Q 270 -10.00 20.87 -25.08
N GLY Q 271 -9.19 20.68 -26.12
CA GLY Q 271 -9.73 20.66 -27.47
C GLY Q 271 -10.63 19.46 -27.69
N LEU Q 272 -10.22 18.30 -27.20
CA LEU Q 272 -11.10 17.14 -27.31
C LEU Q 272 -12.35 17.29 -26.45
N ALA Q 273 -12.26 17.98 -25.31
CA ALA Q 273 -13.45 18.24 -24.53
C ALA Q 273 -14.39 19.19 -25.25
N LEU Q 274 -13.86 20.19 -25.94
CA LEU Q 274 -14.69 21.08 -26.74
C LEU Q 274 -15.34 20.35 -27.91
N TRP Q 275 -14.62 19.40 -28.50
CA TRP Q 275 -15.17 18.66 -29.63
C TRP Q 275 -16.27 17.70 -29.21
N ILE Q 276 -16.00 16.91 -28.17
CA ILE Q 276 -16.96 15.89 -27.73
C ILE Q 276 -18.21 16.55 -27.18
N GLY Q 277 -18.06 17.37 -26.15
CA GLY Q 277 -19.20 17.96 -25.46
C GLY Q 277 -19.71 19.19 -26.19
N ALA Q 278 -21.03 19.38 -26.11
CA ALA Q 278 -21.65 20.55 -26.71
C ALA Q 278 -21.35 21.79 -25.88
N ARG Q 279 -21.56 22.95 -26.49
CA ARG Q 279 -21.45 24.22 -25.79
C ARG Q 279 -22.79 24.92 -25.83
N SER Q 280 -23.11 25.61 -24.73
CA SER Q 280 -24.43 26.17 -24.55
C SER Q 280 -24.37 27.52 -23.86
N LEU R 14 -29.41 18.67 18.74
CA LEU R 14 -28.77 19.70 17.92
C LEU R 14 -29.67 20.05 16.75
N ALA R 15 -30.79 20.71 17.07
CA ALA R 15 -31.87 20.95 16.12
C ALA R 15 -31.45 21.74 14.90
N ARG R 16 -30.71 22.83 15.07
CA ARG R 16 -30.29 23.65 13.94
C ARG R 16 -29.42 22.84 12.97
N GLN R 17 -28.42 22.13 13.50
CA GLN R 17 -27.52 21.37 12.64
C GLN R 17 -28.25 20.22 11.95
N ALA R 18 -29.12 19.52 12.69
CA ALA R 18 -29.87 18.42 12.09
C ALA R 18 -30.79 18.92 10.99
N GLU R 19 -31.51 20.03 11.22
CA GLU R 19 -32.39 20.52 10.18
C GLU R 19 -31.61 20.98 8.96
N ASP R 20 -30.47 21.66 9.16
CA ASP R 20 -29.75 22.14 7.98
C ASP R 20 -29.17 20.97 7.20
N ILE R 21 -28.74 19.91 7.88
CA ILE R 21 -28.39 18.69 7.17
C ILE R 21 -29.60 18.14 6.42
N ASP R 22 -30.80 18.29 6.97
CA ASP R 22 -31.97 17.70 6.31
C ASP R 22 -32.40 18.50 5.08
N THR R 23 -32.29 19.83 5.10
CA THR R 23 -32.59 20.55 3.88
C THR R 23 -31.47 20.47 2.85
N ARG R 24 -30.26 20.12 3.25
CA ARG R 24 -29.21 19.96 2.24
C ARG R 24 -29.15 18.54 1.67
N TYR R 25 -29.56 17.53 2.42
CA TYR R 25 -29.46 16.14 1.97
C TYR R 25 -30.75 15.36 2.02
N HIS R 26 -31.68 15.71 2.90
CA HIS R 26 -32.98 15.08 3.04
C HIS R 26 -32.95 13.56 3.02
N PRO R 27 -32.04 12.90 3.76
CA PRO R 27 -32.06 11.44 3.72
C PRO R 27 -33.37 10.92 4.33
N SER R 28 -33.49 11.04 5.64
CA SER R 28 -34.75 11.01 6.40
C SER R 28 -35.65 9.82 6.08
N ALA R 29 -35.31 9.06 5.07
CA ALA R 29 -36.07 7.91 4.61
C ALA R 29 -35.20 6.69 4.42
N ALA R 30 -33.97 6.87 3.93
CA ALA R 30 -32.99 5.81 3.95
C ALA R 30 -32.46 5.58 5.35
N LEU R 31 -32.31 6.65 6.13
CA LEU R 31 -31.94 6.48 7.53
C LEU R 31 -33.02 5.72 8.28
N ARG R 32 -34.29 6.04 8.02
CA ARG R 32 -35.37 5.28 8.64
C ARG R 32 -35.40 3.85 8.13
N ARG R 33 -35.02 3.64 6.87
CA ARG R 33 -35.05 2.28 6.32
C ARG R 33 -33.92 1.44 6.87
N GLN R 34 -32.81 2.06 7.27
CA GLN R 34 -31.70 1.33 7.84
C GLN R 34 -31.76 1.22 9.37
N LEU R 35 -32.51 2.10 10.02
CA LEU R 35 -32.66 2.02 11.47
C LEU R 35 -33.70 1.01 11.90
N ASN R 36 -34.52 0.52 10.97
CA ASN R 36 -35.56 -0.45 11.28
C ASN R 36 -35.25 -1.85 10.80
N LYS R 37 -34.07 -2.08 10.23
CA LYS R 37 -33.72 -3.40 9.74
C LYS R 37 -33.60 -4.38 10.90
N VAL R 38 -34.12 -5.59 10.70
CA VAL R 38 -34.19 -6.61 11.74
C VAL R 38 -33.10 -7.63 11.50
N PHE R 39 -32.40 -8.01 12.57
CA PHE R 39 -31.33 -8.98 12.53
C PHE R 39 -31.63 -10.12 13.49
N PRO R 40 -31.49 -11.38 13.07
CA PRO R 40 -31.69 -12.49 14.00
C PRO R 40 -30.61 -12.51 15.06
N THR R 41 -30.95 -13.06 16.23
CA THR R 41 -30.07 -13.07 17.39
C THR R 41 -29.78 -14.51 17.77
N HIS R 42 -28.77 -15.09 17.16
CA HIS R 42 -28.28 -16.41 17.54
C HIS R 42 -26.79 -16.29 17.79
N TRP R 43 -26.31 -16.95 18.84
CA TRP R 43 -24.89 -16.83 19.20
C TRP R 43 -24.00 -17.24 18.04
N SER R 44 -24.49 -18.08 17.14
CA SER R 44 -23.72 -18.57 16.03
C SER R 44 -23.54 -17.56 14.91
N PHE R 45 -24.19 -16.41 14.99
CA PHE R 45 -24.13 -15.41 13.93
C PHE R 45 -23.12 -14.30 14.23
N LEU R 46 -22.16 -14.54 15.11
CA LEU R 46 -21.11 -13.58 15.42
C LEU R 46 -19.73 -14.06 15.00
N LEU R 47 -19.64 -15.28 14.47
CA LEU R 47 -18.36 -15.83 14.06
C LEU R 47 -17.77 -15.10 12.85
N GLY R 48 -18.59 -14.34 12.12
CA GLY R 48 -18.06 -13.48 11.08
C GLY R 48 -17.61 -12.14 11.61
N GLU R 49 -18.33 -11.63 12.61
CA GLU R 49 -17.89 -10.40 13.26
C GLU R 49 -16.52 -10.57 13.87
N ILE R 50 -16.23 -11.76 14.40
CA ILE R 50 -14.89 -12.01 14.96
C ILE R 50 -13.81 -11.77 13.90
N ALA R 51 -14.00 -12.34 12.71
CA ALA R 51 -13.01 -12.19 11.66
C ALA R 51 -12.92 -10.75 11.18
N LEU R 52 -14.07 -10.06 11.09
CA LEU R 52 -14.05 -8.67 10.67
C LEU R 52 -13.24 -7.80 11.63
N TYR R 53 -13.44 -7.99 12.92
CA TYR R 53 -12.73 -7.18 13.91
C TYR R 53 -11.25 -7.53 13.93
N SER R 54 -10.91 -8.80 13.76
CA SER R 54 -9.50 -9.17 13.64
C SER R 54 -8.85 -8.48 12.45
N PHE R 55 -9.57 -8.39 11.32
CA PHE R 55 -9.02 -7.71 10.16
C PHE R 55 -8.80 -6.24 10.42
N VAL R 56 -9.74 -5.59 11.13
CA VAL R 56 -9.56 -4.17 11.45
C VAL R 56 -8.31 -3.96 12.30
N VAL R 57 -8.13 -4.80 13.32
CA VAL R 57 -6.95 -4.67 14.17
C VAL R 57 -5.67 -4.91 13.37
N LEU R 58 -5.72 -5.86 12.43
CA LEU R 58 -4.57 -6.10 11.56
C LEU R 58 -4.22 -4.86 10.76
N LEU R 59 -5.23 -4.21 10.17
CA LEU R 59 -4.99 -2.99 9.41
C LEU R 59 -4.30 -1.94 10.26
N ILE R 60 -4.82 -1.69 11.47
CA ILE R 60 -4.28 -0.62 12.30
C ILE R 60 -2.83 -0.92 12.68
N THR R 61 -2.57 -2.12 13.20
CA THR R 61 -1.22 -2.43 13.64
C THR R 61 -0.23 -2.50 12.47
N GLY R 62 -0.68 -2.92 11.28
CA GLY R 62 0.23 -2.93 10.15
C GLY R 62 0.57 -1.54 9.68
N VAL R 63 -0.40 -0.63 9.70
CA VAL R 63 -0.10 0.76 9.36
C VAL R 63 0.91 1.34 10.35
N TYR R 64 0.78 0.99 11.63
CA TYR R 64 1.80 1.41 12.59
C TYR R 64 3.17 0.81 12.24
N LEU R 65 3.20 -0.47 11.88
CA LEU R 65 4.48 -1.14 11.67
C LEU R 65 5.22 -0.62 10.44
N THR R 66 4.49 -0.17 9.41
CA THR R 66 5.16 0.26 8.19
C THR R 66 6.07 1.47 8.38
N LEU R 67 5.98 2.17 9.50
CA LEU R 67 6.80 3.35 9.73
C LEU R 67 8.22 3.03 10.17
N PHE R 68 8.54 1.77 10.42
CA PHE R 68 9.85 1.41 10.95
C PHE R 68 10.55 0.31 10.17
N PHE R 69 9.88 -0.33 9.22
CA PHE R 69 10.43 -1.47 8.51
C PHE R 69 11.16 -1.03 7.25
N ASP R 70 12.30 -1.64 6.99
CA ASP R 70 13.09 -1.38 5.79
C ASP R 70 13.30 -2.69 5.05
N PRO R 71 12.63 -2.92 3.92
CA PRO R 71 12.70 -4.22 3.23
C PRO R 71 13.82 -4.36 2.19
N SER R 72 15.05 -4.43 2.66
CA SER R 72 16.18 -4.65 1.77
C SER R 72 16.83 -5.98 2.08
N MET R 73 17.65 -6.45 1.14
CA MET R 73 18.40 -7.69 1.31
C MET R 73 19.90 -7.46 1.27
N VAL R 74 20.34 -6.22 1.42
CA VAL R 74 21.75 -5.91 1.49
C VAL R 74 22.31 -6.33 2.85
N ASP R 75 23.60 -6.62 2.89
CA ASP R 75 24.22 -7.11 4.10
C ASP R 75 24.84 -5.97 4.90
N VAL R 76 24.68 -6.05 6.22
CA VAL R 76 25.27 -5.10 7.15
C VAL R 76 25.77 -5.88 8.36
N THR R 77 26.54 -5.21 9.20
CA THR R 77 26.94 -5.73 10.50
C THR R 77 26.07 -5.07 11.56
N TYR R 78 25.65 -5.87 12.55
CA TYR R 78 24.56 -5.42 13.41
C TYR R 78 24.91 -4.14 14.17
N ASN R 79 25.87 -4.21 15.08
CA ASN R 79 26.26 -3.05 15.89
C ASN R 79 25.05 -2.34 16.50
N GLY R 80 24.34 -3.07 17.34
CA GLY R 80 23.14 -2.59 18.00
C GLY R 80 23.22 -2.79 19.50
N VAL R 81 22.05 -2.96 20.11
CA VAL R 81 21.96 -3.07 21.57
C VAL R 81 21.93 -4.52 22.00
N TYR R 82 21.35 -5.39 21.18
CA TYR R 82 21.31 -6.82 21.49
C TYR R 82 22.72 -7.39 21.36
N GLN R 83 23.33 -7.72 22.49
CA GLN R 83 24.75 -8.06 22.53
C GLN R 83 25.09 -9.42 21.91
N PRO R 84 24.32 -10.49 22.16
CA PRO R 84 24.72 -11.79 21.59
C PRO R 84 24.68 -11.86 20.07
N LEU R 85 24.35 -10.76 19.40
CA LEU R 85 24.35 -10.73 17.94
C LEU R 85 25.26 -9.64 17.38
N ARG R 86 26.04 -8.97 18.22
CA ARG R 86 26.91 -7.90 17.73
C ARG R 86 28.04 -8.46 16.88
N GLY R 87 28.30 -7.81 15.76
CA GLY R 87 29.31 -8.26 14.84
C GLY R 87 28.85 -9.28 13.82
N VAL R 88 27.64 -9.78 13.94
CA VAL R 88 27.11 -10.76 12.98
C VAL R 88 26.61 -10.01 11.75
N GLU R 89 26.84 -10.59 10.58
CA GLU R 89 26.44 -9.97 9.33
C GLU R 89 25.03 -10.44 8.94
N MET R 90 24.15 -9.48 8.70
CA MET R 90 22.74 -9.78 8.49
C MET R 90 22.20 -8.87 7.40
N SER R 91 20.99 -9.18 6.92
CA SER R 91 20.34 -8.33 5.96
C SER R 91 19.78 -7.08 6.64
N ARG R 92 19.22 -6.18 5.84
CA ARG R 92 18.68 -4.94 6.39
C ARG R 92 17.28 -5.15 6.96
N ALA R 93 16.51 -6.09 6.40
CA ALA R 93 15.19 -6.38 6.95
C ALA R 93 15.29 -6.98 8.34
N TYR R 94 16.21 -7.93 8.53
CA TYR R 94 16.37 -8.53 9.86
C TYR R 94 16.81 -7.50 10.88
N GLN R 95 17.70 -6.60 10.48
CA GLN R 95 18.13 -5.55 11.40
C GLN R 95 16.99 -4.59 11.72
N SER R 96 16.15 -4.27 10.75
CA SER R 96 15.02 -3.40 11.01
C SER R 96 14.02 -4.06 11.96
N ALA R 97 13.81 -5.37 11.81
CA ALA R 97 12.94 -6.08 12.75
C ALA R 97 13.52 -6.11 14.15
N LEU R 98 14.83 -6.33 14.27
CA LEU R 98 15.48 -6.27 15.58
C LEU R 98 15.36 -4.88 16.18
N ASP R 99 15.43 -3.84 15.35
CA ASP R 99 15.33 -2.48 15.85
C ASP R 99 13.91 -2.17 16.32
N ILE R 100 12.92 -2.69 15.61
CA ILE R 100 11.54 -2.60 16.08
C ILE R 100 11.40 -3.29 17.43
N SER R 101 12.02 -4.47 17.58
CA SER R 101 11.83 -5.25 18.79
C SER R 101 12.50 -4.61 20.00
N PHE R 102 13.71 -4.06 19.83
CA PHE R 102 14.51 -3.67 20.98
C PHE R 102 14.72 -2.16 21.15
N GLU R 103 14.42 -1.34 20.15
CA GLU R 103 14.78 0.06 20.24
C GLU R 103 13.63 1.05 20.03
N VAL R 104 12.41 0.57 19.86
CA VAL R 104 11.23 1.42 19.80
C VAL R 104 10.36 1.11 21.01
N ARG R 105 9.97 2.13 21.75
CA ARG R 105 9.19 1.96 22.97
C ARG R 105 7.81 1.44 22.61
N GLY R 106 7.58 0.16 22.84
CA GLY R 106 6.31 -0.46 22.54
C GLY R 106 6.20 -1.12 21.19
N GLY R 107 7.31 -1.47 20.56
CA GLY R 107 7.28 -2.08 19.25
C GLY R 107 7.08 -3.58 19.29
N LEU R 108 7.74 -4.23 20.24
CA LEU R 108 7.56 -5.67 20.43
C LEU R 108 6.10 -5.99 20.73
N PHE R 109 5.48 -5.20 21.59
CA PHE R 109 4.06 -5.36 21.89
C PHE R 109 3.21 -5.28 20.63
N VAL R 110 3.53 -4.33 19.75
CA VAL R 110 2.69 -4.12 18.57
C VAL R 110 2.87 -5.27 17.58
N ARG R 111 4.10 -5.74 17.36
CA ARG R 111 4.24 -6.84 16.41
C ARG R 111 3.69 -8.14 16.98
N GLN R 112 3.71 -8.31 18.30
CA GLN R 112 3.07 -9.49 18.88
C GLN R 112 1.56 -9.42 18.72
N ILE R 113 0.97 -8.24 18.89
CA ILE R 113 -0.46 -8.09 18.62
C ILE R 113 -0.75 -8.41 17.16
N HIS R 114 0.10 -7.93 16.26
CA HIS R 114 -0.10 -8.20 14.83
C HIS R 114 -0.14 -9.70 14.56
N HIS R 115 0.83 -10.44 15.10
CA HIS R 115 0.88 -11.87 14.82
C HIS R 115 -0.30 -12.62 15.45
N TRP R 116 -0.65 -12.28 16.69
CA TRP R 116 -1.79 -12.93 17.33
C TRP R 116 -3.07 -12.64 16.58
N ALA R 117 -3.22 -11.41 16.07
CA ALA R 117 -4.41 -11.07 15.31
C ALA R 117 -4.48 -11.83 14.00
N ALA R 118 -3.33 -12.06 13.36
CA ALA R 118 -3.34 -12.89 12.16
C ALA R 118 -3.82 -14.30 12.47
N LEU R 119 -3.32 -14.87 13.57
CA LEU R 119 -3.76 -16.22 13.94
C LEU R 119 -5.26 -16.26 14.22
N MET R 120 -5.77 -15.26 14.94
CA MET R 120 -7.20 -15.24 15.25
C MET R 120 -8.03 -15.04 13.99
N PHE R 121 -7.55 -14.22 13.06
CA PHE R 121 -8.19 -14.07 11.76
C PHE R 121 -8.40 -15.42 11.10
N ALA R 122 -7.32 -16.19 10.97
CA ALA R 122 -7.43 -17.48 10.30
C ALA R 122 -8.38 -18.43 11.03
N ALA R 123 -8.25 -18.50 12.36
CA ALA R 123 -9.09 -19.43 13.11
C ALA R 123 -10.57 -19.07 13.01
N ALA R 124 -10.89 -17.77 13.11
CA ALA R 124 -12.27 -17.34 13.01
C ALA R 124 -12.84 -17.61 11.62
N ILE R 125 -12.04 -17.40 10.59
CA ILE R 125 -12.52 -17.72 9.24
C ILE R 125 -12.88 -19.20 9.14
N MET R 126 -12.03 -20.07 9.70
CA MET R 126 -12.31 -21.50 9.59
C MET R 126 -13.56 -21.90 10.35
N VAL R 127 -13.76 -21.35 11.56
CA VAL R 127 -14.97 -21.67 12.31
C VAL R 127 -16.21 -21.16 11.61
N HIS R 128 -16.13 -19.96 11.02
CA HIS R 128 -17.26 -19.43 10.27
C HIS R 128 -17.60 -20.31 9.07
N LEU R 129 -16.60 -20.77 8.34
CA LEU R 129 -16.85 -21.69 7.24
C LEU R 129 -17.52 -22.96 7.72
N ALA R 130 -17.09 -23.48 8.86
CA ALA R 130 -17.72 -24.69 9.39
C ALA R 130 -19.20 -24.46 9.67
N ARG R 131 -19.53 -23.33 10.29
CA ARG R 131 -20.94 -23.00 10.53
C ARG R 131 -21.72 -22.95 9.22
N ILE R 132 -21.23 -22.17 8.26
CA ILE R 132 -21.93 -21.99 7.00
C ILE R 132 -22.17 -23.32 6.32
N PHE R 133 -21.19 -24.22 6.39
CA PHE R 133 -21.34 -25.51 5.72
C PHE R 133 -22.35 -26.39 6.43
N PHE R 134 -22.28 -26.47 7.76
CA PHE R 134 -23.11 -27.44 8.45
C PHE R 134 -24.57 -27.01 8.54
N THR R 135 -24.83 -25.70 8.66
CA THR R 135 -26.23 -25.28 8.73
C THR R 135 -26.91 -25.21 7.38
N GLY R 136 -26.17 -25.32 6.29
CA GLY R 136 -26.78 -25.29 4.97
C GLY R 136 -27.12 -23.91 4.47
N ALA R 137 -26.37 -22.89 4.88
CA ALA R 137 -26.66 -21.51 4.52
C ALA R 137 -26.07 -21.11 3.18
N PHE R 138 -25.71 -22.07 2.33
CA PHE R 138 -25.14 -21.79 1.03
C PHE R 138 -26.08 -22.12 -0.12
N ARG R 139 -27.33 -22.42 0.17
CA ARG R 139 -28.24 -22.93 -0.85
C ARG R 139 -28.73 -21.78 -1.73
N ARG R 140 -29.77 -22.03 -2.53
CA ARG R 140 -29.98 -21.34 -3.81
C ARG R 140 -29.63 -19.86 -3.85
N PRO R 141 -30.10 -18.99 -2.95
CA PRO R 141 -29.82 -17.56 -3.14
C PRO R 141 -28.38 -17.15 -2.82
N ARG R 142 -27.50 -18.05 -2.35
CA ARG R 142 -26.26 -17.61 -1.72
C ARG R 142 -25.01 -18.38 -2.19
N GLU R 143 -25.06 -19.06 -3.33
CA GLU R 143 -23.86 -19.76 -3.81
C GLU R 143 -22.74 -18.79 -4.11
N THR R 144 -23.05 -17.65 -4.70
CA THR R 144 -22.02 -16.68 -5.02
C THR R 144 -21.38 -16.10 -3.76
N ASN R 145 -22.14 -15.95 -2.70
CA ASN R 145 -21.57 -15.47 -1.45
C ASN R 145 -20.63 -16.52 -0.87
N TRP R 146 -20.99 -17.79 -1.02
CA TRP R 146 -20.07 -18.87 -0.67
C TRP R 146 -18.77 -18.79 -1.47
N VAL R 147 -18.88 -18.51 -2.77
CA VAL R 147 -17.69 -18.45 -3.63
C VAL R 147 -16.77 -17.31 -3.17
N ILE R 148 -17.36 -16.14 -2.92
CA ILE R 148 -16.57 -15.00 -2.44
C ILE R 148 -15.88 -15.34 -1.12
N GLY R 149 -16.58 -16.04 -0.23
CA GLY R 149 -15.94 -16.46 1.02
C GLY R 149 -14.75 -17.38 0.79
N SER R 150 -14.88 -18.33 -0.14
CA SER R 150 -13.77 -19.22 -0.43
C SER R 150 -12.55 -18.45 -0.94
N LEU R 151 -12.77 -17.52 -1.86
CA LEU R 151 -11.66 -16.69 -2.33
C LEU R 151 -11.01 -15.93 -1.19
N LEU R 152 -11.83 -15.39 -0.28
CA LEU R 152 -11.28 -14.68 0.87
C LEU R 152 -10.40 -15.59 1.72
N LEU R 153 -10.81 -16.85 1.89
CA LEU R 153 -10.02 -17.80 2.67
C LEU R 153 -8.65 -18.03 2.04
N ILE R 154 -8.63 -18.29 0.73
CA ILE R 154 -7.36 -18.53 0.04
C ILE R 154 -6.45 -17.32 0.19
N LEU R 155 -6.99 -16.13 -0.05
CA LEU R 155 -6.19 -14.92 0.03
C LEU R 155 -5.64 -14.70 1.42
N ALA R 156 -6.44 -14.99 2.46
CA ALA R 156 -5.96 -14.82 3.82
C ALA R 156 -4.79 -15.75 4.12
N MET R 157 -4.90 -17.01 3.68
CA MET R 157 -3.79 -17.95 3.86
C MET R 157 -2.50 -17.39 3.27
N PHE R 158 -2.55 -17.03 1.98
CA PHE R 158 -1.32 -16.60 1.33
C PHE R 158 -0.81 -15.28 1.88
N GLU R 159 -1.70 -14.40 2.33
CA GLU R 159 -1.28 -13.14 2.90
C GLU R 159 -0.53 -13.36 4.21
N GLY R 160 -1.05 -14.23 5.08
CA GLY R 160 -0.33 -14.54 6.30
C GLY R 160 1.03 -15.14 6.02
N TYR R 161 1.11 -16.02 5.03
CA TYR R 161 2.40 -16.61 4.66
C TYR R 161 3.41 -15.54 4.25
N PHE R 162 3.04 -14.72 3.25
CA PHE R 162 3.92 -13.63 2.83
C PHE R 162 4.26 -12.70 3.99
N GLY R 163 3.37 -12.58 4.96
CA GLY R 163 3.63 -11.68 6.07
C GLY R 163 4.71 -12.19 6.99
N TYR R 164 4.58 -13.43 7.45
CA TYR R 164 5.59 -13.90 8.39
C TYR R 164 6.89 -14.29 7.70
N SER R 165 6.96 -14.24 6.38
CA SER R 165 8.23 -14.44 5.70
C SER R 165 9.02 -13.16 5.49
N LEU R 166 8.58 -12.03 6.05
CA LEU R 166 9.20 -10.74 5.77
C LEU R 166 10.51 -10.52 6.53
N PRO R 167 10.56 -10.62 7.87
CA PRO R 167 11.83 -10.39 8.56
C PRO R 167 12.75 -11.58 8.42
N ASP R 168 13.50 -11.66 7.32
CA ASP R 168 14.08 -12.93 6.94
C ASP R 168 15.08 -13.45 7.96
N ASP R 169 14.66 -14.46 8.72
CA ASP R 169 15.51 -15.16 9.65
C ASP R 169 15.61 -16.61 9.22
N LEU R 170 16.19 -17.47 10.05
CA LEU R 170 16.51 -18.82 9.62
C LEU R 170 15.25 -19.61 9.28
N LEU R 171 14.22 -19.52 10.13
CA LEU R 171 13.01 -20.31 9.92
C LEU R 171 12.24 -19.84 8.70
N SER R 172 12.00 -18.53 8.60
CA SER R 172 11.32 -17.97 7.43
C SER R 172 12.08 -18.29 6.16
N GLY R 173 13.42 -18.23 6.20
CA GLY R 173 14.21 -18.55 5.03
C GLY R 173 14.05 -19.99 4.61
N LEU R 174 14.08 -20.92 5.56
CA LEU R 174 13.87 -22.32 5.21
C LEU R 174 12.49 -22.53 4.60
N GLY R 175 11.47 -21.91 5.18
CA GLY R 175 10.12 -22.05 4.63
C GLY R 175 10.03 -21.54 3.21
N LEU R 176 10.48 -20.31 2.98
CA LEU R 176 10.54 -19.76 1.63
C LEU R 176 11.24 -20.71 0.68
N ARG R 177 12.51 -21.01 0.97
CA ARG R 177 13.33 -21.86 0.11
C ARG R 177 12.54 -23.11 -0.26
N ALA R 178 12.24 -23.95 0.72
CA ALA R 178 11.63 -25.23 0.43
C ALA R 178 10.34 -25.02 -0.35
N ALA R 179 9.32 -24.46 0.30
CA ALA R 179 8.00 -24.43 -0.32
C ALA R 179 8.05 -23.67 -1.64
N LEU R 180 8.27 -22.36 -1.57
CA LEU R 180 8.14 -21.54 -2.77
C LEU R 180 9.14 -21.98 -3.83
N SER R 181 10.44 -21.88 -3.52
CA SER R 181 11.45 -22.07 -4.55
C SER R 181 11.36 -23.47 -5.13
N SER R 182 11.41 -24.49 -4.29
CA SER R 182 11.59 -25.83 -4.81
C SER R 182 10.30 -26.56 -5.09
N ILE R 183 9.14 -25.94 -4.90
CA ILE R 183 7.94 -26.51 -5.50
C ILE R 183 7.59 -25.80 -6.79
N THR R 184 7.86 -24.50 -6.89
CA THR R 184 7.69 -23.82 -8.16
C THR R 184 8.72 -24.31 -9.18
N LEU R 185 9.91 -24.70 -8.71
CA LEU R 185 10.97 -25.16 -9.59
C LEU R 185 10.66 -26.51 -10.24
N GLY R 186 9.75 -27.29 -9.67
CA GLY R 186 9.52 -28.64 -10.11
C GLY R 186 8.32 -28.85 -11.01
N MET R 187 7.56 -27.81 -11.33
CA MET R 187 6.38 -27.99 -12.16
C MET R 187 6.79 -28.52 -13.54
N PRO R 188 5.91 -29.29 -14.19
CA PRO R 188 6.33 -30.06 -15.36
C PRO R 188 7.00 -29.27 -16.48
N VAL R 189 6.34 -28.31 -17.11
CA VAL R 189 6.90 -27.65 -18.28
C VAL R 189 7.31 -26.22 -17.99
N ILE R 190 6.43 -25.44 -17.38
CA ILE R 190 6.74 -24.04 -17.11
C ILE R 190 7.84 -23.93 -16.06
N GLY R 191 7.53 -24.33 -14.82
CA GLY R 191 8.56 -24.59 -13.83
C GLY R 191 9.58 -23.50 -13.60
N THR R 192 10.80 -23.76 -14.09
CA THR R 192 11.90 -22.82 -13.93
C THR R 192 11.58 -21.44 -14.49
N TRP R 193 10.72 -21.37 -15.49
CA TRP R 193 10.32 -20.06 -16.02
C TRP R 193 9.56 -19.26 -14.97
N LEU R 194 8.62 -19.91 -14.28
CA LEU R 194 7.94 -19.26 -13.17
C LEU R 194 8.93 -18.87 -12.08
N HIS R 195 9.86 -19.77 -11.75
CA HIS R 195 10.82 -19.48 -10.70
C HIS R 195 11.64 -18.24 -11.03
N TRP R 196 12.09 -18.12 -12.28
CA TRP R 196 12.93 -16.99 -12.64
C TRP R 196 12.13 -15.71 -12.83
N ALA R 197 10.86 -15.82 -13.22
CA ALA R 197 10.01 -14.64 -13.26
C ALA R 197 9.71 -14.11 -11.87
N LEU R 198 9.60 -15.00 -10.88
CA LEU R 198 9.24 -14.58 -9.54
C LEU R 198 10.43 -14.11 -8.72
N PHE R 199 11.53 -14.85 -8.76
CA PHE R 199 12.71 -14.51 -7.95
C PHE R 199 13.69 -13.60 -8.69
N GLY R 200 13.52 -13.39 -9.98
CA GLY R 200 14.48 -12.64 -10.75
C GLY R 200 15.76 -13.39 -11.06
N GLY R 201 15.82 -14.68 -10.73
CA GLY R 201 17.04 -15.45 -10.91
C GLY R 201 16.98 -16.72 -10.10
N ASP R 202 18.11 -17.13 -9.53
CA ASP R 202 18.11 -18.30 -8.67
C ASP R 202 17.67 -17.87 -7.26
N PHE R 203 17.54 -18.83 -6.36
CA PHE R 203 16.73 -18.63 -5.15
C PHE R 203 17.13 -17.38 -4.36
N PRO R 204 18.33 -17.31 -3.77
CA PRO R 204 18.62 -16.12 -2.97
C PRO R 204 18.97 -14.97 -3.89
N GLY R 205 18.04 -14.05 -4.10
CA GLY R 205 18.21 -12.97 -5.03
C GLY R 205 18.46 -11.65 -4.33
N THR R 206 17.98 -10.57 -4.95
CA THR R 206 18.03 -9.26 -4.36
C THR R 206 16.70 -8.53 -4.45
N ILE R 207 15.69 -9.12 -5.08
CA ILE R 207 14.42 -8.47 -5.31
C ILE R 207 13.26 -9.23 -4.67
N LEU R 208 13.55 -10.26 -3.89
CA LEU R 208 12.48 -11.08 -3.31
C LEU R 208 11.76 -10.34 -2.20
N ILE R 209 12.50 -9.83 -1.22
CA ILE R 209 11.88 -9.23 -0.03
C ILE R 209 11.14 -7.93 -0.37
N PRO R 210 11.68 -7.03 -1.20
CA PRO R 210 10.86 -5.87 -1.59
C PRO R 210 9.59 -6.24 -2.33
N ARG R 211 9.66 -7.26 -3.18
CA ARG R 211 8.47 -7.71 -3.90
C ARG R 211 7.42 -8.28 -2.95
N LEU R 212 7.86 -9.09 -1.99
CA LEU R 212 6.93 -9.62 -0.99
C LEU R 212 6.35 -8.49 -0.15
N TYR R 213 7.16 -7.49 0.18
CA TYR R 213 6.68 -6.35 0.96
C TYR R 213 5.57 -5.61 0.21
N ALA R 214 5.81 -5.33 -1.07
CA ALA R 214 4.80 -4.66 -1.89
C ALA R 214 3.53 -5.51 -2.00
N LEU R 215 3.69 -6.81 -2.21
CA LEU R 215 2.51 -7.69 -2.27
C LEU R 215 1.76 -7.72 -0.95
N HIS R 216 2.47 -7.58 0.17
CA HIS R 216 1.87 -7.85 1.47
C HIS R 216 1.19 -6.62 2.05
N ILE R 217 1.73 -5.43 1.82
CA ILE R 217 1.12 -4.25 2.42
C ILE R 217 0.13 -3.55 1.49
N LEU R 218 0.17 -3.80 0.19
CA LEU R 218 -0.63 -3.02 -0.75
C LEU R 218 -1.64 -3.84 -1.52
N LEU R 219 -1.21 -4.90 -2.22
CA LEU R 219 -2.09 -5.57 -3.18
C LEU R 219 -3.10 -6.47 -2.48
N LEU R 220 -2.63 -7.47 -1.76
CA LEU R 220 -3.55 -8.42 -1.13
C LEU R 220 -4.47 -7.77 -0.11
N PRO R 221 -4.02 -6.82 0.72
CA PRO R 221 -5.01 -6.10 1.56
C PRO R 221 -6.06 -5.36 0.76
N GLY R 222 -5.69 -4.79 -0.38
CA GLY R 222 -6.69 -4.11 -1.20
C GLY R 222 -7.72 -5.07 -1.77
N ILE R 223 -7.25 -6.20 -2.30
CA ILE R 223 -8.19 -7.19 -2.84
C ILE R 223 -9.08 -7.73 -1.72
N ILE R 224 -8.51 -7.99 -0.56
CA ILE R 224 -9.29 -8.51 0.57
C ILE R 224 -10.32 -7.49 1.02
N LEU R 225 -9.96 -6.20 1.02
CA LEU R 225 -10.89 -5.17 1.43
C LEU R 225 -12.06 -5.07 0.44
N ALA R 226 -11.77 -5.11 -0.85
CA ALA R 226 -12.84 -5.08 -1.85
C ALA R 226 -13.77 -6.29 -1.70
N LEU R 227 -13.19 -7.48 -1.53
CA LEU R 227 -14.01 -8.67 -1.40
C LEU R 227 -14.83 -8.66 -0.12
N ILE R 228 -14.29 -8.11 0.97
CA ILE R 228 -15.05 -8.03 2.21
C ILE R 228 -16.20 -7.05 2.08
N GLY R 229 -15.96 -5.92 1.40
CA GLY R 229 -17.05 -4.99 1.13
C GLY R 229 -18.16 -5.65 0.34
N LEU R 230 -17.80 -6.38 -0.72
CA LEU R 230 -18.81 -7.05 -1.53
C LEU R 230 -19.56 -8.10 -0.71
N HIS R 231 -18.83 -8.86 0.10
CA HIS R 231 -19.44 -9.88 0.96
C HIS R 231 -20.48 -9.27 1.89
N LEU R 232 -20.12 -8.20 2.59
CA LEU R 232 -21.04 -7.59 3.53
C LEU R 232 -22.21 -6.93 2.82
N ALA R 233 -22.00 -6.37 1.63
CA ALA R 233 -23.11 -5.81 0.87
C ALA R 233 -24.12 -6.90 0.50
N LEU R 234 -23.62 -8.02 -0.02
CA LEU R 234 -24.51 -9.12 -0.37
C LEU R 234 -25.26 -9.64 0.85
N VAL R 235 -24.61 -9.69 2.01
CA VAL R 235 -25.31 -10.14 3.20
C VAL R 235 -26.34 -9.10 3.65
N TRP R 236 -26.08 -7.83 3.42
CA TRP R 236 -27.00 -6.78 3.85
C TRP R 236 -28.26 -6.77 3.00
N PHE R 237 -28.12 -6.95 1.68
CA PHE R 237 -29.27 -6.80 0.81
C PHE R 237 -30.05 -8.09 0.59
N GLN R 238 -29.40 -9.24 0.68
CA GLN R 238 -30.10 -10.51 0.87
C GLN R 238 -30.17 -10.75 2.37
N LYS R 239 -31.34 -10.54 2.95
CA LYS R 239 -31.45 -10.56 4.41
C LYS R 239 -30.99 -11.90 4.97
N HIS R 240 -30.63 -11.88 6.26
CA HIS R 240 -30.03 -13.04 6.91
C HIS R 240 -31.00 -14.22 6.97
N THR R 241 -30.44 -15.41 7.09
CA THR R 241 -31.23 -16.62 7.29
C THR R 241 -31.59 -16.75 8.77
N GLN R 242 -32.32 -17.81 9.10
CA GLN R 242 -32.73 -18.03 10.49
C GLN R 242 -33.08 -19.49 10.67
N PHE R 243 -33.11 -19.89 11.91
CA PHE R 243 -33.48 -21.25 12.31
C PHE R 243 -34.99 -21.36 12.45
N PRO R 244 -35.56 -22.53 12.15
CA PRO R 244 -37.00 -22.72 12.38
C PRO R 244 -37.34 -22.60 13.85
N GLY R 245 -38.53 -22.08 14.12
CA GLY R 245 -38.94 -21.84 15.49
C GLY R 245 -40.42 -21.50 15.60
N PRO R 246 -40.80 -20.86 16.71
CA PRO R 246 -42.22 -20.55 16.95
C PRO R 246 -42.87 -19.70 15.87
N GLY R 247 -42.34 -18.51 15.63
CA GLY R 247 -42.99 -17.59 14.72
C GLY R 247 -42.23 -17.34 13.44
N ARG R 248 -41.33 -18.25 13.08
CA ARG R 248 -40.44 -18.04 11.96
C ARG R 248 -40.99 -18.71 10.71
N THR R 249 -40.95 -17.98 9.60
CA THR R 249 -41.40 -18.47 8.31
C THR R 249 -40.35 -18.19 7.27
N GLU R 250 -40.59 -18.69 6.06
CA GLU R 250 -39.68 -18.39 4.95
C GLU R 250 -39.89 -17.00 4.40
N HIS R 251 -40.77 -16.20 5.00
CA HIS R 251 -41.14 -14.90 4.46
C HIS R 251 -40.91 -13.75 5.43
N ASN R 252 -40.34 -14.00 6.60
CA ASN R 252 -40.13 -12.93 7.57
C ASN R 252 -38.83 -13.16 8.32
N VAL R 253 -38.37 -12.10 8.97
CA VAL R 253 -37.17 -12.14 9.79
C VAL R 253 -37.55 -11.74 11.20
N VAL R 254 -37.31 -12.62 12.16
CA VAL R 254 -37.65 -12.37 13.55
C VAL R 254 -36.37 -12.12 14.33
N GLY R 255 -36.28 -10.99 15.00
CA GLY R 255 -35.09 -10.65 15.75
C GLY R 255 -35.23 -9.34 16.47
N VAL R 256 -34.19 -8.51 16.42
CA VAL R 256 -34.22 -7.19 17.02
C VAL R 256 -33.82 -6.17 15.95
N ARG R 257 -34.37 -4.96 16.08
CA ARG R 257 -34.00 -3.90 15.17
C ARG R 257 -32.58 -3.44 15.45
N VAL R 258 -31.96 -2.83 14.43
CA VAL R 258 -30.63 -2.27 14.60
C VAL R 258 -30.65 -1.21 15.71
N MET R 259 -31.66 -0.35 15.67
CA MET R 259 -31.66 1.00 16.22
C MET R 259 -31.10 1.11 17.63
N PRO R 260 -31.72 0.51 18.68
CA PRO R 260 -31.10 0.61 20.00
C PRO R 260 -30.09 -0.49 20.29
N VAL R 261 -30.36 -1.70 19.80
CA VAL R 261 -29.82 -2.93 20.38
C VAL R 261 -28.65 -3.47 19.57
N PHE R 262 -28.83 -3.62 18.26
CA PHE R 262 -27.87 -4.44 17.53
C PHE R 262 -26.52 -3.75 17.40
N ALA R 263 -26.52 -2.44 17.14
CA ALA R 263 -25.26 -1.70 17.12
C ALA R 263 -24.56 -1.78 18.47
N PHE R 264 -25.32 -1.74 19.55
CA PHE R 264 -24.75 -1.81 20.88
C PHE R 264 -24.05 -3.15 21.11
N LYS R 265 -24.73 -4.24 20.79
CA LYS R 265 -24.14 -5.56 20.97
C LYS R 265 -22.91 -5.74 20.09
N SER R 266 -22.97 -5.24 18.85
CA SER R 266 -21.82 -5.36 17.95
C SER R 266 -20.62 -4.59 18.48
N GLY R 267 -20.83 -3.36 18.94
CA GLY R 267 -19.72 -2.58 19.46
C GLY R 267 -19.12 -3.19 20.72
N ALA R 268 -19.97 -3.71 21.61
CA ALA R 268 -19.45 -4.35 22.81
C ALA R 268 -18.63 -5.58 22.46
N PHE R 269 -19.08 -6.35 21.46
CA PHE R 269 -18.30 -7.51 21.03
C PHE R 269 -16.96 -7.09 20.45
N PHE R 270 -16.95 -6.01 19.66
CA PHE R 270 -15.69 -5.49 19.13
C PHE R 270 -14.72 -5.16 20.25
N ALA R 271 -15.20 -4.44 21.26
CA ALA R 271 -14.31 -4.07 22.36
C ALA R 271 -13.80 -5.29 23.11
N ALA R 272 -14.65 -6.30 23.30
CA ALA R 272 -14.19 -7.50 24.01
C ALA R 272 -13.14 -8.26 23.21
N ILE R 273 -13.30 -8.34 21.90
CA ILE R 273 -12.30 -9.03 21.09
C ILE R 273 -10.98 -8.26 21.11
N VAL R 274 -11.02 -6.94 21.01
CA VAL R 274 -9.80 -6.16 21.10
C VAL R 274 -9.14 -6.38 22.46
N GLY R 275 -9.93 -6.50 23.52
CA GLY R 275 -9.36 -6.75 24.83
C GLY R 275 -8.65 -8.08 24.91
N VAL R 276 -9.28 -9.13 24.39
CA VAL R 276 -8.65 -10.45 24.40
C VAL R 276 -7.36 -10.43 23.61
N LEU R 277 -7.36 -9.80 22.44
CA LEU R 277 -6.15 -9.75 21.62
C LEU R 277 -5.04 -9.00 22.32
N GLY R 278 -5.36 -7.87 22.96
CA GLY R 278 -4.33 -7.13 23.70
C GLY R 278 -3.76 -7.94 24.84
N LEU R 279 -4.63 -8.61 25.60
CA LEU R 279 -4.16 -9.42 26.71
C LEU R 279 -3.20 -10.50 26.24
N MET R 280 -3.60 -11.29 25.24
CA MET R 280 -2.75 -12.39 24.83
C MET R 280 -1.59 -11.95 23.95
N GLY R 281 -1.56 -10.69 23.53
CA GLY R 281 -0.39 -10.17 22.85
C GLY R 281 0.59 -9.58 23.84
N GLY R 282 0.11 -9.29 25.04
CA GLY R 282 1.00 -8.83 26.08
C GLY R 282 1.57 -9.94 26.94
N LEU R 283 0.82 -11.03 27.13
CA LEU R 283 1.22 -12.05 28.09
C LEU R 283 1.89 -13.28 27.46
N LEU R 284 1.66 -13.55 26.18
CA LEU R 284 2.25 -14.71 25.53
C LEU R 284 3.19 -14.26 24.44
N GLN R 285 4.28 -14.99 24.26
CA GLN R 285 5.32 -14.63 23.31
C GLN R 285 5.18 -15.43 22.03
N ILE R 286 5.33 -14.75 20.89
CA ILE R 286 5.16 -15.34 19.58
C ILE R 286 6.26 -14.84 18.66
N ASN R 287 6.90 -15.76 17.95
CA ASN R 287 7.96 -15.48 16.98
C ASN R 287 9.09 -14.65 17.57
N PRO R 288 9.91 -15.22 18.46
CA PRO R 288 11.08 -14.49 18.95
C PRO R 288 12.26 -14.56 17.99
N ILE R 289 12.30 -13.67 17.01
CA ILE R 289 13.27 -13.77 15.92
C ILE R 289 14.71 -13.64 16.38
N TRP R 290 14.95 -13.06 17.56
CA TRP R 290 16.32 -12.88 18.01
C TRP R 290 16.96 -14.17 18.51
N ASN R 291 16.15 -15.11 19.01
CA ASN R 291 16.69 -16.41 19.38
C ASN R 291 17.19 -17.17 18.16
N LEU R 292 16.55 -16.94 17.03
CA LEU R 292 17.04 -17.43 15.74
C LEU R 292 18.22 -16.57 15.30
N GLY R 293 18.66 -16.79 14.07
CA GLY R 293 19.66 -15.91 13.50
C GLY R 293 19.21 -15.44 12.14
N PRO R 294 20.03 -14.61 11.50
CA PRO R 294 19.75 -14.25 10.10
C PRO R 294 19.85 -15.47 9.22
N TYR R 295 19.14 -15.42 8.09
CA TYR R 295 19.10 -16.57 7.21
C TYR R 295 20.44 -16.77 6.54
N LYS R 296 20.92 -18.02 6.54
CA LYS R 296 22.14 -18.40 5.86
C LYS R 296 21.91 -19.79 5.27
N PRO R 297 22.27 -20.01 4.01
CA PRO R 297 21.92 -21.27 3.34
C PRO R 297 22.66 -22.49 3.86
N SER R 298 23.54 -22.35 4.85
CA SER R 298 24.36 -23.48 5.29
C SER R 298 23.94 -24.08 6.62
N GLN R 299 23.11 -23.39 7.40
CA GLN R 299 22.73 -23.85 8.73
C GLN R 299 21.22 -24.01 8.82
N VAL R 300 20.78 -24.86 9.74
CA VAL R 300 19.39 -25.26 9.85
C VAL R 300 19.11 -25.61 11.31
N SER R 301 17.83 -25.71 11.65
CA SER R 301 17.44 -26.18 12.98
C SER R 301 16.45 -27.33 12.88
N ALA R 302 15.85 -27.72 14.00
CA ALA R 302 15.07 -28.95 14.07
C ALA R 302 13.57 -28.76 13.93
N GLY R 303 13.02 -27.63 14.35
CA GLY R 303 11.57 -27.46 14.32
C GLY R 303 10.99 -27.36 12.94
N SER R 304 11.27 -26.27 12.25
CA SER R 304 10.87 -26.05 10.86
C SER R 304 9.47 -25.60 11.25
N GLN R 305 8.46 -25.99 10.49
CA GLN R 305 7.08 -25.67 10.85
C GLN R 305 6.59 -24.28 10.46
N PRO R 306 5.59 -24.21 9.60
CA PRO R 306 4.91 -22.92 9.37
C PRO R 306 3.74 -22.72 10.32
N ASP R 307 3.09 -21.57 10.25
CA ASP R 307 1.93 -21.31 11.09
C ASP R 307 0.81 -22.28 10.76
N PHE R 308 -0.14 -22.41 11.70
CA PHE R 308 -1.02 -23.56 11.70
C PHE R 308 -1.95 -23.63 10.49
N TYR R 309 -1.98 -22.62 9.63
CA TYR R 309 -2.83 -22.68 8.45
C TYR R 309 -2.09 -23.15 7.21
N MET R 310 -0.79 -23.43 7.30
CA MET R 310 -0.04 -24.08 6.24
C MET R 310 0.49 -25.45 6.68
N MET R 311 0.21 -25.82 7.93
CA MET R 311 0.70 -27.10 8.44
C MET R 311 0.13 -28.27 7.66
N TRP R 312 -1.06 -28.12 7.09
CA TRP R 312 -1.61 -29.24 6.31
C TRP R 312 -0.85 -29.43 5.01
N THR R 313 -0.35 -28.33 4.44
CA THR R 313 0.45 -28.41 3.22
C THR R 313 1.77 -29.11 3.52
N GLU R 314 2.36 -28.76 4.66
CA GLU R 314 3.62 -29.34 5.08
C GLU R 314 3.46 -30.84 5.37
N GLY R 315 2.39 -31.18 6.08
CA GLY R 315 2.13 -32.57 6.41
C GLY R 315 1.86 -33.42 5.19
N LEU R 316 1.12 -32.86 4.22
CA LEU R 316 0.90 -33.57 2.97
C LEU R 316 2.21 -33.81 2.25
N ALA R 317 3.13 -32.85 2.30
CA ALA R 317 4.44 -33.06 1.69
C ALA R 317 5.25 -34.10 2.46
N ARG R 318 5.02 -34.23 3.77
CA ARG R 318 5.79 -35.19 4.56
C ARG R 318 5.33 -36.62 4.30
N ILE R 319 4.01 -36.85 4.31
CA ILE R 319 3.53 -38.22 4.28
C ILE R 319 3.15 -38.66 2.87
N TRP R 320 3.67 -37.96 1.86
CA TRP R 320 3.35 -38.52 0.56
C TRP R 320 4.52 -39.36 0.05
N PRO R 321 4.27 -40.57 -0.43
CA PRO R 321 5.37 -41.48 -0.78
C PRO R 321 6.19 -40.94 -1.93
N PRO R 322 7.43 -41.41 -2.08
CA PRO R 322 8.33 -40.92 -3.16
C PRO R 322 8.09 -41.59 -4.51
N TRP R 323 7.13 -41.05 -5.25
CA TRP R 323 6.78 -41.58 -6.57
C TRP R 323 7.18 -40.55 -7.61
N GLU R 324 8.22 -40.86 -8.38
CA GLU R 324 8.70 -40.00 -9.44
C GLU R 324 8.66 -40.76 -10.75
N PHE R 325 8.68 -40.01 -11.85
CA PHE R 325 8.66 -40.60 -13.19
C PHE R 325 9.81 -40.06 -13.99
N TYR R 326 10.62 -40.96 -14.55
CA TYR R 326 11.74 -40.61 -15.40
C TYR R 326 11.53 -41.22 -16.77
N PHE R 327 11.37 -40.37 -17.78
CA PHE R 327 11.22 -40.81 -19.16
C PHE R 327 12.27 -40.04 -19.96
N TRP R 328 12.12 -40.03 -21.28
CA TRP R 328 13.17 -39.53 -22.16
C TRP R 328 13.61 -38.11 -21.81
N HIS R 329 14.84 -37.99 -21.31
CA HIS R 329 15.53 -36.71 -21.13
C HIS R 329 14.82 -35.78 -20.16
N HIS R 330 14.02 -36.35 -19.26
CA HIS R 330 13.20 -35.50 -18.41
C HIS R 330 12.98 -36.15 -17.05
N THR R 331 12.31 -35.41 -16.17
CA THR R 331 12.09 -35.84 -14.80
C THR R 331 10.87 -35.15 -14.22
N ILE R 332 9.98 -35.91 -13.61
CA ILE R 332 8.83 -35.37 -12.89
C ILE R 332 8.99 -35.70 -11.41
N PRO R 333 9.39 -34.75 -10.58
CA PRO R 333 9.66 -35.07 -9.17
C PRO R 333 8.41 -35.31 -8.34
N ALA R 334 8.58 -35.51 -7.04
CA ALA R 334 7.51 -35.83 -6.12
C ALA R 334 6.61 -34.65 -5.75
N PRO R 335 7.15 -33.45 -5.48
CA PRO R 335 6.28 -32.35 -5.02
C PRO R 335 5.23 -31.92 -6.03
N VAL R 336 5.33 -32.36 -7.28
CA VAL R 336 4.24 -32.15 -8.23
C VAL R 336 2.95 -32.70 -7.66
N TRP R 337 3.01 -33.85 -6.98
CA TRP R 337 1.83 -34.45 -6.38
C TRP R 337 1.20 -33.50 -5.37
N VAL R 338 2.01 -32.91 -4.49
CA VAL R 338 1.51 -31.93 -3.54
C VAL R 338 0.85 -30.77 -4.28
N ALA R 339 1.44 -30.35 -5.39
CA ALA R 339 0.87 -29.25 -6.15
C ALA R 339 -0.53 -29.59 -6.66
N VAL R 340 -0.69 -30.75 -7.30
CA VAL R 340 -2.01 -31.06 -7.85
C VAL R 340 -3.02 -31.32 -6.74
N ILE R 341 -2.58 -31.90 -5.62
CA ILE R 341 -3.54 -32.16 -4.56
C ILE R 341 -4.03 -30.85 -3.93
N MET R 342 -3.12 -29.90 -3.74
CA MET R 342 -3.53 -28.62 -3.18
C MET R 342 -4.42 -27.85 -4.14
N GLY R 343 -4.12 -27.90 -5.44
CA GLY R 343 -5.00 -27.27 -6.41
C GLY R 343 -6.36 -27.94 -6.45
N LEU R 344 -6.40 -29.26 -6.33
CA LEU R 344 -7.67 -29.97 -6.31
C LEU R 344 -8.50 -29.60 -5.10
N VAL R 345 -7.87 -29.43 -3.95
CA VAL R 345 -8.60 -28.98 -2.76
C VAL R 345 -9.14 -27.57 -2.99
N PHE R 346 -8.30 -26.67 -3.48
CA PHE R 346 -8.72 -25.29 -3.70
C PHE R 346 -9.76 -25.16 -4.80
N VAL R 347 -9.95 -26.19 -5.61
CA VAL R 347 -10.96 -26.15 -6.66
C VAL R 347 -12.23 -26.81 -6.17
N LEU R 348 -12.09 -27.83 -5.33
CA LEU R 348 -13.25 -28.51 -4.77
C LEU R 348 -13.94 -27.71 -3.68
N LEU R 349 -13.24 -26.76 -3.05
CA LEU R 349 -13.90 -25.94 -2.05
C LEU R 349 -14.95 -25.01 -2.65
N PRO R 350 -14.65 -24.17 -3.65
CA PRO R 350 -15.67 -23.22 -4.13
C PRO R 350 -16.77 -23.85 -4.94
N ALA R 351 -16.59 -25.06 -5.45
CA ALA R 351 -17.57 -25.66 -6.35
C ALA R 351 -18.47 -26.67 -5.65
N TYR R 352 -18.63 -26.57 -4.34
CA TYR R 352 -19.43 -27.57 -3.64
C TYR R 352 -20.94 -27.38 -3.79
N PRO R 353 -21.50 -26.17 -3.66
CA PRO R 353 -22.96 -26.05 -3.77
C PRO R 353 -23.51 -26.56 -5.08
N PHE R 354 -22.80 -26.34 -6.18
CA PHE R 354 -23.26 -26.83 -7.47
C PHE R 354 -23.21 -28.34 -7.54
N LEU R 355 -22.17 -28.94 -6.95
CA LEU R 355 -22.12 -30.40 -6.88
C LEU R 355 -23.30 -30.95 -6.09
N GLU R 356 -23.60 -30.35 -4.93
CA GLU R 356 -24.68 -30.88 -4.12
C GLU R 356 -26.03 -30.70 -4.79
N LYS R 357 -26.23 -29.58 -5.49
CA LYS R 357 -27.50 -29.40 -6.16
C LYS R 357 -27.63 -30.28 -7.39
N ARG R 358 -26.50 -30.65 -8.02
CA ARG R 358 -26.56 -31.62 -9.10
C ARG R 358 -26.86 -33.02 -8.58
N PHE R 359 -26.38 -33.34 -7.38
CA PHE R 359 -26.49 -34.71 -6.91
C PHE R 359 -27.83 -34.96 -6.24
N THR R 360 -28.29 -34.00 -5.43
CA THR R 360 -29.58 -34.15 -4.76
C THR R 360 -30.75 -33.71 -5.63
N GLY R 361 -30.52 -32.83 -6.59
CA GLY R 361 -31.58 -32.40 -7.47
C GLY R 361 -32.59 -31.47 -6.83
N ASP R 362 -32.15 -30.57 -5.96
CA ASP R 362 -33.05 -29.64 -5.29
C ASP R 362 -32.63 -28.21 -5.63
N TYR R 363 -33.53 -27.45 -6.24
CA TYR R 363 -33.21 -26.14 -6.78
C TYR R 363 -34.12 -25.03 -6.25
N ALA R 364 -34.67 -25.18 -5.04
CA ALA R 364 -35.63 -24.22 -4.53
C ALA R 364 -34.97 -23.17 -3.66
N HIS R 365 -35.68 -22.06 -3.46
CA HIS R 365 -35.21 -21.02 -2.54
C HIS R 365 -35.31 -21.51 -1.11
N HIS R 366 -34.37 -21.10 -0.28
CA HIS R 366 -34.33 -21.51 1.11
C HIS R 366 -33.90 -20.34 1.97
N ASN R 367 -34.70 -20.05 3.00
CA ASN R 367 -34.36 -19.03 3.98
C ASN R 367 -34.33 -19.54 5.40
N LEU R 368 -34.75 -20.77 5.64
CA LEU R 368 -34.66 -21.40 6.96
C LEU R 368 -33.53 -22.42 6.96
N LEU R 369 -32.74 -22.39 8.03
CA LEU R 369 -31.57 -23.23 8.12
C LEU R 369 -31.96 -24.65 8.52
N GLN R 370 -31.00 -25.57 8.39
CA GLN R 370 -31.17 -26.96 8.78
C GLN R 370 -30.35 -27.25 10.02
N ARG R 371 -30.88 -28.06 10.90
CA ARG R 371 -30.04 -28.55 11.98
C ARG R 371 -29.10 -29.62 11.44
N PRO R 372 -27.84 -29.63 11.86
CA PRO R 372 -26.89 -30.60 11.30
C PRO R 372 -27.28 -32.05 11.54
N ARG R 373 -28.20 -32.33 12.47
CA ARG R 373 -28.64 -33.70 12.71
C ARG R 373 -29.72 -34.14 11.74
N ASP R 374 -30.35 -33.21 11.02
CA ASP R 374 -31.37 -33.56 10.05
C ASP R 374 -30.80 -33.90 8.67
N VAL R 375 -29.53 -33.60 8.44
CA VAL R 375 -28.88 -33.89 7.16
C VAL R 375 -27.70 -34.82 7.45
N PRO R 376 -27.92 -36.12 7.60
CA PRO R 376 -26.82 -36.99 8.05
C PRO R 376 -25.69 -37.11 7.05
N VAL R 377 -25.98 -37.13 5.75
CA VAL R 377 -24.94 -37.38 4.77
C VAL R 377 -23.97 -36.20 4.68
N ARG R 378 -24.50 -34.98 4.65
CA ARG R 378 -23.62 -33.82 4.58
C ARG R 378 -22.81 -33.67 5.87
N THR R 379 -23.43 -33.95 7.01
CA THR R 379 -22.69 -33.88 8.27
C THR R 379 -21.57 -34.91 8.30
N ALA R 380 -21.82 -36.11 7.77
CA ALA R 380 -20.77 -37.11 7.72
C ALA R 380 -19.65 -36.70 6.77
N ILE R 381 -19.99 -36.11 5.63
CA ILE R 381 -18.98 -35.61 4.70
C ILE R 381 -18.10 -34.56 5.38
N GLY R 382 -18.73 -33.62 6.08
CA GLY R 382 -17.98 -32.58 6.74
C GLY R 382 -17.09 -33.12 7.84
N ALA R 383 -17.59 -34.07 8.62
CA ALA R 383 -16.77 -34.67 9.67
C ALA R 383 -15.58 -35.42 9.08
N MET R 384 -15.80 -36.10 7.95
CA MET R 384 -14.70 -36.78 7.27
C MET R 384 -13.65 -35.79 6.81
N ALA R 385 -14.07 -34.66 6.23
CA ALA R 385 -13.11 -33.66 5.80
C ALA R 385 -12.34 -33.06 6.97
N ILE R 386 -13.01 -32.83 8.09
CA ILE R 386 -12.34 -32.28 9.26
C ILE R 386 -11.33 -33.28 9.82
N ALA R 387 -11.68 -34.58 9.81
CA ALA R 387 -10.74 -35.58 10.29
C ALA R 387 -9.52 -35.65 9.39
N PHE R 388 -9.72 -35.57 8.08
CA PHE R 388 -8.60 -35.54 7.14
C PHE R 388 -7.69 -34.34 7.43
N TYR R 389 -8.29 -33.16 7.63
CA TYR R 389 -7.50 -31.97 7.92
C TYR R 389 -6.72 -32.12 9.22
N MET R 390 -7.34 -32.71 10.24
CA MET R 390 -6.65 -32.89 11.52
C MET R 390 -5.49 -33.86 11.39
N VAL R 391 -5.67 -34.93 10.61
CA VAL R 391 -4.56 -35.87 10.38
C VAL R 391 -3.41 -35.16 9.68
N LEU R 392 -3.72 -34.37 8.65
CA LEU R 392 -2.67 -33.68 7.93
C LEU R 392 -1.96 -32.66 8.82
N THR R 393 -2.70 -32.01 9.72
CA THR R 393 -2.07 -31.01 10.59
C THR R 393 -1.21 -31.66 11.66
N LEU R 394 -1.66 -32.79 12.22
CA LEU R 394 -0.84 -33.46 13.23
C LEU R 394 0.38 -34.13 12.62
N ALA R 395 0.30 -34.54 11.35
CA ALA R 395 1.47 -35.12 10.69
C ALA R 395 2.56 -34.10 10.43
N ALA R 396 2.32 -32.82 10.71
CA ALA R 396 3.30 -31.77 10.49
C ALA R 396 4.19 -31.53 11.70
N MET R 397 3.72 -31.89 12.90
CA MET R 397 4.51 -31.76 14.13
C MET R 397 5.07 -33.10 14.57
N ASN R 398 5.52 -33.90 13.60
CA ASN R 398 6.14 -35.19 13.87
C ASN R 398 7.24 -35.09 14.92
N ASP R 399 8.15 -34.14 14.73
CA ASP R 399 9.33 -34.07 15.60
C ASP R 399 8.92 -33.76 17.02
N ILE R 400 8.04 -32.79 17.19
CA ILE R 400 7.61 -32.38 18.53
C ILE R 400 6.87 -33.52 19.22
N ILE R 401 5.99 -34.21 18.49
CA ILE R 401 5.22 -35.29 19.09
C ILE R 401 6.14 -36.43 19.48
N ALA R 402 7.02 -36.85 18.57
CA ALA R 402 7.93 -37.95 18.86
C ALA R 402 8.94 -37.61 19.95
N LEU R 403 9.23 -36.33 20.17
CA LEU R 403 10.18 -35.96 21.20
C LEU R 403 9.50 -35.86 22.57
N LYS R 404 8.40 -35.12 22.65
CA LYS R 404 7.72 -34.94 23.94
C LYS R 404 7.06 -36.24 24.39
N PHE R 405 6.20 -36.81 23.55
CA PHE R 405 5.65 -38.14 23.78
C PHE R 405 6.59 -39.15 23.15
N HIS R 406 7.08 -40.09 23.95
CA HIS R 406 8.16 -40.94 23.46
C HIS R 406 7.67 -41.94 22.43
N ILE R 407 7.67 -41.54 21.16
CA ILE R 407 7.29 -42.41 20.06
C ILE R 407 8.37 -42.34 19.00
N SER R 408 8.52 -43.43 18.24
CA SER R 408 9.46 -43.43 17.13
C SER R 408 9.03 -42.45 16.05
N LEU R 409 10.00 -41.98 15.27
CA LEU R 409 9.72 -41.02 14.21
C LEU R 409 9.14 -41.71 12.98
N ASN R 410 9.78 -42.81 12.56
CA ASN R 410 9.23 -43.62 11.48
C ASN R 410 7.84 -44.11 11.83
N ALA R 411 7.60 -44.42 13.10
CA ALA R 411 6.28 -44.83 13.53
C ALA R 411 5.26 -43.74 13.28
N THR R 412 5.58 -42.48 13.61
CA THR R 412 4.64 -41.40 13.38
C THR R 412 4.40 -41.19 11.89
N THR R 413 5.45 -41.30 11.08
CA THR R 413 5.28 -41.17 9.63
C THR R 413 4.30 -42.22 9.10
N TRP R 414 4.48 -43.47 9.50
CA TRP R 414 3.60 -44.51 9.01
C TRP R 414 2.19 -44.39 9.58
N ILE R 415 2.08 -43.95 10.83
CA ILE R 415 0.77 -43.71 11.43
C ILE R 415 -0.01 -42.69 10.62
N GLY R 416 0.65 -41.58 10.27
CA GLY R 416 -0.01 -40.59 9.42
C GLY R 416 -0.35 -41.15 8.05
N ARG R 417 0.59 -41.89 7.45
CA ARG R 417 0.39 -42.41 6.11
C ARG R 417 -0.79 -43.37 6.03
N ILE R 418 -1.05 -44.11 7.10
CA ILE R 418 -2.17 -45.04 7.10
C ILE R 418 -3.46 -44.38 7.58
N GLY R 419 -3.38 -43.54 8.62
CA GLY R 419 -4.54 -42.78 9.04
C GLY R 419 -5.15 -41.99 7.91
N MET R 420 -4.32 -41.40 7.04
CA MET R 420 -4.81 -40.66 5.90
C MET R 420 -5.82 -41.44 5.06
N VAL R 421 -5.84 -42.77 5.18
CA VAL R 421 -6.76 -43.60 4.42
C VAL R 421 -7.84 -44.21 5.32
N ILE R 422 -7.51 -44.59 6.54
CA ILE R 422 -8.53 -45.32 7.32
C ILE R 422 -9.28 -44.45 8.33
N LEU R 423 -8.85 -43.22 8.60
CA LEU R 423 -9.61 -42.44 9.57
C LEU R 423 -10.85 -41.77 8.99
N PRO R 424 -10.79 -41.18 7.79
CA PRO R 424 -11.97 -40.53 7.23
C PRO R 424 -13.18 -41.45 7.13
N PRO R 425 -13.05 -42.68 6.60
CA PRO R 425 -14.26 -43.52 6.49
C PRO R 425 -14.82 -43.94 7.84
N PHE R 426 -13.95 -44.24 8.81
CA PHE R 426 -14.41 -44.54 10.15
C PHE R 426 -15.20 -43.38 10.74
N VAL R 427 -14.68 -42.16 10.58
CA VAL R 427 -15.39 -40.99 11.08
C VAL R 427 -16.72 -40.81 10.35
N TYR R 428 -16.75 -41.07 9.05
CA TYR R 428 -18.00 -40.99 8.29
C TYR R 428 -19.05 -41.92 8.88
N PHE R 429 -18.68 -43.19 9.06
CA PHE R 429 -19.62 -44.17 9.59
C PHE R 429 -20.16 -43.75 10.96
N ILE R 430 -19.26 -43.37 11.87
CA ILE R 430 -19.69 -43.01 13.21
C ILE R 430 -20.59 -41.77 13.19
N THR R 431 -20.27 -40.80 12.34
CA THR R 431 -21.06 -39.58 12.30
C THR R 431 -22.46 -39.83 11.76
N TYR R 432 -22.56 -40.67 10.73
CA TYR R 432 -23.89 -41.04 10.22
C TYR R 432 -24.74 -41.68 11.31
N ARG R 433 -24.19 -42.69 11.99
CA ARG R 433 -24.97 -43.37 13.01
C ARG R 433 -25.32 -42.43 14.16
N TRP R 434 -24.42 -41.50 14.50
CA TRP R 434 -24.67 -40.57 15.59
C TRP R 434 -25.80 -39.61 15.24
N CYS R 435 -25.81 -39.09 14.01
CA CYS R 435 -26.90 -38.22 13.59
C CYS R 435 -28.25 -38.92 13.67
N ILE R 436 -28.31 -40.17 13.20
CA ILE R 436 -29.59 -40.86 13.27
C ILE R 436 -29.99 -41.14 14.71
N GLY R 437 -29.01 -41.41 15.59
CA GLY R 437 -29.33 -41.59 16.99
C GLY R 437 -29.93 -40.33 17.62
N LEU R 438 -29.38 -39.17 17.28
CA LEU R 438 -29.94 -37.92 17.78
C LEU R 438 -31.37 -37.72 17.29
N GLN R 439 -31.62 -38.03 16.02
CA GLN R 439 -32.99 -37.93 15.50
C GLN R 439 -33.95 -38.80 16.29
N ARG R 440 -33.54 -40.03 16.59
CA ARG R 440 -34.41 -40.93 17.35
C ARG R 440 -34.66 -40.41 18.76
N SER R 441 -33.62 -39.83 19.39
CA SER R 441 -33.81 -39.28 20.73
C SER R 441 -34.79 -38.11 20.71
N ASP R 442 -34.81 -37.34 19.62
CA ASP R 442 -35.80 -36.27 19.50
C ASP R 442 -37.21 -36.84 19.33
N ARG R 443 -37.36 -37.87 18.50
CA ARG R 443 -38.68 -38.45 18.28
C ARG R 443 -39.24 -39.08 19.54
N SER R 444 -38.38 -39.63 20.40
CA SER R 444 -38.89 -40.24 21.63
C SER R 444 -39.49 -39.21 22.57
N VAL R 445 -38.85 -38.05 22.70
CA VAL R 445 -39.41 -37.01 23.57
C VAL R 445 -40.58 -36.31 22.91
N LEU R 446 -40.71 -36.39 21.59
CA LEU R 446 -41.94 -35.91 20.98
C LEU R 446 -43.11 -36.84 21.25
N GLU R 447 -42.89 -38.16 21.16
CA GLU R 447 -43.98 -39.11 21.35
C GLU R 447 -44.48 -39.09 22.80
N HIS R 448 -43.60 -39.37 23.76
CA HIS R 448 -43.89 -39.25 25.18
C HIS R 448 -43.60 -37.81 25.62
N GLY R 449 -43.54 -37.59 26.94
CA GLY R 449 -43.19 -36.30 27.47
C GLY R 449 -41.72 -36.21 27.87
N VAL R 450 -41.39 -35.14 28.56
CA VAL R 450 -40.03 -34.94 29.08
C VAL R 450 -39.86 -35.75 30.35
N GLU R 451 -38.81 -36.55 30.41
CA GLU R 451 -38.53 -37.34 31.60
C GLU R 451 -38.14 -36.45 32.76
N THR R 452 -38.81 -36.62 33.90
CA THR R 452 -38.53 -35.80 35.07
C THR R 452 -37.52 -36.44 36.02
N GLY R 453 -37.34 -37.75 35.96
CA GLY R 453 -36.42 -38.42 36.84
C GLY R 453 -36.98 -38.83 38.18
N ILE R 454 -38.28 -38.71 38.39
CA ILE R 454 -38.93 -39.10 39.63
C ILE R 454 -39.52 -40.49 39.48
N ILE R 455 -39.39 -41.31 40.51
CA ILE R 455 -39.85 -42.70 40.48
C ILE R 455 -40.93 -42.88 41.53
N LYS R 456 -41.95 -43.66 41.20
CA LYS R 456 -43.03 -44.02 42.11
C LYS R 456 -43.11 -45.55 42.22
N ARG R 457 -43.89 -46.03 43.18
CA ARG R 457 -43.95 -47.46 43.43
C ARG R 457 -45.32 -48.09 43.20
N LEU R 458 -46.40 -47.32 43.06
CA LEU R 458 -47.65 -47.89 42.52
C LEU R 458 -48.13 -49.14 43.25
N PRO R 459 -48.90 -49.00 44.33
CA PRO R 459 -48.98 -50.02 45.38
C PRO R 459 -48.85 -51.49 44.98
N HIS R 460 -49.22 -51.87 43.78
CA HIS R 460 -48.91 -53.24 43.35
C HIS R 460 -47.50 -53.35 42.79
N GLY R 461 -46.53 -52.79 43.51
CA GLY R 461 -45.12 -52.91 43.22
C GLY R 461 -44.63 -52.64 41.80
N ALA R 462 -45.06 -51.56 41.19
CA ALA R 462 -44.61 -51.21 39.85
C ALA R 462 -43.90 -49.85 39.89
N TYR R 463 -42.88 -49.71 39.05
CA TYR R 463 -42.08 -48.50 39.02
C TYR R 463 -42.36 -47.74 37.73
N ILE R 464 -42.83 -46.50 37.85
CA ILE R 464 -43.03 -45.60 36.73
C ILE R 464 -42.17 -44.37 36.95
N GLU R 465 -42.08 -43.51 35.93
CA GLU R 465 -41.08 -42.47 35.92
C GLU R 465 -41.61 -41.06 35.67
N LEU R 466 -42.93 -40.86 35.65
CA LEU R 466 -43.53 -39.53 35.74
C LEU R 466 -43.03 -38.59 34.64
N HIS R 467 -43.41 -38.90 33.41
CA HIS R 467 -43.12 -38.00 32.31
C HIS R 467 -43.97 -36.73 32.44
N GLN R 468 -43.65 -35.75 31.60
CA GLN R 468 -44.32 -34.45 31.64
C GLN R 468 -44.66 -34.04 30.22
N PRO R 469 -45.95 -33.90 29.88
CA PRO R 469 -46.32 -33.67 28.48
C PRO R 469 -46.02 -32.25 28.03
N LEU R 470 -45.79 -32.13 26.72
CA LEU R 470 -45.53 -30.85 26.08
C LEU R 470 -46.75 -30.25 25.41
N GLY R 471 -47.87 -30.97 25.36
CA GLY R 471 -49.06 -30.47 24.72
C GLY R 471 -50.33 -30.99 25.38
N PRO R 472 -51.36 -31.24 24.59
CA PRO R 472 -52.62 -31.74 25.14
C PRO R 472 -52.52 -33.21 25.53
N VAL R 473 -53.53 -33.67 26.25
CA VAL R 473 -53.57 -35.04 26.76
C VAL R 473 -54.90 -35.66 26.38
N ASP R 474 -54.93 -36.99 26.34
CA ASP R 474 -56.13 -37.72 25.96
C ASP R 474 -56.97 -38.00 27.21
N GLU R 475 -57.94 -38.91 27.07
CA GLU R 475 -58.86 -39.19 28.17
C GLU R 475 -58.18 -39.88 29.34
N HIS R 476 -57.22 -40.77 29.07
CA HIS R 476 -56.62 -41.58 30.12
C HIS R 476 -55.25 -41.07 30.56
N GLY R 477 -54.94 -39.80 30.29
CA GLY R 477 -53.76 -39.16 30.83
C GLY R 477 -52.52 -39.20 29.95
N HIS R 478 -52.49 -40.05 28.93
CA HIS R 478 -51.33 -40.09 28.07
C HIS R 478 -51.36 -38.93 27.07
N PRO R 479 -50.22 -38.29 26.82
CA PRO R 479 -50.21 -37.18 25.86
C PRO R 479 -50.35 -37.67 24.43
N ILE R 480 -51.00 -36.85 23.62
CA ILE R 480 -51.13 -37.12 22.19
C ILE R 480 -49.84 -36.71 21.51
N PRO R 481 -49.27 -37.54 20.64
CA PRO R 481 -47.95 -37.23 20.07
C PRO R 481 -47.98 -36.00 19.19
N LEU R 482 -46.90 -35.20 19.27
CA LEU R 482 -46.75 -34.00 18.48
C LEU R 482 -46.10 -34.35 17.14
N GLN R 483 -45.96 -33.35 16.28
CA GLN R 483 -45.27 -33.48 15.01
C GLN R 483 -43.98 -32.68 15.05
N TYR R 484 -42.94 -33.20 14.41
CA TYR R 484 -41.66 -32.52 14.39
C TYR R 484 -41.72 -31.31 13.47
N GLN R 485 -41.10 -30.21 13.90
CA GLN R 485 -41.16 -28.95 13.18
C GLN R 485 -39.79 -28.33 12.97
N GLY R 486 -38.72 -29.13 13.03
CA GLY R 486 -37.39 -28.60 12.79
C GLY R 486 -36.81 -27.75 13.88
N ALA R 487 -37.43 -27.71 15.04
CA ALA R 487 -36.94 -26.88 16.13
C ALA R 487 -36.47 -27.74 17.30
N PRO R 488 -35.51 -27.26 18.08
CA PRO R 488 -35.01 -28.06 19.21
C PRO R 488 -36.07 -28.24 20.28
N LEU R 489 -35.95 -29.34 21.01
CA LEU R 489 -36.89 -29.72 22.06
C LEU R 489 -36.18 -29.76 23.41
N PRO R 490 -36.88 -29.39 24.49
CA PRO R 490 -36.25 -29.45 25.81
C PRO R 490 -36.09 -30.87 26.30
N LYS R 491 -35.01 -31.10 27.05
CA LYS R 491 -34.72 -32.40 27.61
C LYS R 491 -34.57 -32.42 29.11
N ARG R 492 -34.33 -31.27 29.75
CA ARG R 492 -34.20 -31.18 31.19
C ARG R 492 -35.37 -30.38 31.75
N MET R 493 -35.89 -30.84 32.89
CA MET R 493 -37.07 -30.21 33.45
C MET R 493 -36.77 -28.81 33.96
N ASN R 494 -35.54 -28.54 34.36
CA ASN R 494 -35.20 -27.22 34.90
C ASN R 494 -35.04 -26.16 33.82
N LYS R 495 -34.84 -26.55 32.56
CA LYS R 495 -34.78 -25.58 31.49
C LYS R 495 -36.15 -24.96 31.24
N LEU R 496 -37.19 -25.78 31.25
CA LEU R 496 -38.53 -25.27 31.48
C LEU R 496 -38.58 -24.72 32.90
N GLY R 497 -39.39 -23.68 33.12
CA GLY R 497 -39.47 -23.19 34.47
C GLY R 497 -40.10 -24.24 35.37
N SER R 498 -39.28 -24.93 36.15
CA SER R 498 -39.76 -25.96 37.07
C SER R 498 -39.31 -25.72 38.49
N ALA R 499 -38.02 -25.44 38.69
CA ALA R 499 -37.48 -25.10 40.00
C ALA R 499 -36.66 -23.82 39.80
N GLY R 500 -37.22 -22.70 40.20
CA GLY R 500 -36.58 -21.43 40.02
C GLY R 500 -36.97 -20.50 41.14
N SER R 501 -36.83 -19.21 40.89
CA SER R 501 -37.23 -18.17 41.82
C SER R 501 -36.42 -18.27 43.12
N PRO R 502 -35.12 -17.93 43.11
CA PRO R 502 -34.39 -17.85 44.37
C PRO R 502 -34.79 -16.61 45.15
N GLY R 503 -34.18 -16.38 46.31
CA GLY R 503 -34.44 -15.16 47.05
C GLY R 503 -34.02 -13.93 46.26
N SER R 504 -34.46 -12.78 46.74
CA SER R 504 -34.19 -11.52 46.05
C SER R 504 -33.35 -10.60 46.92
N GLY R 505 -32.36 -11.14 47.61
CA GLY R 505 -31.42 -10.33 48.37
C GLY R 505 -30.39 -9.72 47.45
N SER R 506 -29.17 -9.56 47.95
CA SER R 506 -28.06 -9.14 47.11
C SER R 506 -27.03 -10.26 46.99
N PHE R 507 -26.33 -10.59 48.08
CA PHE R 507 -25.76 -11.92 48.26
C PHE R 507 -25.80 -12.40 49.69
N LEU R 508 -25.88 -11.52 50.68
CA LEU R 508 -25.81 -11.91 52.09
C LEU R 508 -26.93 -11.34 52.92
N PHE R 509 -27.70 -10.40 52.40
CA PHE R 509 -28.79 -9.78 53.14
C PHE R 509 -30.04 -9.79 52.29
N ALA R 510 -31.15 -10.21 52.88
CA ALA R 510 -32.40 -10.36 52.15
C ALA R 510 -33.09 -9.01 51.96
N ASP R 511 -33.93 -8.95 50.93
CA ASP R 511 -34.80 -7.80 50.70
C ASP R 511 -36.13 -8.01 51.41
N SER R 512 -37.02 -7.03 51.29
CA SER R 512 -38.35 -7.15 51.86
C SER R 512 -39.17 -8.19 51.09
N ALA R 513 -40.26 -8.64 51.71
CA ALA R 513 -41.12 -9.61 51.05
C ALA R 513 -41.97 -8.99 49.95
N ALA R 514 -42.39 -7.74 50.15
CA ALA R 514 -43.20 -7.06 49.15
C ALA R 514 -42.41 -6.88 47.86
N GLU R 515 -41.16 -6.45 47.97
CA GLU R 515 -40.32 -6.28 46.79
C GLU R 515 -40.13 -7.60 46.06
N ASP R 516 -39.87 -8.68 46.81
CA ASP R 516 -39.67 -9.99 46.20
C ASP R 516 -40.92 -10.43 45.45
N ALA R 517 -42.09 -10.33 46.11
CA ALA R 517 -43.34 -10.74 45.46
C ALA R 517 -43.61 -9.91 44.21
N ALA R 518 -43.47 -8.59 44.30
CA ALA R 518 -43.75 -7.73 43.15
C ALA R 518 -42.83 -8.06 41.98
N LEU R 519 -41.52 -8.18 42.25
CA LEU R 519 -40.58 -8.45 41.16
C LEU R 519 -40.85 -9.81 40.53
N ARG R 520 -41.05 -10.85 41.36
CA ARG R 520 -41.35 -12.17 40.82
C ARG R 520 -42.59 -12.14 39.96
N GLU R 521 -43.62 -11.42 40.40
CA GLU R 521 -44.92 -11.49 39.76
C GLU R 521 -44.90 -10.73 38.43
N ALA R 522 -44.26 -9.56 38.42
CA ALA R 522 -44.12 -8.82 37.17
C ALA R 522 -43.23 -9.57 36.17
N GLY R 523 -42.17 -10.22 36.64
CA GLY R 523 -41.34 -11.01 35.74
C GLY R 523 -42.13 -12.15 35.10
N HIS R 524 -42.90 -12.87 35.91
CA HIS R 524 -43.74 -13.93 35.36
C HIS R 524 -44.70 -13.39 34.31
N ALA R 525 -45.34 -12.26 34.62
CA ALA R 525 -46.30 -11.68 33.67
C ALA R 525 -45.64 -11.33 32.35
N ALA R 526 -44.45 -10.72 32.40
CA ALA R 526 -43.78 -10.29 31.17
C ALA R 526 -43.35 -11.49 30.33
N GLU R 527 -42.85 -12.55 30.99
CA GLU R 527 -42.52 -13.78 30.28
C GLU R 527 -43.75 -14.34 29.55
N GLN R 528 -44.87 -14.47 30.28
CA GLN R 528 -46.06 -15.01 29.65
C GLN R 528 -46.51 -14.16 28.47
N ARG R 529 -46.41 -12.82 28.61
CA ARG R 529 -46.85 -11.95 27.52
C ARG R 529 -45.95 -12.09 26.30
N ALA R 530 -44.63 -12.18 26.49
CA ALA R 530 -43.74 -12.42 25.37
C ALA R 530 -44.11 -13.70 24.63
N LEU R 531 -44.28 -14.80 25.38
CA LEU R 531 -44.69 -16.06 24.76
C LEU R 531 -45.98 -15.92 23.97
N ALA R 532 -47.02 -15.38 24.59
CA ALA R 532 -48.33 -15.32 23.96
C ALA R 532 -48.32 -14.40 22.76
N ALA R 533 -47.47 -13.37 22.78
CA ALA R 533 -47.39 -12.45 21.64
C ALA R 533 -46.72 -13.12 20.46
N LEU R 534 -45.62 -13.85 20.69
CA LEU R 534 -44.91 -14.41 19.54
C LEU R 534 -45.62 -15.61 18.95
N ARG R 535 -46.33 -16.39 19.77
CA ARG R 535 -47.17 -17.45 19.21
C ARG R 535 -48.16 -16.90 18.19
N GLU R 536 -48.94 -15.90 18.58
CA GLU R 536 -50.15 -15.50 17.88
C GLU R 536 -49.88 -14.94 16.48
N HIS R 537 -48.73 -14.30 16.28
CA HIS R 537 -48.43 -13.74 14.97
C HIS R 537 -48.31 -14.84 13.92
N ASP S 50 -51.76 10.65 4.30
CA ASP S 50 -52.10 11.42 5.49
C ASP S 50 -52.64 12.82 5.22
N GLU S 51 -52.11 13.80 5.95
CA GLU S 51 -52.71 15.13 6.03
C GLU S 51 -51.67 16.10 6.58
N ALA S 52 -52.13 17.33 6.84
CA ALA S 52 -51.32 18.26 7.60
C ALA S 52 -51.45 18.02 9.09
N ALA S 53 -52.51 17.35 9.51
CA ALA S 53 -52.80 17.09 10.92
C ALA S 53 -51.96 15.92 11.43
N LEU S 54 -50.91 15.56 10.70
CA LEU S 54 -49.93 14.60 11.21
C LEU S 54 -49.38 15.01 12.57
N ALA S 55 -49.38 16.30 12.88
CA ALA S 55 -49.02 16.75 14.21
C ALA S 55 -50.12 16.35 15.20
N ALA S 56 -49.92 16.74 16.46
CA ALA S 56 -50.80 16.35 17.57
C ALA S 56 -50.86 14.83 17.73
N MET S 57 -50.01 14.11 17.03
CA MET S 57 -49.91 12.66 17.13
C MET S 57 -48.76 12.31 18.06
N SER S 58 -48.99 11.34 18.94
CA SER S 58 -48.02 11.03 19.98
C SER S 58 -46.83 10.25 19.38
N ASN S 59 -45.90 9.89 20.25
CA ASN S 59 -44.66 9.27 19.81
C ASN S 59 -44.91 7.86 19.26
N GLN S 60 -45.76 7.08 19.94
CA GLN S 60 -45.91 5.67 19.58
C GLN S 60 -46.66 5.50 18.27
N GLU S 61 -47.64 6.35 18.00
CA GLU S 61 -48.31 6.25 16.70
C GLU S 61 -47.35 6.60 15.57
N LEU S 62 -46.48 7.60 15.78
CA LEU S 62 -45.48 7.91 14.78
C LEU S 62 -44.53 6.75 14.56
N LEU S 63 -44.11 6.10 15.65
CA LEU S 63 -43.18 4.99 15.53
C LEU S 63 -43.82 3.81 14.80
N ALA S 64 -45.07 3.48 15.14
CA ALA S 64 -45.75 2.39 14.44
C ALA S 64 -46.00 2.75 12.97
N LEU S 65 -46.25 4.04 12.68
CA LEU S 65 -46.43 4.46 11.31
C LEU S 65 -45.16 4.27 10.50
N GLY S 66 -44.02 4.70 11.05
CA GLY S 66 -42.75 4.47 10.39
C GLY S 66 -42.48 2.99 10.18
N GLY S 67 -42.72 2.18 11.22
CA GLY S 67 -42.54 0.74 11.08
C GLY S 67 -43.38 0.16 9.96
N LYS S 68 -44.66 0.51 9.90
CA LYS S 68 -45.50 -0.03 8.84
C LYS S 68 -45.10 0.49 7.47
N LEU S 69 -44.61 1.74 7.37
CA LEU S 69 -44.01 2.21 6.13
C LEU S 69 -42.80 1.38 5.71
N ASP S 70 -42.02 0.87 6.67
CA ASP S 70 -40.86 0.05 6.32
C ASP S 70 -41.18 -1.44 6.22
N GLY S 71 -42.33 -1.87 6.71
CA GLY S 71 -42.64 -3.28 6.74
C GLY S 71 -42.31 -3.97 8.04
N VAL S 72 -41.82 -3.23 9.02
CA VAL S 72 -41.48 -3.77 10.33
C VAL S 72 -42.68 -3.67 11.24
N ARG S 73 -42.91 -4.70 12.04
CA ARG S 73 -44.03 -4.73 12.99
C ARG S 73 -43.48 -5.20 14.34
N ILE S 74 -43.06 -4.24 15.17
CA ILE S 74 -42.47 -4.56 16.46
C ILE S 74 -43.58 -5.06 17.38
N ALA S 75 -43.42 -6.29 17.87
CA ALA S 75 -44.32 -6.84 18.87
C ALA S 75 -43.58 -7.02 20.19
N TYR S 76 -44.31 -6.84 21.30
CA TYR S 76 -43.77 -7.07 22.64
C TYR S 76 -42.54 -6.20 22.91
N LYS S 77 -42.80 -4.92 23.11
CA LYS S 77 -41.82 -4.04 23.72
C LYS S 77 -42.15 -3.87 25.20
N GLU S 78 -41.15 -4.03 26.06
CA GLU S 78 -41.32 -4.07 27.51
C GLU S 78 -40.17 -3.38 28.26
N PRO S 79 -40.45 -2.38 29.10
CA PRO S 79 -39.42 -1.88 30.03
C PRO S 79 -38.86 -2.98 30.92
N ARG S 80 -37.75 -2.71 31.59
CA ARG S 80 -37.12 -3.71 32.45
C ARG S 80 -37.51 -3.58 33.91
N TRP S 81 -37.81 -2.37 34.37
CA TRP S 81 -38.16 -2.11 35.76
C TRP S 81 -39.53 -1.46 35.80
N PRO S 82 -40.59 -2.24 35.81
CA PRO S 82 -41.94 -1.66 35.87
C PRO S 82 -42.22 -0.96 37.20
N VAL S 83 -41.84 -1.58 38.31
CA VAL S 83 -41.94 -0.93 39.61
C VAL S 83 -40.95 0.24 39.65
N GLU S 84 -41.17 1.18 40.57
CA GLU S 84 -40.31 2.35 40.65
C GLU S 84 -39.00 1.95 41.31
N GLY S 85 -38.25 2.95 41.78
CA GLY S 85 -37.03 2.70 42.52
C GLY S 85 -37.14 1.59 43.53
N THR S 86 -36.28 0.57 43.36
CA THR S 86 -36.17 -0.52 44.32
C THR S 86 -34.69 -0.64 44.64
N LYS S 87 -34.34 -1.58 45.52
CA LYS S 87 -32.93 -1.80 45.78
C LYS S 87 -32.27 -2.63 44.68
N ALA S 88 -33.04 -3.49 44.01
CA ALA S 88 -32.47 -4.26 42.92
C ALA S 88 -32.01 -3.37 41.78
N GLU S 89 -32.79 -2.32 41.47
CA GLU S 89 -32.40 -1.41 40.40
C GLU S 89 -31.14 -0.64 40.75
N LYS S 90 -31.04 -0.17 41.99
CA LYS S 90 -29.83 0.53 42.42
C LYS S 90 -28.62 -0.41 42.38
N ARG S 91 -28.80 -1.66 42.80
CA ARG S 91 -27.70 -2.60 42.76
C ARG S 91 -27.24 -2.87 41.33
N ALA S 92 -28.18 -3.04 40.41
CA ALA S 92 -27.81 -3.29 39.03
C ALA S 92 -27.08 -2.08 38.43
N GLU S 93 -27.54 -0.89 38.75
CA GLU S 93 -26.87 0.32 38.27
C GLU S 93 -25.46 0.43 38.83
N ARG S 94 -25.28 0.14 40.12
CA ARG S 94 -23.95 0.22 40.72
C ARG S 94 -23.02 -0.83 40.12
N SER S 95 -23.53 -2.03 39.87
CA SER S 95 -22.72 -3.07 39.25
C SER S 95 -22.31 -2.70 37.84
N VAL S 96 -23.22 -2.10 37.07
CA VAL S 96 -22.85 -1.67 35.73
C VAL S 96 -21.80 -0.56 35.79
N ALA S 97 -21.85 0.28 36.82
CA ALA S 97 -20.93 1.42 36.88
C ALA S 97 -19.52 1.02 37.30
N VAL S 98 -19.39 0.06 38.22
CA VAL S 98 -18.05 -0.26 38.72
C VAL S 98 -17.16 -0.83 37.62
N TRP S 99 -17.74 -1.52 36.64
CA TRP S 99 -16.94 -2.06 35.54
C TRP S 99 -16.32 -0.93 34.71
N LEU S 100 -17.10 0.08 34.38
CA LEU S 100 -16.57 1.21 33.62
C LEU S 100 -15.55 1.99 34.45
N LEU S 101 -15.78 2.10 35.76
CA LEU S 101 -14.77 2.71 36.61
C LEU S 101 -13.45 1.96 36.53
N LEU S 102 -13.51 0.63 36.61
CA LEU S 102 -12.28 -0.17 36.51
C LEU S 102 -11.60 0.03 35.15
N GLY S 103 -12.39 0.07 34.08
CA GLY S 103 -11.82 0.29 32.77
C GLY S 103 -11.06 1.60 32.67
N GLY S 104 -11.68 2.68 33.16
CA GLY S 104 -11.00 3.96 33.14
C GLY S 104 -9.75 4.00 34.00
N VAL S 105 -9.85 3.43 35.21
CA VAL S 105 -8.71 3.41 36.12
C VAL S 105 -7.53 2.70 35.47
N PHE S 106 -7.76 1.57 34.81
CA PHE S 106 -6.63 0.86 34.24
C PHE S 106 -6.21 1.40 32.88
N GLY S 107 -7.04 2.17 32.19
CA GLY S 107 -6.52 2.96 31.08
C GLY S 107 -5.54 4.01 31.55
N LEU S 108 -5.87 4.70 32.65
CA LEU S 108 -4.91 5.61 33.26
C LEU S 108 -3.64 4.88 33.68
N ALA S 109 -3.79 3.68 34.24
CA ALA S 109 -2.63 2.88 34.61
C ALA S 109 -1.77 2.56 33.39
N LEU S 110 -2.41 2.26 32.26
CA LEU S 110 -1.68 2.04 31.02
C LEU S 110 -0.85 3.27 30.65
N LEU S 111 -1.46 4.45 30.70
CA LEU S 111 -0.71 5.66 30.37
C LEU S 111 0.50 5.82 31.28
N LEU S 112 0.30 5.67 32.59
CA LEU S 112 1.40 5.85 33.53
C LEU S 112 2.51 4.83 33.32
N ILE S 113 2.13 3.57 33.09
CA ILE S 113 3.13 2.52 32.86
C ILE S 113 3.93 2.81 31.60
N PHE S 114 3.24 3.19 30.52
CA PHE S 114 3.95 3.50 29.29
C PHE S 114 4.90 4.66 29.46
N LEU S 115 4.54 5.64 30.30
CA LEU S 115 5.42 6.80 30.44
C LEU S 115 6.61 6.54 31.35
N PHE S 116 6.40 5.86 32.49
CA PHE S 116 7.42 5.82 33.53
C PHE S 116 7.93 4.42 33.84
N TRP S 117 8.02 3.56 32.85
CA TRP S 117 8.55 2.25 33.22
C TRP S 117 9.89 1.99 32.55
N PRO S 118 10.85 1.36 33.25
CA PRO S 118 12.13 1.03 32.62
C PRO S 118 11.97 0.04 31.47
N TRP S 119 12.24 0.48 30.25
CA TRP S 119 11.92 -0.32 29.06
C TRP S 119 13.13 -0.76 28.26
N GLU S 120 14.30 -0.15 28.45
CA GLU S 120 15.44 -0.44 27.60
C GLU S 120 15.96 -1.85 27.83
N PHE S 121 16.59 -2.40 26.79
CA PHE S 121 17.19 -3.73 26.89
C PHE S 121 18.35 -3.69 27.86
N LYS S 122 18.27 -4.51 28.91
CA LYS S 122 19.29 -4.55 29.95
C LYS S 122 19.86 -5.94 30.16
N ALA S 123 19.51 -6.90 29.31
CA ALA S 123 19.78 -8.29 29.61
C ALA S 123 21.28 -8.57 29.71
N ALA S 124 21.63 -9.35 30.71
CA ALA S 124 22.97 -9.85 30.95
C ALA S 124 22.84 -10.96 31.99
N ASP S 125 23.95 -11.44 32.50
CA ASP S 125 23.92 -12.37 33.61
C ASP S 125 24.51 -11.79 34.88
N GLY S 126 25.00 -10.55 34.85
CA GLY S 126 25.48 -9.90 36.05
C GLY S 126 24.38 -9.16 36.78
N GLU S 127 23.74 -8.22 36.08
CA GLU S 127 22.58 -7.52 36.61
C GLU S 127 21.35 -8.19 36.03
N SER S 128 20.81 -9.16 36.78
CA SER S 128 19.55 -9.79 36.38
C SER S 128 18.44 -8.77 36.52
N ASP S 129 17.95 -8.27 35.39
CA ASP S 129 17.06 -7.12 35.39
C ASP S 129 15.67 -7.47 35.93
N PHE S 130 14.95 -8.34 35.21
CA PHE S 130 13.64 -8.83 35.64
C PHE S 130 12.60 -7.71 35.65
N ILE S 131 13.04 -6.48 35.44
CA ILE S 131 12.16 -5.33 35.35
C ILE S 131 11.92 -5.08 33.87
N TYR S 132 12.97 -5.33 33.08
CA TYR S 132 12.82 -5.25 31.64
C TYR S 132 12.01 -6.42 31.11
N SER S 133 12.11 -7.59 31.73
CA SER S 133 11.34 -8.73 31.28
C SER S 133 9.85 -8.59 31.58
N LEU S 134 9.45 -7.59 32.36
CA LEU S 134 8.06 -7.34 32.68
C LEU S 134 7.49 -6.12 31.96
N THR S 135 8.16 -5.62 30.93
CA THR S 135 7.73 -4.35 30.35
C THR S 135 6.60 -4.53 29.34
N THR S 136 6.65 -5.59 28.54
CA THR S 136 5.61 -5.86 27.56
C THR S 136 4.38 -6.52 28.21
N PRO S 137 4.55 -7.50 29.10
CA PRO S 137 3.39 -8.02 29.83
C PRO S 137 2.56 -6.94 30.51
N LEU S 138 3.18 -5.89 31.04
CA LEU S 138 2.41 -4.84 31.68
C LEU S 138 1.61 -4.03 30.67
N TYR S 139 2.21 -3.70 29.52
CA TYR S 139 1.47 -3.02 28.47
C TYR S 139 0.22 -3.81 28.10
N GLY S 140 0.40 -5.10 27.81
CA GLY S 140 -0.74 -5.92 27.44
C GLY S 140 -1.77 -6.01 28.55
N LEU S 141 -1.32 -6.27 29.77
CA LEU S 141 -2.22 -6.48 30.90
C LEU S 141 -3.05 -5.23 31.18
N THR S 142 -2.49 -4.04 31.00
CA THR S 142 -3.29 -2.85 31.25
C THR S 142 -4.22 -2.55 30.08
N PHE S 143 -3.69 -2.55 28.85
CA PHE S 143 -4.48 -2.20 27.68
C PHE S 143 -5.69 -3.14 27.51
N GLY S 144 -5.41 -4.43 27.40
CA GLY S 144 -6.48 -5.38 27.16
C GLY S 144 -7.51 -5.39 28.28
N LEU S 145 -7.06 -5.29 29.52
CA LEU S 145 -8.00 -5.37 30.63
C LEU S 145 -8.89 -4.15 30.69
N SER S 146 -8.34 -2.96 30.42
CA SER S 146 -9.16 -1.76 30.37
C SER S 146 -10.26 -1.88 29.32
N ILE S 147 -9.88 -2.26 28.10
CA ILE S 147 -10.92 -2.29 27.06
C ILE S 147 -11.90 -3.45 27.29
N LEU S 148 -11.45 -4.55 27.90
CA LEU S 148 -12.37 -5.62 28.26
C LEU S 148 -13.38 -5.17 29.29
N SER S 149 -12.93 -4.42 30.30
CA SER S 149 -13.86 -3.93 31.31
C SER S 149 -14.91 -3.02 30.68
N ILE S 150 -14.49 -2.16 29.74
CA ILE S 150 -15.46 -1.31 29.06
C ILE S 150 -16.48 -2.16 28.31
N ALA S 151 -16.02 -3.18 27.59
CA ALA S 151 -16.93 -4.02 26.84
C ALA S 151 -17.92 -4.74 27.75
N ILE S 152 -17.45 -5.25 28.89
CA ILE S 152 -18.33 -5.99 29.79
C ILE S 152 -19.37 -5.06 30.40
N GLY S 153 -18.96 -3.84 30.78
CA GLY S 153 -19.93 -2.87 31.25
C GLY S 153 -21.00 -2.58 30.22
N ALA S 154 -20.60 -2.44 28.95
CA ALA S 154 -21.59 -2.18 27.90
C ALA S 154 -22.55 -3.35 27.74
N VAL S 155 -22.04 -4.58 27.74
CA VAL S 155 -22.91 -5.74 27.60
C VAL S 155 -23.90 -5.81 28.75
N LEU S 156 -23.44 -5.56 29.97
CA LEU S 156 -24.34 -5.59 31.11
C LEU S 156 -25.42 -4.52 30.99
N TYR S 157 -25.03 -3.32 30.55
CA TYR S 157 -26.02 -2.26 30.38
C TYR S 157 -27.08 -2.66 29.37
N GLN S 158 -26.66 -3.26 28.26
CA GLN S 158 -27.64 -3.69 27.26
C GLN S 158 -28.53 -4.80 27.80
N LYS S 159 -27.98 -5.69 28.62
CA LYS S 159 -28.75 -6.83 29.12
C LYS S 159 -29.71 -6.47 30.23
N ARG S 160 -29.49 -5.36 30.94
CA ARG S 160 -30.30 -5.07 32.11
C ARG S 160 -31.03 -3.74 32.10
N PHE S 161 -30.82 -2.89 31.13
CA PHE S 161 -31.55 -1.62 31.15
C PHE S 161 -32.29 -1.32 29.86
N ILE S 162 -31.75 -1.69 28.72
CA ILE S 162 -32.44 -1.43 27.45
C ILE S 162 -33.63 -2.37 27.32
N PRO S 163 -34.80 -1.88 26.93
CA PRO S 163 -35.98 -2.76 26.88
C PRO S 163 -35.83 -3.92 25.91
N GLU S 164 -36.60 -4.97 26.19
CA GLU S 164 -36.60 -6.19 25.40
C GLU S 164 -37.65 -6.09 24.30
N GLU S 165 -37.29 -6.55 23.10
CA GLU S 165 -38.15 -6.34 21.93
C GLU S 165 -38.07 -7.54 21.00
N ILE S 166 -39.08 -7.62 20.13
CA ILE S 166 -39.14 -8.58 19.04
C ILE S 166 -39.71 -7.87 17.82
N SER S 167 -39.16 -8.14 16.64
CA SER S 167 -39.60 -7.46 15.44
C SER S 167 -39.69 -8.44 14.28
N ILE S 168 -40.40 -8.04 13.22
CA ILE S 168 -40.64 -8.87 12.05
C ILE S 168 -40.54 -7.99 10.82
N GLN S 169 -39.89 -8.51 9.76
CA GLN S 169 -39.27 -7.66 8.75
C GLN S 169 -39.88 -7.70 7.36
N GLU S 170 -40.68 -8.70 6.99
CA GLU S 170 -41.35 -8.71 5.69
C GLU S 170 -40.32 -8.77 4.54
N ARG S 171 -39.69 -9.94 4.42
CA ARG S 171 -38.59 -10.16 3.47
C ARG S 171 -38.78 -9.54 2.09
N HIS S 172 -39.87 -9.90 1.40
CA HIS S 172 -40.12 -9.49 0.01
C HIS S 172 -39.01 -9.98 -0.91
N ASP S 173 -38.83 -11.29 -0.97
CA ASP S 173 -37.77 -11.87 -1.78
C ASP S 173 -38.32 -12.28 -3.16
N GLY S 174 -37.51 -13.01 -3.92
CA GLY S 174 -37.95 -13.57 -5.18
C GLY S 174 -37.67 -12.66 -6.36
N ALA S 175 -38.31 -13.00 -7.48
CA ALA S 175 -38.18 -12.19 -8.68
C ALA S 175 -38.84 -10.83 -8.48
N SER S 176 -38.50 -9.89 -9.37
CA SER S 176 -39.10 -8.57 -9.30
C SER S 176 -40.54 -8.63 -9.79
N ARG S 177 -41.27 -7.56 -9.49
CA ARG S 177 -42.58 -7.37 -10.11
C ARG S 177 -42.41 -7.25 -11.61
N GLU S 178 -43.35 -7.83 -12.35
CA GLU S 178 -43.23 -7.86 -13.81
C GLU S 178 -43.10 -6.46 -14.40
N ILE S 179 -43.65 -5.46 -13.71
CA ILE S 179 -43.59 -4.09 -14.20
C ILE S 179 -42.14 -3.69 -14.45
N ASP S 180 -41.28 -3.87 -13.44
CA ASP S 180 -39.91 -3.42 -13.52
C ASP S 180 -39.11 -4.25 -14.53
N ARG S 181 -39.34 -5.56 -14.55
CA ARG S 181 -38.62 -6.41 -15.50
C ARG S 181 -38.92 -5.99 -16.93
N LYS S 182 -40.21 -5.86 -17.27
CA LYS S 182 -40.55 -5.49 -18.63
C LYS S 182 -40.02 -4.11 -18.99
N THR S 183 -40.12 -3.14 -18.06
CA THR S 183 -39.65 -1.81 -18.40
C THR S 183 -38.14 -1.77 -18.62
N VAL S 184 -37.37 -2.43 -17.74
CA VAL S 184 -35.92 -2.36 -17.87
C VAL S 184 -35.44 -3.12 -19.10
N VAL S 185 -36.11 -4.24 -19.41
CA VAL S 185 -35.69 -4.97 -20.60
C VAL S 185 -36.05 -4.19 -21.85
N ALA S 186 -37.16 -3.45 -21.83
CA ALA S 186 -37.49 -2.60 -22.98
C ALA S 186 -36.48 -1.47 -23.13
N ASN S 187 -36.06 -0.88 -22.02
CA ASN S 187 -35.04 0.18 -22.08
C ASN S 187 -33.74 -0.35 -22.70
N LEU S 188 -33.26 -1.50 -22.21
CA LEU S 188 -32.03 -2.08 -22.75
C LEU S 188 -32.19 -2.41 -24.23
N THR S 189 -33.28 -3.08 -24.60
CA THR S 189 -33.47 -3.46 -26.00
C THR S 189 -33.58 -2.25 -26.92
N ASP S 190 -34.24 -1.19 -26.48
CA ASP S 190 -34.38 -0.02 -27.34
C ASP S 190 -33.06 0.72 -27.47
N ALA S 191 -32.31 0.84 -26.37
CA ALA S 191 -30.97 1.44 -26.47
C ALA S 191 -30.07 0.65 -27.41
N PHE S 192 -30.27 -0.67 -27.49
CA PHE S 192 -29.42 -1.46 -28.39
C PHE S 192 -29.90 -1.39 -29.84
N GLU S 193 -31.21 -1.52 -30.08
CA GLU S 193 -31.69 -1.52 -31.46
C GLU S 193 -31.65 -0.14 -32.08
N GLY S 194 -31.71 0.93 -31.28
CA GLY S 194 -31.73 2.26 -31.84
C GLY S 194 -30.41 2.68 -32.45
N SER S 195 -29.30 2.16 -31.92
CA SER S 195 -27.99 2.46 -32.46
C SER S 195 -27.74 1.80 -33.81
N THR S 196 -28.65 0.92 -34.25
CA THR S 196 -28.57 0.26 -35.57
C THR S 196 -27.29 -0.57 -35.72
N ILE S 197 -26.58 -0.83 -34.62
CA ILE S 197 -25.32 -1.54 -34.71
C ILE S 197 -25.52 -2.99 -35.17
N ARG S 198 -26.72 -3.53 -35.01
CA ARG S 198 -26.95 -4.92 -35.37
C ARG S 198 -26.79 -5.15 -36.87
N ARG S 199 -27.27 -4.21 -37.70
CA ARG S 199 -27.17 -4.32 -39.14
C ARG S 199 -25.91 -3.66 -39.70
N ARG S 200 -24.96 -3.28 -38.83
CA ARG S 200 -23.67 -2.74 -39.25
C ARG S 200 -22.61 -3.78 -38.91
N LYS S 201 -22.35 -4.70 -39.84
CA LYS S 201 -21.41 -5.78 -39.58
C LYS S 201 -19.98 -5.29 -39.57
N LEU S 202 -19.62 -4.48 -40.56
CA LEU S 202 -18.23 -4.08 -40.75
C LEU S 202 -17.71 -3.27 -39.56
N ILE S 203 -18.51 -2.31 -39.10
CA ILE S 203 -18.12 -1.51 -37.95
C ILE S 203 -17.90 -2.40 -36.73
N GLY S 204 -18.84 -3.32 -36.47
CA GLY S 204 -18.72 -4.15 -35.27
C GLY S 204 -17.49 -5.04 -35.32
N LEU S 205 -17.24 -5.67 -36.46
CA LEU S 205 -16.14 -6.61 -36.54
C LEU S 205 -14.79 -5.90 -36.49
N SER S 206 -14.68 -4.76 -37.19
CA SER S 206 -13.45 -3.98 -37.11
C SER S 206 -13.21 -3.47 -35.70
N PHE S 207 -14.29 -3.07 -35.02
CA PHE S 207 -14.15 -2.63 -33.64
C PHE S 207 -13.64 -3.77 -32.76
N GLY S 208 -14.20 -4.96 -32.93
CA GLY S 208 -13.75 -6.10 -32.17
C GLY S 208 -12.29 -6.40 -32.39
N VAL S 209 -11.86 -6.48 -33.66
CA VAL S 209 -10.47 -6.82 -33.94
C VAL S 209 -9.54 -5.74 -33.40
N GLY S 210 -9.93 -4.47 -33.52
CA GLY S 210 -9.10 -3.40 -33.01
C GLY S 210 -8.91 -3.46 -31.52
N MET S 211 -10.03 -3.59 -30.77
CA MET S 211 -9.92 -3.69 -29.32
C MET S 211 -9.11 -4.92 -28.90
N GLY S 212 -9.34 -6.05 -29.55
CA GLY S 212 -8.60 -7.24 -29.23
C GLY S 212 -7.11 -7.09 -29.44
N ALA S 213 -6.70 -6.49 -30.56
CA ALA S 213 -5.29 -6.27 -30.81
C ALA S 213 -4.69 -5.31 -29.80
N PHE S 214 -5.39 -4.23 -29.47
CA PHE S 214 -4.86 -3.29 -28.49
C PHE S 214 -4.68 -3.97 -27.14
N GLY S 215 -5.69 -4.70 -26.68
CA GLY S 215 -5.60 -5.37 -25.39
C GLY S 215 -4.48 -6.38 -25.34
N LEU S 216 -4.33 -7.18 -26.42
CA LEU S 216 -3.26 -8.16 -26.45
C LEU S 216 -1.89 -7.50 -26.39
N GLY S 217 -1.67 -6.49 -27.25
CA GLY S 217 -0.38 -5.81 -27.22
C GLY S 217 -0.09 -5.18 -25.87
N THR S 218 -1.10 -4.55 -25.27
CA THR S 218 -0.89 -3.91 -23.97
C THR S 218 -0.55 -4.93 -22.89
N LEU S 219 -1.26 -6.06 -22.85
CA LEU S 219 -0.97 -7.03 -21.80
C LEU S 219 0.40 -7.65 -21.99
N VAL S 220 0.78 -7.92 -23.25
CA VAL S 220 2.11 -8.46 -23.51
C VAL S 220 3.19 -7.48 -23.07
N ALA S 221 3.01 -6.20 -23.35
CA ALA S 221 3.99 -5.22 -22.89
C ALA S 221 3.99 -5.08 -21.37
N PHE S 222 2.84 -5.30 -20.72
CA PHE S 222 2.80 -5.21 -19.27
C PHE S 222 3.55 -6.37 -18.62
N ALA S 223 3.35 -7.59 -19.10
CA ALA S 223 3.94 -8.77 -18.48
C ALA S 223 5.23 -9.21 -19.17
N GLY S 224 5.84 -8.36 -19.99
CA GLY S 224 7.03 -8.74 -20.72
C GLY S 224 8.34 -8.36 -20.09
N GLY S 225 8.32 -7.46 -19.09
CA GLY S 225 9.54 -7.10 -18.42
C GLY S 225 9.98 -8.06 -17.34
N LEU S 226 9.06 -8.91 -16.87
CA LEU S 226 9.36 -9.87 -15.83
C LEU S 226 9.98 -11.17 -16.35
N ILE S 227 9.73 -11.52 -17.60
CA ILE S 227 10.09 -12.83 -18.12
C ILE S 227 11.58 -12.87 -18.43
N LYS S 228 12.26 -13.88 -17.90
CA LYS S 228 13.68 -14.08 -18.13
C LYS S 228 13.92 -15.51 -18.60
N ASN S 229 14.98 -15.69 -19.38
CA ASN S 229 15.35 -17.00 -19.87
C ASN S 229 16.24 -17.70 -18.86
N PRO S 230 15.86 -18.87 -18.34
CA PRO S 230 16.69 -19.53 -17.34
C PRO S 230 17.93 -20.20 -17.90
N TRP S 231 18.05 -20.34 -19.22
CA TRP S 231 19.13 -21.09 -19.84
C TRP S 231 20.07 -20.20 -20.65
N LYS S 232 20.16 -18.93 -20.29
CA LYS S 232 21.18 -18.26 -21.10
C LYS S 232 22.54 -18.38 -20.42
N PRO S 233 23.58 -18.70 -21.19
CA PRO S 233 24.92 -18.88 -20.59
C PRO S 233 25.46 -17.57 -20.07
N VAL S 234 25.67 -17.49 -18.75
CA VAL S 234 26.15 -16.27 -18.13
C VAL S 234 27.30 -16.54 -17.18
N VAL S 235 27.53 -17.80 -16.83
CA VAL S 235 28.54 -18.17 -15.84
C VAL S 235 29.78 -18.65 -16.58
N PRO S 236 30.95 -18.03 -16.37
CA PRO S 236 32.15 -18.45 -17.10
C PRO S 236 32.82 -19.64 -16.45
N THR S 237 33.05 -20.69 -17.25
CA THR S 237 33.69 -21.90 -16.76
C THR S 237 34.81 -22.32 -17.70
N ALA S 238 35.36 -23.52 -17.50
CA ALA S 238 36.49 -23.98 -18.30
C ALA S 238 36.07 -24.54 -19.64
N GLU S 239 34.78 -24.68 -19.93
CA GLU S 239 34.36 -25.08 -21.26
C GLU S 239 33.41 -24.06 -21.84
N GLY S 240 33.72 -22.78 -21.64
CA GLY S 240 32.87 -21.73 -22.15
C GLY S 240 32.02 -21.11 -21.07
N LYS S 241 30.72 -20.97 -21.33
CA LYS S 241 29.79 -20.39 -20.39
C LYS S 241 28.57 -21.29 -20.28
N LYS S 242 28.11 -21.48 -19.05
CA LYS S 242 27.00 -22.37 -18.76
C LYS S 242 25.83 -21.58 -18.18
N ALA S 243 24.72 -22.28 -18.02
CA ALA S 243 23.57 -21.72 -17.31
C ALA S 243 23.80 -21.79 -15.81
N VAL S 244 23.09 -20.94 -15.07
CA VAL S 244 23.31 -20.84 -13.64
C VAL S 244 22.95 -22.15 -12.95
N LEU S 245 21.94 -22.85 -13.45
CA LEU S 245 21.40 -24.00 -12.76
C LEU S 245 22.26 -25.25 -12.91
N TRP S 246 23.42 -25.14 -13.55
CA TRP S 246 24.32 -26.27 -13.69
C TRP S 246 25.72 -26.01 -13.15
N THR S 247 26.04 -24.77 -12.81
CA THR S 247 27.28 -24.44 -12.13
C THR S 247 27.04 -24.44 -10.62
N SER S 248 28.12 -24.60 -9.86
CA SER S 248 27.99 -24.84 -8.43
C SER S 248 28.90 -24.01 -7.56
N GLY S 249 29.94 -23.38 -8.08
CA GLY S 249 30.98 -22.82 -7.27
C GLY S 249 32.12 -23.77 -7.01
N TRP S 250 31.87 -25.08 -7.07
CA TRP S 250 32.91 -26.09 -7.16
C TRP S 250 33.37 -26.32 -8.59
N THR S 251 32.85 -25.55 -9.53
CA THR S 251 33.18 -25.73 -10.95
C THR S 251 34.50 -25.05 -11.26
N PRO S 252 35.45 -25.73 -11.90
CA PRO S 252 36.73 -25.10 -12.22
C PRO S 252 36.55 -24.02 -13.27
N ARG S 253 37.45 -23.03 -13.22
CA ARG S 253 37.34 -21.87 -14.09
C ARG S 253 38.41 -21.79 -15.16
N TYR S 254 39.63 -22.27 -14.91
CA TYR S 254 40.68 -22.17 -15.92
C TYR S 254 41.46 -23.47 -16.03
N GLN S 255 40.74 -24.60 -16.02
CA GLN S 255 41.30 -25.90 -16.41
C GLN S 255 42.53 -26.26 -15.56
N GLY S 256 42.28 -26.57 -14.29
CA GLY S 256 43.33 -27.05 -13.44
C GLY S 256 43.61 -26.19 -12.22
N GLU S 257 42.64 -25.39 -11.82
CA GLU S 257 42.82 -24.56 -10.64
C GLU S 257 42.57 -25.37 -9.38
N THR S 258 43.23 -24.98 -8.30
CA THR S 258 43.13 -25.66 -7.03
C THR S 258 42.02 -25.04 -6.18
N ILE S 259 41.10 -25.86 -5.72
CA ILE S 259 39.98 -25.43 -4.89
C ILE S 259 40.08 -26.19 -3.58
N TYR S 260 40.41 -25.48 -2.50
CA TYR S 260 40.59 -26.13 -1.21
C TYR S 260 39.24 -26.37 -0.54
N LEU S 261 39.26 -27.20 0.49
CA LEU S 261 38.09 -27.46 1.33
C LEU S 261 38.28 -26.65 2.60
N ALA S 262 37.88 -25.38 2.55
CA ALA S 262 38.02 -24.49 3.69
C ALA S 262 36.87 -24.70 4.66
N ARG S 263 37.13 -24.41 5.94
CA ARG S 263 36.12 -24.51 6.97
C ARG S 263 35.89 -23.15 7.62
N ALA S 264 34.70 -22.95 8.15
CA ALA S 264 34.31 -21.69 8.75
C ALA S 264 34.76 -21.64 10.21
N THR S 265 35.22 -20.46 10.63
CA THR S 265 35.72 -20.26 11.98
C THR S 265 34.82 -19.41 12.85
N GLY S 266 33.91 -18.63 12.26
CA GLY S 266 32.96 -17.84 13.01
C GLY S 266 33.48 -16.51 13.50
N THR S 267 34.70 -16.14 13.15
CA THR S 267 35.34 -14.92 13.59
C THR S 267 35.77 -14.11 12.37
N GLU S 268 35.97 -12.80 12.59
CA GLU S 268 36.30 -11.91 11.47
C GLU S 268 37.50 -11.02 11.74
N ASP S 269 38.55 -11.53 12.39
CA ASP S 269 39.79 -10.79 12.45
C ASP S 269 40.54 -10.86 11.12
N GLY S 270 41.01 -12.06 10.75
CA GLY S 270 41.39 -12.28 9.38
C GLY S 270 40.75 -13.47 8.67
N PRO S 271 40.69 -14.62 9.33
CA PRO S 271 40.12 -15.81 8.68
C PRO S 271 38.63 -15.97 8.93
N PRO S 272 37.80 -15.94 7.91
CA PRO S 272 36.50 -16.63 8.01
C PRO S 272 36.55 -18.02 7.38
N PHE S 273 37.66 -18.32 6.69
CA PHE S 273 37.84 -19.60 6.03
C PHE S 273 39.32 -19.98 6.10
N ILE S 274 39.60 -21.20 6.52
CA ILE S 274 40.96 -21.70 6.63
C ILE S 274 41.05 -23.09 6.03
N LYS S 275 42.22 -23.43 5.50
CA LYS S 275 42.43 -24.73 4.90
C LYS S 275 42.35 -25.83 5.96
N MET S 276 42.38 -27.07 5.49
CA MET S 276 42.24 -28.23 6.36
C MET S 276 43.26 -29.29 5.99
N ARG S 277 43.63 -30.09 6.97
CA ARG S 277 44.48 -31.25 6.78
C ARG S 277 43.73 -32.52 7.14
N PRO S 278 44.10 -33.66 6.56
CA PRO S 278 43.35 -34.90 6.84
C PRO S 278 43.39 -35.33 8.30
N GLU S 279 44.36 -34.88 9.08
CA GLU S 279 44.47 -35.30 10.47
C GLU S 279 43.62 -34.46 11.42
N ASP S 280 42.87 -33.48 10.91
CA ASP S 280 42.08 -32.61 11.77
C ASP S 280 40.67 -33.14 11.95
N MET S 281 40.56 -34.43 12.25
CA MET S 281 39.27 -35.10 12.32
C MET S 281 39.48 -36.53 12.81
N ASP S 282 38.58 -37.00 13.65
CA ASP S 282 38.62 -38.38 14.12
C ASP S 282 37.56 -39.22 13.42
N ALA S 283 37.58 -40.51 13.73
CA ALA S 283 36.82 -41.50 12.95
C ALA S 283 35.31 -41.37 13.12
N GLY S 284 34.87 -40.47 13.97
CA GLY S 284 33.44 -40.28 14.14
C GLY S 284 32.99 -38.85 14.01
N GLY S 285 33.66 -38.09 13.15
CA GLY S 285 33.38 -36.67 13.05
C GLY S 285 32.79 -36.25 11.72
N MET S 286 32.14 -35.10 11.70
CA MET S 286 31.57 -34.52 10.50
C MET S 286 31.91 -33.04 10.47
N GLU S 287 32.05 -32.48 9.27
CA GLU S 287 32.39 -31.08 9.14
C GLU S 287 31.85 -30.53 7.84
N THR S 288 31.40 -29.28 7.88
CA THR S 288 30.96 -28.57 6.69
C THR S 288 32.16 -27.82 6.11
N VAL S 289 32.27 -27.82 4.78
CA VAL S 289 33.39 -27.20 4.08
C VAL S 289 32.86 -26.40 2.91
N PHE S 290 33.67 -25.47 2.43
CA PHE S 290 33.33 -24.57 1.35
C PHE S 290 34.49 -24.48 0.35
N PRO S 291 34.22 -24.08 -0.89
CA PRO S 291 35.32 -23.90 -1.85
C PRO S 291 36.11 -22.64 -1.54
N TRP S 292 37.44 -22.75 -1.56
CA TRP S 292 38.31 -21.68 -1.08
C TRP S 292 38.87 -20.80 -2.19
N ARG S 293 39.62 -21.38 -3.13
CA ARG S 293 40.21 -20.59 -4.21
C ARG S 293 41.10 -19.47 -3.70
N GLU S 294 42.30 -19.83 -3.24
CA GLU S 294 43.23 -18.94 -2.54
C GLU S 294 43.35 -17.55 -3.14
N SER S 295 43.03 -17.38 -4.42
CA SER S 295 42.96 -16.05 -5.02
C SER S 295 41.87 -15.18 -4.40
N ASP S 296 41.10 -15.69 -3.44
CA ASP S 296 40.09 -14.89 -2.75
C ASP S 296 40.64 -14.18 -1.53
N GLY S 297 41.64 -14.78 -0.87
CA GLY S 297 42.27 -14.15 0.27
C GLY S 297 41.38 -13.99 1.48
N ASP S 298 41.93 -13.52 2.58
CA ASP S 298 41.16 -13.29 3.79
C ASP S 298 40.30 -12.05 3.64
N GLY S 299 39.46 -11.81 4.64
CA GLY S 299 38.47 -10.75 4.54
C GLY S 299 38.90 -9.39 5.04
N THR S 300 40.00 -8.87 4.49
CA THR S 300 40.51 -7.58 4.93
C THR S 300 39.98 -6.44 4.07
N THR S 301 40.32 -6.43 2.78
CA THR S 301 39.83 -5.41 1.87
C THR S 301 38.34 -5.61 1.61
N VAL S 302 37.75 -4.62 0.93
CA VAL S 302 36.35 -4.74 0.56
C VAL S 302 36.16 -5.73 -0.57
N GLU S 303 37.13 -5.84 -1.47
CA GLU S 303 37.00 -6.75 -2.60
C GLU S 303 36.99 -8.20 -2.12
N SER S 304 37.95 -8.57 -1.28
CA SER S 304 37.97 -9.92 -0.74
C SER S 304 36.80 -10.18 0.18
N HIS S 305 36.34 -9.16 0.90
CA HIS S 305 35.17 -9.32 1.76
C HIS S 305 33.92 -9.62 0.94
N HIS S 306 33.76 -8.95 -0.21
CA HIS S 306 32.63 -9.28 -1.09
C HIS S 306 32.76 -10.69 -1.63
N LYS S 307 33.95 -11.08 -2.10
CA LYS S 307 34.14 -12.43 -2.60
C LYS S 307 33.76 -13.47 -1.54
N LEU S 308 34.20 -13.25 -0.31
CA LEU S 308 33.93 -14.23 0.74
C LEU S 308 32.47 -14.25 1.13
N GLN S 309 31.82 -13.09 1.21
CA GLN S 309 30.41 -13.09 1.55
C GLN S 309 29.56 -13.68 0.45
N GLU S 310 30.07 -13.71 -0.79
CA GLU S 310 29.33 -14.40 -1.83
C GLU S 310 29.60 -15.89 -1.83
N ILE S 311 30.79 -16.30 -1.37
CA ILE S 311 31.05 -17.73 -1.18
C ILE S 311 30.15 -18.28 -0.08
N ALA S 312 29.98 -17.53 1.00
CA ALA S 312 29.23 -18.03 2.15
C ALA S 312 27.75 -18.21 1.84
N MET S 313 27.22 -17.46 0.87
CA MET S 313 25.81 -17.54 0.52
C MET S 313 25.70 -18.02 -0.91
N GLY S 314 25.73 -19.35 -1.06
CA GLY S 314 25.49 -20.00 -2.33
C GLY S 314 24.77 -21.29 -2.06
N ILE S 315 23.61 -21.51 -2.70
CA ILE S 315 22.74 -22.60 -2.28
C ILE S 315 23.23 -23.97 -2.69
N ARG S 316 24.35 -24.07 -3.41
CA ARG S 316 24.91 -25.36 -3.77
C ARG S 316 26.35 -25.53 -3.31
N ASN S 317 26.84 -24.64 -2.47
CA ASN S 317 28.23 -24.66 -2.01
C ASN S 317 28.50 -25.65 -0.88
N PRO S 318 27.69 -25.72 0.19
CA PRO S 318 28.08 -26.52 1.36
C PRO S 318 28.28 -28.00 1.02
N VAL S 319 29.18 -28.62 1.78
CA VAL S 319 29.55 -30.02 1.59
C VAL S 319 29.83 -30.62 2.96
N MET S 320 29.38 -31.85 3.17
CA MET S 320 29.68 -32.59 4.40
C MET S 320 30.92 -33.44 4.21
N LEU S 321 31.87 -33.34 5.12
CA LEU S 321 33.05 -34.19 5.12
C LEU S 321 32.91 -35.23 6.22
N ILE S 322 32.89 -36.50 5.82
CA ILE S 322 32.69 -37.61 6.73
C ILE S 322 34.01 -38.37 6.85
N ARG S 323 34.32 -38.85 8.06
CA ARG S 323 35.41 -39.78 8.25
C ARG S 323 34.84 -41.08 8.81
N ILE S 324 34.99 -42.15 8.06
CA ILE S 324 34.43 -43.45 8.40
C ILE S 324 35.44 -44.21 9.24
N LYS S 325 34.96 -44.88 10.28
CA LYS S 325 35.84 -45.63 11.16
C LYS S 325 36.57 -46.72 10.38
N PRO S 326 37.85 -46.97 10.67
CA PRO S 326 38.56 -48.03 9.96
C PRO S 326 37.99 -49.40 10.20
N SER S 327 37.20 -49.57 11.26
CA SER S 327 36.63 -50.87 11.55
C SER S 327 35.71 -51.34 10.44
N ASP S 328 34.85 -50.43 9.93
CA ASP S 328 33.89 -50.94 8.98
C ASP S 328 34.51 -51.07 7.60
N LEU S 329 34.65 -49.96 6.87
CA LEU S 329 35.41 -49.86 5.63
C LEU S 329 35.29 -51.08 4.73
N GLY S 330 34.23 -51.87 4.92
CA GLY S 330 34.06 -53.10 4.18
C GLY S 330 32.60 -53.25 3.80
N ARG S 331 31.80 -52.32 4.31
CA ARG S 331 30.39 -52.25 4.02
C ARG S 331 30.05 -51.16 3.02
N VAL S 332 31.06 -50.55 2.41
CA VAL S 332 30.86 -49.50 1.42
C VAL S 332 30.53 -50.15 0.08
N VAL S 333 29.75 -49.46 -0.74
CA VAL S 333 29.21 -50.07 -1.96
C VAL S 333 29.68 -49.34 -3.21
N LYS S 334 30.03 -48.06 -3.09
CA LYS S 334 30.79 -47.39 -4.15
C LYS S 334 30.09 -47.35 -5.51
N ARG S 335 29.14 -46.43 -5.66
CA ARG S 335 28.31 -46.25 -6.85
C ARG S 335 29.09 -46.36 -8.16
N LYS S 336 28.37 -46.75 -9.22
CA LYS S 336 28.99 -47.35 -10.40
C LYS S 336 30.02 -46.44 -11.06
N GLY S 337 29.83 -45.12 -11.00
CA GLY S 337 30.72 -44.21 -11.67
C GLY S 337 31.71 -43.48 -10.79
N GLN S 338 31.73 -43.75 -9.48
CA GLN S 338 32.48 -42.96 -8.52
C GLN S 338 33.27 -43.87 -7.59
N GLU S 339 33.98 -44.85 -8.15
CA GLU S 339 34.70 -45.80 -7.31
C GLU S 339 35.92 -45.18 -6.65
N SER S 340 36.47 -44.11 -7.22
CA SER S 340 37.69 -43.51 -6.71
C SER S 340 37.48 -42.07 -6.25
N PHE S 341 36.27 -41.75 -5.78
CA PHE S 341 35.97 -40.40 -5.34
C PHE S 341 36.32 -40.16 -3.88
N ASN S 342 36.72 -41.19 -3.16
CA ASN S 342 37.06 -41.06 -1.75
C ASN S 342 38.57 -41.16 -1.56
N PHE S 343 39.07 -40.50 -0.53
CA PHE S 343 40.49 -40.50 -0.20
C PHE S 343 40.62 -41.21 1.15
N GLY S 344 40.83 -42.52 1.11
CA GLY S 344 40.95 -43.28 2.33
C GLY S 344 39.62 -43.43 3.03
N GLU S 345 39.43 -42.70 4.14
CA GLU S 345 38.20 -42.77 4.93
C GLU S 345 37.40 -41.48 4.86
N PHE S 346 37.61 -40.66 3.84
CA PHE S 346 36.88 -39.42 3.66
C PHE S 346 35.97 -39.53 2.44
N PHE S 347 34.76 -39.00 2.55
CA PHE S 347 33.85 -39.27 1.44
C PHE S 347 33.25 -38.01 0.81
N ALA S 348 32.91 -37.00 1.60
CA ALA S 348 32.55 -35.67 1.07
C ALA S 348 31.35 -35.72 0.13
N PHE S 349 30.20 -36.02 0.72
CA PHE S 349 28.94 -35.87 -0.01
C PHE S 349 28.46 -34.43 0.05
N THR S 350 27.48 -34.10 -0.78
CA THR S 350 26.90 -32.77 -0.75
C THR S 350 25.97 -32.62 0.44
N LYS S 351 25.58 -31.38 0.72
CA LYS S 351 24.77 -31.06 1.88
C LYS S 351 23.42 -30.49 1.52
N VAL S 352 23.04 -30.51 0.25
CA VAL S 352 21.75 -30.00 -0.20
C VAL S 352 20.88 -31.20 -0.52
N CYS S 353 19.80 -31.36 0.25
CA CYS S 353 18.94 -32.52 0.10
C CYS S 353 18.34 -32.57 -1.30
N SER S 354 18.30 -33.77 -1.87
CA SER S 354 17.89 -33.98 -3.24
C SER S 354 16.38 -34.02 -3.41
N HIS S 355 15.63 -33.49 -2.45
CA HIS S 355 14.18 -33.44 -2.47
C HIS S 355 13.73 -32.05 -2.72
N LEU S 356 13.94 -31.18 -1.77
CA LEU S 356 13.56 -29.78 -1.96
C LEU S 356 14.64 -28.78 -1.57
N GLY S 357 15.81 -29.23 -1.10
CA GLY S 357 16.93 -28.33 -0.96
C GLY S 357 17.24 -27.83 0.44
N CYS S 358 16.73 -28.45 1.48
CA CYS S 358 17.16 -28.08 2.83
C CYS S 358 18.52 -28.69 3.12
N PRO S 359 19.28 -28.13 4.06
CA PRO S 359 20.56 -28.73 4.45
C PRO S 359 20.34 -30.04 5.21
N SER S 360 20.86 -31.14 4.65
CA SER S 360 20.81 -32.45 5.30
C SER S 360 22.03 -32.59 6.18
N SER S 361 21.93 -32.04 7.38
CA SER S 361 23.08 -31.92 8.26
C SER S 361 23.06 -32.87 9.44
N LEU S 362 21.93 -33.52 9.73
CA LEU S 362 21.87 -34.43 10.87
C LEU S 362 22.56 -35.73 10.50
N TYR S 363 23.73 -35.98 11.09
CA TYR S 363 24.54 -37.15 10.77
C TYR S 363 24.71 -38.00 12.01
N GLU S 364 24.19 -39.22 11.98
CA GLU S 364 24.29 -40.15 13.10
C GLU S 364 25.52 -41.01 12.92
N GLN S 365 26.43 -40.98 13.90
CA GLN S 365 27.79 -41.42 13.62
C GLN S 365 27.92 -42.94 13.53
N GLN S 366 27.06 -43.70 14.20
CA GLN S 366 27.24 -45.15 14.22
C GLN S 366 26.06 -45.91 13.63
N SER S 367 25.08 -45.21 13.07
CA SER S 367 24.20 -45.83 12.09
C SER S 367 24.58 -45.42 10.67
N TYR S 368 25.40 -44.38 10.51
CA TYR S 368 25.83 -43.89 9.21
C TYR S 368 24.62 -43.44 8.37
N ARG S 369 23.73 -42.71 9.01
CA ARG S 369 22.54 -42.19 8.37
C ARG S 369 22.55 -40.67 8.42
N ILE S 370 22.16 -40.06 7.31
CA ILE S 370 22.02 -38.62 7.20
C ILE S 370 20.53 -38.31 7.18
N LEU S 371 20.11 -37.36 8.01
CA LEU S 371 18.70 -37.04 8.19
C LEU S 371 18.44 -35.60 7.79
N CYS S 372 17.50 -35.40 6.87
CA CYS S 372 17.06 -34.06 6.49
C CYS S 372 15.99 -33.59 7.47
N PRO S 373 16.20 -32.49 8.18
CA PRO S 373 15.24 -32.12 9.23
C PRO S 373 13.96 -31.47 8.71
N CYS S 374 13.87 -31.14 7.42
CA CYS S 374 12.71 -30.41 6.93
C CYS S 374 11.51 -31.34 6.77
N HIS S 375 11.68 -32.48 6.10
CA HIS S 375 10.62 -33.47 6.00
C HIS S 375 11.05 -34.88 6.39
N GLN S 376 12.24 -35.04 6.99
CA GLN S 376 12.72 -36.32 7.51
C GLN S 376 12.96 -37.39 6.44
N SER S 377 13.88 -37.12 5.52
CA SER S 377 14.45 -38.16 4.68
C SER S 377 15.67 -38.76 5.35
N GLN S 378 16.07 -39.93 4.89
CA GLN S 378 17.22 -40.61 5.45
C GLN S 378 18.04 -41.23 4.33
N PHE S 379 19.32 -40.88 4.29
CA PHE S 379 20.26 -41.38 3.30
C PHE S 379 21.30 -42.26 3.99
N ASP S 380 21.78 -43.25 3.27
CA ASP S 380 22.69 -44.26 3.81
C ASP S 380 24.12 -43.90 3.43
N ALA S 381 24.87 -43.34 4.39
CA ALA S 381 26.21 -42.85 4.11
C ALA S 381 27.17 -43.93 3.67
N LEU S 382 26.85 -45.20 3.95
CA LEU S 382 27.70 -46.30 3.53
C LEU S 382 27.31 -46.86 2.18
N HIS S 383 26.17 -46.47 1.63
CA HIS S 383 25.70 -46.98 0.34
C HIS S 383 25.45 -45.78 -0.57
N PHE S 384 26.55 -45.18 -1.03
CA PHE S 384 26.60 -43.98 -1.87
C PHE S 384 25.47 -42.98 -1.60
N ALA S 385 25.13 -42.78 -0.33
CA ALA S 385 24.08 -41.86 0.08
C ALA S 385 22.76 -42.16 -0.62
N LYS S 386 22.35 -43.42 -0.55
CA LYS S 386 21.09 -43.84 -1.13
C LYS S 386 19.95 -43.57 -0.14
N PRO S 387 18.83 -43.00 -0.60
CA PRO S 387 17.73 -42.71 0.33
C PRO S 387 17.02 -43.98 0.77
N ILE S 388 16.73 -44.06 2.06
CA ILE S 388 16.14 -45.27 2.64
C ILE S 388 14.92 -44.94 3.48
N PHE S 389 14.36 -43.75 3.30
CA PHE S 389 13.11 -43.39 3.96
C PHE S 389 12.62 -42.06 3.41
N GLY S 390 11.30 -41.98 3.24
CA GLY S 390 10.64 -40.74 2.93
C GLY S 390 10.50 -40.41 1.46
N PRO S 391 9.81 -39.29 1.17
CA PRO S 391 9.71 -38.77 -0.20
C PRO S 391 11.00 -38.54 -0.97
N ALA S 392 12.17 -38.71 -0.37
CA ALA S 392 13.40 -38.55 -1.13
C ALA S 392 13.58 -39.76 -2.03
N ALA S 393 13.96 -39.51 -3.28
CA ALA S 393 14.04 -40.58 -4.26
C ALA S 393 15.37 -40.66 -5.00
N ARG S 394 16.23 -39.66 -4.90
CA ARG S 394 17.51 -39.67 -5.58
C ARG S 394 18.64 -39.51 -4.57
N ALA S 395 19.78 -40.14 -4.88
CA ALA S 395 20.91 -40.14 -3.97
C ALA S 395 21.59 -38.78 -3.94
N LEU S 396 22.32 -38.53 -2.87
CA LEU S 396 23.11 -37.30 -2.76
C LEU S 396 24.34 -37.38 -3.65
N ALA S 397 24.73 -36.23 -4.18
CA ALA S 397 25.89 -36.17 -5.07
C ALA S 397 27.18 -36.22 -4.28
N GLN S 398 28.18 -36.89 -4.84
CA GLN S 398 29.48 -37.06 -4.19
C GLN S 398 30.52 -36.23 -4.89
N LEU S 399 31.45 -35.67 -4.12
CA LEU S 399 32.51 -34.83 -4.62
C LEU S 399 33.85 -35.55 -4.53
N PRO S 400 34.68 -35.50 -5.57
CA PRO S 400 35.99 -36.16 -5.51
C PRO S 400 37.00 -35.30 -4.77
N ILE S 401 37.79 -35.95 -3.91
CA ILE S 401 38.76 -35.24 -3.08
C ILE S 401 40.11 -35.94 -3.16
N THR S 402 41.14 -35.21 -2.77
CA THR S 402 42.50 -35.70 -2.67
C THR S 402 43.29 -34.72 -1.80
N ILE S 403 44.61 -34.87 -1.79
CA ILE S 403 45.48 -33.91 -1.11
C ILE S 403 46.48 -33.36 -2.11
N ASP S 404 47.00 -32.19 -1.81
CA ASP S 404 47.99 -31.53 -2.65
C ASP S 404 49.39 -31.78 -2.10
N THR S 405 50.38 -31.20 -2.77
CA THR S 405 51.79 -31.46 -2.45
C THR S 405 52.20 -30.95 -1.08
N ASP S 406 51.31 -30.29 -0.35
CA ASP S 406 51.64 -29.75 0.96
C ASP S 406 50.88 -30.43 2.08
N GLY S 407 49.85 -31.20 1.77
CA GLY S 407 49.10 -31.91 2.78
C GLY S 407 47.73 -31.34 3.09
N TYR S 408 47.18 -30.49 2.24
CA TYR S 408 45.85 -29.93 2.43
C TYR S 408 44.84 -30.65 1.56
N LEU S 409 43.60 -30.68 2.01
CA LEU S 409 42.54 -31.32 1.26
C LEU S 409 42.07 -30.40 0.15
N VAL S 410 42.05 -30.92 -1.08
CA VAL S 410 41.58 -30.18 -2.24
C VAL S 410 40.57 -31.02 -2.98
N ALA S 411 39.82 -30.37 -3.88
CA ALA S 411 38.87 -31.06 -4.73
C ALA S 411 39.57 -31.59 -5.97
N ASN S 412 39.21 -32.80 -6.36
CA ASN S 412 39.83 -33.51 -7.48
C ASN S 412 38.95 -33.44 -8.71
N GLY S 413 38.24 -32.34 -8.90
CA GLY S 413 37.35 -32.20 -10.03
C GLY S 413 36.04 -31.52 -9.68
N ASP S 414 34.94 -32.04 -10.21
CA ASP S 414 33.62 -31.46 -10.00
C ASP S 414 32.62 -32.57 -9.78
N PHE S 415 31.43 -32.19 -9.32
CA PHE S 415 30.32 -33.14 -9.25
C PHE S 415 30.05 -33.71 -10.64
N VAL S 416 29.62 -34.97 -10.68
CA VAL S 416 29.28 -35.61 -11.95
C VAL S 416 27.88 -35.28 -12.42
N GLU S 417 27.10 -34.56 -11.62
CA GLU S 417 25.69 -34.33 -11.92
C GLU S 417 25.24 -33.08 -11.18
N PRO S 418 24.11 -32.49 -11.58
CA PRO S 418 23.62 -31.30 -10.87
C PRO S 418 23.28 -31.61 -9.42
N VAL S 419 23.33 -30.58 -8.59
CA VAL S 419 23.10 -30.70 -7.16
C VAL S 419 21.78 -30.02 -6.82
N GLY S 420 21.05 -30.60 -5.87
CA GLY S 420 19.83 -30.01 -5.37
C GLY S 420 18.58 -30.64 -5.94
N PRO S 421 17.46 -29.94 -5.84
CA PRO S 421 16.19 -30.48 -6.34
C PRO S 421 16.22 -30.69 -7.85
N ALA S 422 15.26 -31.46 -8.32
CA ALA S 422 15.15 -31.79 -9.74
C ALA S 422 14.18 -30.83 -10.43
N PHE S 423 14.24 -30.86 -11.76
CA PHE S 423 13.37 -30.03 -12.58
C PHE S 423 13.09 -30.78 -13.87
N TRP S 424 12.44 -30.10 -14.82
CA TRP S 424 11.99 -30.76 -16.04
C TRP S 424 13.15 -31.28 -16.87
N GLU S 425 14.26 -30.53 -16.91
CA GLU S 425 15.35 -30.87 -17.81
C GLU S 425 16.06 -32.14 -17.37
N ARG S 426 16.56 -32.15 -16.14
CA ARG S 426 17.29 -33.30 -15.62
C ARG S 426 17.56 -33.02 -14.14
N THR S 427 18.12 -34.01 -13.45
CA THR S 427 18.44 -33.92 -12.02
C THR S 427 19.19 -32.65 -11.67
N SER T 58 48.26 -39.26 46.88
CA SER T 58 48.00 -40.70 46.79
C SER T 58 47.43 -41.08 45.42
N SER T 59 48.10 -40.62 44.37
CA SER T 59 47.67 -40.96 43.03
C SER T 59 48.00 -42.40 42.66
N ALA T 60 48.92 -43.03 43.38
CA ALA T 60 49.23 -44.43 43.14
C ALA T 60 48.21 -45.30 43.86
N LEU T 61 46.93 -45.00 43.69
CA LEU T 61 45.88 -45.77 44.32
C LEU T 61 44.68 -45.77 43.39
N LEU T 62 44.63 -46.76 42.51
CA LEU T 62 43.46 -47.07 41.69
C LEU T 62 42.94 -48.46 42.02
N ARG T 63 43.34 -48.99 43.19
CA ARG T 63 42.74 -50.20 43.73
C ARG T 63 41.27 -50.00 44.03
N THR T 64 40.89 -48.80 44.50
CA THR T 64 39.53 -48.33 44.34
C THR T 64 39.43 -47.70 42.97
N GLY T 65 38.27 -47.82 42.33
CA GLY T 65 38.33 -47.80 40.89
C GLY T 65 38.19 -49.23 40.44
N LYS T 66 39.30 -49.96 40.30
CA LYS T 66 39.21 -51.38 40.04
C LYS T 66 38.78 -52.09 41.33
N GLN T 67 37.72 -51.58 41.94
CA GLN T 67 36.99 -52.27 43.00
C GLN T 67 35.50 -52.09 42.71
N LEU T 68 35.17 -50.96 42.10
CA LEU T 68 33.79 -50.65 41.72
C LEU T 68 33.48 -51.14 40.31
N PHE T 69 34.45 -51.03 39.40
CA PHE T 69 34.29 -51.56 38.06
C PHE T 69 34.01 -53.05 38.10
N ASP T 70 34.76 -53.78 38.92
CA ASP T 70 34.61 -55.23 39.01
C ASP T 70 33.25 -55.65 39.56
N THR T 71 32.56 -54.77 40.30
CA THR T 71 31.27 -55.10 40.87
C THR T 71 30.11 -54.36 40.23
N SER T 72 30.35 -53.56 39.19
CA SER T 72 29.27 -52.86 38.52
C SER T 72 29.36 -52.81 37.00
N CYS T 73 30.46 -53.27 36.39
CA CYS T 73 30.63 -53.14 34.95
C CYS T 73 31.02 -54.40 34.23
N VAL T 74 31.70 -55.36 34.88
CA VAL T 74 32.28 -56.49 34.15
C VAL T 74 31.25 -57.34 33.43
N SER T 75 29.97 -57.25 33.78
CA SER T 75 28.99 -58.05 33.09
C SER T 75 28.71 -57.56 31.68
N CYS T 76 29.11 -56.36 31.33
CA CYS T 76 28.85 -55.82 30.00
C CYS T 76 30.08 -55.26 29.29
N HIS T 77 31.23 -55.14 29.96
CA HIS T 77 32.45 -54.67 29.32
C HIS T 77 33.62 -55.62 29.44
N GLY T 78 33.56 -56.59 30.33
CA GLY T 78 34.64 -57.53 30.50
C GLY T 78 35.52 -57.18 31.69
N ALA T 79 36.25 -58.19 32.17
CA ALA T 79 37.13 -57.97 33.32
C ALA T 79 38.35 -57.15 32.94
N ASN T 80 38.78 -57.22 31.69
CA ASN T 80 39.95 -56.49 31.21
C ASN T 80 39.57 -55.29 30.34
N LEU T 81 38.34 -54.80 30.46
CA LEU T 81 37.84 -53.72 29.63
C LEU T 81 37.96 -54.08 28.15
N GLN T 82 37.41 -55.24 27.79
CA GLN T 82 37.61 -55.81 26.48
C GLN T 82 36.35 -55.83 25.62
N GLY T 83 35.22 -55.32 26.12
CA GLY T 83 34.05 -55.27 25.29
C GLY T 83 33.38 -56.60 25.02
N VAL T 84 32.69 -57.15 26.02
CA VAL T 84 31.85 -58.34 25.86
C VAL T 84 31.13 -58.28 24.53
N PRO T 85 31.34 -59.26 23.63
CA PRO T 85 30.90 -59.11 22.24
C PRO T 85 29.40 -59.08 22.08
N ASP T 86 28.67 -59.19 23.19
CA ASP T 86 27.22 -59.11 23.16
C ASP T 86 26.69 -57.70 23.37
N HIS T 87 27.19 -56.98 24.37
CA HIS T 87 26.56 -55.72 24.79
C HIS T 87 27.48 -54.50 24.65
N GLY T 88 28.65 -54.51 25.27
CA GLY T 88 29.38 -53.29 25.47
C GLY T 88 30.58 -53.11 24.56
N PRO T 89 30.97 -51.86 24.37
CA PRO T 89 32.19 -51.57 23.59
C PRO T 89 33.46 -51.82 24.37
N SER T 90 34.60 -51.51 23.77
CA SER T 90 35.89 -51.93 24.32
C SER T 90 36.25 -51.13 25.57
N LEU T 91 36.15 -49.80 25.50
CA LEU T 91 36.53 -48.89 26.57
C LEU T 91 38.03 -48.84 26.81
N ILE T 92 38.84 -49.10 25.79
CA ILE T 92 40.29 -48.98 25.95
C ILE T 92 40.79 -47.62 25.46
N GLY T 93 40.46 -47.25 24.24
CA GLY T 93 40.90 -45.96 23.73
C GLY T 93 40.25 -44.77 24.42
N VAL T 94 39.10 -44.98 25.06
CA VAL T 94 38.44 -43.89 25.77
C VAL T 94 39.27 -43.51 26.99
N GLY T 95 38.97 -42.33 27.53
CA GLY T 95 39.75 -41.82 28.64
C GLY T 95 38.94 -41.46 29.86
N GLU T 96 39.45 -40.49 30.62
CA GLU T 96 38.75 -40.01 31.81
C GLU T 96 37.54 -39.16 31.46
N ALA T 97 37.59 -38.44 30.34
CA ALA T 97 36.48 -37.56 29.97
C ALA T 97 35.23 -38.37 29.62
N ALA T 98 35.41 -39.48 28.91
CA ALA T 98 34.26 -40.32 28.56
C ALA T 98 33.60 -40.88 29.81
N VAL T 99 34.39 -41.41 30.74
CA VAL T 99 33.84 -41.96 31.97
C VAL T 99 33.15 -40.87 32.78
N TYR T 100 33.76 -39.69 32.86
CA TYR T 100 33.15 -38.60 33.61
C TYR T 100 31.79 -38.23 33.04
N PHE T 101 31.73 -38.01 31.72
CA PHE T 101 30.46 -37.61 31.12
C PHE T 101 29.42 -38.71 31.25
N GLN T 102 29.83 -39.97 31.10
CA GLN T 102 28.85 -41.04 31.08
C GLN T 102 28.32 -41.35 32.47
N VAL T 103 29.14 -41.18 33.51
CA VAL T 103 28.71 -41.54 34.85
C VAL T 103 28.07 -40.35 35.57
N SER T 104 28.66 -39.16 35.44
CA SER T 104 28.16 -38.01 36.18
C SER T 104 26.75 -37.64 35.73
N THR T 105 26.46 -37.79 34.44
CA THR T 105 25.10 -37.55 33.95
C THR T 105 24.16 -38.70 34.26
N GLY T 106 24.68 -39.86 34.65
CA GLY T 106 23.85 -40.98 35.05
C GLY T 106 23.54 -41.97 33.96
N ARG T 107 23.96 -41.72 32.73
CA ARG T 107 23.68 -42.66 31.64
C ARG T 107 24.34 -44.01 31.89
N MET T 108 25.37 -44.04 32.74
CA MET T 108 26.06 -45.27 33.10
C MET T 108 25.39 -45.98 34.26
N PRO T 109 26.01 -46.97 34.86
CA PRO T 109 25.59 -48.35 34.62
C PRO T 109 24.15 -48.45 34.17
N ALA T 110 23.99 -49.08 33.01
CA ALA T 110 22.76 -49.05 32.25
C ALA T 110 22.04 -50.38 32.33
N MET T 111 20.72 -50.29 32.39
CA MET T 111 19.86 -51.45 32.32
C MET T 111 19.74 -51.88 30.87
N ALA T 117 20.21 -45.12 25.65
CA ALA T 117 20.29 -45.07 27.10
C ALA T 117 19.91 -43.67 27.57
N PRO T 118 18.88 -43.53 28.40
CA PRO T 118 18.45 -42.20 28.84
C PRO T 118 19.27 -41.70 30.02
N ARG T 119 19.12 -40.40 30.29
CA ARG T 119 19.74 -39.80 31.46
C ARG T 119 18.95 -40.16 32.72
N LYS T 120 19.66 -40.51 33.78
CA LYS T 120 19.05 -40.96 35.02
C LYS T 120 19.75 -40.28 36.18
N ASP T 121 19.48 -40.76 37.37
CA ASP T 121 20.18 -40.28 38.57
C ASP T 121 21.53 -40.97 38.69
N PRO T 122 22.59 -40.25 39.04
CA PRO T 122 23.90 -40.89 39.15
C PRO T 122 23.99 -41.82 40.36
N ILE T 123 24.84 -42.83 40.25
CA ILE T 123 25.06 -43.74 41.35
C ILE T 123 26.31 -43.36 42.13
N PHE T 124 27.35 -42.91 41.47
CA PHE T 124 28.66 -42.75 42.08
C PHE T 124 29.01 -41.28 42.30
N ASP T 125 29.38 -40.96 43.53
CA ASP T 125 30.19 -39.78 43.84
C ASP T 125 30.85 -40.05 45.18
N GLU T 126 31.37 -39.00 45.83
CA GLU T 126 32.37 -39.11 46.89
C GLU T 126 33.68 -39.58 46.25
N ALA T 127 34.07 -38.87 45.18
CA ALA T 127 35.37 -39.00 44.52
C ALA T 127 35.61 -40.38 43.94
N GLN T 128 34.56 -41.16 43.68
CA GLN T 128 34.73 -42.44 43.01
C GLN T 128 34.55 -42.35 41.51
N ILE T 129 33.94 -41.27 41.01
CA ILE T 129 34.02 -41.01 39.58
C ILE T 129 35.46 -40.79 39.18
N ASP T 130 36.23 -40.06 40.01
CA ASP T 130 37.68 -40.01 39.82
C ASP T 130 38.31 -41.39 39.86
N ALA T 131 37.87 -42.27 40.76
CA ALA T 131 38.48 -43.59 40.85
C ALA T 131 38.30 -44.37 39.55
N ILE T 132 37.06 -44.45 39.05
CA ILE T 132 36.83 -45.18 37.81
C ILE T 132 37.51 -44.49 36.64
N GLY T 133 37.54 -43.15 36.65
CA GLY T 133 38.17 -42.43 35.57
C GLY T 133 39.66 -42.68 35.49
N ALA T 134 40.33 -42.65 36.63
CA ALA T 134 41.76 -42.94 36.67
C ALA T 134 42.03 -44.39 36.30
N TYR T 135 41.20 -45.31 36.78
CA TYR T 135 41.40 -46.72 36.43
C TYR T 135 41.26 -46.95 34.93
N VAL T 136 40.32 -46.26 34.28
CA VAL T 136 40.15 -46.44 32.85
C VAL T 136 41.23 -45.71 32.07
N GLN T 137 41.67 -44.55 32.55
CA GLN T 137 42.76 -43.83 31.89
C GLN T 137 44.06 -44.61 31.97
N ALA T 138 44.24 -45.42 33.02
CA ALA T 138 45.45 -46.22 33.14
C ALA T 138 45.51 -47.35 32.12
N ASN T 139 44.51 -47.51 31.26
CA ASN T 139 44.47 -48.58 30.28
C ASN T 139 44.27 -48.03 28.88
N GLY T 140 44.79 -46.83 28.62
CA GLY T 140 44.62 -46.19 27.34
C GLY T 140 45.03 -44.74 27.42
N GLY T 141 44.78 -44.04 26.32
CA GLY T 141 45.24 -42.66 26.21
C GLY T 141 44.18 -41.68 25.76
N GLY T 142 42.95 -41.85 26.22
CA GLY T 142 41.88 -40.99 25.81
C GLY T 142 42.01 -39.60 26.40
N PRO T 143 41.07 -38.73 26.07
CA PRO T 143 41.08 -37.37 26.61
C PRO T 143 40.84 -37.36 28.11
N THR T 144 41.24 -36.27 28.74
CA THR T 144 41.12 -36.12 30.18
C THR T 144 40.23 -34.92 30.51
N VAL T 145 39.72 -34.91 31.74
CA VAL T 145 38.85 -33.84 32.20
C VAL T 145 39.69 -32.63 32.59
N VAL T 146 39.16 -31.44 32.29
CA VAL T 146 39.86 -30.20 32.65
C VAL T 146 39.85 -30.02 34.16
N ARG T 147 40.89 -29.39 34.68
CA ARG T 147 41.06 -29.19 36.10
C ARG T 147 41.43 -27.74 36.39
N ASN T 148 41.05 -27.27 37.58
CA ASN T 148 41.43 -25.94 38.01
C ASN T 148 42.67 -26.02 38.90
N PRO T 149 43.30 -24.88 39.23
CA PRO T 149 44.52 -24.91 40.05
C PRO T 149 44.37 -25.60 41.40
N ASP T 150 43.17 -26.00 41.81
CA ASP T 150 42.98 -26.76 43.04
C ASP T 150 42.94 -28.27 42.82
N GLY T 151 42.72 -28.74 41.59
CA GLY T 151 42.64 -30.16 41.37
C GLY T 151 41.22 -30.62 41.13
N SER T 152 40.26 -29.76 41.41
CA SER T 152 38.86 -30.05 41.16
C SER T 152 38.53 -29.79 39.70
N ILE T 153 37.31 -30.13 39.31
CA ILE T 153 36.91 -30.00 37.92
C ILE T 153 36.47 -28.56 37.66
N ALA T 154 36.94 -27.99 36.55
CA ALA T 154 36.69 -26.60 36.26
C ALA T 154 35.23 -26.38 35.83
N THR T 155 34.62 -25.34 36.39
CA THR T 155 33.27 -24.93 36.03
C THR T 155 33.27 -23.51 35.48
N GLN T 156 33.98 -22.60 36.13
CA GLN T 156 33.93 -21.18 35.86
C GLN T 156 34.91 -20.78 34.77
N SER T 157 36.03 -21.49 34.67
CA SER T 157 37.07 -21.23 33.69
C SER T 157 36.69 -21.72 32.29
N LEU T 158 35.60 -22.46 32.17
CA LEU T 158 35.14 -23.00 30.91
C LEU T 158 34.06 -22.12 30.28
N ARG T 159 33.88 -20.91 30.80
CA ARG T 159 32.96 -19.95 30.21
C ARG T 159 33.77 -18.89 29.47
N GLY T 160 33.51 -18.75 28.18
CA GLY T 160 34.17 -17.75 27.38
C GLY T 160 33.55 -16.38 27.56
N ASN T 161 34.01 -15.43 26.76
CA ASN T 161 33.62 -14.04 26.90
C ASN T 161 32.95 -13.49 25.64
N ASP T 162 32.94 -14.26 24.56
CA ASP T 162 32.37 -13.82 23.29
C ASP T 162 31.17 -14.71 22.98
N LEU T 163 29.99 -14.10 22.97
CA LEU T 163 28.78 -14.85 22.70
C LEU T 163 28.34 -14.80 21.24
N GLY T 164 28.77 -13.79 20.48
CA GLY T 164 28.46 -13.77 19.06
C GLY T 164 29.09 -14.93 18.32
N ARG T 165 30.40 -15.10 18.49
CA ARG T 165 31.10 -16.21 17.84
C ARG T 165 30.58 -17.54 18.35
N GLY T 166 30.33 -17.64 19.65
CA GLY T 166 29.79 -18.88 20.20
C GLY T 166 28.43 -19.23 19.62
N GLY T 167 27.56 -18.23 19.46
CA GLY T 167 26.25 -18.48 18.91
C GLY T 167 26.30 -18.85 17.44
N ASP T 168 27.19 -18.21 16.68
CA ASP T 168 27.32 -18.58 15.27
C ASP T 168 27.85 -20.01 15.15
N LEU T 169 28.82 -20.38 15.98
CA LEU T 169 29.32 -21.75 15.97
C LEU T 169 28.25 -22.74 16.39
N PHE T 170 27.42 -22.37 17.37
CA PHE T 170 26.34 -23.25 17.80
C PHE T 170 25.32 -23.44 16.68
N ARG T 171 24.94 -22.37 15.99
CA ARG T 171 23.97 -22.49 14.92
C ARG T 171 24.53 -23.29 13.75
N LEU T 172 25.84 -23.21 13.51
CA LEU T 172 26.41 -23.96 12.39
C LEU T 172 26.60 -25.44 12.73
N ASN T 173 27.07 -25.75 13.95
CA ASN T 173 27.46 -27.10 14.30
C ASN T 173 26.46 -27.83 15.18
N CYS T 174 25.76 -27.13 16.06
CA CYS T 174 25.00 -27.78 17.11
C CYS T 174 23.49 -27.66 16.96
N ALA T 175 23.00 -26.55 16.41
CA ALA T 175 21.57 -26.28 16.38
C ALA T 175 20.79 -27.20 15.45
N SER T 176 21.48 -27.93 14.58
CA SER T 176 20.77 -28.79 13.63
C SER T 176 20.02 -29.91 14.37
N CYS T 177 20.65 -30.47 15.41
CA CYS T 177 20.03 -31.59 16.10
C CYS T 177 19.27 -31.14 17.33
N HIS T 178 19.80 -30.18 18.09
CA HIS T 178 19.11 -29.78 19.32
C HIS T 178 18.00 -28.78 19.06
N ASN T 179 18.37 -27.53 18.75
CA ASN T 179 17.39 -26.47 18.53
C ASN T 179 18.07 -25.14 18.28
N PHE T 180 17.27 -24.11 17.97
CA PHE T 180 17.80 -22.75 17.96
C PHE T 180 18.42 -22.39 19.31
N THR T 181 17.73 -22.70 20.40
CA THR T 181 18.14 -22.28 21.74
C THR T 181 18.39 -23.46 22.66
N GLY T 182 18.65 -24.64 22.10
CA GLY T 182 19.06 -25.77 22.90
C GLY T 182 17.95 -26.63 23.46
N LYS T 183 16.74 -26.54 22.93
CA LYS T 183 15.70 -27.49 23.28
C LYS T 183 15.98 -28.82 22.57
N GLY T 184 15.09 -29.77 22.72
CA GLY T 184 15.34 -31.08 22.17
C GLY T 184 15.09 -31.15 20.67
N GLY T 185 15.50 -32.28 20.11
CA GLY T 185 15.22 -32.57 18.71
C GLY T 185 15.15 -34.07 18.52
N ALA T 186 14.34 -34.48 17.55
CA ALA T 186 14.08 -35.90 17.31
C ALA T 186 14.94 -36.42 16.17
N LEU T 187 15.58 -37.55 16.40
CA LEU T 187 16.32 -38.26 15.37
C LEU T 187 15.49 -39.43 14.88
N SER T 188 16.10 -40.29 14.05
CA SER T 188 15.36 -41.35 13.39
C SER T 188 15.25 -42.58 14.28
N SER T 189 14.08 -43.23 14.23
CA SER T 189 13.88 -44.58 14.75
C SER T 189 14.20 -44.67 16.25
N GLY T 190 13.39 -43.98 17.04
CA GLY T 190 13.70 -43.94 18.45
C GLY T 190 14.47 -42.70 18.85
N LYS T 191 15.80 -42.80 18.73
CA LYS T 191 16.76 -41.83 19.23
C LYS T 191 16.32 -40.37 19.07
N TYR T 192 16.70 -39.55 20.06
CA TYR T 192 16.44 -38.12 20.05
C TYR T 192 17.67 -37.38 20.56
N ALA T 193 17.65 -36.05 20.46
CA ALA T 193 18.69 -35.19 20.99
C ALA T 193 18.15 -34.44 22.19
N PRO T 194 18.72 -34.61 23.38
CA PRO T 194 18.09 -34.10 24.59
C PRO T 194 18.18 -32.58 24.72
N ASP T 195 17.62 -32.10 25.82
CA ASP T 195 17.64 -30.69 26.17
C ASP T 195 18.96 -30.33 26.86
N LEU T 196 19.41 -29.11 26.63
CA LEU T 196 20.71 -28.65 27.12
C LEU T 196 20.61 -27.79 28.36
N ALA T 197 19.49 -27.80 29.05
CA ALA T 197 19.28 -26.92 30.20
C ALA T 197 19.99 -27.38 31.47
N PRO T 198 19.90 -28.65 31.89
CA PRO T 198 20.45 -29.03 33.19
C PRO T 198 21.91 -29.46 33.18
N ALA T 199 22.59 -29.43 32.04
CA ALA T 199 23.98 -29.83 31.96
C ALA T 199 24.88 -28.67 32.35
N ASN T 200 25.86 -28.93 33.21
CA ASN T 200 26.80 -27.89 33.61
C ASN T 200 27.91 -27.78 32.57
N GLU T 201 28.94 -27.00 32.90
CA GLU T 201 29.93 -26.59 31.89
C GLU T 201 30.84 -27.75 31.52
N GLN T 202 31.41 -28.42 32.52
CA GLN T 202 32.31 -29.54 32.24
C GLN T 202 31.58 -30.64 31.50
N GLN T 203 30.29 -30.83 31.76
CA GLN T 203 29.53 -31.83 31.03
C GLN T 203 29.37 -31.44 29.57
N ILE T 204 29.18 -30.16 29.29
CA ILE T 204 29.09 -29.70 27.89
C ILE T 204 30.43 -29.93 27.18
N LEU T 205 31.52 -29.54 27.84
CA LEU T 205 32.85 -29.72 27.24
C LEU T 205 33.12 -31.19 26.95
N THR T 206 32.94 -32.05 27.95
CA THR T 206 33.22 -33.46 27.76
C THR T 206 32.24 -34.11 26.79
N ALA T 207 31.02 -33.58 26.68
CA ALA T 207 30.07 -34.12 25.71
C ALA T 207 30.54 -33.84 24.29
N MET T 208 30.88 -32.59 23.98
CA MET T 208 31.36 -32.36 22.62
C MET T 208 32.80 -32.80 22.41
N LEU T 209 33.49 -33.25 23.47
CA LEU T 209 34.84 -33.74 23.30
C LEU T 209 34.88 -35.26 23.08
N THR T 210 33.98 -36.00 23.71
CA THR T 210 34.01 -37.45 23.62
C THR T 210 33.06 -38.02 22.58
N GLY T 211 32.05 -37.27 22.16
CA GLY T 211 31.15 -37.72 21.12
C GLY T 211 30.33 -38.92 21.53
N PRO T 212 29.37 -38.73 22.45
CA PRO T 212 28.56 -39.87 22.92
C PRO T 212 27.71 -40.47 21.81
N GLN T 213 26.94 -41.51 22.13
CA GLN T 213 26.21 -42.31 21.15
C GLN T 213 25.51 -41.44 20.12
N ASN T 214 25.83 -41.68 18.85
CA ASN T 214 25.22 -41.04 17.69
C ASN T 214 25.41 -39.53 17.66
N MET T 215 26.19 -38.99 18.56
CA MET T 215 26.57 -37.59 18.48
C MET T 215 27.98 -37.49 17.91
N PRO T 216 28.23 -36.62 16.94
CA PRO T 216 29.58 -36.56 16.34
C PRO T 216 30.62 -36.17 17.37
N LYS T 217 31.88 -36.48 17.05
CA LYS T 217 33.00 -36.23 17.95
C LYS T 217 33.78 -35.01 17.45
N PHE T 218 33.85 -33.98 18.28
CA PHE T 218 34.54 -32.73 17.94
C PHE T 218 35.88 -32.70 18.66
N SER T 219 36.96 -33.00 17.93
CA SER T 219 38.28 -33.00 18.51
C SER T 219 38.71 -31.59 18.90
N ASN T 220 39.89 -31.51 19.51
CA ASN T 220 40.50 -30.24 19.85
C ASN T 220 41.29 -29.66 18.69
N ARG T 221 41.28 -30.31 17.53
CA ARG T 221 41.92 -29.75 16.35
C ARG T 221 40.93 -29.11 15.39
N GLN T 222 39.70 -29.62 15.30
CA GLN T 222 38.69 -28.96 14.49
C GLN T 222 37.84 -27.98 15.28
N LEU T 223 37.81 -28.12 16.60
CA LEU T 223 37.13 -27.18 17.49
C LEU T 223 38.10 -26.88 18.63
N SER T 224 38.88 -25.81 18.49
CA SER T 224 39.90 -25.46 19.46
C SER T 224 39.26 -25.15 20.82
N PHE T 225 40.10 -24.84 21.81
CA PHE T 225 39.59 -24.73 23.17
C PHE T 225 38.82 -23.43 23.38
N GLU T 226 39.27 -22.34 22.75
CA GLU T 226 38.44 -21.12 22.76
C GLU T 226 37.08 -21.36 22.14
N ALA T 227 37.01 -22.07 21.01
CA ALA T 227 35.73 -22.33 20.38
C ALA T 227 34.81 -23.08 21.33
N LYS T 228 35.34 -24.07 22.04
CA LYS T 228 34.54 -24.83 22.98
C LYS T 228 34.09 -23.96 24.15
N LYS T 229 34.98 -23.12 24.67
CA LYS T 229 34.61 -22.25 25.78
C LYS T 229 33.51 -21.27 25.39
N ASP T 230 33.60 -20.73 24.17
CA ASP T 230 32.60 -19.79 23.69
C ASP T 230 31.25 -20.48 23.45
N ILE T 231 31.28 -21.71 22.94
CA ILE T 231 30.04 -22.46 22.79
C ILE T 231 29.42 -22.75 24.15
N ILE T 232 30.24 -23.11 25.14
CA ILE T 232 29.72 -23.35 26.49
C ILE T 232 29.06 -22.09 27.02
N ALA T 233 29.73 -20.95 26.86
CA ALA T 233 29.17 -19.70 27.35
C ALA T 233 27.84 -19.38 26.68
N TYR T 234 27.75 -19.59 25.36
CA TYR T 234 26.49 -19.32 24.68
C TYR T 234 25.38 -20.24 25.17
N VAL T 235 25.69 -21.53 25.37
CA VAL T 235 24.66 -22.46 25.83
C VAL T 235 24.17 -22.07 27.22
N LYS T 236 25.10 -21.76 28.13
CA LYS T 236 24.70 -21.43 29.49
C LYS T 236 23.96 -20.11 29.57
N VAL T 237 24.21 -19.20 28.62
CA VAL T 237 23.46 -17.94 28.61
C VAL T 237 22.09 -18.13 27.97
N ALA T 238 22.01 -18.92 26.89
CA ALA T 238 20.74 -19.16 26.24
C ALA T 238 19.77 -19.94 27.12
N THR T 239 20.25 -20.74 28.06
CA THR T 239 19.34 -21.49 28.91
C THR T 239 18.90 -20.72 30.15
N GLU T 240 19.47 -19.55 30.41
CA GLU T 240 19.22 -18.83 31.65
C GLU T 240 18.74 -17.40 31.42
N ALA T 241 18.43 -17.04 30.19
CA ALA T 241 17.94 -15.70 29.91
C ALA T 241 16.41 -15.67 29.99
N ARG T 242 15.89 -14.50 30.36
CA ARG T 242 14.46 -14.27 30.40
C ARG T 242 13.84 -14.34 29.00
N GLN T 243 12.52 -14.31 28.96
CA GLN T 243 11.80 -14.14 27.72
C GLN T 243 11.18 -12.75 27.74
N PRO T 244 11.72 -11.78 27.01
CA PRO T 244 11.26 -10.40 27.18
C PRO T 244 10.03 -10.09 26.35
N GLY T 245 9.09 -11.03 26.26
CA GLY T 245 7.88 -10.77 25.51
C GLY T 245 6.66 -11.41 26.16
N GLY T 246 6.85 -11.94 27.35
CA GLY T 246 5.79 -12.68 28.01
C GLY T 246 6.18 -14.13 28.20
N TYR T 247 5.21 -14.99 28.49
CA TYR T 247 5.51 -16.40 28.71
C TYR T 247 5.78 -17.08 27.37
N LEU T 248 7.02 -17.51 27.18
CA LEU T 248 7.33 -18.34 26.03
C LEU T 248 6.72 -19.71 26.17
N LEU T 249 6.21 -20.23 25.06
CA LEU T 249 5.35 -21.41 25.07
C LEU T 249 6.13 -22.70 24.90
N GLY T 250 7.39 -22.74 25.33
CA GLY T 250 8.13 -23.98 25.33
C GLY T 250 9.47 -23.93 24.61
N GLY T 251 9.65 -22.92 23.78
CA GLY T 251 10.87 -22.76 23.01
C GLY T 251 10.77 -23.14 21.55
N PHE T 252 9.68 -23.76 21.14
CA PHE T 252 9.50 -24.22 19.78
C PHE T 252 8.80 -23.14 18.96
N GLY T 253 8.45 -23.48 17.72
CA GLY T 253 7.94 -22.50 16.80
C GLY T 253 6.46 -22.27 16.92
N PRO T 254 5.75 -22.41 15.80
CA PRO T 254 4.32 -22.05 15.75
C PRO T 254 3.35 -23.11 16.22
N ALA T 255 3.79 -24.31 16.61
CA ALA T 255 2.84 -25.30 17.08
C ALA T 255 2.26 -24.94 18.45
N PRO T 256 3.05 -24.64 19.47
CA PRO T 256 2.44 -24.16 20.72
C PRO T 256 1.66 -22.87 20.55
N GLU T 257 2.07 -22.01 19.61
CA GLU T 257 1.35 -20.77 19.38
C GLU T 257 -0.03 -21.04 18.79
N GLY T 258 -0.12 -21.91 17.80
CA GLY T 258 -1.42 -22.27 17.26
C GLY T 258 -2.30 -22.95 18.29
N MET T 259 -1.72 -23.83 19.11
CA MET T 259 -2.50 -24.47 20.15
C MET T 259 -3.04 -23.46 21.15
N ALA T 260 -2.19 -22.53 21.58
CA ALA T 260 -2.62 -21.52 22.55
C ALA T 260 -3.70 -20.63 21.95
N MET T 261 -3.57 -20.27 20.68
CA MET T 261 -4.64 -19.53 20.02
C MET T 261 -5.95 -20.29 20.10
N TRP T 262 -5.97 -21.53 19.58
CA TRP T 262 -7.20 -22.30 19.50
C TRP T 262 -7.81 -22.57 20.86
N ILE T 263 -7.00 -22.67 21.91
CA ILE T 263 -7.50 -23.11 23.20
C ILE T 263 -7.61 -21.98 24.21
N ILE T 264 -7.25 -20.75 23.83
CA ILE T 264 -7.45 -19.62 24.73
C ILE T 264 -8.26 -18.54 24.04
N GLY T 265 -7.74 -18.02 22.93
CA GLY T 265 -8.39 -16.87 22.30
C GLY T 265 -9.72 -17.25 21.69
N MET T 266 -9.78 -18.40 21.03
CA MET T 266 -11.02 -18.79 20.36
C MET T 266 -12.10 -19.19 21.36
N VAL T 267 -11.71 -19.80 22.47
CA VAL T 267 -12.71 -20.14 23.48
C VAL T 267 -13.21 -18.89 24.19
N ALA T 268 -12.32 -17.91 24.42
CA ALA T 268 -12.79 -16.64 24.98
C ALA T 268 -13.77 -15.96 24.03
N ALA T 269 -13.43 -15.91 22.74
CA ALA T 269 -14.30 -15.25 21.77
C ALA T 269 -15.64 -15.96 21.65
N ILE T 270 -15.62 -17.29 21.58
CA ILE T 270 -16.87 -18.04 21.42
C ILE T 270 -17.69 -18.00 22.71
N GLY T 271 -17.04 -17.97 23.87
CA GLY T 271 -17.78 -17.81 25.10
C GLY T 271 -18.47 -16.47 25.20
N LEU T 272 -17.78 -15.40 24.81
CA LEU T 272 -18.44 -14.10 24.79
C LEU T 272 -19.54 -14.04 23.74
N ALA T 273 -19.38 -14.74 22.62
CA ALA T 273 -20.46 -14.79 21.64
C ALA T 273 -21.67 -15.53 22.19
N LEU T 274 -21.44 -16.61 22.93
CA LEU T 274 -22.54 -17.32 23.57
C LEU T 274 -23.22 -16.48 24.63
N TRP T 275 -22.45 -15.66 25.35
CA TRP T 275 -23.04 -14.83 26.39
C TRP T 275 -23.85 -13.67 25.81
N ILE T 276 -23.28 -12.96 24.84
CA ILE T 276 -23.94 -11.79 24.28
C ILE T 276 -25.19 -12.21 23.51
N GLY T 277 -25.02 -13.06 22.50
CA GLY T 277 -26.12 -13.45 21.63
C GLY T 277 -26.97 -14.53 22.24
N ALA T 278 -28.26 -14.49 21.93
CA ALA T 278 -29.18 -15.52 22.40
C ALA T 278 -28.98 -16.80 21.61
N ARG T 279 -29.50 -17.89 22.16
CA ARG T 279 -29.51 -19.17 21.46
C ARG T 279 -30.95 -19.61 21.25
N SER T 280 -31.20 -20.24 20.12
CA SER T 280 -32.55 -20.54 19.72
C SER T 280 -32.63 -21.90 19.01
#